data_4B2Q
#
_entry.id   4B2Q
#
_cell.length_a   1.000
_cell.length_b   1.000
_cell.length_c   1.000
_cell.angle_alpha   90.00
_cell.angle_beta   90.00
_cell.angle_gamma   90.00
#
_symmetry.space_group_name_H-M   'P 1'
#
loop_
_entity.id
_entity.type
_entity.pdbx_description
1 polymer 'ATP SYNTHASE SUBUNIT ALPHA, MITOCHONDRIAL'
2 polymer 'ATP SYNTHASE SUBUNIT ALPHA, MITOCHONDRIAL'
3 polymer 'ATP SYNTHASE SUBUNIT BETA, MITOCHONDRIAL'
4 polymer 'ATP SYNTHASE SUBUNIT BETA, MITOCHONDRIAL'
5 polymer 'ATP SYNTHASE SUBUNIT GAMMA, MITOCHONDRIAL'
6 polymer 'ATP SYNTHASE SUBUNIT DELTA, MITOCHONDRIAL'
7 polymer 'ATP SYNTHASE SUBUNIT EPSILON, MITOCHONDRIAL'
8 polymer 'ATP SYNTHASE SUBUNIT 9, MITOCHONDRIAL'
9 polymer 'ATP SYNTHASE SUBUNIT B, MITOCHONDRIAL'
10 polymer 'ATP SYNTHASE SUBUNIT D, MITOCHONDRIAL'
11 polymer 'ATP SYNTHASE-COUPLING FACTOR 6, MITOCHONDRIAL'
12 polymer 'ATP SYNTHASE SUBUNIT O, MITOCHONDRIAL'
13 non-polymer "ADENOSINE-5'-TRIPHOSPHATE"
14 non-polymer 'MAGNESIUM ION'
15 non-polymer "ADENOSINE-5'-DIPHOSPHATE"
#
loop_
_entity_poly.entity_id
_entity_poly.type
_entity_poly.pdbx_seq_one_letter_code
_entity_poly.pdbx_strand_id
1 'polypeptide(L)'
;NLNETGRVLAVGDGIARVFGLNNIQAEELVEFSSGVKGMALNLEPGQVGIVLFGSDRLVKEGELVKRTGNIVDVPVGPGL
LGRVVDALGNPIDGKGPIDAAGRSRAQVKAPGILPRRSVHEPVQTGLKAVDALVPIGRGQRELIIGDRQTGKTAVALDTI
LNQKRWNNGSDESKKLYCVYVAVGQKRSTVAQLVQTLEQHDAMKYSIIVAATASEAAPLQYLAPFTAASIGEWFRDNGKH
ALIVYDDLSKQAVAYRQLSLLLRRPPGREAYPGDVFYLHSRLLERAAKLSEKEGSGSLTALPVIETQGGDVSAYIPTNVI
SITDGQIFLEAELFYKGIRPAINVGLSVSRVGSAAQVKALKQVAGSLKLFLAQYREVAAFAQFGSDLDASTKQTLVRGER
LTQLLKQNQYSPLATEEQVPLIYAGVNGHLDGIELSRIGEFESSFLSYLKSNHNELLTEIREKGELSKELLASLKSATES
FVATF
;
A,C,a,c
2 'polypeptide(L)'
;ANLNETGRVLAVGDGIARVFGLNNIQAEELVEFSSGVKGMALNLEPGQVGIVLFGSDRLVKEGELVKRTGNIVDVPVGPG
LLGRVVDALGNPIDGKGPIDAAGRSRAQVKAPGILPRRSVHEPVQTGLKAVDALVPIGRGQRELIIGDRQTGKTAVALDT
ILNQKRWNNGSDESKKLYCVYVAVGQKRSTVAQLVQTLEQHDAMKYSIIVAATASEAAPLQYLAPFTAASIGEWFRDNGK
HALIVYDDLSKQAVAYRQLSLLLRRPPGREAYPGDVFYLHSRLLERAAKLSEKEGSGSLTALPVIETQGGDVSAYIPTNV
ISITDGQIFLEAELFYKGIRPAINVGLSVSRVGSAAQVKALKQVAGSLKLFLAQYREVAAFAQFGSDLDASTKQTLVRGE
RLTQLLKQNQYSPLATEEQVPLIYAGVNGHLDGIELSRIGEFESSFLSYLKSNHNELLTEIREKGELSKELLASLKSATE
SFVATF
;
B,b
3 'polypeptide(L)'
;STPITGKVTAVIGAIVDVHFEQSELPAILNALEIKTPQGKLVLEVAQHLGENTVRTIAMDGTEGLVRGEKVLDTGGPISV
PVGRETLGRIINVIGEPIDERGPIKSKLRKPIHADPPSFAEQSTSAEILETGIKVVDLLAPYARGGKIGLFGGAGVGKTV
FIQELINNIAKAHGGFSVFTGVGERTREGNDLYREMKETGVINLEGESKVALVFGQMNEPPGARARVALTGLTIAEYFRD
EEGQDVLLFIDNIFRFTQAGSEVSALLGRIPSAVGYQPTLATDMGLLQERITTTKKGSVTSVQAVYVPADDLTDPAPATT
FAHLDATTVLSRGISELGIYPAVDPLDSKSRLLDAAVVGQEHYDVASKVQETLQTYKSLQDIIAILGMDELSEQDKLTVE
RARKIQRFLSQPFAVAEVFTGIPGKLVRLKDTVASFKAVLEGKYDNIPEHAFYMVGGIEDVVAKAEKLAA
;
D,d
4 'polypeptide(L)'
;STPITGKVTAVIGAIVDVHFEQSELPAILNALEIKTPQGKLVLEVAQHLGENTVRTIAMDGTEGLVRGEKVLDTGGPISV
PVGRETLGRIINVIGEPIDERGPIKSKLRKPIHADPPSFAEQSTSAEILETGIKVVDLLAPYARGGKIGLFGGAGVGKTV
FIQELINNIAKAHGGFSVFTGVGERTREGNDLYREMKETGVINLEGESKVALVFGQMNEPPGARARVALTGLTIAEYFRD
EEGQDVLLFIDNIFRFTQAGSEVSALLGRIPSAVGYQPTLATDMGLLQERITTTKKGSVTSVQAVYVPADDLTDPAPATT
FAHLDATTVLSRGISELGIYPAVDPLDSKSRLLDAAVVGQEHYDVASKVQETLQTYKSLQDIIAILGMDELSEQDKLTVE
RARKIQRFLSQPFAVAEVFTGIPGKLVRLKDTVASFKAVLEGKYDNIPEHAFYMVGGIEDVVAKAEKLAAEAN
;
E,F,e,f
5 'polypeptide(L)'
;ATLKEVEMRLKSIKNIEKITKTMKIVASTRLSKAEKAKISAKKMDEAEQLFYKNAETKNLDVEATETGAPKELIVAITSD
KGLCGSIHSQLAKAVRRHLNDQPNADIVTIGDKIKMQLLRTHPNNIKLSINGIGKDAPTFQESALIADKLLSVMKAGTYP
KISIFYNDPVSSLSFEPSEKPIFNAKTIEQSPSFGKFEIDTDANVPRDLFEYTLANQMLTAMAQGYAAEISARRNAMDNA
SKNAGDMINRYSILYNRTRQAVITNELVDIITGASSLG
;
G,g
6 'polypeptide(L)'
;SSGLKLQFALPHETLYSGSEVTQVNLPAKSGRIGVLANHVPTVEQLLPGVVEVMEGSNSKKFFISGGFATVQPDSQLCVT
AIEAFPLESFSQENIKNLLAEAKKNVSSSDAREAAEAAIQVEVLENLQSVLK
;
H,h
7 'polypeptide(L)' SAWRKAGISYAAYLNVAAQAIRSSLKTELQTASVLNRSQTDAFYTQYKNGTAASEPTPI I,i
8 'polypeptide(L)' MQLVLAAKYIGAGISTIGLLGAGIGIAIVFAALINGVSRNPSIKDTVFPMAILGFALSEATGLFCLMVSFLLLFGV J,K,L,M,N,O,P,Q,R,S,j,k,l,m,n,o,p,q,r,s
9 'polypeptide(L)'
;GEFADKLNEQKIAQLEEVKQASIKQIQDAIDMEKSQQALVQKRHYLFDVQRNNIAMALEVTYRERLHRVYREVKNRLDYH
ISVQNMMRQKEQEHMINWVEKRVVQSISAQQEKETIAKCIADLKLLSKK
;
T,t
10 'polypeptide(L)'
;KLALKTIDWVAFGEIIPRNQKAVANSLKSWNETLTSRLATLPEKPPAIDWAYYKANVAKAGLVDDFEKKFNALKVPIPED
KYTAQVDAEEKEDVKSCAEFLTQSKTRIQEYEKELEKMRN
;
U,u
11 'polypeptide(L)' LDPVQKLFVDKIREYRTKRQTSGGPVDAGPEYQQDLDRELFKLKQMYGKADMNTFPNFTFEDPKFE V,v
12 'polypeptide(L)'
;FAKLVRPPVQIYGIEGRYATALYSAASKQNKLEQVEKELLRVGQILKEPKMAASLLNPYVKRSVKVKSLSDMTAKEKFSP
LTSNLINLLAENGRLTNTPAVISAFSTMMSVHRGEVPCTV
;
W,w
#
# COMPACT_ATOMS: atom_id res chain seq x y z
N ASN A 1 -124.30 46.25 102.60
CA ASN A 1 -123.87 47.53 102.01
C ASN A 1 -124.70 47.93 100.78
N LEU A 2 -124.85 47.00 99.83
CA LEU A 2 -125.65 47.21 98.60
C LEU A 2 -124.92 47.99 97.51
N ASN A 3 -123.83 48.68 97.87
CA ASN A 3 -123.10 49.53 96.93
C ASN A 3 -121.80 48.88 96.50
N GLU A 4 -121.23 48.09 97.41
CA GLU A 4 -120.00 47.38 97.12
C GLU A 4 -120.29 45.89 97.10
N THR A 5 -121.52 45.55 97.48
CA THR A 5 -121.93 44.15 97.51
C THR A 5 -123.26 43.94 96.83
N GLY A 6 -123.60 42.68 96.59
CA GLY A 6 -124.81 42.33 95.89
C GLY A 6 -125.25 40.89 96.15
N ARG A 7 -126.52 40.62 95.88
CA ARG A 7 -127.09 39.30 96.10
C ARG A 7 -127.45 38.66 94.78
N VAL A 8 -127.14 37.38 94.64
CA VAL A 8 -127.45 36.66 93.41
C VAL A 8 -128.95 36.44 93.30
N LEU A 9 -129.53 37.01 92.26
CA LEU A 9 -130.95 36.90 92.02
C LEU A 9 -131.26 35.64 91.22
N ALA A 10 -130.44 35.34 90.22
CA ALA A 10 -130.61 34.18 89.35
C ALA A 10 -129.29 33.72 88.74
N VAL A 11 -129.08 32.42 88.64
CA VAL A 11 -127.85 31.90 88.08
C VAL A 11 -128.13 30.79 87.07
N GLY A 12 -127.28 30.67 86.06
CA GLY A 12 -127.44 29.65 85.04
C GLY A 12 -126.67 29.92 83.77
N ASP A 13 -126.45 28.87 82.98
CA ASP A 13 -125.75 29.01 81.72
C ASP A 13 -124.44 29.77 81.90
N GLY A 14 -123.80 29.57 83.05
CA GLY A 14 -122.53 30.22 83.31
C GLY A 14 -122.65 31.72 83.42
N ILE A 15 -123.89 32.19 83.54
CA ILE A 15 -124.17 33.61 83.75
C ILE A 15 -125.16 33.81 84.89
N ALA A 16 -124.74 34.56 85.90
CA ALA A 16 -125.61 34.89 87.02
C ALA A 16 -125.88 36.39 87.07
N ARG A 17 -127.14 36.74 87.28
CA ARG A 17 -127.56 38.13 87.39
C ARG A 17 -127.65 38.54 88.85
N VAL A 18 -126.84 39.51 89.24
CA VAL A 18 -126.81 39.95 90.62
C VAL A 18 -127.49 41.30 90.81
N PHE A 19 -127.94 41.56 92.03
CA PHE A 19 -128.61 42.81 92.39
C PHE A 19 -127.79 43.60 93.41
N GLY A 20 -127.54 44.87 93.10
CA GLY A 20 -126.73 45.72 93.95
C GLY A 20 -125.56 46.32 93.20
N LEU A 21 -124.41 46.44 93.86
CA LEU A 21 -123.19 46.98 93.26
C LEU A 21 -123.42 48.28 92.49
N ASN A 22 -124.18 49.20 93.08
CA ASN A 22 -124.57 50.43 92.39
C ASN A 22 -123.40 51.32 91.99
N ASN A 23 -122.19 50.91 92.34
CA ASN A 23 -121.00 51.69 92.03
C ASN A 23 -119.99 50.88 91.23
N ILE A 24 -120.39 49.69 90.79
CA ILE A 24 -119.51 48.83 90.02
C ILE A 24 -119.22 49.41 88.64
N GLN A 25 -118.00 49.21 88.14
CA GLN A 25 -117.60 49.72 86.84
C GLN A 25 -117.97 48.76 85.71
N ALA A 26 -117.80 49.22 84.47
CA ALA A 26 -118.08 48.41 83.30
C ALA A 26 -116.98 47.37 83.05
N GLU A 27 -117.40 46.13 82.83
CA GLU A 27 -116.46 45.04 82.54
C GLU A 27 -115.50 44.80 83.71
N GLU A 28 -115.93 45.21 84.90
CA GLU A 28 -115.11 45.06 86.10
C GLU A 28 -115.24 43.65 86.69
N LEU A 29 -114.16 43.17 87.30
CA LEU A 29 -114.18 41.84 87.93
C LEU A 29 -114.94 41.87 89.26
N VAL A 30 -115.43 40.71 89.68
CA VAL A 30 -116.12 40.56 90.96
C VAL A 30 -115.87 39.17 91.56
N GLU A 31 -116.06 39.03 92.87
CA GLU A 31 -115.77 37.77 93.55
C GLU A 31 -116.93 37.24 94.39
N PHE A 32 -117.30 36.00 94.13
CA PHE A 32 -118.43 35.36 94.80
C PHE A 32 -118.01 34.68 96.09
N SER A 33 -119.00 34.42 96.94
CA SER A 33 -118.78 33.78 98.23
C SER A 33 -117.96 32.50 98.07
N SER A 34 -118.22 31.75 97.01
CA SER A 34 -117.57 30.45 96.79
C SER A 34 -116.09 30.60 96.47
N GLY A 35 -115.75 31.59 95.65
CA GLY A 35 -114.38 31.82 95.24
C GLY A 35 -114.23 32.08 93.76
N VAL A 36 -115.13 31.52 92.97
CA VAL A 36 -115.15 31.75 91.52
C VAL A 36 -115.36 33.24 91.25
N LYS A 37 -114.67 33.77 90.24
CA LYS A 37 -114.80 35.18 89.93
C LYS A 37 -115.53 35.37 88.60
N GLY A 38 -115.99 36.59 88.33
CA GLY A 38 -116.65 36.89 87.08
C GLY A 38 -116.52 38.36 86.74
N MET A 39 -116.95 38.74 85.55
CA MET A 39 -116.98 40.16 85.20
C MET A 39 -118.31 40.58 84.61
N ALA A 40 -118.82 41.71 85.08
CA ALA A 40 -120.08 42.26 84.64
C ALA A 40 -119.94 42.97 83.30
N LEU A 41 -120.58 42.42 82.27
CA LEU A 41 -120.57 43.04 80.95
C LEU A 41 -121.81 43.89 80.70
N ASN A 42 -122.92 43.50 81.33
CA ASN A 42 -124.19 44.22 81.20
C ASN A 42 -124.52 44.95 82.49
N LEU A 43 -124.78 46.25 82.39
CA LEU A 43 -125.10 47.05 83.58
C LEU A 43 -126.51 47.62 83.49
N GLU A 44 -127.49 46.87 83.99
CA GLU A 44 -128.89 47.29 83.92
C GLU A 44 -129.32 48.07 85.16
N PRO A 45 -130.33 48.94 85.00
CA PRO A 45 -130.83 49.80 86.07
C PRO A 45 -131.28 49.02 87.31
N GLY A 46 -131.81 47.84 87.09
CA GLY A 46 -132.28 47.02 88.19
C GLY A 46 -131.22 46.05 88.69
N GLN A 47 -130.67 45.27 87.77
CA GLN A 47 -129.73 44.22 88.11
C GLN A 47 -128.45 44.37 87.29
N VAL A 48 -127.47 43.50 87.55
CA VAL A 48 -126.22 43.51 86.81
C VAL A 48 -125.86 42.11 86.34
N GLY A 49 -125.74 41.95 85.02
CA GLY A 49 -125.38 40.66 84.45
C GLY A 49 -123.89 40.39 84.50
N ILE A 50 -123.52 39.25 85.07
CA ILE A 50 -122.11 38.90 85.25
C ILE A 50 -121.76 37.49 84.79
N VAL A 51 -120.81 37.40 83.88
CA VAL A 51 -120.34 36.12 83.36
C VAL A 51 -119.44 35.42 84.37
N LEU A 52 -119.30 34.10 84.25
CA LEU A 52 -118.49 33.33 85.19
C LEU A 52 -117.21 32.79 84.55
N PHE A 53 -116.14 32.71 85.34
CA PHE A 53 -114.91 32.10 84.85
C PHE A 53 -114.83 30.63 85.28
N GLY A 54 -115.80 30.17 86.05
CA GLY A 54 -115.84 28.79 86.51
C GLY A 54 -117.22 28.19 86.45
N SER A 55 -117.35 26.93 86.87
CA SER A 55 -118.64 26.24 86.86
C SER A 55 -119.68 27.06 87.59
N ASP A 56 -120.91 27.01 87.09
CA ASP A 56 -122.01 27.70 87.73
C ASP A 56 -122.60 26.86 88.85
N ARG A 57 -121.92 25.76 89.16
CA ARG A 57 -122.35 24.90 90.26
C ARG A 57 -121.98 25.52 91.61
N LEU A 58 -120.95 26.35 91.61
CA LEU A 58 -120.48 27.01 92.83
C LEU A 58 -121.41 28.16 93.22
N VAL A 59 -121.98 28.84 92.23
CA VAL A 59 -122.85 29.98 92.49
C VAL A 59 -124.28 29.55 92.76
N LYS A 60 -124.83 30.05 93.88
CA LYS A 60 -126.20 29.75 94.24
C LYS A 60 -127.03 31.03 94.31
N GLU A 61 -128.31 30.88 94.63
CA GLU A 61 -129.20 32.02 94.74
C GLU A 61 -129.05 32.71 96.10
N GLY A 62 -129.08 34.03 96.08
CA GLY A 62 -128.97 34.83 97.29
C GLY A 62 -127.54 34.95 97.78
N GLU A 63 -126.64 34.20 97.15
CA GLU A 63 -125.23 34.23 97.54
C GLU A 63 -124.68 35.65 97.46
N LEU A 64 -123.71 35.96 98.30
CA LEU A 64 -123.13 37.30 98.35
C LEU A 64 -121.99 37.45 97.35
N VAL A 65 -121.85 38.65 96.80
CA VAL A 65 -120.81 38.94 95.83
C VAL A 65 -120.23 40.34 96.09
N LYS A 66 -118.90 40.47 96.01
CA LYS A 66 -118.25 41.74 96.32
C LYS A 66 -117.36 42.21 95.17
N ARG A 67 -117.18 43.53 95.07
CA ARG A 67 -116.37 44.12 94.01
C ARG A 67 -114.89 43.80 94.12
N THR A 68 -114.15 44.14 93.06
CA THR A 68 -112.70 43.98 93.03
C THR A 68 -112.04 45.31 92.66
N GLY A 69 -112.85 46.26 92.20
CA GLY A 69 -112.35 47.58 91.85
C GLY A 69 -111.24 47.58 90.82
N ASN A 70 -111.12 46.48 90.09
CA ASN A 70 -110.11 46.38 89.03
C ASN A 70 -110.66 45.75 87.77
N ILE A 71 -110.31 46.34 86.63
CA ILE A 71 -110.69 45.78 85.34
C ILE A 71 -109.77 44.62 85.01
N VAL A 72 -110.21 43.77 84.10
CA VAL A 72 -109.40 42.64 83.65
C VAL A 72 -107.98 43.08 83.37
N ASP A 73 -107.04 42.63 84.21
CA ASP A 73 -105.63 42.98 84.04
C ASP A 73 -104.76 41.73 84.04
N VAL A 74 -103.68 41.80 83.27
CA VAL A 74 -102.75 40.69 83.21
C VAL A 74 -101.32 41.20 83.34
N PRO A 75 -100.48 40.45 84.07
CA PRO A 75 -99.08 40.80 84.33
C PRO A 75 -98.23 40.59 83.08
N VAL A 76 -97.43 41.57 82.72
CA VAL A 76 -96.62 41.50 81.51
C VAL A 76 -95.15 41.65 81.84
N GLY A 77 -94.29 41.44 80.86
CA GLY A 77 -92.87 41.54 81.08
C GLY A 77 -92.15 40.27 80.67
N PRO A 78 -90.82 40.30 80.74
CA PRO A 78 -89.96 39.25 80.19
C PRO A 78 -89.91 38.01 81.04
N GLY A 79 -90.59 38.02 82.18
CA GLY A 79 -90.61 36.86 83.05
C GLY A 79 -91.47 35.74 82.51
N LEU A 80 -92.43 36.09 81.65
CA LEU A 80 -93.35 35.10 81.10
C LEU A 80 -92.67 34.14 80.15
N LEU A 81 -91.61 34.62 79.51
CA LEU A 81 -90.86 33.84 78.53
C LEU A 81 -90.46 32.47 79.07
N GLY A 82 -90.99 31.42 78.45
CA GLY A 82 -90.63 30.06 78.81
C GLY A 82 -91.64 29.43 79.74
N ARG A 83 -92.74 30.15 79.94
CA ARG A 83 -93.80 29.71 80.84
C ARG A 83 -95.06 29.40 80.04
N VAL A 84 -96.09 28.97 80.75
CA VAL A 84 -97.39 28.66 80.14
C VAL A 84 -98.50 29.15 81.07
N VAL A 85 -99.20 30.20 80.65
CA VAL A 85 -100.20 30.82 81.50
C VAL A 85 -101.59 30.76 80.87
N ASP A 86 -102.62 30.93 81.69
CA ASP A 86 -103.99 30.98 81.21
C ASP A 86 -104.45 32.41 80.95
N ALA A 87 -105.69 32.56 80.49
CA ALA A 87 -106.21 33.85 80.06
C ALA A 87 -105.93 34.94 81.09
N LEU A 88 -106.08 34.59 82.36
CA LEU A 88 -105.87 35.52 83.46
C LEU A 88 -104.39 35.86 83.65
N GLY A 89 -103.53 34.87 83.46
CA GLY A 89 -102.10 35.07 83.59
C GLY A 89 -101.47 34.32 84.74
N ASN A 90 -102.14 33.27 85.19
CA ASN A 90 -101.62 32.40 86.24
C ASN A 90 -100.84 31.25 85.64
N PRO A 91 -99.89 30.69 86.41
CA PRO A 91 -99.08 29.56 85.94
C PRO A 91 -99.87 28.25 85.91
N ILE A 92 -99.63 27.44 84.87
CA ILE A 92 -100.29 26.14 84.75
C ILE A 92 -99.28 25.04 84.43
N ASP A 93 -98.02 25.43 84.25
CA ASP A 93 -96.95 24.48 83.96
C ASP A 93 -96.31 23.91 85.22
N GLY A 94 -96.44 24.64 86.33
CA GLY A 94 -95.89 24.20 87.60
C GLY A 94 -94.41 24.50 87.76
N LYS A 95 -94.02 25.72 87.42
CA LYS A 95 -92.63 26.15 87.48
C LYS A 95 -92.46 27.24 88.51
N GLY A 96 -93.48 27.43 89.33
CA GLY A 96 -93.46 28.45 90.36
C GLY A 96 -94.21 29.71 89.99
N PRO A 97 -94.21 30.69 90.90
CA PRO A 97 -94.86 31.99 90.66
C PRO A 97 -94.14 32.77 89.56
N ILE A 98 -94.89 33.58 88.83
CA ILE A 98 -94.36 34.35 87.73
C ILE A 98 -93.69 35.63 88.20
N ASP A 99 -92.70 36.12 87.46
CA ASP A 99 -92.04 37.38 87.81
C ASP A 99 -92.30 38.47 86.80
N ALA A 100 -93.40 39.20 86.94
CA ALA A 100 -93.73 40.23 85.97
C ALA A 100 -93.15 41.58 86.36
N ALA A 101 -93.00 42.45 85.37
CA ALA A 101 -92.42 43.78 85.56
C ALA A 101 -93.52 44.83 85.61
N GLY A 102 -94.74 44.38 85.81
CA GLY A 102 -95.89 45.26 85.81
C GLY A 102 -97.10 44.58 85.21
N ARG A 103 -98.21 45.31 85.20
CA ARG A 103 -99.44 44.79 84.66
C ARG A 103 -99.94 45.69 83.55
N SER A 104 -100.80 45.16 82.69
CA SER A 104 -101.44 45.98 81.69
C SER A 104 -102.90 45.56 81.53
N ARG A 105 -103.77 46.52 81.28
CA ARG A 105 -105.19 46.25 81.12
C ARG A 105 -105.44 45.38 79.89
N ALA A 106 -106.36 44.44 80.03
CA ALA A 106 -106.74 43.59 78.90
C ALA A 106 -107.12 44.46 77.72
N GLN A 107 -107.75 45.60 78.01
CA GLN A 107 -108.19 46.49 76.94
C GLN A 107 -107.27 47.69 76.79
N VAL A 108 -106.49 47.69 75.73
CA VAL A 108 -105.57 48.79 75.46
C VAL A 108 -105.91 49.40 74.10
N LYS A 109 -105.83 50.72 74.02
CA LYS A 109 -106.08 51.42 72.76
C LYS A 109 -104.91 51.30 71.79
N ALA A 110 -105.23 51.03 70.52
CA ALA A 110 -104.20 50.88 69.50
C ALA A 110 -103.45 52.19 69.31
N PRO A 111 -102.19 52.10 68.87
CA PRO A 111 -101.38 53.28 68.54
C PRO A 111 -102.07 54.18 67.51
N GLY A 112 -102.00 55.47 67.74
CA GLY A 112 -102.65 56.46 66.89
C GLY A 112 -102.06 56.53 65.49
N ILE A 113 -102.65 57.38 64.66
CA ILE A 113 -102.19 57.53 63.29
C ILE A 113 -100.72 57.97 63.22
N LEU A 114 -100.33 58.90 64.09
CA LEU A 114 -98.99 59.49 64.00
C LEU A 114 -97.80 58.61 64.48
N PRO A 115 -97.95 57.95 65.65
CA PRO A 115 -96.87 57.12 66.22
C PRO A 115 -96.62 55.77 65.52
N ARG A 116 -96.41 55.77 64.21
CA ARG A 116 -96.18 54.54 63.43
C ARG A 116 -95.18 54.73 62.28
N ARG A 117 -94.71 53.62 61.71
CA ARG A 117 -93.83 53.63 60.55
C ARG A 117 -94.19 52.56 59.52
N SER A 118 -94.03 52.89 58.25
CA SER A 118 -94.19 51.90 57.19
C SER A 118 -93.33 50.69 57.48
N VAL A 119 -93.95 49.52 57.56
CA VAL A 119 -93.21 48.30 57.86
C VAL A 119 -92.02 48.16 56.90
N HIS A 120 -90.85 47.82 57.44
CA HIS A 120 -89.64 47.68 56.61
C HIS A 120 -88.70 46.60 57.13
N GLU A 121 -89.06 45.97 58.25
CA GLU A 121 -88.23 44.93 58.84
C GLU A 121 -88.81 43.54 58.56
N PRO A 122 -88.14 42.76 57.71
CA PRO A 122 -88.67 41.45 57.31
C PRO A 122 -88.80 40.49 58.50
N VAL A 123 -89.77 39.58 58.42
CA VAL A 123 -89.98 38.55 59.43
C VAL A 123 -89.74 37.18 58.82
N GLN A 124 -88.50 36.75 58.78
CA GLN A 124 -88.17 35.48 58.13
C GLN A 124 -88.85 34.31 58.80
N THR A 125 -89.74 33.68 58.05
CA THR A 125 -90.50 32.56 58.57
C THR A 125 -89.74 31.24 58.38
N GLY A 126 -88.78 31.25 57.48
CA GLY A 126 -88.02 30.05 57.18
C GLY A 126 -88.76 29.16 56.20
N LEU A 127 -89.89 29.65 55.69
CA LEU A 127 -90.64 28.96 54.66
C LEU A 127 -90.37 29.57 53.29
N LYS A 128 -89.86 28.74 52.38
CA LYS A 128 -89.44 29.20 51.06
C LYS A 128 -90.62 29.79 50.29
N ALA A 129 -91.74 29.08 50.36
CA ALA A 129 -92.95 29.48 49.66
C ALA A 129 -93.54 30.75 50.26
N VAL A 130 -93.07 31.10 51.44
CA VAL A 130 -93.58 32.29 52.11
C VAL A 130 -92.65 33.48 51.94
N ASP A 131 -91.42 33.34 52.44
CA ASP A 131 -90.45 34.42 52.37
C ASP A 131 -90.12 34.82 50.93
N ALA A 132 -90.43 33.93 49.99
CA ALA A 132 -90.19 34.21 48.58
C ALA A 132 -91.41 34.84 47.94
N LEU A 133 -92.57 34.25 48.24
CA LEU A 133 -93.83 34.66 47.60
C LEU A 133 -94.60 35.71 48.41
N VAL A 134 -95.00 35.35 49.62
CA VAL A 134 -95.72 36.27 50.50
C VAL A 134 -94.86 36.67 51.70
N PRO A 135 -94.09 37.76 51.55
CA PRO A 135 -93.18 38.22 52.61
C PRO A 135 -93.95 38.83 53.76
N ILE A 136 -93.53 38.56 54.99
CA ILE A 136 -94.19 39.13 56.17
C ILE A 136 -93.31 40.18 56.83
N GLY A 137 -93.94 41.23 57.37
CA GLY A 137 -93.20 42.33 57.95
C GLY A 137 -93.50 42.59 59.41
N ARG A 138 -92.47 43.03 60.13
CA ARG A 138 -92.62 43.35 61.55
C ARG A 138 -93.63 44.47 61.73
N GLY A 139 -94.81 44.11 62.22
CA GLY A 139 -95.90 45.04 62.41
C GLY A 139 -97.06 44.77 61.49
N GLN A 140 -96.86 43.85 60.55
CA GLN A 140 -97.90 43.54 59.59
C GLN A 140 -98.93 42.62 60.24
N ARG A 141 -100.09 42.51 59.62
CA ARG A 141 -101.09 41.55 60.06
C ARG A 141 -101.41 40.59 58.92
N GLU A 142 -100.66 39.49 58.89
CA GLU A 142 -100.85 38.47 57.88
C GLU A 142 -101.77 37.38 58.39
N LEU A 143 -102.80 37.06 57.62
CA LEU A 143 -103.80 36.10 58.06
C LEU A 143 -103.56 34.70 57.53
N ILE A 144 -103.61 33.72 58.42
CA ILE A 144 -103.47 32.32 58.03
C ILE A 144 -104.85 31.68 57.96
N ILE A 145 -105.52 31.85 56.83
CA ILE A 145 -106.85 31.30 56.64
C ILE A 145 -106.79 29.97 55.89
N GLY A 146 -107.59 29.00 56.32
CA GLY A 146 -107.65 27.71 55.64
C GLY A 146 -108.53 26.68 56.31
N ASP A 147 -109.01 25.70 55.53
CA ASP A 147 -109.85 24.63 56.04
C ASP A 147 -109.14 23.81 57.09
N ARG A 148 -109.86 22.88 57.70
CA ARG A 148 -109.30 22.07 58.78
C ARG A 148 -108.22 21.13 58.24
N GLN A 149 -107.16 20.98 59.01
CA GLN A 149 -106.10 20.04 58.69
C GLN A 149 -105.47 20.38 57.34
N THR A 150 -105.01 21.62 57.21
CA THR A 150 -104.42 22.10 55.96
C THR A 150 -102.95 22.47 56.09
N GLY A 151 -102.55 22.90 57.29
CA GLY A 151 -101.18 23.28 57.53
C GLY A 151 -101.04 24.70 58.04
N LYS A 152 -102.08 25.18 58.71
CA LYS A 152 -102.14 26.56 59.17
C LYS A 152 -101.17 26.81 60.31
N THR A 153 -101.17 25.88 61.26
CA THR A 153 -100.30 25.93 62.41
C THR A 153 -98.83 25.72 62.02
N ALA A 154 -98.62 24.83 61.05
CA ALA A 154 -97.31 24.55 60.49
C ALA A 154 -96.59 25.82 60.07
N VAL A 155 -97.32 26.69 59.39
CA VAL A 155 -96.78 27.97 58.96
C VAL A 155 -96.24 28.75 60.14
N ALA A 156 -97.10 29.04 61.11
CA ALA A 156 -96.70 29.78 62.28
C ALA A 156 -95.62 29.04 63.07
N LEU A 157 -95.92 27.79 63.41
CA LEU A 157 -95.00 26.95 64.17
C LEU A 157 -93.57 26.96 63.62
N ASP A 158 -93.41 26.75 62.32
CA ASP A 158 -92.08 26.80 61.72
C ASP A 158 -91.49 28.19 61.92
N THR A 159 -92.33 29.22 61.81
CA THR A 159 -91.85 30.59 61.94
C THR A 159 -91.13 30.79 63.26
N ILE A 160 -91.77 30.37 64.34
CA ILE A 160 -91.20 30.46 65.66
C ILE A 160 -89.86 29.73 65.73
N LEU A 161 -89.83 28.48 65.27
CA LEU A 161 -88.61 27.70 65.29
C LEU A 161 -87.50 28.38 64.50
N ASN A 162 -87.87 29.06 63.42
CA ASN A 162 -86.88 29.73 62.57
C ASN A 162 -86.29 30.95 63.22
N GLN A 163 -86.63 31.18 64.48
CA GLN A 163 -86.14 32.37 65.18
C GLN A 163 -84.89 32.11 66.03
N LYS A 164 -84.50 30.84 66.14
CA LYS A 164 -83.27 30.50 66.88
C LYS A 164 -82.06 31.10 66.19
N ARG A 165 -82.29 31.66 65.00
CA ARG A 165 -81.20 32.18 64.22
C ARG A 165 -80.78 33.56 64.72
N TRP A 166 -81.66 34.19 65.49
CA TRP A 166 -81.40 35.56 65.96
C TRP A 166 -81.58 35.76 67.45
N ASN A 167 -82.51 35.02 68.05
CA ASN A 167 -82.81 35.16 69.47
C ASN A 167 -81.64 34.73 70.38
N ASN A 168 -80.87 33.74 69.96
CA ASN A 168 -79.67 33.32 70.69
C ASN A 168 -78.46 34.20 70.37
N GLY A 169 -78.67 35.24 69.57
CA GLY A 169 -77.62 36.20 69.25
C GLY A 169 -77.48 37.26 70.33
N SER A 170 -76.77 38.35 70.02
CA SER A 170 -76.49 39.40 71.01
C SER A 170 -77.34 40.66 70.80
N ASP A 171 -77.51 41.06 69.54
CA ASP A 171 -78.33 42.22 69.16
C ASP A 171 -79.81 42.01 69.46
N GLU A 172 -80.47 43.05 69.99
CA GLU A 172 -81.87 42.96 70.38
C GLU A 172 -82.83 43.36 69.26
N SER A 173 -82.47 44.41 68.54
CA SER A 173 -83.30 44.92 67.45
C SER A 173 -83.40 43.91 66.31
N LYS A 174 -82.83 42.73 66.53
CA LYS A 174 -82.84 41.66 65.55
C LYS A 174 -83.65 40.46 66.01
N LYS A 175 -83.73 40.26 67.33
CA LYS A 175 -84.47 39.13 67.89
C LYS A 175 -85.97 39.25 67.64
N LEU A 176 -86.70 38.22 68.03
CA LEU A 176 -88.15 38.21 67.89
C LEU A 176 -88.82 37.22 68.85
N TYR A 177 -89.40 37.75 69.92
CA TYR A 177 -90.07 36.94 70.93
C TYR A 177 -91.45 36.50 70.44
N CYS A 178 -91.76 35.22 70.62
CA CYS A 178 -92.98 34.62 70.08
C CYS A 178 -94.05 34.36 71.14
N VAL A 179 -95.26 34.82 70.86
CA VAL A 179 -96.38 34.64 71.79
C VAL A 179 -97.56 33.90 71.14
N TYR A 180 -97.70 32.63 71.50
CA TYR A 180 -98.75 31.76 70.96
C TYR A 180 -99.98 31.77 71.85
N VAL A 181 -101.16 31.88 71.23
CA VAL A 181 -102.41 32.02 71.95
C VAL A 181 -103.34 30.86 71.66
N ALA A 182 -103.30 29.82 72.51
CA ALA A 182 -104.12 28.65 72.28
C ALA A 182 -105.56 28.91 72.69
N VAL A 183 -106.47 28.93 71.71
CA VAL A 183 -107.87 29.14 72.05
C VAL A 183 -108.70 27.96 71.59
N GLY A 184 -109.48 27.38 72.50
CA GLY A 184 -110.41 26.33 72.14
C GLY A 184 -109.77 24.99 71.82
N GLN A 185 -108.49 24.86 72.12
CA GLN A 185 -107.78 23.61 71.86
C GLN A 185 -107.72 22.75 73.12
N LYS A 186 -107.92 21.44 72.95
CA LYS A 186 -107.86 20.51 74.08
C LYS A 186 -106.49 20.58 74.74
N ARG A 187 -106.41 20.22 76.01
CA ARG A 187 -105.14 20.24 76.72
C ARG A 187 -104.11 19.35 76.04
N SER A 188 -104.50 18.13 75.69
CA SER A 188 -103.58 17.21 75.05
C SER A 188 -102.80 17.91 73.93
N THR A 189 -103.48 18.72 73.14
CA THR A 189 -102.85 19.41 72.00
C THR A 189 -101.80 20.42 72.45
N VAL A 190 -102.17 21.26 73.40
CA VAL A 190 -101.25 22.25 73.95
C VAL A 190 -100.01 21.58 74.53
N ALA A 191 -100.22 20.58 75.40
CA ALA A 191 -99.12 19.83 76.00
C ALA A 191 -98.16 19.28 74.96
N GLN A 192 -98.69 18.92 73.80
CA GLN A 192 -97.84 18.46 72.69
C GLN A 192 -97.18 19.63 71.99
N LEU A 193 -97.97 20.65 71.64
CA LEU A 193 -97.44 21.85 70.98
C LEU A 193 -96.27 22.41 71.76
N VAL A 194 -96.43 22.48 73.08
CA VAL A 194 -95.35 22.93 73.94
C VAL A 194 -94.18 21.96 73.84
N GLN A 195 -94.46 20.67 73.95
CA GLN A 195 -93.41 19.66 73.90
C GLN A 195 -92.62 19.65 72.59
N THR A 196 -93.19 20.22 71.54
CA THR A 196 -92.48 20.28 70.27
C THR A 196 -91.48 21.43 70.29
N LEU A 197 -91.91 22.58 70.79
CA LEU A 197 -91.04 23.74 70.86
C LEU A 197 -89.82 23.47 71.75
N GLU A 198 -89.99 22.64 72.77
CA GLU A 198 -88.89 22.32 73.67
C GLU A 198 -87.85 21.43 72.99
N GLN A 199 -88.30 20.40 72.30
CA GLN A 199 -87.38 19.48 71.63
C GLN A 199 -86.58 20.21 70.56
N HIS A 200 -86.96 21.46 70.30
CA HIS A 200 -86.26 22.27 69.31
C HIS A 200 -85.59 23.47 69.98
N ASP A 201 -85.69 23.56 71.31
CA ASP A 201 -85.18 24.70 72.07
C ASP A 201 -85.81 25.99 71.56
N ALA A 202 -87.14 26.10 71.67
CA ALA A 202 -87.81 27.33 71.25
C ALA A 202 -88.56 28.00 72.39
N MET A 203 -88.81 27.25 73.46
CA MET A 203 -89.51 27.79 74.62
C MET A 203 -88.70 28.88 75.30
N LYS A 204 -87.40 28.88 75.04
CA LYS A 204 -86.52 29.91 75.58
C LYS A 204 -87.00 31.33 75.27
N TYR A 205 -87.81 31.50 74.23
CA TYR A 205 -88.31 32.83 73.84
C TYR A 205 -89.76 32.83 73.38
N SER A 206 -90.53 31.85 73.86
CA SER A 206 -91.93 31.70 73.50
C SER A 206 -92.84 31.81 74.72
N ILE A 207 -93.98 32.46 74.54
CA ILE A 207 -94.96 32.60 75.62
C ILE A 207 -96.29 31.93 75.24
N ILE A 208 -96.72 30.96 76.05
CA ILE A 208 -97.95 30.22 75.76
C ILE A 208 -99.13 30.67 76.61
N VAL A 209 -100.15 31.23 75.97
CA VAL A 209 -101.36 31.61 76.67
C VAL A 209 -102.47 30.61 76.35
N ALA A 210 -102.51 29.53 77.14
CA ALA A 210 -103.44 28.42 76.94
C ALA A 210 -104.87 28.75 77.38
N ALA A 211 -105.84 28.43 76.54
CA ALA A 211 -107.25 28.67 76.82
C ALA A 211 -108.09 27.48 76.36
N THR A 212 -107.85 26.35 77.01
CA THR A 212 -108.50 25.09 76.64
C THR A 212 -110.02 25.20 76.49
N ALA A 213 -110.63 24.25 75.77
CA ALA A 213 -112.05 24.31 75.44
C ALA A 213 -112.93 24.07 76.66
N SER A 214 -112.45 23.28 77.60
CA SER A 214 -113.18 23.02 78.83
C SER A 214 -113.32 24.27 79.72
N GLU A 215 -112.44 25.24 79.56
CA GLU A 215 -112.48 26.47 80.37
C GLU A 215 -113.70 27.33 80.01
N ALA A 216 -114.16 28.15 80.95
CA ALA A 216 -115.32 29.02 80.72
C ALA A 216 -115.14 29.89 79.49
N ALA A 217 -116.26 30.28 78.88
CA ALA A 217 -116.26 31.04 77.64
C ALA A 217 -115.45 32.33 77.73
N PRO A 218 -115.69 33.11 78.79
CA PRO A 218 -115.01 34.41 78.92
C PRO A 218 -113.50 34.26 78.89
N LEU A 219 -112.99 33.16 79.44
CA LEU A 219 -111.55 32.92 79.40
C LEU A 219 -111.09 32.92 77.96
N GLN A 220 -111.83 32.22 77.11
CA GLN A 220 -111.52 32.13 75.69
C GLN A 220 -111.80 33.45 74.99
N TYR A 221 -112.45 34.35 75.71
CA TYR A 221 -112.74 35.68 75.18
C TYR A 221 -111.57 36.64 75.46
N LEU A 222 -111.01 36.53 76.66
CA LEU A 222 -109.95 37.43 77.13
C LEU A 222 -108.55 36.97 76.71
N ALA A 223 -108.42 35.69 76.38
CA ALA A 223 -107.14 35.13 75.98
C ALA A 223 -106.41 35.99 74.94
N PRO A 224 -107.05 36.25 73.79
CA PRO A 224 -106.34 37.04 72.78
C PRO A 224 -105.89 38.42 73.28
N PHE A 225 -106.74 39.11 74.03
CA PHE A 225 -106.36 40.43 74.53
C PHE A 225 -105.27 40.35 75.58
N THR A 226 -105.42 39.40 76.50
CA THR A 226 -104.39 39.16 77.50
C THR A 226 -103.04 39.04 76.83
N ALA A 227 -102.91 38.07 75.94
CA ALA A 227 -101.66 37.85 75.22
C ALA A 227 -101.26 39.08 74.42
N ALA A 228 -102.25 39.83 73.94
CA ALA A 228 -101.97 41.03 73.17
C ALA A 228 -101.10 41.98 73.98
N SER A 229 -101.54 42.30 75.20
CA SER A 229 -100.78 43.17 76.05
C SER A 229 -99.37 42.64 76.26
N ILE A 230 -99.27 41.37 76.63
CA ILE A 230 -97.98 40.76 76.91
C ILE A 230 -96.94 41.10 75.84
N GLY A 231 -97.36 41.05 74.59
CA GLY A 231 -96.45 41.30 73.47
C GLY A 231 -96.20 42.77 73.26
N GLU A 232 -97.22 43.59 73.52
CA GLU A 232 -97.12 45.02 73.38
C GLU A 232 -95.98 45.53 74.26
N TRP A 233 -95.82 44.90 75.42
CA TRP A 233 -94.72 45.22 76.32
C TRP A 233 -93.44 45.35 75.52
N PHE A 234 -93.11 44.27 74.82
CA PHE A 234 -91.93 44.24 73.96
C PHE A 234 -91.97 45.37 72.96
N ARG A 235 -93.15 45.62 72.40
CA ARG A 235 -93.32 46.65 71.38
C ARG A 235 -93.05 48.04 71.92
N ASP A 236 -93.63 48.32 73.09
CA ASP A 236 -93.49 49.62 73.72
C ASP A 236 -92.05 49.90 74.10
N ASN A 237 -91.40 48.92 74.72
CA ASN A 237 -90.01 49.05 75.18
C ASN A 237 -88.97 49.11 74.07
N GLY A 238 -89.41 49.08 72.82
CA GLY A 238 -88.50 49.11 71.68
C GLY A 238 -87.89 47.76 71.38
N LYS A 239 -88.73 46.79 71.02
CA LYS A 239 -88.26 45.48 70.59
C LYS A 239 -89.14 44.90 69.48
N HIS A 240 -89.17 43.57 69.39
CA HIS A 240 -89.97 42.90 68.38
C HIS A 240 -90.65 41.64 68.93
N ALA A 241 -91.96 41.55 68.73
CA ALA A 241 -92.73 40.45 69.26
C ALA A 241 -93.72 39.91 68.23
N LEU A 242 -93.77 38.59 68.10
CA LEU A 242 -94.65 37.93 67.16
C LEU A 242 -95.73 37.18 67.91
N ILE A 243 -96.99 37.52 67.64
CA ILE A 243 -98.11 36.85 68.29
C ILE A 243 -99.04 36.20 67.29
N VAL A 244 -99.35 34.93 67.55
CA VAL A 244 -100.17 34.14 66.64
C VAL A 244 -101.47 33.74 67.32
N TYR A 245 -102.58 34.26 66.81
CA TYR A 245 -103.88 33.92 67.36
C TYR A 245 -104.44 32.67 66.66
N ASP A 246 -104.44 31.55 67.38
CA ASP A 246 -104.86 30.28 66.81
C ASP A 246 -105.88 29.64 67.74
N ASP A 247 -107.17 29.86 67.48
CA ASP A 247 -107.60 30.63 66.32
C ASP A 247 -108.72 31.60 66.67
N LEU A 248 -108.83 32.69 65.90
CA LEU A 248 -109.88 33.68 66.13
C LEU A 248 -111.28 33.10 65.93
N SER A 249 -111.39 32.09 65.09
CA SER A 249 -112.69 31.45 64.86
C SER A 249 -113.29 30.97 66.16
N LYS A 250 -112.48 30.27 66.95
CA LYS A 250 -112.96 29.74 68.23
C LYS A 250 -113.31 30.88 69.17
N GLN A 251 -112.55 31.97 69.12
CA GLN A 251 -112.83 33.10 70.00
C GLN A 251 -114.23 33.65 69.78
N ALA A 252 -114.56 33.89 68.52
CA ALA A 252 -115.87 34.43 68.16
C ALA A 252 -116.99 33.53 68.68
N VAL A 253 -116.84 32.22 68.52
CA VAL A 253 -117.82 31.28 69.03
C VAL A 253 -118.03 31.47 70.53
N ALA A 254 -116.93 31.55 71.27
CA ALA A 254 -117.02 31.77 72.71
C ALA A 254 -117.83 33.04 72.98
N TYR A 255 -117.39 34.14 72.39
CA TYR A 255 -118.03 35.44 72.57
C TYR A 255 -119.50 35.43 72.21
N ARG A 256 -119.84 34.72 71.14
CA ARG A 256 -121.22 34.56 70.69
C ARG A 256 -122.04 33.94 71.80
N GLN A 257 -121.47 32.92 72.43
CA GLN A 257 -122.12 32.23 73.53
C GLN A 257 -122.50 33.17 74.68
N LEU A 258 -121.56 33.97 75.12
CA LEU A 258 -121.82 34.93 76.19
C LEU A 258 -122.90 35.90 75.76
N SER A 259 -122.76 36.43 74.55
CA SER A 259 -123.68 37.44 74.06
C SER A 259 -125.11 36.95 73.98
N LEU A 260 -125.30 35.73 73.47
CA LEU A 260 -126.62 35.12 73.38
C LEU A 260 -127.23 34.87 74.76
N LEU A 261 -126.47 34.22 75.64
CA LEU A 261 -126.94 33.95 77.00
C LEU A 261 -127.36 35.22 77.74
N LEU A 262 -126.67 36.33 77.45
CA LEU A 262 -127.00 37.63 78.04
C LEU A 262 -128.17 38.29 77.35
N ARG A 263 -128.75 37.58 76.38
CA ARG A 263 -129.91 38.08 75.64
C ARG A 263 -129.65 39.36 74.83
N ARG A 264 -128.45 39.48 74.28
CA ARG A 264 -128.16 40.59 73.37
C ARG A 264 -128.57 40.24 71.95
N PRO A 265 -129.00 41.25 71.19
CA PRO A 265 -129.45 41.10 69.80
C PRO A 265 -128.55 40.17 68.99
N PRO A 266 -129.14 39.17 68.30
CA PRO A 266 -128.42 38.24 67.45
C PRO A 266 -128.36 38.72 66.01
N GLY A 267 -127.18 38.68 65.42
CA GLY A 267 -127.01 39.08 64.02
C GLY A 267 -126.76 37.89 63.11
N ARG A 268 -126.21 38.17 61.93
CA ARG A 268 -125.89 37.12 60.97
C ARG A 268 -125.25 35.94 61.69
N GLU A 269 -125.79 34.75 61.49
CA GLU A 269 -125.19 33.55 62.05
C GLU A 269 -125.13 33.59 63.59
N ALA A 270 -125.99 34.38 64.21
CA ALA A 270 -126.03 34.47 65.67
C ALA A 270 -124.85 35.22 66.30
N TYR A 271 -124.22 36.10 65.52
CA TYR A 271 -123.16 36.97 66.05
C TYR A 271 -123.63 38.41 66.24
N PRO A 272 -123.50 38.94 67.47
CA PRO A 272 -123.85 40.33 67.84
C PRO A 272 -123.09 41.33 66.98
N GLY A 273 -123.63 42.54 66.84
CA GLY A 273 -123.02 43.55 65.99
C GLY A 273 -121.60 43.97 66.35
N ASP A 274 -121.23 43.78 67.61
CA ASP A 274 -119.92 44.21 68.10
C ASP A 274 -118.82 43.18 67.87
N VAL A 275 -119.14 42.10 67.15
CA VAL A 275 -118.18 41.04 66.88
C VAL A 275 -117.03 41.51 65.99
N PHE A 276 -117.33 42.40 65.07
CA PHE A 276 -116.31 42.98 64.21
C PHE A 276 -115.46 43.96 65.01
N TYR A 277 -116.12 44.76 65.84
CA TYR A 277 -115.43 45.68 66.74
C TYR A 277 -114.48 44.92 67.64
N LEU A 278 -114.73 43.64 67.82
CA LEU A 278 -113.87 42.81 68.66
C LEU A 278 -112.51 42.60 68.00
N HIS A 279 -112.52 41.98 66.83
CA HIS A 279 -111.28 41.68 66.13
C HIS A 279 -110.55 42.93 65.62
N SER A 280 -111.31 43.93 65.19
CA SER A 280 -110.70 45.16 64.71
C SER A 280 -109.95 45.87 65.84
N ARG A 281 -110.50 45.77 67.05
CA ARG A 281 -109.88 46.36 68.22
C ARG A 281 -108.76 45.49 68.78
N LEU A 282 -108.53 44.35 68.14
CA LEU A 282 -107.45 43.45 68.55
C LEU A 282 -106.27 43.52 67.59
N LEU A 283 -106.55 43.33 66.31
CA LEU A 283 -105.51 43.35 65.28
C LEU A 283 -104.85 44.72 65.16
N GLU A 284 -105.63 45.79 65.30
CA GLU A 284 -105.07 47.13 65.16
C GLU A 284 -104.07 47.45 66.28
N ARG A 285 -104.01 46.61 67.31
CA ARG A 285 -103.07 46.79 68.41
C ARG A 285 -101.62 46.50 68.00
N ALA A 286 -101.46 45.63 67.02
CA ALA A 286 -100.14 45.31 66.48
C ALA A 286 -99.79 46.28 65.38
N ALA A 287 -98.56 46.80 65.40
CA ALA A 287 -98.11 47.72 64.37
C ALA A 287 -96.61 47.93 64.41
N LYS A 288 -96.16 49.01 63.77
CA LYS A 288 -94.75 49.37 63.78
C LYS A 288 -94.57 50.79 64.30
N LEU A 289 -94.17 50.89 65.56
CA LEU A 289 -93.93 52.17 66.22
C LEU A 289 -92.82 52.94 65.51
N SER A 290 -92.97 54.27 65.46
CA SER A 290 -91.95 55.12 64.82
C SER A 290 -90.66 55.20 65.65
N GLU A 291 -89.66 55.93 65.13
CA GLU A 291 -88.36 56.03 65.78
C GLU A 291 -88.50 56.73 67.14
N LYS A 292 -89.40 57.71 67.20
CA LYS A 292 -89.62 58.50 68.40
C LYS A 292 -90.32 57.69 69.49
N GLU A 293 -91.19 56.79 69.08
CA GLU A 293 -91.97 55.96 70.00
C GLU A 293 -91.12 54.82 70.58
N GLY A 294 -90.05 54.46 69.88
CA GLY A 294 -89.19 53.37 70.30
C GLY A 294 -88.88 52.38 69.19
N SER A 295 -89.42 52.62 68.00
CA SER A 295 -89.16 51.75 66.86
C SER A 295 -89.59 50.31 67.12
N GLY A 296 -90.31 50.10 68.23
CA GLY A 296 -90.81 48.78 68.59
C GLY A 296 -91.89 48.32 67.63
N SER A 297 -92.22 47.04 67.68
CA SER A 297 -93.10 46.46 66.68
C SER A 297 -93.78 45.19 67.18
N LEU A 298 -95.01 44.99 66.73
CA LEU A 298 -95.78 43.81 67.10
C LEU A 298 -96.46 43.21 65.88
N THR A 299 -96.02 42.01 65.50
CA THR A 299 -96.59 41.33 64.35
C THR A 299 -97.72 40.40 64.80
N ALA A 300 -98.74 40.28 63.96
CA ALA A 300 -99.89 39.43 64.23
C ALA A 300 -100.14 38.42 63.11
N LEU A 301 -100.25 37.16 63.49
CA LEU A 301 -100.65 36.09 62.57
C LEU A 301 -101.89 35.39 63.10
N PRO A 302 -103.06 35.94 62.80
CA PRO A 302 -104.37 35.39 63.18
C PRO A 302 -104.75 34.19 62.34
N VAL A 303 -105.36 33.19 62.96
CA VAL A 303 -105.73 31.97 62.25
C VAL A 303 -107.25 31.83 62.15
N ILE A 304 -107.74 31.63 60.93
CA ILE A 304 -109.17 31.47 60.70
C ILE A 304 -109.49 30.17 59.99
N GLU A 305 -110.45 29.43 60.52
CA GLU A 305 -110.83 28.15 59.95
C GLU A 305 -112.13 28.23 59.15
N THR A 306 -112.02 28.05 57.84
CA THR A 306 -113.19 28.14 56.98
C THR A 306 -113.90 26.81 56.89
N GLN A 307 -115.14 26.85 56.43
CA GLN A 307 -115.94 25.63 56.32
C GLN A 307 -116.19 25.26 54.87
N GLY A 308 -115.23 24.54 54.28
CA GLY A 308 -115.31 24.11 52.91
C GLY A 308 -114.90 25.19 51.92
N GLY A 309 -113.87 25.96 52.28
CA GLY A 309 -113.36 27.01 51.43
C GLY A 309 -114.19 28.28 51.43
N ASP A 310 -115.28 28.28 52.19
CA ASP A 310 -116.19 29.42 52.25
C ASP A 310 -115.57 30.62 52.94
N VAL A 311 -114.86 31.43 52.17
CA VAL A 311 -114.26 32.64 52.67
C VAL A 311 -115.29 33.76 52.70
N SER A 312 -116.50 33.44 52.24
CA SER A 312 -117.57 34.43 52.15
C SER A 312 -118.37 34.49 53.45
N ALA A 313 -118.06 33.59 54.37
CA ALA A 313 -118.76 33.52 55.64
C ALA A 313 -118.65 34.84 56.39
N TYR A 314 -119.40 34.97 57.48
CA TYR A 314 -119.37 36.22 58.24
C TYR A 314 -118.00 36.42 58.86
N ILE A 315 -117.65 35.60 59.84
CA ILE A 315 -116.41 35.79 60.58
C ILE A 315 -115.20 36.00 59.67
N PRO A 316 -114.94 35.07 58.74
CA PRO A 316 -113.81 35.23 57.82
C PRO A 316 -113.79 36.57 57.11
N THR A 317 -114.95 37.00 56.59
CA THR A 317 -115.03 38.28 55.88
C THR A 317 -114.58 39.43 56.74
N ASN A 318 -114.93 39.39 58.02
CA ASN A 318 -114.51 40.40 58.97
C ASN A 318 -112.99 40.42 59.09
N VAL A 319 -112.42 39.26 59.39
CA VAL A 319 -110.99 39.14 59.61
C VAL A 319 -110.20 39.51 58.37
N ILE A 320 -110.55 38.89 57.24
CA ILE A 320 -109.87 39.14 55.97
C ILE A 320 -109.89 40.62 55.61
N SER A 321 -110.95 41.32 56.02
CA SER A 321 -111.08 42.74 55.72
C SER A 321 -110.10 43.57 56.57
N ILE A 322 -109.79 43.09 57.76
CA ILE A 322 -108.93 43.85 58.67
C ILE A 322 -107.44 43.58 58.46
N THR A 323 -107.06 42.31 58.37
CA THR A 323 -105.67 41.94 58.13
C THR A 323 -105.09 42.63 56.90
N ASP A 324 -103.84 42.31 56.60
CA ASP A 324 -103.13 42.93 55.48
C ASP A 324 -102.57 41.86 54.54
N GLY A 325 -103.32 40.78 54.37
CA GLY A 325 -102.89 39.67 53.52
C GLY A 325 -103.27 38.33 54.11
N GLN A 326 -103.35 37.33 53.24
CA GLN A 326 -103.76 35.99 53.64
C GLN A 326 -102.77 34.92 53.14
N ILE A 327 -102.67 33.82 53.88
CA ILE A 327 -101.88 32.68 53.46
C ILE A 327 -102.81 31.48 53.25
N PHE A 328 -103.79 31.67 52.39
CA PHE A 328 -104.81 30.67 52.08
C PHE A 328 -104.22 29.27 51.90
N LEU A 329 -104.79 28.27 52.55
CA LEU A 329 -104.31 26.91 52.41
C LEU A 329 -105.45 25.99 52.01
N GLU A 330 -105.17 25.07 51.09
CA GLU A 330 -106.19 24.15 50.60
C GLU A 330 -105.80 22.71 50.86
N ALA A 331 -106.74 21.92 51.35
CA ALA A 331 -106.49 20.50 51.58
C ALA A 331 -106.06 19.80 50.30
N GLU A 332 -106.71 20.12 49.20
CA GLU A 332 -106.41 19.49 47.91
C GLU A 332 -104.92 19.59 47.59
N LEU A 333 -104.39 20.81 47.62
CA LEU A 333 -102.99 21.02 47.32
C LEU A 333 -102.14 20.18 48.25
N PHE A 334 -102.67 19.93 49.45
CA PHE A 334 -101.96 19.12 50.43
C PHE A 334 -101.82 17.68 49.98
N TYR A 335 -102.90 17.15 49.41
CA TYR A 335 -102.93 15.74 49.01
C TYR A 335 -101.95 15.44 47.89
N LYS A 336 -101.82 16.37 46.94
CA LYS A 336 -100.93 16.21 45.80
C LYS A 336 -99.49 16.01 46.25
N GLY A 337 -99.15 16.61 47.38
CA GLY A 337 -97.81 16.52 47.93
C GLY A 337 -97.27 17.89 48.28
N ILE A 338 -97.75 18.91 47.57
CA ILE A 338 -97.34 20.28 47.81
C ILE A 338 -97.54 20.68 49.27
N ARG A 339 -96.49 20.52 50.08
CA ARG A 339 -96.56 20.85 51.51
C ARG A 339 -95.43 21.82 51.88
N PRO A 340 -95.78 22.96 52.49
CA PRO A 340 -97.12 23.39 52.89
C PRO A 340 -97.96 23.80 51.68
N ALA A 341 -99.23 23.45 51.69
CA ALA A 341 -100.11 23.75 50.57
C ALA A 341 -100.54 25.21 50.54
N ILE A 342 -99.63 26.10 50.18
CA ILE A 342 -99.94 27.52 50.14
C ILE A 342 -100.35 27.97 48.74
N ASN A 343 -101.65 28.14 48.54
CA ASN A 343 -102.16 28.56 47.24
C ASN A 343 -101.59 29.90 46.79
N VAL A 344 -100.54 29.85 45.98
CA VAL A 344 -99.90 31.06 45.51
C VAL A 344 -100.90 32.01 44.86
N GLY A 345 -101.88 31.44 44.18
CA GLY A 345 -102.89 32.24 43.48
C GLY A 345 -103.65 33.18 44.39
N LEU A 346 -104.05 32.67 45.55
CA LEU A 346 -104.82 33.48 46.48
C LEU A 346 -103.94 34.20 47.50
N SER A 347 -103.00 33.47 48.09
CA SER A 347 -102.10 34.06 49.08
C SER A 347 -101.56 35.38 48.54
N VAL A 348 -101.71 36.44 49.32
CA VAL A 348 -101.22 37.75 48.93
C VAL A 348 -100.70 38.52 50.13
N SER A 349 -99.93 39.58 49.87
CA SER A 349 -99.37 40.43 50.92
C SER A 349 -99.31 41.88 50.46
N ARG A 350 -100.02 42.76 51.15
CA ARG A 350 -100.14 44.16 50.71
C ARG A 350 -98.83 44.93 50.86
N VAL A 351 -98.03 44.52 51.84
CA VAL A 351 -96.73 45.13 52.11
C VAL A 351 -95.69 44.67 51.11
N GLY A 352 -95.70 43.36 50.83
CA GLY A 352 -94.80 42.77 49.84
C GLY A 352 -93.33 43.04 50.07
N SER A 353 -92.64 43.40 48.98
CA SER A 353 -91.20 43.57 49.00
C SER A 353 -90.75 44.54 50.08
N ALA A 354 -91.64 45.43 50.50
CA ALA A 354 -91.29 46.40 51.54
C ALA A 354 -90.64 45.71 52.75
N ALA A 355 -90.97 44.44 52.96
CA ALA A 355 -90.50 43.72 54.14
C ALA A 355 -89.81 42.41 53.78
N GLN A 356 -89.12 42.39 52.65
CA GLN A 356 -88.46 41.18 52.16
C GLN A 356 -87.00 41.47 51.87
N VAL A 357 -86.12 40.53 52.19
CA VAL A 357 -84.69 40.71 51.99
C VAL A 357 -84.36 40.90 50.51
N LYS A 358 -83.60 41.95 50.20
CA LYS A 358 -83.25 42.24 48.81
C LYS A 358 -82.46 41.08 48.19
N ALA A 359 -81.78 40.30 49.02
CA ALA A 359 -81.04 39.14 48.55
C ALA A 359 -81.96 38.14 47.89
N LEU A 360 -83.20 38.08 48.39
CA LEU A 360 -84.20 37.15 47.86
C LEU A 360 -85.14 37.85 46.88
N LYS A 361 -85.31 39.15 47.06
CA LYS A 361 -86.17 39.95 46.19
C LYS A 361 -85.66 39.96 44.75
N GLN A 362 -84.34 39.90 44.60
CA GLN A 362 -83.70 39.93 43.29
C GLN A 362 -83.93 38.63 42.51
N VAL A 363 -84.39 37.59 43.19
CA VAL A 363 -84.62 36.31 42.53
C VAL A 363 -86.08 35.87 42.66
N ALA A 364 -86.86 36.68 43.37
CA ALA A 364 -88.25 36.37 43.62
C ALA A 364 -89.20 37.19 42.76
N GLY A 365 -88.70 38.32 42.27
CA GLY A 365 -89.50 39.18 41.42
C GLY A 365 -90.01 38.46 40.20
N SER A 366 -89.22 37.50 39.72
CA SER A 366 -89.55 36.75 38.53
C SER A 366 -90.31 35.46 38.84
N LEU A 367 -90.09 34.94 40.05
CA LEU A 367 -90.68 33.66 40.46
C LEU A 367 -92.20 33.71 40.55
N LYS A 368 -92.73 34.91 40.79
CA LYS A 368 -94.17 35.10 40.83
C LYS A 368 -94.74 35.10 39.41
N LEU A 369 -93.90 35.46 38.45
CA LEU A 369 -94.29 35.49 37.04
C LEU A 369 -94.50 34.09 36.48
N PHE A 370 -93.42 33.29 36.45
CA PHE A 370 -93.50 31.94 35.93
C PHE A 370 -94.67 31.17 36.53
N LEU A 371 -94.77 31.19 37.86
CA LEU A 371 -95.83 30.47 38.54
C LEU A 371 -97.19 30.96 38.06
N ALA A 372 -97.30 32.25 37.81
CA ALA A 372 -98.54 32.87 37.34
C ALA A 372 -98.99 32.30 36.00
N GLN A 373 -98.05 32.20 35.06
CA GLN A 373 -98.35 31.66 33.75
C GLN A 373 -98.53 30.14 33.80
N TYR A 374 -97.99 29.52 34.83
CA TYR A 374 -98.08 28.07 34.99
C TYR A 374 -99.49 27.63 35.35
N ARG A 375 -100.15 28.42 36.20
CA ARG A 375 -101.51 28.11 36.61
C ARG A 375 -102.48 28.25 35.44
N GLU A 376 -102.10 29.06 34.45
CA GLU A 376 -102.95 29.29 33.29
C GLU A 376 -102.81 28.16 32.26
N VAL A 377 -101.62 27.61 32.15
CA VAL A 377 -101.32 26.56 31.18
C VAL A 377 -101.20 25.21 31.87
N ALA A 378 -101.94 25.04 32.96
CA ALA A 378 -101.85 23.83 33.76
C ALA A 378 -102.74 22.74 33.17
N ALA A 379 -103.76 23.13 32.43
CA ALA A 379 -104.66 22.18 31.81
C ALA A 379 -103.97 21.46 30.66
N PHE A 380 -103.03 22.14 30.00
CA PHE A 380 -102.33 21.58 28.85
C PHE A 380 -101.48 20.39 29.23
N ALA A 381 -100.94 20.41 30.44
CA ALA A 381 -100.12 19.32 30.96
C ALA A 381 -100.82 17.96 30.91
N GLN A 382 -102.15 17.98 30.81
CA GLN A 382 -102.95 16.75 30.84
C GLN A 382 -103.10 16.14 29.44
N PHE A 383 -102.77 16.94 28.42
CA PHE A 383 -102.89 16.52 27.02
C PHE A 383 -101.60 15.92 26.47
N GLY A 384 -101.68 15.32 25.28
CA GLY A 384 -100.53 14.71 24.65
C GLY A 384 -99.40 15.67 24.36
N SER A 385 -98.32 15.16 23.77
CA SER A 385 -97.14 15.97 23.48
C SER A 385 -97.40 16.99 22.37
N ASP A 386 -98.63 17.00 21.86
CA ASP A 386 -99.03 17.88 20.75
C ASP A 386 -98.90 19.36 21.11
N LEU A 387 -98.54 19.62 22.36
CA LEU A 387 -98.33 20.99 22.81
C LEU A 387 -97.10 21.59 22.13
N ASP A 388 -97.23 22.83 21.68
CA ASP A 388 -96.10 23.55 21.10
C ASP A 388 -94.96 23.66 22.12
N ALA A 389 -93.79 24.08 21.65
CA ALA A 389 -92.62 24.20 22.52
C ALA A 389 -92.72 25.38 23.50
N SER A 390 -93.31 26.47 23.04
CA SER A 390 -93.47 27.67 23.88
C SER A 390 -94.15 27.36 25.20
N THR A 391 -95.39 26.88 25.13
CA THR A 391 -96.12 26.53 26.34
C THR A 391 -95.42 25.41 27.11
N LYS A 392 -94.89 24.42 26.38
CA LYS A 392 -94.21 23.30 27.04
C LYS A 392 -93.13 23.77 28.00
N GLN A 393 -92.43 24.83 27.63
CA GLN A 393 -91.34 25.35 28.45
C GLN A 393 -91.85 25.77 29.82
N THR A 394 -93.03 26.39 29.83
CA THR A 394 -93.64 26.80 31.07
C THR A 394 -93.86 25.58 31.97
N LEU A 395 -94.37 24.50 31.40
CA LEU A 395 -94.65 23.30 32.18
C LEU A 395 -93.38 22.74 32.79
N VAL A 396 -92.29 22.81 32.04
CA VAL A 396 -91.02 22.31 32.54
C VAL A 396 -90.62 23.04 33.82
N ARG A 397 -90.75 24.37 33.81
CA ARG A 397 -90.41 25.19 34.97
C ARG A 397 -91.36 24.96 36.14
N GLY A 398 -92.65 25.22 35.91
CA GLY A 398 -93.67 25.06 36.92
C GLY A 398 -93.59 23.78 37.72
N GLU A 399 -93.50 22.65 37.03
CA GLU A 399 -93.37 21.35 37.69
C GLU A 399 -92.20 21.40 38.69
N ARG A 400 -91.09 21.97 38.26
CA ARG A 400 -89.88 22.02 39.08
C ARG A 400 -89.91 23.12 40.12
N LEU A 401 -90.38 24.31 39.73
CA LEU A 401 -90.52 25.41 40.68
C LEU A 401 -91.49 25.06 41.79
N THR A 402 -92.54 24.33 41.44
CA THR A 402 -93.53 23.92 42.43
C THR A 402 -92.95 22.82 43.32
N GLN A 403 -92.08 22.01 42.74
CA GLN A 403 -91.46 20.93 43.48
C GLN A 403 -90.44 21.45 44.51
N LEU A 404 -89.86 22.61 44.24
CA LEU A 404 -88.87 23.22 45.13
C LEU A 404 -89.51 23.81 46.38
N LEU A 405 -90.67 24.42 46.22
CA LEU A 405 -91.40 25.01 47.34
C LEU A 405 -91.79 23.97 48.38
N LYS A 406 -91.91 22.72 47.97
CA LYS A 406 -92.24 21.64 48.90
C LYS A 406 -91.16 21.56 49.97
N GLN A 407 -91.52 21.88 51.19
CA GLN A 407 -90.56 21.90 52.27
C GLN A 407 -91.08 21.08 53.44
N ASN A 408 -90.26 20.16 53.94
CA ASN A 408 -90.66 19.33 55.07
C ASN A 408 -90.90 20.15 56.30
N GLN A 409 -91.72 19.63 57.20
CA GLN A 409 -92.07 20.35 58.41
C GLN A 409 -90.92 20.34 59.42
N TYR A 410 -90.85 21.40 60.22
CA TYR A 410 -89.85 21.50 61.26
C TYR A 410 -88.47 21.63 60.64
N SER A 411 -88.42 22.20 59.45
CA SER A 411 -87.15 22.30 58.74
C SER A 411 -86.97 23.64 58.02
N PRO A 412 -86.98 24.74 58.78
CA PRO A 412 -86.81 26.10 58.25
C PRO A 412 -85.40 26.33 57.70
N LEU A 413 -85.30 27.14 56.66
CA LEU A 413 -84.01 27.43 56.05
C LEU A 413 -83.74 28.93 56.07
N ALA A 414 -82.50 29.32 56.33
CA ALA A 414 -82.15 30.73 56.36
C ALA A 414 -82.11 31.30 54.94
N THR A 415 -82.12 32.62 54.82
CA THR A 415 -82.11 33.28 53.52
C THR A 415 -80.88 32.88 52.72
N GLU A 416 -79.76 32.71 53.43
CA GLU A 416 -78.51 32.33 52.78
C GLU A 416 -78.64 30.99 52.05
N GLU A 417 -79.63 30.19 52.43
CA GLU A 417 -79.86 28.88 51.84
C GLU A 417 -81.03 28.89 50.86
N GLN A 418 -81.84 29.94 50.91
CA GLN A 418 -82.99 30.07 50.03
C GLN A 418 -82.57 30.63 48.67
N VAL A 419 -81.81 31.72 48.70
CA VAL A 419 -81.36 32.39 47.48
C VAL A 419 -80.74 31.41 46.47
N PRO A 420 -79.76 30.61 46.92
CA PRO A 420 -79.12 29.63 46.01
C PRO A 420 -80.13 28.70 45.33
N LEU A 421 -81.18 28.32 46.04
CA LEU A 421 -82.18 27.39 45.50
C LEU A 421 -83.12 28.09 44.52
N ILE A 422 -83.49 29.32 44.84
CA ILE A 422 -84.35 30.11 43.98
C ILE A 422 -83.63 30.52 42.70
N TYR A 423 -82.37 30.94 42.85
CA TYR A 423 -81.57 31.39 41.71
C TYR A 423 -81.38 30.29 40.67
N ALA A 424 -81.13 29.07 41.14
CA ALA A 424 -80.96 27.92 40.25
C ALA A 424 -82.27 27.53 39.60
N GLY A 425 -83.37 27.77 40.31
CA GLY A 425 -84.70 27.46 39.79
C GLY A 425 -85.17 28.43 38.73
N VAL A 426 -85.08 29.73 39.03
CA VAL A 426 -85.54 30.76 38.09
C VAL A 426 -84.84 30.69 36.73
N ASN A 427 -83.51 30.71 36.73
CA ASN A 427 -82.73 30.64 35.49
C ASN A 427 -83.03 29.38 34.69
N GLY A 428 -83.21 28.27 35.38
CA GLY A 428 -83.62 27.02 34.76
C GLY A 428 -82.50 26.00 34.68
N HIS A 429 -81.73 25.87 35.75
CA HIS A 429 -80.63 24.93 35.77
C HIS A 429 -81.10 23.57 36.27
N LEU A 430 -82.40 23.44 36.50
CA LEU A 430 -82.96 22.21 37.01
C LEU A 430 -83.80 21.53 35.94
N ASP A 431 -84.14 22.30 34.91
CA ASP A 431 -84.93 21.80 33.80
C ASP A 431 -84.37 20.52 33.19
N GLY A 432 -83.04 20.38 33.24
CA GLY A 432 -82.40 19.20 32.69
C GLY A 432 -82.45 18.04 33.66
N ILE A 433 -82.63 18.37 34.94
CA ILE A 433 -82.70 17.36 35.98
C ILE A 433 -84.09 16.76 36.05
N GLU A 434 -84.17 15.47 36.39
CA GLU A 434 -85.44 14.78 36.51
C GLU A 434 -86.32 15.39 37.61
N LEU A 435 -87.63 15.39 37.40
CA LEU A 435 -88.57 15.93 38.36
C LEU A 435 -88.74 15.02 39.58
N SER A 436 -88.02 13.91 39.59
CA SER A 436 -88.08 12.98 40.72
C SER A 436 -86.92 13.19 41.68
N ARG A 437 -85.84 13.78 41.18
CA ARG A 437 -84.63 13.98 41.98
C ARG A 437 -84.53 15.40 42.54
N ILE A 438 -85.58 16.19 42.38
CA ILE A 438 -85.55 17.59 42.82
C ILE A 438 -85.33 17.70 44.32
N GLY A 439 -85.83 16.70 45.06
CA GLY A 439 -85.74 16.71 46.51
C GLY A 439 -84.32 16.57 46.99
N GLU A 440 -83.65 15.51 46.55
CA GLU A 440 -82.27 15.26 46.93
C GLU A 440 -81.35 16.34 46.36
N PHE A 441 -81.84 17.09 45.38
CA PHE A 441 -81.06 18.14 44.76
C PHE A 441 -80.74 19.24 45.76
N GLU A 442 -81.74 19.62 46.54
CA GLU A 442 -81.57 20.64 47.58
C GLU A 442 -80.52 20.20 48.61
N SER A 443 -80.60 18.94 49.04
CA SER A 443 -79.68 18.41 50.04
C SER A 443 -78.23 18.52 49.58
N SER A 444 -77.92 17.80 48.51
CA SER A 444 -76.56 17.72 47.98
C SER A 444 -76.01 19.07 47.51
N PHE A 445 -76.90 19.96 47.10
CA PHE A 445 -76.48 21.29 46.63
C PHE A 445 -76.05 22.18 47.79
N LEU A 446 -76.85 22.22 48.86
CA LEU A 446 -76.52 23.03 50.02
C LEU A 446 -75.20 22.57 50.63
N SER A 447 -75.07 21.27 50.86
CA SER A 447 -73.85 20.71 51.42
C SER A 447 -72.62 21.06 50.57
N TYR A 448 -72.81 21.15 49.26
CA TYR A 448 -71.74 21.54 48.35
C TYR A 448 -71.24 22.94 48.67
N LEU A 449 -72.16 23.90 48.67
CA LEU A 449 -71.78 25.29 48.90
C LEU A 449 -71.09 25.46 50.24
N LYS A 450 -71.59 24.78 51.27
CA LYS A 450 -71.06 24.93 52.62
C LYS A 450 -69.67 24.31 52.80
N SER A 451 -69.06 23.91 51.69
CA SER A 451 -67.75 23.26 51.75
C SER A 451 -66.80 23.80 50.69
N ASN A 452 -67.35 24.40 49.65
CA ASN A 452 -66.56 24.91 48.54
C ASN A 452 -66.82 26.39 48.26
N HIS A 453 -68.03 26.84 48.57
CA HIS A 453 -68.40 28.22 48.31
C HIS A 453 -68.99 28.88 49.56
N ASN A 454 -68.49 28.46 50.72
CA ASN A 454 -68.97 28.96 51.99
C ASN A 454 -68.83 30.47 52.09
N GLU A 455 -67.83 31.01 51.42
CA GLU A 455 -67.55 32.45 51.43
C GLU A 455 -68.68 33.23 50.76
N LEU A 456 -69.33 32.62 49.79
CA LEU A 456 -70.43 33.27 49.07
C LEU A 456 -71.67 33.35 49.95
N LEU A 457 -72.00 32.24 50.60
CA LEU A 457 -73.17 32.17 51.46
C LEU A 457 -73.11 33.21 52.58
N THR A 458 -71.93 33.32 53.20
CA THR A 458 -71.73 34.19 54.35
C THR A 458 -71.77 35.67 53.97
N GLU A 459 -71.46 35.96 52.71
CA GLU A 459 -71.50 37.32 52.23
C GLU A 459 -72.94 37.77 51.97
N ILE A 460 -73.80 36.80 51.64
CA ILE A 460 -75.21 37.07 51.40
C ILE A 460 -75.95 37.24 52.71
N ARG A 461 -75.50 36.50 53.72
CA ARG A 461 -76.10 36.57 55.05
C ARG A 461 -75.82 37.92 55.73
N GLU A 462 -74.63 38.47 55.49
CA GLU A 462 -74.22 39.72 56.13
C GLU A 462 -74.66 40.95 55.34
N LYS A 463 -74.40 40.94 54.04
CA LYS A 463 -74.75 42.06 53.18
C LYS A 463 -76.26 42.11 52.95
N GLY A 464 -76.86 40.94 52.74
CA GLY A 464 -78.28 40.85 52.46
C GLY A 464 -78.63 41.21 51.04
N GLU A 465 -77.61 41.42 50.21
CA GLU A 465 -77.81 41.79 48.81
C GLU A 465 -76.93 40.96 47.88
N LEU A 466 -77.22 41.04 46.58
CA LEU A 466 -76.43 40.32 45.58
C LEU A 466 -75.82 41.25 44.52
N SER A 467 -74.53 41.54 44.67
CA SER A 467 -73.81 42.39 43.72
C SER A 467 -73.49 41.65 42.43
N LYS A 468 -73.21 42.40 41.37
CA LYS A 468 -72.94 41.82 40.05
C LYS A 468 -71.85 40.75 40.13
N GLU A 469 -70.96 40.91 41.10
CA GLU A 469 -69.88 39.95 41.34
C GLU A 469 -70.44 38.63 41.88
N LEU A 470 -71.31 38.73 42.88
CA LEU A 470 -71.95 37.55 43.46
C LEU A 470 -72.86 36.83 42.46
N LEU A 471 -73.65 37.61 41.72
CA LEU A 471 -74.56 37.05 40.72
C LEU A 471 -73.81 36.17 39.73
N ALA A 472 -72.56 36.57 39.44
CA ALA A 472 -71.73 35.82 38.51
C ALA A 472 -71.06 34.65 39.23
N SER A 473 -70.66 34.87 40.47
CA SER A 473 -70.00 33.83 41.26
C SER A 473 -70.97 32.73 41.65
N LEU A 474 -72.20 33.12 41.96
CA LEU A 474 -73.25 32.17 42.29
C LEU A 474 -73.62 31.34 41.06
N LYS A 475 -73.73 32.00 39.91
CA LYS A 475 -74.07 31.30 38.67
C LYS A 475 -73.01 30.26 38.30
N SER A 476 -71.73 30.65 38.44
CA SER A 476 -70.63 29.76 38.10
C SER A 476 -70.58 28.53 38.99
N ALA A 477 -70.91 28.73 40.27
CA ALA A 477 -70.88 27.65 41.24
C ALA A 477 -72.03 26.68 41.01
N THR A 478 -73.15 27.22 40.53
CA THR A 478 -74.32 26.43 40.25
C THR A 478 -74.10 25.55 39.03
N GLU A 479 -73.72 26.19 37.92
CA GLU A 479 -73.50 25.50 36.65
C GLU A 479 -72.45 24.40 36.82
N SER A 480 -71.56 24.60 37.78
CA SER A 480 -70.50 23.63 38.08
C SER A 480 -71.08 22.39 38.75
N PHE A 481 -71.97 22.59 39.72
CA PHE A 481 -72.60 21.48 40.41
C PHE A 481 -73.60 20.74 39.53
N VAL A 482 -74.38 21.48 38.74
CA VAL A 482 -75.33 20.90 37.81
C VAL A 482 -74.61 20.06 36.77
N ALA A 483 -73.41 20.51 36.39
CA ALA A 483 -72.59 19.80 35.42
C ALA A 483 -72.12 18.46 36.00
N THR A 484 -71.51 18.52 37.19
CA THR A 484 -70.98 17.32 37.83
C THR A 484 -72.08 16.38 38.28
N PHE A 485 -73.32 16.86 38.26
CA PHE A 485 -74.47 16.07 38.65
C PHE A 485 -74.95 15.21 37.49
N ALA B 1 -155.08 70.25 79.07
CA ALA B 1 -154.92 68.82 79.25
C ALA B 1 -156.20 68.04 78.93
N ASN B 2 -156.68 68.20 77.70
CA ASN B 2 -157.85 67.46 77.23
C ASN B 2 -157.48 66.12 76.58
N LEU B 3 -157.58 65.05 77.38
CA LEU B 3 -157.24 63.71 76.91
C LEU B 3 -158.32 63.15 75.98
N ASN B 4 -158.76 63.97 75.03
CA ASN B 4 -159.80 63.59 74.10
C ASN B 4 -159.49 64.05 72.68
N GLU B 5 -158.60 65.02 72.57
CA GLU B 5 -158.22 65.54 71.26
C GLU B 5 -156.73 65.84 71.23
N THR B 6 -156.10 65.70 72.40
CA THR B 6 -154.68 65.93 72.53
C THR B 6 -154.07 65.05 73.61
N GLY B 7 -152.81 64.67 73.42
CA GLY B 7 -152.11 63.84 74.38
C GLY B 7 -150.64 64.17 74.48
N ARG B 8 -149.93 63.41 75.31
CA ARG B 8 -148.50 63.62 75.53
C ARG B 8 -147.67 62.45 74.97
N VAL B 9 -146.48 62.77 74.47
CA VAL B 9 -145.58 61.74 73.95
C VAL B 9 -144.92 60.94 75.08
N LEU B 10 -145.15 59.62 75.06
CA LEU B 10 -144.58 58.73 76.07
C LEU B 10 -143.16 58.29 75.70
N ALA B 11 -142.96 57.97 74.43
CA ALA B 11 -141.66 57.52 73.95
C ALA B 11 -141.54 57.70 72.44
N VAL B 12 -140.32 57.76 71.94
CA VAL B 12 -140.09 57.92 70.51
C VAL B 12 -138.81 57.21 70.07
N GLY B 13 -138.86 56.64 68.87
CA GLY B 13 -137.70 55.95 68.32
C GLY B 13 -138.09 55.03 67.16
N ASP B 14 -137.10 54.70 66.34
CA ASP B 14 -137.32 53.78 65.22
C ASP B 14 -138.38 54.30 64.25
N GLY B 15 -138.72 55.58 64.36
CA GLY B 15 -139.71 56.19 63.48
C GLY B 15 -141.13 55.97 63.92
N ILE B 16 -141.30 55.46 65.14
CA ILE B 16 -142.62 55.27 65.73
C ILE B 16 -142.74 56.10 66.99
N ALA B 17 -143.96 56.49 67.34
CA ALA B 17 -144.19 57.26 68.55
C ALA B 17 -145.43 56.78 69.31
N ARG B 18 -145.27 56.57 70.62
CA ARG B 18 -146.36 56.14 71.46
C ARG B 18 -146.90 57.28 72.30
N VAL B 19 -148.00 57.88 71.84
CA VAL B 19 -148.63 59.00 72.53
C VAL B 19 -149.72 58.51 73.49
N PHE B 20 -149.89 59.22 74.60
CA PHE B 20 -150.91 58.90 75.60
C PHE B 20 -152.06 59.90 75.53
N GLY B 21 -153.25 59.42 75.19
CA GLY B 21 -154.42 60.27 75.08
C GLY B 21 -155.20 60.02 73.81
N LEU B 22 -155.72 61.09 73.20
CA LEU B 22 -156.45 60.97 71.94
C LEU B 22 -157.49 59.85 71.97
N ASN B 23 -158.49 60.00 72.83
CA ASN B 23 -159.53 58.99 72.98
C ASN B 23 -160.61 59.07 71.90
N ASN B 24 -160.66 60.20 71.21
CA ASN B 24 -161.62 60.42 70.14
C ASN B 24 -160.97 60.45 68.76
N ILE B 25 -159.84 59.77 68.61
CA ILE B 25 -159.14 59.73 67.32
C ILE B 25 -159.58 58.56 66.46
N GLN B 26 -159.61 58.78 65.14
CA GLN B 26 -159.98 57.73 64.21
C GLN B 26 -158.78 56.91 63.80
N ALA B 27 -159.01 55.67 63.38
CA ALA B 27 -157.94 54.83 62.86
C ALA B 27 -157.33 55.50 61.64
N GLU B 28 -156.01 55.49 61.56
CA GLU B 28 -155.29 56.09 60.44
C GLU B 28 -155.69 57.56 60.23
N GLU B 29 -155.74 58.34 61.31
CA GLU B 29 -156.07 59.77 61.23
C GLU B 29 -154.82 60.63 61.31
N LEU B 30 -154.73 61.63 60.43
CA LEU B 30 -153.61 62.56 60.42
C LEU B 30 -153.50 63.27 61.77
N VAL B 31 -152.26 63.55 62.19
CA VAL B 31 -152.02 64.31 63.42
C VAL B 31 -150.83 65.26 63.28
N GLU B 32 -150.65 66.13 64.27
CA GLU B 32 -149.54 67.08 64.26
C GLU B 32 -148.93 67.25 65.66
N PHE B 33 -147.62 67.41 65.71
CA PHE B 33 -146.93 67.59 66.99
C PHE B 33 -146.54 69.04 67.22
N SER B 34 -146.06 69.32 68.42
CA SER B 34 -145.64 70.67 68.79
C SER B 34 -144.62 71.22 67.78
N SER B 35 -143.79 70.34 67.24
CA SER B 35 -142.77 70.75 66.28
C SER B 35 -143.39 71.05 64.91
N GLY B 36 -144.58 70.52 64.66
CA GLY B 36 -145.29 70.76 63.41
C GLY B 36 -145.22 69.57 62.47
N VAL B 37 -144.67 68.46 62.95
CA VAL B 37 -144.53 67.25 62.14
C VAL B 37 -145.84 66.49 62.09
N LYS B 38 -146.20 66.03 60.89
CA LYS B 38 -147.44 65.30 60.71
C LYS B 38 -147.22 63.80 60.94
N GLY B 39 -148.16 63.18 61.65
CA GLY B 39 -148.10 61.74 61.89
C GLY B 39 -149.37 61.05 61.45
N MET B 40 -149.54 59.79 61.88
CA MET B 40 -150.74 59.03 61.53
C MET B 40 -150.96 57.87 62.50
N ALA B 41 -152.14 57.84 63.11
CA ALA B 41 -152.45 56.79 64.08
C ALA B 41 -152.66 55.45 63.41
N LEU B 42 -151.57 54.75 63.12
CA LEU B 42 -151.66 53.48 62.41
C LEU B 42 -152.28 52.38 63.26
N ASN B 43 -152.21 52.50 64.57
CA ASN B 43 -152.83 51.52 65.45
C ASN B 43 -153.32 52.15 66.75
N LEU B 44 -154.38 51.57 67.32
CA LEU B 44 -154.96 52.07 68.56
C LEU B 44 -155.00 50.99 69.62
N GLU B 45 -154.41 51.28 70.78
CA GLU B 45 -154.37 50.34 71.89
C GLU B 45 -155.02 51.00 73.11
N PRO B 46 -155.45 50.19 74.09
CA PRO B 46 -156.01 50.77 75.31
C PRO B 46 -154.92 51.38 76.18
N GLY B 47 -154.89 52.69 76.30
CA GLY B 47 -153.90 53.35 77.14
C GLY B 47 -152.76 53.97 76.38
N GLN B 48 -152.72 53.79 75.07
CA GLN B 48 -151.67 54.37 74.24
C GLN B 48 -152.01 54.23 72.76
N VAL B 49 -151.29 54.96 71.91
CA VAL B 49 -151.56 54.91 70.48
C VAL B 49 -150.29 54.99 69.63
N GLY B 50 -150.25 54.20 68.56
CA GLY B 50 -149.08 54.18 67.70
C GLY B 50 -149.18 55.19 66.57
N ILE B 51 -148.16 56.04 66.44
CA ILE B 51 -148.13 57.03 65.38
C ILE B 51 -146.87 56.93 64.54
N VAL B 52 -147.02 56.90 63.23
CA VAL B 52 -145.87 56.89 62.34
C VAL B 52 -145.37 58.32 62.12
N LEU B 53 -144.06 58.48 61.95
CA LEU B 53 -143.49 59.80 61.75
C LEU B 53 -143.20 60.06 60.28
N PHE B 54 -143.73 61.16 59.76
CA PHE B 54 -143.51 61.53 58.36
C PHE B 54 -142.26 62.40 58.24
N GLY B 55 -141.63 62.72 59.37
CA GLY B 55 -140.42 63.51 59.37
C GLY B 55 -139.35 62.84 60.23
N SER B 56 -138.21 63.50 60.37
CA SER B 56 -137.14 62.98 61.21
C SER B 56 -137.54 62.97 62.68
N ASP B 57 -137.21 61.88 63.37
CA ASP B 57 -137.53 61.73 64.78
C ASP B 57 -136.77 62.72 65.66
N ARG B 58 -135.77 63.38 65.09
CA ARG B 58 -135.03 64.41 65.79
C ARG B 58 -135.98 65.49 66.31
N LEU B 59 -136.94 65.86 65.48
CA LEU B 59 -137.89 66.93 65.79
C LEU B 59 -138.93 66.49 66.81
N VAL B 60 -139.08 65.18 66.99
CA VAL B 60 -140.00 64.65 67.99
C VAL B 60 -139.26 64.39 69.29
N LYS B 61 -139.62 65.15 70.32
CA LYS B 61 -139.03 65.01 71.63
C LYS B 61 -140.04 64.33 72.56
N GLU B 62 -139.55 63.67 73.61
CA GLU B 62 -140.42 62.99 74.56
C GLU B 62 -141.01 63.97 75.57
N GLY B 63 -142.34 64.05 75.63
CA GLY B 63 -143.02 64.90 76.57
C GLY B 63 -143.58 66.16 75.95
N GLU B 64 -143.67 66.18 74.62
CA GLU B 64 -144.17 67.34 73.89
C GLU B 64 -145.69 67.32 73.84
N LEU B 65 -146.25 68.27 73.10
CA LEU B 65 -147.70 68.37 72.93
C LEU B 65 -148.11 67.75 71.58
N VAL B 66 -149.24 67.05 71.56
CA VAL B 66 -149.74 66.40 70.35
C VAL B 66 -151.21 66.72 70.05
N LYS B 67 -151.45 67.51 69.00
CA LYS B 67 -152.81 67.85 68.58
C LYS B 67 -153.25 66.98 67.41
N ARG B 68 -154.56 66.75 67.28
CA ARG B 68 -155.08 65.96 66.16
C ARG B 68 -155.66 66.84 65.05
N THR B 69 -155.70 66.33 63.83
CA THR B 69 -156.22 67.09 62.69
C THR B 69 -157.73 66.95 62.61
N GLY B 70 -158.23 65.77 62.95
CA GLY B 70 -159.66 65.51 62.89
C GLY B 70 -160.09 64.98 61.54
N ASN B 71 -159.14 64.91 60.60
CA ASN B 71 -159.40 64.32 59.29
C ASN B 71 -158.28 63.37 58.87
N ILE B 72 -158.65 62.26 58.24
CA ILE B 72 -157.67 61.31 57.70
C ILE B 72 -156.76 61.99 56.69
N VAL B 73 -155.53 61.47 56.55
CA VAL B 73 -154.57 62.05 55.62
C VAL B 73 -155.13 62.16 54.20
N ASP B 74 -155.13 63.39 53.69
CA ASP B 74 -155.68 63.65 52.36
C ASP B 74 -154.77 64.59 51.58
N VAL B 75 -154.97 64.64 50.27
CA VAL B 75 -154.15 65.48 49.40
C VAL B 75 -155.00 66.27 48.42
N PRO B 76 -154.62 67.54 48.17
CA PRO B 76 -155.34 68.42 47.25
C PRO B 76 -155.48 67.80 45.86
N VAL B 77 -156.70 67.75 45.33
CA VAL B 77 -156.96 67.20 44.00
C VAL B 77 -157.74 68.17 43.11
N GLY B 78 -157.32 68.27 41.84
CA GLY B 78 -157.95 69.19 40.92
C GLY B 78 -157.13 69.41 39.66
N PRO B 79 -157.61 70.28 38.77
CA PRO B 79 -156.94 70.57 37.50
C PRO B 79 -155.77 71.53 37.69
N GLY B 80 -155.73 72.20 38.84
CA GLY B 80 -154.72 73.20 39.12
C GLY B 80 -153.36 72.60 39.45
N LEU B 81 -153.31 71.28 39.56
CA LEU B 81 -152.07 70.57 39.86
C LEU B 81 -151.25 70.40 38.60
N LEU B 82 -151.91 70.53 37.45
CA LEU B 82 -151.24 70.40 36.16
C LEU B 82 -150.06 71.37 36.06
N GLY B 83 -148.91 70.86 35.64
CA GLY B 83 -147.72 71.66 35.48
C GLY B 83 -147.01 71.99 36.79
N ARG B 84 -147.52 71.43 37.87
CA ARG B 84 -147.01 71.71 39.21
C ARG B 84 -146.42 70.47 39.88
N VAL B 85 -145.30 70.65 40.58
CA VAL B 85 -144.60 69.55 41.26
C VAL B 85 -144.80 69.59 42.77
N VAL B 86 -145.44 68.55 43.31
CA VAL B 86 -145.72 68.46 44.74
C VAL B 86 -145.07 67.23 45.37
N ASP B 87 -145.21 67.10 46.69
CA ASP B 87 -144.68 65.93 47.40
C ASP B 87 -145.81 64.97 47.78
N ALA B 88 -145.57 64.17 48.82
CA ALA B 88 -146.53 63.17 49.28
C ALA B 88 -147.74 63.79 49.97
N LEU B 89 -147.55 64.98 50.53
CA LEU B 89 -148.61 65.69 51.23
C LEU B 89 -149.47 66.52 50.28
N GLY B 90 -148.92 66.85 49.12
CA GLY B 90 -149.63 67.65 48.15
C GLY B 90 -149.19 69.11 48.14
N ASN B 91 -148.20 69.42 48.97
CA ASN B 91 -147.64 70.76 49.02
C ASN B 91 -146.66 71.00 47.88
N PRO B 92 -146.61 72.25 47.38
CA PRO B 92 -145.74 72.58 46.26
C PRO B 92 -144.27 72.51 46.69
N ILE B 93 -143.42 72.03 45.79
CA ILE B 93 -142.01 71.94 46.10
C ILE B 93 -141.20 72.63 45.01
N ASP B 94 -141.90 73.16 44.02
CA ASP B 94 -141.28 73.83 42.89
C ASP B 94 -141.12 75.34 43.10
N GLY B 95 -142.01 75.91 43.91
CA GLY B 95 -141.94 77.33 44.23
C GLY B 95 -142.64 78.21 43.22
N LYS B 96 -143.79 77.76 42.72
CA LYS B 96 -144.59 78.54 41.78
C LYS B 96 -145.89 78.99 42.46
N GLY B 97 -145.88 79.04 43.78
CA GLY B 97 -147.05 79.44 44.55
C GLY B 97 -147.96 78.28 44.85
N PRO B 98 -148.81 78.43 45.89
CA PRO B 98 -149.72 77.37 46.34
C PRO B 98 -150.57 76.73 45.24
N ILE B 99 -150.97 75.48 45.48
CA ILE B 99 -151.74 74.70 44.51
C ILE B 99 -153.22 75.03 44.51
N ASP B 100 -153.80 75.21 43.34
CA ASP B 100 -155.23 75.47 43.19
C ASP B 100 -156.02 74.16 43.12
N ALA B 101 -156.44 73.68 44.28
CA ALA B 101 -157.18 72.42 44.36
C ALA B 101 -158.69 72.66 44.39
N ALA B 102 -159.43 71.80 43.71
CA ALA B 102 -160.88 71.88 43.68
C ALA B 102 -161.49 71.18 44.88
N GLY B 103 -160.77 70.20 45.41
CA GLY B 103 -161.24 69.46 46.57
C GLY B 103 -160.16 68.65 47.25
N ARG B 104 -160.54 67.94 48.30
CA ARG B 104 -159.62 67.08 49.05
C ARG B 104 -160.16 65.65 49.12
N SER B 105 -159.30 64.68 48.81
CA SER B 105 -159.70 63.27 48.82
C SER B 105 -158.84 62.45 49.80
N ARG B 106 -159.44 61.43 50.42
CA ARG B 106 -158.71 60.55 51.33
C ARG B 106 -157.46 59.98 50.68
N ALA B 107 -156.45 59.68 51.47
CA ALA B 107 -155.25 59.08 50.93
C ALA B 107 -155.47 57.61 50.62
N GLN B 108 -156.43 57.00 51.33
CA GLN B 108 -156.73 55.59 51.17
C GLN B 108 -158.14 55.36 50.65
N VAL B 109 -158.29 55.26 49.33
CA VAL B 109 -159.59 55.06 48.73
C VAL B 109 -159.81 53.60 48.35
N LYS B 110 -161.05 53.14 48.41
CA LYS B 110 -161.38 51.78 47.99
C LYS B 110 -161.68 51.73 46.49
N ALA B 111 -161.23 50.65 45.85
CA ALA B 111 -161.43 50.46 44.42
C ALA B 111 -162.90 50.39 44.08
N PRO B 112 -163.26 50.86 42.88
CA PRO B 112 -164.66 50.78 42.44
C PRO B 112 -165.17 49.35 42.45
N GLY B 113 -166.45 49.19 42.78
CA GLY B 113 -167.08 47.89 42.83
C GLY B 113 -167.04 47.18 41.49
N ILE B 114 -167.59 45.97 41.45
CA ILE B 114 -167.56 45.17 40.24
C ILE B 114 -168.59 45.63 39.23
N LEU B 115 -169.71 46.16 39.73
CA LEU B 115 -170.80 46.56 38.86
C LEU B 115 -170.52 47.86 38.09
N PRO B 116 -169.95 48.87 38.78
CA PRO B 116 -169.61 50.14 38.13
C PRO B 116 -168.32 50.07 37.31
N ARG B 117 -168.20 49.05 36.45
CA ARG B 117 -167.01 48.89 35.62
C ARG B 117 -167.35 48.36 34.23
N ARG B 118 -166.39 48.52 33.31
CA ARG B 118 -166.54 48.02 31.95
C ARG B 118 -165.17 47.58 31.43
N SER B 119 -165.17 46.58 30.55
CA SER B 119 -163.93 46.12 29.93
C SER B 119 -163.29 47.23 29.12
N VAL B 120 -161.96 47.30 29.16
CA VAL B 120 -161.22 48.31 28.41
C VAL B 120 -161.36 48.08 26.92
N HIS B 121 -161.41 49.17 26.15
CA HIS B 121 -161.59 49.08 24.72
C HIS B 121 -161.05 50.31 24.02
N GLU B 122 -160.34 51.15 24.78
CA GLU B 122 -159.81 52.38 24.25
C GLU B 122 -158.29 52.30 24.14
N PRO B 123 -157.78 52.19 22.89
CA PRO B 123 -156.34 52.12 22.65
C PRO B 123 -155.57 53.32 23.22
N VAL B 124 -154.35 53.08 23.67
CA VAL B 124 -153.50 54.14 24.23
C VAL B 124 -152.12 54.15 23.56
N GLN B 125 -152.03 54.83 22.43
CA GLN B 125 -150.78 54.85 21.65
C GLN B 125 -149.59 55.30 22.51
N THR B 126 -148.60 54.42 22.63
CA THR B 126 -147.40 54.72 23.41
C THR B 126 -146.31 55.33 22.55
N GLY B 127 -146.50 55.27 21.22
CA GLY B 127 -145.51 55.77 20.30
C GLY B 127 -144.51 54.69 19.90
N LEU B 128 -144.43 53.64 20.70
CA LEU B 128 -143.51 52.54 20.42
C LEU B 128 -144.16 51.46 19.57
N LYS B 129 -143.49 51.06 18.50
CA LYS B 129 -144.04 50.08 17.58
C LYS B 129 -144.10 48.69 18.20
N ALA B 130 -142.96 48.23 18.69
CA ALA B 130 -142.87 46.91 19.32
C ALA B 130 -143.86 46.75 20.46
N VAL B 131 -144.26 47.88 21.06
CA VAL B 131 -145.20 47.86 22.18
C VAL B 131 -146.65 47.75 21.72
N ASP B 132 -147.10 48.74 20.95
CA ASP B 132 -148.49 48.82 20.51
C ASP B 132 -148.80 47.79 19.43
N ALA B 133 -147.97 46.77 19.35
CA ALA B 133 -148.13 45.69 18.37
C ALA B 133 -148.22 44.36 19.10
N LEU B 134 -147.33 44.16 20.06
CA LEU B 134 -147.29 42.92 20.83
C LEU B 134 -148.10 43.00 22.12
N VAL B 135 -147.91 44.08 22.87
CA VAL B 135 -148.59 44.25 24.14
C VAL B 135 -149.13 45.66 24.31
N PRO B 136 -150.20 45.99 23.57
CA PRO B 136 -150.76 47.34 23.59
C PRO B 136 -151.43 47.66 24.91
N ILE B 137 -151.53 48.94 25.23
CA ILE B 137 -152.15 49.37 26.47
C ILE B 137 -153.43 50.14 26.18
N GLY B 138 -154.46 49.89 26.98
CA GLY B 138 -155.74 50.56 26.80
C GLY B 138 -156.15 51.37 28.02
N ARG B 139 -157.08 52.31 27.81
CA ARG B 139 -157.58 53.14 28.90
C ARG B 139 -158.26 52.29 29.97
N GLY B 140 -157.58 52.13 31.10
CA GLY B 140 -158.10 51.33 32.20
C GLY B 140 -157.31 50.06 32.43
N GLN B 141 -156.24 49.86 31.66
CA GLN B 141 -155.41 48.68 31.78
C GLN B 141 -154.29 48.95 32.78
N ARG B 142 -153.69 47.88 33.31
CA ARG B 142 -152.58 48.02 34.24
C ARG B 142 -151.35 47.29 33.72
N GLU B 143 -150.57 47.96 32.88
CA GLU B 143 -149.42 47.34 32.25
C GLU B 143 -148.16 47.52 33.08
N LEU B 144 -147.55 46.40 33.47
CA LEU B 144 -146.34 46.42 34.27
C LEU B 144 -145.11 46.65 33.41
N ILE B 145 -144.12 47.34 33.97
CA ILE B 145 -142.86 47.56 33.29
C ILE B 145 -141.71 46.98 34.10
N ILE B 146 -141.51 45.68 33.99
CA ILE B 146 -140.46 45.00 34.74
C ILE B 146 -139.16 44.91 33.94
N GLY B 147 -138.02 45.05 34.64
CA GLY B 147 -136.72 44.99 34.00
C GLY B 147 -135.61 45.33 34.98
N ASP B 148 -134.37 45.03 34.59
CA ASP B 148 -133.23 45.27 35.47
C ASP B 148 -132.75 46.71 35.40
N ARG B 149 -131.70 47.01 36.14
CA ARG B 149 -131.17 48.36 36.19
C ARG B 149 -130.78 48.82 34.80
N GLN B 150 -131.10 50.07 34.46
CA GLN B 150 -130.76 50.63 33.17
C GLN B 150 -131.13 49.69 32.02
N THR B 151 -132.43 49.48 31.83
CA THR B 151 -132.90 48.61 30.75
C THR B 151 -133.91 49.33 29.85
N GLY B 152 -134.35 50.51 30.30
CA GLY B 152 -135.31 51.29 29.55
C GLY B 152 -136.74 51.08 30.04
N LYS B 153 -136.91 51.09 31.36
CA LYS B 153 -138.22 50.87 31.98
C LYS B 153 -139.06 52.12 31.93
N THR B 154 -138.42 53.24 32.21
CA THR B 154 -139.06 54.54 32.22
C THR B 154 -139.09 55.12 30.82
N ALA B 155 -138.16 54.66 30.00
CA ALA B 155 -138.03 55.09 28.61
C ALA B 155 -139.29 54.75 27.81
N VAL B 156 -140.00 53.73 28.25
CA VAL B 156 -141.25 53.33 27.61
C VAL B 156 -142.41 54.14 28.16
N ALA B 157 -142.35 54.48 29.46
CA ALA B 157 -143.39 55.29 30.08
C ALA B 157 -143.26 56.75 29.70
N LEU B 158 -142.02 57.23 29.65
CA LEU B 158 -141.73 58.62 29.29
C LEU B 158 -142.17 59.00 27.88
N ASP B 159 -141.81 58.17 26.90
CA ASP B 159 -142.20 58.41 25.50
C ASP B 159 -143.72 58.42 25.32
N THR B 160 -144.42 57.66 26.17
CA THR B 160 -145.89 57.59 26.12
C THR B 160 -146.49 58.94 26.44
N ILE B 161 -145.91 59.61 27.42
CA ILE B 161 -146.37 60.92 27.83
C ILE B 161 -146.19 61.95 26.73
N LEU B 162 -145.04 61.90 26.07
CA LEU B 162 -144.71 62.87 25.02
C LEU B 162 -145.56 62.66 23.77
N ASN B 163 -146.03 61.43 23.58
CA ASN B 163 -146.87 61.08 22.42
C ASN B 163 -148.32 61.52 22.62
N GLN B 164 -148.71 61.73 23.87
CA GLN B 164 -150.06 62.16 24.19
C GLN B 164 -150.32 63.61 23.77
N LYS B 165 -149.23 64.36 23.61
CA LYS B 165 -149.29 65.76 23.18
C LYS B 165 -150.09 65.92 21.88
N ARG B 166 -150.12 64.86 21.08
CA ARG B 166 -150.86 64.88 19.80
C ARG B 166 -152.37 65.00 19.98
N TRP B 167 -152.87 64.68 21.18
CA TRP B 167 -154.30 64.78 21.46
C TRP B 167 -154.63 65.76 22.57
N ASN B 168 -153.65 66.06 23.41
CA ASN B 168 -153.85 67.00 24.50
C ASN B 168 -154.04 68.43 23.99
N ASN B 169 -153.45 68.72 22.83
CA ASN B 169 -153.55 70.02 22.19
C ASN B 169 -154.78 70.17 21.30
N GLY B 170 -155.55 69.09 21.18
CA GLY B 170 -156.77 69.11 20.40
C GLY B 170 -157.94 69.75 21.14
N SER B 171 -159.06 69.88 20.44
CA SER B 171 -160.27 70.49 21.00
C SER B 171 -161.07 69.48 21.80
N ASP B 172 -161.14 68.24 21.29
CA ASP B 172 -161.92 67.20 21.94
C ASP B 172 -161.31 66.75 23.27
N GLU B 173 -162.16 66.29 24.17
CA GLU B 173 -161.73 65.92 25.52
C GLU B 173 -161.47 64.42 25.66
N SER B 174 -162.42 63.61 25.20
CA SER B 174 -162.27 62.16 25.29
C SER B 174 -160.99 61.64 24.61
N LYS B 175 -160.36 62.48 23.79
CA LYS B 175 -159.11 62.11 23.12
C LYS B 175 -157.88 62.42 23.98
N LYS B 176 -157.98 63.49 24.78
CA LYS B 176 -156.88 63.88 25.65
C LYS B 176 -156.67 62.85 26.76
N LEU B 177 -155.42 62.71 27.19
CA LEU B 177 -155.08 61.75 28.24
C LEU B 177 -154.06 62.35 29.21
N TYR B 178 -154.55 62.82 30.35
CA TYR B 178 -153.71 63.45 31.37
C TYR B 178 -152.67 62.47 31.89
N CYS B 179 -151.57 63.01 32.40
CA CYS B 179 -150.48 62.17 32.86
C CYS B 179 -150.11 62.52 34.30
N VAL B 180 -149.83 61.52 35.12
CA VAL B 180 -149.37 61.74 36.49
C VAL B 180 -148.21 60.84 36.87
N TYR B 181 -147.00 61.38 36.77
CA TYR B 181 -145.79 60.64 37.09
C TYR B 181 -145.56 60.59 38.60
N VAL B 182 -145.12 59.43 39.08
CA VAL B 182 -144.81 59.24 40.49
C VAL B 182 -143.37 58.78 40.67
N ALA B 183 -142.59 59.59 41.37
CA ALA B 183 -141.20 59.26 41.63
C ALA B 183 -141.01 58.97 43.11
N VAL B 184 -140.58 57.75 43.43
CA VAL B 184 -140.35 57.34 44.82
C VAL B 184 -139.01 56.64 44.98
N GLY B 185 -138.24 57.08 45.97
CA GLY B 185 -136.93 56.50 46.22
C GLY B 185 -135.87 56.90 45.21
N GLN B 186 -136.16 57.95 44.45
CA GLN B 186 -135.22 58.42 43.43
C GLN B 186 -134.40 59.61 43.91
N LYS B 187 -133.44 60.02 43.09
CA LYS B 187 -132.58 61.14 43.44
C LYS B 187 -133.23 62.48 43.10
N ARG B 188 -132.74 63.54 43.74
CA ARG B 188 -133.20 64.89 43.47
C ARG B 188 -132.91 65.29 42.03
N SER B 189 -131.65 65.14 41.64
CA SER B 189 -131.23 65.47 40.28
C SER B 189 -131.99 64.65 39.24
N THR B 190 -132.14 63.35 39.51
CA THR B 190 -132.82 62.43 38.60
C THR B 190 -134.24 62.89 38.23
N VAL B 191 -134.95 63.44 39.21
CA VAL B 191 -136.29 63.95 39.01
C VAL B 191 -136.28 65.33 38.37
N ALA B 192 -135.37 66.19 38.86
CA ALA B 192 -135.25 67.55 38.35
C ALA B 192 -134.96 67.56 36.85
N GLN B 193 -133.98 66.76 36.43
CA GLN B 193 -133.65 66.64 35.02
C GLN B 193 -134.79 66.00 34.23
N LEU B 194 -135.54 65.12 34.89
CA LEU B 194 -136.69 64.47 34.27
C LEU B 194 -137.78 65.48 33.96
N VAL B 195 -137.97 66.42 34.88
CA VAL B 195 -138.93 67.49 34.70
C VAL B 195 -138.52 68.41 33.55
N GLN B 196 -137.24 68.78 33.52
CA GLN B 196 -136.68 69.64 32.47
C GLN B 196 -136.96 69.11 31.05
N THR B 197 -136.83 67.79 30.87
CA THR B 197 -137.07 67.17 29.58
C THR B 197 -138.53 67.32 29.16
N LEU B 198 -139.42 67.30 30.15
CA LEU B 198 -140.85 67.49 29.93
C LEU B 198 -141.16 68.91 29.44
N GLU B 199 -140.48 69.88 30.03
CA GLU B 199 -140.63 71.29 29.63
C GLU B 199 -140.08 71.56 28.23
N GLN B 200 -138.98 70.91 27.89
CA GLN B 200 -138.41 71.04 26.55
C GLN B 200 -139.38 70.51 25.50
N HIS B 201 -140.05 69.41 25.81
CA HIS B 201 -141.02 68.82 24.89
C HIS B 201 -142.41 69.39 25.10
N ASP B 202 -142.51 70.34 26.02
CA ASP B 202 -143.77 71.00 26.33
C ASP B 202 -144.84 69.96 26.65
N ALA B 203 -144.56 69.11 27.63
CA ALA B 203 -145.47 68.06 28.02
C ALA B 203 -145.85 68.20 29.49
N MET B 204 -145.21 69.16 30.16
CA MET B 204 -145.45 69.41 31.57
C MET B 204 -146.80 70.09 31.79
N LYS B 205 -147.30 70.77 30.76
CA LYS B 205 -148.58 71.45 30.84
C LYS B 205 -149.71 70.48 31.21
N TYR B 206 -149.62 69.23 30.72
CA TYR B 206 -150.66 68.25 30.99
C TYR B 206 -150.19 67.11 31.88
N SER B 207 -149.24 67.41 32.75
CA SER B 207 -148.65 66.38 33.61
C SER B 207 -148.48 66.87 35.04
N ILE B 208 -148.72 65.97 35.99
CA ILE B 208 -148.57 66.27 37.41
C ILE B 208 -147.46 65.43 38.03
N ILE B 209 -146.61 66.07 38.83
CA ILE B 209 -145.47 65.39 39.43
C ILE B 209 -145.58 65.28 40.94
N VAL B 210 -145.45 64.06 41.45
CA VAL B 210 -145.48 63.81 42.89
C VAL B 210 -144.14 63.26 43.35
N ALA B 211 -143.57 63.87 44.39
CA ALA B 211 -142.21 63.54 44.81
C ALA B 211 -142.13 62.80 46.12
N ALA B 212 -141.24 61.80 46.15
CA ALA B 212 -140.96 61.05 47.37
C ALA B 212 -139.50 60.60 47.36
N THR B 213 -138.60 61.59 47.36
CA THR B 213 -137.16 61.32 47.29
C THR B 213 -136.71 60.35 48.38
N ALA B 214 -135.54 59.75 48.19
CA ALA B 214 -134.98 58.80 49.14
C ALA B 214 -134.61 59.49 50.46
N SER B 215 -134.13 60.72 50.37
CA SER B 215 -133.81 61.52 51.54
C SER B 215 -135.02 61.67 52.46
N GLU B 216 -136.20 61.84 51.86
CA GLU B 216 -137.45 61.93 52.61
C GLU B 216 -137.69 60.64 53.41
N ALA B 217 -138.39 60.76 54.54
CA ALA B 217 -138.66 59.61 55.39
C ALA B 217 -139.39 58.52 54.65
N ALA B 218 -139.16 57.28 55.06
CA ALA B 218 -139.74 56.10 54.41
C ALA B 218 -141.25 56.22 54.17
N PRO B 219 -142.00 56.56 55.24
CA PRO B 219 -143.46 56.67 55.13
C PRO B 219 -143.91 57.56 53.99
N LEU B 220 -143.20 58.67 53.75
CA LEU B 220 -143.54 59.54 52.63
C LEU B 220 -143.57 58.73 51.35
N GLN B 221 -142.53 57.91 51.17
CA GLN B 221 -142.43 57.05 49.99
C GLN B 221 -143.54 56.01 50.00
N TYR B 222 -144.09 55.75 51.18
CA TYR B 222 -145.14 54.76 51.35
C TYR B 222 -146.50 55.34 50.96
N LEU B 223 -146.73 56.59 51.34
CA LEU B 223 -147.99 57.26 51.08
C LEU B 223 -148.02 57.97 49.72
N ALA B 224 -146.84 58.17 49.14
CA ALA B 224 -146.72 58.87 47.86
C ALA B 224 -147.54 58.24 46.74
N PRO B 225 -147.49 56.90 46.62
CA PRO B 225 -148.24 56.26 45.53
C PRO B 225 -149.74 56.40 45.73
N PHE B 226 -150.21 56.22 46.96
CA PHE B 226 -151.64 56.27 47.27
C PHE B 226 -152.24 57.64 47.00
N THR B 227 -151.60 58.68 47.53
CA THR B 227 -152.03 60.05 47.33
C THR B 227 -152.00 60.42 45.84
N ALA B 228 -150.84 60.21 45.21
CA ALA B 228 -150.69 60.49 43.78
C ALA B 228 -151.81 59.82 42.99
N ALA B 229 -152.27 58.67 43.47
CA ALA B 229 -153.37 57.95 42.83
C ALA B 229 -154.64 58.78 42.86
N SER B 230 -154.95 59.34 44.02
CA SER B 230 -156.18 60.11 44.18
C SER B 230 -156.18 61.35 43.28
N ILE B 231 -154.99 61.84 42.97
CA ILE B 231 -154.87 63.01 42.09
C ILE B 231 -155.42 62.72 40.71
N GLY B 232 -155.20 61.50 40.22
CA GLY B 232 -155.65 61.11 38.90
C GLY B 232 -157.06 60.53 38.88
N GLU B 233 -157.51 60.04 40.04
CA GLU B 233 -158.84 59.46 40.16
C GLU B 233 -159.89 60.53 39.88
N TRP B 234 -159.53 61.77 40.17
CA TRP B 234 -160.40 62.90 39.93
C TRP B 234 -160.81 62.93 38.46
N PHE B 235 -159.84 62.94 37.56
CA PHE B 235 -160.12 62.97 36.13
C PHE B 235 -161.05 61.84 35.70
N ARG B 236 -160.93 60.69 36.34
CA ARG B 236 -161.73 59.50 36.01
C ARG B 236 -163.22 59.73 36.27
N ASP B 237 -163.53 60.22 37.46
CA ASP B 237 -164.91 60.44 37.89
C ASP B 237 -165.59 61.56 37.11
N ASN B 238 -164.80 62.49 36.60
CA ASN B 238 -165.29 63.59 35.79
C ASN B 238 -165.50 63.19 34.33
N GLY B 239 -165.28 61.91 34.02
CA GLY B 239 -165.46 61.42 32.67
C GLY B 239 -164.22 61.61 31.81
N LYS B 240 -163.13 62.03 32.45
CA LYS B 240 -161.88 62.23 31.76
C LYS B 240 -160.97 61.00 31.92
N HIS B 241 -159.88 60.98 31.16
CA HIS B 241 -158.95 59.87 31.21
C HIS B 241 -157.61 60.34 31.77
N ALA B 242 -157.04 59.56 32.68
CA ALA B 242 -155.76 59.90 33.29
C ALA B 242 -154.79 58.74 33.15
N LEU B 243 -153.52 59.01 33.38
CA LEU B 243 -152.48 58.00 33.24
C LEU B 243 -151.41 58.21 34.29
N ILE B 244 -151.33 57.28 35.24
CA ILE B 244 -150.36 57.39 36.32
C ILE B 244 -149.28 56.33 36.22
N VAL B 245 -148.03 56.74 36.47
CA VAL B 245 -146.91 55.83 36.37
C VAL B 245 -146.08 55.79 37.65
N TYR B 246 -145.99 54.62 38.27
CA TYR B 246 -145.21 54.46 39.49
C TYR B 246 -143.77 54.06 39.17
N ASP B 247 -142.82 54.84 39.68
CA ASP B 247 -141.41 54.58 39.43
C ASP B 247 -140.59 54.85 40.69
N ASP B 248 -140.44 53.84 41.53
CA ASP B 248 -140.95 52.50 41.26
C ASP B 248 -141.58 51.88 42.50
N LEU B 249 -142.48 50.94 42.31
CA LEU B 249 -143.17 50.29 43.43
C LEU B 249 -142.26 49.35 44.21
N SER B 250 -141.24 48.82 43.55
CA SER B 250 -140.33 47.88 44.22
C SER B 250 -139.60 48.54 45.39
N LYS B 251 -139.19 49.80 45.23
CA LYS B 251 -138.55 50.53 46.31
C LYS B 251 -139.51 50.80 47.47
N GLN B 252 -140.74 51.17 47.14
CA GLN B 252 -141.77 51.37 48.16
C GLN B 252 -141.80 50.22 49.13
N ALA B 253 -142.07 49.01 48.64
CA ALA B 253 -142.15 47.84 49.49
C ALA B 253 -140.94 47.77 50.42
N VAL B 254 -139.78 48.18 49.90
CA VAL B 254 -138.57 48.20 50.71
C VAL B 254 -138.69 49.25 51.81
N ALA B 255 -139.22 50.41 51.46
CA ALA B 255 -139.45 51.47 52.44
C ALA B 255 -140.49 51.03 53.47
N TYR B 256 -141.49 50.29 53.02
CA TYR B 256 -142.55 49.83 53.91
C TYR B 256 -142.10 48.69 54.80
N ARG B 257 -141.28 47.80 54.26
CA ARG B 257 -140.75 46.69 55.05
C ARG B 257 -139.95 47.26 56.22
N GLN B 258 -139.46 48.48 56.04
CA GLN B 258 -138.73 49.19 57.09
C GLN B 258 -139.64 49.42 58.29
N LEU B 259 -140.68 50.23 58.10
CA LEU B 259 -141.67 50.46 59.15
C LEU B 259 -142.26 49.15 59.60
N SER B 260 -142.32 48.18 58.68
CA SER B 260 -142.87 46.87 58.99
C SER B 260 -141.99 46.15 60.01
N LEU B 261 -140.68 46.20 59.79
CA LEU B 261 -139.73 45.54 60.68
C LEU B 261 -139.52 46.32 61.97
N LEU B 262 -139.54 47.64 61.88
CA LEU B 262 -139.37 48.50 63.05
C LEU B 262 -140.49 48.28 64.06
N LEU B 263 -141.72 48.13 63.56
CA LEU B 263 -142.87 47.88 64.42
C LEU B 263 -142.92 46.43 64.89
N ARG B 264 -141.82 45.71 64.70
CA ARG B 264 -141.73 44.31 65.08
C ARG B 264 -142.82 43.43 64.46
N ARG B 265 -142.66 43.10 63.20
CA ARG B 265 -143.59 42.22 62.50
C ARG B 265 -142.84 41.02 61.92
N PRO B 266 -143.35 39.80 62.19
CA PRO B 266 -142.75 38.56 61.72
C PRO B 266 -142.31 38.65 60.28
N PRO B 267 -141.01 38.44 60.01
CA PRO B 267 -140.47 38.55 58.66
C PRO B 267 -141.02 37.47 57.75
N GLY B 268 -141.19 37.79 56.46
CA GLY B 268 -141.62 36.80 55.48
C GLY B 268 -140.49 36.50 54.49
N ARG B 269 -140.86 36.11 53.29
CA ARG B 269 -139.88 35.87 52.23
C ARG B 269 -139.09 37.15 51.95
N GLU B 270 -137.77 37.02 51.83
CA GLU B 270 -136.90 38.17 51.56
C GLU B 270 -137.12 39.32 52.54
N ALA B 271 -137.55 38.99 53.75
CA ALA B 271 -137.74 39.95 54.83
C ALA B 271 -138.91 40.91 54.60
N TYR B 272 -139.76 40.57 53.62
CA TYR B 272 -140.96 41.34 53.37
C TYR B 272 -142.10 40.76 54.20
N PRO B 273 -142.94 41.62 54.79
CA PRO B 273 -144.10 41.23 55.59
C PRO B 273 -145.15 40.54 54.74
N GLY B 274 -145.99 39.70 55.36
CA GLY B 274 -147.02 38.97 54.64
C GLY B 274 -148.07 39.84 53.96
N ASP B 275 -148.25 41.05 54.48
CA ASP B 275 -149.24 41.98 53.93
C ASP B 275 -148.68 42.86 52.80
N VAL B 276 -147.51 42.48 52.28
CA VAL B 276 -146.89 43.25 51.21
C VAL B 276 -147.74 43.20 49.94
N PHE B 277 -148.48 42.12 49.78
CA PHE B 277 -149.37 41.93 48.64
C PHE B 277 -150.50 42.94 48.64
N TYR B 278 -151.14 43.12 49.81
CA TYR B 278 -152.24 44.05 49.97
C TYR B 278 -151.77 45.48 49.72
N LEU B 279 -150.46 45.69 49.79
CA LEU B 279 -149.90 47.00 49.50
C LEU B 279 -150.18 47.36 48.04
N HIS B 280 -149.48 46.70 47.13
CA HIS B 280 -149.63 47.01 45.71
C HIS B 280 -151.02 46.66 45.20
N SER B 281 -151.69 45.74 45.88
CA SER B 281 -153.03 45.33 45.51
C SER B 281 -154.00 46.50 45.56
N ARG B 282 -154.17 47.04 46.76
CA ARG B 282 -155.08 48.15 47.00
C ARG B 282 -154.78 49.35 46.10
N LEU B 283 -153.54 49.45 45.62
CA LEU B 283 -153.13 50.59 44.81
C LEU B 283 -153.50 50.44 43.35
N LEU B 284 -153.25 49.26 42.79
CA LEU B 284 -153.51 49.01 41.38
C LEU B 284 -155.01 48.88 41.10
N GLU B 285 -155.75 48.26 42.01
CA GLU B 285 -157.18 48.06 41.82
C GLU B 285 -157.89 49.37 41.48
N ARG B 286 -157.34 50.48 41.99
CA ARG B 286 -157.95 51.79 41.76
C ARG B 286 -157.67 52.32 40.37
N ALA B 287 -157.32 51.43 39.45
CA ALA B 287 -157.10 51.82 38.06
C ALA B 287 -157.90 50.92 37.15
N ALA B 288 -159.02 51.43 36.66
CA ALA B 288 -159.84 50.67 35.71
C ALA B 288 -160.73 51.58 34.88
N LYS B 289 -161.62 50.97 34.10
CA LYS B 289 -162.55 51.72 33.27
C LYS B 289 -163.96 51.67 33.89
N LEU B 290 -164.49 52.84 34.25
CA LEU B 290 -165.83 52.92 34.82
C LEU B 290 -166.91 52.73 33.75
N SER B 291 -168.12 52.44 34.18
CA SER B 291 -169.24 52.29 33.26
C SER B 291 -169.64 53.65 32.69
N GLU B 292 -170.58 53.65 31.75
CA GLU B 292 -171.05 54.89 31.15
C GLU B 292 -171.84 55.71 32.16
N LYS B 293 -172.49 55.03 33.10
CA LYS B 293 -173.26 55.74 34.11
C LYS B 293 -172.36 56.55 35.04
N GLU B 294 -171.14 56.05 35.25
CA GLU B 294 -170.20 56.72 36.14
C GLU B 294 -169.61 57.98 35.52
N GLY B 295 -169.40 57.94 34.21
CA GLY B 295 -168.84 59.06 33.48
C GLY B 295 -167.93 58.60 32.36
N SER B 296 -167.85 57.29 32.19
CA SER B 296 -167.02 56.69 31.13
C SER B 296 -165.56 57.12 31.27
N GLY B 297 -165.15 57.43 32.50
CA GLY B 297 -163.77 57.81 32.77
C GLY B 297 -162.91 56.61 33.09
N SER B 298 -161.60 56.78 32.97
CA SER B 298 -160.67 55.68 33.24
C SER B 298 -159.39 56.15 33.88
N LEU B 299 -158.60 55.19 34.37
CA LEU B 299 -157.32 55.49 34.96
C LEU B 299 -156.30 54.40 34.65
N THR B 300 -155.49 54.63 33.63
CA THR B 300 -154.45 53.68 33.26
C THR B 300 -153.23 53.81 34.16
N ALA B 301 -152.71 52.69 34.65
CA ALA B 301 -151.55 52.68 35.52
C ALA B 301 -150.36 51.94 34.92
N LEU B 302 -149.16 52.48 35.14
CA LEU B 302 -147.93 51.85 34.65
C LEU B 302 -146.91 51.69 35.78
N PRO B 303 -147.10 50.67 36.63
CA PRO B 303 -146.20 50.35 37.74
C PRO B 303 -144.85 49.89 37.21
N VAL B 304 -143.77 50.17 37.94
CA VAL B 304 -142.44 49.76 37.50
C VAL B 304 -141.75 48.93 38.56
N ILE B 305 -141.16 47.81 38.16
CA ILE B 305 -140.46 46.94 39.08
C ILE B 305 -139.05 46.64 38.60
N GLU B 306 -138.08 46.78 39.51
CA GLU B 306 -136.69 46.50 39.20
C GLU B 306 -136.24 45.16 39.75
N THR B 307 -135.83 44.26 38.86
CA THR B 307 -135.39 42.92 39.27
C THR B 307 -133.87 42.81 39.33
N GLN B 308 -133.36 41.66 39.75
CA GLN B 308 -131.91 41.45 39.84
C GLN B 308 -131.43 40.26 39.00
N GLY B 309 -130.58 40.55 38.02
CA GLY B 309 -130.01 39.51 37.18
C GLY B 309 -131.04 38.85 36.27
N GLY B 310 -132.07 39.61 35.92
CA GLY B 310 -133.13 39.10 35.08
C GLY B 310 -133.91 37.99 35.77
N ASP B 311 -134.25 38.22 37.04
CA ASP B 311 -135.00 37.25 37.83
C ASP B 311 -136.44 37.71 38.02
N VAL B 312 -137.33 37.22 37.16
CA VAL B 312 -138.75 37.53 37.25
C VAL B 312 -139.43 36.56 38.20
N SER B 313 -138.65 35.63 38.73
CA SER B 313 -139.16 34.62 39.65
C SER B 313 -139.09 35.13 41.10
N ALA B 314 -138.56 36.33 41.28
CA ALA B 314 -138.44 36.92 42.60
C ALA B 314 -139.81 37.10 43.26
N TYR B 315 -139.82 37.52 44.51
CA TYR B 315 -141.07 37.67 45.27
C TYR B 315 -141.85 38.92 44.84
N ILE B 316 -141.30 40.08 45.15
CA ILE B 316 -141.93 41.34 44.75
C ILE B 316 -142.44 41.31 43.31
N PRO B 317 -141.57 40.94 42.36
CA PRO B 317 -142.01 40.88 40.97
C PRO B 317 -143.27 40.04 40.77
N THR B 318 -143.25 38.78 41.20
CA THR B 318 -144.41 37.91 40.98
C THR B 318 -145.67 38.48 41.62
N ASN B 319 -145.54 39.08 42.79
CA ASN B 319 -146.70 39.66 43.44
C ASN B 319 -147.37 40.72 42.56
N VAL B 320 -146.57 41.50 41.84
CA VAL B 320 -147.10 42.53 40.98
C VAL B 320 -147.72 41.91 39.73
N ILE B 321 -147.06 40.90 39.18
CA ILE B 321 -147.54 40.24 37.96
C ILE B 321 -148.89 39.58 38.18
N SER B 322 -149.19 39.23 39.42
CA SER B 322 -150.46 38.57 39.75
C SER B 322 -151.54 39.62 40.00
N ILE B 323 -151.23 40.86 39.63
CA ILE B 323 -152.19 41.95 39.76
C ILE B 323 -152.34 42.70 38.45
N THR B 324 -151.21 43.05 37.84
CA THR B 324 -151.22 43.80 36.58
C THR B 324 -151.80 42.96 35.44
N ASP B 325 -152.22 43.65 34.38
CA ASP B 325 -152.84 42.99 33.22
C ASP B 325 -151.85 42.79 32.08
N GLY B 326 -150.63 42.36 32.42
CA GLY B 326 -149.60 42.13 31.43
C GLY B 326 -148.29 42.80 31.79
N GLN B 327 -147.19 42.23 31.32
CA GLN B 327 -145.86 42.76 31.62
C GLN B 327 -145.03 43.00 30.36
N ILE B 328 -144.05 43.87 30.48
CA ILE B 328 -143.15 44.18 29.40
C ILE B 328 -141.72 44.06 29.91
N PHE B 329 -141.26 42.83 30.06
CA PHE B 329 -139.91 42.57 30.55
C PHE B 329 -138.86 43.21 29.65
N LEU B 330 -137.77 43.68 30.26
CA LEU B 330 -136.68 44.29 29.51
C LEU B 330 -135.34 43.64 29.85
N GLU B 331 -134.99 42.58 29.12
CA GLU B 331 -133.76 41.84 29.35
C GLU B 331 -132.55 42.73 29.06
N ALA B 332 -131.51 42.59 29.86
CA ALA B 332 -130.33 43.43 29.68
C ALA B 332 -129.55 43.01 28.43
N GLU B 333 -129.48 41.70 28.18
CA GLU B 333 -128.71 41.16 27.07
C GLU B 333 -129.10 41.84 25.77
N LEU B 334 -130.40 41.83 25.48
CA LEU B 334 -130.91 42.44 24.26
C LEU B 334 -130.63 43.93 24.24
N PHE B 335 -130.49 44.52 25.43
CA PHE B 335 -130.26 45.96 25.53
C PHE B 335 -128.85 46.32 25.12
N TYR B 336 -127.92 45.39 25.30
CA TYR B 336 -126.52 45.64 24.94
C TYR B 336 -126.24 45.33 23.47
N LYS B 337 -127.00 44.40 22.90
CA LYS B 337 -126.86 44.05 21.49
C LYS B 337 -127.42 45.15 20.59
N GLY B 338 -127.87 46.24 21.19
CA GLY B 338 -128.44 47.35 20.43
C GLY B 338 -129.95 47.28 20.35
N ILE B 339 -130.49 46.06 20.45
CA ILE B 339 -131.93 45.83 20.37
C ILE B 339 -132.69 46.64 21.41
N ARG B 340 -133.03 47.88 21.05
CA ARG B 340 -133.72 48.79 21.97
C ARG B 340 -134.99 49.37 21.36
N PRO B 341 -136.10 49.36 22.11
CA PRO B 341 -136.22 48.88 23.49
C PRO B 341 -135.98 47.38 23.58
N ALA B 342 -135.33 46.96 24.66
CA ALA B 342 -134.98 45.54 24.83
C ALA B 342 -136.18 44.71 25.27
N ILE B 343 -137.31 44.87 24.59
CA ILE B 343 -138.51 44.12 24.92
C ILE B 343 -138.34 42.64 24.62
N ASN B 344 -138.48 41.82 25.64
CA ASN B 344 -138.40 40.37 25.45
C ASN B 344 -139.78 39.79 25.16
N VAL B 345 -140.07 39.56 23.89
CA VAL B 345 -141.38 39.06 23.48
C VAL B 345 -141.75 37.77 24.24
N GLY B 346 -140.74 37.04 24.67
CA GLY B 346 -140.95 35.80 25.39
C GLY B 346 -141.75 35.95 26.68
N LEU B 347 -141.43 36.99 27.45
CA LEU B 347 -142.04 37.24 28.75
C LEU B 347 -143.07 38.38 28.73
N SER B 348 -142.99 39.21 27.70
CA SER B 348 -143.96 40.28 27.50
C SER B 348 -145.35 39.66 27.36
N VAL B 349 -146.36 40.35 27.86
CA VAL B 349 -147.73 39.83 27.81
C VAL B 349 -148.74 40.95 27.94
N SER B 350 -149.92 40.74 27.37
CA SER B 350 -150.98 41.73 27.41
C SER B 350 -152.29 40.99 27.60
N ARG B 351 -152.89 41.13 28.78
CA ARG B 351 -154.11 40.38 29.09
C ARG B 351 -155.36 40.99 28.45
N VAL B 352 -155.26 42.25 28.08
CA VAL B 352 -156.37 42.95 27.41
C VAL B 352 -155.85 43.93 26.37
N GLY B 353 -155.14 43.39 25.37
CA GLY B 353 -154.54 44.22 24.35
C GLY B 353 -155.37 44.29 23.08
N SER B 354 -155.56 43.14 22.44
CA SER B 354 -156.34 43.09 21.21
C SER B 354 -157.67 43.77 21.42
N ALA B 355 -158.22 43.61 22.61
CA ALA B 355 -159.48 44.27 22.95
C ALA B 355 -159.36 45.78 22.88
N ALA B 356 -158.16 46.31 23.18
CA ALA B 356 -157.94 47.75 23.14
C ALA B 356 -156.84 48.13 22.16
N GLN B 357 -156.76 47.39 21.06
CA GLN B 357 -155.78 47.67 20.02
C GLN B 357 -156.51 48.03 18.73
N VAL B 358 -155.88 48.86 17.90
CA VAL B 358 -156.46 49.26 16.62
C VAL B 358 -156.61 48.06 15.69
N LYS B 359 -157.80 47.90 15.10
CA LYS B 359 -158.06 46.77 14.20
C LYS B 359 -157.09 46.74 13.02
N ALA B 360 -156.56 47.91 12.67
CA ALA B 360 -155.60 48.01 11.58
C ALA B 360 -154.32 47.24 11.90
N LEU B 361 -154.02 47.13 13.19
CA LEU B 361 -152.83 46.41 13.64
C LEU B 361 -153.15 44.94 13.92
N LYS B 362 -154.39 44.67 14.32
CA LYS B 362 -154.82 43.30 14.57
C LYS B 362 -154.79 42.46 13.29
N GLN B 363 -155.09 43.10 12.17
CA GLN B 363 -155.12 42.41 10.89
C GLN B 363 -153.70 42.14 10.37
N VAL B 364 -152.91 43.19 10.26
CA VAL B 364 -151.55 43.09 9.72
C VAL B 364 -150.62 42.26 10.62
N ALA B 365 -150.88 42.29 11.93
CA ALA B 365 -150.08 41.52 12.87
C ALA B 365 -150.90 40.36 13.45
N GLY B 366 -150.78 39.20 12.81
CA GLY B 366 -151.50 38.02 13.27
C GLY B 366 -150.54 36.94 13.71
N SER B 367 -150.72 36.47 14.94
CA SER B 367 -149.85 35.43 15.49
C SER B 367 -148.40 35.87 15.49
N LEU B 368 -148.16 37.17 15.59
CA LEU B 368 -146.80 37.69 15.56
C LEU B 368 -146.10 37.43 16.89
N LYS B 369 -146.89 37.49 17.96
CA LYS B 369 -146.36 37.29 19.31
C LYS B 369 -145.90 35.86 19.53
N LEU B 370 -146.78 34.91 19.23
CA LEU B 370 -146.46 33.49 19.37
C LEU B 370 -145.29 33.09 18.49
N PHE B 371 -145.23 33.66 17.28
CA PHE B 371 -144.16 33.34 16.35
C PHE B 371 -142.82 33.71 16.96
N LEU B 372 -142.74 34.92 17.49
CA LEU B 372 -141.52 35.39 18.11
C LEU B 372 -141.15 34.53 19.31
N ALA B 373 -142.16 34.11 20.06
CA ALA B 373 -141.95 33.24 21.21
C ALA B 373 -141.22 31.97 20.76
N GLN B 374 -141.71 31.37 19.67
CA GLN B 374 -141.11 30.16 19.14
C GLN B 374 -139.83 30.48 18.40
N TYR B 375 -139.68 31.74 18.02
CA TYR B 375 -138.50 32.18 17.28
C TYR B 375 -137.23 32.00 18.13
N ARG B 376 -137.26 32.52 19.35
CA ARG B 376 -136.09 32.44 20.22
C ARG B 376 -135.72 31.00 20.56
N GLU B 377 -136.71 30.11 20.50
CA GLU B 377 -136.48 28.70 20.84
C GLU B 377 -135.68 28.00 19.76
N VAL B 378 -135.97 28.33 18.51
CA VAL B 378 -135.28 27.74 17.37
C VAL B 378 -134.02 28.52 17.03
N ALA B 379 -134.03 29.82 17.35
CA ALA B 379 -132.89 30.67 17.07
C ALA B 379 -131.74 30.37 18.01
N ALA B 380 -132.07 30.24 19.29
CA ALA B 380 -131.08 29.93 20.32
C ALA B 380 -130.70 28.45 20.26
N PHE B 381 -131.40 27.70 19.41
CA PHE B 381 -131.15 26.28 19.25
C PHE B 381 -130.31 26.00 17.99
N ALA B 382 -130.19 27.01 17.13
CA ALA B 382 -129.41 26.90 15.91
C ALA B 382 -128.16 27.78 15.97
N GLN B 383 -127.95 28.43 17.11
CA GLN B 383 -126.81 29.31 17.32
C GLN B 383 -125.54 28.51 17.61
N PHE B 384 -125.66 27.19 17.66
CA PHE B 384 -124.52 26.31 17.88
C PHE B 384 -123.67 26.20 16.62
N GLY B 385 -124.30 26.39 15.47
CA GLY B 385 -123.60 26.34 14.19
C GLY B 385 -124.05 25.17 13.34
N SER B 386 -124.78 24.24 13.95
CA SER B 386 -125.25 23.05 13.25
C SER B 386 -126.12 23.42 12.06
N ASP B 387 -126.16 22.54 11.06
CA ASP B 387 -126.99 22.77 9.89
C ASP B 387 -128.42 22.32 10.15
N LEU B 388 -129.38 23.11 9.67
CA LEU B 388 -130.79 22.79 9.84
C LEU B 388 -131.48 22.56 8.51
N ASP B 389 -132.76 22.18 8.57
CA ASP B 389 -133.56 21.97 7.37
C ASP B 389 -134.11 23.28 6.82
N ALA B 390 -134.92 23.20 5.77
CA ALA B 390 -135.48 24.39 5.15
C ALA B 390 -136.58 25.00 6.00
N SER B 391 -137.35 24.15 6.68
CA SER B 391 -138.45 24.60 7.50
C SER B 391 -137.99 25.52 8.64
N THR B 392 -137.00 25.06 9.42
CA THR B 392 -136.48 25.84 10.54
C THR B 392 -135.68 27.04 10.07
N LYS B 393 -134.92 26.86 8.99
CA LYS B 393 -134.13 27.93 8.41
C LYS B 393 -135.00 29.05 7.87
N GLN B 394 -136.10 28.68 7.21
CA GLN B 394 -137.02 29.67 6.65
C GLN B 394 -137.62 30.55 7.75
N THR B 395 -137.98 29.93 8.87
CA THR B 395 -138.53 30.65 10.00
C THR B 395 -137.45 31.46 10.71
N LEU B 396 -136.20 31.03 10.56
CA LEU B 396 -135.08 31.72 11.18
C LEU B 396 -134.72 33.01 10.45
N VAL B 397 -134.95 33.04 9.13
CA VAL B 397 -134.64 34.22 8.33
C VAL B 397 -135.69 35.31 8.55
N ARG B 398 -136.96 34.91 8.61
CA ARG B 398 -138.06 35.86 8.80
C ARG B 398 -138.09 36.41 10.22
N GLY B 399 -137.67 35.60 11.20
CA GLY B 399 -137.62 36.03 12.57
C GLY B 399 -136.65 37.18 12.79
N GLU B 400 -135.47 37.06 12.20
CA GLU B 400 -134.43 38.08 12.32
C GLU B 400 -134.88 39.44 11.77
N ARG B 401 -135.57 39.41 10.63
CA ARG B 401 -136.06 40.66 10.03
C ARG B 401 -137.07 41.36 10.93
N LEU B 402 -137.94 40.59 11.57
CA LEU B 402 -138.98 41.13 12.45
C LEU B 402 -138.35 41.72 13.72
N THR B 403 -137.40 40.98 14.28
CA THR B 403 -136.67 41.42 15.46
C THR B 403 -136.03 42.78 15.25
N GLN B 404 -135.37 42.98 14.11
CA GLN B 404 -134.73 44.26 13.81
C GLN B 404 -135.75 45.36 13.54
N LEU B 405 -136.92 44.96 13.05
CA LEU B 405 -137.99 45.90 12.73
C LEU B 405 -138.64 46.44 13.99
N LEU B 406 -138.61 45.63 15.05
CA LEU B 406 -139.18 46.03 16.32
C LEU B 406 -138.36 47.13 16.98
N LYS B 407 -137.08 47.19 16.61
CA LYS B 407 -136.15 48.17 17.18
C LYS B 407 -136.62 49.60 16.88
N GLN B 408 -136.34 50.50 17.82
CA GLN B 408 -136.73 51.90 17.68
C GLN B 408 -135.96 52.82 18.63
N ASN B 409 -135.50 53.95 18.11
CA ASN B 409 -134.80 54.93 18.94
C ASN B 409 -135.75 55.63 19.90
N GLN B 410 -135.19 56.18 20.98
CA GLN B 410 -135.98 56.89 21.98
C GLN B 410 -136.37 58.27 21.48
N TYR B 411 -137.44 58.83 22.05
CA TYR B 411 -137.93 60.16 21.66
C TYR B 411 -138.36 60.21 20.21
N SER B 412 -138.68 59.05 19.64
CA SER B 412 -139.13 58.96 18.26
C SER B 412 -140.45 58.20 18.14
N PRO B 413 -141.55 58.77 18.67
CA PRO B 413 -142.87 58.14 18.62
C PRO B 413 -143.47 58.13 17.21
N LEU B 414 -144.05 57.00 16.79
CA LEU B 414 -144.66 56.88 15.47
C LEU B 414 -146.17 56.68 15.55
N ALA B 415 -146.91 57.35 14.66
CA ALA B 415 -148.35 57.22 14.61
C ALA B 415 -148.77 55.80 14.26
N THR B 416 -149.94 55.38 14.75
CA THR B 416 -150.46 54.05 14.45
C THR B 416 -150.50 53.83 12.94
N GLU B 417 -150.93 54.86 12.22
CA GLU B 417 -151.00 54.82 10.76
C GLU B 417 -149.65 54.47 10.14
N GLU B 418 -148.57 54.90 10.81
CA GLU B 418 -147.21 54.67 10.33
C GLU B 418 -146.70 53.28 10.73
N GLN B 419 -147.25 52.75 11.81
CA GLN B 419 -146.86 51.43 12.31
C GLN B 419 -147.50 50.30 11.51
N VAL B 420 -148.77 50.46 11.17
CA VAL B 420 -149.51 49.44 10.43
C VAL B 420 -148.77 48.91 9.20
N PRO B 421 -148.28 49.83 8.35
CA PRO B 421 -147.54 49.43 7.14
C PRO B 421 -146.32 48.56 7.43
N LEU B 422 -145.54 48.92 8.44
CA LEU B 422 -144.31 48.20 8.74
C LEU B 422 -144.56 46.76 9.13
N ILE B 423 -145.56 46.53 9.98
CA ILE B 423 -145.90 45.19 10.41
C ILE B 423 -146.34 44.30 9.23
N TYR B 424 -147.17 44.87 8.36
CA TYR B 424 -147.69 44.13 7.21
C TYR B 424 -146.55 43.48 6.41
N ALA B 425 -145.54 44.27 6.07
CA ALA B 425 -144.41 43.78 5.29
C ALA B 425 -143.65 42.65 5.98
N GLY B 426 -143.48 42.76 7.29
CA GLY B 426 -142.74 41.77 8.05
C GLY B 426 -143.34 40.37 7.97
N VAL B 427 -144.64 40.28 8.20
CA VAL B 427 -145.34 38.99 8.17
C VAL B 427 -145.34 38.38 6.76
N ASN B 428 -145.61 39.21 5.76
CA ASN B 428 -145.68 38.74 4.38
C ASN B 428 -144.35 38.16 3.89
N GLY B 429 -143.26 38.79 4.29
CA GLY B 429 -141.92 38.31 3.95
C GLY B 429 -141.15 39.20 2.98
N HIS B 430 -141.78 40.30 2.56
CA HIS B 430 -141.13 41.21 1.61
C HIS B 430 -139.78 41.68 2.14
N LEU B 431 -139.64 41.69 3.46
CA LEU B 431 -138.41 42.13 4.10
C LEU B 431 -137.33 41.05 4.00
N ASP B 432 -137.77 39.79 4.00
CA ASP B 432 -136.83 38.67 3.96
C ASP B 432 -135.77 38.84 2.89
N GLY B 433 -136.19 39.18 1.68
CA GLY B 433 -135.26 39.39 0.59
C GLY B 433 -134.32 40.53 0.89
N ILE B 434 -134.82 41.53 1.60
CA ILE B 434 -134.05 42.71 1.96
C ILE B 434 -132.86 42.36 2.85
N GLU B 435 -131.75 43.05 2.64
CA GLU B 435 -130.56 42.83 3.45
C GLU B 435 -130.84 43.22 4.89
N LEU B 436 -130.10 42.62 5.82
CA LEU B 436 -130.31 42.85 7.23
C LEU B 436 -129.85 44.24 7.67
N SER B 437 -128.79 44.74 7.05
CA SER B 437 -128.23 46.04 7.40
C SER B 437 -128.97 47.21 6.75
N ARG B 438 -129.95 46.88 5.93
CA ARG B 438 -130.74 47.90 5.22
C ARG B 438 -132.16 48.02 5.78
N ILE B 439 -132.44 47.27 6.84
CA ILE B 439 -133.77 47.26 7.45
C ILE B 439 -134.09 48.60 8.10
N GLY B 440 -133.08 49.23 8.69
CA GLY B 440 -133.24 50.52 9.33
C GLY B 440 -133.53 51.65 8.37
N GLU B 441 -132.65 51.81 7.38
CA GLU B 441 -132.83 52.84 6.36
C GLU B 441 -134.13 52.62 5.60
N PHE B 442 -134.51 51.36 5.45
CA PHE B 442 -135.70 51.00 4.69
C PHE B 442 -136.96 51.56 5.33
N GLU B 443 -137.02 51.53 6.66
CA GLU B 443 -138.19 52.01 7.37
C GLU B 443 -138.41 53.50 7.13
N SER B 444 -137.33 54.28 7.21
CA SER B 444 -137.40 55.72 7.01
C SER B 444 -137.68 56.08 5.56
N SER B 445 -137.27 55.20 4.65
CA SER B 445 -137.47 55.41 3.22
C SER B 445 -138.84 54.93 2.76
N PHE B 446 -139.38 53.93 3.45
CA PHE B 446 -140.69 53.39 3.10
C PHE B 446 -141.81 54.35 3.48
N LEU B 447 -141.66 55.03 4.62
CA LEU B 447 -142.66 55.97 5.08
C LEU B 447 -142.77 57.16 4.13
N SER B 448 -141.62 57.63 3.66
CA SER B 448 -141.58 58.74 2.71
C SER B 448 -142.25 58.37 1.39
N TYR B 449 -142.18 57.09 1.02
CA TYR B 449 -142.78 56.61 -0.23
C TYR B 449 -144.30 56.72 -0.22
N LEU B 450 -144.90 56.45 0.94
CA LEU B 450 -146.34 56.55 1.09
C LEU B 450 -146.81 58.00 1.11
N LYS B 451 -146.13 58.83 1.89
CA LYS B 451 -146.45 60.25 1.97
C LYS B 451 -146.32 60.94 0.61
N SER B 452 -145.27 60.59 -0.13
CA SER B 452 -145.00 61.18 -1.44
C SER B 452 -145.90 60.61 -2.52
N ASN B 453 -146.34 59.36 -2.32
CA ASN B 453 -147.20 58.69 -3.29
C ASN B 453 -148.56 58.32 -2.69
N HIS B 454 -148.65 57.12 -2.12
CA HIS B 454 -149.92 56.60 -1.59
C HIS B 454 -150.31 57.23 -0.26
N ASN B 455 -150.45 58.55 -0.25
CA ASN B 455 -150.84 59.27 0.95
C ASN B 455 -152.29 58.96 1.33
N GLU B 456 -153.11 58.67 0.33
CA GLU B 456 -154.51 58.37 0.54
C GLU B 456 -154.70 57.22 1.53
N LEU B 457 -153.82 56.22 1.44
CA LEU B 457 -153.88 55.07 2.33
C LEU B 457 -153.65 55.47 3.79
N LEU B 458 -152.73 56.42 3.99
CA LEU B 458 -152.41 56.89 5.33
C LEU B 458 -153.59 57.61 5.97
N THR B 459 -154.26 58.44 5.17
CA THR B 459 -155.43 59.19 5.64
C THR B 459 -156.62 58.28 5.94
N GLU B 460 -156.70 57.15 5.25
CA GLU B 460 -157.80 56.20 5.44
C GLU B 460 -157.64 55.41 6.73
N ILE B 461 -156.42 54.92 6.98
CA ILE B 461 -156.13 54.16 8.19
C ILE B 461 -156.21 55.05 9.43
N ARG B 462 -155.95 56.33 9.23
CA ARG B 462 -156.00 57.31 10.31
C ARG B 462 -157.42 57.45 10.88
N GLU B 463 -158.35 57.86 10.03
CA GLU B 463 -159.75 58.06 10.43
C GLU B 463 -160.44 56.72 10.71
N LYS B 464 -160.60 55.92 9.66
CA LYS B 464 -161.27 54.62 9.77
C LYS B 464 -160.67 53.77 10.90
N GLY B 465 -159.36 53.57 10.84
CA GLY B 465 -158.68 52.76 11.84
C GLY B 465 -158.84 51.27 11.61
N GLU B 466 -159.30 50.92 10.41
CA GLU B 466 -159.46 49.52 10.04
C GLU B 466 -159.15 49.35 8.55
N LEU B 467 -158.58 48.20 8.20
CA LEU B 467 -158.24 47.91 6.80
C LEU B 467 -159.33 47.07 6.13
N SER B 468 -160.08 47.71 5.23
CA SER B 468 -161.13 47.00 4.50
C SER B 468 -160.54 45.97 3.54
N LYS B 469 -161.41 45.19 2.90
CA LYS B 469 -160.95 44.19 1.95
C LYS B 469 -160.39 44.84 0.68
N GLU B 470 -160.78 46.09 0.44
CA GLU B 470 -160.32 46.83 -0.73
C GLU B 470 -158.98 47.54 -0.49
N LEU B 471 -158.86 48.23 0.64
CA LEU B 471 -157.63 48.92 1.02
C LEU B 471 -156.49 47.92 1.23
N LEU B 472 -156.85 46.70 1.61
CA LEU B 472 -155.88 45.62 1.81
C LEU B 472 -155.15 45.30 0.51
N ALA B 473 -155.89 45.33 -0.59
CA ALA B 473 -155.32 45.05 -1.91
C ALA B 473 -154.48 46.23 -2.43
N SER B 474 -155.00 47.44 -2.24
CA SER B 474 -154.30 48.64 -2.69
C SER B 474 -152.97 48.79 -1.97
N LEU B 475 -152.92 48.27 -0.75
CA LEU B 475 -151.72 48.33 0.06
C LEU B 475 -150.69 47.31 -0.42
N LYS B 476 -151.15 46.09 -0.69
CA LYS B 476 -150.25 45.02 -1.13
C LYS B 476 -149.53 45.41 -2.42
N SER B 477 -150.29 45.88 -3.40
CA SER B 477 -149.74 46.26 -4.69
C SER B 477 -148.78 47.45 -4.56
N ALA B 478 -148.91 48.20 -3.48
CA ALA B 478 -148.10 49.39 -3.23
C ALA B 478 -146.77 49.08 -2.54
N THR B 479 -146.74 48.01 -1.75
CA THR B 479 -145.54 47.58 -1.05
C THR B 479 -144.71 46.67 -1.94
N GLU B 480 -145.37 45.72 -2.58
CA GLU B 480 -144.72 44.79 -3.49
C GLU B 480 -143.96 45.55 -4.56
N SER B 481 -144.56 46.63 -5.06
CA SER B 481 -143.95 47.45 -6.10
C SER B 481 -142.70 48.18 -5.59
N PHE B 482 -142.67 48.43 -4.29
CA PHE B 482 -141.54 49.12 -3.67
C PHE B 482 -140.40 48.16 -3.32
N VAL B 483 -140.77 46.94 -2.93
CA VAL B 483 -139.81 45.90 -2.63
C VAL B 483 -138.96 45.56 -3.85
N ALA B 484 -139.60 45.55 -5.02
CA ALA B 484 -138.91 45.24 -6.28
C ALA B 484 -137.85 46.28 -6.62
N THR B 485 -138.18 47.55 -6.44
CA THR B 485 -137.23 48.63 -6.72
C THR B 485 -136.24 48.80 -5.57
N ASN C 1 -161.82 22.88 96.05
CA ASN C 1 -162.85 23.09 95.03
C ASN C 1 -162.27 22.95 93.63
N LEU C 2 -161.25 23.76 93.36
CA LEU C 2 -160.65 23.84 92.02
C LEU C 2 -159.65 22.71 91.76
N ASN C 3 -159.45 21.85 92.74
CA ASN C 3 -158.57 20.71 92.56
C ASN C 3 -159.03 19.76 91.47
N GLU C 4 -160.33 19.59 91.32
CA GLU C 4 -160.84 18.68 90.32
C GLU C 4 -161.58 19.40 89.21
N THR C 5 -161.58 20.73 89.28
CA THR C 5 -162.29 21.51 88.29
C THR C 5 -161.56 22.81 88.03
N GLY C 6 -161.98 23.54 87.01
CA GLY C 6 -161.32 24.78 86.66
C GLY C 6 -162.13 25.64 85.71
N ARG C 7 -161.82 26.93 85.69
CA ARG C 7 -162.52 27.86 84.83
C ARG C 7 -161.60 28.33 83.71
N VAL C 8 -162.14 28.40 82.50
CA VAL C 8 -161.37 28.79 81.34
C VAL C 8 -161.02 30.27 81.36
N LEU C 9 -159.76 30.59 81.17
CA LEU C 9 -159.30 31.98 81.16
C LEU C 9 -159.25 32.57 79.74
N ALA C 10 -158.77 31.78 78.79
CA ALA C 10 -158.76 32.20 77.40
C ALA C 10 -158.93 30.97 76.52
N VAL C 11 -159.31 31.18 75.26
CA VAL C 11 -159.46 30.08 74.33
C VAL C 11 -159.43 30.56 72.87
N GLY C 12 -158.78 29.77 72.02
CA GLY C 12 -158.64 30.10 70.62
C GLY C 12 -157.60 29.25 69.89
N ASP C 13 -157.85 28.97 68.62
CA ASP C 13 -156.91 28.20 67.81
C ASP C 13 -156.70 26.79 68.37
N GLY C 14 -157.70 26.26 69.06
CA GLY C 14 -157.60 24.92 69.62
C GLY C 14 -156.86 24.86 70.94
N ILE C 15 -156.46 26.02 71.45
CA ILE C 15 -155.78 26.14 72.74
C ILE C 15 -156.70 26.76 73.80
N ALA C 16 -156.60 26.26 75.03
CA ALA C 16 -157.44 26.76 76.12
C ALA C 16 -156.68 26.83 77.44
N ARG C 17 -156.43 28.06 77.91
CA ARG C 17 -155.78 28.30 79.18
C ARG C 17 -156.82 28.27 80.29
N VAL C 18 -156.92 27.13 80.96
CA VAL C 18 -157.87 26.97 82.04
C VAL C 18 -157.17 27.25 83.36
N PHE C 19 -157.89 27.87 84.29
CA PHE C 19 -157.37 28.15 85.61
C PHE C 19 -157.86 27.11 86.62
N GLY C 20 -156.97 26.68 87.50
CA GLY C 20 -157.32 25.67 88.49
C GLY C 20 -156.63 24.36 88.18
N LEU C 21 -157.33 23.24 88.40
CA LEU C 21 -156.79 21.92 88.11
C LEU C 21 -155.40 21.71 88.72
N ASN C 22 -155.33 21.72 90.05
CA ASN C 22 -154.06 21.57 90.74
C ASN C 22 -153.78 20.14 91.19
N ASN C 23 -154.47 19.19 90.57
CA ASN C 23 -154.27 17.77 90.85
C ASN C 23 -154.33 16.95 89.58
N ILE C 24 -154.40 17.65 88.44
CA ILE C 24 -154.35 17.00 87.14
C ILE C 24 -152.91 16.58 86.85
N GLN C 25 -152.74 15.46 86.13
CA GLN C 25 -151.42 14.92 85.84
C GLN C 25 -150.86 15.49 84.52
N ALA C 26 -149.66 15.07 84.15
CA ALA C 26 -149.07 15.51 82.88
C ALA C 26 -149.64 14.71 81.72
N GLU C 27 -150.09 15.41 80.68
CA GLU C 27 -150.65 14.77 79.48
C GLU C 27 -151.96 14.04 79.79
N GLU C 28 -152.74 14.59 80.70
CA GLU C 28 -153.99 13.96 81.14
C GLU C 28 -155.18 14.47 80.35
N LEU C 29 -156.13 13.57 80.12
CA LEU C 29 -157.32 13.89 79.35
C LEU C 29 -158.28 14.68 80.23
N VAL C 30 -159.01 15.63 79.62
CA VAL C 30 -159.99 16.43 80.34
C VAL C 30 -161.26 16.62 79.51
N GLU C 31 -162.33 17.06 80.17
CA GLU C 31 -163.62 17.31 79.51
C GLU C 31 -164.23 18.65 79.90
N PHE C 32 -164.61 19.43 78.90
CA PHE C 32 -165.24 20.72 79.12
C PHE C 32 -166.75 20.58 79.25
N SER C 33 -167.43 21.65 79.62
CA SER C 33 -168.88 21.61 79.78
C SER C 33 -169.58 21.40 78.44
N SER C 34 -168.94 21.89 77.37
CA SER C 34 -169.48 21.81 76.01
C SER C 34 -169.63 20.38 75.52
N GLY C 35 -168.82 19.48 76.07
CA GLY C 35 -168.77 18.10 75.62
C GLY C 35 -167.43 17.75 75.00
N VAL C 36 -166.74 18.77 74.48
CA VAL C 36 -165.45 18.57 73.81
C VAL C 36 -164.35 18.24 74.81
N LYS C 37 -163.53 17.24 74.46
CA LYS C 37 -162.44 16.84 75.34
C LYS C 37 -161.16 17.57 74.98
N GLY C 38 -160.18 17.53 75.88
CA GLY C 38 -158.93 18.23 75.67
C GLY C 38 -157.76 17.55 76.35
N MET C 39 -156.54 18.02 76.07
CA MET C 39 -155.33 17.40 76.61
C MET C 39 -154.39 18.45 77.20
N ALA C 40 -153.95 18.21 78.43
CA ALA C 40 -153.07 19.14 79.14
C ALA C 40 -151.59 18.82 78.88
N LEU C 41 -150.89 19.79 78.30
CA LEU C 41 -149.49 19.60 77.93
C LEU C 41 -148.55 20.55 78.68
N ASN C 42 -149.06 21.74 78.99
CA ASN C 42 -148.28 22.73 79.73
C ASN C 42 -148.83 22.95 81.13
N LEU C 43 -148.04 22.59 82.14
CA LEU C 43 -148.45 22.77 83.53
C LEU C 43 -147.77 23.98 84.14
N GLU C 44 -148.55 25.00 84.46
CA GLU C 44 -148.01 26.21 85.09
C GLU C 44 -148.86 26.61 86.29
N PRO C 45 -148.24 27.32 87.24
CA PRO C 45 -148.94 27.80 88.45
C PRO C 45 -150.17 28.64 88.11
N GLY C 46 -149.97 29.68 87.33
CA GLY C 46 -151.08 30.54 86.92
C GLY C 46 -152.22 29.79 86.25
N GLN C 47 -151.91 29.10 85.16
CA GLN C 47 -152.93 28.43 84.37
C GLN C 47 -152.40 27.13 83.80
N VAL C 48 -153.27 26.37 83.17
CA VAL C 48 -152.88 25.14 82.52
C VAL C 48 -153.20 25.23 81.05
N GLY C 49 -152.22 24.89 80.22
CA GLY C 49 -152.41 24.88 78.78
C GLY C 49 -153.03 23.56 78.32
N ILE C 50 -154.15 23.65 77.63
CA ILE C 50 -154.83 22.47 77.13
C ILE C 50 -155.12 22.59 75.64
N VAL C 51 -155.00 21.47 74.94
CA VAL C 51 -155.23 21.45 73.51
C VAL C 51 -156.55 20.76 73.25
N LEU C 52 -157.30 21.28 72.28
CA LEU C 52 -158.65 20.78 72.01
C LEU C 52 -158.64 19.73 70.91
N PHE C 53 -159.45 18.70 71.09
CA PHE C 53 -159.58 17.67 70.06
C PHE C 53 -160.62 18.06 69.02
N GLY C 54 -161.43 19.07 69.35
CA GLY C 54 -162.45 19.54 68.43
C GLY C 54 -162.39 21.04 68.23
N SER C 55 -163.36 21.57 67.51
CA SER C 55 -163.46 23.01 67.29
C SER C 55 -163.47 23.73 68.63
N ASP C 56 -163.09 24.99 68.60
CA ASP C 56 -163.02 25.76 69.83
C ASP C 56 -164.13 26.81 69.93
N ARG C 57 -165.01 26.84 68.94
CA ARG C 57 -166.11 27.81 68.92
C ARG C 57 -167.12 27.50 70.02
N LEU C 58 -166.90 26.42 70.74
CA LEU C 58 -167.81 25.99 71.78
C LEU C 58 -167.32 26.38 73.17
N VAL C 59 -166.00 26.40 73.36
CA VAL C 59 -165.42 26.81 74.63
C VAL C 59 -165.45 28.32 74.76
N LYS C 60 -165.76 28.80 75.96
CA LYS C 60 -165.84 30.23 76.20
C LYS C 60 -165.25 30.53 77.56
N GLU C 61 -164.86 31.78 77.80
CA GLU C 61 -164.27 32.16 79.08
C GLU C 61 -165.20 31.85 80.25
N GLY C 62 -164.63 31.33 81.34
CA GLY C 62 -165.37 31.07 82.56
C GLY C 62 -166.12 29.75 82.58
N GLU C 63 -165.86 28.90 81.58
CA GLU C 63 -166.54 27.62 81.48
C GLU C 63 -165.95 26.67 82.51
N LEU C 64 -166.72 25.66 82.89
CA LEU C 64 -166.26 24.64 83.83
C LEU C 64 -165.35 23.65 83.11
N VAL C 65 -164.38 23.11 83.83
CA VAL C 65 -163.53 22.06 83.27
C VAL C 65 -163.38 20.93 84.27
N LYS C 66 -163.44 19.70 83.78
CA LYS C 66 -163.34 18.51 84.63
C LYS C 66 -162.20 17.63 84.14
N ARG C 67 -161.66 16.80 85.02
CA ARG C 67 -160.56 15.93 84.63
C ARG C 67 -160.98 14.45 84.52
N THR C 68 -160.19 13.69 83.76
CA THR C 68 -160.45 12.26 83.52
C THR C 68 -159.71 11.37 84.52
N GLY C 69 -158.57 11.85 85.00
CA GLY C 69 -157.77 11.11 85.97
C GLY C 69 -156.91 10.03 85.34
N ASN C 70 -157.04 9.88 84.02
CA ASN C 70 -156.32 8.83 83.30
C ASN C 70 -155.59 9.36 82.07
N ILE C 71 -154.42 8.77 81.78
CA ILE C 71 -153.62 9.12 80.61
C ILE C 71 -154.27 8.64 79.31
N VAL C 72 -154.26 9.50 78.29
CA VAL C 72 -155.00 9.23 77.05
C VAL C 72 -154.66 7.87 76.44
N ASP C 73 -155.60 6.95 76.54
CA ASP C 73 -155.40 5.58 76.07
C ASP C 73 -156.40 5.20 74.97
N VAL C 74 -156.14 4.06 74.33
CA VAL C 74 -157.00 3.57 73.25
C VAL C 74 -157.28 2.08 73.37
N PRO C 75 -158.48 1.66 72.96
CA PRO C 75 -158.91 0.25 73.02
C PRO C 75 -158.01 -0.60 72.15
N VAL C 76 -157.71 -1.81 72.59
CA VAL C 76 -156.84 -2.69 71.81
C VAL C 76 -157.35 -4.14 71.82
N GLY C 77 -156.90 -4.90 70.84
CA GLY C 77 -157.32 -6.29 70.71
C GLY C 77 -157.72 -6.63 69.29
N PRO C 78 -158.06 -7.91 69.06
CA PRO C 78 -158.42 -8.42 67.72
C PRO C 78 -159.69 -7.77 67.18
N GLY C 79 -160.63 -7.44 68.06
CA GLY C 79 -161.88 -6.84 67.67
C GLY C 79 -161.76 -5.74 66.60
N LEU C 80 -160.74 -4.89 66.72
CA LEU C 80 -160.54 -3.78 65.80
C LEU C 80 -160.33 -4.23 64.37
N LEU C 81 -159.79 -5.43 64.22
CA LEU C 81 -159.58 -6.00 62.89
C LEU C 81 -160.76 -5.71 62.00
N GLY C 82 -160.51 -5.03 60.90
CA GLY C 82 -161.52 -4.81 59.88
C GLY C 82 -162.33 -3.56 60.15
N ARG C 83 -162.05 -2.92 61.28
CA ARG C 83 -162.77 -1.72 61.67
C ARG C 83 -161.88 -0.51 61.41
N VAL C 84 -162.51 0.65 61.30
CA VAL C 84 -161.80 1.90 61.03
C VAL C 84 -162.05 2.85 62.20
N VAL C 85 -161.03 3.08 63.03
CA VAL C 85 -161.18 3.93 64.20
C VAL C 85 -160.41 5.27 64.06
N ASP C 86 -160.62 6.18 65.00
CA ASP C 86 -159.91 7.46 65.03
C ASP C 86 -158.85 7.47 66.13
N ALA C 87 -158.10 8.57 66.22
CA ALA C 87 -157.06 8.70 67.23
C ALA C 87 -157.42 7.96 68.52
N LEU C 88 -158.52 8.39 69.14
CA LEU C 88 -158.96 7.86 70.42
C LEU C 88 -159.36 6.38 70.37
N GLY C 89 -159.67 5.86 69.19
CA GLY C 89 -160.02 4.45 69.05
C GLY C 89 -161.51 4.19 68.90
N ASN C 90 -162.27 5.27 68.70
CA ASN C 90 -163.70 5.17 68.46
C ASN C 90 -164.02 4.79 67.01
N PRO C 91 -165.08 4.00 66.79
CA PRO C 91 -165.46 3.59 65.44
C PRO C 91 -165.92 4.78 64.61
N ILE C 92 -165.48 4.84 63.35
CA ILE C 92 -165.87 5.90 62.43
C ILE C 92 -166.40 5.31 61.12
N ASP C 93 -166.53 3.98 61.09
CA ASP C 93 -167.01 3.27 59.91
C ASP C 93 -168.51 2.97 60.00
N GLY C 94 -169.04 3.04 61.22
CA GLY C 94 -170.45 2.85 61.47
C GLY C 94 -170.91 1.41 61.43
N LYS C 95 -170.32 0.58 62.27
CA LYS C 95 -170.57 -0.86 62.24
C LYS C 95 -170.58 -1.42 63.64
N GLY C 96 -171.01 -0.59 64.59
CA GLY C 96 -171.14 -1.02 65.96
C GLY C 96 -170.00 -0.57 66.85
N PRO C 97 -170.13 -0.81 68.15
CA PRO C 97 -169.09 -0.45 69.09
C PRO C 97 -167.85 -1.31 68.88
N ILE C 98 -166.71 -0.76 69.26
CA ILE C 98 -165.44 -1.48 69.21
C ILE C 98 -165.33 -2.47 70.35
N ASP C 99 -165.41 -3.75 70.04
CA ASP C 99 -165.25 -4.78 71.06
C ASP C 99 -163.76 -5.03 71.35
N ALA C 100 -163.19 -4.28 72.30
CA ALA C 100 -161.77 -4.44 72.63
C ALA C 100 -161.54 -5.40 73.80
N ALA C 101 -160.35 -5.99 73.86
CA ALA C 101 -160.01 -6.92 74.94
C ALA C 101 -159.27 -6.24 76.10
N GLY C 102 -158.48 -5.22 75.78
CA GLY C 102 -157.80 -4.44 76.79
C GLY C 102 -157.62 -3.00 76.32
N ARG C 103 -157.10 -2.14 77.19
CA ARG C 103 -156.84 -0.75 76.83
C ARG C 103 -155.42 -0.35 77.21
N SER C 104 -154.65 0.12 76.24
CA SER C 104 -153.26 0.50 76.49
C SER C 104 -153.02 1.98 76.20
N ARG C 105 -152.05 2.57 76.88
CA ARG C 105 -151.81 4.00 76.77
C ARG C 105 -151.27 4.39 75.40
N ALA C 106 -151.27 5.68 75.11
CA ALA C 106 -150.74 6.20 73.87
C ALA C 106 -149.22 6.10 73.87
N GLN C 107 -148.60 6.62 74.94
CA GLN C 107 -147.16 6.60 75.08
C GLN C 107 -146.71 5.36 75.85
N VAL C 108 -146.04 4.45 75.16
CA VAL C 108 -145.55 3.24 75.80
C VAL C 108 -144.04 3.15 75.65
N LYS C 109 -143.38 2.69 76.70
CA LYS C 109 -141.93 2.52 76.69
C LYS C 109 -141.52 1.49 75.64
N ALA C 110 -140.44 1.77 74.90
CA ALA C 110 -139.93 0.83 73.91
C ALA C 110 -139.50 -0.47 74.59
N PRO C 111 -139.58 -1.60 73.87
CA PRO C 111 -139.20 -2.90 74.43
C PRO C 111 -137.77 -2.91 74.94
N GLY C 112 -137.47 -3.75 75.93
CA GLY C 112 -136.17 -3.78 76.55
C GLY C 112 -135.01 -4.27 75.69
N ILE C 113 -133.79 -4.01 76.15
CA ILE C 113 -132.60 -4.50 75.45
C ILE C 113 -132.49 -6.00 75.62
N LEU C 114 -132.88 -6.49 76.79
CA LEU C 114 -132.80 -7.92 77.06
C LEU C 114 -133.80 -8.74 76.22
N PRO C 115 -135.10 -8.38 76.26
CA PRO C 115 -136.15 -9.10 75.50
C PRO C 115 -136.17 -8.86 73.98
N ARG C 116 -135.06 -9.10 73.28
CA ARG C 116 -135.00 -8.88 71.84
C ARG C 116 -134.43 -10.08 71.09
N ARG C 117 -134.70 -10.14 69.79
CA ARG C 117 -134.16 -11.18 68.93
C ARG C 117 -133.70 -10.54 67.62
N SER C 118 -132.61 -11.04 67.08
CA SER C 118 -132.15 -10.57 65.79
C SER C 118 -133.19 -10.97 64.73
N VAL C 119 -133.50 -10.02 63.85
CA VAL C 119 -134.45 -10.22 62.77
C VAL C 119 -134.00 -11.32 61.81
N HIS C 120 -134.84 -12.33 61.63
CA HIS C 120 -134.53 -13.46 60.74
C HIS C 120 -135.74 -13.80 59.88
N GLU C 121 -136.90 -13.28 60.28
CA GLU C 121 -138.15 -13.57 59.59
C GLU C 121 -138.42 -12.56 58.48
N PRO C 122 -138.60 -13.06 57.25
CA PRO C 122 -138.81 -12.23 56.06
C PRO C 122 -140.18 -11.57 56.09
N VAL C 123 -140.37 -10.56 55.25
CA VAL C 123 -141.68 -9.92 55.08
C VAL C 123 -142.03 -9.78 53.61
N GLN C 124 -142.56 -10.85 53.02
CA GLN C 124 -142.90 -10.87 51.61
C GLN C 124 -143.69 -9.63 51.21
N THR C 125 -143.06 -8.72 50.47
CA THR C 125 -143.75 -7.52 50.01
C THR C 125 -144.38 -7.72 48.64
N GLY C 126 -144.11 -8.88 48.04
CA GLY C 126 -144.64 -9.17 46.72
C GLY C 126 -143.97 -8.33 45.64
N LEU C 127 -143.14 -7.36 46.02
CA LEU C 127 -142.45 -6.54 45.04
C LEU C 127 -141.06 -7.11 44.75
N LYS C 128 -140.84 -7.56 43.51
CA LYS C 128 -139.57 -8.18 43.15
C LYS C 128 -138.40 -7.24 43.40
N ALA C 129 -138.54 -6.01 42.91
CA ALA C 129 -137.52 -4.99 43.12
C ALA C 129 -137.13 -4.89 44.59
N VAL C 130 -138.09 -5.16 45.47
CA VAL C 130 -137.89 -5.02 46.92
C VAL C 130 -137.36 -6.30 47.58
N ASP C 131 -138.10 -7.39 47.42
CA ASP C 131 -137.73 -8.64 48.09
C ASP C 131 -136.40 -9.18 47.61
N ALA C 132 -135.93 -8.67 46.47
CA ALA C 132 -134.67 -9.12 45.87
C ALA C 132 -133.50 -8.23 46.29
N LEU C 133 -133.74 -6.92 46.29
CA LEU C 133 -132.71 -5.95 46.64
C LEU C 133 -132.74 -5.56 48.12
N VAL C 134 -133.81 -4.91 48.55
CA VAL C 134 -133.95 -4.45 49.94
C VAL C 134 -135.05 -5.21 50.70
N PRO C 135 -134.73 -6.42 51.20
CA PRO C 135 -135.73 -7.26 51.86
C PRO C 135 -136.20 -6.69 53.19
N ILE C 136 -137.46 -6.95 53.54
CA ILE C 136 -138.01 -6.50 54.82
C ILE C 136 -138.02 -7.65 55.81
N GLY C 137 -137.88 -7.30 57.09
CA GLY C 137 -137.78 -8.31 58.13
C GLY C 137 -138.69 -7.99 59.28
N ARG C 138 -139.36 -9.02 59.79
CA ARG C 138 -140.25 -8.88 60.91
C ARG C 138 -139.49 -8.37 62.13
N GLY C 139 -139.63 -7.07 62.40
CA GLY C 139 -139.06 -6.45 63.57
C GLY C 139 -138.24 -5.22 63.24
N GLN C 140 -138.17 -4.87 61.97
CA GLN C 140 -137.39 -3.71 61.57
C GLN C 140 -138.30 -2.62 61.08
N ARG C 141 -137.73 -1.45 60.85
CA ARG C 141 -138.50 -0.36 60.28
C ARG C 141 -137.86 0.17 59.00
N GLU C 142 -138.46 -0.21 57.87
CA GLU C 142 -137.98 0.20 56.55
C GLU C 142 -138.68 1.45 56.05
N LEU C 143 -137.91 2.53 55.90
CA LEU C 143 -138.47 3.80 55.48
C LEU C 143 -138.91 3.78 54.03
N ILE C 144 -139.89 4.62 53.70
CA ILE C 144 -140.29 4.81 52.32
C ILE C 144 -140.31 6.29 52.01
N ILE C 145 -139.12 6.84 51.77
CA ILE C 145 -138.97 8.27 51.53
C ILE C 145 -139.00 8.57 50.03
N GLY C 146 -139.57 9.72 49.67
CA GLY C 146 -139.67 10.16 48.29
C GLY C 146 -140.53 11.42 48.16
N ASP C 147 -140.55 12.04 46.98
CA ASP C 147 -141.38 13.22 46.75
C ASP C 147 -142.84 12.83 46.56
N ARG C 148 -143.70 13.82 46.33
CA ARG C 148 -145.13 13.58 46.14
C ARG C 148 -145.36 12.89 44.80
N GLN C 149 -146.39 12.06 44.72
CA GLN C 149 -146.76 11.42 43.46
C GLN C 149 -145.63 10.59 42.87
N THR C 150 -145.11 9.66 43.64
CA THR C 150 -144.00 8.83 43.18
C THR C 150 -144.38 7.35 43.27
N GLY C 151 -144.91 6.97 44.42
CA GLY C 151 -145.34 5.60 44.64
C GLY C 151 -144.98 5.06 46.01
N LYS C 152 -145.05 5.91 47.03
CA LYS C 152 -144.64 5.56 48.39
C LYS C 152 -145.65 4.63 49.03
N THR C 153 -146.89 5.10 49.00
CA THR C 153 -148.03 4.36 49.51
C THR C 153 -148.16 3.04 48.77
N ALA C 154 -147.92 3.08 47.46
CA ALA C 154 -148.00 1.90 46.61
C ALA C 154 -147.24 0.74 47.22
N VAL C 155 -145.96 0.98 47.49
CA VAL C 155 -145.10 -0.06 48.04
C VAL C 155 -145.76 -0.68 49.26
N ALA C 156 -146.19 0.17 50.18
CA ALA C 156 -146.84 -0.31 51.39
C ALA C 156 -148.11 -1.09 51.08
N LEU C 157 -148.98 -0.49 50.27
CA LEU C 157 -150.29 -1.05 49.98
C LEU C 157 -150.19 -2.47 49.42
N ASP C 158 -149.32 -2.65 48.44
CA ASP C 158 -149.16 -3.94 47.80
C ASP C 158 -148.73 -4.99 48.83
N THR C 159 -147.91 -4.56 49.78
CA THR C 159 -147.45 -5.45 50.83
C THR C 159 -148.61 -6.10 51.58
N ILE C 160 -149.53 -5.26 52.03
CA ILE C 160 -150.70 -5.73 52.76
C ILE C 160 -151.47 -6.73 51.92
N LEU C 161 -151.62 -6.43 50.64
CA LEU C 161 -152.36 -7.28 49.73
C LEU C 161 -151.69 -8.65 49.60
N ASN C 162 -150.36 -8.67 49.66
CA ASN C 162 -149.57 -9.89 49.49
C ASN C 162 -149.74 -10.85 50.67
N GLN C 163 -150.12 -10.29 51.82
CA GLN C 163 -150.22 -11.06 53.05
C GLN C 163 -151.38 -12.05 53.01
N LYS C 164 -152.27 -11.85 52.04
CA LYS C 164 -153.44 -12.72 51.89
C LYS C 164 -153.03 -14.17 51.71
N ARG C 165 -151.78 -14.36 51.29
CA ARG C 165 -151.24 -15.70 51.04
C ARG C 165 -151.15 -16.54 52.30
N TRP C 166 -151.13 -15.90 53.47
CA TRP C 166 -150.89 -16.61 54.72
C TRP C 166 -151.92 -16.33 55.80
N ASN C 167 -152.58 -15.19 55.71
CA ASN C 167 -153.57 -14.80 56.71
C ASN C 167 -154.84 -15.66 56.59
N ASN C 168 -155.09 -16.20 55.40
CA ASN C 168 -156.23 -17.08 55.19
C ASN C 168 -155.92 -18.50 55.65
N GLY C 169 -154.69 -18.69 56.13
CA GLY C 169 -154.23 -20.00 56.53
C GLY C 169 -154.64 -20.36 57.95
N SER C 170 -154.11 -21.48 58.44
CA SER C 170 -154.45 -21.95 59.78
C SER C 170 -153.33 -21.59 60.74
N ASP C 171 -152.10 -21.72 60.26
CA ASP C 171 -150.91 -21.36 61.03
C ASP C 171 -150.91 -19.89 61.44
N GLU C 172 -150.59 -19.62 62.70
CA GLU C 172 -150.56 -18.25 63.21
C GLU C 172 -149.19 -17.61 63.04
N SER C 173 -148.15 -18.34 63.44
CA SER C 173 -146.78 -17.79 63.43
C SER C 173 -146.32 -17.36 62.04
N LYS C 174 -147.14 -17.64 61.03
CA LYS C 174 -146.80 -17.31 59.65
C LYS C 174 -147.55 -16.09 59.14
N LYS C 175 -148.73 -15.85 59.68
CA LYS C 175 -149.57 -14.72 59.25
C LYS C 175 -148.92 -13.38 59.58
N LEU C 176 -149.53 -12.30 59.13
CA LEU C 176 -149.00 -10.96 59.40
C LEU C 176 -150.06 -9.86 59.28
N TYR C 177 -150.59 -9.43 60.42
CA TYR C 177 -151.65 -8.42 60.47
C TYR C 177 -151.13 -7.03 60.16
N CYS C 178 -151.96 -6.22 59.51
CA CYS C 178 -151.53 -4.93 58.97
C CYS C 178 -152.27 -3.74 59.58
N VAL C 179 -151.53 -2.69 59.93
CA VAL C 179 -152.12 -1.48 60.49
C VAL C 179 -151.76 -0.23 59.69
N TYR C 180 -152.70 0.24 58.86
CA TYR C 180 -152.50 1.46 58.10
C TYR C 180 -152.86 2.69 58.93
N VAL C 181 -151.98 3.69 58.96
CA VAL C 181 -152.24 4.91 59.74
C VAL C 181 -152.29 6.16 58.87
N ALA C 182 -153.48 6.51 58.39
CA ALA C 182 -153.63 7.69 57.56
C ALA C 182 -153.53 8.95 58.39
N VAL C 183 -152.58 9.80 58.07
CA VAL C 183 -152.42 11.05 58.78
C VAL C 183 -152.21 12.20 57.80
N GLY C 184 -153.07 13.20 57.86
CA GLY C 184 -152.96 14.37 57.00
C GLY C 184 -153.73 14.23 55.69
N GLN C 185 -154.09 12.99 55.36
CA GLN C 185 -154.84 12.69 54.15
C GLN C 185 -156.28 13.16 54.25
N LYS C 186 -156.93 13.34 53.11
CA LYS C 186 -158.34 13.73 53.10
C LYS C 186 -159.22 12.50 53.22
N ARG C 187 -160.40 12.67 53.78
CA ARG C 187 -161.33 11.56 53.95
C ARG C 187 -161.65 10.88 52.62
N SER C 188 -161.66 11.67 51.54
CA SER C 188 -161.90 11.15 50.20
C SER C 188 -160.94 9.99 49.88
N THR C 189 -159.64 10.23 50.11
CA THR C 189 -158.62 9.25 49.80
C THR C 189 -158.72 8.02 50.69
N VAL C 190 -158.85 8.26 51.99
CA VAL C 190 -158.92 7.16 52.92
C VAL C 190 -160.06 6.22 52.52
N ALA C 191 -161.17 6.81 52.12
CA ALA C 191 -162.36 6.06 51.73
C ALA C 191 -162.06 5.15 50.54
N GLN C 192 -161.28 5.69 49.61
CA GLN C 192 -160.95 4.96 48.39
C GLN C 192 -159.94 3.86 48.70
N LEU C 193 -159.03 4.14 49.64
CA LEU C 193 -158.04 3.16 50.05
C LEU C 193 -158.71 1.95 50.68
N VAL C 194 -159.57 2.20 51.66
CA VAL C 194 -160.31 1.14 52.33
C VAL C 194 -161.21 0.39 51.36
N GLN C 195 -161.67 1.08 50.33
CA GLN C 195 -162.47 0.44 49.30
C GLN C 195 -161.60 -0.57 48.57
N THR C 196 -160.37 -0.19 48.27
CA THR C 196 -159.46 -1.05 47.51
C THR C 196 -159.06 -2.30 48.31
N LEU C 197 -158.85 -2.12 49.61
CA LEU C 197 -158.52 -3.25 50.47
C LEU C 197 -159.63 -4.29 50.43
N GLU C 198 -160.88 -3.84 50.52
CA GLU C 198 -162.02 -4.74 50.44
C GLU C 198 -162.11 -5.43 49.09
N GLN C 199 -161.76 -4.72 48.02
CA GLN C 199 -161.82 -5.31 46.69
C GLN C 199 -160.84 -6.47 46.56
N HIS C 200 -159.95 -6.59 47.54
CA HIS C 200 -158.97 -7.68 47.57
C HIS C 200 -159.09 -8.54 48.81
N ASP C 201 -160.22 -8.45 49.51
CA ASP C 201 -160.40 -9.21 50.74
C ASP C 201 -159.14 -9.08 51.60
N ALA C 202 -158.72 -7.84 51.83
CA ALA C 202 -157.55 -7.55 52.64
C ALA C 202 -157.97 -6.70 53.83
N MET C 203 -159.26 -6.41 53.93
CA MET C 203 -159.72 -5.59 55.04
C MET C 203 -159.89 -6.43 56.30
N LYS C 204 -160.04 -7.74 56.14
CA LYS C 204 -160.31 -8.62 57.28
C LYS C 204 -159.12 -8.74 58.23
N TYR C 205 -157.90 -8.60 57.72
CA TYR C 205 -156.74 -8.62 58.59
C TYR C 205 -156.08 -7.26 58.69
N SER C 206 -156.85 -6.22 58.41
CA SER C 206 -156.32 -4.87 58.37
C SER C 206 -157.06 -3.91 59.30
N ILE C 207 -156.31 -3.12 60.06
CA ILE C 207 -156.88 -2.10 60.91
C ILE C 207 -156.45 -0.73 60.40
N ILE C 208 -157.39 0.21 60.37
CA ILE C 208 -157.09 1.53 59.81
C ILE C 208 -157.34 2.60 60.85
N VAL C 209 -156.42 3.53 60.98
CA VAL C 209 -156.61 4.63 61.91
C VAL C 209 -156.59 5.96 61.18
N ALA C 210 -157.69 6.70 61.28
CA ALA C 210 -157.86 7.88 60.46
C ALA C 210 -157.60 9.15 61.24
N ALA C 211 -156.78 10.02 60.67
CA ALA C 211 -156.50 11.31 61.27
C ALA C 211 -156.43 12.34 60.17
N THR C 212 -157.54 12.49 59.46
CA THR C 212 -157.61 13.39 58.32
C THR C 212 -157.22 14.81 58.68
N ALA C 213 -156.94 15.61 57.65
CA ALA C 213 -156.44 16.95 57.85
C ALA C 213 -157.45 17.81 58.61
N SER C 214 -158.73 17.64 58.29
CA SER C 214 -159.78 18.44 58.91
C SER C 214 -159.82 18.35 60.44
N GLU C 215 -159.54 17.17 60.99
CA GLU C 215 -159.55 16.97 62.44
C GLU C 215 -158.57 17.92 63.13
N ALA C 216 -158.63 17.99 64.46
CA ALA C 216 -157.78 18.88 65.22
C ALA C 216 -156.32 18.41 65.25
N ALA C 217 -155.40 19.37 65.33
CA ALA C 217 -153.96 19.07 65.30
C ALA C 217 -153.51 17.99 66.28
N PRO C 218 -154.03 18.01 67.51
CA PRO C 218 -153.74 17.00 68.55
C PRO C 218 -154.16 15.58 68.19
N LEU C 219 -155.14 15.45 67.31
CA LEU C 219 -155.54 14.14 66.81
C LEU C 219 -154.48 13.59 65.87
N GLN C 220 -154.09 14.40 64.89
CA GLN C 220 -153.03 14.03 63.95
C GLN C 220 -151.74 13.72 64.68
N TYR C 221 -151.51 14.41 65.79
CA TYR C 221 -150.30 14.19 66.56
C TYR C 221 -150.35 12.89 67.35
N LEU C 222 -151.52 12.58 67.89
CA LEU C 222 -151.65 11.40 68.74
C LEU C 222 -151.91 10.14 67.93
N ALA C 223 -152.40 10.32 66.70
CA ALA C 223 -152.83 9.21 65.84
C ALA C 223 -151.83 8.07 65.73
N PRO C 224 -150.56 8.39 65.41
CA PRO C 224 -149.54 7.36 65.24
C PRO C 224 -149.29 6.61 66.54
N PHE C 225 -149.18 7.32 67.64
CA PHE C 225 -148.84 6.70 68.92
C PHE C 225 -149.90 5.70 69.35
N THR C 226 -151.16 6.13 69.33
CA THR C 226 -152.26 5.23 69.68
C THR C 226 -152.26 4.05 68.73
N ALA C 227 -152.12 4.34 67.44
CA ALA C 227 -152.13 3.30 66.41
C ALA C 227 -151.07 2.24 66.66
N ALA C 228 -149.91 2.67 67.18
CA ALA C 228 -148.82 1.76 67.48
C ALA C 228 -149.19 0.79 68.60
N SER C 229 -149.84 1.30 69.63
CA SER C 229 -150.30 0.48 70.74
C SER C 229 -151.22 -0.63 70.24
N ILE C 230 -152.05 -0.28 69.25
CA ILE C 230 -152.96 -1.24 68.65
C ILE C 230 -152.18 -2.43 68.12
N GLY C 231 -151.08 -2.15 67.43
CA GLY C 231 -150.28 -3.18 66.79
C GLY C 231 -149.40 -3.92 67.77
N GLU C 232 -148.87 -3.18 68.74
CA GLU C 232 -148.03 -3.76 69.77
C GLU C 232 -148.71 -4.98 70.38
N TRP C 233 -150.05 -4.96 70.33
CA TRP C 233 -150.85 -6.00 70.97
C TRP C 233 -150.48 -7.38 70.47
N PHE C 234 -150.47 -7.54 69.16
CA PHE C 234 -150.08 -8.79 68.53
C PHE C 234 -148.66 -9.17 68.93
N ARG C 235 -147.76 -8.19 68.91
CA ARG C 235 -146.36 -8.38 69.26
C ARG C 235 -146.20 -9.06 70.62
N ASP C 236 -147.09 -8.70 71.54
CA ASP C 236 -147.01 -9.20 72.91
C ASP C 236 -147.65 -10.59 73.07
N ASN C 237 -148.68 -10.86 72.28
CA ASN C 237 -149.38 -12.14 72.35
C ASN C 237 -148.77 -13.18 71.40
N GLY C 238 -147.52 -12.95 71.00
CA GLY C 238 -146.82 -13.89 70.16
C GLY C 238 -147.32 -13.96 68.74
N LYS C 239 -147.89 -12.86 68.25
CA LYS C 239 -148.29 -12.75 66.85
C LYS C 239 -147.47 -11.66 66.16
N HIS C 240 -147.57 -11.60 64.85
CA HIS C 240 -146.78 -10.65 64.07
C HIS C 240 -147.67 -9.52 63.55
N ALA C 241 -147.16 -8.30 63.58
CA ALA C 241 -147.93 -7.15 63.11
C ALA C 241 -147.11 -6.31 62.15
N LEU C 242 -147.79 -5.54 61.33
CA LEU C 242 -147.14 -4.71 60.33
C LEU C 242 -147.84 -3.35 60.29
N ILE C 243 -147.21 -2.34 60.86
CA ILE C 243 -147.82 -1.03 60.89
C ILE C 243 -147.20 -0.13 59.82
N VAL C 244 -148.02 0.68 59.18
CA VAL C 244 -147.52 1.63 58.19
C VAL C 244 -147.93 3.04 58.59
N TYR C 245 -146.95 3.90 58.80
CA TYR C 245 -147.25 5.30 59.06
C TYR C 245 -147.21 6.07 57.74
N ASP C 246 -148.26 6.86 57.48
CA ASP C 246 -148.31 7.66 56.27
C ASP C 246 -149.10 8.92 56.56
N ASP C 247 -148.41 10.01 56.89
CA ASP C 247 -146.95 10.04 56.93
C ASP C 247 -146.47 10.85 58.14
N LEU C 248 -145.25 10.57 58.60
CA LEU C 248 -144.74 11.27 59.78
C LEU C 248 -144.44 12.72 59.46
N SER C 249 -144.30 13.04 58.19
CA SER C 249 -144.00 14.40 57.78
C SER C 249 -145.13 15.34 58.17
N LYS C 250 -146.36 14.89 57.99
CA LYS C 250 -147.54 15.66 58.39
C LYS C 250 -147.65 15.71 59.91
N GLN C 251 -147.42 14.58 60.56
CA GLN C 251 -147.49 14.54 62.03
C GLN C 251 -146.62 15.60 62.69
N ALA C 252 -145.41 15.80 62.18
CA ALA C 252 -144.52 16.81 62.73
C ALA C 252 -145.10 18.20 62.52
N VAL C 253 -145.70 18.43 61.36
CA VAL C 253 -146.35 19.70 61.10
C VAL C 253 -147.45 19.93 62.14
N ALA C 254 -148.24 18.89 62.39
CA ALA C 254 -149.28 18.96 63.40
C ALA C 254 -148.68 19.26 64.77
N TYR C 255 -147.74 18.43 65.20
CA TYR C 255 -147.10 18.62 66.50
C TYR C 255 -146.40 19.97 66.57
N ARG C 256 -146.02 20.51 65.42
CA ARG C 256 -145.41 21.82 65.40
C ARG C 256 -146.45 22.86 65.78
N GLN C 257 -147.69 22.61 65.37
CA GLN C 257 -148.78 23.54 65.59
C GLN C 257 -149.17 23.71 67.06
N LEU C 258 -149.19 22.60 67.81
CA LEU C 258 -149.47 22.66 69.25
C LEU C 258 -148.40 23.46 69.99
N SER C 259 -147.14 23.22 69.62
CA SER C 259 -146.01 23.90 70.24
C SER C 259 -146.10 25.41 70.08
N LEU C 260 -146.10 25.87 68.83
CA LEU C 260 -146.23 27.29 68.53
C LEU C 260 -147.41 27.94 69.25
N LEU C 261 -148.55 27.25 69.28
CA LEU C 261 -149.77 27.80 69.87
C LEU C 261 -149.72 27.81 71.38
N LEU C 262 -149.04 26.83 71.95
CA LEU C 262 -148.84 26.79 73.39
C LEU C 262 -147.72 27.75 73.77
N ARG C 263 -147.28 28.53 72.78
CA ARG C 263 -146.24 29.53 72.98
C ARG C 263 -144.92 28.90 73.38
N ARG C 264 -144.67 27.70 72.86
CA ARG C 264 -143.40 27.02 73.09
C ARG C 264 -142.39 27.39 72.02
N PRO C 265 -141.24 27.93 72.45
CA PRO C 265 -140.16 28.29 71.51
C PRO C 265 -139.87 27.21 70.46
N PRO C 266 -139.82 27.60 69.18
CA PRO C 266 -139.45 26.76 68.03
C PRO C 266 -137.94 26.55 67.89
N GLY C 267 -137.55 25.45 67.26
CA GLY C 267 -136.15 25.18 66.96
C GLY C 267 -135.79 25.64 65.56
N ARG C 268 -135.77 24.71 64.62
CA ARG C 268 -135.47 25.02 63.23
C ARG C 268 -136.68 24.82 62.32
N GLU C 269 -137.03 25.87 61.60
CA GLU C 269 -138.22 25.89 60.75
C GLU C 269 -139.46 25.75 61.61
N ALA C 270 -139.39 26.29 62.83
CA ALA C 270 -140.55 26.35 63.70
C ALA C 270 -140.87 25.02 64.40
N TYR C 271 -140.18 23.96 64.03
CA TYR C 271 -140.44 22.67 64.67
C TYR C 271 -139.92 22.71 66.11
N PRO C 272 -140.62 22.02 67.02
CA PRO C 272 -140.25 21.97 68.44
C PRO C 272 -138.88 21.34 68.63
N GLY C 273 -138.16 21.72 69.67
CA GLY C 273 -136.82 21.20 69.90
C GLY C 273 -136.76 19.69 69.81
N ASP C 274 -137.68 19.03 70.53
CA ASP C 274 -137.68 17.58 70.67
C ASP C 274 -138.36 16.88 69.51
N VAL C 275 -138.33 17.51 68.33
CA VAL C 275 -139.05 16.97 67.19
C VAL C 275 -138.48 15.60 66.81
N PHE C 276 -137.19 15.42 67.05
CA PHE C 276 -136.55 14.13 66.84
C PHE C 276 -137.21 13.09 67.76
N TYR C 277 -137.31 13.44 69.03
CA TYR C 277 -137.89 12.56 70.05
C TYR C 277 -139.33 12.19 69.71
N LEU C 278 -139.89 12.85 68.71
CA LEU C 278 -141.25 12.56 68.29
C LEU C 278 -141.32 11.26 67.49
N HIS C 279 -140.32 11.05 66.64
CA HIS C 279 -140.27 9.86 65.79
C HIS C 279 -139.39 8.78 66.39
N SER C 280 -138.51 9.17 67.30
CA SER C 280 -137.59 8.20 67.89
C SER C 280 -138.33 7.27 68.84
N ARG C 281 -139.15 7.84 69.71
CA ARG C 281 -139.90 7.05 70.68
C ARG C 281 -141.11 6.40 70.05
N LEU C 282 -141.20 6.49 68.73
CA LEU C 282 -142.30 5.91 67.99
C LEU C 282 -141.80 4.65 67.27
N LEU C 283 -140.75 4.84 66.49
CA LEU C 283 -140.19 3.75 65.70
C LEU C 283 -139.53 2.69 66.58
N GLU C 284 -138.89 3.11 67.67
CA GLU C 284 -138.23 2.15 68.54
C GLU C 284 -139.22 1.16 69.17
N ARG C 285 -140.50 1.52 69.14
CA ARG C 285 -141.55 0.71 69.74
C ARG C 285 -141.81 -0.57 68.98
N ALA C 286 -141.28 -0.63 67.75
CA ALA C 286 -141.45 -1.79 66.90
C ALA C 286 -140.13 -2.54 66.84
N ALA C 287 -140.16 -3.82 67.24
CA ALA C 287 -138.97 -4.65 67.17
C ALA C 287 -139.29 -6.10 67.46
N LYS C 288 -138.33 -6.97 67.25
CA LYS C 288 -138.51 -8.41 67.46
C LYS C 288 -138.28 -8.78 68.92
N LEU C 289 -139.25 -9.47 69.51
CA LEU C 289 -139.18 -9.82 70.92
C LEU C 289 -138.48 -11.16 71.15
N SER C 290 -137.99 -11.35 72.38
CA SER C 290 -137.35 -12.59 72.79
C SER C 290 -138.31 -13.77 72.78
N GLU C 291 -137.76 -14.98 72.72
CA GLU C 291 -138.57 -16.19 72.80
C GLU C 291 -139.36 -16.28 74.11
N LYS C 292 -138.80 -15.71 75.18
CA LYS C 292 -139.47 -15.66 76.48
C LYS C 292 -140.71 -14.77 76.42
N GLU C 293 -140.65 -13.75 75.57
CA GLU C 293 -141.70 -12.76 75.51
C GLU C 293 -142.88 -13.22 74.67
N GLY C 294 -142.60 -14.04 73.66
CA GLY C 294 -143.63 -14.65 72.85
C GLY C 294 -143.20 -14.85 71.41
N SER C 295 -142.00 -14.40 71.10
CA SER C 295 -141.48 -14.44 69.73
C SER C 295 -142.32 -13.51 68.85
N GLY C 296 -142.97 -12.55 69.51
CA GLY C 296 -143.82 -11.60 68.82
C GLY C 296 -143.00 -10.51 68.17
N SER C 297 -143.63 -9.77 67.27
CA SER C 297 -142.89 -8.78 66.51
C SER C 297 -143.77 -7.73 65.86
N LEU C 298 -143.17 -6.58 65.59
CA LEU C 298 -143.87 -5.46 64.99
C LEU C 298 -142.96 -4.76 63.99
N THR C 299 -143.39 -4.76 62.73
CA THR C 299 -142.62 -4.17 61.66
C THR C 299 -143.19 -2.80 61.31
N ALA C 300 -142.33 -1.88 60.91
CA ALA C 300 -142.79 -0.52 60.65
C ALA C 300 -142.33 0.05 59.33
N LEU C 301 -143.28 0.65 58.60
CA LEU C 301 -143.00 1.24 57.31
C LEU C 301 -143.40 2.70 57.31
N PRO C 302 -142.61 3.54 57.98
CA PRO C 302 -142.72 5.00 58.04
C PRO C 302 -142.68 5.62 56.65
N VAL C 303 -143.48 6.66 56.40
CA VAL C 303 -143.47 7.33 55.11
C VAL C 303 -143.17 8.82 55.23
N ILE C 304 -142.25 9.32 54.40
CA ILE C 304 -141.88 10.73 54.45
C ILE C 304 -142.04 11.44 53.10
N GLU C 305 -142.31 12.74 53.14
CA GLU C 305 -142.57 13.52 51.94
C GLU C 305 -141.55 14.63 51.74
N THR C 306 -140.59 14.41 50.85
CA THR C 306 -139.55 15.39 50.59
C THR C 306 -140.03 16.46 49.62
N GLN C 307 -139.32 17.58 49.61
CA GLN C 307 -139.62 18.67 48.69
C GLN C 307 -138.49 18.83 47.67
N GLY C 308 -138.84 18.74 46.39
CA GLY C 308 -137.88 18.93 45.31
C GLY C 308 -136.76 17.90 45.31
N GLY C 309 -137.01 16.76 45.94
CA GLY C 309 -136.03 15.69 46.02
C GLY C 309 -134.94 15.93 47.04
N ASP C 310 -135.17 16.89 47.94
CA ASP C 310 -134.19 17.28 48.96
C ASP C 310 -134.28 16.41 50.22
N VAL C 311 -133.44 15.37 50.26
CA VAL C 311 -133.40 14.48 51.41
C VAL C 311 -132.54 15.07 52.54
N SER C 312 -131.90 16.20 52.26
CA SER C 312 -131.03 16.84 53.24
C SER C 312 -131.84 17.68 54.22
N ALA C 313 -133.17 17.55 54.11
CA ALA C 313 -134.11 18.35 54.88
C ALA C 313 -134.06 18.07 56.38
N TYR C 314 -134.82 18.83 57.16
CA TYR C 314 -134.78 18.71 58.62
C TYR C 314 -135.46 17.44 59.13
N ILE C 315 -136.74 17.27 58.84
CA ILE C 315 -137.45 16.08 59.29
C ILE C 315 -136.91 14.77 58.70
N PRO C 316 -136.67 14.73 57.37
CA PRO C 316 -136.24 13.47 56.73
C PRO C 316 -134.95 12.92 57.32
N THR C 317 -133.94 13.77 57.47
CA THR C 317 -132.68 13.34 58.07
C THR C 317 -132.90 12.75 59.47
N ASN C 318 -133.83 13.36 60.22
CA ASN C 318 -134.16 12.90 61.56
C ASN C 318 -134.64 11.45 61.58
N VAL C 319 -135.28 11.03 60.49
CA VAL C 319 -135.89 9.71 60.44
C VAL C 319 -134.99 8.69 59.75
N ILE C 320 -134.26 9.15 58.74
CA ILE C 320 -133.29 8.31 58.06
C ILE C 320 -132.29 7.73 59.06
N SER C 321 -132.06 8.47 60.14
CA SER C 321 -131.07 8.07 61.14
C SER C 321 -131.59 6.96 62.03
N ILE C 322 -132.91 6.79 62.07
CA ILE C 322 -133.54 5.84 62.98
C ILE C 322 -133.93 4.54 62.29
N THR C 323 -134.42 4.68 61.06
CA THR C 323 -134.94 3.57 60.28
C THR C 323 -133.84 2.63 59.81
N ASP C 324 -134.17 1.34 59.71
CA ASP C 324 -133.23 0.32 59.29
C ASP C 324 -133.10 0.28 57.78
N GLY C 325 -132.87 1.45 57.17
CA GLY C 325 -132.76 1.56 55.74
C GLY C 325 -133.93 2.30 55.13
N GLN C 326 -133.87 2.55 53.83
CA GLN C 326 -134.90 3.34 53.19
C GLN C 326 -135.10 2.96 51.73
N ILE C 327 -136.35 3.02 51.27
CA ILE C 327 -136.65 2.73 49.88
C ILE C 327 -136.88 4.03 49.13
N PHE C 328 -135.79 4.64 48.71
CA PHE C 328 -135.82 5.92 48.01
C PHE C 328 -136.63 5.78 46.73
N LEU C 329 -137.54 6.71 46.46
CA LEU C 329 -138.30 6.70 45.21
C LEU C 329 -138.18 8.01 44.46
N GLU C 330 -137.69 7.94 43.24
CA GLU C 330 -137.47 9.15 42.46
C GLU C 330 -138.53 9.34 41.40
N ALA C 331 -139.01 10.57 41.29
CA ALA C 331 -139.98 10.94 40.28
C ALA C 331 -139.40 10.71 38.88
N GLU C 332 -138.14 11.11 38.69
CA GLU C 332 -137.52 11.03 37.37
C GLU C 332 -137.48 9.61 36.82
N LEU C 333 -137.29 8.62 37.68
CA LEU C 333 -137.21 7.23 37.24
C LEU C 333 -138.59 6.71 36.84
N PHE C 334 -139.62 7.28 37.46
CA PHE C 334 -141.00 6.92 37.19
C PHE C 334 -141.37 7.15 35.72
N TYR C 335 -141.01 8.32 35.20
CA TYR C 335 -141.32 8.65 33.81
C TYR C 335 -140.51 7.81 32.86
N LYS C 336 -139.24 7.59 33.21
CA LYS C 336 -138.35 6.77 32.41
C LYS C 336 -138.94 5.38 32.21
N GLY C 337 -139.89 5.02 33.06
CA GLY C 337 -140.56 3.74 32.92
C GLY C 337 -140.19 2.77 34.01
N ILE C 338 -139.32 3.20 34.91
CA ILE C 338 -139.01 2.38 36.08
C ILE C 338 -140.10 2.51 37.13
N ARG C 339 -140.98 1.51 37.16
CA ARG C 339 -142.10 1.51 38.10
C ARG C 339 -142.22 0.14 38.77
N PRO C 340 -142.14 0.12 40.12
CA PRO C 340 -141.99 1.30 40.98
C PRO C 340 -140.60 1.92 40.87
N ALA C 341 -140.52 3.25 40.91
CA ALA C 341 -139.25 3.94 40.72
C ALA C 341 -138.35 3.88 41.95
N ILE C 342 -137.84 2.69 42.24
CA ILE C 342 -136.95 2.48 43.37
C ILE C 342 -135.50 2.73 42.97
N ASN C 343 -134.89 3.78 43.52
CA ASN C 343 -133.47 4.00 43.25
C ASN C 343 -132.56 3.09 44.08
N VAL C 344 -132.03 2.05 43.45
CA VAL C 344 -131.19 1.08 44.14
C VAL C 344 -129.93 1.74 44.70
N GLY C 345 -129.42 2.70 43.95
CA GLY C 345 -128.25 3.45 44.37
C GLY C 345 -128.36 4.01 45.77
N LEU C 346 -129.58 4.37 46.19
CA LEU C 346 -129.77 5.03 47.48
C LEU C 346 -130.60 4.20 48.44
N SER C 347 -131.32 3.22 47.91
CA SER C 347 -132.13 2.35 48.75
C SER C 347 -131.31 1.19 49.27
N VAL C 348 -131.35 0.99 50.59
CA VAL C 348 -130.58 -0.06 51.23
C VAL C 348 -131.40 -0.69 52.34
N SER C 349 -130.98 -1.86 52.81
CA SER C 349 -131.60 -2.46 53.97
C SER C 349 -130.52 -2.85 54.96
N ARG C 350 -130.64 -2.37 56.19
CA ARG C 350 -129.59 -2.63 57.16
C ARG C 350 -129.63 -4.08 57.64
N VAL C 351 -130.80 -4.69 57.64
CA VAL C 351 -130.88 -6.08 58.08
C VAL C 351 -130.28 -6.96 57.01
N GLY C 352 -130.51 -6.59 55.76
CA GLY C 352 -129.88 -7.24 54.63
C GLY C 352 -130.41 -8.64 54.40
N SER C 353 -129.51 -9.52 53.96
CA SER C 353 -129.89 -10.87 53.58
C SER C 353 -130.46 -11.69 54.74
N ALA C 354 -130.13 -11.28 55.97
CA ALA C 354 -130.67 -11.98 57.14
C ALA C 354 -132.18 -12.09 57.03
N ALA C 355 -132.82 -11.05 56.50
CA ALA C 355 -134.27 -10.97 56.42
C ALA C 355 -134.83 -11.58 55.14
N GLN C 356 -134.08 -11.45 54.06
CA GLN C 356 -134.43 -11.99 52.75
C GLN C 356 -134.66 -13.50 52.82
N VAL C 357 -135.43 -14.03 51.88
CA VAL C 357 -135.65 -15.47 51.81
C VAL C 357 -134.38 -16.17 51.38
N LYS C 358 -134.12 -17.36 51.94
CA LYS C 358 -132.90 -18.09 51.64
C LYS C 358 -132.83 -18.50 50.16
N ALA C 359 -133.93 -19.00 49.63
CA ALA C 359 -133.98 -19.36 48.21
C ALA C 359 -133.61 -18.17 47.34
N LEU C 360 -134.34 -17.08 47.47
CA LEU C 360 -134.08 -15.89 46.66
C LEU C 360 -132.69 -15.33 46.92
N LYS C 361 -132.09 -15.70 48.05
CA LYS C 361 -130.78 -15.20 48.40
C LYS C 361 -129.71 -15.77 47.48
N GLN C 362 -129.90 -17.02 47.07
CA GLN C 362 -128.94 -17.71 46.21
C GLN C 362 -128.95 -17.14 44.79
N VAL C 363 -130.12 -17.11 44.17
CA VAL C 363 -130.25 -16.66 42.79
C VAL C 363 -129.77 -15.22 42.57
N ALA C 364 -129.89 -14.39 43.60
CA ALA C 364 -129.39 -13.03 43.49
C ALA C 364 -128.40 -12.74 44.61
N GLY C 365 -127.12 -12.80 44.30
CA GLY C 365 -126.09 -12.57 45.30
C GLY C 365 -125.47 -11.21 45.17
N SER C 366 -124.81 -10.96 44.04
CA SER C 366 -124.19 -9.68 43.76
C SER C 366 -125.07 -8.87 42.81
N LEU C 367 -126.34 -9.24 42.72
CA LEU C 367 -127.28 -8.58 41.82
C LEU C 367 -127.33 -7.07 42.07
N LYS C 368 -127.45 -6.67 43.33
CA LYS C 368 -127.44 -5.26 43.68
C LYS C 368 -126.12 -4.62 43.26
N LEU C 369 -125.04 -5.37 43.46
CA LEU C 369 -123.71 -4.91 43.08
C LEU C 369 -123.60 -4.79 41.56
N PHE C 370 -124.29 -5.68 40.86
CA PHE C 370 -124.26 -5.72 39.41
C PHE C 370 -125.01 -4.53 38.81
N LEU C 371 -126.14 -4.21 39.42
CA LEU C 371 -126.94 -3.07 39.01
C LEU C 371 -126.20 -1.77 39.26
N ALA C 372 -125.26 -1.83 40.21
CA ALA C 372 -124.40 -0.70 40.48
C ALA C 372 -123.40 -0.53 39.34
N GLN C 373 -122.89 -1.65 38.85
CA GLN C 373 -121.96 -1.64 37.72
C GLN C 373 -122.68 -1.16 36.47
N TYR C 374 -123.95 -1.54 36.33
CA TYR C 374 -124.74 -1.16 35.18
C TYR C 374 -124.84 0.36 35.04
N ARG C 375 -125.17 1.03 36.14
CA ARG C 375 -125.28 2.48 36.13
C ARG C 375 -123.90 3.09 35.91
N GLU C 376 -122.87 2.35 36.29
CA GLU C 376 -121.50 2.78 36.08
C GLU C 376 -121.16 2.74 34.59
N VAL C 377 -121.61 1.67 33.92
CA VAL C 377 -121.36 1.50 32.50
C VAL C 377 -122.33 2.34 31.68
N ALA C 378 -123.55 2.51 32.19
CA ALA C 378 -124.58 3.25 31.48
C ALA C 378 -124.21 4.73 31.34
N ALA C 379 -123.54 5.26 32.37
CA ALA C 379 -123.13 6.65 32.38
C ALA C 379 -121.91 6.89 31.50
N PHE C 380 -121.06 5.87 31.40
CA PHE C 380 -119.79 5.94 30.66
C PHE C 380 -119.97 5.73 29.15
N ALA C 381 -121.05 5.05 28.77
CA ALA C 381 -121.40 4.86 27.36
C ALA C 381 -122.14 6.08 26.80
N GLN C 382 -122.36 7.06 27.66
CA GLN C 382 -122.93 8.35 27.28
C GLN C 382 -121.98 9.12 26.35
N PHE C 383 -120.68 8.90 26.54
CA PHE C 383 -119.61 9.52 25.74
C PHE C 383 -119.84 9.37 24.24
N GLY C 384 -120.48 8.28 23.84
CA GLY C 384 -120.74 8.03 22.44
C GLY C 384 -119.60 7.28 21.80
N SER C 385 -118.86 6.55 22.62
CA SER C 385 -117.77 5.74 22.13
C SER C 385 -118.21 4.28 22.05
N ASP C 386 -117.64 3.55 21.10
CA ASP C 386 -117.92 2.13 20.96
C ASP C 386 -117.57 1.36 22.22
N LEU C 387 -118.24 0.25 22.46
CA LEU C 387 -118.00 -0.55 23.64
C LEU C 387 -117.52 -1.94 23.24
N ASP C 388 -116.57 -2.47 24.00
CA ASP C 388 -116.06 -3.82 23.78
C ASP C 388 -117.08 -4.88 24.20
N ALA C 389 -116.66 -6.14 24.20
CA ALA C 389 -117.53 -7.25 24.55
C ALA C 389 -117.94 -7.22 26.02
N SER C 390 -117.01 -6.86 26.90
CA SER C 390 -117.27 -6.85 28.34
C SER C 390 -118.27 -5.76 28.73
N THR C 391 -117.95 -4.51 28.39
CA THR C 391 -118.77 -3.37 28.77
C THR C 391 -120.16 -3.38 28.11
N LYS C 392 -120.28 -4.09 26.99
CA LYS C 392 -121.55 -4.19 26.29
C LYS C 392 -122.34 -5.40 26.79
N GLN C 393 -121.64 -6.46 27.18
CA GLN C 393 -122.28 -7.65 27.70
C GLN C 393 -123.06 -7.32 28.97
N THR C 394 -122.36 -6.71 29.93
CA THR C 394 -122.96 -6.29 31.18
C THR C 394 -124.02 -5.21 30.93
N LEU C 395 -123.78 -4.37 29.93
CA LEU C 395 -124.73 -3.35 29.55
C LEU C 395 -126.02 -3.96 28.99
N VAL C 396 -125.89 -5.06 28.27
CA VAL C 396 -127.06 -5.75 27.73
C VAL C 396 -127.89 -6.36 28.85
N ARG C 397 -127.22 -7.04 29.77
CA ARG C 397 -127.91 -7.72 30.85
C ARG C 397 -128.44 -6.72 31.88
N GLY C 398 -127.60 -5.76 32.25
CA GLY C 398 -127.98 -4.75 33.22
C GLY C 398 -129.21 -3.97 32.79
N GLU C 399 -129.39 -3.83 31.48
CA GLU C 399 -130.50 -3.05 30.96
C GLU C 399 -131.79 -3.84 31.04
N ARG C 400 -131.66 -5.16 31.01
CA ARG C 400 -132.83 -6.04 31.02
C ARG C 400 -133.24 -6.39 32.43
N LEU C 401 -132.26 -6.47 33.33
CA LEU C 401 -132.56 -6.69 34.73
C LEU C 401 -133.41 -5.55 35.25
N THR C 402 -133.10 -4.34 34.81
CA THR C 402 -133.88 -3.17 35.20
C THR C 402 -135.31 -3.25 34.66
N GLN C 403 -135.47 -3.94 33.53
CA GLN C 403 -136.78 -4.08 32.90
C GLN C 403 -137.56 -5.23 33.54
N LEU C 404 -136.84 -6.18 34.11
CA LEU C 404 -137.46 -7.31 34.78
C LEU C 404 -138.02 -6.90 36.13
N LEU C 405 -137.39 -5.91 36.75
CA LEU C 405 -137.80 -5.42 38.07
C LEU C 405 -139.11 -4.65 38.05
N LYS C 406 -139.47 -4.13 36.87
CA LYS C 406 -140.71 -3.37 36.71
C LYS C 406 -141.92 -4.26 36.94
N GLN C 407 -142.74 -3.91 37.91
CA GLN C 407 -143.91 -4.69 38.24
C GLN C 407 -145.12 -3.79 38.43
N ASN C 408 -146.27 -4.24 37.94
CA ASN C 408 -147.50 -3.45 38.02
C ASN C 408 -148.09 -3.40 39.41
N GLN C 409 -148.74 -2.29 39.73
CA GLN C 409 -149.35 -2.11 41.03
C GLN C 409 -150.47 -3.12 41.24
N TYR C 410 -150.82 -3.37 42.49
CA TYR C 410 -151.92 -4.26 42.81
C TYR C 410 -151.66 -5.65 42.27
N SER C 411 -150.40 -5.99 42.06
CA SER C 411 -150.06 -7.29 41.49
C SER C 411 -148.90 -7.95 42.23
N PRO C 412 -149.13 -8.31 43.50
CA PRO C 412 -148.09 -8.97 44.31
C PRO C 412 -147.74 -10.34 43.76
N LEU C 413 -146.45 -10.66 43.70
CA LEU C 413 -145.97 -11.94 43.18
C LEU C 413 -145.39 -12.82 44.30
N ALA C 414 -145.83 -14.06 44.38
CA ALA C 414 -145.31 -14.98 45.41
C ALA C 414 -143.79 -15.15 45.29
N THR C 415 -143.21 -15.87 46.24
CA THR C 415 -141.78 -16.16 46.25
C THR C 415 -141.42 -17.15 45.14
N GLU C 416 -142.33 -18.11 44.92
CA GLU C 416 -142.13 -19.16 43.93
C GLU C 416 -142.16 -18.61 42.50
N GLU C 417 -142.52 -17.34 42.35
CA GLU C 417 -142.62 -16.72 41.03
C GLU C 417 -141.53 -15.68 40.83
N GLN C 418 -140.90 -15.28 41.92
CA GLN C 418 -139.84 -14.29 41.87
C GLN C 418 -138.51 -14.97 41.59
N VAL C 419 -138.29 -16.10 42.26
CA VAL C 419 -137.04 -16.83 42.14
C VAL C 419 -136.72 -17.19 40.69
N PRO C 420 -137.68 -17.84 40.00
CA PRO C 420 -137.47 -18.23 38.62
C PRO C 420 -137.08 -17.06 37.71
N LEU C 421 -137.80 -15.95 37.82
CA LEU C 421 -137.52 -14.79 36.97
C LEU C 421 -136.12 -14.25 37.20
N ILE C 422 -135.79 -14.00 38.47
CA ILE C 422 -134.47 -13.49 38.82
C ILE C 422 -133.39 -14.47 38.38
N TYR C 423 -133.70 -15.75 38.46
CA TYR C 423 -132.76 -16.78 38.06
C TYR C 423 -132.34 -16.58 36.61
N ALA C 424 -133.33 -16.50 35.73
CA ALA C 424 -133.08 -16.34 34.31
C ALA C 424 -132.42 -15.00 33.98
N GLY C 425 -132.38 -14.10 34.95
CA GLY C 425 -131.82 -12.79 34.72
C GLY C 425 -130.35 -12.73 35.07
N VAL C 426 -130.03 -13.06 36.31
CA VAL C 426 -128.67 -12.98 36.81
C VAL C 426 -127.73 -13.86 36.01
N ASN C 427 -128.27 -14.95 35.46
CA ASN C 427 -127.46 -15.89 34.70
C ASN C 427 -127.12 -15.36 33.31
N GLY C 428 -128.14 -15.06 32.52
CA GLY C 428 -127.91 -14.44 31.22
C GLY C 428 -128.74 -15.03 30.10
N HIS C 429 -129.91 -15.55 30.44
CA HIS C 429 -130.78 -16.17 29.46
C HIS C 429 -131.69 -15.16 28.78
N LEU C 430 -131.71 -13.93 29.30
CA LEU C 430 -132.55 -12.88 28.73
C LEU C 430 -131.74 -12.00 27.80
N ASP C 431 -130.43 -12.14 27.86
CA ASP C 431 -129.53 -11.34 27.03
C ASP C 431 -129.93 -11.49 25.57
N GLY C 432 -130.27 -12.71 25.17
CA GLY C 432 -130.64 -13.00 23.80
C GLY C 432 -132.10 -12.75 23.48
N ILE C 433 -132.72 -11.83 24.20
CA ILE C 433 -134.10 -11.48 23.96
C ILE C 433 -134.25 -9.97 23.87
N GLU C 434 -135.15 -9.51 23.02
CA GLU C 434 -135.36 -8.07 22.85
C GLU C 434 -135.96 -7.46 24.11
N LEU C 435 -135.70 -6.17 24.32
CA LEU C 435 -136.16 -5.48 25.53
C LEU C 435 -137.69 -5.42 25.66
N SER C 436 -138.38 -5.12 24.57
CA SER C 436 -139.84 -5.01 24.61
C SER C 436 -140.51 -6.38 24.70
N ARG C 437 -139.68 -7.41 24.82
CA ARG C 437 -140.15 -8.80 24.93
C ARG C 437 -140.17 -9.25 26.39
N ILE C 438 -139.28 -8.68 27.19
CA ILE C 438 -139.18 -9.05 28.60
C ILE C 438 -140.54 -8.96 29.26
N GLY C 439 -141.34 -8.02 28.76
CA GLY C 439 -142.68 -7.81 29.30
C GLY C 439 -143.50 -9.08 29.31
N GLU C 440 -143.90 -9.54 28.12
CA GLU C 440 -144.74 -10.73 28.02
C GLU C 440 -143.99 -11.99 28.44
N PHE C 441 -142.66 -11.94 28.41
CA PHE C 441 -141.86 -13.10 28.76
C PHE C 441 -142.16 -13.58 30.17
N GLU C 442 -142.26 -12.62 31.09
CA GLU C 442 -142.52 -12.92 32.48
C GLU C 442 -143.81 -13.73 32.62
N SER C 443 -144.89 -13.21 32.08
CA SER C 443 -146.19 -13.88 32.18
C SER C 443 -146.18 -15.24 31.52
N SER C 444 -145.55 -15.31 30.34
CA SER C 444 -145.50 -16.56 29.59
C SER C 444 -144.70 -17.61 30.33
N PHE C 445 -143.56 -17.22 30.87
CA PHE C 445 -142.70 -18.15 31.56
C PHE C 445 -143.40 -18.74 32.78
N LEU C 446 -144.12 -17.90 33.51
CA LEU C 446 -144.84 -18.33 34.70
C LEU C 446 -145.91 -19.37 34.32
N SER C 447 -146.70 -19.04 33.30
CA SER C 447 -147.75 -19.94 32.84
C SER C 447 -147.15 -21.26 32.40
N TYR C 448 -145.91 -21.21 31.95
CA TYR C 448 -145.21 -22.41 31.50
C TYR C 448 -144.95 -23.36 32.67
N LEU C 449 -144.43 -22.82 33.77
CA LEU C 449 -144.11 -23.61 34.93
C LEU C 449 -145.37 -24.13 35.64
N LYS C 450 -146.38 -23.28 35.75
CA LYS C 450 -147.63 -23.65 36.43
C LYS C 450 -148.35 -24.80 35.70
N SER C 451 -147.97 -25.03 34.45
CA SER C 451 -148.58 -26.06 33.60
C SER C 451 -147.73 -27.33 33.54
N ASN C 452 -146.44 -27.15 33.31
CA ASN C 452 -145.52 -28.27 33.17
C ASN C 452 -144.68 -28.49 34.42
N HIS C 453 -143.65 -27.66 34.58
CA HIS C 453 -142.75 -27.78 35.72
C HIS C 453 -143.35 -27.13 36.96
N ASN C 454 -144.44 -27.70 37.46
CA ASN C 454 -145.10 -27.16 38.63
C ASN C 454 -144.58 -27.80 39.91
N GLU C 455 -144.00 -28.99 39.77
CA GLU C 455 -143.44 -29.70 40.90
C GLU C 455 -142.36 -28.85 41.57
N LEU C 456 -141.52 -28.24 40.74
CA LEU C 456 -140.42 -27.39 41.20
C LEU C 456 -140.93 -26.22 42.02
N LEU C 457 -141.93 -25.51 41.49
CA LEU C 457 -142.52 -24.40 42.21
C LEU C 457 -142.98 -24.84 43.60
N THR C 458 -143.45 -26.08 43.71
CA THR C 458 -143.94 -26.61 44.99
C THR C 458 -142.81 -26.90 45.97
N GLU C 459 -141.63 -27.22 45.45
CA GLU C 459 -140.47 -27.51 46.29
C GLU C 459 -139.86 -26.21 46.80
N ILE C 460 -139.66 -25.27 45.89
CA ILE C 460 -139.16 -23.96 46.27
C ILE C 460 -140.04 -23.34 47.35
N ARG C 461 -141.36 -23.48 47.18
CA ARG C 461 -142.31 -22.90 48.14
C ARG C 461 -142.16 -23.46 49.55
N GLU C 462 -142.20 -24.79 49.65
CA GLU C 462 -142.12 -25.47 50.95
C GLU C 462 -140.72 -25.39 51.55
N LYS C 463 -139.75 -25.92 50.82
CA LYS C 463 -138.36 -25.93 51.25
C LYS C 463 -137.87 -24.51 51.52
N GLY C 464 -138.09 -23.62 50.55
CA GLY C 464 -137.65 -22.24 50.68
C GLY C 464 -136.18 -22.09 50.36
N GLU C 465 -135.57 -23.19 49.91
CA GLU C 465 -134.15 -23.21 49.56
C GLU C 465 -133.94 -23.98 48.28
N LEU C 466 -132.71 -24.00 47.80
CA LEU C 466 -132.39 -24.71 46.57
C LEU C 466 -131.35 -25.81 46.79
N SER C 467 -131.76 -27.06 46.55
CA SER C 467 -130.86 -28.21 46.70
C SER C 467 -130.11 -28.47 45.42
N LYS C 468 -129.14 -29.39 45.47
CA LYS C 468 -128.35 -29.75 44.30
C LYS C 468 -129.24 -30.31 43.20
N GLU C 469 -130.30 -31.01 43.59
CA GLU C 469 -131.24 -31.60 42.64
C GLU C 469 -132.19 -30.56 42.06
N LEU C 470 -132.70 -29.68 42.92
CA LEU C 470 -133.65 -28.65 42.51
C LEU C 470 -133.06 -27.68 41.50
N LEU C 471 -131.77 -27.41 41.63
CA LEU C 471 -131.06 -26.55 40.69
C LEU C 471 -130.99 -27.22 39.32
N ALA C 472 -130.73 -28.52 39.32
CA ALA C 472 -130.60 -29.28 38.08
C ALA C 472 -131.88 -29.19 37.26
N SER C 473 -133.00 -29.55 37.88
CA SER C 473 -134.30 -29.49 37.22
C SER C 473 -134.63 -28.05 36.81
N LEU C 474 -134.39 -27.11 37.71
CA LEU C 474 -134.67 -25.70 37.45
C LEU C 474 -133.82 -25.19 36.29
N LYS C 475 -132.58 -25.66 36.21
CA LYS C 475 -131.69 -25.28 35.13
C LYS C 475 -132.28 -25.72 33.80
N SER C 476 -132.65 -26.99 33.71
CA SER C 476 -133.18 -27.58 32.48
C SER C 476 -134.53 -26.99 32.08
N ALA C 477 -135.32 -26.60 33.07
CA ALA C 477 -136.63 -26.03 32.82
C ALA C 477 -136.51 -24.67 32.15
N THR C 478 -135.44 -23.94 32.48
CA THR C 478 -135.21 -22.62 31.92
C THR C 478 -134.77 -22.70 30.46
N GLU C 479 -133.71 -23.46 30.22
CA GLU C 479 -133.15 -23.62 28.88
C GLU C 479 -134.19 -24.18 27.90
N SER C 480 -134.99 -25.12 28.38
CA SER C 480 -136.03 -25.73 27.56
C SER C 480 -137.04 -24.69 27.09
N PHE C 481 -137.36 -23.74 27.96
CA PHE C 481 -138.32 -22.68 27.61
C PHE C 481 -137.74 -21.65 26.63
N VAL C 482 -136.46 -21.32 26.81
CA VAL C 482 -135.78 -20.39 25.91
C VAL C 482 -135.81 -20.92 24.48
N ALA C 483 -135.61 -22.23 24.34
CA ALA C 483 -135.64 -22.88 23.04
C ALA C 483 -137.02 -22.79 22.40
N THR C 484 -138.06 -22.84 23.23
CA THR C 484 -139.44 -22.74 22.75
C THR C 484 -139.66 -21.36 22.14
N PHE C 485 -140.51 -21.30 21.11
CA PHE C 485 -140.75 -20.07 20.38
C PHE C 485 -139.44 -19.54 19.81
N SER D 1 -131.41 10.67 109.18
CA SER D 1 -131.23 11.44 107.94
C SER D 1 -131.92 12.81 108.02
N THR D 2 -131.40 13.77 107.25
CA THR D 2 -131.98 15.12 107.19
C THR D 2 -132.16 15.63 105.74
N PRO D 3 -133.13 15.05 105.01
CA PRO D 3 -133.35 15.41 103.60
C PRO D 3 -134.09 16.74 103.42
N ILE D 4 -133.89 17.38 102.26
CA ILE D 4 -134.60 18.63 101.94
C ILE D 4 -135.82 18.40 101.05
N THR D 5 -137.00 18.70 101.57
CA THR D 5 -138.24 18.53 100.81
C THR D 5 -138.41 19.65 99.77
N GLY D 6 -139.18 19.37 98.74
CA GLY D 6 -139.47 20.36 97.70
C GLY D 6 -140.84 20.09 97.08
N LYS D 7 -141.24 20.92 96.13
CA LYS D 7 -142.53 20.76 95.49
C LYS D 7 -142.53 21.25 94.04
N VAL D 8 -142.95 20.38 93.13
CA VAL D 8 -143.04 20.75 91.72
C VAL D 8 -144.02 21.88 91.52
N THR D 9 -143.69 22.83 90.65
CA THR D 9 -144.58 23.96 90.40
C THR D 9 -144.91 24.17 88.92
N ALA D 10 -144.12 23.56 88.04
CA ALA D 10 -144.35 23.66 86.60
C ALA D 10 -143.87 22.41 85.88
N VAL D 11 -144.58 22.04 84.83
CA VAL D 11 -144.18 20.88 84.04
C VAL D 11 -144.37 21.16 82.56
N ILE D 12 -143.26 21.30 81.85
CA ILE D 12 -143.30 21.52 80.40
C ILE D 12 -142.29 20.59 79.72
N GLY D 13 -142.79 19.55 79.08
CA GLY D 13 -141.95 18.60 78.38
C GLY D 13 -140.96 17.92 79.31
N ALA D 14 -139.68 17.98 78.94
CA ALA D 14 -138.64 17.38 79.76
C ALA D 14 -138.10 18.39 80.78
N ILE D 15 -138.83 19.49 80.98
CA ILE D 15 -138.41 20.54 81.91
C ILE D 15 -139.35 20.73 83.10
N VAL D 16 -138.85 20.42 84.28
CA VAL D 16 -139.61 20.46 85.52
C VAL D 16 -139.07 21.55 86.43
N ASP D 17 -139.94 22.43 86.92
CA ASP D 17 -139.56 23.48 87.87
C ASP D 17 -139.96 23.12 89.29
N VAL D 18 -139.00 23.07 90.21
CA VAL D 18 -139.30 22.81 91.62
C VAL D 18 -139.15 24.06 92.47
N HIS D 19 -140.04 24.22 93.45
CA HIS D 19 -140.01 25.37 94.35
C HIS D 19 -139.64 24.94 95.77
N PHE D 20 -138.38 25.16 96.15
CA PHE D 20 -137.93 24.83 97.49
C PHE D 20 -138.25 25.95 98.47
N GLU D 21 -137.67 25.86 99.67
CA GLU D 21 -137.80 26.90 100.68
C GLU D 21 -136.53 27.73 100.77
N GLN D 22 -136.59 28.87 101.46
CA GLN D 22 -135.43 29.75 101.55
C GLN D 22 -134.27 29.03 102.23
N SER D 23 -133.06 29.34 101.75
CA SER D 23 -131.84 28.83 102.34
C SER D 23 -131.66 27.33 102.10
N GLU D 24 -132.60 26.74 101.36
CA GLU D 24 -132.60 25.31 101.13
C GLU D 24 -132.44 24.96 99.65
N LEU D 25 -131.89 25.89 98.86
CA LEU D 25 -131.72 25.66 97.43
C LEU D 25 -130.47 24.84 97.14
N PRO D 26 -130.63 23.77 96.35
CA PRO D 26 -129.51 22.92 95.89
C PRO D 26 -128.74 23.58 94.76
N ALA D 27 -127.43 23.43 94.78
CA ALA D 27 -126.58 24.01 93.75
C ALA D 27 -126.94 23.44 92.39
N ILE D 28 -126.33 23.97 91.35
CA ILE D 28 -126.56 23.49 90.01
C ILE D 28 -126.00 22.07 89.88
N LEU D 29 -126.53 21.32 88.92
CA LEU D 29 -126.03 19.99 88.65
C LEU D 29 -126.25 19.05 89.82
N ASN D 30 -127.31 19.29 90.60
CA ASN D 30 -127.72 18.35 91.62
C ASN D 30 -128.92 17.52 91.21
N ALA D 31 -128.88 16.24 91.58
CA ALA D 31 -129.97 15.31 91.28
C ALA D 31 -131.15 15.53 92.23
N LEU D 32 -132.31 15.03 91.82
CA LEU D 32 -133.51 15.09 92.66
C LEU D 32 -134.28 13.81 92.45
N GLU D 33 -135.23 13.53 93.33
CA GLU D 33 -136.02 12.31 93.19
C GLU D 33 -137.47 12.58 93.48
N ILE D 34 -138.33 11.89 92.74
CA ILE D 34 -139.77 11.98 93.00
C ILE D 34 -140.36 10.57 93.02
N LYS D 35 -140.90 10.19 94.17
CA LYS D 35 -141.49 8.86 94.35
C LYS D 35 -142.70 8.67 93.45
N THR D 36 -142.71 7.60 92.67
CA THR D 36 -143.86 7.26 91.86
C THR D 36 -144.20 5.79 92.07
N PRO D 37 -145.45 5.40 91.78
CA PRO D 37 -145.89 4.01 91.96
C PRO D 37 -145.08 3.07 91.07
N GLN D 38 -144.72 3.55 89.89
CA GLN D 38 -143.97 2.74 88.94
C GLN D 38 -142.48 2.67 89.28
N GLY D 39 -141.84 3.83 89.43
CA GLY D 39 -140.42 3.89 89.74
C GLY D 39 -140.01 5.21 90.36
N LYS D 40 -138.85 5.72 89.95
CA LYS D 40 -138.36 7.01 90.43
C LYS D 40 -137.97 7.90 89.25
N LEU D 41 -138.46 9.13 89.26
CA LEU D 41 -138.15 10.07 88.20
C LEU D 41 -137.10 11.07 88.66
N VAL D 42 -135.84 10.72 88.46
CA VAL D 42 -134.74 11.59 88.85
C VAL D 42 -134.76 12.87 88.02
N LEU D 43 -134.45 14.00 88.66
CA LEU D 43 -134.34 15.28 87.95
C LEU D 43 -132.94 15.83 88.14
N GLU D 44 -132.56 16.80 87.32
CA GLU D 44 -131.24 17.39 87.43
C GLU D 44 -131.32 18.91 87.41
N VAL D 45 -130.87 19.54 88.48
CA VAL D 45 -130.88 20.99 88.56
C VAL D 45 -130.18 21.62 87.35
N ALA D 46 -130.74 22.69 86.82
CA ALA D 46 -130.17 23.35 85.65
C ALA D 46 -129.91 24.82 85.90
N GLN D 47 -130.94 25.53 86.35
CA GLN D 47 -130.82 26.96 86.58
C GLN D 47 -131.46 27.35 87.92
N HIS D 48 -131.22 28.59 88.33
CA HIS D 48 -131.91 29.13 89.49
C HIS D 48 -132.66 30.38 89.06
N LEU D 49 -133.93 30.21 88.70
CA LEU D 49 -134.74 31.32 88.19
C LEU D 49 -134.94 32.42 89.24
N GLY D 50 -134.72 32.08 90.50
CA GLY D 50 -134.90 33.02 91.59
C GLY D 50 -136.17 32.70 92.36
N GLU D 51 -136.42 33.46 93.43
CA GLU D 51 -137.61 33.26 94.24
C GLU D 51 -137.73 31.82 94.71
N ASN D 52 -136.58 31.23 95.08
CA ASN D 52 -136.52 29.85 95.57
C ASN D 52 -136.98 28.81 94.56
N THR D 53 -136.92 29.19 93.28
CA THR D 53 -137.36 28.30 92.20
C THR D 53 -136.18 27.82 91.37
N VAL D 54 -136.18 26.52 91.09
CA VAL D 54 -135.09 25.88 90.34
C VAL D 54 -135.68 25.16 89.15
N ARG D 55 -134.95 25.17 88.03
CA ARG D 55 -135.41 24.47 86.84
C ARG D 55 -134.57 23.22 86.56
N THR D 56 -135.22 22.06 86.55
CA THR D 56 -134.51 20.81 86.32
C THR D 56 -134.81 20.17 84.98
N ILE D 57 -134.11 19.09 84.68
CA ILE D 57 -134.29 18.40 83.41
C ILE D 57 -134.64 16.93 83.63
N ALA D 58 -135.86 16.58 83.22
CA ALA D 58 -136.43 15.26 83.45
C ALA D 58 -135.60 14.12 82.86
N MET D 59 -135.13 13.25 83.75
CA MET D 59 -134.28 12.13 83.36
C MET D 59 -135.09 10.99 82.78
N ASP D 60 -136.41 11.17 82.73
CA ASP D 60 -137.29 10.13 82.25
C ASP D 60 -138.64 10.72 81.85
N GLY D 61 -139.58 9.84 81.55
CA GLY D 61 -140.91 10.24 81.15
C GLY D 61 -141.55 11.17 82.17
N THR D 62 -141.99 12.32 81.68
CA THR D 62 -142.59 13.35 82.53
C THR D 62 -144.10 13.13 82.75
N GLU D 63 -144.71 12.27 81.96
CA GLU D 63 -146.14 11.97 82.08
C GLU D 63 -146.49 11.32 83.42
N GLY D 64 -147.43 11.91 84.15
CA GLY D 64 -147.82 11.39 85.45
C GLY D 64 -147.40 12.25 86.63
N LEU D 65 -146.80 13.41 86.35
CA LEU D 65 -146.42 14.36 87.40
C LEU D 65 -147.58 15.27 87.76
N VAL D 66 -147.87 15.36 89.04
CA VAL D 66 -148.98 16.18 89.51
C VAL D 66 -148.49 17.52 90.03
N ARG D 67 -149.14 18.59 89.60
CA ARG D 67 -148.85 19.92 90.07
C ARG D 67 -148.63 19.97 91.57
N GLY D 68 -147.39 19.83 92.02
CA GLY D 68 -147.08 20.00 93.43
C GLY D 68 -146.65 18.76 94.20
N GLU D 69 -146.24 17.73 93.47
CA GLU D 69 -145.71 16.54 94.12
C GLU D 69 -144.45 16.90 94.87
N LYS D 70 -144.24 16.27 96.02
CA LYS D 70 -143.07 16.55 96.85
C LYS D 70 -141.81 15.86 96.32
N VAL D 71 -140.78 16.65 96.04
CA VAL D 71 -139.54 16.13 95.52
C VAL D 71 -138.50 15.99 96.62
N LEU D 72 -137.75 14.90 96.59
CA LEU D 72 -136.69 14.65 97.56
C LEU D 72 -135.33 15.02 96.99
N ASP D 73 -134.64 15.96 97.62
CA ASP D 73 -133.32 16.37 97.16
C ASP D 73 -132.34 15.23 97.41
N THR D 74 -131.59 14.85 96.37
CA THR D 74 -130.58 13.81 96.53
C THR D 74 -129.46 14.34 97.40
N GLY D 75 -129.12 15.61 97.19
CA GLY D 75 -128.06 16.26 97.93
C GLY D 75 -126.73 16.23 97.21
N GLY D 76 -126.78 15.90 95.92
CA GLY D 76 -125.56 15.78 95.13
C GLY D 76 -125.84 15.25 93.75
N PRO D 77 -124.90 15.47 92.82
CA PRO D 77 -125.05 15.06 91.43
C PRO D 77 -125.37 13.57 91.33
N ILE D 78 -125.96 13.18 90.20
CA ILE D 78 -126.29 11.78 89.92
C ILE D 78 -125.12 10.83 90.21
N SER D 79 -125.36 9.84 91.06
CA SER D 79 -124.30 8.89 91.41
C SER D 79 -124.39 7.60 90.60
N VAL D 80 -123.29 7.21 89.98
CA VAL D 80 -123.23 5.95 89.25
C VAL D 80 -122.28 4.98 89.92
N PRO D 81 -122.54 3.68 89.77
CA PRO D 81 -121.69 2.64 90.35
C PRO D 81 -120.32 2.66 89.67
N VAL D 82 -119.27 2.40 90.43
CA VAL D 82 -117.95 2.25 89.85
C VAL D 82 -117.28 0.99 90.40
N GLY D 83 -116.17 0.60 89.79
CA GLY D 83 -115.44 -0.57 90.24
C GLY D 83 -115.62 -1.76 89.32
N ARG D 84 -114.88 -2.84 89.58
CA ARG D 84 -114.95 -4.06 88.78
C ARG D 84 -116.30 -4.74 88.99
N GLU D 85 -117.11 -4.15 89.87
CA GLU D 85 -118.44 -4.66 90.15
C GLU D 85 -119.37 -4.39 88.97
N THR D 86 -119.09 -3.33 88.21
CA THR D 86 -119.92 -2.97 87.07
C THR D 86 -119.54 -3.73 85.82
N LEU D 87 -118.49 -4.53 85.91
CA LEU D 87 -118.06 -5.33 84.76
C LEU D 87 -119.11 -6.39 84.46
N GLY D 88 -119.44 -6.53 83.18
CA GLY D 88 -120.36 -7.56 82.73
C GLY D 88 -121.80 -7.31 83.11
N ARG D 89 -122.16 -6.04 83.24
CA ARG D 89 -123.55 -5.70 83.54
C ARG D 89 -124.00 -4.47 82.75
N ILE D 90 -125.29 -4.42 82.45
CA ILE D 90 -125.89 -3.33 81.71
C ILE D 90 -126.41 -2.27 82.65
N ILE D 91 -126.09 -1.01 82.38
CA ILE D 91 -126.49 0.07 83.27
C ILE D 91 -127.06 1.24 82.47
N ASN D 92 -128.12 1.84 82.99
CA ASN D 92 -128.72 3.00 82.35
C ASN D 92 -128.04 4.28 82.80
N VAL D 93 -128.70 5.42 82.56
CA VAL D 93 -128.11 6.71 82.91
C VAL D 93 -128.09 6.95 84.41
N ILE D 94 -129.16 6.57 85.10
CA ILE D 94 -129.29 6.84 86.53
C ILE D 94 -128.39 5.94 87.40
N GLY D 95 -127.77 4.94 86.78
CA GLY D 95 -126.88 4.04 87.50
C GLY D 95 -127.59 2.83 88.11
N GLU D 96 -128.80 2.57 87.65
CA GLU D 96 -129.59 1.42 88.10
C GLU D 96 -129.35 0.26 87.13
N PRO D 97 -129.25 -0.97 87.66
CA PRO D 97 -129.07 -2.16 86.81
C PRO D 97 -130.29 -2.46 85.92
N ILE D 98 -130.08 -2.67 84.63
CA ILE D 98 -131.18 -3.02 83.73
C ILE D 98 -130.91 -4.30 82.92
N ASP D 99 -130.38 -5.31 83.59
CA ASP D 99 -130.11 -6.60 82.96
C ASP D 99 -130.75 -7.76 83.72
N GLU D 100 -131.55 -7.42 84.73
CA GLU D 100 -132.20 -8.43 85.58
C GLU D 100 -131.17 -9.32 86.28
N ARG D 101 -130.16 -8.70 86.87
CA ARG D 101 -129.12 -9.43 87.60
C ARG D 101 -129.10 -9.02 89.06
N GLY D 102 -130.16 -8.34 89.49
CA GLY D 102 -130.24 -7.86 90.86
C GLY D 102 -129.39 -6.62 91.04
N PRO D 103 -129.16 -6.25 92.30
CA PRO D 103 -128.43 -5.01 92.60
C PRO D 103 -126.93 -5.13 92.29
N ILE D 104 -126.34 -4.02 91.85
CA ILE D 104 -124.92 -3.97 91.56
C ILE D 104 -124.16 -3.61 92.82
N LYS D 105 -123.44 -4.57 93.39
CA LYS D 105 -122.71 -4.32 94.63
C LYS D 105 -121.42 -3.54 94.42
N SER D 106 -121.49 -2.21 94.49
CA SER D 106 -120.31 -1.36 94.35
C SER D 106 -119.86 -0.78 95.68
N LYS D 107 -118.55 -0.76 95.90
CA LYS D 107 -118.01 -0.22 97.14
C LYS D 107 -118.07 1.31 97.13
N LEU D 108 -118.03 1.91 95.94
CA LEU D 108 -118.13 3.37 95.83
C LEU D 108 -119.22 3.82 94.86
N ARG D 109 -119.59 5.09 95.00
CA ARG D 109 -120.54 5.75 94.11
C ARG D 109 -119.98 7.14 93.74
N LYS D 110 -119.50 7.29 92.51
CA LYS D 110 -118.88 8.54 92.08
C LYS D 110 -119.77 9.33 91.13
N PRO D 111 -119.90 10.64 91.35
CA PRO D 111 -120.79 11.49 90.57
C PRO D 111 -120.39 11.53 89.10
N ILE D 112 -121.37 11.68 88.21
CA ILE D 112 -121.13 11.72 86.79
C ILE D 112 -120.49 13.04 86.38
N HIS D 113 -120.63 14.06 87.23
CA HIS D 113 -120.07 15.36 86.94
C HIS D 113 -118.76 15.61 87.69
N ALA D 114 -117.74 16.01 86.94
CA ALA D 114 -116.41 16.24 87.50
C ALA D 114 -115.60 17.15 86.57
N ASP D 115 -114.58 17.78 87.15
CA ASP D 115 -113.73 18.71 86.41
C ASP D 115 -112.70 17.96 85.55
N PRO D 116 -112.26 18.59 84.45
CA PRO D 116 -111.25 18.01 83.55
C PRO D 116 -109.87 18.00 84.20
N PRO D 117 -109.08 16.95 83.90
CA PRO D 117 -107.72 16.84 84.43
C PRO D 117 -106.91 18.11 84.20
N SER D 118 -105.94 18.35 85.07
CA SER D 118 -105.10 19.55 85.00
C SER D 118 -104.05 19.48 83.88
N PHE D 119 -103.73 20.63 83.29
CA PHE D 119 -102.74 20.68 82.22
C PHE D 119 -101.46 19.95 82.63
N ALA D 120 -101.14 19.99 83.92
CA ALA D 120 -99.97 19.32 84.46
C ALA D 120 -100.10 17.80 84.35
N GLU D 121 -101.31 17.29 84.54
CA GLU D 121 -101.56 15.87 84.50
C GLU D 121 -101.52 15.28 83.08
N GLN D 122 -101.67 16.13 82.07
CA GLN D 122 -101.70 15.66 80.68
C GLN D 122 -100.41 14.96 80.27
N SER D 123 -100.53 13.75 79.73
CA SER D 123 -99.37 12.99 79.27
C SER D 123 -99.46 12.64 77.77
N THR D 124 -98.46 13.05 77.00
CA THR D 124 -98.41 12.75 75.57
C THR D 124 -97.69 11.44 75.27
N SER D 125 -98.28 10.65 74.36
CA SER D 125 -97.65 9.41 73.93
C SER D 125 -97.55 9.39 72.40
N ALA D 126 -96.70 8.51 71.88
CA ALA D 126 -96.52 8.39 70.43
C ALA D 126 -96.62 6.93 69.99
N GLU D 127 -96.98 6.05 70.90
CA GLU D 127 -97.14 4.64 70.59
C GLU D 127 -98.22 4.46 69.51
N ILE D 128 -98.05 3.45 68.68
CA ILE D 128 -99.02 3.17 67.62
C ILE D 128 -99.93 2.02 68.04
N LEU D 129 -101.14 1.97 67.50
CA LEU D 129 -102.10 0.92 67.83
C LEU D 129 -102.47 0.11 66.60
N GLU D 130 -102.19 -1.19 66.64
CA GLU D 130 -102.47 -2.08 65.52
C GLU D 130 -103.87 -2.70 65.61
N THR D 131 -104.72 -2.35 64.64
CA THR D 131 -106.10 -2.85 64.62
C THR D 131 -106.23 -4.06 63.73
N GLY D 132 -105.80 -3.92 62.47
CA GLY D 132 -105.88 -5.00 61.52
C GLY D 132 -106.49 -4.54 60.22
N ILE D 133 -106.88 -3.28 60.18
CA ILE D 133 -107.50 -2.71 58.99
C ILE D 133 -106.50 -2.00 58.10
N LYS D 134 -106.35 -2.48 56.87
CA LYS D 134 -105.35 -1.94 55.97
C LYS D 134 -105.49 -0.43 55.79
N VAL D 135 -106.64 0.01 55.27
CA VAL D 135 -106.85 1.41 54.94
C VAL D 135 -106.52 2.34 56.11
N VAL D 136 -106.58 1.80 57.32
CA VAL D 136 -106.30 2.58 58.52
C VAL D 136 -104.83 2.50 58.92
N ASP D 137 -104.35 1.28 59.17
CA ASP D 137 -102.98 1.07 59.67
C ASP D 137 -101.94 1.65 58.71
N LEU D 138 -102.33 1.75 57.45
CA LEU D 138 -101.43 2.28 56.43
C LEU D 138 -101.53 3.79 56.31
N LEU D 139 -102.73 4.33 56.39
CA LEU D 139 -102.91 5.77 56.25
C LEU D 139 -102.93 6.50 57.58
N ALA D 140 -104.06 6.42 58.28
CA ALA D 140 -104.22 7.07 59.57
C ALA D 140 -104.29 6.02 60.68
N PRO D 141 -103.11 5.66 61.23
CA PRO D 141 -103.07 4.64 62.28
C PRO D 141 -103.52 5.24 63.60
N TYR D 142 -104.24 4.46 64.41
CA TYR D 142 -104.74 4.95 65.70
C TYR D 142 -103.67 4.87 66.77
N ALA D 143 -103.70 5.82 67.70
CA ALA D 143 -102.69 5.86 68.76
C ALA D 143 -103.17 5.17 70.03
N ARG D 144 -102.29 4.39 70.65
CA ARG D 144 -102.58 3.77 71.93
C ARG D 144 -102.85 4.84 72.99
N GLY D 145 -104.05 4.82 73.57
CA GLY D 145 -104.43 5.79 74.59
C GLY D 145 -104.87 7.10 73.96
N GLY D 146 -105.15 7.06 72.67
CA GLY D 146 -105.56 8.25 71.95
C GLY D 146 -107.06 8.29 71.73
N LYS D 147 -107.50 9.41 71.17
CA LYS D 147 -108.89 9.61 70.84
C LYS D 147 -109.09 9.42 69.35
N ILE D 148 -110.04 8.54 69.02
CA ILE D 148 -110.36 8.21 67.65
C ILE D 148 -111.73 8.76 67.30
N GLY D 149 -111.92 9.11 66.04
CA GLY D 149 -113.21 9.57 65.55
C GLY D 149 -113.60 8.90 64.25
N LEU D 150 -114.82 8.37 64.21
CA LEU D 150 -115.35 7.74 63.02
C LEU D 150 -116.47 8.60 62.44
N PHE D 151 -116.13 9.51 61.53
CA PHE D 151 -117.13 10.38 60.92
C PHE D 151 -117.84 9.67 59.77
N GLY D 152 -119.06 10.10 59.48
CA GLY D 152 -119.82 9.50 58.39
C GLY D 152 -121.31 9.75 58.47
N GLY D 153 -121.92 9.98 57.31
CA GLY D 153 -123.35 10.23 57.23
C GLY D 153 -124.14 9.03 57.71
N ALA D 154 -125.42 8.99 57.34
CA ALA D 154 -126.25 7.86 57.72
C ALA D 154 -125.99 6.72 56.76
N GLY D 155 -125.82 5.51 57.29
CA GLY D 155 -125.59 4.36 56.46
C GLY D 155 -124.32 4.49 55.64
N VAL D 156 -123.19 4.57 56.34
CA VAL D 156 -121.89 4.59 55.68
C VAL D 156 -121.05 3.42 56.18
N GLY D 157 -121.15 3.12 57.47
CA GLY D 157 -120.45 1.98 58.05
C GLY D 157 -119.74 2.29 59.34
N LYS D 158 -120.28 3.24 60.10
CA LYS D 158 -119.67 3.65 61.36
C LYS D 158 -119.86 2.61 62.45
N THR D 159 -121.02 1.96 62.47
CA THR D 159 -121.29 0.95 63.49
C THR D 159 -120.49 -0.33 63.22
N VAL D 160 -120.67 -0.93 62.05
CA VAL D 160 -119.92 -2.13 61.72
C VAL D 160 -118.43 -1.89 61.96
N PHE D 161 -117.96 -0.69 61.61
CA PHE D 161 -116.56 -0.33 61.77
C PHE D 161 -116.13 -0.47 63.23
N ILE D 162 -116.79 0.27 64.12
CA ILE D 162 -116.46 0.27 65.54
C ILE D 162 -116.67 -1.11 66.17
N GLN D 163 -117.52 -1.92 65.56
CA GLN D 163 -117.81 -3.26 66.06
C GLN D 163 -116.65 -4.20 65.79
N GLU D 164 -116.04 -4.04 64.63
CA GLU D 164 -114.89 -4.85 64.28
C GLU D 164 -113.73 -4.53 65.20
N LEU D 165 -113.54 -3.25 65.49
CA LEU D 165 -112.45 -2.80 66.35
C LEU D 165 -112.53 -3.53 67.69
N ILE D 166 -113.74 -3.83 68.13
CA ILE D 166 -113.96 -4.52 69.39
C ILE D 166 -113.61 -6.00 69.24
N ASN D 167 -113.87 -6.53 68.05
CA ASN D 167 -113.61 -7.94 67.75
C ASN D 167 -112.13 -8.21 67.51
N ASN D 168 -111.32 -7.16 67.56
CA ASN D 168 -109.89 -7.30 67.28
C ASN D 168 -109.00 -6.63 68.33
N ILE D 169 -109.61 -5.83 69.19
CA ILE D 169 -108.84 -5.14 70.21
C ILE D 169 -109.26 -5.64 71.59
N ALA D 170 -110.56 -5.69 71.83
CA ALA D 170 -111.12 -5.97 73.16
C ALA D 170 -110.69 -7.31 73.76
N LYS D 171 -110.84 -8.38 73.01
CA LYS D 171 -110.32 -9.67 73.45
C LYS D 171 -108.81 -9.56 73.61
N ALA D 172 -108.15 -8.93 72.63
CA ALA D 172 -106.70 -8.85 72.58
C ALA D 172 -106.11 -7.82 73.55
N HIS D 173 -106.95 -7.35 74.47
CA HIS D 173 -106.54 -6.31 75.42
C HIS D 173 -106.68 -6.88 76.83
N GLY D 174 -105.57 -7.01 77.54
CA GLY D 174 -105.57 -7.58 78.87
C GLY D 174 -106.15 -6.67 79.94
N GLY D 175 -106.96 -5.70 79.53
CA GLY D 175 -107.54 -4.73 80.46
C GLY D 175 -109.05 -4.68 80.44
N PHE D 176 -109.62 -3.53 80.77
CA PHE D 176 -111.08 -3.38 80.83
C PHE D 176 -111.61 -2.42 79.77
N SER D 177 -112.88 -2.61 79.40
CA SER D 177 -113.50 -1.79 78.36
C SER D 177 -114.86 -1.26 78.80
N VAL D 178 -115.27 -0.14 78.21
CA VAL D 178 -116.59 0.41 78.50
C VAL D 178 -117.30 0.87 77.25
N PHE D 179 -118.45 0.26 76.96
CA PHE D 179 -119.25 0.64 75.82
C PHE D 179 -120.41 1.53 76.26
N THR D 180 -120.61 2.63 75.55
CA THR D 180 -121.69 3.55 75.86
C THR D 180 -122.54 3.90 74.65
N GLY D 181 -123.76 3.38 74.64
CA GLY D 181 -124.67 3.63 73.54
C GLY D 181 -125.50 4.86 73.80
N VAL D 182 -125.23 5.91 73.02
CA VAL D 182 -125.95 7.16 73.18
C VAL D 182 -126.77 7.47 71.94
N GLY D 183 -128.09 7.42 72.11
CA GLY D 183 -129.01 7.76 71.03
C GLY D 183 -128.91 6.84 69.84
N GLU D 184 -129.05 5.54 70.06
CA GLU D 184 -128.98 4.59 68.94
C GLU D 184 -130.11 3.56 68.98
N ARG D 185 -130.10 2.65 68.02
CA ARG D 185 -131.13 1.62 67.91
C ARG D 185 -130.98 0.62 69.05
N THR D 186 -132.01 0.53 69.87
CA THR D 186 -132.00 -0.39 71.00
C THR D 186 -131.63 -1.80 70.56
N ARG D 187 -131.97 -2.14 69.32
CA ARG D 187 -131.71 -3.50 68.81
C ARG D 187 -130.22 -3.78 68.63
N GLU D 188 -129.46 -2.75 68.29
CA GLU D 188 -128.01 -2.86 68.12
C GLU D 188 -127.33 -3.26 69.42
N GLY D 189 -127.84 -2.73 70.52
CA GLY D 189 -127.37 -3.13 71.83
C GLY D 189 -127.60 -4.61 72.00
N ASN D 190 -128.84 -5.05 71.76
CA ASN D 190 -129.20 -6.46 71.93
C ASN D 190 -128.20 -7.38 71.26
N ASP D 191 -127.98 -7.17 69.97
CA ASP D 191 -127.02 -7.99 69.22
C ASP D 191 -125.65 -7.94 69.88
N LEU D 192 -125.26 -6.75 70.34
CA LEU D 192 -123.96 -6.58 70.98
C LEU D 192 -123.86 -7.45 72.22
N TYR D 193 -124.79 -7.28 73.16
CA TYR D 193 -124.82 -8.09 74.36
C TYR D 193 -124.75 -9.59 74.02
N ARG D 194 -125.38 -9.99 72.93
CA ARG D 194 -125.38 -11.39 72.53
C ARG D 194 -124.00 -11.84 72.07
N GLU D 195 -123.31 -10.99 71.34
CA GLU D 195 -121.97 -11.29 70.83
C GLU D 195 -120.90 -11.32 71.93
N MET D 196 -121.05 -10.45 72.94
CA MET D 196 -120.10 -10.41 74.05
C MET D 196 -120.14 -11.68 74.88
N LYS D 197 -121.31 -12.31 74.93
CA LYS D 197 -121.43 -13.60 75.59
C LYS D 197 -120.78 -14.71 74.75
N GLU D 198 -121.06 -14.69 73.45
CA GLU D 198 -120.59 -15.71 72.49
C GLU D 198 -119.09 -15.67 72.20
N THR D 199 -118.53 -14.47 72.25
CA THR D 199 -117.10 -14.27 72.11
C THR D 199 -116.36 -14.65 73.39
N GLY D 200 -117.05 -14.52 74.52
CA GLY D 200 -116.49 -14.88 75.81
C GLY D 200 -116.07 -13.68 76.66
N VAL D 201 -116.20 -12.50 76.08
CA VAL D 201 -115.85 -11.26 76.76
C VAL D 201 -116.66 -11.08 78.04
N ILE D 202 -117.97 -11.35 77.95
CA ILE D 202 -118.84 -11.26 79.11
C ILE D 202 -119.38 -12.64 79.46
N ASN D 203 -119.05 -13.09 80.66
CA ASN D 203 -119.53 -14.37 81.16
C ASN D 203 -120.45 -14.17 82.36
N LEU D 204 -121.69 -14.64 82.24
CA LEU D 204 -122.69 -14.43 83.29
C LEU D 204 -122.33 -15.14 84.60
N GLU D 205 -121.82 -16.36 84.49
CA GLU D 205 -121.41 -17.14 85.64
C GLU D 205 -119.89 -17.17 85.78
N GLY D 206 -119.22 -16.16 85.23
CA GLY D 206 -117.77 -16.07 85.31
C GLY D 206 -117.26 -14.65 85.42
N GLU D 207 -116.08 -14.40 84.86
CA GLU D 207 -115.48 -13.06 84.88
C GLU D 207 -115.78 -12.32 83.59
N SER D 208 -115.75 -10.99 83.65
CA SER D 208 -115.99 -10.16 82.49
C SER D 208 -114.91 -9.08 82.39
N LYS D 209 -114.78 -8.48 81.22
CA LYS D 209 -113.75 -7.46 81.03
C LYS D 209 -114.28 -6.19 80.37
N VAL D 210 -115.58 -5.95 80.52
CA VAL D 210 -116.22 -4.80 79.91
C VAL D 210 -117.57 -4.48 80.56
N ALA D 211 -117.84 -3.19 80.78
CA ALA D 211 -119.14 -2.78 81.29
C ALA D 211 -119.98 -2.15 80.18
N LEU D 212 -121.30 -2.19 80.35
CA LEU D 212 -122.22 -1.69 79.34
C LEU D 212 -123.15 -0.61 79.85
N VAL D 213 -123.09 0.55 79.23
CA VAL D 213 -123.99 1.66 79.56
C VAL D 213 -124.79 2.08 78.34
N PHE D 214 -126.11 1.99 78.46
CA PHE D 214 -127.02 2.36 77.37
C PHE D 214 -128.00 3.45 77.74
N GLY D 215 -128.10 4.45 76.87
CA GLY D 215 -129.10 5.49 76.98
C GLY D 215 -129.61 5.80 75.58
N GLN D 216 -130.33 4.84 75.01
CA GLN D 216 -130.69 4.88 73.60
C GLN D 216 -131.64 6.03 73.23
N MET D 217 -132.05 6.07 71.96
CA MET D 217 -132.87 7.17 71.45
C MET D 217 -134.31 7.13 71.95
N ASN D 218 -134.80 5.93 72.29
CA ASN D 218 -136.11 5.80 72.90
C ASN D 218 -136.27 6.67 74.16
N GLU D 219 -135.14 7.03 74.78
CA GLU D 219 -135.14 7.85 76.00
C GLU D 219 -135.30 9.35 75.71
N PRO D 220 -135.91 10.09 76.65
CA PRO D 220 -136.15 11.53 76.55
C PRO D 220 -134.86 12.34 76.47
N PRO D 221 -134.95 13.59 76.01
CA PRO D 221 -133.79 14.50 75.87
C PRO D 221 -132.92 14.58 77.11
N GLY D 222 -133.50 14.40 78.28
CA GLY D 222 -132.73 14.45 79.50
C GLY D 222 -131.69 13.35 79.55
N ALA D 223 -132.12 12.14 79.17
CA ALA D 223 -131.26 10.97 79.33
C ALA D 223 -130.09 10.97 78.36
N ARG D 224 -130.39 11.15 77.08
CA ARG D 224 -129.37 11.11 76.03
C ARG D 224 -128.30 12.19 76.19
N ALA D 225 -128.58 13.20 77.01
CA ALA D 225 -127.65 14.31 77.20
C ALA D 225 -126.71 14.08 78.38
N ARG D 226 -126.92 12.99 79.10
CA ARG D 226 -126.11 12.69 80.28
C ARG D 226 -125.65 11.24 80.32
N VAL D 227 -126.08 10.43 79.36
CA VAL D 227 -125.71 9.03 79.35
C VAL D 227 -124.23 8.89 79.02
N ALA D 228 -123.72 9.85 78.26
CA ALA D 228 -122.31 9.86 77.87
C ALA D 228 -121.43 10.03 79.10
N LEU D 229 -121.90 10.86 80.02
CA LEU D 229 -121.17 11.10 81.26
C LEU D 229 -121.21 9.87 82.14
N THR D 230 -122.36 9.19 82.16
CA THR D 230 -122.55 8.05 83.04
C THR D 230 -121.52 6.95 82.80
N GLY D 231 -121.17 6.74 81.53
CA GLY D 231 -120.26 5.69 81.15
C GLY D 231 -118.82 6.15 81.23
N LEU D 232 -118.63 7.43 80.96
CA LEU D 232 -117.34 8.07 81.13
C LEU D 232 -116.85 7.91 82.57
N THR D 233 -117.74 8.16 83.52
CA THR D 233 -117.41 8.06 84.95
C THR D 233 -116.89 6.68 85.34
N ILE D 234 -117.47 5.63 84.76
CA ILE D 234 -117.04 4.26 85.06
C ILE D 234 -115.67 3.97 84.47
N ALA D 235 -115.39 4.55 83.30
CA ALA D 235 -114.09 4.40 82.67
C ALA D 235 -113.04 5.11 83.50
N GLU D 236 -113.27 6.40 83.73
CA GLU D 236 -112.34 7.25 84.47
C GLU D 236 -111.88 6.61 85.78
N TYR D 237 -112.76 5.85 86.41
CA TYR D 237 -112.42 5.19 87.66
C TYR D 237 -111.27 4.20 87.45
N PHE D 238 -111.39 3.33 86.46
CA PHE D 238 -110.31 2.40 86.14
C PHE D 238 -109.06 3.15 85.72
N ARG D 239 -109.23 4.40 85.30
CA ARG D 239 -108.10 5.19 84.85
C ARG D 239 -107.22 5.61 86.02
N ASP D 240 -107.83 6.29 86.99
CA ASP D 240 -107.07 6.84 88.10
C ASP D 240 -106.93 5.86 89.28
N GLU D 241 -108.05 5.33 89.75
CA GLU D 241 -108.05 4.45 90.94
C GLU D 241 -107.51 3.07 90.63
N GLU D 242 -107.88 2.54 89.46
CA GLU D 242 -107.39 1.23 89.05
C GLU D 242 -106.05 1.35 88.33
N GLY D 243 -105.79 2.51 87.72
CA GLY D 243 -104.51 2.78 87.08
C GLY D 243 -104.10 1.77 86.03
N GLN D 244 -104.95 1.57 85.04
CA GLN D 244 -104.72 0.54 84.03
C GLN D 244 -105.34 0.94 82.70
N ASP D 245 -104.93 0.27 81.63
CA ASP D 245 -105.46 0.56 80.30
C ASP D 245 -106.97 0.34 80.23
N VAL D 246 -107.66 1.23 79.51
CA VAL D 246 -109.10 1.15 79.37
C VAL D 246 -109.56 1.56 77.97
N LEU D 247 -110.46 0.77 77.40
CA LEU D 247 -111.03 1.07 76.09
C LEU D 247 -112.42 1.63 76.22
N LEU D 248 -112.60 2.88 75.80
CA LEU D 248 -113.90 3.52 75.85
C LEU D 248 -114.51 3.57 74.46
N PHE D 249 -115.68 2.94 74.30
CA PHE D 249 -116.39 3.00 73.02
C PHE D 249 -117.66 3.82 73.17
N ILE D 250 -117.73 4.92 72.45
CA ILE D 250 -118.92 5.74 72.45
C ILE D 250 -119.55 5.73 71.06
N ASP D 251 -120.87 5.49 71.02
CA ASP D 251 -121.64 5.47 69.78
C ASP D 251 -123.10 5.69 70.14
N ASN D 252 -123.66 6.83 69.75
CA ASN D 252 -122.97 7.83 68.98
C ASN D 252 -122.76 9.07 69.84
N ILE D 253 -121.76 9.86 69.49
CA ILE D 253 -121.41 11.03 70.28
C ILE D 253 -122.19 12.26 69.80
N PHE D 254 -122.78 12.17 68.62
CA PHE D 254 -123.53 13.31 68.10
C PHE D 254 -124.83 13.52 68.86
N ARG D 255 -125.40 12.44 69.38
CA ARG D 255 -126.64 12.53 70.14
C ARG D 255 -126.46 13.38 71.40
N PHE D 256 -125.22 13.51 71.87
CA PHE D 256 -124.91 14.30 73.05
C PHE D 256 -125.24 15.77 72.85
N THR D 257 -124.89 16.29 71.69
CA THR D 257 -125.20 17.68 71.37
C THR D 257 -126.66 17.81 71.03
N GLN D 258 -127.11 16.96 70.11
CA GLN D 258 -128.49 17.01 69.64
C GLN D 258 -129.47 17.01 70.80
N ALA D 259 -129.36 16.00 71.65
CA ALA D 259 -130.24 15.88 72.79
C ALA D 259 -130.34 17.20 73.56
N GLY D 260 -129.19 17.81 73.82
CA GLY D 260 -129.16 19.08 74.52
C GLY D 260 -129.78 20.18 73.68
N SER D 261 -129.67 20.04 72.36
CA SER D 261 -130.19 21.03 71.43
C SER D 261 -131.71 21.10 71.48
N GLU D 262 -132.34 20.00 71.84
CA GLU D 262 -133.80 19.94 71.88
C GLU D 262 -134.33 20.77 73.04
N VAL D 263 -133.68 20.65 74.19
CA VAL D 263 -134.18 21.30 75.40
C VAL D 263 -133.68 22.72 75.59
N SER D 264 -132.58 23.08 74.93
CA SER D 264 -132.00 24.40 75.10
C SER D 264 -133.01 25.52 74.89
N ALA D 265 -133.93 25.32 73.95
CA ALA D 265 -134.98 26.30 73.67
C ALA D 265 -135.90 26.49 74.86
N LEU D 266 -136.33 25.37 75.46
CA LEU D 266 -137.23 25.39 76.61
C LEU D 266 -136.56 25.94 77.87
N LEU D 267 -135.22 25.95 77.90
CA LEU D 267 -134.50 26.52 79.05
C LEU D 267 -134.26 28.01 78.86
N GLY D 268 -134.93 28.59 77.87
CA GLY D 268 -134.81 30.02 77.62
C GLY D 268 -133.44 30.44 77.08
N ARG D 269 -132.93 29.65 76.13
CA ARG D 269 -131.67 29.95 75.44
C ARG D 269 -131.93 30.36 74.00
N ILE D 270 -131.51 31.56 73.63
CA ILE D 270 -131.64 32.01 72.24
C ILE D 270 -130.87 31.08 71.29
N PRO D 271 -131.61 30.40 70.40
CA PRO D 271 -130.99 29.44 69.47
C PRO D 271 -129.82 30.04 68.67
N SER D 272 -128.66 29.39 68.72
CA SER D 272 -127.49 29.83 67.95
C SER D 272 -127.68 29.50 66.48
N ALA D 273 -126.65 29.78 65.67
CA ALA D 273 -126.69 29.53 64.24
C ALA D 273 -126.91 28.04 63.93
N VAL D 274 -127.80 27.77 62.97
CA VAL D 274 -128.15 26.41 62.56
C VAL D 274 -129.13 25.75 63.53
N GLY D 275 -129.54 26.49 64.54
CA GLY D 275 -130.49 25.99 65.51
C GLY D 275 -129.85 25.40 66.75
N TYR D 276 -128.59 25.01 66.64
CA TYR D 276 -127.89 24.47 67.79
C TYR D 276 -127.90 25.49 68.94
N GLN D 277 -127.61 25.02 70.15
CA GLN D 277 -127.55 25.91 71.31
C GLN D 277 -126.23 26.66 71.36
N PRO D 278 -126.22 27.84 71.98
CA PRO D 278 -124.97 28.60 72.11
C PRO D 278 -123.90 27.80 72.84
N THR D 279 -124.27 27.11 73.91
CA THR D 279 -123.31 26.30 74.66
C THR D 279 -123.00 24.99 73.95
N LEU D 280 -122.39 25.10 72.77
CA LEU D 280 -122.03 23.91 72.02
C LEU D 280 -120.57 23.58 72.26
N ALA D 281 -119.72 24.60 72.09
CA ALA D 281 -118.28 24.43 72.18
C ALA D 281 -117.85 24.01 73.57
N THR D 282 -118.50 24.59 74.58
CA THR D 282 -118.17 24.29 75.96
C THR D 282 -118.63 22.88 76.33
N ASP D 283 -119.92 22.58 76.12
CA ASP D 283 -120.46 21.25 76.43
C ASP D 283 -119.67 20.15 75.71
N MET D 284 -119.55 20.28 74.39
CA MET D 284 -118.73 19.34 73.62
C MET D 284 -117.32 19.31 74.21
N GLY D 285 -116.91 20.43 74.83
CA GLY D 285 -115.59 20.54 75.42
C GLY D 285 -115.41 19.88 76.78
N LEU D 286 -116.38 20.06 77.67
CA LEU D 286 -116.31 19.49 79.02
C LEU D 286 -116.45 17.97 79.00
N LEU D 287 -116.75 17.41 77.83
CA LEU D 287 -116.91 15.97 77.73
C LEU D 287 -115.62 15.34 77.20
N GLN D 288 -115.08 15.92 76.13
CA GLN D 288 -113.85 15.42 75.50
C GLN D 288 -112.63 15.62 76.39
N GLU D 289 -112.66 16.65 77.21
CA GLU D 289 -111.51 16.97 78.06
C GLU D 289 -111.33 15.86 79.08
N ARG D 290 -112.44 15.37 79.61
CA ARG D 290 -112.42 14.29 80.58
C ARG D 290 -111.96 12.98 79.96
N ILE D 291 -112.32 12.78 78.68
CA ILE D 291 -111.93 11.59 77.95
C ILE D 291 -110.50 11.75 77.44
N THR D 292 -109.54 11.40 78.28
CA THR D 292 -108.13 11.55 77.92
C THR D 292 -107.21 10.74 78.82
N THR D 293 -105.93 10.70 78.46
CA THR D 293 -104.94 9.91 79.18
C THR D 293 -104.14 10.78 80.16
N THR D 294 -104.05 10.30 81.39
CA THR D 294 -103.32 11.01 82.42
C THR D 294 -102.12 10.20 82.82
N LYS D 295 -101.34 10.73 83.75
CA LYS D 295 -100.15 10.04 84.23
C LYS D 295 -100.52 8.92 85.19
N LYS D 296 -101.82 8.76 85.43
CA LYS D 296 -102.28 7.71 86.35
C LYS D 296 -102.67 6.45 85.58
N GLY D 297 -103.20 6.64 84.37
CA GLY D 297 -103.65 5.53 83.55
C GLY D 297 -103.91 5.92 82.11
N SER D 298 -103.93 4.92 81.23
CA SER D 298 -104.12 5.15 79.80
C SER D 298 -105.52 4.76 79.34
N VAL D 299 -106.11 5.62 78.51
CA VAL D 299 -107.46 5.39 78.04
C VAL D 299 -107.56 5.58 76.54
N THR D 300 -107.84 4.49 75.83
CA THR D 300 -108.03 4.55 74.38
C THR D 300 -109.50 4.71 74.06
N SER D 301 -109.85 5.80 73.39
CA SER D 301 -111.24 6.16 73.15
C SER D 301 -111.66 6.08 71.68
N VAL D 302 -112.75 5.38 71.39
CA VAL D 302 -113.24 5.25 70.03
C VAL D 302 -114.65 5.80 69.88
N GLN D 303 -114.74 7.09 69.55
CA GLN D 303 -116.00 7.80 69.43
C GLN D 303 -116.43 7.94 67.99
N ALA D 304 -117.60 7.39 67.65
CA ALA D 304 -118.15 7.51 66.31
C ALA D 304 -118.98 8.77 66.21
N VAL D 305 -118.67 9.63 65.24
CA VAL D 305 -119.41 10.88 65.10
C VAL D 305 -120.39 10.83 63.95
N TYR D 306 -121.58 11.37 64.16
CA TYR D 306 -122.59 11.43 63.10
C TYR D 306 -122.53 12.74 62.33
N VAL D 307 -122.70 12.65 61.01
CA VAL D 307 -122.68 13.82 60.16
C VAL D 307 -124.05 14.06 59.52
N PRO D 308 -124.77 15.07 60.04
CA PRO D 308 -126.10 15.46 59.57
C PRO D 308 -126.08 15.84 58.10
N ALA D 309 -126.90 15.18 57.28
CA ALA D 309 -127.03 15.51 55.86
C ALA D 309 -125.71 15.43 55.08
N ASP D 310 -124.82 14.53 55.50
CA ASP D 310 -123.50 14.36 54.86
C ASP D 310 -122.81 15.69 54.70
N ASP D 311 -122.93 16.53 55.71
CA ASP D 311 -122.37 17.86 55.71
C ASP D 311 -121.36 18.02 56.83
N LEU D 312 -120.09 18.21 56.47
CA LEU D 312 -119.01 18.28 57.44
C LEU D 312 -118.84 19.69 57.99
N THR D 313 -119.44 20.66 57.32
CA THR D 313 -119.41 22.04 57.77
C THR D 313 -120.34 22.26 58.97
N ASP D 314 -121.19 21.26 59.25
CA ASP D 314 -122.09 21.35 60.40
C ASP D 314 -121.28 21.52 61.68
N PRO D 315 -121.69 22.48 62.53
CA PRO D 315 -121.03 22.73 63.81
C PRO D 315 -120.71 21.47 64.60
N ALA D 316 -121.68 20.58 64.78
CA ALA D 316 -121.47 19.40 65.61
C ALA D 316 -120.25 18.59 65.18
N PRO D 317 -120.22 18.17 63.90
CA PRO D 317 -119.03 17.48 63.42
C PRO D 317 -117.81 18.40 63.43
N ALA D 318 -117.96 19.62 62.94
CA ALA D 318 -116.83 20.53 62.79
C ALA D 318 -116.06 20.74 64.09
N THR D 319 -116.79 20.93 65.18
CA THR D 319 -116.18 21.18 66.49
C THR D 319 -115.43 19.96 67.02
N THR D 320 -115.93 18.78 66.68
CA THR D 320 -115.40 17.53 67.24
C THR D 320 -114.01 17.15 66.73
N PHE D 321 -113.63 17.69 65.58
CA PHE D 321 -112.33 17.35 64.98
C PHE D 321 -111.16 17.73 65.90
N ALA D 322 -111.24 18.91 66.50
CA ALA D 322 -110.17 19.42 67.38
C ALA D 322 -109.94 18.58 68.64
N HIS D 323 -110.90 17.74 69.00
CA HIS D 323 -110.77 16.85 70.15
C HIS D 323 -110.36 15.44 69.75
N LEU D 324 -109.80 15.30 68.56
CA LEU D 324 -109.43 13.97 68.08
C LEU D 324 -107.99 13.95 67.58
N ASP D 325 -107.31 12.83 67.83
CA ASP D 325 -105.93 12.68 67.35
C ASP D 325 -105.96 11.97 66.00
N ALA D 326 -106.81 10.96 65.89
CA ALA D 326 -106.96 10.20 64.65
C ALA D 326 -108.39 10.25 64.14
N THR D 327 -108.58 10.75 62.91
CA THR D 327 -109.91 10.88 62.32
C THR D 327 -110.08 9.98 61.10
N THR D 328 -111.11 9.13 61.15
CA THR D 328 -111.42 8.20 60.07
C THR D 328 -112.72 8.58 59.38
N VAL D 329 -112.66 9.52 58.45
CA VAL D 329 -113.86 9.99 57.75
C VAL D 329 -114.41 8.99 56.74
N LEU D 330 -115.71 8.71 56.82
CA LEU D 330 -116.36 7.81 55.87
C LEU D 330 -117.22 8.59 54.87
N SER D 331 -117.01 8.33 53.58
CA SER D 331 -117.75 9.02 52.52
C SER D 331 -118.81 8.11 51.91
N ARG D 332 -120.01 8.64 51.76
CA ARG D 332 -121.08 7.88 51.12
C ARG D 332 -120.76 7.68 49.65
N GLY D 333 -120.05 8.64 49.07
CA GLY D 333 -119.61 8.54 47.69
C GLY D 333 -118.68 7.35 47.47
N ILE D 334 -118.20 6.77 48.56
CA ILE D 334 -117.32 5.62 48.48
C ILE D 334 -118.10 4.34 48.70
N SER D 335 -119.13 4.43 49.53
CA SER D 335 -120.01 3.30 49.79
C SER D 335 -120.65 2.83 48.51
N GLU D 336 -121.26 3.79 47.80
CA GLU D 336 -122.04 3.50 46.61
C GLU D 336 -121.26 2.70 45.56
N LEU D 337 -119.95 2.90 45.52
CA LEU D 337 -119.09 2.18 44.59
C LEU D 337 -118.93 0.70 44.96
N GLY D 338 -119.32 0.35 46.17
CA GLY D 338 -119.23 -1.02 46.63
C GLY D 338 -117.99 -1.27 47.48
N ILE D 339 -117.09 -0.30 47.48
CA ILE D 339 -115.85 -0.43 48.23
C ILE D 339 -116.05 -0.06 49.70
N TYR D 340 -115.76 -1.01 50.59
CA TYR D 340 -115.96 -0.82 52.02
C TYR D 340 -114.79 -1.39 52.84
N PRO D 341 -114.51 -0.81 54.02
CA PRO D 341 -115.24 0.31 54.62
C PRO D 341 -115.01 1.57 53.82
N ALA D 342 -116.08 2.30 53.56
CA ALA D 342 -116.01 3.51 52.76
C ALA D 342 -115.19 4.57 53.46
N VAL D 343 -113.89 4.35 53.53
CA VAL D 343 -112.99 5.30 54.16
C VAL D 343 -112.37 6.23 53.15
N ASP D 344 -112.39 7.52 53.45
CA ASP D 344 -111.79 8.51 52.58
C ASP D 344 -110.32 8.66 52.95
N PRO D 345 -109.42 8.19 52.06
CA PRO D 345 -107.96 8.15 52.24
C PRO D 345 -107.28 9.52 52.30
N LEU D 346 -107.82 10.51 51.60
CA LEU D 346 -107.26 11.86 51.61
C LEU D 346 -107.71 12.68 52.82
N ASP D 347 -109.02 12.70 53.06
CA ASP D 347 -109.64 13.46 54.16
C ASP D 347 -109.32 12.88 55.54
N SER D 348 -109.05 11.57 55.59
CA SER D 348 -108.68 10.93 56.86
C SER D 348 -107.21 11.11 57.17
N LYS D 349 -106.93 11.69 58.33
CA LYS D 349 -105.56 11.92 58.74
C LYS D 349 -105.31 11.27 60.09
N SER D 350 -104.07 11.35 60.56
CA SER D 350 -103.68 10.81 61.86
C SER D 350 -102.52 11.58 62.48
N ARG D 351 -102.33 11.37 63.77
CA ARG D 351 -101.26 12.01 64.53
C ARG D 351 -99.97 11.22 64.35
N LEU D 352 -100.09 9.89 64.35
CA LEU D 352 -98.94 9.02 64.18
C LEU D 352 -98.52 8.94 62.71
N LEU D 353 -99.01 9.84 61.87
CA LEU D 353 -98.63 9.82 60.46
C LEU D 353 -97.30 10.53 60.26
N ASP D 354 -96.31 10.11 61.04
CA ASP D 354 -95.00 10.74 61.01
C ASP D 354 -93.92 9.70 60.79
N ALA D 355 -92.88 10.09 60.06
CA ALA D 355 -91.78 9.18 59.81
C ALA D 355 -91.19 8.70 61.14
N ALA D 356 -91.00 9.62 62.07
CA ALA D 356 -90.36 9.32 63.35
C ALA D 356 -91.25 8.48 64.26
N VAL D 357 -92.37 8.01 63.73
CA VAL D 357 -93.32 7.23 64.51
C VAL D 357 -93.58 5.87 63.87
N VAL D 358 -94.08 5.90 62.64
CA VAL D 358 -94.43 4.69 61.91
C VAL D 358 -93.26 4.11 61.12
N GLY D 359 -92.16 4.87 61.06
CA GLY D 359 -90.99 4.43 60.33
C GLY D 359 -90.87 5.21 59.03
N GLN D 360 -89.66 5.34 58.52
CA GLN D 360 -89.44 6.11 57.30
C GLN D 360 -90.08 5.41 56.11
N GLU D 361 -89.84 4.10 56.02
CA GLU D 361 -90.39 3.29 54.95
C GLU D 361 -91.91 3.38 54.91
N HIS D 362 -92.51 3.33 56.09
CA HIS D 362 -93.97 3.33 56.22
C HIS D 362 -94.56 4.63 55.69
N TYR D 363 -93.90 5.74 56.00
CA TYR D 363 -94.38 7.06 55.60
C TYR D 363 -94.36 7.22 54.09
N ASP D 364 -93.24 6.85 53.48
CA ASP D 364 -93.06 7.00 52.04
C ASP D 364 -94.10 6.21 51.25
N VAL D 365 -94.31 4.97 51.64
CA VAL D 365 -95.30 4.10 50.98
C VAL D 365 -96.69 4.71 51.12
N ALA D 366 -97.00 5.19 52.31
CA ALA D 366 -98.30 5.80 52.58
C ALA D 366 -98.50 7.06 51.75
N SER D 367 -97.45 7.85 51.60
CA SER D 367 -97.52 9.10 50.85
C SER D 367 -97.71 8.85 49.37
N LYS D 368 -97.03 7.82 48.86
CA LYS D 368 -97.16 7.46 47.46
C LYS D 368 -98.60 7.05 47.16
N VAL D 369 -99.18 6.25 48.04
CA VAL D 369 -100.55 5.79 47.83
C VAL D 369 -101.51 6.96 47.76
N GLN D 370 -101.29 7.97 48.60
CA GLN D 370 -102.15 9.14 48.64
C GLN D 370 -102.04 9.98 47.37
N GLU D 371 -100.81 10.14 46.88
CA GLU D 371 -100.58 10.95 45.68
C GLU D 371 -101.19 10.27 44.45
N THR D 372 -101.12 8.94 44.43
CA THR D 372 -101.68 8.15 43.34
C THR D 372 -103.20 8.32 43.25
N LEU D 373 -103.86 8.16 44.40
CA LEU D 373 -105.31 8.28 44.47
C LEU D 373 -105.77 9.69 44.17
N GLN D 374 -104.90 10.68 44.39
CA GLN D 374 -105.26 12.07 44.15
C GLN D 374 -105.25 12.41 42.66
N THR D 375 -104.16 12.07 41.98
CA THR D 375 -104.07 12.31 40.55
C THR D 375 -105.18 11.56 39.82
N TYR D 376 -105.50 10.37 40.31
CA TYR D 376 -106.59 9.58 39.74
C TYR D 376 -107.86 10.40 39.73
N LYS D 377 -108.19 10.94 40.90
CA LYS D 377 -109.39 11.74 41.08
C LYS D 377 -109.28 13.06 40.32
N SER D 378 -108.05 13.45 39.97
CA SER D 378 -107.82 14.69 39.24
C SER D 378 -108.06 14.48 37.76
N LEU D 379 -107.87 13.25 37.30
CA LEU D 379 -108.04 12.95 35.89
C LEU D 379 -109.43 12.44 35.60
N GLN D 380 -110.31 12.49 36.60
CA GLN D 380 -111.65 11.96 36.45
C GLN D 380 -112.42 12.72 35.39
N ASP D 381 -111.99 13.95 35.13
CA ASP D 381 -112.63 14.80 34.13
C ASP D 381 -112.15 14.48 32.72
N ILE D 382 -111.05 13.74 32.62
CA ILE D 382 -110.50 13.37 31.32
C ILE D 382 -110.87 11.94 30.93
N ILE D 383 -110.96 11.07 31.92
CA ILE D 383 -111.30 9.66 31.67
C ILE D 383 -112.74 9.48 31.20
N ALA D 384 -113.56 10.52 31.37
CA ALA D 384 -114.95 10.45 30.90
C ALA D 384 -115.19 11.33 29.68
N ILE D 385 -114.35 12.33 29.49
CA ILE D 385 -114.54 13.29 28.40
C ILE D 385 -113.62 13.02 27.20
N LEU D 386 -112.53 12.28 27.43
CA LEU D 386 -111.58 11.98 26.36
C LEU D 386 -111.18 10.50 26.34
N GLY D 387 -111.62 9.75 27.34
CA GLY D 387 -111.33 8.33 27.43
C GLY D 387 -110.04 8.02 28.16
N MET D 388 -109.61 6.76 28.09
CA MET D 388 -108.39 6.34 28.76
C MET D 388 -107.20 6.42 27.81
N ASP D 389 -107.47 6.40 26.51
CA ASP D 389 -106.43 6.38 25.50
C ASP D 389 -105.66 7.72 25.40
N GLU D 390 -106.35 8.82 25.69
CA GLU D 390 -105.77 10.14 25.62
C GLU D 390 -104.70 10.38 26.69
N LEU D 391 -104.82 9.66 27.80
CA LEU D 391 -103.85 9.79 28.89
C LEU D 391 -102.47 9.36 28.43
N SER D 392 -101.44 9.95 29.04
CA SER D 392 -100.04 9.65 28.70
C SER D 392 -99.63 8.27 29.23
N GLU D 393 -98.44 7.82 28.82
CA GLU D 393 -97.96 6.51 29.23
C GLU D 393 -97.77 6.46 30.74
N GLN D 394 -97.27 7.56 31.30
CA GLN D 394 -97.08 7.66 32.74
C GLN D 394 -98.42 7.72 33.46
N ASP D 395 -99.41 8.33 32.80
CA ASP D 395 -100.73 8.52 33.39
C ASP D 395 -101.53 7.21 33.43
N LYS D 396 -101.67 6.56 32.26
CA LYS D 396 -102.41 5.31 32.17
C LYS D 396 -101.87 4.28 33.17
N LEU D 397 -100.55 4.16 33.23
CA LEU D 397 -99.90 3.24 34.16
C LEU D 397 -100.24 3.57 35.61
N THR D 398 -100.32 4.87 35.93
CA THR D 398 -100.68 5.29 37.27
C THR D 398 -102.15 5.01 37.54
N VAL D 399 -102.99 5.43 36.59
CA VAL D 399 -104.44 5.27 36.71
C VAL D 399 -104.83 3.83 37.02
N GLU D 400 -104.28 2.89 36.26
CA GLU D 400 -104.56 1.47 36.50
C GLU D 400 -104.23 1.10 37.94
N ARG D 401 -103.04 1.50 38.39
CA ARG D 401 -102.59 1.23 39.75
C ARG D 401 -103.53 1.85 40.78
N ALA D 402 -103.91 3.10 40.55
CA ALA D 402 -104.79 3.81 41.47
C ALA D 402 -106.10 3.05 41.65
N ARG D 403 -106.52 2.37 40.58
CA ARG D 403 -107.76 1.61 40.63
C ARG D 403 -107.55 0.32 41.39
N LYS D 404 -106.36 -0.26 41.28
CA LYS D 404 -106.04 -1.49 41.99
C LYS D 404 -105.90 -1.24 43.49
N ILE D 405 -105.16 -0.19 43.85
CA ILE D 405 -104.98 0.16 45.25
C ILE D 405 -106.32 0.50 45.90
N GLN D 406 -107.11 1.30 45.19
CA GLN D 406 -108.43 1.70 45.68
C GLN D 406 -109.24 0.48 46.08
N ARG D 407 -109.32 -0.50 45.19
CA ARG D 407 -110.06 -1.72 45.47
C ARG D 407 -109.32 -2.59 46.48
N PHE D 408 -108.03 -2.33 46.63
CA PHE D 408 -107.20 -3.11 47.53
C PHE D 408 -107.38 -2.65 48.98
N LEU D 409 -107.97 -1.47 49.15
CA LEU D 409 -108.21 -0.90 50.47
C LEU D 409 -109.41 -1.58 51.15
N SER D 410 -110.30 -2.14 50.35
CA SER D 410 -111.47 -2.84 50.87
C SER D 410 -111.04 -4.10 51.63
N GLN D 411 -111.74 -4.38 52.70
CA GLN D 411 -111.41 -5.53 53.53
C GLN D 411 -112.68 -6.10 54.15
N PRO D 412 -112.85 -7.42 54.08
CA PRO D 412 -114.00 -8.12 54.65
C PRO D 412 -113.89 -8.25 56.17
N PHE D 413 -114.88 -7.74 56.89
CA PHE D 413 -114.91 -7.83 58.34
C PHE D 413 -115.72 -9.04 58.81
N ALA D 414 -115.24 -9.70 59.86
CA ALA D 414 -115.93 -10.88 60.39
C ALA D 414 -117.30 -10.49 60.93
N VAL D 415 -117.49 -9.20 61.22
CA VAL D 415 -118.74 -8.69 61.74
C VAL D 415 -119.81 -8.56 60.65
N ALA D 416 -119.41 -8.03 59.50
CA ALA D 416 -120.31 -7.87 58.36
C ALA D 416 -120.19 -9.03 57.39
N GLU D 417 -119.94 -10.21 57.93
CA GLU D 417 -119.80 -11.42 57.12
C GLU D 417 -121.16 -11.82 56.54
N VAL D 418 -122.22 -11.37 57.20
CA VAL D 418 -123.57 -11.69 56.76
C VAL D 418 -123.95 -10.81 55.58
N PHE D 419 -123.19 -9.74 55.37
CA PHE D 419 -123.46 -8.83 54.27
C PHE D 419 -122.66 -9.20 53.03
N THR D 420 -121.39 -9.52 53.23
CA THR D 420 -120.49 -9.79 52.11
C THR D 420 -120.40 -11.28 51.76
N GLY D 421 -120.73 -12.14 52.71
CA GLY D 421 -120.69 -13.58 52.49
C GLY D 421 -119.29 -14.15 52.59
N ILE D 422 -118.30 -13.25 52.56
CA ILE D 422 -116.90 -13.63 52.65
C ILE D 422 -116.41 -13.54 54.09
N PRO D 423 -115.64 -14.56 54.52
CA PRO D 423 -115.12 -14.66 55.89
C PRO D 423 -114.21 -13.49 56.23
N GLY D 424 -114.35 -12.94 57.43
CA GLY D 424 -113.52 -11.83 57.85
C GLY D 424 -112.06 -12.10 57.60
N LYS D 425 -111.28 -11.04 57.43
CA LYS D 425 -109.84 -11.17 57.28
C LYS D 425 -109.13 -10.06 58.04
N LEU D 426 -108.20 -10.45 58.90
CA LEU D 426 -107.42 -9.48 59.68
C LEU D 426 -105.99 -9.41 59.15
N VAL D 427 -105.61 -8.25 58.63
CA VAL D 427 -104.26 -8.07 58.09
C VAL D 427 -103.34 -7.38 59.10
N ARG D 428 -102.10 -7.86 59.17
CA ARG D 428 -101.12 -7.26 60.06
C ARG D 428 -100.44 -6.07 59.41
N LEU D 429 -100.17 -5.04 60.20
CA LEU D 429 -99.56 -3.80 59.70
C LEU D 429 -98.25 -4.08 58.99
N LYS D 430 -97.48 -5.04 59.52
CA LYS D 430 -96.19 -5.38 58.96
C LYS D 430 -96.32 -5.93 57.54
N ASP D 431 -97.38 -6.69 57.30
CA ASP D 431 -97.67 -7.23 55.97
C ASP D 431 -98.39 -6.20 55.09
N THR D 432 -99.23 -5.36 55.70
CA THR D 432 -99.99 -4.36 54.96
C THR D 432 -99.07 -3.47 54.14
N VAL D 433 -98.09 -2.87 54.82
CA VAL D 433 -97.18 -1.94 54.18
C VAL D 433 -96.38 -2.63 53.09
N ALA D 434 -96.06 -3.89 53.33
CA ALA D 434 -95.27 -4.69 52.39
C ALA D 434 -96.08 -5.01 51.13
N SER D 435 -97.40 -4.97 51.26
CA SER D 435 -98.30 -5.29 50.17
C SER D 435 -98.41 -4.15 49.16
N PHE D 436 -98.80 -2.97 49.63
CA PHE D 436 -98.91 -1.80 48.77
C PHE D 436 -97.57 -1.41 48.20
N LYS D 437 -96.53 -1.50 49.02
CA LYS D 437 -95.18 -1.22 48.55
C LYS D 437 -94.96 -2.00 47.26
N ALA D 438 -95.18 -3.30 47.31
CA ALA D 438 -95.02 -4.16 46.15
C ALA D 438 -95.88 -3.71 44.96
N VAL D 439 -97.10 -3.29 45.24
CA VAL D 439 -98.00 -2.85 44.17
C VAL D 439 -97.60 -1.49 43.60
N LEU D 440 -96.95 -0.67 44.42
CA LEU D 440 -96.49 0.65 43.99
C LEU D 440 -95.29 0.56 43.07
N GLU D 441 -94.55 -0.55 43.18
CA GLU D 441 -93.37 -0.79 42.37
C GLU D 441 -93.73 -1.42 41.02
N GLY D 442 -95.00 -1.77 40.85
CA GLY D 442 -95.49 -2.33 39.60
C GLY D 442 -95.23 -3.82 39.45
N LYS D 443 -95.04 -4.50 40.58
CA LYS D 443 -94.71 -5.92 40.57
C LYS D 443 -95.93 -6.78 40.28
N TYR D 444 -97.09 -6.14 40.18
CA TYR D 444 -98.32 -6.88 39.93
C TYR D 444 -99.18 -6.15 38.93
N ASP D 445 -98.56 -5.62 37.88
CA ASP D 445 -99.28 -4.89 36.86
C ASP D 445 -100.01 -5.85 35.93
N ASN D 446 -99.70 -7.14 36.06
CA ASN D 446 -100.36 -8.17 35.27
C ASN D 446 -101.66 -8.65 35.89
N ILE D 447 -101.71 -8.70 37.23
CA ILE D 447 -102.89 -9.17 37.94
C ILE D 447 -104.09 -8.26 37.67
N PRO D 448 -105.27 -8.87 37.51
CA PRO D 448 -106.55 -8.18 37.26
C PRO D 448 -107.10 -7.41 38.47
N GLU D 449 -107.79 -6.30 38.21
CA GLU D 449 -108.30 -5.46 39.29
C GLU D 449 -109.23 -6.22 40.20
N HIS D 450 -110.09 -7.04 39.62
CA HIS D 450 -111.06 -7.77 40.40
C HIS D 450 -110.37 -8.70 41.41
N ALA D 451 -109.05 -8.82 41.30
CA ALA D 451 -108.30 -9.67 42.23
C ALA D 451 -107.90 -8.93 43.50
N PHE D 452 -108.21 -7.64 43.56
CA PHE D 452 -107.86 -6.81 44.72
C PHE D 452 -109.11 -6.40 45.49
N TYR D 453 -110.28 -6.61 44.89
CA TYR D 453 -111.54 -6.26 45.51
C TYR D 453 -111.92 -7.24 46.61
N MET D 454 -112.17 -6.70 47.80
CA MET D 454 -112.51 -7.51 48.96
C MET D 454 -111.47 -8.61 49.19
N VAL D 455 -110.24 -8.19 49.49
CA VAL D 455 -109.16 -9.13 49.76
C VAL D 455 -108.29 -8.69 50.92
N GLY D 456 -107.91 -9.65 51.76
CA GLY D 456 -107.09 -9.36 52.93
C GLY D 456 -105.62 -9.18 52.60
N GLY D 457 -104.82 -10.20 52.91
CA GLY D 457 -103.39 -10.15 52.66
C GLY D 457 -103.04 -10.13 51.18
N ILE D 458 -101.81 -9.74 50.88
CA ILE D 458 -101.34 -9.64 49.49
C ILE D 458 -101.25 -11.01 48.81
N GLU D 459 -100.96 -12.04 49.60
CA GLU D 459 -100.91 -13.41 49.10
C GLU D 459 -102.25 -13.81 48.50
N ASP D 460 -103.33 -13.40 49.16
CA ASP D 460 -104.68 -13.71 48.70
C ASP D 460 -104.96 -13.10 47.33
N VAL D 461 -104.36 -11.96 47.04
CA VAL D 461 -104.54 -11.32 45.74
C VAL D 461 -104.07 -12.26 44.65
N VAL D 462 -102.87 -12.81 44.81
CA VAL D 462 -102.31 -13.70 43.80
C VAL D 462 -103.09 -15.00 43.75
N ALA D 463 -103.51 -15.49 44.92
CA ALA D 463 -104.31 -16.70 45.00
C ALA D 463 -105.64 -16.52 44.29
N LYS D 464 -106.27 -15.38 44.52
CA LYS D 464 -107.55 -15.06 43.92
C LYS D 464 -107.43 -14.92 42.39
N ALA D 465 -106.40 -14.18 41.94
CA ALA D 465 -106.19 -13.96 40.52
C ALA D 465 -105.99 -15.28 39.78
N GLU D 466 -105.45 -16.27 40.48
CA GLU D 466 -105.21 -17.59 39.91
C GLU D 466 -106.47 -18.46 39.94
N LYS D 467 -107.31 -18.28 40.95
CA LYS D 467 -108.55 -19.05 41.08
C LYS D 467 -109.60 -18.62 40.06
N LEU D 468 -109.54 -17.35 39.65
CA LEU D 468 -110.45 -16.83 38.65
C LEU D 468 -110.10 -17.36 37.26
N ALA D 469 -108.80 -17.46 36.99
CA ALA D 469 -108.33 -17.92 35.68
C ALA D 469 -108.82 -19.32 35.31
N ALA D 470 -109.15 -20.11 36.33
CA ALA D 470 -109.63 -21.46 36.11
C ALA D 470 -110.99 -21.48 35.42
N SER E 1 -126.72 78.65 84.53
CA SER E 1 -127.42 79.17 83.36
C SER E 1 -128.24 78.09 82.67
N THR E 2 -127.73 77.58 81.55
CA THR E 2 -128.41 76.53 80.81
C THR E 2 -127.62 75.20 80.82
N PRO E 3 -127.26 74.73 82.03
CA PRO E 3 -126.49 73.49 82.20
C PRO E 3 -127.41 72.27 82.30
N ILE E 4 -127.29 71.36 81.34
CA ILE E 4 -128.10 70.16 81.32
C ILE E 4 -127.31 68.94 81.82
N THR E 5 -127.84 68.27 82.85
CA THR E 5 -127.16 67.12 83.43
C THR E 5 -128.07 65.90 83.52
N GLY E 6 -127.48 64.71 83.45
CA GLY E 6 -128.21 63.46 83.56
C GLY E 6 -127.34 62.41 84.21
N LYS E 7 -127.84 61.19 84.36
CA LYS E 7 -127.09 60.12 85.01
C LYS E 7 -127.22 58.78 84.29
N VAL E 8 -126.08 58.13 84.04
CA VAL E 8 -126.08 56.83 83.38
C VAL E 8 -126.77 55.76 84.20
N THR E 9 -127.74 55.10 83.59
CA THR E 9 -128.53 54.08 84.27
C THR E 9 -128.26 52.70 83.71
N ALA E 10 -127.72 52.64 82.50
CA ALA E 10 -127.46 51.36 81.86
C ALA E 10 -126.25 51.36 80.93
N VAL E 11 -125.44 50.32 81.04
CA VAL E 11 -124.29 50.17 80.17
C VAL E 11 -124.24 48.78 79.57
N ILE E 12 -124.51 48.71 78.28
CA ILE E 12 -124.47 47.46 77.53
C ILE E 12 -123.70 47.66 76.23
N GLY E 13 -122.43 47.29 76.23
CA GLY E 13 -121.60 47.43 75.05
C GLY E 13 -121.43 48.89 74.67
N ALA E 14 -121.53 49.18 73.38
CA ALA E 14 -121.42 50.56 72.91
C ALA E 14 -122.72 51.31 73.13
N ILE E 15 -123.68 50.68 73.80
CA ILE E 15 -124.99 51.27 74.08
C ILE E 15 -125.14 51.68 75.54
N VAL E 16 -125.27 52.98 75.77
CA VAL E 16 -125.38 53.53 77.12
C VAL E 16 -126.71 54.25 77.31
N ASP E 17 -127.32 54.06 78.48
CA ASP E 17 -128.61 54.68 78.79
C ASP E 17 -128.51 55.74 79.89
N VAL E 18 -128.85 56.98 79.54
CA VAL E 18 -128.77 58.09 80.48
C VAL E 18 -130.16 58.57 80.91
N HIS E 19 -130.26 59.05 82.14
CA HIS E 19 -131.51 59.58 82.67
C HIS E 19 -131.39 61.07 82.94
N PHE E 20 -132.23 61.85 82.27
CA PHE E 20 -132.26 63.28 82.48
C PHE E 20 -133.49 63.68 83.30
N GLU E 21 -133.60 64.98 83.56
CA GLU E 21 -134.73 65.53 84.33
C GLU E 21 -136.01 65.56 83.50
N GLN E 22 -137.15 65.47 84.17
CA GLN E 22 -138.44 65.49 83.49
C GLN E 22 -138.53 66.68 82.53
N SER E 23 -139.24 66.49 81.42
CA SER E 23 -139.43 67.53 80.42
C SER E 23 -138.16 68.36 80.17
N GLU E 24 -137.04 67.67 80.06
CA GLU E 24 -135.76 68.33 79.79
C GLU E 24 -134.85 67.44 78.96
N LEU E 25 -135.38 66.28 78.58
CA LEU E 25 -134.66 65.33 77.76
C LEU E 25 -134.20 65.99 76.47
N PRO E 26 -132.92 65.82 76.12
CA PRO E 26 -132.41 66.35 74.85
C PRO E 26 -133.09 65.62 73.71
N ALA E 27 -133.30 66.30 72.59
CA ALA E 27 -133.92 65.67 71.42
C ALA E 27 -133.06 64.49 70.93
N ILE E 28 -133.27 64.08 69.68
CA ILE E 28 -132.55 62.93 69.14
C ILE E 28 -131.41 63.33 68.20
N LEU E 29 -130.36 62.51 68.18
CA LEU E 29 -129.20 62.76 67.34
C LEU E 29 -128.30 63.85 67.93
N ASN E 30 -128.53 64.20 69.19
CA ASN E 30 -127.73 65.22 69.86
C ASN E 30 -126.38 64.67 70.33
N ALA E 31 -125.64 65.52 71.04
CA ALA E 31 -124.31 65.14 71.49
C ALA E 31 -124.17 65.25 73.01
N LEU E 32 -123.96 64.10 73.65
CA LEU E 32 -123.76 64.05 75.10
C LEU E 32 -122.29 63.82 75.43
N GLU E 33 -121.84 64.38 76.54
CA GLU E 33 -120.43 64.26 76.94
C GLU E 33 -120.27 63.63 78.33
N ILE E 34 -119.20 62.87 78.51
CA ILE E 34 -118.87 62.26 79.79
C ILE E 34 -117.38 62.43 80.08
N LYS E 35 -117.05 62.70 81.34
CA LYS E 35 -115.65 62.90 81.71
C LYS E 35 -114.91 61.56 81.75
N THR E 36 -113.78 61.49 81.06
CA THR E 36 -112.92 60.31 81.07
C THR E 36 -111.47 60.68 81.32
N PRO E 37 -110.74 59.81 82.04
CA PRO E 37 -109.31 60.04 82.34
C PRO E 37 -108.50 60.42 81.10
N GLN E 38 -108.77 59.80 79.96
CA GLN E 38 -108.06 60.12 78.72
C GLN E 38 -108.42 61.52 78.25
N GLY E 39 -109.71 61.72 77.95
CA GLY E 39 -110.20 63.00 77.50
C GLY E 39 -111.68 63.14 77.83
N LYS E 40 -112.52 62.70 76.90
CA LYS E 40 -113.96 62.73 77.11
C LYS E 40 -114.65 61.70 76.22
N LEU E 41 -115.84 61.27 76.65
CA LEU E 41 -116.62 60.29 75.92
C LEU E 41 -117.80 61.00 75.26
N VAL E 42 -118.15 60.59 74.04
CA VAL E 42 -119.25 61.23 73.32
C VAL E 42 -120.41 60.26 73.07
N LEU E 43 -121.62 60.70 73.34
CA LEU E 43 -122.80 59.85 73.17
C LEU E 43 -123.85 60.51 72.27
N GLU E 44 -124.16 59.86 71.15
CA GLU E 44 -125.16 60.39 70.23
C GLU E 44 -126.54 59.85 70.58
N VAL E 45 -127.48 60.75 70.83
CA VAL E 45 -128.85 60.35 71.13
C VAL E 45 -129.41 59.48 70.01
N ALA E 46 -130.26 58.54 70.38
CA ALA E 46 -130.88 57.66 69.39
C ALA E 46 -132.39 57.49 69.64
N GLN E 47 -132.76 57.13 70.86
CA GLN E 47 -134.16 56.90 71.16
C GLN E 47 -134.49 57.39 72.55
N HIS E 48 -135.77 57.70 72.78
CA HIS E 48 -136.25 58.09 74.10
C HIS E 48 -137.02 56.93 74.73
N LEU E 49 -136.31 56.08 75.47
CA LEU E 49 -136.90 54.88 76.03
C LEU E 49 -138.19 55.17 76.81
N GLY E 50 -138.28 56.38 77.36
CA GLY E 50 -139.43 56.78 78.14
C GLY E 50 -139.04 56.99 79.59
N GLU E 51 -139.95 57.54 80.38
CA GLU E 51 -139.67 57.75 81.79
C GLU E 51 -138.41 58.58 81.94
N ASN E 52 -138.30 59.63 81.15
CA ASN E 52 -137.17 60.54 81.24
C ASN E 52 -135.84 59.82 81.02
N THR E 53 -135.85 58.79 80.18
CA THR E 53 -134.65 58.03 79.88
C THR E 53 -134.41 57.88 78.38
N VAL E 54 -133.19 58.17 77.95
CA VAL E 54 -132.86 58.11 76.53
C VAL E 54 -131.72 57.12 76.27
N ARG E 55 -131.73 56.51 75.09
CA ARG E 55 -130.67 55.59 74.71
C ARG E 55 -129.79 56.19 73.63
N THR E 56 -128.48 56.17 73.87
CA THR E 56 -127.52 56.74 72.93
C THR E 56 -126.46 55.72 72.54
N ILE E 57 -125.72 56.02 71.48
CA ILE E 57 -124.65 55.16 71.01
C ILE E 57 -123.31 55.78 71.35
N ALA E 58 -122.38 54.94 71.82
CA ALA E 58 -121.06 55.41 72.22
C ALA E 58 -120.22 55.72 71.00
N MET E 59 -119.43 56.79 71.08
CA MET E 59 -118.53 57.14 70.00
C MET E 59 -117.10 56.78 70.37
N ASP E 60 -116.96 56.09 71.49
CA ASP E 60 -115.65 55.62 71.95
C ASP E 60 -115.86 54.47 72.94
N GLY E 61 -114.79 54.02 73.57
CA GLY E 61 -114.86 52.92 74.51
C GLY E 61 -115.85 53.19 75.63
N THR E 62 -116.46 52.13 76.14
CA THR E 62 -117.44 52.25 77.21
C THR E 62 -116.97 51.56 78.48
N GLU E 63 -115.86 50.85 78.39
CA GLU E 63 -115.31 50.19 79.57
C GLU E 63 -114.91 51.22 80.60
N GLY E 64 -115.46 51.10 81.80
CA GLY E 64 -115.13 52.03 82.88
C GLY E 64 -116.31 52.79 83.41
N LEU E 65 -117.30 53.02 82.56
CA LEU E 65 -118.50 53.74 82.98
C LEU E 65 -119.12 53.07 84.20
N VAL E 66 -119.75 53.89 85.04
CA VAL E 66 -120.40 53.39 86.26
C VAL E 66 -121.77 54.03 86.43
N ARG E 67 -122.76 53.23 86.80
CA ARG E 67 -124.13 53.74 86.92
C ARG E 67 -124.24 54.87 87.93
N GLY E 68 -124.59 56.05 87.44
CA GLY E 68 -124.71 57.21 88.29
C GLY E 68 -123.95 58.42 87.76
N GLU E 69 -122.85 58.16 87.06
CA GLU E 69 -121.96 59.24 86.59
C GLU E 69 -122.76 60.33 85.86
N LYS E 70 -122.32 61.57 86.03
CA LYS E 70 -122.99 62.70 85.39
C LYS E 70 -122.79 62.64 83.89
N VAL E 71 -123.73 63.21 83.15
CA VAL E 71 -123.66 63.25 81.69
C VAL E 71 -124.09 64.60 81.16
N LEU E 72 -123.15 65.32 80.55
CA LEU E 72 -123.42 66.66 80.05
C LEU E 72 -124.11 66.65 78.69
N ASP E 73 -124.96 67.64 78.43
CA ASP E 73 -125.60 67.76 77.13
C ASP E 73 -125.15 69.03 76.41
N THR E 74 -124.49 68.86 75.26
CA THR E 74 -124.10 69.99 74.44
C THR E 74 -125.33 70.74 73.95
N GLY E 75 -126.40 69.99 73.72
CA GLY E 75 -127.67 70.56 73.27
C GLY E 75 -127.87 70.41 71.79
N GLY E 76 -126.78 70.22 71.05
CA GLY E 76 -126.82 70.08 69.61
C GLY E 76 -126.06 68.89 69.08
N PRO E 77 -126.46 68.38 67.90
CA PRO E 77 -125.79 67.23 67.29
C PRO E 77 -124.28 67.44 67.20
N ILE E 78 -123.52 66.35 67.03
CA ILE E 78 -122.07 66.43 66.90
C ILE E 78 -121.66 67.54 65.94
N SER E 79 -120.65 68.32 66.33
CA SER E 79 -120.19 69.45 65.51
C SER E 79 -118.77 69.27 65.01
N VAL E 80 -118.52 69.74 63.78
CA VAL E 80 -117.20 69.68 63.20
C VAL E 80 -116.79 71.05 62.67
N PRO E 81 -115.57 71.48 62.98
CA PRO E 81 -115.11 72.79 62.52
C PRO E 81 -115.12 72.87 61.00
N VAL E 82 -115.42 74.03 60.45
CA VAL E 82 -115.40 74.22 58.99
C VAL E 82 -114.55 75.42 58.61
N GLY E 83 -113.88 75.34 57.47
CA GLY E 83 -113.06 76.45 57.04
C GLY E 83 -111.73 75.99 56.48
N ARG E 84 -110.93 76.94 56.00
CA ARG E 84 -109.67 76.63 55.35
C ARG E 84 -108.64 76.09 56.36
N GLU E 85 -109.01 76.13 57.65
CA GLU E 85 -108.13 75.70 58.72
C GLU E 85 -108.10 74.18 58.90
N THR E 86 -109.06 73.50 58.30
CA THR E 86 -109.12 72.05 58.35
C THR E 86 -108.22 71.42 57.29
N LEU E 87 -107.92 72.17 56.22
CA LEU E 87 -107.02 71.68 55.19
C LEU E 87 -105.67 71.32 55.80
N GLY E 88 -105.18 70.13 55.49
CA GLY E 88 -103.89 69.67 55.99
C GLY E 88 -103.93 69.29 57.46
N ARG E 89 -105.11 68.88 57.92
CA ARG E 89 -105.31 68.52 59.31
C ARG E 89 -106.09 67.23 59.43
N ILE E 90 -105.62 66.33 60.30
CA ILE E 90 -106.30 65.06 60.54
C ILE E 90 -107.42 65.25 61.57
N ILE E 91 -108.66 65.02 61.14
CA ILE E 91 -109.81 65.20 62.02
C ILE E 91 -110.58 63.91 62.21
N ASN E 92 -110.94 63.61 63.45
CA ASN E 92 -111.72 62.41 63.75
C ASN E 92 -113.22 62.69 63.72
N VAL E 93 -114.01 61.65 63.95
CA VAL E 93 -115.46 61.74 63.82
C VAL E 93 -116.07 62.74 64.80
N ILE E 94 -115.42 62.90 65.95
CA ILE E 94 -115.84 63.85 66.98
C ILE E 94 -115.62 65.30 66.56
N GLY E 95 -114.63 65.52 65.69
CA GLY E 95 -114.35 66.86 65.20
C GLY E 95 -113.10 67.46 65.82
N GLU E 96 -112.43 66.67 66.66
CA GLU E 96 -111.21 67.11 67.31
C GLU E 96 -109.98 66.67 66.54
N PRO E 97 -108.93 67.50 66.56
CA PRO E 97 -107.67 67.14 65.88
C PRO E 97 -106.93 66.03 66.60
N ILE E 98 -106.31 65.14 65.83
CA ILE E 98 -105.51 64.05 66.38
C ILE E 98 -104.13 64.04 65.74
N ASP E 99 -103.86 65.02 64.88
CA ASP E 99 -102.58 65.13 64.21
C ASP E 99 -101.51 65.75 65.12
N GLU E 100 -101.92 66.06 66.36
CA GLU E 100 -101.04 66.66 67.34
C GLU E 100 -100.52 68.01 66.85
N ARG E 101 -101.32 68.69 66.03
CA ARG E 101 -100.95 70.02 65.54
C ARG E 101 -101.75 71.09 66.27
N GLY E 102 -102.13 70.81 67.52
CA GLY E 102 -102.90 71.75 68.31
C GLY E 102 -104.34 71.84 67.84
N PRO E 103 -105.12 72.74 68.45
CA PRO E 103 -106.55 72.94 68.16
C PRO E 103 -106.77 73.63 66.82
N ILE E 104 -107.78 73.21 66.08
CA ILE E 104 -108.10 73.81 64.80
C ILE E 104 -108.83 75.14 64.96
N LYS E 105 -108.09 76.23 64.93
CA LYS E 105 -108.65 77.56 65.11
C LYS E 105 -109.60 77.92 63.98
N SER E 106 -110.86 77.51 64.11
CA SER E 106 -111.90 77.82 63.13
C SER E 106 -112.86 78.89 63.69
N LYS E 107 -113.64 79.50 62.81
CA LYS E 107 -114.56 80.56 63.22
C LYS E 107 -115.96 80.01 63.45
N LEU E 108 -116.30 78.97 62.72
CA LEU E 108 -117.65 78.40 62.77
C LEU E 108 -117.61 76.88 63.00
N ARG E 109 -118.74 76.33 63.44
CA ARG E 109 -118.86 74.88 63.68
C ARG E 109 -120.22 74.33 63.28
N LYS E 110 -120.26 73.66 62.13
CA LYS E 110 -121.50 73.08 61.60
C LYS E 110 -121.71 71.65 62.12
N PRO E 111 -122.99 71.24 62.29
CA PRO E 111 -123.36 69.89 62.75
C PRO E 111 -123.24 68.85 61.64
N ILE E 112 -123.10 67.58 62.02
CA ILE E 112 -122.97 66.51 61.03
C ILE E 112 -124.29 66.16 60.37
N HIS E 113 -125.39 66.39 61.09
CA HIS E 113 -126.73 66.09 60.56
C HIS E 113 -127.35 67.30 59.89
N ALA E 114 -127.46 67.24 58.56
CA ALA E 114 -128.06 68.32 57.79
C ALA E 114 -129.13 67.77 56.85
N ASP E 115 -130.17 68.54 56.65
CA ASP E 115 -131.23 68.16 55.73
C ASP E 115 -130.76 68.32 54.30
N PRO E 116 -131.16 67.39 53.43
CA PRO E 116 -130.77 67.42 52.02
C PRO E 116 -131.36 68.65 51.36
N PRO E 117 -130.57 69.34 50.54
CA PRO E 117 -131.02 70.52 49.79
C PRO E 117 -132.39 70.32 49.15
N SER E 118 -133.14 71.41 48.99
CA SER E 118 -134.50 71.37 48.47
C SER E 118 -134.57 71.08 46.96
N PHE E 119 -135.76 70.68 46.51
CA PHE E 119 -136.03 70.35 45.12
C PHE E 119 -135.79 71.54 44.20
N ALA E 120 -136.24 72.71 44.64
CA ALA E 120 -136.11 73.94 43.88
C ALA E 120 -134.65 74.40 43.73
N GLU E 121 -133.81 74.04 44.70
CA GLU E 121 -132.39 74.40 44.66
C GLU E 121 -131.60 73.49 43.72
N GLN E 122 -132.20 72.38 43.34
CA GLN E 122 -131.55 71.42 42.45
C GLN E 122 -131.39 71.99 41.04
N SER E 123 -130.39 71.50 40.31
CA SER E 123 -130.17 71.92 38.94
C SER E 123 -131.12 71.19 37.99
N THR E 124 -131.28 71.72 36.78
CA THR E 124 -132.18 71.13 35.80
C THR E 124 -131.41 70.54 34.60
N SER E 125 -130.11 70.39 34.77
CA SER E 125 -129.23 69.96 33.70
C SER E 125 -127.91 69.44 34.29
N ALA E 126 -127.47 68.26 33.83
CA ALA E 126 -126.19 67.71 34.27
C ALA E 126 -125.08 68.15 33.34
N GLU E 127 -123.99 68.63 33.92
CA GLU E 127 -122.84 69.04 33.13
C GLU E 127 -121.63 68.19 33.48
N ILE E 128 -120.70 68.11 32.52
CA ILE E 128 -119.49 67.34 32.70
C ILE E 128 -118.49 68.14 33.54
N LEU E 129 -117.72 67.45 34.36
CA LEU E 129 -116.71 68.10 35.17
C LEU E 129 -115.29 67.71 34.70
N GLU E 130 -114.63 68.66 34.04
CA GLU E 130 -113.28 68.44 33.52
C GLU E 130 -112.34 68.05 34.66
N THR E 131 -111.78 66.84 34.59
CA THR E 131 -110.89 66.36 35.63
C THR E 131 -109.44 66.70 35.32
N GLY E 132 -108.94 66.19 34.21
CA GLY E 132 -107.56 66.43 33.82
C GLY E 132 -106.93 65.19 33.22
N ILE E 133 -107.74 64.17 32.99
CA ILE E 133 -107.25 62.90 32.45
C ILE E 133 -108.00 62.53 31.18
N LYS E 134 -107.25 62.24 30.12
CA LYS E 134 -107.85 61.85 28.86
C LYS E 134 -108.71 60.59 29.04
N VAL E 135 -108.17 59.60 29.75
CA VAL E 135 -108.87 58.35 29.98
C VAL E 135 -110.23 58.59 30.63
N VAL E 136 -110.36 59.76 31.25
CA VAL E 136 -111.59 60.14 31.95
C VAL E 136 -112.52 60.93 31.04
N ASP E 137 -112.13 62.17 30.74
CA ASP E 137 -112.97 63.08 29.95
C ASP E 137 -113.48 62.45 28.65
N LEU E 138 -112.70 61.54 28.07
CA LEU E 138 -113.05 60.91 26.79
C LEU E 138 -113.90 59.64 26.95
N LEU E 139 -113.59 58.84 27.96
CA LEU E 139 -114.29 57.57 28.19
C LEU E 139 -115.37 57.68 29.27
N ALA E 140 -114.96 57.65 30.53
CA ALA E 140 -115.90 57.73 31.64
C ALA E 140 -115.74 59.05 32.40
N PRO E 141 -116.41 60.11 31.90
CA PRO E 141 -116.30 61.46 32.48
C PRO E 141 -116.97 61.58 33.84
N TYR E 142 -116.45 62.48 34.69
CA TYR E 142 -117.03 62.70 36.00
C TYR E 142 -118.19 63.69 35.94
N ALA E 143 -119.32 63.30 36.54
CA ALA E 143 -120.48 64.17 36.59
C ALA E 143 -120.33 65.20 37.71
N ARG E 144 -120.53 66.48 37.37
CA ARG E 144 -120.44 67.56 38.35
C ARG E 144 -121.50 67.41 39.43
N GLY E 145 -121.08 67.02 40.63
CA GLY E 145 -122.00 66.81 41.72
C GLY E 145 -122.63 65.42 41.67
N GLY E 146 -121.94 64.49 41.02
CA GLY E 146 -122.42 63.13 40.91
C GLY E 146 -121.60 62.18 41.77
N LYS E 147 -121.92 60.89 41.69
CA LYS E 147 -121.21 59.87 42.46
C LYS E 147 -120.40 58.98 41.53
N ILE E 148 -119.11 58.85 41.80
CA ILE E 148 -118.25 58.01 40.97
C ILE E 148 -117.77 56.81 41.77
N GLY E 149 -117.77 55.64 41.14
CA GLY E 149 -117.33 54.42 41.78
C GLY E 149 -115.92 54.03 41.37
N LEU E 150 -115.05 53.84 42.35
CA LEU E 150 -113.66 53.47 42.10
C LEU E 150 -113.39 52.05 42.58
N PHE E 151 -113.08 51.17 41.65
CA PHE E 151 -112.82 49.77 41.96
C PHE E 151 -111.34 49.46 41.92
N GLY E 152 -110.94 48.38 42.59
CA GLY E 152 -109.55 47.96 42.60
C GLY E 152 -108.83 48.41 43.86
N GLY E 153 -108.16 47.48 44.53
CA GLY E 153 -107.45 47.77 45.75
C GLY E 153 -106.04 48.27 45.50
N ALA E 154 -105.17 48.12 46.50
CA ALA E 154 -103.78 48.52 46.36
C ALA E 154 -103.10 47.71 45.26
N GLY E 155 -102.06 48.27 44.66
CA GLY E 155 -101.32 47.60 43.61
C GLY E 155 -101.55 48.27 42.28
N VAL E 156 -102.64 49.02 42.20
CA VAL E 156 -103.01 49.74 40.99
C VAL E 156 -102.78 51.23 41.16
N GLY E 157 -102.14 51.61 42.26
CA GLY E 157 -101.85 53.01 42.53
C GLY E 157 -103.11 53.79 42.81
N LYS E 158 -104.04 53.17 43.55
CA LYS E 158 -105.28 53.85 43.86
C LYS E 158 -104.98 55.21 44.46
N THR E 159 -104.11 55.23 45.47
CA THR E 159 -103.79 56.47 46.17
C THR E 159 -103.27 57.52 45.20
N VAL E 160 -102.49 57.08 44.23
CA VAL E 160 -101.89 57.98 43.26
C VAL E 160 -102.97 58.62 42.38
N PHE E 161 -104.02 57.86 42.10
CA PHE E 161 -105.12 58.34 41.26
C PHE E 161 -106.02 59.34 42.02
N ILE E 162 -105.94 59.31 43.35
CA ILE E 162 -106.78 60.17 44.18
C ILE E 162 -106.17 61.55 44.34
N GLN E 163 -104.93 61.57 44.83
CA GLN E 163 -104.20 62.82 44.97
C GLN E 163 -104.17 63.59 43.65
N GLU E 164 -104.24 62.87 42.53
CA GLU E 164 -104.24 63.52 41.21
C GLU E 164 -105.47 64.41 41.06
N LEU E 165 -106.66 63.82 41.17
CA LEU E 165 -107.90 64.56 41.03
C LEU E 165 -107.96 65.78 41.94
N ILE E 166 -107.26 65.70 43.06
CA ILE E 166 -107.23 66.79 44.03
C ILE E 166 -106.38 67.95 43.52
N ASN E 167 -105.28 67.64 42.86
CA ASN E 167 -104.41 68.65 42.28
C ASN E 167 -105.05 69.34 41.08
N ASN E 168 -105.43 68.51 40.10
CA ASN E 168 -106.03 69.01 38.86
C ASN E 168 -107.16 70.00 39.10
N ILE E 169 -108.18 69.54 39.83
CA ILE E 169 -109.33 70.38 40.13
C ILE E 169 -108.93 71.64 40.88
N ALA E 170 -107.86 71.53 41.67
CA ALA E 170 -107.36 72.66 42.44
C ALA E 170 -106.72 73.72 41.52
N LYS E 171 -106.38 73.33 40.31
CA LYS E 171 -105.73 74.23 39.37
C LYS E 171 -106.66 74.68 38.26
N ALA E 172 -107.63 73.82 37.93
CA ALA E 172 -108.59 74.12 36.88
C ALA E 172 -109.84 74.79 37.42
N HIS E 173 -110.38 74.25 38.50
CA HIS E 173 -111.58 74.80 39.13
C HIS E 173 -111.25 75.50 40.44
N GLY E 174 -110.06 75.25 40.96
CA GLY E 174 -109.63 75.84 42.22
C GLY E 174 -110.50 75.44 43.40
N GLY E 175 -111.18 74.30 43.29
CA GLY E 175 -112.00 73.81 44.39
C GLY E 175 -111.22 72.85 45.27
N PHE E 176 -111.39 72.99 46.58
CA PHE E 176 -110.70 72.11 47.53
C PHE E 176 -111.27 70.70 47.51
N SER E 177 -110.65 69.80 48.27
CA SER E 177 -111.09 68.41 48.34
C SER E 177 -111.19 67.93 49.78
N VAL E 178 -112.05 66.94 50.01
CA VAL E 178 -112.21 66.37 51.34
C VAL E 178 -112.16 64.85 51.34
N PHE E 179 -111.16 64.30 52.01
CA PHE E 179 -110.99 62.86 52.10
C PHE E 179 -111.61 62.33 53.38
N THR E 180 -112.45 61.32 53.25
CA THR E 180 -113.11 60.74 54.40
C THR E 180 -112.86 59.24 54.43
N GLY E 181 -112.37 58.75 55.56
CA GLY E 181 -112.06 57.35 55.73
C GLY E 181 -112.93 56.67 56.78
N VAL E 182 -113.77 55.76 56.32
CA VAL E 182 -114.65 55.01 57.20
C VAL E 182 -114.05 53.64 57.48
N GLY E 183 -113.68 53.38 58.73
CA GLY E 183 -113.03 52.13 59.08
C GLY E 183 -111.71 52.02 58.34
N GLU E 184 -111.02 53.15 58.22
CA GLU E 184 -109.73 53.19 57.56
C GLU E 184 -108.70 52.44 58.40
N ARG E 185 -107.87 51.64 57.74
CA ARG E 185 -106.82 50.91 58.44
C ARG E 185 -105.78 51.87 58.99
N THR E 186 -105.58 51.84 60.31
CA THR E 186 -104.64 52.76 60.95
C THR E 186 -103.28 52.72 60.26
N ARG E 187 -102.93 51.55 59.72
CA ARG E 187 -101.68 51.40 58.99
C ARG E 187 -101.71 52.29 57.75
N GLU E 188 -102.71 52.08 56.91
CA GLU E 188 -102.82 52.82 55.65
C GLU E 188 -103.00 54.32 55.87
N GLY E 189 -103.77 54.67 56.89
CA GLY E 189 -104.00 56.06 57.23
C GLY E 189 -102.69 56.80 57.46
N ASN E 190 -101.74 56.12 58.09
CA ASN E 190 -100.43 56.71 58.33
C ASN E 190 -99.68 56.95 57.03
N ASP E 191 -99.53 55.90 56.24
CA ASP E 191 -98.80 55.96 54.97
C ASP E 191 -99.45 56.92 53.97
N LEU E 192 -100.76 57.11 54.10
CA LEU E 192 -101.48 58.03 53.24
C LEU E 192 -101.08 59.46 53.58
N TYR E 193 -101.34 59.85 54.82
CA TYR E 193 -100.96 61.18 55.32
C TYR E 193 -99.55 61.53 54.90
N ARG E 194 -98.61 60.61 55.13
CA ARG E 194 -97.20 60.85 54.84
C ARG E 194 -96.93 61.01 53.35
N GLU E 195 -97.55 60.16 52.55
CA GLU E 195 -97.42 60.22 51.10
C GLU E 195 -97.93 61.56 50.57
N MET E 196 -99.04 62.02 51.14
CA MET E 196 -99.66 63.27 50.71
C MET E 196 -98.76 64.48 50.95
N LYS E 197 -97.84 64.36 51.91
CA LYS E 197 -96.90 65.43 52.19
C LYS E 197 -95.74 65.36 51.22
N GLU E 198 -95.54 64.19 50.63
CA GLU E 198 -94.44 63.97 49.71
C GLU E 198 -94.82 64.36 48.29
N THR E 199 -96.10 64.25 47.98
CA THR E 199 -96.60 64.60 46.65
C THR E 199 -96.79 66.11 46.53
N GLY E 200 -97.28 66.75 47.59
CA GLY E 200 -97.46 68.18 47.59
C GLY E 200 -98.91 68.61 47.69
N VAL E 201 -99.81 67.63 47.74
CA VAL E 201 -101.23 67.91 47.93
C VAL E 201 -101.47 68.49 49.31
N ILE E 202 -100.53 68.24 50.22
CA ILE E 202 -100.60 68.75 51.58
C ILE E 202 -99.27 69.33 52.04
N ASN E 203 -99.24 70.65 52.23
CA ASN E 203 -98.04 71.32 52.72
C ASN E 203 -98.29 71.96 54.08
N LEU E 204 -97.41 71.66 55.03
CA LEU E 204 -97.52 72.18 56.38
C LEU E 204 -97.21 73.68 56.43
N GLU E 205 -96.06 74.05 55.87
CA GLU E 205 -95.60 75.43 55.86
C GLU E 205 -96.42 76.31 54.92
N GLY E 206 -96.76 75.77 53.75
CA GLY E 206 -97.51 76.50 52.75
C GLY E 206 -99.01 76.38 52.93
N GLU E 207 -99.70 76.01 51.84
CA GLU E 207 -101.17 75.92 51.86
C GLU E 207 -101.65 74.55 51.40
N SER E 208 -102.42 73.88 52.25
CA SER E 208 -102.97 72.57 51.91
C SER E 208 -104.20 72.72 51.03
N LYS E 209 -104.56 71.66 50.32
CA LYS E 209 -105.68 71.72 49.40
C LYS E 209 -106.79 70.73 49.78
N VAL E 210 -106.47 69.77 50.64
CA VAL E 210 -107.43 68.73 51.01
C VAL E 210 -107.44 68.44 52.52
N ALA E 211 -108.65 68.28 53.05
CA ALA E 211 -108.83 68.02 54.48
C ALA E 211 -109.03 66.53 54.75
N LEU E 212 -108.38 66.03 55.80
CA LEU E 212 -108.42 64.62 56.12
C LEU E 212 -109.27 64.33 57.35
N VAL E 213 -110.15 63.34 57.23
CA VAL E 213 -111.00 62.95 58.34
C VAL E 213 -111.12 61.43 58.43
N PHE E 214 -110.21 60.81 59.17
CA PHE E 214 -110.17 59.34 59.23
C PHE E 214 -111.00 58.79 60.39
N GLY E 215 -111.51 57.58 60.19
CA GLY E 215 -112.29 56.91 61.21
C GLY E 215 -111.78 55.49 61.41
N GLN E 216 -110.79 55.37 62.29
CA GLN E 216 -110.13 54.09 62.55
C GLN E 216 -111.10 52.91 62.67
N MET E 217 -110.60 51.69 62.39
CA MET E 217 -111.43 50.49 62.47
C MET E 217 -111.64 50.06 63.91
N ASN E 218 -110.70 50.43 64.77
CA ASN E 218 -110.77 50.08 66.18
C ASN E 218 -111.77 50.95 66.92
N GLU E 219 -112.56 51.71 66.17
CA GLU E 219 -113.61 52.55 66.73
C GLU E 219 -114.98 51.84 66.67
N PRO E 220 -115.86 52.16 67.62
CA PRO E 220 -117.20 51.56 67.72
C PRO E 220 -118.08 51.99 66.57
N PRO E 221 -119.04 51.13 66.19
CA PRO E 221 -119.93 51.35 65.04
C PRO E 221 -120.51 52.75 65.03
N GLY E 222 -120.81 53.29 66.21
CA GLY E 222 -121.39 54.62 66.31
C GLY E 222 -120.59 55.63 65.54
N ALA E 223 -119.28 55.66 65.79
CA ALA E 223 -118.39 56.61 65.13
C ALA E 223 -118.22 56.28 63.66
N ARG E 224 -118.11 54.99 63.36
CA ARG E 224 -117.89 54.52 62.00
C ARG E 224 -119.00 55.01 61.09
N ALA E 225 -120.24 54.94 61.57
CA ALA E 225 -121.39 55.29 60.74
C ALA E 225 -121.60 56.80 60.64
N ARG E 226 -120.71 57.58 61.22
CA ARG E 226 -120.87 59.03 61.20
C ARG E 226 -119.68 59.70 60.55
N VAL E 227 -118.61 58.94 60.36
CA VAL E 227 -117.41 59.50 59.76
C VAL E 227 -117.78 60.18 58.46
N ALA E 228 -118.59 59.50 57.65
CA ALA E 228 -118.95 60.02 56.34
C ALA E 228 -119.62 61.39 56.46
N LEU E 229 -120.54 61.51 57.40
CA LEU E 229 -121.29 62.75 57.58
C LEU E 229 -120.35 63.87 58.01
N THR E 230 -119.34 63.51 58.79
CA THR E 230 -118.38 64.49 59.27
C THR E 230 -117.66 65.14 58.11
N GLY E 231 -117.22 64.32 57.17
CA GLY E 231 -116.48 64.80 56.02
C GLY E 231 -117.38 65.52 55.03
N LEU E 232 -118.64 65.10 54.98
CA LEU E 232 -119.61 65.72 54.10
C LEU E 232 -119.86 67.16 54.52
N THR E 233 -120.05 67.36 55.82
CA THR E 233 -120.31 68.68 56.38
C THR E 233 -119.26 69.69 55.94
N ILE E 234 -118.00 69.36 56.20
CA ILE E 234 -116.89 70.23 55.85
C ILE E 234 -116.92 70.59 54.37
N ALA E 235 -117.28 69.62 53.54
CA ALA E 235 -117.31 69.83 52.09
C ALA E 235 -118.44 70.76 51.66
N GLU E 236 -119.60 70.61 52.29
CA GLU E 236 -120.77 71.44 51.95
C GLU E 236 -120.50 72.90 52.26
N TYR E 237 -119.64 73.14 53.23
CA TYR E 237 -119.26 74.50 53.61
C TYR E 237 -118.71 75.25 52.40
N PHE E 238 -117.73 74.66 51.73
CA PHE E 238 -117.10 75.30 50.57
C PHE E 238 -118.00 75.28 49.35
N ARG E 239 -119.17 74.68 49.49
CA ARG E 239 -120.14 74.64 48.39
C ARG E 239 -121.12 75.79 48.51
N ASP E 240 -121.58 76.02 49.74
CA ASP E 240 -122.60 77.03 49.99
C ASP E 240 -121.98 78.38 50.38
N GLU E 241 -120.80 78.35 50.96
CA GLU E 241 -120.10 79.58 51.31
C GLU E 241 -119.27 80.09 50.14
N GLU E 242 -118.22 79.37 49.79
CA GLU E 242 -117.31 79.79 48.73
C GLU E 242 -117.74 79.34 47.33
N GLY E 243 -118.76 78.48 47.28
CA GLY E 243 -119.30 78.01 46.02
C GLY E 243 -118.25 77.43 45.09
N GLN E 244 -117.59 76.36 45.54
CA GLN E 244 -116.54 75.72 44.77
C GLN E 244 -116.94 74.31 44.33
N ASP E 245 -116.24 73.78 43.34
CA ASP E 245 -116.47 72.42 42.87
C ASP E 245 -115.67 71.44 43.72
N VAL E 246 -116.03 71.34 45.00
CA VAL E 246 -115.31 70.49 45.95
C VAL E 246 -115.53 69.00 45.67
N LEU E 247 -114.48 68.21 45.87
CA LEU E 247 -114.57 66.76 45.68
C LEU E 247 -114.56 66.04 47.03
N LEU E 248 -115.53 65.18 47.25
CA LEU E 248 -115.61 64.40 48.48
C LEU E 248 -115.25 62.95 48.23
N PHE E 249 -114.15 62.50 48.83
CA PHE E 249 -113.68 61.13 48.66
C PHE E 249 -114.08 60.26 49.85
N ILE E 250 -114.72 59.12 49.56
CA ILE E 250 -115.16 58.20 50.59
C ILE E 250 -114.62 56.80 50.34
N ASP E 251 -113.87 56.28 51.29
CA ASP E 251 -113.26 54.95 51.16
C ASP E 251 -113.37 54.19 52.47
N ASN E 252 -114.25 53.20 52.52
CA ASN E 252 -115.03 52.78 51.36
C ASN E 252 -116.52 52.79 51.69
N ILE E 253 -117.35 53.22 50.73
CA ILE E 253 -118.79 53.28 50.90
C ILE E 253 -119.35 51.97 51.48
N PHE E 254 -118.60 50.89 51.39
CA PHE E 254 -119.08 49.60 51.86
C PHE E 254 -119.12 49.50 53.38
N ARG E 255 -118.03 49.92 54.03
CA ARG E 255 -117.94 49.89 55.49
C ARG E 255 -118.93 50.86 56.13
N PHE E 256 -119.43 51.80 55.33
CA PHE E 256 -120.45 52.75 55.78
C PHE E 256 -121.78 52.04 55.96
N THR E 257 -122.06 51.11 55.05
CA THR E 257 -123.26 50.29 55.17
C THR E 257 -123.06 49.27 56.28
N GLN E 258 -121.86 48.70 56.37
CA GLN E 258 -121.55 47.74 57.43
C GLN E 258 -121.68 48.41 58.79
N ALA E 259 -121.15 49.62 58.90
CA ALA E 259 -121.26 50.39 60.14
C ALA E 259 -122.71 50.49 60.59
N GLY E 260 -123.57 50.99 59.71
CA GLY E 260 -124.98 51.05 60.00
C GLY E 260 -125.53 49.72 60.47
N SER E 261 -125.08 48.63 59.83
CA SER E 261 -125.62 47.31 60.12
C SER E 261 -125.30 46.84 61.52
N GLU E 262 -124.16 47.28 62.05
CA GLU E 262 -123.77 46.89 63.39
C GLU E 262 -124.53 47.75 64.39
N VAL E 263 -124.67 49.03 64.06
CA VAL E 263 -125.39 49.95 64.94
C VAL E 263 -126.84 49.52 65.09
N SER E 264 -127.54 49.40 63.97
CA SER E 264 -128.95 48.99 63.98
C SER E 264 -129.10 47.62 64.61
N ALA E 265 -128.02 46.84 64.60
CA ALA E 265 -128.04 45.51 65.19
C ALA E 265 -128.14 45.59 66.71
N LEU E 266 -127.29 46.42 67.30
CA LEU E 266 -127.25 46.55 68.75
C LEU E 266 -128.51 47.20 69.32
N LEU E 267 -129.08 48.13 68.55
CA LEU E 267 -130.28 48.84 68.98
C LEU E 267 -131.46 47.90 69.19
N GLY E 268 -131.43 46.74 68.54
CA GLY E 268 -132.49 45.77 68.68
C GLY E 268 -133.38 45.66 67.47
N ARG E 269 -133.30 46.65 66.58
CA ARG E 269 -134.06 46.64 65.34
C ARG E 269 -133.92 45.30 64.64
N ILE E 270 -135.02 44.77 64.12
CA ILE E 270 -135.01 43.48 63.43
C ILE E 270 -134.25 43.56 62.09
N PRO E 271 -133.39 42.56 61.82
CA PRO E 271 -132.57 42.45 60.60
C PRO E 271 -133.36 42.21 59.32
N SER E 272 -133.06 42.98 58.29
CA SER E 272 -133.74 42.87 57.01
C SER E 272 -133.18 41.69 56.22
N ALA E 273 -133.35 41.74 54.91
CA ALA E 273 -132.88 40.67 54.03
C ALA E 273 -131.36 40.66 53.98
N VAL E 274 -130.79 39.46 54.01
CA VAL E 274 -129.34 39.29 53.94
C VAL E 274 -128.66 39.71 55.24
N GLY E 275 -129.43 40.29 56.16
CA GLY E 275 -128.92 40.65 57.47
C GLY E 275 -128.77 42.15 57.66
N TYR E 276 -128.78 42.87 56.55
CA TYR E 276 -128.63 44.32 56.59
C TYR E 276 -129.80 44.95 57.34
N GLN E 277 -129.66 46.22 57.71
CA GLN E 277 -130.69 46.92 58.46
C GLN E 277 -131.84 47.36 57.55
N PRO E 278 -133.06 47.40 58.10
CA PRO E 278 -134.24 47.82 57.33
C PRO E 278 -134.09 49.27 56.90
N THR E 279 -133.52 50.07 57.79
CA THR E 279 -133.37 51.50 57.58
C THR E 279 -132.31 51.81 56.54
N LEU E 280 -131.69 50.76 56.00
CA LEU E 280 -130.60 50.93 55.05
C LEU E 280 -130.96 51.88 53.91
N ALA E 281 -132.17 51.70 53.39
CA ALA E 281 -132.63 52.46 52.23
C ALA E 281 -132.62 53.97 52.47
N THR E 282 -133.06 54.37 53.65
CA THR E 282 -133.16 55.79 54.00
C THR E 282 -131.80 56.40 54.33
N ASP E 283 -130.98 55.65 55.05
CA ASP E 283 -129.63 56.10 55.41
C ASP E 283 -128.82 56.46 54.19
N MET E 284 -128.84 55.57 53.20
CA MET E 284 -128.05 55.78 51.98
C MET E 284 -128.38 57.14 51.37
N GLY E 285 -129.66 57.52 51.45
CA GLY E 285 -130.13 58.76 50.86
C GLY E 285 -129.77 59.98 51.68
N LEU E 286 -129.61 59.77 52.99
CA LEU E 286 -129.25 60.86 53.90
C LEU E 286 -127.78 61.21 53.76
N LEU E 287 -127.15 60.71 52.70
CA LEU E 287 -125.75 60.99 52.45
C LEU E 287 -125.53 61.30 50.98
N GLN E 288 -126.16 60.51 50.11
CA GLN E 288 -125.98 60.70 48.68
C GLN E 288 -126.70 61.95 48.17
N GLU E 289 -127.92 62.17 48.66
CA GLU E 289 -128.71 63.33 48.25
C GLU E 289 -128.05 64.66 48.62
N ARG E 290 -127.39 64.68 49.78
CA ARG E 290 -126.70 65.87 50.26
C ARG E 290 -125.53 66.26 49.36
N ILE E 291 -125.07 65.31 48.55
CA ILE E 291 -124.00 65.57 47.62
C ILE E 291 -124.57 65.89 46.26
N THR E 292 -124.74 67.18 45.97
CA THR E 292 -125.30 67.62 44.71
C THR E 292 -124.82 69.01 44.30
N THR E 293 -125.12 69.39 43.06
CA THR E 293 -124.75 70.70 42.55
C THR E 293 -125.89 71.70 42.81
N THR E 294 -125.58 72.74 43.58
CA THR E 294 -126.54 73.79 43.88
C THR E 294 -126.24 75.02 43.04
N LYS E 295 -127.01 76.08 43.25
CA LYS E 295 -126.84 77.30 42.49
C LYS E 295 -125.57 78.04 42.91
N LYS E 296 -125.08 77.75 44.11
CA LYS E 296 -123.90 78.40 44.65
C LYS E 296 -122.62 77.67 44.25
N GLY E 297 -122.53 76.40 44.65
CA GLY E 297 -121.38 75.58 44.34
C GLY E 297 -121.78 74.16 44.01
N SER E 298 -120.83 73.24 44.13
CA SER E 298 -121.08 71.85 43.79
C SER E 298 -120.12 70.91 44.50
N VAL E 299 -120.57 69.69 44.75
CA VAL E 299 -119.73 68.68 45.40
C VAL E 299 -119.74 67.36 44.64
N THR E 300 -118.60 67.01 44.05
CA THR E 300 -118.47 65.76 43.33
C THR E 300 -117.89 64.67 44.24
N SER E 301 -118.59 63.54 44.33
CA SER E 301 -118.19 62.45 45.20
C SER E 301 -117.39 61.36 44.47
N VAL E 302 -116.22 61.05 44.99
CA VAL E 302 -115.38 60.01 44.42
C VAL E 302 -115.15 58.91 45.44
N GLN E 303 -116.10 58.01 45.57
CA GLN E 303 -116.05 56.98 46.61
C GLN E 303 -115.82 55.58 46.07
N ALA E 304 -114.92 54.85 46.71
CA ALA E 304 -114.59 53.49 46.31
C ALA E 304 -115.76 52.56 46.57
N VAL E 305 -115.78 51.40 45.93
CA VAL E 305 -116.86 50.44 46.12
C VAL E 305 -116.30 49.02 46.28
N TYR E 306 -116.85 48.28 47.23
CA TYR E 306 -116.43 46.91 47.44
C TYR E 306 -117.60 45.97 47.16
N VAL E 307 -117.36 44.96 46.33
CA VAL E 307 -118.41 44.00 45.98
C VAL E 307 -118.34 42.78 46.88
N PRO E 308 -119.30 42.66 47.81
CA PRO E 308 -119.38 41.53 48.75
C PRO E 308 -119.47 40.20 48.00
N ALA E 309 -118.50 39.31 48.20
CA ALA E 309 -118.50 38.01 47.56
C ALA E 309 -118.72 38.05 46.04
N ASP E 310 -118.18 39.09 45.40
CA ASP E 310 -118.29 39.23 43.94
C ASP E 310 -119.73 39.01 43.49
N ASP E 311 -120.66 39.66 44.18
CA ASP E 311 -122.09 39.51 43.93
C ASP E 311 -122.72 40.89 43.89
N LEU E 312 -123.40 41.21 42.80
CA LEU E 312 -124.02 42.53 42.68
C LEU E 312 -125.50 42.50 43.03
N THR E 313 -126.01 41.31 43.33
CA THR E 313 -127.41 41.15 43.73
C THR E 313 -127.61 41.60 45.17
N ASP E 314 -126.52 41.61 45.93
CA ASP E 314 -126.53 41.97 47.35
C ASP E 314 -127.07 43.39 47.54
N PRO E 315 -127.85 43.62 48.63
CA PRO E 315 -128.45 44.92 48.91
C PRO E 315 -127.46 46.08 48.95
N ALA E 316 -126.40 45.96 49.74
CA ALA E 316 -125.43 47.04 49.90
C ALA E 316 -124.94 47.59 48.57
N PRO E 317 -124.38 46.70 47.72
CA PRO E 317 -123.94 47.18 46.41
C PRO E 317 -125.12 47.68 45.59
N ALA E 318 -126.19 46.90 45.56
CA ALA E 318 -127.35 47.23 44.74
C ALA E 318 -127.79 48.65 45.04
N THR E 319 -127.87 48.96 46.32
CA THR E 319 -128.32 50.27 46.75
C THR E 319 -127.33 51.36 46.39
N THR E 320 -126.04 51.07 46.51
CA THR E 320 -125.03 52.06 46.21
C THR E 320 -125.05 52.45 44.74
N PHE E 321 -125.08 51.46 43.86
CA PHE E 321 -125.04 51.73 42.43
C PHE E 321 -126.20 52.61 41.97
N ALA E 322 -127.30 52.59 42.74
CA ALA E 322 -128.49 53.35 42.38
C ALA E 322 -128.23 54.85 42.38
N HIS E 323 -127.11 55.27 42.97
CA HIS E 323 -126.76 56.68 43.02
C HIS E 323 -125.55 57.00 42.14
N LEU E 324 -124.72 55.98 41.89
CA LEU E 324 -123.52 56.17 41.07
C LEU E 324 -123.88 56.65 39.67
N ASP E 325 -123.08 57.57 39.15
CA ASP E 325 -123.30 58.14 37.82
C ASP E 325 -122.19 57.71 36.87
N ALA E 326 -121.02 57.43 37.42
CA ALA E 326 -119.88 56.97 36.63
C ALA E 326 -119.03 56.00 37.44
N THR E 327 -118.20 55.22 36.75
CA THR E 327 -117.31 54.27 37.42
C THR E 327 -115.94 54.20 36.76
N THR E 328 -114.92 54.50 37.54
CA THR E 328 -113.54 54.43 37.07
C THR E 328 -112.89 53.18 37.62
N VAL E 329 -112.83 52.13 36.81
CA VAL E 329 -112.25 50.87 37.27
C VAL E 329 -110.72 50.89 37.13
N LEU E 330 -110.03 50.24 38.07
CA LEU E 330 -108.57 50.12 38.02
C LEU E 330 -108.13 48.66 38.02
N SER E 331 -107.83 48.13 36.83
CA SER E 331 -107.45 46.72 36.68
C SER E 331 -105.96 46.52 36.82
N ARG E 332 -105.59 45.34 37.32
CA ARG E 332 -104.18 44.97 37.45
C ARG E 332 -103.58 44.71 36.08
N GLY E 333 -104.39 44.15 35.19
CA GLY E 333 -103.94 43.83 33.84
C GLY E 333 -103.68 45.08 33.03
N ILE E 334 -104.22 46.21 33.48
CA ILE E 334 -104.00 47.48 32.81
C ILE E 334 -102.65 48.10 33.19
N SER E 335 -102.31 48.02 34.47
CA SER E 335 -101.03 48.53 34.95
C SER E 335 -99.92 47.54 34.61
N GLU E 336 -100.31 46.31 34.30
CA GLU E 336 -99.37 45.26 33.92
C GLU E 336 -98.76 45.53 32.54
N LEU E 337 -99.55 46.15 31.66
CA LEU E 337 -99.08 46.52 30.32
C LEU E 337 -98.29 47.82 30.32
N GLY E 338 -97.99 48.33 31.52
CA GLY E 338 -97.28 49.59 31.64
C GLY E 338 -98.15 50.80 31.36
N ILE E 339 -99.46 50.65 31.53
CA ILE E 339 -100.42 51.73 31.27
C ILE E 339 -100.83 52.42 32.57
N TYR E 340 -100.45 53.70 32.69
CA TYR E 340 -100.77 54.48 33.87
C TYR E 340 -101.57 55.73 33.50
N PRO E 341 -102.67 55.98 34.22
CA PRO E 341 -103.16 55.15 35.32
C PRO E 341 -103.67 53.79 34.85
N ALA E 342 -103.96 52.90 35.78
CA ALA E 342 -104.44 51.56 35.46
C ALA E 342 -105.93 51.55 35.13
N VAL E 343 -106.45 52.68 34.66
CA VAL E 343 -107.86 52.79 34.30
C VAL E 343 -108.20 51.89 33.12
N ASP E 344 -109.24 51.08 33.28
CA ASP E 344 -109.68 50.20 32.20
C ASP E 344 -110.76 50.85 31.35
N PRO E 345 -110.44 51.14 30.08
CA PRO E 345 -111.34 51.76 29.11
C PRO E 345 -112.64 50.98 28.91
N LEU E 346 -112.58 49.66 28.94
CA LEU E 346 -113.77 48.83 28.71
C LEU E 346 -114.76 48.88 29.89
N ASP E 347 -114.24 48.76 31.11
CA ASP E 347 -115.08 48.75 32.30
C ASP E 347 -115.58 50.14 32.71
N SER E 348 -114.75 51.16 32.52
CA SER E 348 -115.12 52.54 32.86
C SER E 348 -116.26 53.05 31.99
N LYS E 349 -117.39 53.32 32.63
CA LYS E 349 -118.59 53.79 31.94
C LYS E 349 -119.16 55.00 32.66
N SER E 350 -119.94 55.81 31.96
CA SER E 350 -120.55 56.98 32.57
C SER E 350 -121.99 57.17 32.09
N ARG E 351 -122.82 57.76 32.94
CA ARG E 351 -124.21 58.04 32.59
C ARG E 351 -124.35 59.37 31.90
N LEU E 352 -123.22 60.02 31.63
CA LEU E 352 -123.22 61.26 30.87
C LEU E 352 -122.43 61.12 29.58
N LEU E 353 -122.50 59.92 28.99
CA LEU E 353 -121.81 59.65 27.74
C LEU E 353 -122.80 59.64 26.57
N ASP E 354 -123.46 60.76 26.36
CA ASP E 354 -124.41 60.91 25.26
C ASP E 354 -124.21 62.22 24.51
N ALA E 355 -124.64 62.25 23.25
CA ALA E 355 -124.52 63.44 22.41
C ALA E 355 -125.35 64.60 22.95
N ALA E 356 -126.42 64.26 23.68
CA ALA E 356 -127.26 65.28 24.28
C ALA E 356 -126.64 65.84 25.55
N VAL E 357 -125.40 65.43 25.84
CA VAL E 357 -124.70 65.88 27.03
C VAL E 357 -123.30 66.44 26.73
N VAL E 358 -122.48 65.63 26.08
CA VAL E 358 -121.11 66.04 25.74
C VAL E 358 -121.02 66.54 24.30
N GLY E 359 -122.12 66.46 23.57
CA GLY E 359 -122.16 66.90 22.18
C GLY E 359 -122.07 65.74 21.21
N GLN E 360 -122.57 65.95 19.99
CA GLN E 360 -122.56 64.90 18.98
C GLN E 360 -121.14 64.51 18.58
N GLU E 361 -120.26 65.50 18.48
CA GLU E 361 -118.86 65.25 18.12
C GLU E 361 -118.16 64.40 19.19
N HIS E 362 -118.16 64.89 20.42
CA HIS E 362 -117.57 64.18 21.55
C HIS E 362 -118.09 62.74 21.60
N TYR E 363 -119.39 62.58 21.42
CA TYR E 363 -120.02 61.26 21.46
C TYR E 363 -119.39 60.31 20.45
N ASP E 364 -119.50 60.66 19.18
CA ASP E 364 -118.97 59.84 18.10
C ASP E 364 -117.49 59.53 18.33
N VAL E 365 -116.73 60.54 18.73
CA VAL E 365 -115.29 60.38 18.96
C VAL E 365 -115.03 59.33 20.03
N ALA E 366 -115.74 59.44 21.15
CA ALA E 366 -115.58 58.50 22.24
C ALA E 366 -116.03 57.10 21.82
N SER E 367 -117.12 57.04 21.07
CA SER E 367 -117.69 55.78 20.64
C SER E 367 -116.74 54.99 19.76
N LYS E 368 -116.12 55.67 18.80
CA LYS E 368 -115.18 55.03 17.90
C LYS E 368 -113.98 54.46 18.65
N VAL E 369 -113.51 55.19 19.67
CA VAL E 369 -112.37 54.74 20.48
C VAL E 369 -112.69 53.41 21.16
N GLN E 370 -113.90 53.32 21.69
CA GLN E 370 -114.35 52.10 22.35
C GLN E 370 -114.52 50.97 21.34
N GLU E 371 -115.03 51.32 20.16
CA GLU E 371 -115.22 50.36 19.08
C GLU E 371 -113.88 49.81 18.59
N THR E 372 -112.87 50.67 18.54
CA THR E 372 -111.54 50.28 18.07
C THR E 372 -110.87 49.33 19.05
N LEU E 373 -111.08 49.56 20.34
CA LEU E 373 -110.45 48.77 21.38
C LEU E 373 -111.20 47.45 21.57
N GLN E 374 -112.52 47.51 21.38
CA GLN E 374 -113.36 46.33 21.53
C GLN E 374 -112.97 45.23 20.54
N THR E 375 -112.97 45.57 19.25
CA THR E 375 -112.63 44.60 18.21
C THR E 375 -111.19 44.12 18.35
N TYR E 376 -110.34 44.94 18.98
CA TYR E 376 -108.94 44.60 19.19
C TYR E 376 -108.78 43.54 20.28
N LYS E 377 -109.70 43.55 21.23
CA LYS E 377 -109.67 42.61 22.35
C LYS E 377 -109.99 41.20 21.87
N SER E 378 -110.81 41.10 20.83
CA SER E 378 -111.23 39.80 20.30
C SER E 378 -110.18 39.24 19.35
N LEU E 379 -109.32 40.10 18.83
CA LEU E 379 -108.27 39.69 17.91
C LEU E 379 -107.03 39.23 18.67
N GLN E 380 -107.02 39.44 19.98
CA GLN E 380 -105.88 39.09 20.82
C GLN E 380 -105.68 37.58 20.92
N ASP E 381 -106.45 36.83 20.14
CA ASP E 381 -106.36 35.37 20.14
C ASP E 381 -105.73 34.85 18.86
N ILE E 382 -106.31 35.22 17.71
CA ILE E 382 -105.82 34.78 16.42
C ILE E 382 -104.44 35.37 16.09
N ILE E 383 -104.09 36.44 16.80
CA ILE E 383 -102.82 37.13 16.59
C ILE E 383 -101.66 36.43 17.29
N ALA E 384 -101.91 35.93 18.49
CA ALA E 384 -100.87 35.27 19.27
C ALA E 384 -100.78 33.77 18.96
N ILE E 385 -101.48 33.34 17.91
CA ILE E 385 -101.47 31.95 17.51
C ILE E 385 -101.04 31.78 16.05
N LEU E 386 -101.70 32.50 15.15
CA LEU E 386 -101.40 32.40 13.72
C LEU E 386 -100.70 33.66 13.18
N GLY E 387 -100.08 34.44 14.07
CA GLY E 387 -99.41 35.67 13.68
C GLY E 387 -100.40 36.77 13.37
N MET E 388 -99.89 37.95 13.01
CA MET E 388 -100.75 39.10 12.76
C MET E 388 -101.16 39.19 11.30
N ASP E 389 -100.46 38.45 10.44
CA ASP E 389 -100.76 38.45 9.03
C ASP E 389 -102.16 37.91 8.75
N GLU E 390 -102.80 37.35 9.77
CA GLU E 390 -104.13 36.77 9.64
C GLU E 390 -105.24 37.81 9.73
N LEU E 391 -105.03 38.95 9.07
CA LEU E 391 -106.00 40.05 9.11
C LEU E 391 -106.12 40.72 7.74
N SER E 392 -107.32 41.18 7.42
CA SER E 392 -107.57 41.88 6.16
C SER E 392 -106.99 43.29 6.21
N GLU E 393 -107.13 44.02 5.11
CA GLU E 393 -106.61 45.38 4.99
C GLU E 393 -107.30 46.33 5.96
N GLN E 394 -108.55 46.00 6.30
CA GLN E 394 -109.34 46.84 7.20
C GLN E 394 -109.13 46.45 8.66
N ASP E 395 -108.89 45.16 8.91
CA ASP E 395 -108.65 44.66 10.26
C ASP E 395 -107.26 45.03 10.76
N LYS E 396 -106.24 44.69 9.98
CA LYS E 396 -104.85 44.99 10.34
C LYS E 396 -104.64 46.49 10.56
N LEU E 397 -105.47 47.29 9.91
CA LEU E 397 -105.40 48.74 10.02
C LEU E 397 -105.85 49.21 11.40
N THR E 398 -107.05 48.81 11.80
CA THR E 398 -107.59 49.16 13.11
C THR E 398 -106.71 48.63 14.24
N VAL E 399 -106.11 47.45 14.02
CA VAL E 399 -105.22 46.86 15.01
C VAL E 399 -104.02 47.76 15.30
N GLU E 400 -103.36 48.23 14.25
CA GLU E 400 -102.24 49.15 14.39
C GLU E 400 -102.71 50.50 14.91
N ARG E 401 -104.00 50.78 14.70
CA ARG E 401 -104.61 52.02 15.20
C ARG E 401 -104.86 51.95 16.71
N ALA E 402 -105.38 50.81 17.18
CA ALA E 402 -105.66 50.62 18.59
C ALA E 402 -104.37 50.65 19.41
N ARG E 403 -103.30 50.08 18.86
CA ARG E 403 -102.01 50.06 19.54
C ARG E 403 -101.57 51.46 19.95
N LYS E 404 -101.92 52.45 19.13
CA LYS E 404 -101.56 53.84 19.43
C LYS E 404 -102.54 54.47 20.41
N ILE E 405 -103.82 54.21 20.23
CA ILE E 405 -104.86 54.79 21.09
C ILE E 405 -104.77 54.30 22.53
N GLN E 406 -104.53 53.01 22.71
CA GLN E 406 -104.41 52.42 24.04
C GLN E 406 -103.24 53.01 24.81
N ARG E 407 -102.10 53.14 24.13
CA ARG E 407 -100.91 53.73 24.75
C ARG E 407 -101.12 55.23 25.00
N PHE E 408 -101.79 55.89 24.06
CA PHE E 408 -102.04 57.32 24.15
C PHE E 408 -102.88 57.67 25.37
N LEU E 409 -103.62 56.68 25.87
CA LEU E 409 -104.46 56.89 27.04
C LEU E 409 -103.63 57.28 28.26
N SER E 410 -102.44 56.70 28.36
CA SER E 410 -101.54 56.98 29.48
C SER E 410 -101.35 58.49 29.66
N GLN E 411 -101.03 58.89 30.88
CA GLN E 411 -100.81 60.30 31.17
C GLN E 411 -99.95 60.48 32.43
N PRO E 412 -98.90 61.31 32.33
CA PRO E 412 -98.00 61.54 33.46
C PRO E 412 -98.72 62.29 34.58
N PHE E 413 -98.64 61.77 35.79
CA PHE E 413 -99.27 62.39 36.95
C PHE E 413 -98.42 63.54 37.48
N ALA E 414 -99.02 64.73 37.52
CA ALA E 414 -98.30 65.91 38.00
C ALA E 414 -97.97 65.78 39.47
N VAL E 415 -98.75 64.96 40.18
CA VAL E 415 -98.53 64.76 41.61
C VAL E 415 -97.35 63.82 41.86
N ALA E 416 -97.10 62.91 40.92
CA ALA E 416 -96.00 61.97 41.06
C ALA E 416 -94.73 62.50 40.40
N GLU E 417 -94.45 63.78 40.61
CA GLU E 417 -93.27 64.42 40.03
C GLU E 417 -91.98 63.94 40.69
N VAL E 418 -92.04 63.70 42.00
CA VAL E 418 -90.88 63.24 42.75
C VAL E 418 -90.74 61.71 42.69
N PHE E 419 -91.78 61.04 42.20
CA PHE E 419 -91.77 59.59 42.09
C PHE E 419 -91.11 59.13 40.79
N THR E 420 -91.53 59.71 39.67
CA THR E 420 -91.00 59.33 38.35
C THR E 420 -89.90 60.28 37.88
N GLY E 421 -90.08 61.58 38.11
CA GLY E 421 -89.12 62.57 37.69
C GLY E 421 -89.51 63.22 36.38
N ILE E 422 -90.55 62.67 35.75
CA ILE E 422 -91.03 63.18 34.48
C ILE E 422 -92.12 64.23 34.70
N PRO E 423 -92.01 65.37 34.00
CA PRO E 423 -92.97 66.47 34.14
C PRO E 423 -94.39 66.01 33.79
N GLY E 424 -95.34 66.28 34.67
CA GLY E 424 -96.73 65.93 34.44
C GLY E 424 -97.44 66.92 33.56
N LYS E 425 -98.57 66.51 33.00
CA LYS E 425 -99.35 67.37 32.11
C LYS E 425 -100.83 67.36 32.46
N LEU E 426 -101.51 68.44 32.14
CA LEU E 426 -102.93 68.60 32.44
C LEU E 426 -103.72 68.76 31.16
N VAL E 427 -104.25 67.66 30.62
CA VAL E 427 -104.99 67.70 29.35
C VAL E 427 -106.43 68.16 29.56
N ARG E 428 -106.86 69.10 28.73
CA ARG E 428 -108.23 69.62 28.81
C ARG E 428 -109.14 68.89 27.82
N LEU E 429 -110.44 68.94 28.08
CA LEU E 429 -111.43 68.29 27.23
C LEU E 429 -111.42 68.86 25.81
N LYS E 430 -111.00 70.11 25.68
CA LYS E 430 -110.94 70.78 24.38
C LYS E 430 -109.90 70.15 23.45
N ASP E 431 -108.74 69.82 24.01
CA ASP E 431 -107.66 69.21 23.24
C ASP E 431 -107.83 67.69 23.13
N THR E 432 -108.35 67.07 24.17
CA THR E 432 -108.54 65.62 24.20
C THR E 432 -109.37 65.12 23.01
N VAL E 433 -110.54 65.73 22.79
CA VAL E 433 -111.43 65.33 21.71
C VAL E 433 -110.79 65.53 20.35
N ALA E 434 -110.04 66.62 20.21
CA ALA E 434 -109.36 66.92 18.96
C ALA E 434 -108.18 65.97 18.73
N SER E 435 -107.64 65.41 19.81
CA SER E 435 -106.50 64.51 19.72
C SER E 435 -106.87 63.18 19.05
N PHE E 436 -107.79 62.46 19.67
CA PHE E 436 -108.21 61.16 19.16
C PHE E 436 -108.90 61.29 17.81
N LYS E 437 -109.59 62.41 17.61
CA LYS E 437 -110.28 62.67 16.34
C LYS E 437 -109.32 62.59 15.15
N ALA E 438 -108.08 63.01 15.37
CA ALA E 438 -107.05 63.04 14.32
C ALA E 438 -106.33 61.72 14.15
N VAL E 439 -106.35 60.90 15.20
CA VAL E 439 -105.73 59.58 15.16
C VAL E 439 -106.62 58.59 14.41
N LEU E 440 -107.93 58.67 14.67
CA LEU E 440 -108.91 57.82 14.02
C LEU E 440 -108.91 57.99 12.50
N GLU E 441 -108.87 59.24 12.06
CA GLU E 441 -108.84 59.55 10.62
C GLU E 441 -107.60 58.96 9.97
N GLY E 442 -106.62 58.61 10.79
CA GLY E 442 -105.39 58.00 10.31
C GLY E 442 -104.42 59.04 9.78
N LYS E 443 -104.07 60.00 10.63
CA LYS E 443 -103.17 61.05 10.21
C LYS E 443 -101.82 60.90 10.90
N TYR E 444 -101.66 59.81 11.66
CA TYR E 444 -100.40 59.55 12.34
C TYR E 444 -99.99 58.08 12.29
N ASP E 445 -100.19 57.46 11.13
CA ASP E 445 -99.84 56.05 10.94
C ASP E 445 -98.35 55.86 10.69
N ASN E 446 -97.69 56.93 10.26
CA ASN E 446 -96.24 56.92 10.06
C ASN E 446 -95.48 57.21 11.35
N ILE E 447 -96.21 57.67 12.37
CA ILE E 447 -95.65 58.01 13.67
C ILE E 447 -95.46 56.75 14.55
N PRO E 448 -94.26 56.59 15.14
CA PRO E 448 -93.94 55.43 15.97
C PRO E 448 -94.88 55.31 17.17
N GLU E 449 -95.08 54.10 17.66
CA GLU E 449 -95.99 53.87 18.78
C GLU E 449 -95.45 54.48 20.07
N HIS E 450 -94.13 54.36 20.27
CA HIS E 450 -93.48 54.90 21.47
C HIS E 450 -93.63 56.42 21.59
N ALA E 451 -94.13 57.06 20.54
CA ALA E 451 -94.29 58.52 20.51
C ALA E 451 -95.61 58.96 21.15
N PHE E 452 -96.40 57.99 21.58
CA PHE E 452 -97.70 58.26 22.18
C PHE E 452 -97.75 57.79 23.63
N TYR E 453 -96.63 57.25 24.11
CA TYR E 453 -96.56 56.73 25.46
C TYR E 453 -96.19 57.82 26.47
N MET E 454 -97.07 58.05 27.44
CA MET E 454 -96.86 59.09 28.45
C MET E 454 -96.74 60.47 27.82
N VAL E 455 -97.62 60.76 26.87
CA VAL E 455 -97.61 62.05 26.20
C VAL E 455 -98.67 63.00 26.80
N GLY E 456 -98.23 64.20 27.15
CA GLY E 456 -99.12 65.19 27.72
C GLY E 456 -100.12 65.74 26.72
N GLY E 457 -99.63 66.14 25.55
CA GLY E 457 -100.48 66.70 24.52
C GLY E 457 -100.18 66.22 23.11
N ILE E 458 -101.16 66.31 22.23
CA ILE E 458 -100.98 65.90 20.84
C ILE E 458 -99.79 66.63 20.21
N GLU E 459 -99.68 67.92 20.50
CA GLU E 459 -98.58 68.73 19.98
C GLU E 459 -97.23 68.22 20.50
N ASP E 460 -97.26 67.65 21.71
CA ASP E 460 -96.05 67.10 22.33
C ASP E 460 -95.73 65.73 21.74
N VAL E 461 -96.77 65.04 21.26
CA VAL E 461 -96.60 63.74 20.62
C VAL E 461 -95.64 63.85 19.44
N VAL E 462 -95.87 64.85 18.60
CA VAL E 462 -95.01 65.10 17.46
C VAL E 462 -93.66 65.64 17.91
N ALA E 463 -93.66 66.37 19.03
CA ALA E 463 -92.43 66.90 19.58
C ALA E 463 -91.49 65.77 20.01
N LYS E 464 -92.07 64.64 20.40
CA LYS E 464 -91.30 63.49 20.83
C LYS E 464 -90.88 62.60 19.65
N ALA E 465 -91.74 62.53 18.64
CA ALA E 465 -91.48 61.73 17.44
C ALA E 465 -90.26 62.26 16.68
N GLU E 466 -90.10 63.58 16.70
CA GLU E 466 -88.99 64.23 16.04
C GLU E 466 -87.67 63.99 16.78
N LYS E 467 -87.74 63.92 18.09
CA LYS E 467 -86.56 63.68 18.90
C LYS E 467 -86.07 62.25 18.76
N LEU E 468 -87.00 61.30 18.84
CA LEU E 468 -86.66 59.88 18.73
C LEU E 468 -86.05 59.56 17.36
N ALA E 469 -86.65 60.12 16.32
CA ALA E 469 -86.15 59.93 14.96
C ALA E 469 -84.77 60.57 14.76
N ALA E 470 -84.55 61.72 15.40
CA ALA E 470 -83.27 62.42 15.30
C ALA E 470 -82.14 61.65 15.99
N GLU E 471 -82.49 60.96 17.07
CA GLU E 471 -81.53 60.16 17.82
C GLU E 471 -81.13 58.91 17.06
N ALA E 472 -82.03 58.43 16.20
CA ALA E 472 -81.75 57.28 15.35
C ALA E 472 -80.71 57.60 14.29
N ASN E 473 -80.79 58.82 13.73
CA ASN E 473 -79.83 59.27 12.73
C ASN E 473 -78.43 59.48 13.31
N THR F 2 -183.30 41.86 74.89
CA THR F 2 -182.26 42.86 75.03
C THR F 2 -181.02 42.49 74.22
N PRO F 3 -180.62 43.37 73.28
CA PRO F 3 -179.43 43.16 72.45
C PRO F 3 -178.15 43.31 73.26
N ILE F 4 -177.22 42.36 73.11
CA ILE F 4 -175.94 42.44 73.80
C ILE F 4 -175.06 43.49 73.15
N THR F 5 -174.49 44.37 73.97
CA THR F 5 -173.71 45.49 73.45
C THR F 5 -172.34 45.58 74.11
N GLY F 6 -171.37 46.16 73.39
CA GLY F 6 -170.03 46.31 73.92
C GLY F 6 -169.32 47.56 73.42
N LYS F 7 -168.06 47.70 73.83
CA LYS F 7 -167.25 48.87 73.47
C LYS F 7 -165.89 48.43 72.93
N VAL F 8 -165.36 49.17 71.97
CA VAL F 8 -164.06 48.88 71.40
C VAL F 8 -162.95 49.28 72.38
N THR F 9 -161.91 48.46 72.47
CA THR F 9 -160.76 48.79 73.30
C THR F 9 -159.46 49.00 72.50
N ALA F 10 -159.37 48.37 71.34
CA ALA F 10 -158.20 48.50 70.48
C ALA F 10 -158.51 48.31 68.99
N VAL F 11 -157.75 48.98 68.13
CA VAL F 11 -157.94 48.86 66.69
C VAL F 11 -156.61 48.85 65.94
N ILE F 12 -156.09 47.66 65.67
CA ILE F 12 -154.85 47.53 64.92
C ILE F 12 -155.10 46.84 63.59
N GLY F 13 -155.06 47.61 62.52
CA GLY F 13 -155.29 47.08 61.18
C GLY F 13 -156.63 46.39 61.03
N ALA F 14 -156.62 45.21 60.42
CA ALA F 14 -157.85 44.44 60.24
C ALA F 14 -158.20 43.67 61.49
N ILE F 15 -157.67 44.10 62.62
CA ILE F 15 -157.93 43.43 63.89
C ILE F 15 -158.43 44.40 64.95
N VAL F 16 -159.68 44.21 65.37
CA VAL F 16 -160.30 45.07 66.37
C VAL F 16 -160.68 44.27 67.61
N ASP F 17 -160.30 44.79 68.77
CA ASP F 17 -160.58 44.15 70.05
C ASP F 17 -161.84 44.74 70.67
N VAL F 18 -162.83 43.88 70.93
CA VAL F 18 -164.11 44.31 71.48
C VAL F 18 -164.28 43.84 72.91
N HIS F 19 -164.87 44.69 73.74
CA HIS F 19 -165.10 44.35 75.14
C HIS F 19 -166.57 44.47 75.53
N PHE F 20 -167.03 43.51 76.34
CA PHE F 20 -168.43 43.47 76.75
C PHE F 20 -168.59 43.61 78.26
N GLU F 21 -169.40 44.58 78.68
CA GLU F 21 -169.66 44.86 80.09
C GLU F 21 -170.43 43.72 80.72
N GLN F 22 -171.43 43.24 80.00
CA GLN F 22 -172.22 42.11 80.44
C GLN F 22 -171.31 40.90 80.64
N SER F 23 -171.75 39.97 81.49
CA SER F 23 -170.98 38.75 81.75
C SER F 23 -171.23 37.66 80.70
N GLU F 24 -172.12 37.93 79.74
CA GLU F 24 -172.36 37.01 78.63
C GLU F 24 -171.54 37.41 77.41
N LEU F 25 -170.64 36.53 76.99
CA LEU F 25 -169.82 36.80 75.82
C LEU F 25 -170.25 35.94 74.65
N PRO F 26 -170.21 36.50 73.43
CA PRO F 26 -170.53 35.76 72.21
C PRO F 26 -169.45 34.73 71.91
N ALA F 27 -169.84 33.55 71.44
CA ALA F 27 -168.89 32.49 71.13
C ALA F 27 -167.94 32.89 70.00
N ILE F 28 -167.11 31.96 69.57
CA ILE F 28 -166.21 32.23 68.46
C ILE F 28 -166.92 32.03 67.11
N LEU F 29 -166.38 32.67 66.08
CA LEU F 29 -166.90 32.58 64.72
C LEU F 29 -168.21 33.34 64.55
N ASN F 30 -168.55 34.16 65.55
CA ASN F 30 -169.77 34.96 65.48
C ASN F 30 -169.58 36.30 64.80
N ALA F 31 -170.67 36.89 64.37
CA ALA F 31 -170.62 38.17 63.69
C ALA F 31 -170.89 39.33 64.64
N LEU F 32 -170.52 40.53 64.21
CA LEU F 32 -170.75 41.74 64.97
C LEU F 32 -170.99 42.87 64.00
N GLU F 33 -171.69 43.91 64.45
CA GLU F 33 -171.95 45.06 63.58
C GLU F 33 -171.73 46.38 64.30
N ILE F 34 -171.22 47.36 63.56
CA ILE F 34 -170.94 48.68 64.11
C ILE F 34 -171.59 49.74 63.25
N LYS F 35 -172.28 50.69 63.89
CA LYS F 35 -172.96 51.74 63.16
C LYS F 35 -171.97 52.79 62.64
N THR F 36 -172.04 53.07 61.34
CA THR F 36 -171.20 54.10 60.72
C THR F 36 -172.02 54.97 59.77
N PRO F 37 -171.53 56.19 59.47
CA PRO F 37 -172.20 57.06 58.50
C PRO F 37 -172.24 56.43 57.12
N GLN F 38 -171.20 55.67 56.78
CA GLN F 38 -171.09 55.04 55.46
C GLN F 38 -172.00 53.82 55.34
N GLY F 39 -172.23 53.13 56.46
CA GLY F 39 -173.08 51.96 56.49
C GLY F 39 -172.93 51.19 57.79
N LYS F 40 -172.54 49.92 57.67
CA LYS F 40 -172.34 49.07 58.84
C LYS F 40 -171.11 48.17 58.65
N LEU F 41 -170.27 48.12 59.67
CA LEU F 41 -169.06 47.31 59.63
C LEU F 41 -169.27 46.01 60.38
N VAL F 42 -169.04 44.89 59.69
CA VAL F 42 -169.26 43.57 60.26
C VAL F 42 -167.97 42.98 60.82
N LEU F 43 -168.04 42.48 62.06
CA LEU F 43 -166.88 41.84 62.69
C LEU F 43 -167.08 40.34 62.89
N GLU F 44 -165.99 39.62 63.08
CA GLU F 44 -166.06 38.19 63.29
C GLU F 44 -165.13 37.77 64.43
N VAL F 45 -165.71 37.15 65.45
CA VAL F 45 -164.96 36.71 66.61
C VAL F 45 -163.87 35.73 66.23
N ALA F 46 -162.70 35.86 66.85
CA ALA F 46 -161.60 34.95 66.55
C ALA F 46 -161.13 34.19 67.78
N GLN F 47 -160.97 34.90 68.88
CA GLN F 47 -160.50 34.27 70.10
C GLN F 47 -160.79 35.12 71.32
N HIS F 48 -160.98 34.46 72.46
CA HIS F 48 -161.26 35.15 73.72
C HIS F 48 -159.97 35.44 74.47
N LEU F 49 -159.50 36.68 74.38
CA LEU F 49 -158.25 37.08 75.02
C LEU F 49 -158.33 36.99 76.54
N GLY F 50 -159.55 37.03 77.08
CA GLY F 50 -159.78 37.00 78.51
C GLY F 50 -160.25 38.35 79.03
N GLU F 51 -160.68 38.38 80.29
CA GLU F 51 -161.14 39.63 80.90
C GLU F 51 -162.29 40.22 80.11
N ASN F 52 -163.27 39.39 79.77
CA ASN F 52 -164.42 39.86 79.02
C ASN F 52 -164.03 40.67 77.81
N THR F 53 -162.86 40.36 77.26
CA THR F 53 -162.40 41.00 76.04
C THR F 53 -162.22 39.93 74.96
N VAL F 54 -162.54 40.29 73.73
CA VAL F 54 -162.47 39.34 72.63
C VAL F 54 -161.67 39.95 71.48
N ARG F 55 -161.13 39.09 70.61
CA ARG F 55 -160.40 39.56 69.45
C ARG F 55 -161.18 39.21 68.20
N THR F 56 -161.39 40.19 67.32
CA THR F 56 -162.18 39.96 66.12
C THR F 56 -161.49 40.45 64.85
N ILE F 57 -161.98 40.00 63.70
CA ILE F 57 -161.41 40.36 62.42
C ILE F 57 -162.36 41.18 61.55
N ALA F 58 -161.91 42.38 61.20
CA ALA F 58 -162.71 43.29 60.39
C ALA F 58 -163.09 42.68 59.07
N MET F 59 -164.25 43.07 58.56
CA MET F 59 -164.72 42.59 57.27
C MET F 59 -164.55 43.69 56.24
N ASP F 60 -164.29 44.91 56.70
CA ASP F 60 -164.05 46.02 55.79
C ASP F 60 -163.06 47.00 56.43
N GLY F 61 -162.86 48.14 55.78
CA GLY F 61 -161.92 49.14 56.28
C GLY F 61 -162.25 49.57 57.70
N THR F 62 -161.22 49.72 58.53
CA THR F 62 -161.40 50.12 59.92
C THR F 62 -161.12 51.61 60.13
N GLU F 63 -161.03 52.35 59.03
CA GLU F 63 -160.76 53.79 59.10
C GLU F 63 -161.92 54.50 59.77
N GLY F 64 -161.62 55.35 60.74
CA GLY F 64 -162.64 56.11 61.43
C GLY F 64 -163.09 55.53 62.75
N LEU F 65 -162.85 54.24 62.94
CA LEU F 65 -163.24 53.59 64.20
C LEU F 65 -162.60 54.31 65.38
N VAL F 66 -163.43 54.67 66.35
CA VAL F 66 -162.96 55.34 67.55
C VAL F 66 -163.04 54.42 68.77
N ARG F 67 -162.01 54.43 69.61
CA ARG F 67 -161.96 53.56 70.77
C ARG F 67 -163.13 53.82 71.71
N GLY F 68 -163.79 52.76 72.13
CA GLY F 68 -164.90 52.87 73.06
C GLY F 68 -166.25 53.04 72.37
N GLU F 69 -166.24 52.96 71.05
CA GLU F 69 -167.46 53.07 70.27
C GLU F 69 -168.35 51.85 70.53
N LYS F 70 -169.66 52.05 70.46
CA LYS F 70 -170.60 50.98 70.79
C LYS F 70 -170.67 49.91 69.71
N VAL F 71 -170.71 48.65 70.13
CA VAL F 71 -170.75 47.53 69.19
C VAL F 71 -171.90 46.57 69.48
N LEU F 72 -172.72 46.32 68.46
CA LEU F 72 -173.89 45.47 68.59
C LEU F 72 -173.59 44.03 68.15
N ASP F 73 -174.13 43.06 68.88
CA ASP F 73 -173.93 41.64 68.58
C ASP F 73 -175.02 41.10 67.65
N THR F 74 -174.67 40.16 66.77
CA THR F 74 -175.66 39.59 65.84
C THR F 74 -176.37 38.38 66.42
N GLY F 75 -175.63 37.51 67.10
CA GLY F 75 -176.20 36.33 67.71
C GLY F 75 -175.96 35.05 66.93
N GLY F 76 -175.25 35.16 65.80
CA GLY F 76 -174.96 34.01 64.98
C GLY F 76 -173.82 34.25 64.01
N PRO F 77 -173.09 33.17 63.64
CA PRO F 77 -171.98 33.28 62.70
C PRO F 77 -172.45 33.89 61.38
N ILE F 78 -171.57 34.61 60.70
CA ILE F 78 -171.91 35.22 59.43
C ILE F 78 -172.66 34.22 58.55
N SER F 79 -173.94 34.51 58.28
CA SER F 79 -174.72 33.64 57.41
C SER F 79 -174.98 34.28 56.04
N VAL F 80 -175.29 33.44 55.05
CA VAL F 80 -175.59 33.94 53.72
C VAL F 80 -176.75 33.18 53.13
N PRO F 81 -177.60 33.89 52.38
CA PRO F 81 -178.76 33.28 51.72
C PRO F 81 -178.36 32.09 50.84
N VAL F 82 -179.14 31.01 50.92
CA VAL F 82 -178.92 29.84 50.08
C VAL F 82 -180.21 29.46 49.37
N GLY F 83 -180.08 28.88 48.17
CA GLY F 83 -181.23 28.48 47.40
C GLY F 83 -181.17 28.97 45.98
N ARG F 84 -182.15 28.57 45.18
CA ARG F 84 -182.16 28.94 43.77
C ARG F 84 -182.23 30.45 43.59
N GLU F 85 -182.55 31.16 44.68
CA GLU F 85 -182.71 32.61 44.65
C GLU F 85 -181.38 33.36 44.53
N THR F 86 -180.28 32.66 44.80
CA THR F 86 -178.96 33.25 44.72
C THR F 86 -178.45 33.26 43.28
N LEU F 87 -178.97 32.34 42.46
CA LEU F 87 -178.58 32.22 41.06
C LEU F 87 -178.84 33.49 40.27
N GLY F 88 -177.88 33.88 39.41
CA GLY F 88 -178.00 35.09 38.63
C GLY F 88 -177.87 36.34 39.48
N ARG F 89 -177.27 36.20 40.66
CA ARG F 89 -177.04 37.31 41.57
C ARG F 89 -175.61 37.33 42.10
N ILE F 90 -175.05 38.52 42.26
CA ILE F 90 -173.70 38.66 42.80
C ILE F 90 -173.71 38.95 44.30
N ILE F 91 -173.32 37.94 45.07
CA ILE F 91 -173.30 38.04 46.53
C ILE F 91 -171.94 38.45 47.06
N ASN F 92 -171.96 39.27 48.10
CA ASN F 92 -170.76 39.74 48.77
C ASN F 92 -170.33 38.78 49.88
N VAL F 93 -169.08 38.92 50.34
CA VAL F 93 -168.54 38.13 51.42
C VAL F 93 -169.47 38.08 52.63
N ILE F 94 -170.15 39.19 52.89
CA ILE F 94 -171.06 39.31 54.03
C ILE F 94 -172.37 38.58 53.79
N GLY F 95 -172.79 38.54 52.52
CA GLY F 95 -174.00 37.83 52.15
C GLY F 95 -175.09 38.78 51.72
N GLU F 96 -174.69 39.87 51.09
CA GLU F 96 -175.64 40.88 50.61
C GLU F 96 -175.38 41.18 49.15
N PRO F 97 -176.46 41.43 48.40
CA PRO F 97 -176.40 41.74 46.96
C PRO F 97 -175.49 42.93 46.66
N ILE F 98 -174.65 42.79 45.65
CA ILE F 98 -173.76 43.88 45.26
C ILE F 98 -173.86 44.17 43.78
N ASP F 99 -174.98 43.77 43.18
CA ASP F 99 -175.19 43.98 41.75
C ASP F 99 -176.28 45.02 41.50
N GLU F 100 -176.75 45.63 42.59
CA GLU F 100 -177.82 46.61 42.50
C GLU F 100 -178.98 46.04 41.71
N ARG F 101 -179.68 45.08 42.30
CA ARG F 101 -180.86 44.48 41.67
C ARG F 101 -181.85 44.05 42.74
N GLY F 102 -181.71 44.62 43.94
CA GLY F 102 -182.61 44.33 45.04
C GLY F 102 -182.13 43.18 45.93
N PRO F 103 -182.68 43.10 47.15
CA PRO F 103 -182.26 42.07 48.12
C PRO F 103 -182.63 40.66 47.67
N ILE F 104 -181.78 39.69 47.98
CA ILE F 104 -182.05 38.29 47.65
C ILE F 104 -183.09 37.72 48.59
N LYS F 105 -184.34 37.66 48.12
CA LYS F 105 -185.42 37.09 48.90
C LYS F 105 -185.30 35.57 48.90
N SER F 106 -184.46 35.06 49.80
CA SER F 106 -184.24 33.62 49.91
C SER F 106 -185.10 33.05 51.03
N LYS F 107 -185.32 31.75 50.97
CA LYS F 107 -186.13 31.07 51.98
C LYS F 107 -185.33 30.85 53.26
N LEU F 108 -184.16 30.23 53.11
CA LEU F 108 -183.32 29.92 54.26
C LEU F 108 -181.97 30.62 54.18
N ARG F 109 -181.32 30.80 55.33
CA ARG F 109 -180.00 31.41 55.38
C ARG F 109 -179.06 30.66 56.32
N LYS F 110 -178.15 29.88 55.74
CA LYS F 110 -177.21 29.09 56.51
C LYS F 110 -175.88 29.81 56.71
N PRO F 111 -175.19 29.51 57.83
CA PRO F 111 -173.89 30.09 58.18
C PRO F 111 -172.74 29.59 57.30
N ILE F 112 -171.71 30.40 57.14
CA ILE F 112 -170.56 30.02 56.33
C ILE F 112 -169.72 28.96 57.02
N HIS F 113 -169.83 28.89 58.35
CA HIS F 113 -169.08 27.91 59.10
C HIS F 113 -169.88 26.64 59.33
N ALA F 114 -169.32 25.52 58.90
CA ALA F 114 -169.99 24.23 59.05
C ALA F 114 -168.96 23.11 58.97
N ASP F 115 -169.26 22.02 59.67
CA ASP F 115 -168.31 20.92 59.80
C ASP F 115 -168.27 20.03 58.55
N PRO F 116 -167.09 19.48 58.24
CA PRO F 116 -166.86 18.61 57.09
C PRO F 116 -167.61 17.28 57.17
N PRO F 117 -167.97 16.73 56.00
CA PRO F 117 -168.72 15.47 55.87
C PRO F 117 -168.06 14.30 56.60
N SER F 118 -168.89 13.45 57.21
CA SER F 118 -168.42 12.27 57.92
C SER F 118 -167.72 11.29 56.98
N PHE F 119 -166.78 10.53 57.53
CA PHE F 119 -166.05 9.53 56.74
C PHE F 119 -166.99 8.53 56.07
N ALA F 120 -168.06 8.18 56.76
CA ALA F 120 -169.04 7.24 56.21
C ALA F 120 -169.82 7.86 55.05
N GLU F 121 -169.88 9.20 55.02
CA GLU F 121 -170.61 9.92 53.99
C GLU F 121 -169.81 10.07 52.69
N GLN F 122 -168.52 9.73 52.77
CA GLN F 122 -167.63 9.85 51.61
C GLN F 122 -168.00 8.87 50.51
N SER F 123 -168.08 9.36 49.29
CA SER F 123 -168.37 8.50 48.14
C SER F 123 -167.35 8.71 47.04
N THR F 124 -166.75 7.60 46.60
CA THR F 124 -165.70 7.67 45.59
C THR F 124 -166.24 7.31 44.21
N SER F 125 -165.65 7.93 43.19
CA SER F 125 -166.06 7.69 41.82
C SER F 125 -164.86 7.70 40.88
N ALA F 126 -164.95 6.91 39.81
CA ALA F 126 -163.88 6.81 38.82
C ALA F 126 -164.40 7.08 37.40
N GLU F 127 -165.31 8.03 37.26
CA GLU F 127 -165.87 8.39 35.95
C GLU F 127 -165.07 9.50 35.30
N ILE F 128 -164.71 9.31 34.03
CA ILE F 128 -163.91 10.30 33.34
C ILE F 128 -164.75 11.51 32.96
N LEU F 129 -164.09 12.65 32.80
CA LEU F 129 -164.76 13.88 32.40
C LEU F 129 -163.99 14.50 31.24
N GLU F 130 -164.57 14.44 30.05
CA GLU F 130 -163.94 14.98 28.86
C GLU F 130 -164.05 16.50 28.82
N THR F 131 -162.93 17.18 28.64
CA THR F 131 -162.89 18.63 28.65
C THR F 131 -162.69 19.16 27.25
N GLY F 132 -161.95 18.41 26.46
CA GLY F 132 -161.61 18.82 25.11
C GLY F 132 -160.15 19.25 25.04
N ILE F 133 -159.51 19.35 26.20
CA ILE F 133 -158.12 19.76 26.25
C ILE F 133 -157.19 18.57 26.06
N LYS F 134 -156.35 18.64 25.03
CA LYS F 134 -155.45 17.54 24.71
C LYS F 134 -154.55 17.16 25.88
N VAL F 135 -153.75 18.13 26.34
CA VAL F 135 -152.75 17.87 27.38
C VAL F 135 -153.38 17.36 28.67
N VAL F 136 -154.70 17.38 28.73
CA VAL F 136 -155.40 16.95 29.93
C VAL F 136 -156.09 15.59 29.73
N ASP F 137 -157.02 15.54 28.78
CA ASP F 137 -157.78 14.31 28.50
C ASP F 137 -156.88 13.15 28.09
N LEU F 138 -155.61 13.46 27.80
CA LEU F 138 -154.64 12.44 27.39
C LEU F 138 -153.69 12.05 28.51
N LEU F 139 -153.33 13.00 29.37
CA LEU F 139 -152.36 12.76 30.43
C LEU F 139 -153.00 12.67 31.82
N ALA F 140 -153.64 13.74 32.25
CA ALA F 140 -154.26 13.75 33.57
C ALA F 140 -155.73 14.11 33.50
N PRO F 141 -156.57 13.17 33.02
CA PRO F 141 -158.00 13.48 32.89
C PRO F 141 -158.68 13.76 34.22
N TYR F 142 -159.58 14.73 34.22
CA TYR F 142 -160.35 15.10 35.39
C TYR F 142 -161.49 14.12 35.60
N ALA F 143 -161.93 13.96 36.84
CA ALA F 143 -163.03 13.06 37.17
C ALA F 143 -164.30 13.80 37.53
N ARG F 144 -165.45 13.20 37.21
CA ARG F 144 -166.73 13.80 37.52
C ARG F 144 -166.92 13.94 39.04
N GLY F 145 -167.37 15.12 39.47
CA GLY F 145 -167.52 15.40 40.89
C GLY F 145 -166.22 15.25 41.66
N GLY F 146 -165.10 15.48 40.99
CA GLY F 146 -163.80 15.37 41.62
C GLY F 146 -163.16 16.71 41.93
N LYS F 147 -161.96 16.70 42.49
CA LYS F 147 -161.23 17.92 42.78
C LYS F 147 -160.17 18.23 41.75
N ILE F 148 -160.23 19.44 41.21
CA ILE F 148 -159.33 19.88 40.16
C ILE F 148 -158.43 20.96 40.72
N GLY F 149 -157.15 20.93 40.34
CA GLY F 149 -156.22 21.94 40.79
C GLY F 149 -155.39 22.49 39.65
N LEU F 150 -155.20 23.81 39.61
CA LEU F 150 -154.44 24.43 38.53
C LEU F 150 -153.30 25.30 39.03
N PHE F 151 -152.22 24.67 39.45
CA PHE F 151 -151.08 25.41 39.99
C PHE F 151 -150.38 26.20 38.92
N GLY F 152 -149.59 27.18 39.36
CA GLY F 152 -148.75 27.92 38.44
C GLY F 152 -148.43 29.33 38.92
N GLY F 153 -147.24 29.80 38.57
CA GLY F 153 -146.81 31.13 38.94
C GLY F 153 -147.71 32.21 38.37
N ALA F 154 -147.18 33.42 38.24
CA ALA F 154 -147.97 34.55 37.78
C ALA F 154 -147.96 34.72 36.26
N GLY F 155 -149.15 34.69 35.67
CA GLY F 155 -149.28 34.81 34.22
C GLY F 155 -148.88 33.54 33.49
N VAL F 156 -149.29 32.39 34.00
CA VAL F 156 -148.97 31.12 33.37
C VAL F 156 -150.16 30.57 32.60
N GLY F 157 -151.36 30.90 33.06
CA GLY F 157 -152.60 30.50 32.41
C GLY F 157 -153.57 29.70 33.27
N LYS F 158 -153.79 30.15 34.51
CA LYS F 158 -154.65 29.44 35.45
C LYS F 158 -156.12 29.78 35.28
N THR F 159 -156.39 31.07 35.12
CA THR F 159 -157.75 31.54 34.89
C THR F 159 -158.17 31.22 33.46
N VAL F 160 -157.40 31.68 32.48
CA VAL F 160 -157.70 31.41 31.08
C VAL F 160 -157.97 29.92 30.86
N PHE F 161 -157.27 29.07 31.61
CA PHE F 161 -157.50 27.64 31.59
C PHE F 161 -158.89 27.28 32.12
N ILE F 162 -159.29 27.92 33.21
CA ILE F 162 -160.62 27.69 33.78
C ILE F 162 -161.72 28.23 32.87
N GLN F 163 -161.56 29.48 32.42
CA GLN F 163 -162.54 30.09 31.52
C GLN F 163 -162.92 29.14 30.40
N GLU F 164 -161.94 28.45 29.85
CA GLU F 164 -162.19 27.48 28.80
C GLU F 164 -163.02 26.31 29.34
N LEU F 165 -162.70 25.87 30.56
CA LEU F 165 -163.44 24.77 31.16
C LEU F 165 -164.90 25.12 31.37
N ILE F 166 -165.18 26.40 31.58
CA ILE F 166 -166.53 26.88 31.80
C ILE F 166 -167.25 27.08 30.46
N ASN F 167 -166.46 27.30 29.41
CA ASN F 167 -166.98 27.46 28.07
C ASN F 167 -167.30 26.11 27.42
N ASN F 168 -166.86 25.04 28.07
CA ASN F 168 -167.01 23.71 27.48
C ASN F 168 -167.77 22.72 28.37
N ILE F 169 -167.85 23.02 29.67
CA ILE F 169 -168.56 22.13 30.59
C ILE F 169 -169.82 22.76 31.16
N ALA F 170 -169.73 24.02 31.56
CA ALA F 170 -170.85 24.72 32.18
C ALA F 170 -172.06 24.78 31.24
N LYS F 171 -171.77 24.88 29.95
CA LYS F 171 -172.83 24.96 28.94
C LYS F 171 -173.59 23.64 28.82
N ALA F 172 -172.87 22.55 28.57
CA ALA F 172 -173.49 21.24 28.42
C ALA F 172 -173.55 20.46 29.74
N HIS F 173 -173.73 21.17 30.85
CA HIS F 173 -173.70 20.52 32.17
C HIS F 173 -175.04 20.01 32.64
N GLY F 174 -176.00 20.92 32.80
CA GLY F 174 -177.34 20.56 33.23
C GLY F 174 -177.64 20.82 34.69
N GLY F 175 -176.60 21.03 35.49
CA GLY F 175 -176.78 21.29 36.90
C GLY F 175 -176.66 22.76 37.26
N PHE F 176 -176.08 23.03 38.42
CA PHE F 176 -175.84 24.42 38.85
C PHE F 176 -174.34 24.70 38.93
N SER F 177 -173.98 25.98 38.95
CA SER F 177 -172.58 26.38 39.05
C SER F 177 -172.40 27.47 40.09
N VAL F 178 -171.23 27.50 40.74
CA VAL F 178 -170.90 28.55 41.69
C VAL F 178 -169.49 29.10 41.46
N PHE F 179 -169.39 30.32 40.96
CA PHE F 179 -168.09 30.94 40.75
C PHE F 179 -167.77 31.92 41.90
N THR F 180 -166.58 31.77 42.48
CA THR F 180 -166.14 32.60 43.58
C THR F 180 -164.71 33.11 43.39
N GLY F 181 -164.60 34.40 43.10
CA GLY F 181 -163.29 35.01 42.88
C GLY F 181 -162.66 35.50 44.15
N VAL F 182 -161.69 34.74 44.66
CA VAL F 182 -161.01 35.10 45.89
C VAL F 182 -159.70 35.82 45.62
N GLY F 183 -159.63 37.07 46.08
CA GLY F 183 -158.44 37.88 45.89
C GLY F 183 -157.99 37.92 44.45
N GLU F 184 -158.84 38.43 43.56
CA GLU F 184 -158.51 38.53 42.15
C GLU F 184 -158.83 39.90 41.58
N ARG F 185 -158.32 40.17 40.38
CA ARG F 185 -158.51 41.47 39.74
C ARG F 185 -159.99 41.78 39.65
N THR F 186 -160.39 42.90 40.21
CA THR F 186 -161.79 43.28 40.19
C THR F 186 -162.31 43.35 38.76
N ARG F 187 -161.41 43.69 37.84
CA ARG F 187 -161.76 43.83 36.44
C ARG F 187 -162.22 42.50 35.83
N GLU F 188 -161.53 41.42 36.19
CA GLU F 188 -161.84 40.09 35.66
C GLU F 188 -163.24 39.64 36.07
N GLY F 189 -163.72 40.15 37.21
CA GLY F 189 -165.05 39.83 37.69
C GLY F 189 -166.10 40.44 36.79
N ASN F 190 -165.91 41.73 36.47
CA ASN F 190 -166.84 42.44 35.60
C ASN F 190 -166.94 41.79 34.22
N ASP F 191 -165.79 41.57 33.59
CA ASP F 191 -165.73 40.95 32.28
C ASP F 191 -166.34 39.54 32.33
N LEU F 192 -166.24 38.90 33.48
CA LEU F 192 -166.82 37.58 33.68
C LEU F 192 -168.34 37.68 33.69
N TYR F 193 -168.83 38.79 34.25
CA TYR F 193 -170.26 39.06 34.30
C TYR F 193 -170.81 39.26 32.88
N ARG F 194 -170.07 40.02 32.06
CA ARG F 194 -170.44 40.22 30.67
C ARG F 194 -170.60 38.88 29.94
N GLU F 195 -169.63 37.98 30.12
CA GLU F 195 -169.63 36.70 29.44
C GLU F 195 -170.84 35.83 29.79
N MET F 196 -171.20 35.81 31.07
CA MET F 196 -172.32 35.00 31.56
C MET F 196 -173.65 35.51 30.99
N LYS F 197 -173.73 36.81 30.79
CA LYS F 197 -174.92 37.44 30.22
C LYS F 197 -175.02 37.15 28.71
N GLU F 198 -173.94 37.43 27.99
CA GLU F 198 -173.89 37.22 26.54
C GLU F 198 -174.14 35.76 26.16
N THR F 199 -173.40 34.86 26.82
CA THR F 199 -173.56 33.41 26.60
C THR F 199 -174.96 32.96 27.00
N GLY F 200 -175.60 33.75 27.86
CA GLY F 200 -176.96 33.44 28.29
C GLY F 200 -177.03 32.56 29.52
N VAL F 201 -175.88 32.24 30.10
CA VAL F 201 -175.82 31.46 31.33
C VAL F 201 -176.58 32.18 32.43
N ILE F 202 -176.48 33.50 32.43
CA ILE F 202 -177.17 34.34 33.41
C ILE F 202 -178.05 35.36 32.71
N ASN F 203 -179.35 35.11 32.71
CA ASN F 203 -180.32 36.01 32.11
C ASN F 203 -181.10 36.77 33.19
N LEU F 204 -180.93 38.09 33.23
CA LEU F 204 -181.61 38.93 34.20
C LEU F 204 -183.12 38.73 34.19
N GLU F 205 -183.71 38.89 33.01
CA GLU F 205 -185.15 38.71 32.82
C GLU F 205 -185.56 37.25 33.01
N GLY F 206 -184.71 36.34 32.51
CA GLY F 206 -184.99 34.90 32.61
C GLY F 206 -184.36 34.25 33.83
N GLU F 207 -183.95 32.99 33.68
CA GLU F 207 -183.29 32.27 34.75
C GLU F 207 -181.81 32.16 34.48
N SER F 208 -181.07 31.65 35.46
CA SER F 208 -179.63 31.50 35.33
C SER F 208 -179.19 30.13 35.82
N LYS F 209 -177.96 29.75 35.49
CA LYS F 209 -177.45 28.44 35.85
C LYS F 209 -176.26 28.51 36.82
N VAL F 210 -175.88 29.71 37.22
CA VAL F 210 -174.70 29.91 38.07
C VAL F 210 -174.80 31.12 39.00
N ALA F 211 -174.23 31.00 40.20
CA ALA F 211 -174.21 32.08 41.19
C ALA F 211 -172.82 32.71 41.31
N LEU F 212 -172.77 34.03 41.49
CA LEU F 212 -171.51 34.75 41.51
C LEU F 212 -171.17 35.34 42.87
N VAL F 213 -170.15 34.79 43.53
CA VAL F 213 -169.69 35.29 44.82
C VAL F 213 -168.27 35.83 44.73
N PHE F 214 -168.07 37.08 45.12
CA PHE F 214 -166.76 37.71 44.97
C PHE F 214 -166.18 38.26 46.28
N GLY F 215 -164.90 37.98 46.49
CA GLY F 215 -164.14 38.56 47.59
C GLY F 215 -162.81 38.98 47.01
N GLN F 216 -162.85 39.97 46.14
CA GLN F 216 -161.68 40.36 45.36
C GLN F 216 -160.53 40.84 46.24
N MET F 217 -159.34 40.87 45.65
CA MET F 217 -158.15 41.25 46.37
C MET F 217 -158.24 42.67 46.92
N ASN F 218 -158.90 43.56 46.19
CA ASN F 218 -159.09 44.92 46.67
C ASN F 218 -159.71 44.95 48.07
N GLU F 219 -160.56 43.97 48.35
CA GLU F 219 -161.17 43.83 49.68
C GLU F 219 -160.12 43.43 50.72
N PRO F 220 -160.23 43.94 51.96
CA PRO F 220 -159.32 43.65 53.06
C PRO F 220 -159.19 42.15 53.35
N PRO F 221 -158.21 41.77 54.20
CA PRO F 221 -157.85 40.38 54.48
C PRO F 221 -159.00 39.57 55.08
N GLY F 222 -159.74 40.16 56.01
CA GLY F 222 -160.87 39.48 56.61
C GLY F 222 -161.79 38.91 55.56
N ALA F 223 -162.09 39.72 54.55
CA ALA F 223 -163.01 39.31 53.49
C ALA F 223 -162.38 38.26 52.61
N ARG F 224 -161.13 38.50 52.23
CA ARG F 224 -160.43 37.56 51.37
C ARG F 224 -160.32 36.21 52.05
N ALA F 225 -160.61 36.19 53.35
CA ALA F 225 -160.48 34.97 54.12
C ALA F 225 -161.80 34.24 54.24
N ARG F 226 -162.89 35.00 54.18
CA ARG F 226 -164.21 34.43 54.40
C ARG F 226 -164.93 34.17 53.09
N VAL F 227 -164.61 34.96 52.09
CA VAL F 227 -165.26 34.85 50.80
C VAL F 227 -165.31 33.40 50.32
N ALA F 228 -164.21 32.68 50.48
CA ALA F 228 -164.15 31.28 50.04
C ALA F 228 -165.21 30.45 50.76
N LEU F 229 -165.45 30.77 52.02
CA LEU F 229 -166.45 30.07 52.82
C LEU F 229 -167.87 30.41 52.38
N THR F 230 -168.08 31.69 52.06
CA THR F 230 -169.36 32.16 51.56
C THR F 230 -169.77 31.37 50.31
N GLY F 231 -168.94 31.45 49.28
CA GLY F 231 -169.20 30.74 48.04
C GLY F 231 -169.46 29.25 48.24
N LEU F 232 -168.78 28.67 49.22
CA LEU F 232 -168.86 27.23 49.43
C LEU F 232 -170.19 26.83 50.08
N THR F 233 -170.65 27.67 50.98
CA THR F 233 -171.91 27.42 51.67
C THR F 233 -173.05 27.32 50.68
N ILE F 234 -173.03 28.18 49.68
CA ILE F 234 -174.07 28.20 48.67
C ILE F 234 -174.07 26.88 47.87
N ALA F 235 -172.89 26.39 47.56
CA ALA F 235 -172.76 25.20 46.71
C ALA F 235 -173.06 23.90 47.47
N GLU F 236 -172.77 23.88 48.77
CA GLU F 236 -173.05 22.69 49.55
C GLU F 236 -174.56 22.55 49.76
N TYR F 237 -175.29 23.64 49.55
CA TYR F 237 -176.75 23.60 49.65
C TYR F 237 -177.31 22.75 48.51
N PHE F 238 -176.95 23.10 47.28
CA PHE F 238 -177.45 22.36 46.11
C PHE F 238 -176.97 20.93 46.13
N ARG F 239 -176.02 20.65 47.02
CA ARG F 239 -175.43 19.33 47.09
C ARG F 239 -176.27 18.40 47.96
N ASP F 240 -176.63 18.88 49.14
CA ASP F 240 -177.38 18.07 50.09
C ASP F 240 -178.87 18.31 49.92
N GLU F 241 -179.27 19.57 50.08
CA GLU F 241 -180.66 19.95 49.97
C GLU F 241 -181.26 19.60 48.60
N GLU F 242 -180.62 20.04 47.51
CA GLU F 242 -181.13 19.76 46.17
C GLU F 242 -180.63 18.42 45.60
N GLY F 243 -179.44 18.01 46.03
CA GLY F 243 -178.85 16.77 45.57
C GLY F 243 -178.70 16.75 44.06
N GLN F 244 -178.09 17.80 43.53
CA GLN F 244 -177.90 17.93 42.09
C GLN F 244 -176.43 18.25 41.78
N ASP F 245 -175.96 17.82 40.61
CA ASP F 245 -174.59 18.11 40.20
C ASP F 245 -174.31 19.60 40.21
N VAL F 246 -173.20 19.99 40.81
CA VAL F 246 -172.79 21.40 40.85
C VAL F 246 -171.32 21.56 40.47
N LEU F 247 -171.02 22.62 39.72
CA LEU F 247 -169.64 22.94 39.38
C LEU F 247 -169.15 24.12 40.21
N LEU F 248 -168.21 23.86 41.10
CA LEU F 248 -167.66 24.89 41.98
C LEU F 248 -166.33 25.44 41.46
N PHE F 249 -166.35 26.65 40.92
CA PHE F 249 -165.16 27.28 40.36
C PHE F 249 -164.55 28.29 41.33
N ILE F 250 -163.33 28.04 41.77
CA ILE F 250 -162.66 28.94 42.71
C ILE F 250 -161.36 29.50 42.14
N ASP F 251 -161.16 30.80 42.29
CA ASP F 251 -159.96 31.45 41.78
C ASP F 251 -159.78 32.81 42.43
N ASN F 252 -158.74 32.95 43.26
CA ASN F 252 -157.76 31.90 43.51
C ASN F 252 -157.83 31.44 44.97
N ILE F 253 -157.64 30.14 45.20
CA ILE F 253 -157.77 29.56 46.52
C ILE F 253 -156.63 29.94 47.45
N PHE F 254 -155.48 30.28 46.88
CA PHE F 254 -154.30 30.62 47.65
C PHE F 254 -154.56 31.83 48.54
N ARG F 255 -155.24 32.82 47.98
CA ARG F 255 -155.56 34.03 48.70
C ARG F 255 -156.15 33.72 50.06
N PHE F 256 -156.72 32.54 50.20
CA PHE F 256 -157.36 32.12 51.45
C PHE F 256 -156.37 32.03 52.58
N THR F 257 -155.24 31.39 52.31
CA THR F 257 -154.18 31.28 53.29
C THR F 257 -153.35 32.57 53.34
N GLN F 258 -153.18 33.20 52.18
CA GLN F 258 -152.44 34.47 52.12
C GLN F 258 -153.11 35.51 53.01
N ALA F 259 -154.43 35.60 52.92
CA ALA F 259 -155.18 36.58 53.69
C ALA F 259 -155.12 36.27 55.18
N GLY F 260 -155.00 34.99 55.51
CA GLY F 260 -154.93 34.56 56.90
C GLY F 260 -153.55 34.71 57.51
N SER F 261 -152.52 34.78 56.67
CA SER F 261 -151.16 34.95 57.15
C SER F 261 -150.83 36.41 57.43
N GLU F 262 -151.72 37.31 57.02
CA GLU F 262 -151.51 38.73 57.23
C GLU F 262 -151.93 39.10 58.65
N VAL F 263 -152.95 38.39 59.12
CA VAL F 263 -153.55 38.70 60.40
C VAL F 263 -152.98 37.82 61.50
N SER F 264 -152.48 36.65 61.14
CA SER F 264 -151.93 35.72 62.13
C SER F 264 -150.94 36.45 63.02
N ALA F 265 -150.25 37.43 62.46
CA ALA F 265 -149.24 38.20 63.19
C ALA F 265 -149.90 39.05 64.27
N LEU F 266 -150.95 39.77 63.88
CA LEU F 266 -151.68 40.63 64.79
C LEU F 266 -152.48 39.81 65.80
N LEU F 267 -152.90 38.62 65.41
CA LEU F 267 -153.66 37.75 66.30
C LEU F 267 -152.81 37.31 67.49
N GLY F 268 -151.49 37.46 67.36
CA GLY F 268 -150.57 37.08 68.41
C GLY F 268 -150.08 35.65 68.30
N ARG F 269 -150.04 35.15 67.06
CA ARG F 269 -149.55 33.79 66.81
C ARG F 269 -148.06 33.83 66.45
N ILE F 270 -147.33 32.80 66.84
CA ILE F 270 -145.90 32.70 66.54
C ILE F 270 -145.69 32.26 65.10
N PRO F 271 -145.12 33.15 64.28
CA PRO F 271 -144.97 32.85 62.86
C PRO F 271 -144.19 31.55 62.63
N SER F 272 -144.73 30.65 61.81
CA SER F 272 -144.02 29.43 61.42
C SER F 272 -143.04 29.78 60.30
N ALA F 273 -142.28 28.81 59.82
CA ALA F 273 -141.29 29.09 58.78
C ALA F 273 -141.92 29.69 57.52
N VAL F 274 -141.23 30.65 56.93
CA VAL F 274 -141.71 31.35 55.73
C VAL F 274 -142.70 32.47 56.07
N GLY F 275 -143.10 32.55 57.33
CA GLY F 275 -143.99 33.60 57.78
C GLY F 275 -145.43 33.12 57.94
N TYR F 276 -145.74 31.98 57.35
CA TYR F 276 -147.09 31.43 57.37
C TYR F 276 -147.50 31.02 58.78
N GLN F 277 -148.78 31.24 59.09
CA GLN F 277 -149.34 30.91 60.40
C GLN F 277 -149.21 29.43 60.73
N PRO F 278 -148.99 29.11 62.01
CA PRO F 278 -148.79 27.72 62.46
C PRO F 278 -149.88 26.78 61.99
N THR F 279 -151.12 27.25 62.02
CA THR F 279 -152.25 26.41 61.69
C THR F 279 -152.59 26.45 60.21
N LEU F 280 -151.60 26.29 59.35
CA LEU F 280 -151.84 26.33 57.92
C LEU F 280 -152.57 25.06 57.48
N ALA F 281 -152.12 23.92 57.99
CA ALA F 281 -152.60 22.61 57.58
C ALA F 281 -154.07 22.38 57.94
N THR F 282 -154.46 22.86 59.10
CA THR F 282 -155.82 22.68 59.58
C THR F 282 -156.79 23.55 58.77
N ASP F 283 -156.64 24.86 58.90
CA ASP F 283 -157.48 25.80 58.17
C ASP F 283 -157.68 25.35 56.72
N MET F 284 -156.59 25.15 56.00
CA MET F 284 -156.66 24.67 54.61
C MET F 284 -157.37 23.32 54.58
N GLY F 285 -157.25 22.57 55.66
CA GLY F 285 -157.90 21.28 55.78
C GLY F 285 -159.40 21.39 55.84
N LEU F 286 -159.90 22.17 56.79
CA LEU F 286 -161.35 22.33 56.96
C LEU F 286 -162.04 22.81 55.69
N LEU F 287 -161.31 23.57 54.88
CA LEU F 287 -161.87 24.10 53.64
C LEU F 287 -162.03 23.02 52.59
N GLN F 288 -160.93 22.34 52.27
CA GLN F 288 -160.92 21.30 51.24
C GLN F 288 -161.84 20.13 51.58
N GLU F 289 -161.95 19.80 52.87
CA GLU F 289 -162.76 18.68 53.31
C GLU F 289 -164.25 18.92 53.08
N ARG F 290 -164.62 20.20 53.00
CA ARG F 290 -166.02 20.58 52.76
C ARG F 290 -166.34 20.58 51.28
N ILE F 291 -165.30 20.79 50.47
CA ILE F 291 -165.46 20.82 49.02
C ILE F 291 -165.26 19.44 48.44
N THR F 292 -166.30 18.63 48.48
CA THR F 292 -166.20 17.23 48.06
C THR F 292 -167.56 16.64 47.71
N THR F 293 -167.56 15.46 47.10
CA THR F 293 -168.80 14.80 46.73
C THR F 293 -169.25 13.86 47.85
N THR F 294 -170.54 13.88 48.16
CA THR F 294 -171.12 13.06 49.22
C THR F 294 -172.22 12.16 48.66
N LYS F 295 -172.82 11.37 49.54
CA LYS F 295 -173.86 10.43 49.15
C LYS F 295 -175.17 11.13 48.82
N LYS F 296 -175.19 12.45 48.98
CA LYS F 296 -176.39 13.22 48.71
C LYS F 296 -176.30 13.93 47.36
N GLY F 297 -175.09 14.27 46.94
CA GLY F 297 -174.89 14.96 45.67
C GLY F 297 -173.44 14.99 45.23
N SER F 298 -173.23 15.32 43.97
CA SER F 298 -171.88 15.37 43.43
C SER F 298 -171.51 16.79 43.05
N VAL F 299 -170.23 17.13 43.28
CA VAL F 299 -169.74 18.47 43.03
C VAL F 299 -168.37 18.37 42.39
N THR F 300 -168.22 19.01 41.24
CA THR F 300 -166.94 19.08 40.57
C THR F 300 -166.32 20.45 40.83
N SER F 301 -165.18 20.46 41.50
CA SER F 301 -164.54 21.71 41.88
C SER F 301 -163.26 21.96 41.07
N VAL F 302 -163.16 23.14 40.48
CA VAL F 302 -161.94 23.52 39.76
C VAL F 302 -161.24 24.65 40.52
N GLN F 303 -160.36 24.29 41.46
CA GLN F 303 -159.65 25.29 42.25
C GLN F 303 -158.31 25.66 41.64
N ALA F 304 -158.07 26.97 41.50
CA ALA F 304 -156.80 27.45 41.00
C ALA F 304 -155.91 27.84 42.16
N VAL F 305 -154.65 27.39 42.12
CA VAL F 305 -153.70 27.68 43.18
C VAL F 305 -152.55 28.53 42.68
N TYR F 306 -152.20 29.55 43.45
CA TYR F 306 -151.09 30.43 43.10
C TYR F 306 -149.77 29.88 43.67
N VAL F 307 -148.70 30.03 42.89
CA VAL F 307 -147.37 29.53 43.27
C VAL F 307 -146.41 30.71 43.47
N PRO F 308 -146.17 31.09 44.74
CA PRO F 308 -145.28 32.20 45.10
C PRO F 308 -143.86 31.99 44.58
N ALA F 309 -143.34 32.99 43.87
CA ALA F 309 -141.99 32.89 43.32
C ALA F 309 -141.77 31.58 42.56
N ASP F 310 -142.81 31.09 41.89
CA ASP F 310 -142.72 29.87 41.11
C ASP F 310 -142.14 28.70 41.91
N ASP F 311 -142.38 28.69 43.21
CA ASP F 311 -141.84 27.66 44.09
C ASP F 311 -142.90 26.65 44.52
N LEU F 312 -142.80 25.43 44.03
CA LEU F 312 -143.77 24.40 44.37
C LEU F 312 -143.50 23.81 45.75
N THR F 313 -142.33 24.10 46.30
CA THR F 313 -141.97 23.57 47.62
C THR F 313 -142.54 24.42 48.72
N ASP F 314 -143.09 25.57 48.34
CA ASP F 314 -143.73 26.48 49.27
C ASP F 314 -144.83 25.76 50.04
N PRO F 315 -144.89 25.96 51.36
CA PRO F 315 -145.88 25.28 52.21
C PRO F 315 -147.32 25.48 51.74
N ALA F 316 -147.62 26.63 51.16
CA ALA F 316 -148.98 26.90 50.71
C ALA F 316 -149.41 25.92 49.62
N PRO F 317 -148.74 25.96 48.45
CA PRO F 317 -149.16 25.03 47.40
C PRO F 317 -148.86 23.58 47.75
N ALA F 318 -147.77 23.34 48.48
CA ALA F 318 -147.34 21.98 48.77
C ALA F 318 -148.34 21.22 49.63
N THR F 319 -149.23 21.96 50.30
CA THR F 319 -150.23 21.33 51.14
C THR F 319 -151.55 21.25 50.40
N THR F 320 -151.52 21.63 49.14
CA THR F 320 -152.73 21.67 48.33
C THR F 320 -152.84 20.41 47.48
N PHE F 321 -151.70 19.88 47.06
CA PHE F 321 -151.68 18.69 46.21
C PHE F 321 -152.42 17.54 46.86
N ALA F 322 -152.22 17.38 48.17
CA ALA F 322 -152.81 16.24 48.87
C ALA F 322 -154.32 16.30 48.89
N HIS F 323 -154.89 17.47 48.62
CA HIS F 323 -156.34 17.65 48.62
C HIS F 323 -156.92 17.69 47.20
N LEU F 324 -156.30 16.98 46.27
CA LEU F 324 -156.72 17.03 44.88
C LEU F 324 -156.67 15.65 44.23
N ASP F 325 -157.68 15.34 43.42
CA ASP F 325 -157.72 14.07 42.70
C ASP F 325 -157.05 14.23 41.34
N ALA F 326 -156.87 15.48 40.94
CA ALA F 326 -156.19 15.80 39.69
C ALA F 326 -155.39 17.09 39.82
N THR F 327 -154.14 17.05 39.36
CA THR F 327 -153.25 18.19 39.46
C THR F 327 -152.63 18.56 38.12
N THR F 328 -152.87 19.80 37.69
CA THR F 328 -152.37 20.28 36.42
C THR F 328 -151.49 21.50 36.64
N VAL F 329 -150.18 21.30 36.68
CA VAL F 329 -149.25 22.37 36.98
C VAL F 329 -148.72 23.08 35.75
N LEU F 330 -148.71 24.40 35.79
CA LEU F 330 -148.19 25.19 34.68
C LEU F 330 -146.84 25.79 35.04
N SER F 331 -145.83 25.50 34.23
CA SER F 331 -144.50 26.05 34.45
C SER F 331 -144.26 27.23 33.51
N ARG F 332 -143.86 28.37 34.08
CA ARG F 332 -143.60 29.55 33.26
C ARG F 332 -142.46 29.29 32.26
N GLY F 333 -141.71 28.23 32.50
CA GLY F 333 -140.61 27.86 31.62
C GLY F 333 -141.13 27.26 30.33
N ILE F 334 -142.40 26.87 30.33
CA ILE F 334 -143.07 26.30 29.17
C ILE F 334 -143.88 27.34 28.41
N SER F 335 -144.47 28.28 29.15
CA SER F 335 -145.27 29.35 28.54
C SER F 335 -144.38 30.31 27.76
N GLU F 336 -143.19 30.54 28.29
CA GLU F 336 -142.22 31.42 27.64
C GLU F 336 -141.77 30.83 26.30
N LEU F 337 -141.84 29.51 26.17
CA LEU F 337 -141.49 28.85 24.91
C LEU F 337 -142.54 29.16 23.86
N GLY F 338 -143.67 29.70 24.29
CA GLY F 338 -144.78 29.98 23.41
C GLY F 338 -145.79 28.86 23.44
N ILE F 339 -145.45 27.77 24.11
CA ILE F 339 -146.35 26.63 24.22
C ILE F 339 -147.49 26.89 25.22
N TYR F 340 -148.73 26.78 24.74
CA TYR F 340 -149.92 26.97 25.57
C TYR F 340 -151.00 25.93 25.29
N PRO F 341 -151.69 25.49 26.35
CA PRO F 341 -151.43 25.91 27.73
C PRO F 341 -150.06 25.38 28.14
N ALA F 342 -149.38 26.07 29.04
CA ALA F 342 -148.06 25.65 29.47
C ALA F 342 -148.09 24.48 30.44
N VAL F 343 -148.90 23.46 30.13
CA VAL F 343 -149.00 22.29 30.98
C VAL F 343 -147.71 21.50 30.97
N ASP F 344 -147.25 21.08 32.15
CA ASP F 344 -146.06 20.24 32.24
C ASP F 344 -146.46 18.79 32.39
N PRO F 345 -146.39 18.04 31.29
CA PRO F 345 -146.78 16.63 31.21
C PRO F 345 -146.14 15.79 32.30
N LEU F 346 -144.91 16.11 32.67
CA LEU F 346 -144.16 15.34 33.66
C LEU F 346 -144.77 15.47 35.04
N ASP F 347 -144.87 16.71 35.51
CA ASP F 347 -145.34 17.00 36.86
C ASP F 347 -146.83 16.69 37.02
N SER F 348 -147.59 16.85 35.93
CA SER F 348 -149.04 16.64 35.95
C SER F 348 -149.41 15.20 36.29
N LYS F 349 -150.31 15.06 37.25
CA LYS F 349 -150.75 13.76 37.72
C LYS F 349 -152.26 13.73 37.84
N SER F 350 -152.82 12.52 37.82
CA SER F 350 -154.24 12.33 38.08
C SER F 350 -154.46 10.95 38.68
N ARG F 351 -155.68 10.69 39.12
CA ARG F 351 -156.00 9.42 39.73
C ARG F 351 -156.69 8.53 38.70
N LEU F 352 -157.07 9.13 37.58
CA LEU F 352 -157.77 8.42 36.51
C LEU F 352 -156.83 7.85 35.47
N LEU F 353 -155.55 8.17 35.60
CA LEU F 353 -154.55 7.66 34.67
C LEU F 353 -154.33 6.18 34.98
N ASP F 354 -155.34 5.36 34.71
CA ASP F 354 -155.22 3.93 34.93
C ASP F 354 -155.90 3.15 33.82
N ALA F 355 -155.24 2.08 33.38
CA ALA F 355 -155.75 1.28 32.28
C ALA F 355 -157.11 0.66 32.56
N ALA F 356 -157.44 0.49 33.84
CA ALA F 356 -158.72 -0.09 34.21
C ALA F 356 -159.84 0.95 34.13
N VAL F 357 -159.52 2.10 33.55
CA VAL F 357 -160.49 3.18 33.39
C VAL F 357 -160.44 3.86 32.01
N VAL F 358 -159.26 4.32 31.62
CA VAL F 358 -159.10 5.00 30.33
C VAL F 358 -158.77 4.01 29.22
N GLY F 359 -158.65 2.73 29.58
CA GLY F 359 -158.34 1.70 28.61
C GLY F 359 -156.86 1.38 28.54
N GLN F 360 -156.56 0.14 28.14
CA GLN F 360 -155.18 -0.33 28.05
C GLN F 360 -154.34 0.47 27.05
N GLU F 361 -154.87 0.62 25.84
CA GLU F 361 -154.21 1.39 24.79
C GLU F 361 -153.91 2.83 25.21
N HIS F 362 -154.90 3.49 25.83
CA HIS F 362 -154.77 4.86 26.28
C HIS F 362 -153.65 4.97 27.30
N TYR F 363 -153.56 3.98 28.17
CA TYR F 363 -152.50 3.92 29.16
C TYR F 363 -151.12 3.84 28.51
N ASP F 364 -150.99 2.97 27.52
CA ASP F 364 -149.71 2.74 26.84
C ASP F 364 -149.26 3.94 26.02
N VAL F 365 -150.19 4.53 25.29
CA VAL F 365 -149.87 5.70 24.46
C VAL F 365 -149.40 6.85 25.34
N ALA F 366 -150.12 7.10 26.42
CA ALA F 366 -149.75 8.15 27.35
C ALA F 366 -148.33 7.93 27.88
N SER F 367 -148.08 6.73 28.40
CA SER F 367 -146.77 6.40 28.96
C SER F 367 -145.66 6.66 27.96
N LYS F 368 -145.86 6.20 26.72
CA LYS F 368 -144.87 6.41 25.68
C LYS F 368 -144.58 7.89 25.49
N VAL F 369 -145.62 8.71 25.59
CA VAL F 369 -145.43 10.15 25.42
C VAL F 369 -144.55 10.70 26.53
N GLN F 370 -144.77 10.23 27.75
CA GLN F 370 -143.99 10.69 28.89
C GLN F 370 -142.52 10.30 28.72
N GLU F 371 -142.26 9.01 28.55
CA GLU F 371 -140.90 8.52 28.37
C GLU F 371 -140.16 9.33 27.31
N THR F 372 -140.83 9.59 26.20
CA THR F 372 -140.20 10.33 25.13
C THR F 372 -139.86 11.75 25.59
N LEU F 373 -140.80 12.38 26.28
CA LEU F 373 -140.57 13.74 26.75
C LEU F 373 -139.48 13.74 27.81
N GLN F 374 -139.47 12.70 28.62
CA GLN F 374 -138.49 12.59 29.69
C GLN F 374 -137.08 12.47 29.15
N THR F 375 -136.92 11.66 28.11
CA THR F 375 -135.60 11.41 27.54
C THR F 375 -135.03 12.68 26.93
N TYR F 376 -135.91 13.59 26.52
CA TYR F 376 -135.51 14.86 25.95
C TYR F 376 -135.00 15.79 27.03
N LYS F 377 -135.61 15.67 28.20
CA LYS F 377 -135.25 16.51 29.34
C LYS F 377 -133.92 16.06 29.94
N SER F 378 -133.73 14.75 30.02
CA SER F 378 -132.50 14.21 30.60
C SER F 378 -131.25 14.50 29.76
N LEU F 379 -131.44 14.91 28.51
CA LEU F 379 -130.31 15.22 27.65
C LEU F 379 -130.21 16.72 27.40
N GLN F 380 -131.08 17.48 28.05
CA GLN F 380 -131.14 18.92 27.85
C GLN F 380 -129.80 19.57 28.19
N ASP F 381 -129.14 19.07 29.22
CA ASP F 381 -127.86 19.60 29.64
C ASP F 381 -126.85 19.43 28.52
N ILE F 382 -126.90 18.27 27.89
CA ILE F 382 -125.96 17.97 26.83
C ILE F 382 -126.20 18.87 25.63
N ILE F 383 -127.47 19.13 25.33
CA ILE F 383 -127.83 19.92 24.16
C ILE F 383 -127.27 21.34 24.17
N ALA F 384 -127.34 21.98 25.33
CA ALA F 384 -126.86 23.36 25.45
C ALA F 384 -125.35 23.44 25.37
N ILE F 385 -124.69 22.39 25.86
CA ILE F 385 -123.23 22.34 25.86
C ILE F 385 -122.67 21.92 24.51
N LEU F 386 -122.98 20.70 24.09
CA LEU F 386 -122.44 20.15 22.85
C LEU F 386 -123.36 20.41 21.65
N GLY F 387 -124.55 19.83 21.69
CA GLY F 387 -125.51 19.97 20.62
C GLY F 387 -126.09 18.63 20.25
N MET F 388 -126.81 18.58 19.14
CA MET F 388 -127.39 17.32 18.70
C MET F 388 -126.39 16.51 17.88
N ASP F 389 -125.33 17.17 17.44
CA ASP F 389 -124.31 16.53 16.63
C ASP F 389 -123.63 15.42 17.43
N GLU F 390 -123.60 15.60 18.75
CA GLU F 390 -122.95 14.65 19.64
C GLU F 390 -123.92 13.57 20.11
N LEU F 391 -125.21 13.80 19.87
CA LEU F 391 -126.24 12.85 20.24
C LEU F 391 -126.18 11.63 19.35
N SER F 392 -126.48 10.47 19.92
CA SER F 392 -126.45 9.24 19.14
C SER F 392 -127.63 9.21 18.16
N GLU F 393 -127.57 8.26 17.23
CA GLU F 393 -128.59 8.16 16.19
C GLU F 393 -129.95 7.93 16.83
N GLN F 394 -130.00 7.01 17.79
CA GLN F 394 -131.25 6.69 18.47
C GLN F 394 -131.74 7.87 19.29
N ASP F 395 -130.83 8.54 19.99
CA ASP F 395 -131.19 9.68 20.84
C ASP F 395 -131.65 10.87 20.01
N LYS F 396 -130.98 11.10 18.87
CA LYS F 396 -131.30 12.25 18.04
C LYS F 396 -132.69 12.15 17.42
N LEU F 397 -133.11 10.92 17.15
CA LEU F 397 -134.44 10.66 16.59
C LEU F 397 -135.55 10.88 17.63
N THR F 398 -135.25 10.55 18.89
CA THR F 398 -136.20 10.71 19.98
C THR F 398 -136.44 12.18 20.33
N VAL F 399 -135.38 12.97 20.29
CA VAL F 399 -135.47 14.41 20.49
C VAL F 399 -136.48 15.04 19.53
N GLU F 400 -136.20 14.93 18.23
CA GLU F 400 -137.07 15.51 17.20
C GLU F 400 -138.51 15.08 17.44
N ARG F 401 -138.71 13.77 17.58
CA ARG F 401 -140.02 13.21 17.85
C ARG F 401 -140.61 13.84 19.09
N ALA F 402 -139.81 13.91 20.14
CA ALA F 402 -140.22 14.52 21.39
C ALA F 402 -140.67 15.97 21.15
N ARG F 403 -139.78 16.76 20.55
CA ARG F 403 -140.08 18.15 20.24
C ARG F 403 -141.37 18.28 19.44
N LYS F 404 -141.65 17.29 18.60
CA LYS F 404 -142.89 17.26 17.84
C LYS F 404 -144.09 17.04 18.77
N ILE F 405 -143.94 16.14 19.73
CA ILE F 405 -145.02 15.84 20.67
C ILE F 405 -145.33 17.04 21.57
N GLN F 406 -144.29 17.71 22.03
CA GLN F 406 -144.44 18.89 22.89
C GLN F 406 -145.22 19.98 22.18
N ARG F 407 -144.81 20.33 20.97
CA ARG F 407 -145.47 21.39 20.22
C ARG F 407 -146.92 21.00 19.97
N PHE F 408 -147.14 19.71 19.77
CA PHE F 408 -148.48 19.20 19.46
C PHE F 408 -149.41 19.37 20.65
N LEU F 409 -148.83 19.40 21.85
CA LEU F 409 -149.60 19.54 23.09
C LEU F 409 -150.36 20.86 23.13
N SER F 410 -149.79 21.90 22.54
CA SER F 410 -150.43 23.20 22.48
C SER F 410 -151.80 23.08 21.82
N GLN F 411 -152.70 23.99 22.17
CA GLN F 411 -154.06 23.96 21.65
C GLN F 411 -154.65 25.35 21.67
N PRO F 412 -155.18 25.81 20.52
CA PRO F 412 -155.80 27.14 20.47
C PRO F 412 -157.04 27.21 21.36
N PHE F 413 -157.12 28.23 22.19
CA PHE F 413 -158.24 28.39 23.11
C PHE F 413 -159.20 29.46 22.60
N ALA F 414 -160.49 29.12 22.54
CA ALA F 414 -161.50 30.04 22.05
C ALA F 414 -161.53 31.29 22.91
N VAL F 415 -161.31 31.11 24.20
CA VAL F 415 -161.31 32.24 25.13
C VAL F 415 -160.07 33.11 24.92
N ALA F 416 -158.98 32.49 24.52
CA ALA F 416 -157.73 33.20 24.33
C ALA F 416 -157.46 33.50 22.86
N GLU F 417 -158.53 33.61 22.08
CA GLU F 417 -158.41 33.87 20.65
C GLU F 417 -157.89 35.29 20.45
N VAL F 418 -158.19 36.16 21.41
CA VAL F 418 -157.78 37.56 21.34
C VAL F 418 -156.29 37.70 21.63
N PHE F 419 -155.64 36.57 21.93
CA PHE F 419 -154.21 36.55 22.20
C PHE F 419 -153.45 35.84 21.08
N THR F 420 -154.02 34.74 20.62
CA THR F 420 -153.37 33.90 19.61
C THR F 420 -153.81 34.29 18.20
N GLY F 421 -154.98 34.92 18.12
CA GLY F 421 -155.52 35.34 16.84
C GLY F 421 -155.98 34.15 16.03
N ILE F 422 -156.02 32.98 16.67
CA ILE F 422 -156.43 31.75 16.03
C ILE F 422 -157.69 31.21 16.69
N PRO F 423 -158.70 30.89 15.88
CA PRO F 423 -159.98 30.36 16.36
C PRO F 423 -159.79 29.14 17.26
N GLY F 424 -160.61 29.04 18.30
CA GLY F 424 -160.52 27.95 19.24
C GLY F 424 -160.54 26.59 18.56
N LYS F 425 -159.98 25.59 19.22
CA LYS F 425 -159.96 24.24 18.70
C LYS F 425 -160.33 23.25 19.78
N LEU F 426 -161.49 22.62 19.63
CA LEU F 426 -161.95 21.63 20.60
C LEU F 426 -161.69 20.22 20.06
N VAL F 427 -160.86 19.46 20.76
CA VAL F 427 -160.49 18.11 20.34
C VAL F 427 -161.05 17.04 21.27
N ARG F 428 -161.62 16.00 20.70
CA ARG F 428 -162.20 14.91 21.48
C ARG F 428 -161.12 13.97 22.00
N LEU F 429 -161.39 13.33 23.13
CA LEU F 429 -160.46 12.38 23.71
C LEU F 429 -160.14 11.23 22.75
N LYS F 430 -161.17 10.70 22.10
CA LYS F 430 -161.00 9.59 21.18
C LYS F 430 -159.94 9.87 20.10
N ASP F 431 -160.01 11.05 19.48
CA ASP F 431 -159.11 11.43 18.37
C ASP F 431 -157.71 11.76 18.88
N THR F 432 -157.63 12.33 20.09
CA THR F 432 -156.35 12.71 20.67
C THR F 432 -155.42 11.53 20.87
N VAL F 433 -155.96 10.47 21.48
CA VAL F 433 -155.20 9.24 21.69
C VAL F 433 -154.66 8.69 20.36
N ALA F 434 -155.55 8.47 19.39
CA ALA F 434 -155.13 7.96 18.09
C ALA F 434 -154.06 8.87 17.50
N SER F 435 -154.22 10.17 17.71
CA SER F 435 -153.30 11.15 17.14
C SER F 435 -151.86 10.91 17.60
N PHE F 436 -151.64 10.96 18.91
CA PHE F 436 -150.29 10.78 19.45
C PHE F 436 -149.76 9.40 19.09
N LYS F 437 -150.63 8.40 19.23
CA LYS F 437 -150.26 7.03 18.92
C LYS F 437 -149.70 6.93 17.51
N ALA F 438 -150.30 7.69 16.59
CA ALA F 438 -149.85 7.72 15.21
C ALA F 438 -148.50 8.40 15.08
N VAL F 439 -148.24 9.37 15.95
CA VAL F 439 -146.98 10.09 15.94
C VAL F 439 -145.87 9.22 16.51
N LEU F 440 -146.23 8.40 17.50
CA LEU F 440 -145.28 7.48 18.12
C LEU F 440 -144.82 6.43 17.12
N GLU F 441 -145.77 5.93 16.32
CA GLU F 441 -145.47 4.89 15.34
C GLU F 441 -144.51 5.39 14.27
N GLY F 442 -144.31 6.70 14.24
CA GLY F 442 -143.39 7.31 13.29
C GLY F 442 -144.01 7.49 11.92
N LYS F 443 -145.27 7.88 11.90
CA LYS F 443 -145.98 8.04 10.64
C LYS F 443 -146.04 9.51 10.23
N TYR F 444 -145.35 10.36 10.97
CA TYR F 444 -145.35 11.78 10.64
C TYR F 444 -143.99 12.41 10.88
N ASP F 445 -142.94 11.61 10.77
CA ASP F 445 -141.59 12.12 11.00
C ASP F 445 -141.12 12.97 9.82
N ASN F 446 -141.86 12.94 8.71
CA ASN F 446 -141.55 13.78 7.56
C ASN F 446 -142.05 15.21 7.74
N ILE F 447 -143.20 15.35 8.39
CA ILE F 447 -143.80 16.66 8.59
C ILE F 447 -142.93 17.51 9.52
N PRO F 448 -142.73 18.78 9.17
CA PRO F 448 -141.94 19.74 9.95
C PRO F 448 -142.58 20.00 11.31
N GLU F 449 -141.75 20.37 12.28
CA GLU F 449 -142.23 20.62 13.64
C GLU F 449 -143.21 21.77 13.69
N HIS F 450 -142.95 22.82 12.92
CA HIS F 450 -143.83 23.98 12.96
C HIS F 450 -145.28 23.60 12.77
N ALA F 451 -145.53 22.54 12.01
CA ALA F 451 -146.89 22.10 11.70
C ALA F 451 -147.63 21.51 12.90
N PHE F 452 -146.90 21.32 13.99
CA PHE F 452 -147.47 20.77 15.22
C PHE F 452 -147.81 21.89 16.22
N TYR F 453 -147.31 23.09 15.95
CA TYR F 453 -147.46 24.22 16.85
C TYR F 453 -148.84 24.84 16.76
N MET F 454 -149.51 24.96 17.91
CA MET F 454 -150.86 25.52 17.98
C MET F 454 -151.78 24.90 16.93
N VAL F 455 -151.87 23.58 16.98
CA VAL F 455 -152.73 22.84 16.05
C VAL F 455 -153.80 22.10 16.85
N GLY F 456 -155.01 22.06 16.30
CA GLY F 456 -156.09 21.35 16.95
C GLY F 456 -156.09 19.87 16.61
N GLY F 457 -156.90 19.49 15.63
CA GLY F 457 -157.03 18.10 15.22
C GLY F 457 -155.86 17.60 14.39
N ILE F 458 -155.58 16.31 14.50
CA ILE F 458 -154.44 15.70 13.82
C ILE F 458 -154.51 15.90 12.31
N GLU F 459 -155.73 15.97 11.79
CA GLU F 459 -155.94 16.24 10.38
C GLU F 459 -155.41 17.63 10.02
N ASP F 460 -155.56 18.56 10.95
CA ASP F 460 -155.14 19.95 10.77
C ASP F 460 -153.62 20.07 10.68
N VAL F 461 -152.93 19.07 11.20
CA VAL F 461 -151.47 19.03 11.11
C VAL F 461 -151.06 18.86 9.65
N VAL F 462 -151.56 17.80 9.01
CA VAL F 462 -151.23 17.54 7.61
C VAL F 462 -151.73 18.68 6.72
N ALA F 463 -152.86 19.25 7.07
CA ALA F 463 -153.40 20.41 6.34
C ALA F 463 -152.45 21.59 6.42
N LYS F 464 -152.02 21.91 7.64
CA LYS F 464 -151.10 23.02 7.88
C LYS F 464 -149.72 22.76 7.27
N ALA F 465 -149.32 21.50 7.18
CA ALA F 465 -148.04 21.15 6.59
C ALA F 465 -148.01 21.47 5.11
N GLU F 466 -149.16 21.25 4.46
CA GLU F 466 -149.31 21.49 3.03
C GLU F 466 -149.33 22.99 2.71
N LYS F 467 -149.91 23.77 3.61
CA LYS F 467 -149.99 25.21 3.43
C LYS F 467 -148.60 25.85 3.48
N LEU F 468 -147.68 25.22 4.21
CA LEU F 468 -146.32 25.72 4.36
C LEU F 468 -145.45 25.47 3.12
N ALA F 469 -145.92 24.57 2.25
CA ALA F 469 -145.21 24.27 1.02
C ALA F 469 -145.35 25.41 0.01
N ALA F 470 -146.55 25.99 -0.05
CA ALA F 470 -146.81 27.11 -0.93
C ALA F 470 -146.14 28.41 -0.47
N GLU F 471 -145.92 28.52 0.84
CA GLU F 471 -145.30 29.72 1.43
C GLU F 471 -143.79 29.76 1.27
N ALA F 472 -143.20 28.59 0.99
CA ALA F 472 -141.74 28.49 0.81
C ALA F 472 -141.30 29.10 -0.52
N ASN F 473 -140.38 30.06 -0.45
CA ASN F 473 -139.87 30.74 -1.65
C ASN F 473 -138.34 30.73 -1.70
N ALA G 1 -132.60 22.69 45.35
CA ALA G 1 -131.47 23.52 44.97
C ALA G 1 -130.86 24.22 46.19
N THR G 2 -129.94 23.53 46.87
CA THR G 2 -129.26 24.07 48.04
C THR G 2 -127.94 24.73 47.65
N LEU G 3 -127.41 25.60 48.52
CA LEU G 3 -126.17 26.29 48.24
C LEU G 3 -125.05 25.31 47.89
N LYS G 4 -125.09 24.12 48.47
CA LYS G 4 -124.05 23.12 48.23
C LYS G 4 -124.19 22.46 46.86
N GLU G 5 -125.43 22.19 46.46
CA GLU G 5 -125.68 21.57 45.17
C GLU G 5 -125.34 22.51 44.02
N VAL G 6 -125.54 23.80 44.23
CA VAL G 6 -125.23 24.81 43.23
C VAL G 6 -123.73 25.09 43.19
N GLU G 7 -123.08 25.02 44.35
CA GLU G 7 -121.65 25.27 44.47
C GLU G 7 -120.84 24.12 43.87
N MET G 8 -121.36 22.90 44.01
CA MET G 8 -120.67 21.72 43.50
C MET G 8 -120.89 21.57 42.01
N ARG G 9 -122.12 21.86 41.57
CA ARG G 9 -122.45 21.80 40.16
C ARG G 9 -121.79 22.93 39.39
N LEU G 10 -121.83 24.14 39.96
CA LEU G 10 -121.22 25.28 39.28
C LEU G 10 -119.73 25.06 39.12
N LYS G 11 -119.15 24.27 40.03
CA LYS G 11 -117.72 24.03 39.97
C LYS G 11 -117.33 23.04 38.88
N SER G 12 -118.22 22.08 38.60
CA SER G 12 -117.93 21.03 37.62
C SER G 12 -118.12 21.51 36.18
N ILE G 13 -118.96 22.52 36.00
CA ILE G 13 -119.12 23.15 34.69
C ILE G 13 -117.85 23.93 34.35
N LYS G 14 -117.28 24.57 35.35
CA LYS G 14 -116.07 25.37 35.17
C LYS G 14 -114.90 24.48 34.74
N ASN G 15 -114.86 23.26 35.25
CA ASN G 15 -113.83 22.30 34.87
C ASN G 15 -113.99 21.91 33.40
N ILE G 16 -115.24 21.71 32.99
CA ILE G 16 -115.54 21.36 31.62
C ILE G 16 -115.07 22.46 30.66
N GLU G 17 -115.32 23.72 31.02
CA GLU G 17 -114.89 24.85 30.23
C GLU G 17 -113.38 24.84 30.01
N LYS G 18 -112.64 24.53 31.07
CA LYS G 18 -111.19 24.47 30.99
C LYS G 18 -110.74 23.32 30.10
N ILE G 19 -111.49 22.23 30.10
CA ILE G 19 -111.16 21.06 29.31
C ILE G 19 -111.44 21.31 27.82
N THR G 20 -112.54 21.97 27.53
CA THR G 20 -112.90 22.30 26.15
C THR G 20 -112.06 23.46 25.62
N LYS G 21 -111.92 24.51 26.42
CA LYS G 21 -111.19 25.71 25.99
C LYS G 21 -109.73 25.35 25.64
N THR G 22 -109.19 24.35 26.31
CA THR G 22 -107.83 23.92 26.01
C THR G 22 -107.81 22.96 24.83
N MET G 23 -108.90 22.21 24.67
CA MET G 23 -109.05 21.28 23.56
C MET G 23 -108.96 22.02 22.21
N LYS G 24 -109.53 23.22 22.16
CA LYS G 24 -109.47 24.07 20.96
C LYS G 24 -108.05 24.44 20.56
N ILE G 25 -107.30 25.07 21.47
CA ILE G 25 -105.92 25.46 21.19
C ILE G 25 -105.08 24.26 20.75
N VAL G 26 -105.22 23.15 21.47
CA VAL G 26 -104.52 21.92 21.11
C VAL G 26 -104.92 21.49 19.70
N ALA G 27 -106.16 21.77 19.33
CA ALA G 27 -106.65 21.44 18.00
C ALA G 27 -105.96 22.27 16.94
N SER G 28 -105.69 23.53 17.24
CA SER G 28 -105.03 24.42 16.29
C SER G 28 -103.63 23.90 15.93
N THR G 29 -103.00 23.17 16.85
CA THR G 29 -101.69 22.59 16.60
C THR G 29 -101.76 21.39 15.65
N ARG G 30 -102.68 20.47 15.93
CA ARG G 30 -102.88 19.31 15.06
C ARG G 30 -103.39 19.73 13.69
N LEU G 31 -103.94 20.93 13.60
CA LEU G 31 -104.44 21.46 12.33
C LEU G 31 -103.30 21.80 11.38
N SER G 32 -102.33 22.57 11.85
CA SER G 32 -101.17 22.91 11.04
C SER G 32 -100.31 21.67 10.78
N LYS G 33 -100.28 20.76 11.74
CA LYS G 33 -99.53 19.51 11.62
C LYS G 33 -100.13 18.58 10.57
N ALA G 34 -101.40 18.78 10.24
CA ALA G 34 -102.07 17.97 9.22
C ALA G 34 -102.06 18.67 7.87
N GLU G 35 -101.60 19.92 7.85
CA GLU G 35 -101.45 20.67 6.61
C GLU G 35 -100.24 20.19 5.80
N LYS G 36 -99.17 19.83 6.50
CA LYS G 36 -97.98 19.28 5.86
C LYS G 36 -98.26 17.91 5.26
N ALA G 37 -99.17 17.18 5.89
CA ALA G 37 -99.56 15.86 5.40
C ALA G 37 -100.71 15.98 4.39
N LYS G 38 -101.29 17.17 4.29
CA LYS G 38 -102.36 17.42 3.33
C LYS G 38 -101.83 17.98 2.02
N ILE G 39 -100.91 18.93 2.11
CA ILE G 39 -100.31 19.52 0.91
C ILE G 39 -99.37 18.52 0.21
N SER G 40 -98.61 17.76 0.98
CA SER G 40 -97.70 16.76 0.41
C SER G 40 -98.45 15.58 -0.22
N ALA G 41 -99.72 15.41 0.13
CA ALA G 41 -100.54 14.35 -0.44
C ALA G 41 -101.33 14.83 -1.65
N LYS G 42 -101.60 16.13 -1.72
CA LYS G 42 -102.30 16.71 -2.87
C LYS G 42 -101.33 16.94 -4.03
N LYS G 43 -100.18 17.54 -3.74
CA LYS G 43 -99.17 17.77 -4.78
C LYS G 43 -98.76 16.46 -5.42
N MET G 44 -98.54 15.44 -4.59
CA MET G 44 -98.21 14.11 -5.10
C MET G 44 -99.38 13.51 -5.86
N ASP G 45 -100.60 13.76 -5.38
CA ASP G 45 -101.80 13.27 -6.06
C ASP G 45 -101.91 13.83 -7.47
N GLU G 46 -101.61 15.12 -7.62
CA GLU G 46 -101.66 15.77 -8.92
C GLU G 46 -100.64 15.18 -9.90
N ALA G 47 -99.56 14.62 -9.36
CA ALA G 47 -98.55 13.99 -10.20
C ALA G 47 -99.11 12.74 -10.89
N GLU G 48 -99.82 11.91 -10.14
CA GLU G 48 -100.38 10.68 -10.69
C GLU G 48 -101.66 10.93 -11.48
N GLN G 49 -102.43 11.93 -11.06
CA GLN G 49 -103.69 12.25 -11.72
C GLN G 49 -103.48 12.97 -13.05
N LEU G 50 -102.33 13.63 -13.19
CA LEU G 50 -102.01 14.34 -14.43
C LEU G 50 -102.05 13.38 -15.62
N PHE G 51 -101.67 12.14 -15.36
CA PHE G 51 -101.67 11.09 -16.39
C PHE G 51 -103.08 10.80 -16.92
N TYR G 52 -104.03 10.69 -16.00
CA TYR G 52 -105.41 10.40 -16.36
C TYR G 52 -106.07 11.57 -17.09
N LYS G 53 -105.49 12.76 -16.96
CA LYS G 53 -106.04 13.95 -17.61
C LYS G 53 -105.76 13.90 -19.10
N ASN G 54 -104.48 13.90 -19.45
CA ASN G 54 -104.06 13.87 -20.84
C ASN G 54 -104.50 12.58 -21.53
N ALA G 55 -104.77 11.55 -20.73
CA ALA G 55 -105.20 10.27 -21.26
C ALA G 55 -106.57 9.89 -20.70
N GLU G 56 -107.62 10.15 -21.48
CA GLU G 56 -108.97 9.81 -21.04
C GLU G 56 -108.98 8.37 -20.50
N THR G 57 -109.49 8.20 -19.29
CA THR G 57 -109.58 6.89 -18.68
C THR G 57 -110.90 6.72 -17.95
N LYS G 58 -111.97 7.22 -18.55
CA LYS G 58 -113.29 7.16 -17.94
C LYS G 58 -113.84 5.73 -17.93
N ASN G 59 -114.87 5.51 -17.13
CA ASN G 59 -115.53 4.21 -17.04
C ASN G 59 -116.79 4.17 -17.91
N LEU G 60 -116.90 3.15 -18.75
CA LEU G 60 -118.05 3.01 -19.65
C LEU G 60 -118.97 1.84 -19.25
N ASP G 61 -120.27 2.07 -19.26
CA ASP G 61 -121.25 1.03 -18.99
C ASP G 61 -121.10 0.45 -17.58
N LYS G 71 -122.63 -5.29 -8.66
CA LYS G 71 -121.47 -5.39 -7.78
C LYS G 71 -120.62 -4.12 -7.82
N GLU G 72 -120.44 -3.51 -6.65
CA GLU G 72 -119.64 -2.29 -6.54
C GLU G 72 -119.02 -2.15 -5.14
N LEU G 73 -117.78 -1.67 -5.09
CA LEU G 73 -117.08 -1.50 -3.82
C LEU G 73 -117.12 -0.05 -3.34
N ILE G 74 -117.54 0.15 -2.10
CA ILE G 74 -117.65 1.49 -1.53
C ILE G 74 -116.86 1.64 -0.23
N VAL G 75 -116.00 2.64 -0.19
CA VAL G 75 -115.14 2.89 0.97
C VAL G 75 -115.39 4.28 1.55
N ALA G 76 -115.59 4.35 2.86
CA ALA G 76 -115.83 5.62 3.54
C ALA G 76 -114.72 5.93 4.53
N ILE G 77 -114.04 7.05 4.30
CA ILE G 77 -112.94 7.47 5.17
C ILE G 77 -113.45 8.28 6.36
N THR G 78 -113.31 7.73 7.56
CA THR G 78 -113.73 8.42 8.77
C THR G 78 -112.76 8.15 9.90
N SER G 79 -113.02 8.75 11.05
CA SER G 79 -112.21 8.48 12.23
C SER G 79 -112.98 7.59 13.20
N ASP G 80 -112.44 7.47 14.41
CA ASP G 80 -113.06 6.66 15.46
C ASP G 80 -113.37 7.49 16.70
N LYS G 81 -112.75 8.66 16.79
CA LYS G 81 -113.00 9.58 17.90
C LYS G 81 -114.29 10.37 17.67
N GLY G 82 -114.79 10.97 18.73
CA GLY G 82 -115.99 11.78 18.64
C GLY G 82 -115.67 13.23 18.92
N LEU G 83 -116.69 13.98 19.33
CA LEU G 83 -116.52 15.40 19.62
C LEU G 83 -115.88 16.11 18.43
N CYS G 84 -116.44 15.89 17.25
CA CYS G 84 -115.91 16.51 16.04
C CYS G 84 -116.99 17.25 15.26
N GLY G 85 -118.15 17.42 15.88
CA GLY G 85 -119.26 18.11 15.25
C GLY G 85 -120.12 17.17 14.43
N SER G 86 -120.41 17.56 13.19
CA SER G 86 -121.25 16.76 12.30
C SER G 86 -120.44 16.14 11.16
N ILE G 87 -119.51 15.26 11.50
CA ILE G 87 -118.67 14.61 10.50
C ILE G 87 -119.08 13.16 10.29
N HIS G 88 -119.58 12.52 11.34
CA HIS G 88 -120.03 11.15 11.22
C HIS G 88 -121.50 11.10 10.80
N SER G 89 -122.13 12.26 10.66
CA SER G 89 -123.52 12.33 10.24
C SER G 89 -123.63 12.78 8.78
N GLN G 90 -122.77 13.71 8.40
CA GLN G 90 -122.76 14.25 7.04
C GLN G 90 -122.32 13.19 6.03
N LEU G 91 -121.28 12.45 6.38
CA LEU G 91 -120.76 11.40 5.51
C LEU G 91 -121.69 10.20 5.46
N ALA G 92 -122.25 9.86 6.62
CA ALA G 92 -123.20 8.75 6.73
C ALA G 92 -124.50 9.06 5.99
N LYS G 93 -124.65 10.32 5.57
CA LYS G 93 -125.83 10.74 4.83
C LYS G 93 -125.56 10.70 3.33
N ALA G 94 -124.34 11.07 2.94
CA ALA G 94 -123.96 11.04 1.53
C ALA G 94 -123.92 9.60 1.01
N VAL G 95 -123.23 8.72 1.74
CA VAL G 95 -123.18 7.32 1.38
C VAL G 95 -124.58 6.71 1.34
N ARG G 96 -125.47 7.25 2.15
CA ARG G 96 -126.83 6.73 2.25
C ARG G 96 -127.60 7.00 0.96
N ARG G 97 -127.38 8.17 0.36
CA ARG G 97 -128.04 8.55 -0.87
C ARG G 97 -127.55 7.72 -2.05
N HIS G 98 -126.23 7.59 -2.15
CA HIS G 98 -125.61 6.79 -3.21
C HIS G 98 -125.92 5.31 -3.02
N LEU G 99 -126.36 4.94 -1.83
CA LEU G 99 -126.70 3.55 -1.54
C LEU G 99 -128.11 3.21 -2.04
N ASN G 100 -128.96 4.22 -2.18
CA ASN G 100 -130.33 4.03 -2.65
C ASN G 100 -130.40 3.68 -4.13
N ASP G 101 -129.37 4.07 -4.88
CA ASP G 101 -129.31 3.82 -6.31
C ASP G 101 -128.76 2.42 -6.61
N GLN G 102 -127.80 1.97 -5.80
CA GLN G 102 -127.21 0.64 -5.96
C GLN G 102 -127.06 -0.08 -4.61
N PRO G 103 -128.19 -0.52 -4.02
CA PRO G 103 -128.18 -1.15 -2.69
C PRO G 103 -127.33 -2.42 -2.64
N ASN G 104 -127.30 -3.16 -3.75
CA ASN G 104 -126.49 -4.36 -3.84
C ASN G 104 -125.01 -4.09 -3.54
N ALA G 105 -124.53 -2.92 -3.97
CA ALA G 105 -123.13 -2.56 -3.81
C ALA G 105 -122.67 -2.64 -2.35
N ASP G 106 -121.75 -3.54 -2.09
CA ASP G 106 -121.21 -3.73 -0.73
C ASP G 106 -120.34 -2.56 -0.31
N ILE G 107 -120.23 -2.34 1.00
CA ILE G 107 -119.49 -1.21 1.54
C ILE G 107 -118.43 -1.66 2.54
N VAL G 108 -117.29 -0.98 2.54
CA VAL G 108 -116.22 -1.27 3.48
C VAL G 108 -115.71 0.01 4.12
N THR G 109 -116.39 0.45 5.18
CA THR G 109 -116.04 1.69 5.87
C THR G 109 -114.78 1.55 6.72
N ILE G 110 -114.02 2.63 6.81
CA ILE G 110 -112.80 2.65 7.62
C ILE G 110 -113.02 3.50 8.87
N GLY G 111 -113.53 2.87 9.93
CA GLY G 111 -113.79 3.57 11.18
C GLY G 111 -114.92 2.97 11.99
N ASP G 112 -114.59 2.44 13.16
CA ASP G 112 -115.59 1.83 14.02
C ASP G 112 -116.74 2.80 14.25
N LYS G 113 -116.43 4.09 14.22
CA LYS G 113 -117.43 5.12 14.48
C LYS G 113 -118.46 5.24 13.36
N ILE G 114 -117.97 5.44 12.14
CA ILE G 114 -118.85 5.51 10.98
C ILE G 114 -119.55 4.18 10.76
N LYS G 115 -118.89 3.10 11.18
CA LYS G 115 -119.45 1.77 11.00
C LYS G 115 -120.84 1.69 11.58
N MET G 116 -120.96 2.03 12.86
CA MET G 116 -122.23 1.97 13.58
C MET G 116 -123.28 2.86 12.93
N GLN G 117 -122.85 3.90 12.22
CA GLN G 117 -123.76 4.82 11.54
C GLN G 117 -124.53 4.11 10.44
N LEU G 118 -123.82 3.35 9.64
CA LEU G 118 -124.40 2.64 8.50
C LEU G 118 -124.80 1.22 8.91
N LEU G 119 -124.20 0.74 9.99
CA LEU G 119 -124.47 -0.62 10.47
C LEU G 119 -125.91 -0.75 10.92
N ARG G 120 -126.59 0.37 11.08
CA ARG G 120 -127.97 0.38 11.50
C ARG G 120 -128.91 0.35 10.28
N THR G 121 -128.53 1.09 9.24
CA THR G 121 -129.32 1.18 8.02
C THR G 121 -129.14 -0.04 7.11
N HIS G 122 -127.89 -0.47 6.91
CA HIS G 122 -127.58 -1.60 6.05
C HIS G 122 -126.43 -2.44 6.62
N PRO G 123 -126.73 -3.29 7.62
CA PRO G 123 -125.72 -4.12 8.30
C PRO G 123 -125.23 -5.26 7.41
N ASN G 124 -125.81 -5.34 6.21
CA ASN G 124 -125.44 -6.37 5.25
C ASN G 124 -124.23 -5.93 4.44
N ASN G 125 -124.34 -4.78 3.79
CA ASN G 125 -123.29 -4.24 2.94
C ASN G 125 -121.91 -4.24 3.61
N ILE G 126 -121.89 -3.99 4.91
CA ILE G 126 -120.62 -3.98 5.64
C ILE G 126 -120.03 -5.38 5.70
N LYS G 127 -118.78 -5.51 5.23
CA LYS G 127 -118.10 -6.79 5.23
C LYS G 127 -116.65 -6.63 5.68
N LEU G 128 -116.28 -5.41 6.06
CA LEU G 128 -114.95 -5.14 6.56
C LEU G 128 -114.84 -3.74 7.14
N SER G 129 -114.16 -3.60 8.27
CA SER G 129 -113.96 -2.31 8.91
C SER G 129 -112.55 -2.15 9.49
N ILE G 130 -112.13 -0.91 9.64
CA ILE G 130 -110.81 -0.60 10.16
C ILE G 130 -110.91 0.24 11.44
N ASN G 131 -109.96 0.06 12.36
CA ASN G 131 -109.95 0.82 13.59
C ASN G 131 -108.53 1.25 13.99
N GLY G 132 -108.41 2.46 14.53
CA GLY G 132 -107.14 2.96 15.02
C GLY G 132 -106.40 3.82 14.02
N ILE G 133 -107.09 4.80 13.46
CA ILE G 133 -106.50 5.67 12.44
C ILE G 133 -106.69 7.14 12.80
N GLY G 134 -107.78 7.45 13.50
CA GLY G 134 -108.08 8.81 13.88
C GLY G 134 -107.00 9.41 14.77
N LYS G 135 -106.10 8.55 15.26
CA LYS G 135 -105.09 8.97 16.21
C LYS G 135 -104.19 10.10 15.68
N ASP G 136 -103.26 9.75 14.78
CA ASP G 136 -102.35 10.72 14.17
C ASP G 136 -102.57 10.78 12.66
N ALA G 137 -101.77 11.59 11.96
CA ALA G 137 -101.88 11.72 10.51
C ALA G 137 -101.44 10.45 9.79
N PRO G 138 -102.24 10.01 8.80
CA PRO G 138 -101.95 8.77 8.06
C PRO G 138 -100.72 8.91 7.16
N THR G 139 -100.03 7.80 6.90
CA THR G 139 -98.91 7.79 5.97
C THR G 139 -99.09 6.71 4.90
N PHE G 140 -98.28 6.77 3.85
CA PHE G 140 -98.38 5.79 2.77
C PHE G 140 -98.06 4.39 3.29
N GLN G 141 -97.24 4.32 4.32
CA GLN G 141 -96.88 3.04 4.91
C GLN G 141 -98.14 2.32 5.40
N GLU G 142 -99.05 3.08 6.00
CA GLU G 142 -100.28 2.53 6.54
C GLU G 142 -101.35 2.43 5.45
N SER G 143 -101.38 3.42 4.58
CA SER G 143 -102.38 3.50 3.52
C SER G 143 -102.26 2.34 2.53
N ALA G 144 -101.03 2.05 2.11
CA ALA G 144 -100.77 0.97 1.15
C ALA G 144 -101.09 -0.39 1.76
N LEU G 145 -100.96 -0.48 3.08
CA LEU G 145 -101.21 -1.72 3.80
C LEU G 145 -102.71 -2.01 3.89
N ILE G 146 -103.50 -0.96 4.06
CA ILE G 146 -104.95 -1.08 4.12
C ILE G 146 -105.51 -1.48 2.75
N ALA G 147 -105.03 -0.81 1.71
CA ALA G 147 -105.44 -1.09 0.34
C ALA G 147 -105.05 -2.52 -0.04
N ASP G 148 -104.07 -3.07 0.66
CA ASP G 148 -103.57 -4.42 0.38
C ASP G 148 -104.59 -5.49 0.74
N LYS G 149 -105.27 -5.30 1.87
CA LYS G 149 -106.25 -6.27 2.34
C LYS G 149 -107.51 -6.22 1.48
N LEU G 150 -107.75 -5.07 0.85
CA LEU G 150 -108.89 -4.89 -0.02
C LEU G 150 -108.72 -5.68 -1.32
N LEU G 151 -107.51 -6.18 -1.53
CA LEU G 151 -107.20 -6.91 -2.76
C LEU G 151 -106.96 -8.37 -2.46
N SER G 152 -106.84 -8.70 -1.17
CA SER G 152 -106.54 -10.06 -0.75
C SER G 152 -107.77 -10.80 -0.26
N VAL G 153 -108.55 -10.15 0.60
CA VAL G 153 -109.74 -10.78 1.16
C VAL G 153 -111.00 -10.17 0.56
N MET G 154 -110.88 -8.97 0.02
CA MET G 154 -111.99 -8.28 -0.62
C MET G 154 -112.01 -8.54 -2.12
N LYS G 155 -110.82 -8.59 -2.72
CA LYS G 155 -110.69 -8.80 -4.16
C LYS G 155 -111.35 -7.67 -4.93
N ALA G 156 -110.75 -6.48 -4.84
CA ALA G 156 -111.33 -5.30 -5.47
C ALA G 156 -111.03 -5.26 -6.96
N GLY G 157 -110.12 -6.13 -7.39
CA GLY G 157 -109.71 -6.18 -8.78
C GLY G 157 -110.83 -6.64 -9.70
N THR G 158 -111.78 -7.38 -9.14
CA THR G 158 -112.89 -7.91 -9.93
C THR G 158 -114.02 -6.90 -10.07
N TYR G 159 -114.22 -6.08 -9.04
CA TYR G 159 -115.26 -5.06 -9.04
C TYR G 159 -115.05 -4.10 -10.21
N PRO G 160 -116.08 -3.93 -11.06
CA PRO G 160 -116.07 -3.08 -12.25
C PRO G 160 -115.85 -1.60 -11.93
N LYS G 161 -116.50 -1.12 -10.88
CA LYS G 161 -116.37 0.29 -10.50
C LYS G 161 -116.23 0.42 -8.98
N ILE G 162 -115.26 1.20 -8.54
CA ILE G 162 -115.03 1.41 -7.11
C ILE G 162 -115.13 2.89 -6.73
N SER G 163 -115.85 3.18 -5.65
CA SER G 163 -116.04 4.56 -5.22
C SER G 163 -115.46 4.82 -3.83
N ILE G 164 -114.98 6.04 -3.61
CA ILE G 164 -114.37 6.42 -2.34
C ILE G 164 -115.03 7.69 -1.78
N PHE G 165 -115.24 7.70 -0.46
CA PHE G 165 -115.88 8.83 0.21
C PHE G 165 -114.98 9.45 1.27
N TYR G 166 -114.72 10.74 1.13
CA TYR G 166 -113.87 11.46 2.06
C TYR G 166 -114.38 12.89 2.23
N ASN G 167 -113.92 13.56 3.28
CA ASN G 167 -114.36 14.94 3.56
C ASN G 167 -113.34 15.98 3.11
N ASP G 168 -113.72 16.76 2.11
CA ASP G 168 -112.86 17.80 1.54
C ASP G 168 -113.09 19.12 2.27
N PRO G 169 -112.08 19.56 3.03
CA PRO G 169 -112.15 20.82 3.80
C PRO G 169 -112.14 22.04 2.89
N VAL G 170 -113.30 22.64 2.66
CA VAL G 170 -113.38 23.87 1.86
C VAL G 170 -112.85 25.06 2.64
N SER G 171 -113.02 25.01 3.97
CA SER G 171 -112.59 26.10 4.85
C SER G 171 -112.45 25.61 6.29
N SER G 172 -111.94 26.47 7.17
CA SER G 172 -111.78 26.13 8.58
C SER G 172 -113.11 26.17 9.32
N LEU G 173 -114.13 26.67 8.64
CA LEU G 173 -115.45 26.79 9.26
C LEU G 173 -116.49 26.04 8.45
N SER G 174 -116.04 25.33 7.43
CA SER G 174 -116.95 24.54 6.59
C SER G 174 -116.23 23.35 5.95
N PHE G 175 -116.96 22.26 5.78
CA PHE G 175 -116.44 21.08 5.11
C PHE G 175 -117.40 20.66 4.00
N GLU G 176 -116.90 19.85 3.07
CA GLU G 176 -117.72 19.36 1.98
C GLU G 176 -117.41 17.88 1.78
N PRO G 177 -118.44 17.03 1.84
CA PRO G 177 -118.21 15.61 1.56
C PRO G 177 -117.79 15.45 0.11
N SER G 178 -116.79 14.60 -0.14
CA SER G 178 -116.28 14.40 -1.50
C SER G 178 -116.29 12.93 -1.89
N GLU G 179 -116.42 12.69 -3.20
CA GLU G 179 -116.40 11.34 -3.75
C GLU G 179 -115.50 11.33 -4.98
N LYS G 180 -114.69 10.30 -5.12
CA LYS G 180 -113.81 10.17 -6.29
C LYS G 180 -113.67 8.72 -6.71
N PRO G 181 -113.98 8.41 -7.98
CA PRO G 181 -113.94 7.03 -8.45
C PRO G 181 -112.50 6.50 -8.55
N ILE G 182 -112.37 5.19 -8.45
CA ILE G 182 -111.07 4.54 -8.62
C ILE G 182 -111.12 3.55 -9.75
N PHE G 183 -110.65 3.98 -10.92
CA PHE G 183 -110.65 3.14 -12.11
C PHE G 183 -109.73 1.93 -11.92
N ASN G 184 -110.22 0.75 -12.26
CA ASN G 184 -109.45 -0.49 -12.14
C ASN G 184 -108.64 -0.81 -13.40
N ALA G 185 -107.92 -1.93 -13.37
CA ALA G 185 -107.11 -2.34 -14.51
C ALA G 185 -107.95 -2.43 -15.78
N LYS G 186 -109.05 -3.16 -15.70
CA LYS G 186 -109.95 -3.36 -16.84
C LYS G 186 -110.41 -2.05 -17.48
N THR G 187 -110.42 -0.96 -16.72
CA THR G 187 -110.86 0.34 -17.24
C THR G 187 -109.71 1.15 -17.82
N ILE G 188 -108.48 0.70 -17.57
CA ILE G 188 -107.30 1.33 -18.12
C ILE G 188 -107.10 0.99 -19.60
N GLU G 189 -107.50 -0.22 -19.99
CA GLU G 189 -107.39 -0.63 -21.39
C GLU G 189 -108.39 0.12 -22.27
N GLN G 190 -109.66 0.06 -21.89
CA GLN G 190 -110.72 0.69 -22.66
C GLN G 190 -110.62 2.23 -22.67
N SER G 191 -109.50 2.74 -22.15
CA SER G 191 -109.26 4.19 -22.14
C SER G 191 -109.05 4.72 -23.56
N PRO G 192 -109.97 5.57 -24.02
CA PRO G 192 -109.93 6.16 -25.37
C PRO G 192 -108.54 6.66 -25.78
N SER G 193 -107.87 7.35 -24.86
CA SER G 193 -106.53 7.86 -25.13
C SER G 193 -105.47 7.01 -24.41
N PHE G 194 -105.06 5.92 -25.03
CA PHE G 194 -104.08 5.03 -24.41
C PHE G 194 -102.93 4.78 -25.38
N GLY G 195 -103.25 4.72 -26.66
CA GLY G 195 -102.27 4.45 -27.69
C GLY G 195 -101.17 5.49 -27.78
N LYS G 196 -101.47 6.70 -27.33
CA LYS G 196 -100.49 7.78 -27.36
C LYS G 196 -99.30 7.50 -26.44
N PHE G 197 -99.51 6.63 -25.45
CA PHE G 197 -98.46 6.31 -24.49
C PHE G 197 -97.82 4.96 -24.76
N GLU G 198 -96.52 4.95 -25.00
CA GLU G 198 -95.81 3.70 -25.21
C GLU G 198 -95.90 2.83 -23.96
N ILE G 199 -96.08 1.53 -24.17
CA ILE G 199 -96.20 0.58 -23.06
C ILE G 199 -95.99 -0.86 -23.54
N ASP G 200 -95.37 -1.68 -22.71
CA ASP G 200 -95.09 -3.07 -23.05
C ASP G 200 -96.01 -4.02 -22.29
N THR G 201 -96.84 -4.75 -23.02
CA THR G 201 -97.78 -5.68 -22.40
C THR G 201 -97.05 -6.92 -21.89
N ASP G 202 -96.07 -6.70 -21.02
CA ASP G 202 -95.21 -7.78 -20.51
C ASP G 202 -95.06 -7.68 -18.99
N ALA G 203 -95.12 -6.46 -18.47
CA ALA G 203 -94.90 -6.20 -17.03
C ALA G 203 -96.20 -5.86 -16.29
N ASN G 204 -97.32 -6.29 -16.84
CA ASN G 204 -98.63 -6.04 -16.25
C ASN G 204 -98.77 -4.60 -15.75
N VAL G 205 -98.39 -3.64 -16.58
CA VAL G 205 -98.44 -2.24 -16.22
C VAL G 205 -99.82 -1.80 -15.71
N PRO G 206 -100.91 -2.17 -16.43
CA PRO G 206 -102.26 -1.84 -15.97
C PRO G 206 -102.61 -2.52 -14.65
N ARG G 207 -102.17 -3.76 -14.48
CA ARG G 207 -102.41 -4.54 -13.27
C ARG G 207 -101.74 -3.88 -12.05
N ASP G 208 -100.50 -3.45 -12.22
CA ASP G 208 -99.73 -2.86 -11.13
C ASP G 208 -100.06 -1.40 -10.90
N LEU G 209 -100.80 -0.80 -11.82
CA LEU G 209 -101.23 0.58 -11.68
C LEU G 209 -102.44 0.66 -10.75
N PHE G 210 -103.31 -0.33 -10.85
CA PHE G 210 -104.49 -0.40 -10.00
C PHE G 210 -104.12 -0.58 -8.53
N GLU G 211 -103.26 -1.56 -8.25
CA GLU G 211 -102.83 -1.85 -6.88
C GLU G 211 -102.06 -0.68 -6.26
N TYR G 212 -101.72 0.32 -7.07
CA TYR G 212 -100.94 1.45 -6.59
C TYR G 212 -101.81 2.69 -6.51
N THR G 213 -102.58 2.93 -7.56
CA THR G 213 -103.51 4.05 -7.54
C THR G 213 -104.45 3.90 -6.35
N LEU G 214 -104.95 2.69 -6.10
CA LEU G 214 -105.87 2.46 -5.00
C LEU G 214 -105.25 2.84 -3.66
N ALA G 215 -103.93 2.77 -3.59
CA ALA G 215 -103.23 3.12 -2.35
C ALA G 215 -103.09 4.64 -2.19
N ASN G 216 -102.58 5.31 -3.23
CA ASN G 216 -102.36 6.75 -3.16
C ASN G 216 -103.64 7.54 -2.99
N GLN G 217 -104.63 7.25 -3.82
CA GLN G 217 -105.92 7.94 -3.75
C GLN G 217 -106.53 7.81 -2.36
N MET G 218 -106.38 6.64 -1.78
CA MET G 218 -106.85 6.40 -0.43
C MET G 218 -106.05 7.24 0.56
N LEU G 219 -104.75 7.37 0.34
CA LEU G 219 -103.91 8.18 1.22
C LEU G 219 -104.22 9.67 1.10
N THR G 220 -104.58 10.13 -0.09
CA THR G 220 -104.90 11.54 -0.26
C THR G 220 -106.30 11.83 0.27
N ALA G 221 -107.08 10.77 0.46
CA ALA G 221 -108.42 10.89 1.02
C ALA G 221 -108.37 11.00 2.53
N MET G 222 -107.58 10.14 3.16
CA MET G 222 -107.45 10.17 4.61
C MET G 222 -106.65 11.36 5.09
N ALA G 223 -105.51 11.62 4.45
CA ALA G 223 -104.66 12.73 4.89
C ALA G 223 -105.38 14.05 4.68
N GLN G 224 -106.30 14.08 3.72
CA GLN G 224 -107.04 15.30 3.44
C GLN G 224 -108.31 15.35 4.31
N GLY G 225 -108.94 14.21 4.50
CA GLY G 225 -110.14 14.11 5.30
C GLY G 225 -109.86 14.12 6.80
N TYR G 226 -108.58 14.04 7.15
CA TYR G 226 -108.13 14.17 8.53
C TYR G 226 -108.05 15.65 8.86
N ALA G 227 -107.52 16.42 7.92
CA ALA G 227 -107.42 17.87 8.10
C ALA G 227 -108.81 18.50 8.21
N ALA G 228 -109.83 17.76 7.78
CA ALA G 228 -111.22 18.26 7.82
C ALA G 228 -111.91 17.96 9.15
N GLU G 229 -111.44 16.91 9.82
CA GLU G 229 -111.95 16.54 11.14
C GLU G 229 -111.43 17.51 12.20
N ILE G 230 -110.11 17.68 12.24
CA ILE G 230 -109.51 18.63 13.16
C ILE G 230 -110.14 20.01 13.01
N SER G 231 -110.41 20.40 11.77
CA SER G 231 -111.02 21.70 11.49
C SER G 231 -112.44 21.82 12.05
N ALA G 232 -113.21 20.74 11.95
CA ALA G 232 -114.56 20.74 12.50
C ALA G 232 -114.52 20.64 14.03
N ARG G 233 -113.59 19.82 14.52
CA ARG G 233 -113.46 19.57 15.96
C ARG G 233 -112.95 20.81 16.67
N ARG G 234 -112.27 21.66 15.94
CA ARG G 234 -111.75 22.92 16.46
C ARG G 234 -112.89 23.92 16.56
N ASN G 235 -113.90 23.74 15.71
CA ASN G 235 -115.10 24.57 15.76
C ASN G 235 -116.07 24.05 16.81
N ALA G 236 -116.14 22.72 16.93
CA ALA G 236 -117.05 22.11 17.88
C ALA G 236 -116.75 22.55 19.31
N MET G 237 -115.49 22.43 19.70
CA MET G 237 -115.10 22.75 21.06
C MET G 237 -114.99 24.26 21.29
N ASP G 238 -115.07 25.03 20.22
CA ASP G 238 -115.05 26.49 20.37
C ASP G 238 -116.40 27.00 20.86
N ASN G 239 -117.48 26.48 20.27
CA ASN G 239 -118.84 26.83 20.66
C ASN G 239 -119.22 26.19 21.99
N ALA G 240 -118.67 25.01 22.25
CA ALA G 240 -118.91 24.32 23.52
C ALA G 240 -118.40 25.15 24.70
N SER G 241 -117.20 25.72 24.54
CA SER G 241 -116.63 26.59 25.57
C SER G 241 -117.45 27.87 25.73
N LYS G 242 -118.05 28.33 24.63
CA LYS G 242 -118.86 29.55 24.64
C LYS G 242 -120.23 29.32 25.31
N ASN G 243 -120.84 28.17 25.02
CA ASN G 243 -122.11 27.81 25.64
C ASN G 243 -121.92 27.41 27.09
N ALA G 244 -120.98 26.50 27.34
CA ALA G 244 -120.66 26.06 28.70
C ALA G 244 -120.16 27.22 29.53
N GLY G 245 -119.33 28.05 28.92
CA GLY G 245 -118.82 29.23 29.58
C GLY G 245 -119.93 30.18 29.97
N ASP G 246 -120.82 30.46 29.02
CA ASP G 246 -121.95 31.37 29.26
C ASP G 246 -122.97 30.76 30.19
N MET G 247 -123.03 29.43 30.21
CA MET G 247 -123.89 28.73 31.15
C MET G 247 -123.40 28.97 32.58
N ILE G 248 -122.09 29.14 32.76
CA ILE G 248 -121.51 29.40 34.07
C ILE G 248 -121.92 30.76 34.61
N ASN G 249 -122.00 31.74 33.72
CA ASN G 249 -122.43 33.08 34.08
C ASN G 249 -123.92 33.14 34.38
N ARG G 250 -124.61 32.03 34.16
CA ARG G 250 -126.02 31.94 34.47
C ARG G 250 -126.24 31.24 35.81
N TYR G 251 -125.61 30.09 36.02
CA TYR G 251 -125.69 29.40 37.30
C TYR G 251 -125.03 30.18 38.43
N SER G 252 -123.99 30.95 38.10
CA SER G 252 -123.33 31.76 39.09
C SER G 252 -124.29 32.80 39.68
N ILE G 253 -125.29 33.19 38.91
CA ILE G 253 -126.31 34.11 39.43
C ILE G 253 -127.27 33.38 40.36
N LEU G 254 -127.60 32.14 39.99
CA LEU G 254 -128.47 31.32 40.83
C LEU G 254 -127.79 30.95 42.13
N TYR G 255 -126.45 30.95 42.13
CA TYR G 255 -125.69 30.67 43.34
C TYR G 255 -125.74 31.84 44.31
N ASN G 256 -126.01 33.03 43.79
CA ASN G 256 -126.16 34.20 44.65
C ASN G 256 -127.51 34.17 45.34
N ARG G 257 -128.58 34.23 44.56
CA ARG G 257 -129.91 34.21 45.15
C ARG G 257 -130.09 33.04 46.10
N THR G 258 -129.41 31.93 45.83
CA THR G 258 -129.52 30.79 46.74
C THR G 258 -128.62 30.95 47.95
N ARG G 259 -127.52 31.68 47.81
CA ARG G 259 -126.67 31.97 48.95
C ARG G 259 -127.39 32.94 49.88
N GLN G 260 -127.91 34.01 49.30
CA GLN G 260 -128.65 35.01 50.08
C GLN G 260 -129.86 34.40 50.75
N ALA G 261 -130.53 33.47 50.08
CA ALA G 261 -131.71 32.85 50.68
C ALA G 261 -131.35 32.10 51.96
N VAL G 262 -130.22 31.37 51.94
CA VAL G 262 -129.81 30.61 53.11
C VAL G 262 -129.38 31.51 54.26
N ILE G 263 -128.81 32.66 53.93
CA ILE G 263 -128.39 33.62 54.95
C ILE G 263 -129.58 34.30 55.60
N THR G 264 -130.61 34.59 54.81
CA THR G 264 -131.81 35.22 55.35
C THR G 264 -132.69 34.24 56.11
N ASN G 265 -132.79 33.01 55.62
CA ASN G 265 -133.59 31.98 56.28
C ASN G 265 -133.03 31.57 57.64
N GLU G 266 -131.71 31.35 57.70
CA GLU G 266 -131.08 30.99 58.97
C GLU G 266 -131.21 32.13 59.97
N LEU G 267 -131.33 33.35 59.45
CA LEU G 267 -131.46 34.54 60.30
C LEU G 267 -132.86 34.64 60.90
N VAL G 268 -133.86 34.14 60.17
CA VAL G 268 -135.25 34.22 60.60
C VAL G 268 -135.53 33.34 61.81
N ASP G 269 -134.93 32.15 61.85
CA ASP G 269 -135.09 31.27 62.99
C ASP G 269 -134.43 31.85 64.23
N ILE G 270 -133.30 32.52 64.01
CA ILE G 270 -132.60 33.15 65.13
C ILE G 270 -133.43 34.27 65.72
N ILE G 271 -134.10 35.04 64.88
CA ILE G 271 -134.94 36.13 65.35
C ILE G 271 -136.23 35.60 65.98
N THR G 272 -136.80 34.54 65.40
CA THR G 272 -138.04 33.96 65.91
C THR G 272 -137.85 33.27 67.25
N GLY G 273 -136.64 32.77 67.50
CA GLY G 273 -136.34 32.14 68.76
C GLY G 273 -136.11 33.14 69.89
N ALA G 274 -135.81 34.37 69.51
CA ALA G 274 -135.54 35.43 70.49
C ALA G 274 -136.74 36.34 70.70
N SER G 275 -137.61 36.42 69.70
CA SER G 275 -138.84 37.23 69.78
C SER G 275 -139.90 36.52 70.61
N SER G 276 -139.51 35.43 71.26
CA SER G 276 -140.47 34.64 72.03
C SER G 276 -140.80 35.35 73.36
N LEU G 277 -142.08 35.71 73.51
CA LEU G 277 -142.56 36.37 74.72
C LEU G 277 -143.84 35.71 75.21
N GLY G 278 -144.56 36.40 76.09
CA GLY G 278 -145.81 35.90 76.63
C GLY G 278 -146.96 36.84 76.36
N SER H 1 -91.93 25.96 -26.33
CA SER H 1 -91.69 25.19 -25.11
C SER H 1 -90.30 24.54 -25.12
N SER H 2 -89.41 25.03 -24.26
CA SER H 2 -88.07 24.47 -24.15
C SER H 2 -87.88 23.75 -22.81
N GLY H 3 -87.21 22.60 -22.86
CA GLY H 3 -86.98 21.81 -21.67
C GLY H 3 -88.16 20.93 -21.29
N LEU H 4 -88.03 20.23 -20.16
CA LEU H 4 -89.10 19.38 -19.66
C LEU H 4 -89.33 19.62 -18.17
N LYS H 5 -90.58 19.86 -17.79
CA LYS H 5 -90.95 20.12 -16.39
C LYS H 5 -91.04 18.84 -15.58
N LEU H 6 -90.23 18.75 -14.52
CA LEU H 6 -90.19 17.57 -13.67
C LEU H 6 -91.02 17.74 -12.42
N GLN H 7 -91.75 16.69 -12.04
CA GLN H 7 -92.56 16.73 -10.83
C GLN H 7 -92.27 15.54 -9.91
N PHE H 8 -91.18 15.64 -9.16
CA PHE H 8 -90.79 14.58 -8.26
C PHE H 8 -91.32 14.83 -6.84
N ALA H 9 -92.35 14.08 -6.46
CA ALA H 9 -92.99 14.26 -5.15
C ALA H 9 -93.17 12.95 -4.39
N LEU H 10 -93.37 13.05 -3.08
CA LEU H 10 -93.53 11.91 -2.19
C LEU H 10 -94.71 12.13 -1.26
N PRO H 11 -95.21 11.05 -0.62
CA PRO H 11 -96.36 11.12 0.29
C PRO H 11 -96.04 11.85 1.59
N HIS H 12 -94.84 12.41 1.69
CA HIS H 12 -94.41 13.12 2.90
C HIS H 12 -93.66 14.41 2.56
N GLU H 13 -93.08 14.46 1.37
CA GLU H 13 -92.29 15.62 0.97
C GLU H 13 -92.23 15.75 -0.54
N THR H 14 -92.34 16.98 -1.03
CA THR H 14 -92.23 17.22 -2.47
C THR H 14 -90.92 17.93 -2.81
N LEU H 15 -90.15 17.35 -3.73
CA LEU H 15 -88.85 17.90 -4.13
C LEU H 15 -88.94 18.85 -5.32
N TYR H 16 -89.21 18.31 -6.50
CA TYR H 16 -89.36 19.12 -7.70
C TYR H 16 -90.82 19.26 -8.09
N SER H 17 -91.19 20.44 -8.60
CA SER H 17 -92.57 20.71 -8.98
C SER H 17 -92.65 21.76 -10.10
N GLY H 18 -92.82 21.30 -11.34
CA GLY H 18 -92.83 22.18 -12.49
C GLY H 18 -91.47 22.81 -12.74
N SER H 19 -90.41 22.07 -12.43
CA SER H 19 -89.05 22.54 -12.61
C SER H 19 -88.39 21.96 -13.87
N GLU H 20 -87.74 22.82 -14.65
CA GLU H 20 -87.12 22.39 -15.91
C GLU H 20 -85.84 21.59 -15.67
N VAL H 21 -85.73 20.47 -16.35
CA VAL H 21 -84.58 19.60 -16.19
C VAL H 21 -83.96 19.27 -17.54
N THR H 22 -82.65 19.08 -17.53
CA THR H 22 -81.92 18.74 -18.74
C THR H 22 -82.00 17.25 -19.04
N GLN H 23 -81.77 16.42 -18.02
CA GLN H 23 -81.79 14.96 -18.19
C GLN H 23 -82.07 14.24 -16.87
N VAL H 24 -82.74 13.08 -16.96
CA VAL H 24 -83.03 12.27 -15.78
C VAL H 24 -82.84 10.79 -16.05
N ASN H 25 -82.36 10.07 -15.04
CA ASN H 25 -82.07 8.65 -15.18
C ASN H 25 -82.76 7.87 -14.08
N LEU H 26 -83.85 7.19 -14.42
CA LEU H 26 -84.59 6.43 -13.42
C LEU H 26 -84.85 5.00 -13.90
N PRO H 27 -84.44 4.02 -13.07
CA PRO H 27 -84.61 2.59 -13.39
C PRO H 27 -86.06 2.18 -13.65
N ALA H 28 -86.29 1.46 -14.75
CA ALA H 28 -87.63 0.98 -15.11
C ALA H 28 -87.68 -0.54 -15.19
N LYS H 29 -88.90 -1.10 -15.13
CA LYS H 29 -89.08 -2.55 -15.16
C LYS H 29 -88.44 -3.12 -16.41
N SER H 30 -88.77 -2.51 -17.55
CA SER H 30 -88.20 -2.94 -18.82
C SER H 30 -86.67 -2.80 -18.78
N GLY H 31 -86.19 -1.80 -18.05
CA GLY H 31 -84.75 -1.56 -17.92
C GLY H 31 -84.46 -0.09 -17.69
N ARG H 32 -83.19 0.25 -17.52
CA ARG H 32 -82.82 1.63 -17.23
C ARG H 32 -83.24 2.56 -18.37
N ILE H 33 -83.83 3.70 -18.01
CA ILE H 33 -84.34 4.65 -18.99
C ILE H 33 -83.76 6.03 -18.78
N GLY H 34 -83.72 6.83 -19.85
CA GLY H 34 -83.27 8.20 -19.78
C GLY H 34 -84.26 9.10 -20.46
N VAL H 35 -84.30 10.36 -20.05
CA VAL H 35 -85.20 11.32 -20.65
C VAL H 35 -84.52 12.66 -20.82
N LEU H 36 -84.91 13.39 -21.85
CA LEU H 36 -84.36 14.72 -22.10
C LEU H 36 -85.48 15.69 -22.36
N ALA H 37 -85.17 16.80 -23.01
CA ALA H 37 -86.15 17.83 -23.32
C ALA H 37 -87.42 17.28 -23.96
N ASN H 38 -87.36 16.95 -25.24
CA ASN H 38 -88.50 16.35 -25.92
C ASN H 38 -88.38 14.84 -25.88
N HIS H 39 -89.35 14.17 -25.29
CA HIS H 39 -89.30 12.72 -25.19
C HIS H 39 -90.67 12.12 -25.45
N VAL H 40 -90.71 10.98 -26.12
CA VAL H 40 -91.97 10.32 -26.44
C VAL H 40 -92.69 9.89 -25.17
N PRO H 41 -94.01 10.13 -25.13
CA PRO H 41 -94.85 9.80 -23.97
C PRO H 41 -94.81 8.32 -23.61
N THR H 42 -94.10 7.97 -22.54
CA THR H 42 -94.01 6.59 -22.07
C THR H 42 -94.40 6.46 -20.60
N VAL H 43 -95.11 5.37 -20.28
CA VAL H 43 -95.56 5.11 -18.92
C VAL H 43 -95.02 3.78 -18.41
N GLU H 44 -93.97 3.85 -17.60
CA GLU H 44 -93.32 2.65 -17.11
C GLU H 44 -93.29 2.58 -15.58
N GLN H 45 -93.26 1.37 -15.05
CA GLN H 45 -93.19 1.17 -13.61
C GLN H 45 -91.76 1.28 -13.10
N LEU H 46 -91.55 2.09 -12.08
CA LEU H 46 -90.24 2.28 -11.49
C LEU H 46 -89.94 1.22 -10.44
N LEU H 47 -88.74 0.64 -10.52
CA LEU H 47 -88.31 -0.37 -9.57
C LEU H 47 -87.29 0.22 -8.61
N PRO H 48 -87.19 -0.37 -7.41
CA PRO H 48 -86.27 0.08 -6.35
C PRO H 48 -84.83 0.23 -6.83
N GLY H 49 -84.47 1.43 -7.29
CA GLY H 49 -83.15 1.68 -7.83
C GLY H 49 -82.62 3.07 -7.46
N VAL H 50 -81.94 3.71 -8.42
CA VAL H 50 -81.34 5.01 -8.18
C VAL H 50 -81.65 6.00 -9.29
N VAL H 51 -82.16 7.17 -8.91
CA VAL H 51 -82.51 8.22 -9.87
C VAL H 51 -81.50 9.35 -9.77
N GLU H 52 -81.30 10.06 -10.88
CA GLU H 52 -80.37 11.19 -10.88
C GLU H 52 -80.89 12.32 -11.75
N VAL H 53 -81.16 13.46 -11.13
CA VAL H 53 -81.62 14.61 -11.87
C VAL H 53 -80.43 15.41 -12.35
N MET H 54 -80.36 15.63 -13.67
CA MET H 54 -79.23 16.33 -14.24
C MET H 54 -79.56 17.80 -14.49
N GLU H 55 -78.55 18.65 -14.32
CA GLU H 55 -78.68 20.07 -14.62
C GLU H 55 -77.41 20.55 -15.32
N GLY H 56 -77.47 21.73 -15.92
CA GLY H 56 -76.30 22.32 -16.53
C GLY H 56 -75.14 22.28 -15.55
N SER H 57 -75.46 22.60 -14.29
CA SER H 57 -74.50 22.46 -13.20
C SER H 57 -74.44 20.99 -12.76
N ASN H 58 -73.49 20.68 -11.89
CA ASN H 58 -73.38 19.33 -11.35
C ASN H 58 -74.74 18.75 -10.93
N SER H 59 -75.02 17.54 -11.37
CA SER H 59 -76.31 16.91 -11.11
C SER H 59 -76.29 16.08 -9.82
N LYS H 60 -77.37 16.17 -9.06
CA LYS H 60 -77.53 15.42 -7.81
C LYS H 60 -78.19 14.08 -8.05
N LYS H 61 -77.87 13.12 -7.19
CA LYS H 61 -78.39 11.76 -7.37
C LYS H 61 -78.96 11.21 -6.06
N PHE H 62 -80.23 10.84 -6.10
CA PHE H 62 -80.96 10.32 -4.94
C PHE H 62 -81.43 8.89 -5.18
N PHE H 63 -81.52 8.10 -4.11
CA PHE H 63 -82.02 6.72 -4.21
C PHE H 63 -83.53 6.69 -4.09
N ILE H 64 -84.19 5.96 -4.98
CA ILE H 64 -85.65 5.90 -4.97
C ILE H 64 -86.18 4.55 -4.50
N SER H 65 -87.34 4.57 -3.84
CA SER H 65 -87.97 3.36 -3.35
C SER H 65 -88.72 2.62 -4.47
N GLY H 66 -89.46 3.37 -5.28
CA GLY H 66 -90.19 2.79 -6.39
C GLY H 66 -91.54 3.44 -6.62
N GLY H 67 -92.13 3.20 -7.79
CA GLY H 67 -93.41 3.77 -8.15
C GLY H 67 -93.70 3.74 -9.63
N PHE H 68 -94.17 4.86 -10.17
CA PHE H 68 -94.44 4.98 -11.61
C PHE H 68 -93.78 6.24 -12.19
N ALA H 69 -93.53 6.22 -13.49
CA ALA H 69 -93.00 7.38 -14.19
C ALA H 69 -93.75 7.57 -15.50
N THR H 70 -94.25 8.78 -15.72
CA THR H 70 -95.02 9.07 -16.93
C THR H 70 -94.55 10.37 -17.56
N VAL H 71 -94.27 10.32 -18.86
CA VAL H 71 -93.85 11.51 -19.58
C VAL H 71 -95.02 12.07 -20.37
N GLN H 72 -95.58 13.18 -19.89
CA GLN H 72 -96.73 13.77 -20.55
C GLN H 72 -96.39 14.27 -21.96
N PRO H 73 -97.36 14.18 -22.88
CA PRO H 73 -97.21 14.63 -24.27
C PRO H 73 -96.62 16.04 -24.35
N ASP H 74 -97.05 16.90 -23.43
CA ASP H 74 -96.58 18.29 -23.42
C ASP H 74 -95.16 18.45 -22.85
N SER H 75 -94.40 17.36 -22.87
CA SER H 75 -93.01 17.37 -22.38
C SER H 75 -92.92 17.60 -20.87
N GLN H 76 -93.52 16.70 -20.11
CA GLN H 76 -93.60 16.84 -18.65
C GLN H 76 -93.52 15.48 -17.97
N LEU H 77 -92.36 15.14 -17.42
CA LEU H 77 -92.19 13.88 -16.71
C LEU H 77 -92.63 14.00 -15.25
N CYS H 78 -93.35 12.99 -14.77
CA CYS H 78 -93.84 12.95 -13.39
C CYS H 78 -93.37 11.72 -12.64
N VAL H 79 -92.53 11.91 -11.62
CA VAL H 79 -92.01 10.81 -10.81
C VAL H 79 -92.73 10.69 -9.48
N THR H 80 -93.28 9.52 -9.21
CA THR H 80 -94.02 9.26 -7.98
C THR H 80 -93.40 8.09 -7.22
N ALA H 81 -93.05 8.31 -5.96
CA ALA H 81 -92.50 7.25 -5.13
C ALA H 81 -92.95 7.37 -3.68
N ILE H 82 -92.32 6.60 -2.80
CA ILE H 82 -92.64 6.64 -1.38
C ILE H 82 -91.57 7.42 -0.61
N GLU H 83 -90.45 6.76 -0.30
CA GLU H 83 -89.36 7.41 0.42
C GLU H 83 -88.24 7.84 -0.53
N ALA H 84 -87.37 8.73 -0.04
CA ALA H 84 -86.23 9.20 -0.81
C ALA H 84 -84.95 9.06 0.00
N PHE H 85 -83.81 9.12 -0.68
CA PHE H 85 -82.52 8.99 -0.03
C PHE H 85 -81.49 9.88 -0.72
N PRO H 86 -80.80 10.72 0.06
CA PRO H 86 -79.73 11.62 -0.39
C PRO H 86 -78.54 10.86 -0.97
N LEU H 87 -77.46 11.58 -1.24
CA LEU H 87 -76.30 11.00 -1.92
C LEU H 87 -75.79 9.73 -1.23
N GLU H 88 -74.95 9.91 -0.23
CA GLU H 88 -74.39 8.79 0.52
C GLU H 88 -74.24 9.20 1.97
N SER H 89 -74.19 10.51 2.21
CA SER H 89 -74.00 11.05 3.55
C SER H 89 -75.17 10.70 4.47
N PHE H 90 -76.20 10.07 3.90
CA PHE H 90 -77.37 9.69 4.68
C PHE H 90 -77.31 8.23 5.11
N SER H 91 -77.02 7.33 4.17
CA SER H 91 -76.97 5.91 4.48
C SER H 91 -75.62 5.48 5.04
N GLN H 92 -75.62 4.44 5.85
CA GLN H 92 -74.40 3.91 6.43
C GLN H 92 -74.28 2.42 6.17
N GLU H 93 -73.08 1.98 5.80
CA GLU H 93 -72.83 0.58 5.51
C GLU H 93 -73.14 -0.27 6.74
N ASN H 94 -72.69 0.18 7.90
CA ASN H 94 -72.90 -0.54 9.14
C ASN H 94 -74.37 -0.72 9.49
N ILE H 95 -75.17 0.31 9.20
CA ILE H 95 -76.59 0.27 9.54
C ILE H 95 -77.36 -0.65 8.59
N LYS H 96 -76.77 -0.96 7.45
CA LYS H 96 -77.42 -1.80 6.45
C LYS H 96 -77.15 -3.29 6.67
N ASN H 97 -75.88 -3.63 6.90
CA ASN H 97 -75.48 -5.02 7.12
C ASN H 97 -76.25 -5.65 8.28
N LEU H 98 -76.52 -4.86 9.32
CA LEU H 98 -77.24 -5.33 10.48
C LEU H 98 -78.55 -6.01 10.10
N LEU H 99 -79.41 -5.28 9.39
CA LEU H 99 -80.69 -5.82 8.94
C LEU H 99 -80.50 -6.79 7.77
N ALA H 100 -79.60 -6.44 6.86
CA ALA H 100 -79.34 -7.24 5.66
C ALA H 100 -79.11 -8.70 6.01
N GLU H 101 -78.17 -8.93 6.92
CA GLU H 101 -77.86 -10.28 7.39
C GLU H 101 -79.08 -10.92 8.05
N ALA H 102 -79.83 -10.13 8.81
CA ALA H 102 -81.03 -10.62 9.49
C ALA H 102 -82.11 -11.06 8.49
N LYS H 103 -82.00 -10.60 7.25
CA LYS H 103 -82.95 -10.94 6.20
C LYS H 103 -82.79 -12.38 5.76
N LYS H 104 -81.54 -12.82 5.67
CA LYS H 104 -81.24 -14.19 5.27
C LYS H 104 -81.77 -15.15 6.32
N ASN H 105 -81.88 -14.67 7.56
CA ASN H 105 -82.43 -15.46 8.63
C ASN H 105 -83.96 -15.46 8.63
N VAL H 106 -84.54 -14.55 7.83
CA VAL H 106 -85.99 -14.49 7.71
C VAL H 106 -86.51 -15.61 6.82
N SER H 107 -85.70 -16.03 5.87
CA SER H 107 -86.01 -17.22 5.08
C SER H 107 -86.08 -18.42 6.00
N SER H 108 -85.21 -18.42 7.01
CA SER H 108 -85.21 -19.46 8.05
C SER H 108 -86.48 -19.40 8.91
N SER H 109 -86.97 -18.18 9.17
CA SER H 109 -88.24 -17.99 9.87
C SER H 109 -89.40 -18.44 8.99
N ASP H 110 -90.61 -18.39 9.53
CA ASP H 110 -91.81 -18.83 8.81
C ASP H 110 -91.97 -18.10 7.46
N ALA H 111 -92.37 -18.85 6.43
CA ALA H 111 -92.48 -18.34 5.06
C ALA H 111 -93.35 -17.09 4.92
N ARG H 112 -94.43 -17.03 5.71
CA ARG H 112 -95.30 -15.87 5.72
C ARG H 112 -94.50 -14.57 5.88
N GLU H 113 -93.44 -14.64 6.67
CA GLU H 113 -92.58 -13.49 6.92
C GLU H 113 -91.35 -13.49 6.03
N ALA H 114 -90.97 -14.67 5.55
CA ALA H 114 -89.82 -14.82 4.67
C ALA H 114 -90.11 -14.28 3.28
N ALA H 115 -91.39 -14.20 2.95
CA ALA H 115 -91.84 -13.71 1.64
C ALA H 115 -91.35 -12.29 1.43
N GLU H 116 -91.42 -11.49 2.47
CA GLU H 116 -90.97 -10.10 2.41
C GLU H 116 -89.45 -9.99 2.47
N ALA H 117 -88.79 -11.02 2.98
CA ALA H 117 -87.33 -11.03 3.08
C ALA H 117 -86.67 -11.07 1.71
N ALA H 118 -87.23 -11.90 0.83
CA ALA H 118 -86.73 -12.03 -0.52
C ALA H 118 -86.74 -10.69 -1.23
N ILE H 119 -87.76 -9.88 -0.93
CA ILE H 119 -87.92 -8.57 -1.54
C ILE H 119 -86.90 -7.59 -0.99
N GLN H 120 -86.47 -7.85 0.25
CA GLN H 120 -85.53 -6.96 0.91
C GLN H 120 -84.12 -7.21 0.38
N VAL H 121 -83.78 -8.48 0.19
CA VAL H 121 -82.46 -8.84 -0.32
C VAL H 121 -82.09 -7.96 -1.51
N GLU H 122 -82.95 -7.96 -2.53
CA GLU H 122 -82.71 -7.19 -3.74
C GLU H 122 -82.41 -5.73 -3.42
N VAL H 123 -83.34 -5.06 -2.74
CA VAL H 123 -83.20 -3.65 -2.44
C VAL H 123 -81.89 -3.37 -1.71
N LEU H 124 -81.54 -4.26 -0.79
CA LEU H 124 -80.33 -4.08 0.02
C LEU H 124 -79.06 -4.21 -0.82
N GLU H 125 -79.01 -5.21 -1.68
CA GLU H 125 -77.84 -5.42 -2.53
C GLU H 125 -77.54 -4.18 -3.38
N ASN H 126 -78.59 -3.55 -3.89
CA ASN H 126 -78.45 -2.35 -4.71
C ASN H 126 -77.91 -1.17 -3.90
N LEU H 127 -78.16 -1.19 -2.60
CA LEU H 127 -77.67 -0.15 -1.70
C LEU H 127 -76.15 -0.16 -1.64
N GLN H 128 -75.57 -1.35 -1.78
CA GLN H 128 -74.12 -1.50 -1.72
C GLN H 128 -73.44 -0.90 -2.94
N SER H 129 -74.07 -1.05 -4.10
CA SER H 129 -73.53 -0.52 -5.34
C SER H 129 -73.58 1.00 -5.38
N VAL H 130 -74.44 1.58 -4.55
CA VAL H 130 -74.57 3.04 -4.48
C VAL H 130 -73.32 3.64 -3.86
N LEU H 131 -72.65 2.87 -3.03
CA LEU H 131 -71.42 3.31 -2.38
C LEU H 131 -70.39 3.75 -3.43
N LYS H 132 -70.33 3.00 -4.54
CA LYS H 132 -69.42 3.30 -5.63
C LYS H 132 -68.00 3.60 -5.14
N SER I 1 -88.66 -15.37 -5.78
CA SER I 1 -88.75 -14.01 -5.26
C SER I 1 -89.94 -13.24 -5.86
N ALA I 2 -90.88 -13.98 -6.45
CA ALA I 2 -92.08 -13.39 -7.04
C ALA I 2 -92.90 -12.63 -6.01
N TRP I 3 -93.30 -11.41 -6.37
CA TRP I 3 -94.06 -10.56 -5.46
C TRP I 3 -95.54 -10.55 -5.85
N ARG I 4 -95.82 -10.61 -7.15
CA ARG I 4 -97.20 -10.59 -7.61
C ARG I 4 -97.78 -12.00 -7.69
N LYS I 5 -96.95 -13.00 -7.37
CA LYS I 5 -97.39 -14.40 -7.34
C LYS I 5 -97.89 -14.80 -5.96
N ALA I 6 -96.98 -14.94 -5.01
CA ALA I 6 -97.34 -15.29 -3.64
C ALA I 6 -96.86 -14.25 -2.62
N GLY I 7 -96.64 -13.03 -3.10
CA GLY I 7 -96.15 -11.94 -2.27
C GLY I 7 -97.23 -11.00 -1.77
N ILE I 8 -97.32 -9.82 -2.37
CA ILE I 8 -98.34 -8.84 -1.98
C ILE I 8 -98.58 -7.84 -3.10
N SER I 9 -99.59 -6.99 -2.92
CA SER I 9 -99.91 -5.97 -3.90
C SER I 9 -98.70 -5.09 -4.20
N TYR I 10 -98.78 -4.34 -5.29
CA TYR I 10 -97.70 -3.43 -5.69
C TYR I 10 -97.50 -2.33 -4.65
N ALA I 11 -98.57 -2.00 -3.93
CA ALA I 11 -98.52 -1.02 -2.86
C ALA I 11 -97.63 -1.51 -1.71
N ALA I 12 -97.67 -2.82 -1.48
CA ALA I 12 -96.86 -3.43 -0.44
C ALA I 12 -95.45 -3.71 -0.94
N TYR I 13 -95.31 -3.94 -2.24
CA TYR I 13 -94.01 -4.22 -2.84
C TYR I 13 -93.07 -3.03 -2.68
N LEU I 14 -93.62 -1.84 -2.78
CA LEU I 14 -92.84 -0.62 -2.62
C LEU I 14 -92.78 -0.23 -1.15
N ASN I 15 -93.73 -0.75 -0.39
CA ASN I 15 -93.79 -0.48 1.04
C ASN I 15 -92.59 -1.06 1.77
N VAL I 16 -92.32 -2.34 1.51
CA VAL I 16 -91.21 -3.02 2.17
C VAL I 16 -89.89 -2.32 1.89
N ALA I 17 -89.81 -1.68 0.73
CA ALA I 17 -88.60 -0.96 0.33
C ALA I 17 -88.55 0.43 0.97
N ALA I 18 -89.73 0.95 1.29
CA ALA I 18 -89.82 2.26 1.93
C ALA I 18 -89.33 2.21 3.37
N GLN I 19 -89.67 1.13 4.08
CA GLN I 19 -89.23 0.94 5.46
C GLN I 19 -87.77 0.49 5.51
N ALA I 20 -87.39 -0.39 4.58
CA ALA I 20 -86.02 -0.86 4.49
C ALA I 20 -85.06 0.29 4.24
N ILE I 21 -85.48 1.21 3.37
CA ILE I 21 -84.67 2.39 3.05
C ILE I 21 -84.61 3.34 4.24
N ARG I 22 -85.78 3.71 4.75
CA ARG I 22 -85.88 4.62 5.88
C ARG I 22 -85.14 4.06 7.10
N SER I 23 -84.89 2.75 7.09
CA SER I 23 -84.19 2.09 8.19
C SER I 23 -82.78 1.69 7.82
N SER I 24 -82.33 2.14 6.65
CA SER I 24 -80.99 1.82 6.17
C SER I 24 -80.07 3.03 6.26
N LEU I 25 -80.56 4.09 6.88
CA LEU I 25 -79.81 5.33 7.00
C LEU I 25 -79.17 5.49 8.36
N LYS I 26 -78.66 6.68 8.64
CA LYS I 26 -78.04 6.98 9.93
C LYS I 26 -79.11 7.09 11.01
N THR I 27 -78.74 6.72 12.24
CA THR I 27 -79.66 6.79 13.35
C THR I 27 -79.73 8.21 13.89
N GLU I 28 -78.75 9.03 13.51
CA GLU I 28 -78.68 10.42 13.95
C GLU I 28 -79.55 11.34 13.11
N LEU I 29 -79.61 11.08 11.80
CA LEU I 29 -80.41 11.89 10.90
C LEU I 29 -81.79 11.29 10.70
N GLN I 30 -82.28 10.57 11.70
CA GLN I 30 -83.58 9.92 11.61
C GLN I 30 -84.62 10.58 12.52
N THR I 31 -85.23 11.64 12.03
CA THR I 31 -86.22 12.39 12.82
C THR I 31 -87.35 11.48 13.30
N ALA I 32 -88.06 11.94 14.33
CA ALA I 32 -89.19 11.19 14.85
C ALA I 32 -90.30 11.12 13.82
N SER I 33 -90.24 12.04 12.86
CA SER I 33 -91.21 12.08 11.77
C SER I 33 -91.20 10.77 10.98
N VAL I 34 -90.04 10.16 10.89
CA VAL I 34 -89.88 8.91 10.15
C VAL I 34 -90.24 7.71 11.01
N LEU I 35 -89.95 7.81 12.30
CA LEU I 35 -90.29 6.73 13.24
C LEU I 35 -91.77 6.38 13.16
N ASN I 36 -92.63 7.32 13.52
CA ASN I 36 -94.09 7.11 13.51
C ASN I 36 -94.62 6.90 12.09
N ARG I 37 -93.79 7.23 11.11
CA ARG I 37 -94.14 7.07 9.70
C ARG I 37 -94.14 5.59 9.32
N SER I 38 -93.45 4.78 10.12
CA SER I 38 -93.37 3.36 9.90
C SER I 38 -94.15 2.59 10.98
N GLN I 39 -94.82 3.33 11.85
CA GLN I 39 -95.59 2.72 12.93
C GLN I 39 -97.09 2.82 12.69
N THR I 40 -97.81 1.75 13.02
CA THR I 40 -99.25 1.67 12.81
C THR I 40 -99.90 0.69 13.78
N ASP I 41 -101.07 1.05 14.30
CA ASP I 41 -101.79 0.21 15.24
C ASP I 41 -103.24 0.02 14.81
N ALA I 42 -103.45 -0.37 13.56
CA ALA I 42 -104.79 -0.55 13.04
C ALA I 42 -105.12 -2.02 12.81
N PHE I 43 -106.28 -2.45 13.28
CA PHE I 43 -106.72 -3.84 13.13
C PHE I 43 -107.97 -3.92 12.24
N TYR I 44 -108.04 -4.96 11.41
CA TYR I 44 -109.17 -5.14 10.49
C TYR I 44 -110.08 -6.28 10.93
N THR I 45 -111.35 -6.18 10.55
CA THR I 45 -112.33 -7.18 10.93
C THR I 45 -113.34 -7.41 9.82
N GLN I 46 -113.44 -8.66 9.38
CA GLN I 46 -114.38 -9.02 8.34
C GLN I 46 -115.77 -9.25 8.94
N TYR I 47 -116.79 -8.66 8.31
CA TYR I 47 -118.16 -8.78 8.77
C TYR I 47 -119.02 -9.60 7.80
N LYS I 48 -120.12 -10.16 8.31
CA LYS I 48 -121.03 -10.96 7.50
C LYS I 48 -122.23 -10.16 7.03
N ASN I 49 -123.23 -10.86 6.52
CA ASN I 49 -124.45 -10.22 6.04
C ASN I 49 -125.41 -9.94 7.19
N GLY I 50 -125.13 -10.57 8.33
CA GLY I 50 -125.97 -10.40 9.50
C GLY I 50 -125.23 -9.76 10.66
N THR I 51 -124.54 -8.66 10.38
CA THR I 51 -123.78 -7.92 11.39
C THR I 51 -122.71 -8.77 12.06
N ALA I 52 -122.58 -10.03 11.64
CA ALA I 52 -121.58 -10.93 12.20
C ALA I 52 -120.18 -10.42 11.89
N ALA I 53 -119.18 -11.00 12.55
CA ALA I 53 -117.79 -10.58 12.34
C ALA I 53 -116.81 -11.73 12.57
N SER I 54 -115.60 -11.58 12.04
CA SER I 54 -114.56 -12.57 12.20
C SER I 54 -113.58 -12.16 13.30
N GLU I 55 -112.73 -13.10 13.72
CA GLU I 55 -111.74 -12.81 14.77
C GLU I 55 -110.81 -11.66 14.38
N PRO I 56 -110.74 -10.63 15.21
CA PRO I 56 -109.92 -9.45 14.90
C PRO I 56 -108.44 -9.80 14.67
N THR I 57 -107.79 -9.11 13.73
CA THR I 57 -106.39 -9.35 13.42
C THR I 57 -105.66 -8.06 13.06
N PRO I 58 -104.33 -8.06 13.17
CA PRO I 58 -103.51 -6.87 12.86
C PRO I 58 -103.27 -6.70 11.36
N ILE I 59 -103.31 -5.45 10.89
CA ILE I 59 -103.06 -5.16 9.49
C ILE I 59 -101.68 -5.65 9.06
N MET J 1 -67.21 -17.73 -81.77
CA MET J 1 -67.53 -17.60 -80.35
C MET J 1 -68.89 -18.22 -80.04
N GLN J 2 -68.90 -19.18 -79.12
CA GLN J 2 -70.12 -19.84 -78.72
C GLN J 2 -70.08 -20.27 -77.25
N LEU J 3 -68.96 -20.85 -76.84
CA LEU J 3 -68.78 -21.30 -75.46
C LEU J 3 -68.69 -20.12 -74.49
N VAL J 4 -68.03 -19.05 -74.92
CA VAL J 4 -67.89 -17.84 -74.10
C VAL J 4 -69.17 -17.00 -74.13
N LEU J 5 -69.93 -17.09 -75.22
CA LEU J 5 -71.19 -16.37 -75.33
C LEU J 5 -72.23 -16.94 -74.36
N ALA J 6 -72.23 -18.25 -74.21
CA ALA J 6 -73.17 -18.92 -73.32
C ALA J 6 -72.97 -18.51 -71.86
N ALA J 7 -71.73 -18.19 -71.51
CA ALA J 7 -71.40 -17.78 -70.15
C ALA J 7 -71.91 -16.37 -69.85
N LYS J 8 -72.28 -15.65 -70.90
CA LYS J 8 -72.81 -14.30 -70.75
C LYS J 8 -74.23 -14.33 -70.20
N TYR J 9 -74.98 -15.38 -70.54
CA TYR J 9 -76.35 -15.52 -70.06
C TYR J 9 -76.40 -16.14 -68.67
N ILE J 10 -75.50 -17.09 -68.42
CA ILE J 10 -75.43 -17.76 -67.12
C ILE J 10 -75.00 -16.79 -66.02
N GLY J 11 -74.06 -15.91 -66.35
CA GLY J 11 -73.57 -14.93 -65.41
C GLY J 11 -74.54 -13.79 -65.17
N ALA J 12 -75.45 -13.57 -66.12
CA ALA J 12 -76.43 -12.50 -66.00
C ALA J 12 -77.60 -12.88 -65.10
N GLY J 13 -77.92 -14.18 -65.07
CA GLY J 13 -79.00 -14.68 -64.25
C GLY J 13 -78.60 -14.84 -62.80
N ILE J 14 -77.30 -14.83 -62.55
CA ILE J 14 -76.79 -14.95 -61.18
C ILE J 14 -76.60 -13.58 -60.54
N SER J 15 -76.32 -12.57 -61.37
CA SER J 15 -76.12 -11.22 -60.86
C SER J 15 -77.42 -10.60 -60.37
N THR J 16 -78.53 -11.26 -60.66
CA THR J 16 -79.85 -10.79 -60.19
C THR J 16 -80.08 -11.21 -58.74
N ILE J 17 -79.35 -12.22 -58.28
CA ILE J 17 -79.45 -12.68 -56.90
C ILE J 17 -78.95 -11.63 -55.93
N GLY J 18 -78.02 -10.79 -56.39
CA GLY J 18 -77.47 -9.74 -55.56
C GLY J 18 -78.44 -8.59 -55.33
N LEU J 19 -79.60 -8.65 -55.96
CA LEU J 19 -80.61 -7.60 -55.84
C LEU J 19 -81.56 -7.84 -54.67
N LEU J 20 -81.32 -8.91 -53.92
CA LEU J 20 -82.12 -9.22 -52.75
C LEU J 20 -81.88 -8.19 -51.65
N GLY J 21 -80.68 -7.62 -51.65
CA GLY J 21 -80.31 -6.64 -50.65
C GLY J 21 -81.15 -5.38 -50.74
N ALA J 22 -81.70 -5.13 -51.92
CA ALA J 22 -82.51 -3.94 -52.13
C ALA J 22 -83.98 -4.22 -51.85
N GLY J 23 -84.39 -5.47 -52.01
CA GLY J 23 -85.76 -5.87 -51.76
C GLY J 23 -86.06 -5.94 -50.28
N ILE J 24 -85.24 -6.69 -49.56
CA ILE J 24 -85.42 -6.84 -48.13
C ILE J 24 -84.80 -5.66 -47.37
N GLY J 25 -83.70 -5.13 -47.89
CA GLY J 25 -83.04 -4.01 -47.26
C GLY J 25 -83.92 -2.78 -47.15
N ILE J 26 -84.34 -2.25 -48.30
CA ILE J 26 -85.20 -1.08 -48.33
C ILE J 26 -86.50 -1.34 -47.56
N ALA J 27 -86.90 -2.60 -47.50
CA ALA J 27 -88.10 -2.99 -46.77
C ALA J 27 -87.98 -2.64 -45.29
N ILE J 28 -86.87 -3.06 -44.67
CA ILE J 28 -86.64 -2.81 -43.26
C ILE J 28 -86.52 -1.32 -42.96
N VAL J 29 -85.79 -0.60 -43.82
CA VAL J 29 -85.59 0.83 -43.64
C VAL J 29 -86.91 1.59 -43.70
N PHE J 30 -87.78 1.18 -44.63
CA PHE J 30 -89.07 1.83 -44.79
C PHE J 30 -90.03 1.37 -43.70
N ALA J 31 -89.89 0.12 -43.28
CA ALA J 31 -90.76 -0.44 -42.25
C ALA J 31 -90.57 0.26 -40.90
N ALA J 32 -89.35 0.74 -40.65
CA ALA J 32 -89.05 1.44 -39.41
C ALA J 32 -89.80 2.76 -39.33
N LEU J 33 -89.94 3.43 -40.47
CA LEU J 33 -90.69 4.68 -40.54
C LEU J 33 -92.16 4.45 -40.22
N ILE J 34 -92.66 3.29 -40.59
CA ILE J 34 -94.06 2.94 -40.32
C ILE J 34 -94.28 2.65 -38.84
N ASN J 35 -93.34 1.94 -38.25
CA ASN J 35 -93.41 1.58 -36.84
C ASN J 35 -92.93 2.73 -35.93
N GLY J 36 -92.45 3.80 -36.54
CA GLY J 36 -91.99 4.96 -35.79
C GLY J 36 -93.05 6.03 -35.62
N VAL J 37 -93.82 6.28 -36.67
CA VAL J 37 -94.86 7.31 -36.64
C VAL J 37 -96.14 6.81 -35.97
N SER J 38 -96.28 5.49 -35.86
CA SER J 38 -97.46 4.91 -35.25
C SER J 38 -97.34 4.92 -33.73
N ARG J 39 -96.14 5.24 -33.25
CA ARG J 39 -95.87 5.27 -31.81
C ARG J 39 -95.49 6.68 -31.39
N ASN J 40 -95.31 7.55 -32.36
CA ASN J 40 -94.92 8.93 -32.10
C ASN J 40 -95.41 9.88 -33.19
N PRO J 41 -96.72 10.07 -33.28
CA PRO J 41 -97.32 10.86 -34.37
C PRO J 41 -96.75 12.27 -34.42
N SER J 42 -96.15 12.72 -33.33
CA SER J 42 -95.60 14.06 -33.25
C SER J 42 -94.57 14.28 -34.36
N ILE J 43 -93.45 13.57 -34.25
CA ILE J 43 -92.35 13.72 -35.20
C ILE J 43 -92.64 13.05 -36.54
N LYS J 44 -92.57 13.83 -37.61
CA LYS J 44 -92.85 13.34 -38.95
C LYS J 44 -91.90 13.97 -39.96
N ASP J 45 -91.85 15.30 -39.98
CA ASP J 45 -90.98 16.02 -40.90
C ASP J 45 -89.53 15.97 -40.46
N THR J 46 -89.20 14.99 -39.60
CA THR J 46 -87.83 14.81 -39.14
C THR J 46 -87.31 13.42 -39.48
N VAL J 47 -88.18 12.41 -39.37
CA VAL J 47 -87.81 11.04 -39.67
C VAL J 47 -88.07 10.69 -41.13
N PHE J 48 -89.07 11.35 -41.73
CA PHE J 48 -89.43 11.14 -43.13
C PHE J 48 -88.29 11.51 -44.09
N PRO J 49 -87.66 12.68 -43.88
CA PRO J 49 -86.57 13.10 -44.77
C PRO J 49 -85.36 12.18 -44.68
N MET J 50 -84.98 11.82 -43.46
CA MET J 50 -83.84 10.92 -43.28
C MET J 50 -84.16 9.52 -43.80
N ALA J 51 -85.42 9.13 -43.72
CA ALA J 51 -85.85 7.82 -44.22
C ALA J 51 -85.56 7.69 -45.71
N ILE J 52 -85.80 8.77 -46.45
CA ILE J 52 -85.51 8.80 -47.89
C ILE J 52 -84.00 8.68 -48.13
N LEU J 53 -83.21 9.26 -47.25
CA LEU J 53 -81.75 9.19 -47.37
C LEU J 53 -81.27 7.74 -47.27
N GLY J 54 -81.91 6.97 -46.42
CA GLY J 54 -81.59 5.56 -46.27
C GLY J 54 -81.96 4.76 -47.51
N PHE J 55 -82.92 5.27 -48.26
CA PHE J 55 -83.36 4.62 -49.48
C PHE J 55 -82.24 4.59 -50.52
N ALA J 56 -81.66 5.74 -50.81
CA ALA J 56 -80.57 5.84 -51.78
C ALA J 56 -79.35 5.02 -51.36
N LEU J 57 -79.18 4.83 -50.06
CA LEU J 57 -78.06 4.06 -49.54
C LEU J 57 -78.27 2.58 -49.79
N SER J 58 -79.50 2.13 -49.63
CA SER J 58 -79.85 0.72 -49.82
C SER J 58 -80.15 0.44 -51.29
N GLU J 59 -80.45 1.49 -52.04
CA GLU J 59 -80.72 1.37 -53.47
C GLU J 59 -79.42 1.10 -54.23
N ALA J 60 -78.29 1.37 -53.58
CA ALA J 60 -76.99 1.14 -54.20
C ALA J 60 -76.84 -0.31 -54.64
N THR J 61 -77.07 -1.23 -53.72
CA THR J 61 -76.96 -2.66 -54.02
C THR J 61 -77.93 -3.09 -55.13
N GLY J 62 -78.97 -2.30 -55.33
CA GLY J 62 -79.96 -2.59 -56.36
C GLY J 62 -79.64 -1.94 -57.70
N LEU J 63 -78.54 -1.17 -57.72
CA LEU J 63 -78.09 -0.52 -58.95
C LEU J 63 -76.84 -1.20 -59.49
N PHE J 64 -75.86 -1.45 -58.61
CA PHE J 64 -74.63 -2.12 -59.01
C PHE J 64 -74.91 -3.48 -59.61
N CYS J 65 -75.62 -4.33 -58.87
CA CYS J 65 -75.96 -5.66 -59.35
C CYS J 65 -76.87 -5.61 -60.57
N LEU J 66 -77.55 -4.48 -60.73
CA LEU J 66 -78.44 -4.28 -61.87
C LEU J 66 -77.64 -3.96 -63.12
N MET J 67 -76.55 -3.21 -62.95
CA MET J 67 -75.69 -2.84 -64.07
C MET J 67 -74.88 -4.04 -64.56
N VAL J 68 -74.56 -4.94 -63.64
CA VAL J 68 -73.79 -6.14 -63.99
C VAL J 68 -74.53 -7.02 -64.99
N SER J 69 -75.85 -7.03 -64.90
CA SER J 69 -76.65 -7.84 -65.81
C SER J 69 -76.64 -7.26 -67.23
N PHE J 70 -76.63 -5.92 -67.32
CA PHE J 70 -76.59 -5.26 -68.62
C PHE J 70 -75.20 -5.37 -69.27
N LEU J 71 -74.17 -5.51 -68.44
CA LEU J 71 -72.80 -5.67 -68.94
C LEU J 71 -72.53 -7.11 -69.37
N LEU J 72 -73.59 -7.91 -69.43
CA LEU J 72 -73.46 -9.31 -69.84
C LEU J 72 -74.50 -9.65 -70.91
N LEU J 73 -75.45 -8.74 -71.10
CA LEU J 73 -76.51 -8.93 -72.08
C LEU J 73 -76.46 -7.87 -73.18
N PHE J 74 -76.36 -6.61 -72.76
CA PHE J 74 -76.32 -5.49 -73.70
C PHE J 74 -74.98 -4.76 -73.62
N GLY J 75 -74.00 -5.40 -72.99
CA GLY J 75 -72.70 -4.79 -72.82
C GLY J 75 -71.57 -5.70 -73.29
N VAL J 76 -70.92 -6.36 -72.34
CA VAL J 76 -69.82 -7.27 -72.61
C VAL J 76 -68.60 -6.55 -73.25
N MET K 1 -57.44 -18.27 -76.33
CA MET K 1 -58.15 -18.23 -75.05
C MET K 1 -59.66 -18.11 -75.27
N GLN K 2 -60.41 -19.07 -74.74
CA GLN K 2 -61.85 -19.07 -74.86
C GLN K 2 -62.53 -19.70 -73.64
N LEU K 3 -61.99 -20.84 -73.21
CA LEU K 3 -62.53 -21.55 -72.06
C LEU K 3 -62.29 -20.77 -70.75
N VAL K 4 -61.12 -20.14 -70.65
CA VAL K 4 -60.77 -19.34 -69.47
C VAL K 4 -61.45 -17.97 -69.50
N LEU K 5 -61.74 -17.47 -70.70
CA LEU K 5 -62.42 -16.20 -70.85
C LEU K 5 -63.88 -16.30 -70.37
N ALA K 6 -64.50 -17.43 -70.66
CA ALA K 6 -65.90 -17.66 -70.28
C ALA K 6 -66.07 -17.68 -68.76
N ALA K 7 -65.03 -18.11 -68.04
CA ALA K 7 -65.06 -18.17 -66.60
C ALA K 7 -64.97 -16.77 -65.97
N LYS K 8 -64.58 -15.79 -66.78
CA LYS K 8 -64.48 -14.42 -66.32
C LYS K 8 -65.88 -13.81 -66.14
N TYR K 9 -66.83 -14.24 -66.96
CA TYR K 9 -68.19 -13.73 -66.87
C TYR K 9 -69.00 -14.48 -65.81
N ILE K 10 -68.76 -15.78 -65.68
CA ILE K 10 -69.45 -16.60 -64.69
C ILE K 10 -69.06 -16.20 -63.28
N GLY K 11 -67.78 -15.89 -63.08
CA GLY K 11 -67.28 -15.48 -61.79
C GLY K 11 -67.67 -14.06 -61.40
N ALA K 12 -68.00 -13.25 -62.41
CA ALA K 12 -68.39 -11.86 -62.17
C ALA K 12 -69.84 -11.74 -61.73
N GLY K 13 -70.68 -12.67 -62.20
CA GLY K 13 -72.08 -12.67 -61.84
C GLY K 13 -72.33 -13.26 -60.47
N ILE K 14 -71.34 -13.97 -59.96
CA ILE K 14 -71.45 -14.58 -58.63
C ILE K 14 -70.93 -13.63 -57.55
N SER K 15 -69.97 -12.79 -57.91
CA SER K 15 -69.39 -11.85 -56.96
C SER K 15 -70.36 -10.74 -56.59
N THR K 16 -71.48 -10.67 -57.31
CA THR K 16 -72.53 -9.69 -57.04
C THR K 16 -73.41 -10.16 -55.88
N ILE K 17 -73.41 -11.47 -55.63
CA ILE K 17 -74.20 -12.04 -54.53
C ILE K 17 -73.67 -11.58 -53.19
N GLY K 18 -72.37 -11.28 -53.13
CA GLY K 18 -71.74 -10.82 -51.91
C GLY K 18 -72.13 -9.40 -51.53
N LEU K 19 -72.90 -8.75 -52.39
CA LEU K 19 -73.31 -7.37 -52.16
C LEU K 19 -74.61 -7.28 -51.38
N LEU K 20 -75.14 -8.45 -50.99
CA LEU K 20 -76.36 -8.48 -50.19
C LEU K 20 -76.11 -7.94 -48.79
N GLY K 21 -74.86 -8.08 -48.33
CA GLY K 21 -74.48 -7.62 -47.02
C GLY K 21 -74.59 -6.13 -46.87
N ALA K 22 -74.52 -5.41 -47.99
CA ALA K 22 -74.60 -3.96 -47.97
C ALA K 22 -76.05 -3.49 -48.14
N GLY K 23 -76.86 -4.31 -48.78
CA GLY K 23 -78.26 -3.97 -49.00
C GLY K 23 -79.06 -4.13 -47.71
N ILE K 24 -78.96 -5.31 -47.12
CA ILE K 24 -79.69 -5.60 -45.88
C ILE K 24 -78.94 -5.05 -44.67
N GLY K 25 -77.61 -5.09 -44.74
CA GLY K 25 -76.79 -4.60 -43.64
C GLY K 25 -77.03 -3.14 -43.33
N ILE K 26 -76.74 -2.28 -44.30
CA ILE K 26 -76.94 -0.83 -44.14
C ILE K 26 -78.39 -0.53 -43.81
N ALA K 27 -79.30 -1.39 -44.25
CA ALA K 27 -80.72 -1.22 -43.97
C ALA K 27 -80.99 -1.25 -42.47
N ILE K 28 -80.47 -2.27 -41.81
CA ILE K 28 -80.68 -2.44 -40.37
C ILE K 28 -80.03 -1.30 -39.58
N VAL K 29 -78.82 -0.92 -39.97
CA VAL K 29 -78.09 0.15 -39.30
C VAL K 29 -78.82 1.48 -39.40
N PHE K 30 -79.39 1.74 -40.57
CA PHE K 30 -80.11 2.98 -40.80
C PHE K 30 -81.50 2.90 -40.16
N ALA K 31 -82.08 1.71 -40.15
CA ALA K 31 -83.40 1.50 -39.58
C ALA K 31 -83.42 1.76 -38.07
N ALA K 32 -82.30 1.48 -37.41
CA ALA K 32 -82.18 1.70 -35.97
C ALA K 32 -82.26 3.19 -35.63
N LEU K 33 -81.67 4.01 -36.50
CA LEU K 33 -81.72 5.46 -36.31
C LEU K 33 -83.15 5.98 -36.43
N ILE K 34 -83.95 5.33 -37.26
CA ILE K 34 -85.35 5.72 -37.44
C ILE K 34 -86.19 5.32 -36.22
N ASN K 35 -85.95 4.12 -35.69
CA ASN K 35 -86.70 3.66 -34.53
C ASN K 35 -86.21 4.32 -33.25
N GLY K 36 -84.92 4.67 -33.22
CA GLY K 36 -84.32 5.31 -32.06
C GLY K 36 -84.85 6.71 -31.81
N VAL K 37 -84.85 7.53 -32.85
CA VAL K 37 -85.32 8.91 -32.74
C VAL K 37 -86.85 8.99 -32.68
N SER K 38 -87.52 7.87 -32.91
CA SER K 38 -88.98 7.82 -32.80
C SER K 38 -89.39 7.73 -31.35
N ARG K 39 -88.47 7.31 -30.51
CA ARG K 39 -88.74 7.18 -29.08
C ARG K 39 -88.03 8.27 -28.28
N ASN K 40 -87.14 8.99 -28.94
CA ASN K 40 -86.43 10.08 -28.27
C ASN K 40 -85.85 11.10 -29.24
N PRO K 41 -86.72 11.95 -29.82
CA PRO K 41 -86.33 12.91 -30.87
C PRO K 41 -85.31 13.91 -30.40
N SER K 42 -85.24 14.15 -29.08
CA SER K 42 -84.26 15.09 -28.57
C SER K 42 -82.87 14.67 -28.95
N ILE K 43 -82.41 13.53 -28.44
CA ILE K 43 -81.10 13.04 -28.87
C ILE K 43 -81.14 12.82 -30.35
N LYS K 44 -80.34 13.60 -31.05
CA LYS K 44 -80.31 13.56 -32.51
C LYS K 44 -78.89 13.77 -33.02
N ASP K 45 -78.26 14.87 -32.59
CA ASP K 45 -76.90 15.19 -33.00
C ASP K 45 -75.87 14.31 -32.28
N THR K 46 -76.33 13.18 -31.75
CA THR K 46 -75.44 12.23 -31.09
C THR K 46 -75.50 10.86 -31.74
N VAL K 47 -76.70 10.45 -32.16
CA VAL K 47 -76.88 9.16 -32.81
C VAL K 47 -76.74 9.26 -34.32
N PHE K 48 -77.06 10.42 -34.86
CA PHE K 48 -76.95 10.68 -36.30
C PHE K 48 -75.51 10.57 -36.81
N PRO K 49 -74.55 11.19 -36.10
CA PRO K 49 -73.15 11.14 -36.53
C PRO K 49 -72.58 9.73 -36.49
N MET K 50 -72.85 9.01 -35.41
CA MET K 50 -72.37 7.64 -35.27
C MET K 50 -73.06 6.72 -36.28
N ALA K 51 -74.30 7.02 -36.61
CA ALA K 51 -75.05 6.25 -37.59
C ALA K 51 -74.34 6.24 -38.94
N ILE K 52 -73.80 7.39 -39.33
CA ILE K 52 -73.05 7.52 -40.57
C ILE K 52 -71.77 6.69 -40.51
N LEU K 53 -71.16 6.61 -39.33
CA LEU K 53 -69.95 5.82 -39.13
C LEU K 53 -70.21 4.35 -39.42
N GLY K 54 -71.38 3.88 -39.03
CA GLY K 54 -71.77 2.50 -39.28
C GLY K 54 -72.00 2.24 -40.75
N PHE K 55 -72.31 3.30 -41.49
CA PHE K 55 -72.52 3.19 -42.94
C PHE K 55 -71.24 2.76 -43.65
N ALA K 56 -70.14 3.48 -43.40
CA ALA K 56 -68.86 3.17 -44.02
C ALA K 56 -68.35 1.78 -43.63
N LEU K 57 -68.76 1.31 -42.46
CA LEU K 57 -68.35 -0.02 -41.99
C LEU K 57 -69.09 -1.11 -42.75
N SER K 58 -70.37 -0.87 -43.02
CA SER K 58 -71.19 -1.83 -43.74
C SER K 58 -71.05 -1.66 -45.24
N GLU K 59 -70.57 -0.49 -45.65
CA GLU K 59 -70.33 -0.21 -47.07
C GLU K 59 -69.11 -0.96 -47.57
N ALA K 60 -68.29 -1.44 -46.64
CA ALA K 60 -67.09 -2.20 -46.99
C ALA K 60 -67.43 -3.42 -47.84
N THR K 61 -68.36 -4.24 -47.35
CA THR K 61 -68.79 -5.43 -48.07
C THR K 61 -69.37 -5.10 -49.43
N GLY K 62 -69.83 -3.86 -49.60
CA GLY K 62 -70.40 -3.41 -50.85
C GLY K 62 -69.37 -2.80 -51.80
N LEU K 63 -68.14 -2.72 -51.32
CA LEU K 63 -67.04 -2.20 -52.14
C LEU K 63 -66.11 -3.32 -52.58
N PHE K 64 -65.72 -4.17 -51.64
CA PHE K 64 -64.85 -5.31 -51.95
C PHE K 64 -65.47 -6.21 -53.02
N CYS K 65 -66.68 -6.68 -52.77
CA CYS K 65 -67.37 -7.54 -53.71
C CYS K 65 -67.67 -6.81 -55.02
N LEU K 66 -67.69 -5.48 -54.96
CA LEU K 66 -67.93 -4.66 -56.12
C LEU K 66 -66.69 -4.58 -57.00
N MET K 67 -65.52 -4.55 -56.36
CA MET K 67 -64.25 -4.49 -57.08
C MET K 67 -63.92 -5.82 -57.73
N VAL K 68 -64.38 -6.90 -57.12
CA VAL K 68 -64.14 -8.25 -57.65
C VAL K 68 -64.78 -8.43 -59.02
N SER K 69 -65.92 -7.78 -59.24
CA SER K 69 -66.60 -7.88 -60.53
C SER K 69 -65.85 -7.14 -61.63
N PHE K 70 -65.22 -6.02 -61.28
CA PHE K 70 -64.43 -5.25 -62.24
C PHE K 70 -63.10 -5.95 -62.57
N LEU K 71 -62.60 -6.75 -61.63
CA LEU K 71 -61.36 -7.49 -61.84
C LEU K 71 -61.62 -8.76 -62.63
N LEU K 72 -62.81 -8.89 -63.19
CA LEU K 72 -63.17 -10.05 -63.99
C LEU K 72 -63.81 -9.61 -65.31
N LEU K 73 -64.12 -8.33 -65.41
CA LEU K 73 -64.74 -7.78 -66.61
C LEU K 73 -63.85 -6.72 -67.26
N PHE K 74 -63.36 -5.79 -66.44
CA PHE K 74 -62.51 -4.72 -66.93
C PHE K 74 -61.11 -4.80 -66.32
N GLY K 75 -60.80 -5.94 -65.73
CA GLY K 75 -59.52 -6.15 -65.08
C GLY K 75 -58.82 -7.40 -65.56
N VAL K 76 -58.90 -8.46 -64.76
CA VAL K 76 -58.29 -9.74 -65.07
C VAL K 76 -56.75 -9.64 -65.14
N MET L 1 -51.62 -24.46 -69.45
CA MET L 1 -52.64 -24.31 -68.40
C MET L 1 -53.79 -23.43 -68.87
N GLN L 2 -55.00 -23.97 -68.83
CA GLN L 2 -56.18 -23.24 -69.26
C GLN L 2 -57.41 -23.66 -68.46
N LEU L 3 -57.58 -24.98 -68.30
CA LEU L 3 -58.72 -25.52 -67.55
C LEU L 3 -58.61 -25.19 -66.07
N VAL L 4 -57.40 -25.25 -65.53
CA VAL L 4 -57.16 -24.95 -64.12
C VAL L 4 -57.15 -23.43 -63.85
N LEU L 5 -56.79 -22.66 -64.87
CA LEU L 5 -56.79 -21.21 -64.76
C LEU L 5 -58.21 -20.66 -64.66
N ALA L 6 -59.12 -21.27 -65.40
CA ALA L 6 -60.52 -20.86 -65.40
C ALA L 6 -61.17 -21.05 -64.04
N ALA L 7 -60.71 -22.05 -63.30
CA ALA L 7 -61.24 -22.34 -61.98
C ALA L 7 -60.79 -21.30 -60.95
N LYS L 8 -59.79 -20.52 -61.32
CA LYS L 8 -59.28 -19.47 -60.44
C LYS L 8 -60.26 -18.30 -60.38
N TYR L 9 -60.98 -18.05 -61.47
CA TYR L 9 -61.95 -16.97 -61.52
C TYR L 9 -63.30 -17.39 -60.93
N ILE L 10 -63.67 -18.64 -61.16
CA ILE L 10 -64.92 -19.18 -60.64
C ILE L 10 -64.89 -19.27 -59.12
N GLY L 11 -63.75 -19.67 -58.58
CA GLY L 11 -63.58 -19.79 -57.15
C GLY L 11 -63.45 -18.46 -56.44
N ALA L 12 -63.05 -17.43 -57.19
CA ALA L 12 -62.87 -16.09 -56.63
C ALA L 12 -64.20 -15.37 -56.47
N GLY L 13 -65.14 -15.66 -57.37
CA GLY L 13 -66.45 -15.03 -57.34
C GLY L 13 -67.35 -15.65 -56.30
N ILE L 14 -67.00 -16.84 -55.83
CA ILE L 14 -67.78 -17.53 -54.81
C ILE L 14 -67.30 -17.17 -53.40
N SER L 15 -66.01 -16.85 -53.28
CA SER L 15 -65.44 -16.50 -51.98
C SER L 15 -65.91 -15.13 -51.51
N THR L 16 -66.60 -14.40 -52.39
CA THR L 16 -67.17 -13.10 -52.04
C THR L 16 -68.49 -13.27 -51.30
N ILE L 17 -69.12 -14.43 -51.48
CA ILE L 17 -70.39 -14.74 -50.80
C ILE L 17 -70.18 -14.84 -49.29
N GLY L 18 -68.98 -15.22 -48.88
CA GLY L 18 -68.66 -15.35 -47.47
C GLY L 18 -68.52 -14.01 -46.77
N LEU L 19 -68.62 -12.93 -47.53
CA LEU L 19 -68.47 -11.59 -46.98
C LEU L 19 -69.79 -11.01 -46.49
N LEU L 20 -70.85 -11.80 -46.60
CA LEU L 20 -72.17 -11.38 -46.12
C LEU L 20 -72.17 -11.29 -44.61
N GLY L 21 -71.34 -12.10 -43.97
CA GLY L 21 -71.25 -12.12 -42.52
C GLY L 21 -70.78 -10.81 -41.94
N ALA L 22 -70.05 -10.04 -42.75
CA ALA L 22 -69.51 -8.77 -42.31
C ALA L 22 -70.48 -7.63 -42.61
N GLY L 23 -71.31 -7.81 -43.64
CA GLY L 23 -72.27 -6.81 -44.01
C GLY L 23 -73.44 -6.77 -43.05
N ILE L 24 -74.05 -7.93 -42.83
CA ILE L 24 -75.19 -8.04 -41.93
C ILE L 24 -74.73 -8.15 -40.48
N GLY L 25 -73.60 -8.82 -40.28
CA GLY L 25 -73.06 -9.00 -38.94
C GLY L 25 -72.75 -7.68 -38.25
N ILE L 26 -71.83 -6.92 -38.83
CA ILE L 26 -71.45 -5.62 -38.28
C ILE L 26 -72.65 -4.70 -38.17
N ALA L 27 -73.63 -4.92 -39.04
CA ALA L 27 -74.85 -4.13 -39.02
C ALA L 27 -75.60 -4.28 -37.69
N ILE L 28 -75.81 -5.52 -37.28
CA ILE L 28 -76.52 -5.81 -36.04
C ILE L 28 -75.76 -5.29 -34.82
N VAL L 29 -74.45 -5.49 -34.82
CA VAL L 29 -73.60 -5.06 -33.71
C VAL L 29 -73.64 -3.54 -33.55
N PHE L 30 -73.62 -2.84 -34.67
CA PHE L 30 -73.64 -1.38 -34.65
C PHE L 30 -75.05 -0.88 -34.37
N ALA L 31 -76.05 -1.62 -34.86
CA ALA L 31 -77.45 -1.25 -34.66
C ALA L 31 -77.85 -1.29 -33.19
N ALA L 32 -77.22 -2.19 -32.43
CA ALA L 32 -77.51 -2.30 -31.00
C ALA L 32 -77.07 -1.06 -30.24
N LEU L 33 -75.95 -0.48 -30.67
CA LEU L 33 -75.43 0.75 -30.06
C LEU L 33 -76.40 1.90 -30.31
N ILE L 34 -77.07 1.88 -31.46
CA ILE L 34 -78.04 2.93 -31.79
C ILE L 34 -79.31 2.79 -30.95
N ASN L 35 -79.76 1.56 -30.75
CA ASN L 35 -80.96 1.30 -29.97
C ASN L 35 -80.68 1.40 -28.47
N GLY L 36 -79.40 1.35 -28.11
CA GLY L 36 -79.00 1.41 -26.72
C GLY L 36 -78.90 2.84 -26.20
N VAL L 37 -78.24 3.69 -26.97
CA VAL L 37 -78.05 5.09 -26.60
C VAL L 37 -79.37 5.88 -26.64
N SER L 38 -80.34 5.40 -27.42
CA SER L 38 -81.64 6.06 -27.54
C SER L 38 -82.54 5.65 -26.38
N ARG L 39 -82.00 4.83 -25.49
CA ARG L 39 -82.75 4.31 -24.36
C ARG L 39 -82.02 4.63 -23.06
N ASN L 40 -80.76 5.02 -23.18
CA ASN L 40 -79.94 5.32 -22.00
C ASN L 40 -78.73 6.17 -22.35
N PRO L 41 -78.96 7.46 -22.63
CA PRO L 41 -77.92 8.39 -23.08
C PRO L 41 -76.76 8.49 -22.10
N SER L 42 -77.02 8.21 -20.82
CA SER L 42 -75.99 8.28 -19.80
C SER L 42 -74.80 7.40 -20.16
N ILE L 43 -75.05 6.10 -20.31
CA ILE L 43 -73.98 5.16 -20.63
C ILE L 43 -73.58 5.26 -22.10
N LYS L 44 -72.60 6.10 -22.38
CA LYS L 44 -72.10 6.31 -23.74
C LYS L 44 -70.65 5.88 -23.85
N ASP L 45 -69.81 6.44 -22.98
CA ASP L 45 -68.38 6.12 -22.98
C ASP L 45 -68.11 4.74 -22.38
N THR L 46 -69.15 3.92 -22.32
CA THR L 46 -69.02 2.55 -21.81
C THR L 46 -69.42 1.51 -22.86
N VAL L 47 -70.46 1.83 -23.62
CA VAL L 47 -70.96 0.92 -24.66
C VAL L 47 -70.28 1.20 -26.00
N PHE L 48 -69.89 2.45 -26.21
CA PHE L 48 -69.22 2.86 -27.45
C PHE L 48 -67.88 2.16 -27.65
N PRO L 49 -67.04 2.10 -26.59
CA PRO L 49 -65.74 1.44 -26.73
C PRO L 49 -65.87 -0.05 -27.00
N MET L 50 -66.75 -0.72 -26.27
CA MET L 50 -66.96 -2.15 -26.47
C MET L 50 -67.60 -2.43 -27.83
N ALA L 51 -68.41 -1.49 -28.30
CA ALA L 51 -69.04 -1.62 -29.62
C ALA L 51 -68.00 -1.74 -30.72
N ILE L 52 -66.94 -0.95 -30.61
CA ILE L 52 -65.84 -1.00 -31.57
C ILE L 52 -65.11 -2.35 -31.50
N LEU L 53 -65.03 -2.92 -30.30
CA LEU L 53 -64.40 -4.22 -30.11
C LEU L 53 -65.14 -5.30 -30.88
N GLY L 54 -66.46 -5.20 -30.91
CA GLY L 54 -67.28 -6.14 -31.65
C GLY L 54 -67.09 -5.99 -33.14
N PHE L 55 -66.67 -4.82 -33.57
CA PHE L 55 -66.42 -4.55 -34.98
C PHE L 55 -65.27 -5.42 -35.52
N ALA L 56 -64.13 -5.38 -34.83
CA ALA L 56 -62.97 -6.17 -35.24
C ALA L 56 -63.25 -7.67 -35.20
N LEU L 57 -64.18 -8.08 -34.35
CA LEU L 57 -64.54 -9.49 -34.23
C LEU L 57 -65.37 -9.93 -35.43
N SER L 58 -66.26 -9.05 -35.87
CA SER L 58 -67.13 -9.35 -37.00
C SER L 58 -66.44 -9.01 -38.32
N GLU L 59 -65.40 -8.18 -38.24
CA GLU L 59 -64.63 -7.80 -39.42
C GLU L 59 -63.74 -8.96 -39.86
N ALA L 60 -63.55 -9.94 -38.97
CA ALA L 60 -62.74 -11.11 -39.28
C ALA L 60 -63.26 -11.84 -40.52
N THR L 61 -64.55 -12.17 -40.51
CA THR L 61 -65.17 -12.86 -41.62
C THR L 61 -65.08 -12.04 -42.92
N GLY L 62 -64.89 -10.73 -42.78
CA GLY L 62 -64.78 -9.85 -43.93
C GLY L 62 -63.34 -9.67 -44.40
N LEU L 63 -62.41 -10.28 -43.68
CA LEU L 63 -61.00 -10.24 -44.05
C LEU L 63 -60.54 -11.57 -44.61
N PHE L 64 -60.87 -12.66 -43.92
CA PHE L 64 -60.50 -13.99 -44.38
C PHE L 64 -61.06 -14.28 -45.78
N CYS L 65 -62.36 -14.13 -45.94
CA CYS L 65 -63.00 -14.37 -47.23
C CYS L 65 -62.52 -13.36 -48.28
N LEU L 66 -62.00 -12.24 -47.81
CA LEU L 66 -61.47 -11.21 -48.69
C LEU L 66 -60.10 -11.60 -49.22
N MET L 67 -59.31 -12.26 -48.37
CA MET L 67 -57.97 -12.70 -48.75
C MET L 67 -58.04 -13.89 -49.71
N VAL L 68 -59.08 -14.69 -49.57
CA VAL L 68 -59.26 -15.87 -50.43
C VAL L 68 -59.42 -15.47 -51.88
N SER L 69 -60.05 -14.32 -52.13
CA SER L 69 -60.24 -13.85 -53.50
C SER L 69 -58.93 -13.39 -54.13
N PHE L 70 -58.05 -12.81 -53.33
CA PHE L 70 -56.74 -12.37 -53.82
C PHE L 70 -55.81 -13.55 -54.06
N LEU L 71 -56.02 -14.64 -53.33
CA LEU L 71 -55.22 -15.86 -53.49
C LEU L 71 -55.70 -16.68 -54.68
N LEU L 72 -56.59 -16.10 -55.49
CA LEU L 72 -57.11 -16.78 -56.67
C LEU L 72 -57.03 -15.87 -57.89
N LEU L 73 -56.72 -14.60 -57.65
CA LEU L 73 -56.62 -13.62 -58.72
C LEU L 73 -55.21 -13.04 -58.80
N PHE L 74 -54.68 -12.62 -57.66
CA PHE L 74 -53.34 -12.03 -57.61
C PHE L 74 -52.40 -12.89 -56.77
N GLY L 75 -52.81 -14.13 -56.52
CA GLY L 75 -52.02 -15.04 -55.71
C GLY L 75 -51.80 -16.38 -56.40
N VAL L 76 -52.57 -17.38 -56.00
CA VAL L 76 -52.48 -18.72 -56.55
C VAL L 76 -51.12 -19.39 -56.27
N MET M 1 -51.62 -33.77 -63.92
CA MET M 1 -52.75 -33.34 -63.11
C MET M 1 -53.20 -31.93 -63.52
N GLN M 2 -54.48 -31.82 -63.89
CA GLN M 2 -55.04 -30.55 -64.31
C GLN M 2 -56.52 -30.45 -63.94
N LEU M 3 -57.27 -31.52 -64.22
CA LEU M 3 -58.70 -31.56 -63.93
C LEU M 3 -58.95 -31.58 -62.42
N VAL M 4 -58.12 -32.32 -61.69
CA VAL M 4 -58.24 -32.41 -60.24
C VAL M 4 -57.68 -31.17 -59.54
N LEU M 5 -56.73 -30.51 -60.17
CA LEU M 5 -56.16 -29.28 -59.63
C LEU M 5 -57.18 -28.15 -59.66
N ALA M 6 -57.97 -28.09 -60.72
CA ALA M 6 -58.98 -27.06 -60.89
C ALA M 6 -60.06 -27.14 -59.81
N ALA M 7 -60.31 -28.35 -59.32
CA ALA M 7 -61.32 -28.57 -58.29
C ALA M 7 -60.83 -28.08 -56.93
N LYS M 8 -59.53 -27.82 -56.83
CA LYS M 8 -58.94 -27.32 -55.59
C LYS M 8 -59.31 -25.85 -55.38
N TYR M 9 -59.46 -25.11 -56.47
CA TYR M 9 -59.82 -23.70 -56.38
C TYR M 9 -61.32 -23.51 -56.23
N ILE M 10 -62.09 -24.36 -56.91
CA ILE M 10 -63.55 -24.30 -56.85
C ILE M 10 -64.06 -24.65 -55.46
N GLY M 11 -63.42 -25.65 -54.83
CA GLY M 11 -63.79 -26.08 -53.50
C GLY M 11 -63.36 -25.12 -52.41
N ALA M 12 -62.34 -24.30 -52.72
CA ALA M 12 -61.82 -23.34 -51.75
C ALA M 12 -62.69 -22.09 -51.66
N GLY M 13 -63.32 -21.73 -52.78
CA GLY M 13 -64.19 -20.57 -52.83
C GLY M 13 -65.55 -20.83 -52.23
N ILE M 14 -65.88 -22.12 -52.08
CA ILE M 14 -67.17 -22.50 -51.49
C ILE M 14 -67.05 -22.67 -49.98
N SER M 15 -65.88 -23.04 -49.51
CA SER M 15 -65.66 -23.24 -48.08
C SER M 15 -65.65 -21.92 -47.32
N THR M 16 -65.64 -20.81 -48.06
CA THR M 16 -65.70 -19.48 -47.45
C THR M 16 -67.14 -19.11 -47.10
N ILE M 17 -68.09 -19.77 -47.73
CA ILE M 17 -69.50 -19.53 -47.46
C ILE M 17 -69.87 -19.97 -46.04
N GLY M 18 -69.14 -20.96 -45.53
CA GLY M 18 -69.38 -21.46 -44.20
C GLY M 18 -68.92 -20.51 -43.11
N LEU M 19 -68.30 -19.40 -43.50
CA LEU M 19 -67.79 -18.42 -42.54
C LEU M 19 -68.84 -17.36 -42.19
N LEU M 20 -70.04 -17.51 -42.76
CA LEU M 20 -71.13 -16.59 -42.45
C LEU M 20 -71.59 -16.77 -41.01
N GLY M 21 -71.41 -17.97 -40.48
CA GLY M 21 -71.83 -18.29 -39.13
C GLY M 21 -71.05 -17.49 -38.10
N ALA M 22 -69.86 -17.06 -38.47
CA ALA M 22 -69.02 -16.30 -37.56
C ALA M 22 -69.26 -14.80 -37.70
N GLY M 23 -69.71 -14.38 -38.88
CA GLY M 23 -70.00 -12.98 -39.12
C GLY M 23 -71.29 -12.55 -38.45
N ILE M 24 -72.35 -13.28 -38.72
CA ILE M 24 -73.66 -12.98 -38.16
C ILE M 24 -73.78 -13.55 -36.74
N GLY M 25 -73.17 -14.70 -36.52
CA GLY M 25 -73.21 -15.35 -35.22
C GLY M 25 -72.62 -14.49 -34.12
N ILE M 26 -71.33 -14.18 -34.23
CA ILE M 26 -70.64 -13.36 -33.25
C ILE M 26 -71.32 -12.00 -33.11
N ALA M 27 -71.97 -11.56 -34.19
CA ALA M 27 -72.68 -10.29 -34.19
C ALA M 27 -73.81 -10.29 -33.16
N ILE M 28 -74.63 -11.32 -33.19
CA ILE M 28 -75.76 -11.43 -32.27
C ILE M 28 -75.29 -11.58 -30.82
N VAL M 29 -74.25 -12.38 -30.61
CA VAL M 29 -73.72 -12.60 -29.27
C VAL M 29 -73.16 -11.32 -28.67
N PHE M 30 -72.49 -10.54 -29.50
CA PHE M 30 -71.90 -9.28 -29.05
C PHE M 30 -72.99 -8.21 -28.93
N ALA M 31 -73.99 -8.28 -29.80
CA ALA M 31 -75.08 -7.32 -29.79
C ALA M 31 -75.91 -7.40 -28.52
N ALA M 32 -76.01 -8.60 -27.95
CA ALA M 32 -76.76 -8.82 -26.72
C ALA M 32 -76.10 -8.10 -25.54
N LEU M 33 -74.77 -8.07 -25.53
CA LEU M 33 -74.03 -7.37 -24.50
C LEU M 33 -74.28 -5.87 -24.56
N ILE M 34 -74.50 -5.36 -25.78
CA ILE M 34 -74.77 -3.95 -25.96
C ILE M 34 -76.17 -3.57 -25.50
N ASN M 35 -77.13 -4.46 -25.76
CA ASN M 35 -78.52 -4.26 -25.35
C ASN M 35 -78.79 -4.63 -23.90
N GLY M 36 -77.88 -5.39 -23.31
CA GLY M 36 -77.98 -5.77 -21.91
C GLY M 36 -77.62 -4.64 -20.96
N VAL M 37 -76.51 -3.97 -21.25
CA VAL M 37 -76.04 -2.87 -20.40
C VAL M 37 -76.96 -1.65 -20.47
N SER M 38 -77.76 -1.58 -21.53
CA SER M 38 -78.71 -0.49 -21.67
C SER M 38 -79.95 -0.73 -20.83
N ARG M 39 -80.09 -1.97 -20.36
CA ARG M 39 -81.24 -2.36 -19.56
C ARG M 39 -80.84 -2.58 -18.10
N ASN M 40 -79.53 -2.67 -17.86
CA ASN M 40 -78.98 -2.92 -16.52
C ASN M 40 -77.49 -2.59 -16.44
N PRO M 41 -77.16 -1.30 -16.32
CA PRO M 41 -75.77 -0.79 -16.28
C PRO M 41 -75.01 -1.32 -15.08
N SER M 42 -75.74 -1.79 -14.07
CA SER M 42 -75.11 -2.34 -12.88
C SER M 42 -74.19 -3.50 -13.23
N ILE M 43 -74.78 -4.57 -13.75
CA ILE M 43 -74.05 -5.77 -14.11
C ILE M 43 -73.16 -5.58 -15.35
N LYS M 44 -71.85 -5.49 -15.14
CA LYS M 44 -70.91 -5.32 -16.24
C LYS M 44 -69.81 -6.36 -16.17
N ASP M 45 -69.15 -6.46 -15.03
CA ASP M 45 -68.07 -7.42 -14.84
C ASP M 45 -68.62 -8.83 -14.63
N THR M 46 -69.86 -9.05 -15.05
CA THR M 46 -70.48 -10.37 -14.96
C THR M 46 -70.92 -10.87 -16.32
N VAL M 47 -71.42 -9.98 -17.15
CA VAL M 47 -71.89 -10.33 -18.49
C VAL M 47 -70.77 -10.19 -19.53
N PHE M 48 -69.85 -9.26 -19.26
CA PHE M 48 -68.70 -9.03 -20.14
C PHE M 48 -67.80 -10.26 -20.28
N PRO M 49 -67.45 -10.89 -19.15
CA PRO M 49 -66.57 -12.07 -19.19
C PRO M 49 -67.21 -13.24 -19.93
N MET M 50 -68.48 -13.50 -19.63
CA MET M 50 -69.19 -14.60 -20.30
C MET M 50 -69.40 -14.30 -21.78
N ALA M 51 -69.56 -13.01 -22.10
CA ALA M 51 -69.73 -12.59 -23.49
C ALA M 51 -68.53 -13.01 -24.34
N ILE M 52 -67.33 -12.87 -23.78
CA ILE M 52 -66.11 -13.29 -24.46
C ILE M 52 -66.08 -14.80 -24.66
N LEU M 53 -66.63 -15.54 -23.70
CA LEU M 53 -66.70 -16.99 -23.78
C LEU M 53 -67.53 -17.42 -24.99
N GLY M 54 -68.60 -16.69 -25.25
CA GLY M 54 -69.46 -16.96 -26.39
C GLY M 54 -68.76 -16.68 -27.70
N PHE M 55 -67.76 -15.80 -27.65
CA PHE M 55 -66.99 -15.45 -28.84
C PHE M 55 -66.21 -16.66 -29.36
N ALA M 56 -65.44 -17.30 -28.49
CA ALA M 56 -64.65 -18.47 -28.86
C ALA M 56 -65.52 -19.63 -29.34
N LEU M 57 -66.76 -19.68 -28.85
CA LEU M 57 -67.69 -20.73 -29.24
C LEU M 57 -68.20 -20.49 -30.66
N SER M 58 -68.45 -19.23 -30.99
CA SER M 58 -68.95 -18.87 -32.31
C SER M 58 -67.79 -18.69 -33.29
N GLU M 59 -66.59 -18.49 -32.76
CA GLU M 59 -65.39 -18.34 -33.58
C GLU M 59 -64.98 -19.69 -34.16
N ALA M 60 -65.51 -20.77 -33.59
CA ALA M 60 -65.22 -22.12 -34.07
C ALA M 60 -65.56 -22.27 -35.55
N THR M 61 -66.80 -21.94 -35.90
CA THR M 61 -67.25 -22.02 -37.28
C THR M 61 -66.42 -21.15 -38.22
N GLY M 62 -65.75 -20.15 -37.65
CA GLY M 62 -64.92 -19.24 -38.43
C GLY M 62 -63.48 -19.72 -38.52
N LEU M 63 -63.18 -20.82 -37.85
CA LEU M 63 -61.84 -21.40 -37.89
C LEU M 63 -61.82 -22.68 -38.73
N PHE M 64 -62.79 -23.56 -38.48
CA PHE M 64 -62.88 -24.81 -39.23
C PHE M 64 -63.01 -24.54 -40.73
N CYS M 65 -64.01 -23.74 -41.10
CA CYS M 65 -64.23 -23.41 -42.51
C CYS M 65 -63.07 -22.61 -43.08
N LEU M 66 -62.31 -21.98 -42.20
CA LEU M 66 -61.15 -21.20 -42.61
C LEU M 66 -59.97 -22.12 -42.93
N MET M 67 -59.85 -23.21 -42.18
CA MET M 67 -58.77 -24.17 -42.39
C MET M 67 -59.02 -25.00 -43.65
N VAL M 68 -60.29 -25.20 -43.99
CA VAL M 68 -60.64 -25.97 -45.17
C VAL M 68 -60.15 -25.30 -46.45
N SER M 69 -60.13 -23.97 -46.45
CA SER M 69 -59.65 -23.24 -47.62
C SER M 69 -58.14 -23.38 -47.81
N PHE M 70 -57.41 -23.44 -46.70
CA PHE M 70 -55.95 -23.62 -46.76
C PHE M 70 -55.58 -25.05 -47.14
N LEU M 71 -56.45 -26.00 -46.85
CA LEU M 71 -56.22 -27.40 -47.20
C LEU M 71 -56.59 -27.66 -48.66
N LEU M 72 -56.84 -26.60 -49.41
CA LEU M 72 -57.20 -26.73 -50.82
C LEU M 72 -56.35 -25.77 -51.66
N LEU M 73 -55.64 -24.87 -50.99
CA LEU M 73 -54.80 -23.90 -51.68
C LEU M 73 -53.33 -24.08 -51.29
N PHE M 74 -53.07 -24.17 -49.99
CA PHE M 74 -51.71 -24.33 -49.49
C PHE M 74 -51.53 -25.67 -48.78
N GLY M 75 -52.49 -26.57 -49.00
CA GLY M 75 -52.45 -27.87 -48.37
C GLY M 75 -52.60 -29.01 -49.36
N VAL M 76 -53.81 -29.56 -49.45
CA VAL M 76 -54.11 -30.65 -50.35
C VAL M 76 -53.31 -31.94 -50.01
N MET N 1 -56.91 -42.75 -61.14
CA MET N 1 -57.96 -41.96 -60.51
C MET N 1 -57.62 -40.47 -60.56
N GLN N 2 -58.52 -39.69 -61.14
CA GLN N 2 -58.32 -38.24 -61.26
C GLN N 2 -59.65 -37.51 -61.22
N LEU N 3 -60.63 -38.01 -61.97
CA LEU N 3 -61.95 -37.40 -62.03
C LEU N 3 -62.70 -37.54 -60.70
N VAL N 4 -62.55 -38.71 -60.07
CA VAL N 4 -63.18 -38.97 -58.78
C VAL N 4 -62.43 -38.30 -57.62
N LEU N 5 -61.14 -38.09 -57.80
CA LEU N 5 -60.32 -37.41 -56.79
C LEU N 5 -60.70 -35.94 -56.69
N ALA N 6 -60.98 -35.32 -57.84
CA ALA N 6 -61.36 -33.91 -57.90
C ALA N 6 -62.66 -33.64 -57.15
N ALA N 7 -63.55 -34.64 -57.14
CA ALA N 7 -64.84 -34.51 -56.47
C ALA N 7 -64.69 -34.55 -54.95
N LYS N 8 -63.52 -34.99 -54.50
CA LYS N 8 -63.23 -35.05 -53.06
C LYS N 8 -63.00 -33.66 -52.48
N TYR N 9 -62.46 -32.76 -53.30
CA TYR N 9 -62.20 -31.39 -52.87
C TYR N 9 -63.45 -30.52 -53.01
N ILE N 10 -64.22 -30.75 -54.07
CA ILE N 10 -65.44 -29.99 -54.31
C ILE N 10 -66.49 -30.30 -53.24
N GLY N 11 -66.58 -31.55 -52.84
CA GLY N 11 -67.53 -31.97 -51.82
C GLY N 11 -67.12 -31.54 -50.42
N ALA N 12 -65.83 -31.29 -50.22
CA ALA N 12 -65.32 -30.89 -48.91
C ALA N 12 -65.57 -29.41 -48.64
N GLY N 13 -65.57 -28.61 -49.71
CA GLY N 13 -65.80 -27.18 -49.58
C GLY N 13 -67.25 -26.83 -49.41
N ILE N 14 -68.12 -27.79 -49.74
CA ILE N 14 -69.56 -27.59 -49.60
C ILE N 14 -70.06 -28.05 -48.23
N SER N 15 -69.38 -29.02 -47.65
CA SER N 15 -69.77 -29.54 -46.35
C SER N 15 -69.47 -28.54 -45.23
N THR N 16 -68.75 -27.48 -45.56
CA THR N 16 -68.44 -26.41 -44.62
C THR N 16 -69.62 -25.45 -44.48
N ILE N 17 -70.49 -25.44 -45.48
CA ILE N 17 -71.68 -24.59 -45.47
C ILE N 17 -72.65 -25.03 -44.37
N GLY N 18 -72.62 -26.31 -44.04
CA GLY N 18 -73.48 -26.86 -43.01
C GLY N 18 -73.07 -26.46 -41.61
N LEU N 19 -71.96 -25.73 -41.50
CA LEU N 19 -71.44 -25.30 -40.20
C LEU N 19 -72.01 -23.95 -39.78
N LEU N 20 -72.89 -23.40 -40.61
CA LEU N 20 -73.53 -22.13 -40.28
C LEU N 20 -74.49 -22.30 -39.11
N GLY N 21 -75.02 -23.50 -38.96
CA GLY N 21 -75.96 -23.80 -37.90
C GLY N 21 -75.33 -23.67 -36.53
N ALA N 22 -74.00 -23.82 -36.46
CA ALA N 22 -73.29 -23.73 -35.20
C ALA N 22 -72.83 -22.31 -34.92
N GLY N 23 -72.64 -21.53 -35.98
CA GLY N 23 -72.21 -20.15 -35.84
C GLY N 23 -73.34 -19.27 -35.37
N ILE N 24 -74.46 -19.33 -36.09
CA ILE N 24 -75.62 -18.52 -35.75
C ILE N 24 -76.45 -19.19 -34.66
N GLY N 25 -76.48 -20.51 -34.67
CA GLY N 25 -77.22 -21.26 -33.67
C GLY N 25 -76.75 -21.00 -32.26
N ILE N 26 -75.49 -21.35 -31.98
CA ILE N 26 -74.91 -21.14 -30.67
C ILE N 26 -74.96 -19.67 -30.28
N ALA N 27 -74.96 -18.81 -31.28
CA ALA N 27 -75.03 -17.37 -31.04
C ALA N 27 -76.32 -16.99 -30.33
N ILE N 28 -77.45 -17.47 -30.87
CA ILE N 28 -78.76 -17.16 -30.30
C ILE N 28 -78.91 -17.76 -28.90
N VAL N 29 -78.45 -18.99 -28.72
CA VAL N 29 -78.54 -19.67 -27.44
C VAL N 29 -77.74 -18.95 -26.37
N PHE N 30 -76.57 -18.46 -26.73
CA PHE N 30 -75.70 -17.75 -25.80
C PHE N 30 -76.22 -16.33 -25.59
N ALA N 31 -76.78 -15.74 -26.65
CA ALA N 31 -77.32 -14.38 -26.58
C ALA N 31 -78.49 -14.27 -25.62
N ALA N 32 -79.25 -15.35 -25.49
CA ALA N 32 -80.40 -15.36 -24.57
C ALA N 32 -79.95 -15.27 -23.13
N LEU N 33 -78.82 -15.90 -22.82
CA LEU N 33 -78.25 -15.84 -21.47
C LEU N 33 -77.82 -14.43 -21.13
N ILE N 34 -77.38 -13.68 -22.14
CA ILE N 34 -76.95 -12.30 -21.93
C ILE N 34 -78.15 -11.38 -21.70
N ASN N 35 -79.22 -11.62 -22.46
CA ASN N 35 -80.45 -10.84 -22.30
C ASN N 35 -81.20 -11.21 -21.02
N GLY N 36 -80.96 -12.44 -20.54
CA GLY N 36 -81.58 -12.91 -19.31
C GLY N 36 -80.95 -12.35 -18.04
N VAL N 37 -79.63 -12.43 -17.96
CA VAL N 37 -78.90 -11.96 -16.78
C VAL N 37 -78.90 -10.44 -16.66
N SER N 38 -79.20 -9.74 -17.76
CA SER N 38 -79.27 -8.29 -17.76
C SER N 38 -80.69 -7.83 -17.46
N ARG N 39 -81.53 -8.78 -17.06
CA ARG N 39 -82.93 -8.49 -16.73
C ARG N 39 -83.29 -9.14 -15.41
N ASN N 40 -82.47 -10.11 -14.97
CA ASN N 40 -82.72 -10.85 -13.75
C ASN N 40 -81.41 -11.43 -13.19
N PRO N 41 -80.59 -10.59 -12.55
CA PRO N 41 -79.29 -10.99 -11.99
C PRO N 41 -79.41 -12.04 -10.89
N SER N 42 -80.60 -12.17 -10.31
CA SER N 42 -80.84 -13.14 -9.25
C SER N 42 -80.52 -14.55 -9.75
N ILE N 43 -81.31 -15.02 -10.72
CA ILE N 43 -81.13 -16.34 -11.30
C ILE N 43 -79.94 -16.41 -12.27
N LYS N 44 -78.81 -16.88 -11.75
CA LYS N 44 -77.58 -17.00 -12.51
C LYS N 44 -77.11 -18.46 -12.53
N ASP N 45 -76.97 -19.04 -11.35
CA ASP N 45 -76.52 -20.43 -11.23
C ASP N 45 -77.65 -21.41 -11.60
N THR N 46 -78.65 -20.92 -12.33
CA THR N 46 -79.75 -21.76 -12.79
C THR N 46 -79.87 -21.75 -14.30
N VAL N 47 -79.63 -20.58 -14.91
CA VAL N 47 -79.71 -20.43 -16.35
C VAL N 47 -78.36 -20.69 -17.02
N PHE N 48 -77.29 -20.39 -16.29
CA PHE N 48 -75.92 -20.60 -16.78
C PHE N 48 -75.63 -22.07 -17.08
N PRO N 49 -75.98 -22.98 -16.15
CA PRO N 49 -75.71 -24.40 -16.37
C PRO N 49 -76.49 -24.96 -17.55
N MET N 50 -77.78 -24.63 -17.64
CA MET N 50 -78.60 -25.11 -18.75
C MET N 50 -78.16 -24.49 -20.07
N ALA N 51 -77.64 -23.26 -20.01
CA ALA N 51 -77.14 -22.58 -21.20
C ALA N 51 -76.01 -23.39 -21.86
N ILE N 52 -75.13 -23.95 -21.02
CA ILE N 52 -74.04 -24.79 -21.52
C ILE N 52 -74.58 -26.06 -22.17
N LEU N 53 -75.67 -26.58 -21.61
CA LEU N 53 -76.31 -27.78 -22.16
C LEU N 53 -76.78 -27.54 -23.59
N GLY N 54 -77.29 -26.35 -23.85
CA GLY N 54 -77.74 -25.97 -25.17
C GLY N 54 -76.57 -25.84 -26.14
N PHE N 55 -75.39 -25.59 -25.61
CA PHE N 55 -74.19 -25.47 -26.42
C PHE N 55 -73.86 -26.80 -27.11
N ALA N 56 -73.77 -27.87 -26.32
CA ALA N 56 -73.47 -29.20 -26.86
C ALA N 56 -74.52 -29.67 -27.86
N LEU N 57 -75.76 -29.19 -27.70
CA LEU N 57 -76.84 -29.57 -28.59
C LEU N 57 -76.69 -28.89 -29.94
N SER N 58 -76.27 -27.63 -29.91
CA SER N 58 -76.08 -26.86 -31.13
C SER N 58 -74.70 -27.10 -31.73
N GLU N 59 -73.78 -27.60 -30.90
CA GLU N 59 -72.43 -27.93 -31.36
C GLU N 59 -72.45 -29.19 -32.22
N ALA N 60 -73.54 -29.94 -32.14
CA ALA N 60 -73.69 -31.16 -32.93
C ALA N 60 -73.54 -30.88 -34.42
N THR N 61 -74.32 -29.92 -34.92
CA THR N 61 -74.27 -29.54 -36.32
C THR N 61 -72.89 -29.05 -36.73
N GLY N 62 -72.10 -28.60 -35.76
CA GLY N 62 -70.76 -28.11 -36.02
C GLY N 62 -69.71 -29.20 -35.93
N LEU N 63 -70.14 -30.41 -35.58
CA LEU N 63 -69.25 -31.55 -35.49
C LEU N 63 -69.47 -32.51 -36.66
N PHE N 64 -70.74 -32.84 -36.92
CA PHE N 64 -71.08 -33.73 -38.02
C PHE N 64 -70.57 -33.19 -39.35
N CYS N 65 -70.95 -31.96 -39.67
CA CYS N 65 -70.53 -31.33 -40.93
C CYS N 65 -69.01 -31.12 -40.95
N LEU N 66 -68.41 -31.09 -39.77
CA LEU N 66 -66.97 -30.93 -39.65
C LEU N 66 -66.24 -32.23 -39.97
N MET N 67 -66.85 -33.35 -39.59
CA MET N 67 -66.28 -34.67 -39.85
C MET N 67 -66.39 -35.04 -41.31
N VAL N 68 -67.43 -34.54 -41.97
CA VAL N 68 -67.65 -34.82 -43.38
C VAL N 68 -66.53 -34.28 -44.25
N SER N 69 -65.95 -33.15 -43.83
CA SER N 69 -64.85 -32.55 -44.58
C SER N 69 -63.58 -33.38 -44.47
N PHE N 70 -63.35 -33.98 -43.30
CA PHE N 70 -62.18 -34.84 -43.09
C PHE N 70 -62.32 -36.18 -43.80
N LEU N 71 -63.57 -36.61 -44.02
CA LEU N 71 -63.83 -37.86 -44.72
C LEU N 71 -63.75 -37.67 -46.23
N LEU N 72 -63.27 -36.51 -46.65
CA LEU N 72 -63.14 -36.21 -48.08
C LEU N 72 -61.75 -35.66 -48.38
N LEU N 73 -60.99 -35.35 -47.32
CA LEU N 73 -59.65 -34.82 -47.47
C LEU N 73 -58.62 -35.75 -46.84
N PHE N 74 -58.88 -36.17 -45.61
CA PHE N 74 -57.97 -37.06 -44.90
C PHE N 74 -58.62 -38.41 -44.61
N GLY N 75 -59.72 -38.69 -45.31
CA GLY N 75 -60.45 -39.92 -45.11
C GLY N 75 -60.70 -40.65 -46.42
N VAL N 76 -61.92 -40.52 -46.93
CA VAL N 76 -62.33 -41.15 -48.17
C VAL N 76 -62.30 -42.69 -48.08
N MET O 1 -66.20 -48.20 -62.72
CA MET O 1 -66.96 -47.11 -62.12
C MET O 1 -66.04 -46.00 -61.63
N GLN O 2 -66.26 -44.79 -62.14
CA GLN O 2 -65.45 -43.63 -61.75
C GLN O 2 -66.29 -42.36 -61.77
N LEU O 3 -67.06 -42.17 -62.83
CA LEU O 3 -67.89 -40.98 -62.99
C LEU O 3 -69.03 -40.97 -61.96
N VAL O 4 -69.61 -42.14 -61.71
CA VAL O 4 -70.69 -42.28 -60.73
C VAL O 4 -70.17 -42.26 -59.29
N LEU O 5 -68.93 -42.70 -59.10
CA LEU O 5 -68.31 -42.69 -57.78
C LEU O 5 -68.03 -41.26 -57.32
N ALA O 6 -67.62 -40.41 -58.25
CA ALA O 6 -67.33 -39.01 -57.95
C ALA O 6 -68.57 -38.27 -57.46
N ALA O 7 -69.74 -38.67 -57.95
CA ALA O 7 -71.00 -38.04 -57.57
C ALA O 7 -71.39 -38.41 -56.14
N LYS O 8 -70.75 -39.44 -55.60
CA LYS O 8 -71.01 -39.88 -54.24
C LYS O 8 -70.44 -38.89 -53.22
N TYR O 9 -69.33 -38.26 -53.59
CA TYR O 9 -68.68 -37.29 -52.71
C TYR O 9 -69.31 -35.91 -52.83
N ILE O 10 -69.71 -35.55 -54.04
CA ILE O 10 -70.33 -34.26 -54.31
C ILE O 10 -71.70 -34.17 -53.63
N GLY O 11 -72.44 -35.28 -53.67
CA GLY O 11 -73.76 -35.34 -53.06
C GLY O 11 -73.71 -35.41 -51.54
N ALA O 12 -72.58 -35.86 -51.01
CA ALA O 12 -72.43 -36.00 -49.56
C ALA O 12 -72.11 -34.66 -48.90
N GLY O 13 -71.42 -33.79 -49.64
CA GLY O 13 -71.04 -32.48 -49.13
C GLY O 13 -72.19 -31.50 -49.18
N ILE O 14 -73.22 -31.83 -49.97
CA ILE O 14 -74.38 -30.97 -50.10
C ILE O 14 -75.45 -31.35 -49.07
N SER O 15 -75.49 -32.62 -48.69
CA SER O 15 -76.48 -33.08 -47.72
C SER O 15 -76.17 -32.57 -46.31
N THR O 16 -75.01 -31.96 -46.14
CA THR O 16 -74.63 -31.36 -44.87
C THR O 16 -75.26 -29.99 -44.70
N ILE O 17 -75.65 -29.37 -45.82
CA ILE O 17 -76.29 -28.07 -45.80
C ILE O 17 -77.66 -28.15 -45.13
N GLY O 18 -78.30 -29.32 -45.21
CA GLY O 18 -79.61 -29.53 -44.62
C GLY O 18 -79.56 -29.62 -43.10
N LEU O 19 -78.35 -29.58 -42.54
CA LEU O 19 -78.18 -29.69 -41.09
C LEU O 19 -78.23 -28.33 -40.40
N LEU O 20 -78.45 -27.28 -41.19
CA LEU O 20 -78.58 -25.93 -40.64
C LEU O 20 -79.85 -25.80 -39.81
N GLY O 21 -80.85 -26.60 -40.17
CA GLY O 21 -82.13 -26.56 -39.47
C GLY O 21 -82.00 -27.00 -38.02
N ALA O 22 -80.97 -27.78 -37.74
CA ALA O 22 -80.76 -28.28 -36.38
C ALA O 22 -79.87 -27.34 -35.57
N GLY O 23 -79.02 -26.59 -36.28
CA GLY O 23 -78.13 -25.66 -35.62
C GLY O 23 -78.87 -24.42 -35.17
N ILE O 24 -79.59 -23.80 -36.09
CA ILE O 24 -80.35 -22.59 -35.79
C ILE O 24 -81.69 -22.94 -35.15
N GLY O 25 -82.28 -24.05 -35.58
CA GLY O 25 -83.56 -24.49 -35.05
C GLY O 25 -83.52 -24.74 -33.56
N ILE O 26 -82.71 -25.71 -33.14
CA ILE O 26 -82.57 -26.05 -31.73
C ILE O 26 -82.13 -24.83 -30.92
N ALA O 27 -81.41 -23.91 -31.58
CA ALA O 27 -80.96 -22.70 -30.94
C ALA O 27 -82.13 -21.85 -30.44
N ILE O 28 -83.09 -21.62 -31.33
CA ILE O 28 -84.27 -20.80 -30.99
C ILE O 28 -85.11 -21.48 -29.92
N VAL O 29 -85.30 -22.79 -30.03
CA VAL O 29 -86.10 -23.54 -29.07
C VAL O 29 -85.49 -23.50 -27.68
N PHE O 30 -84.16 -23.60 -27.61
CA PHE O 30 -83.46 -23.57 -26.35
C PHE O 30 -83.36 -22.14 -25.83
N ALA O 31 -83.25 -21.19 -26.74
CA ALA O 31 -83.14 -19.78 -26.38
C ALA O 31 -84.41 -19.27 -25.70
N ALA O 32 -85.55 -19.83 -26.08
CA ALA O 32 -86.83 -19.44 -25.50
C ALA O 32 -86.90 -19.83 -24.02
N LEU O 33 -86.31 -20.97 -23.69
CA LEU O 33 -86.26 -21.44 -22.30
C LEU O 33 -85.42 -20.49 -21.45
N ILE O 34 -84.39 -19.91 -22.06
CA ILE O 34 -83.53 -18.97 -21.35
C ILE O 34 -84.23 -17.63 -21.11
N ASN O 35 -84.98 -17.17 -22.10
CA ASN O 35 -85.72 -15.91 -21.98
C ASN O 35 -87.01 -16.07 -21.18
N GLY O 36 -87.42 -17.31 -20.94
CA GLY O 36 -88.63 -17.59 -20.18
C GLY O 36 -88.39 -17.66 -18.69
N VAL O 37 -87.28 -18.28 -18.30
CA VAL O 37 -86.95 -18.40 -16.88
C VAL O 37 -86.39 -17.12 -16.30
N SER O 38 -85.80 -16.28 -17.14
CA SER O 38 -85.25 -15.01 -16.69
C SER O 38 -86.35 -13.97 -16.50
N ARG O 39 -87.55 -14.32 -16.93
CA ARG O 39 -88.71 -13.44 -16.82
C ARG O 39 -89.80 -14.09 -15.96
N ASN O 40 -89.60 -15.36 -15.63
CA ASN O 40 -90.55 -16.10 -14.82
C ASN O 40 -89.89 -17.28 -14.11
N PRO O 41 -89.12 -17.00 -13.06
CA PRO O 41 -88.35 -18.00 -12.33
C PRO O 41 -89.24 -19.04 -11.66
N SER O 42 -90.51 -18.70 -11.48
CA SER O 42 -91.46 -19.59 -10.80
C SER O 42 -91.63 -20.91 -11.54
N ILE O 43 -92.01 -20.83 -12.81
CA ILE O 43 -92.21 -22.01 -13.65
C ILE O 43 -90.88 -22.51 -14.21
N LYS O 44 -90.46 -23.67 -13.74
CA LYS O 44 -89.21 -24.27 -14.21
C LYS O 44 -89.42 -25.73 -14.58
N ASP O 45 -89.95 -26.50 -13.64
CA ASP O 45 -90.20 -27.92 -13.86
C ASP O 45 -91.42 -28.14 -14.75
N THR O 46 -91.81 -27.11 -15.49
CA THR O 46 -92.94 -27.20 -16.41
C THR O 46 -92.52 -26.88 -17.84
N VAL O 47 -91.64 -25.90 -17.99
CA VAL O 47 -91.15 -25.49 -19.30
C VAL O 47 -89.89 -26.26 -19.70
N PHE O 48 -89.11 -26.67 -18.71
CA PHE O 48 -87.88 -27.43 -18.93
C PHE O 48 -88.15 -28.78 -19.59
N PRO O 49 -89.15 -29.53 -19.09
CA PRO O 49 -89.44 -30.86 -19.67
C PRO O 49 -89.94 -30.75 -21.11
N MET O 50 -90.85 -29.81 -21.37
CA MET O 50 -91.37 -29.61 -22.72
C MET O 50 -90.29 -29.09 -23.66
N ALA O 51 -89.35 -28.31 -23.11
CA ALA O 51 -88.25 -27.78 -23.89
C ALA O 51 -87.42 -28.91 -24.50
N ILE O 52 -87.19 -29.95 -23.72
CA ILE O 52 -86.46 -31.13 -24.19
C ILE O 52 -87.23 -31.84 -25.30
N LEU O 53 -88.56 -31.84 -25.20
CA LEU O 53 -89.41 -32.45 -26.21
C LEU O 53 -89.22 -31.77 -27.56
N GLY O 54 -89.06 -30.46 -27.54
CA GLY O 54 -88.83 -29.69 -28.75
C GLY O 54 -87.48 -29.99 -29.36
N PHE O 55 -86.55 -30.45 -28.52
CA PHE O 55 -85.22 -30.80 -28.99
C PHE O 55 -85.26 -31.99 -29.95
N ALA O 56 -85.90 -33.08 -29.55
CA ALA O 56 -86.02 -34.26 -30.38
C ALA O 56 -86.78 -33.99 -31.68
N LEU O 57 -87.67 -33.00 -31.65
CA LEU O 57 -88.44 -32.63 -32.83
C LEU O 57 -87.56 -31.89 -33.84
N SER O 58 -86.70 -31.03 -33.33
CA SER O 58 -85.80 -30.26 -34.18
C SER O 58 -84.53 -31.04 -34.51
N GLU O 59 -84.26 -32.07 -33.70
CA GLU O 59 -83.10 -32.93 -33.93
C GLU O 59 -83.36 -33.85 -35.12
N ALA O 60 -84.62 -33.97 -35.52
CA ALA O 60 -84.99 -34.81 -36.66
C ALA O 60 -84.24 -34.39 -37.91
N THR O 61 -84.33 -33.09 -38.25
CA THR O 61 -83.66 -32.56 -39.43
C THR O 61 -82.15 -32.75 -39.36
N GLY O 62 -81.62 -32.93 -38.15
CA GLY O 62 -80.19 -33.13 -37.94
C GLY O 62 -79.79 -34.60 -37.97
N LEU O 63 -80.78 -35.47 -38.11
CA LEU O 63 -80.54 -36.90 -38.19
C LEU O 63 -80.74 -37.41 -39.61
N PHE O 64 -81.86 -37.02 -40.23
CA PHE O 64 -82.15 -37.43 -41.60
C PHE O 64 -81.05 -36.98 -42.55
N CYS O 65 -80.74 -35.69 -42.56
CA CYS O 65 -79.70 -35.16 -43.43
C CYS O 65 -78.33 -35.71 -43.06
N LEU O 66 -78.21 -36.20 -41.82
CA LEU O 66 -76.96 -36.78 -41.35
C LEU O 66 -76.79 -38.20 -41.89
N MET O 67 -77.90 -38.92 -42.01
CA MET O 67 -77.88 -40.28 -42.54
C MET O 67 -77.64 -40.30 -44.04
N VAL O 68 -78.09 -39.24 -44.71
CA VAL O 68 -77.92 -39.14 -46.16
C VAL O 68 -76.45 -39.08 -46.55
N SER O 69 -75.62 -38.48 -45.69
CA SER O 69 -74.19 -38.37 -45.96
C SER O 69 -73.51 -39.74 -45.84
N PHE O 70 -73.97 -40.56 -44.90
CA PHE O 70 -73.41 -41.90 -44.70
C PHE O 70 -73.85 -42.85 -45.82
N LEU O 71 -75.01 -42.58 -46.41
CA LEU O 71 -75.51 -43.39 -47.51
C LEU O 71 -74.86 -43.01 -48.84
N LEU O 72 -73.82 -42.18 -48.76
CA LEU O 72 -73.10 -41.75 -49.95
C LEU O 72 -71.60 -41.92 -49.76
N LEU O 73 -71.19 -42.21 -48.53
CA LEU O 73 -69.79 -42.39 -48.20
C LEU O 73 -69.53 -43.80 -47.69
N PHE O 74 -70.33 -44.24 -46.74
CA PHE O 74 -70.18 -45.57 -46.15
C PHE O 74 -71.39 -46.45 -46.45
N GLY O 75 -72.21 -46.02 -47.42
CA GLY O 75 -73.41 -46.75 -47.78
C GLY O 75 -73.48 -47.03 -49.27
N VAL O 76 -74.27 -46.22 -49.97
CA VAL O 76 -74.46 -46.35 -51.40
C VAL O 76 -75.12 -47.70 -51.79
N MET P 1 -75.70 -48.20 -67.70
CA MET P 1 -76.08 -46.98 -66.98
C MET P 1 -75.01 -46.57 -65.98
N GLN P 2 -74.52 -45.35 -66.12
CA GLN P 2 -73.49 -44.83 -65.22
C GLN P 2 -73.63 -43.33 -65.04
N LEU P 3 -73.84 -42.61 -66.14
CA LEU P 3 -73.99 -41.16 -66.10
C LEU P 3 -75.29 -40.74 -65.41
N VAL P 4 -76.35 -41.50 -65.65
CA VAL P 4 -77.65 -41.24 -65.04
C VAL P 4 -77.71 -41.72 -63.59
N LEU P 5 -76.91 -42.74 -63.27
CA LEU P 5 -76.85 -43.26 -61.91
C LEU P 5 -76.18 -42.25 -60.98
N ALA P 6 -75.15 -41.57 -61.49
CA ALA P 6 -74.42 -40.58 -60.70
C ALA P 6 -75.30 -39.41 -60.31
N ALA P 7 -76.29 -39.09 -61.15
CA ALA P 7 -77.21 -38.00 -60.88
C ALA P 7 -78.20 -38.34 -59.77
N LYS P 8 -78.28 -39.63 -59.45
CA LYS P 8 -79.15 -40.09 -58.38
C LYS P 8 -78.61 -39.70 -57.01
N TYR P 9 -77.28 -39.66 -56.89
CA TYR P 9 -76.64 -39.30 -55.63
C TYR P 9 -76.54 -37.78 -55.47
N ILE P 10 -76.29 -37.09 -56.58
CA ILE P 10 -76.19 -35.63 -56.55
C ILE P 10 -77.53 -34.99 -56.22
N GLY P 11 -78.60 -35.56 -56.76
CA GLY P 11 -79.94 -35.05 -56.51
C GLY P 11 -80.46 -35.39 -55.12
N ALA P 12 -79.89 -36.41 -54.51
CA ALA P 12 -80.31 -36.84 -53.18
C ALA P 12 -79.71 -35.97 -52.08
N GLY P 13 -78.51 -35.45 -52.35
CA GLY P 13 -77.82 -34.61 -51.39
C GLY P 13 -78.34 -33.19 -51.39
N ILE P 14 -79.07 -32.84 -52.45
CA ILE P 14 -79.65 -31.49 -52.57
C ILE P 14 -81.05 -31.45 -51.98
N SER P 15 -81.75 -32.58 -52.03
CA SER P 15 -83.11 -32.65 -51.50
C SER P 15 -83.13 -32.59 -49.97
N THR P 16 -81.95 -32.68 -49.36
CA THR P 16 -81.82 -32.57 -47.92
C THR P 16 -81.84 -31.10 -47.48
N ILE P 17 -81.51 -30.21 -48.41
CA ILE P 17 -81.51 -28.77 -48.13
C ILE P 17 -82.92 -28.27 -47.85
N GLY P 18 -83.91 -28.94 -48.43
CA GLY P 18 -85.30 -28.57 -48.24
C GLY P 18 -85.83 -28.92 -46.85
N LEU P 19 -85.00 -29.57 -46.05
CA LEU P 19 -85.40 -29.98 -44.71
C LEU P 19 -85.10 -28.91 -43.67
N LEU P 20 -84.57 -27.78 -44.12
CA LEU P 20 -84.30 -26.65 -43.23
C LEU P 20 -85.60 -26.05 -42.70
N GLY P 21 -86.65 -26.17 -43.50
CA GLY P 21 -87.94 -25.62 -43.14
C GLY P 21 -88.53 -26.29 -41.91
N ALA P 22 -88.09 -27.52 -41.65
CA ALA P 22 -88.59 -28.27 -40.50
C ALA P 22 -87.72 -28.04 -39.27
N GLY P 23 -86.46 -27.71 -39.50
CA GLY P 23 -85.53 -27.46 -38.41
C GLY P 23 -85.79 -26.11 -37.76
N ILE P 24 -85.82 -25.07 -38.60
CA ILE P 24 -86.05 -23.73 -38.11
C ILE P 24 -87.55 -23.45 -37.93
N GLY P 25 -88.36 -24.03 -38.81
CA GLY P 25 -89.79 -23.87 -38.74
C GLY P 25 -90.39 -24.34 -37.43
N ILE P 26 -90.25 -25.63 -37.15
CA ILE P 26 -90.77 -26.22 -35.93
C ILE P 26 -90.16 -25.54 -34.71
N ALA P 27 -88.96 -25.01 -34.88
CA ALA P 27 -88.28 -24.30 -33.80
C ALA P 27 -89.08 -23.08 -33.35
N ILE P 28 -89.48 -22.25 -34.31
CA ILE P 28 -90.24 -21.04 -34.01
C ILE P 28 -91.60 -21.36 -33.41
N VAL P 29 -92.27 -22.36 -33.98
CA VAL P 29 -93.59 -22.77 -33.50
C VAL P 29 -93.54 -23.26 -32.06
N PHE P 30 -92.49 -24.02 -31.74
CA PHE P 30 -92.33 -24.55 -30.39
C PHE P 30 -91.83 -23.46 -29.45
N ALA P 31 -91.01 -22.56 -29.97
CA ALA P 31 -90.45 -21.46 -29.18
C ALA P 31 -91.53 -20.52 -28.68
N ALA P 32 -92.60 -20.37 -29.47
CA ALA P 32 -93.70 -19.49 -29.08
C ALA P 32 -94.43 -20.03 -27.86
N LEU P 33 -94.55 -21.34 -27.77
CA LEU P 33 -95.17 -21.99 -26.63
C LEU P 33 -94.37 -21.75 -25.36
N ILE P 34 -93.05 -21.65 -25.51
CA ILE P 34 -92.17 -21.40 -24.37
C ILE P 34 -92.28 -19.96 -23.90
N ASN P 35 -92.35 -19.04 -24.86
CA ASN P 35 -92.52 -17.61 -24.59
C ASN P 35 -93.93 -17.29 -24.09
N GLY P 36 -94.89 -18.13 -24.44
CA GLY P 36 -96.27 -17.93 -24.04
C GLY P 36 -96.56 -18.39 -22.62
N VAL P 37 -95.91 -19.47 -22.20
CA VAL P 37 -96.11 -20.02 -20.86
C VAL P 37 -95.24 -19.33 -19.83
N SER P 38 -94.51 -18.30 -20.26
CA SER P 38 -93.66 -17.54 -19.34
C SER P 38 -94.34 -16.23 -18.90
N ARG P 39 -95.26 -15.74 -19.72
CA ARG P 39 -96.00 -14.53 -19.40
C ARG P 39 -97.43 -14.83 -18.97
N ASN P 40 -97.85 -16.09 -19.14
CA ASN P 40 -99.19 -16.51 -18.77
C ASN P 40 -99.28 -18.01 -18.53
N PRO P 41 -98.88 -18.46 -17.32
CA PRO P 41 -98.89 -19.88 -16.96
C PRO P 41 -100.30 -20.43 -16.90
N SER P 42 -101.29 -19.55 -16.79
CA SER P 42 -102.67 -19.98 -16.68
C SER P 42 -103.05 -20.84 -17.87
N ILE P 43 -103.08 -20.23 -19.04
CA ILE P 43 -103.44 -20.93 -20.27
C ILE P 43 -102.35 -21.94 -20.65
N LYS P 44 -102.59 -23.21 -20.36
CA LYS P 44 -101.64 -24.26 -20.69
C LYS P 44 -102.30 -25.34 -21.53
N ASP P 45 -103.40 -25.89 -21.02
CA ASP P 45 -104.13 -26.94 -21.72
C ASP P 45 -104.95 -26.38 -22.88
N THR P 46 -104.58 -25.18 -23.33
CA THR P 46 -105.25 -24.56 -24.47
C THR P 46 -104.26 -24.25 -25.60
N VAL P 47 -103.06 -23.83 -25.23
CA VAL P 47 -102.03 -23.51 -26.20
C VAL P 47 -101.15 -24.72 -26.53
N PHE P 48 -101.02 -25.62 -25.56
CA PHE P 48 -100.23 -26.85 -25.72
C PHE P 48 -100.80 -27.76 -26.81
N PRO P 49 -102.13 -27.99 -26.81
CA PRO P 49 -102.73 -28.87 -27.82
C PRO P 49 -102.60 -28.30 -29.22
N MET P 50 -102.88 -27.00 -29.38
CA MET P 50 -102.77 -26.36 -30.69
C MET P 50 -101.32 -26.30 -31.14
N ALA P 51 -100.39 -26.18 -30.19
CA ALA P 51 -98.97 -26.16 -30.50
C ALA P 51 -98.54 -27.42 -31.22
N ILE P 52 -99.06 -28.56 -30.77
CA ILE P 52 -98.78 -29.85 -31.41
C ILE P 52 -99.35 -29.90 -32.82
N LEU P 53 -100.50 -29.24 -33.03
CA LEU P 53 -101.12 -29.19 -34.34
C LEU P 53 -100.20 -28.48 -35.34
N GLY P 54 -99.53 -27.43 -34.88
CA GLY P 54 -98.59 -26.70 -35.71
C GLY P 54 -97.37 -27.53 -36.06
N PHE P 55 -97.08 -28.52 -35.22
CA PHE P 55 -95.95 -29.41 -35.45
C PHE P 55 -96.15 -30.24 -36.73
N ALA P 56 -97.29 -30.91 -36.82
CA ALA P 56 -97.60 -31.74 -37.99
C ALA P 56 -97.67 -30.90 -39.27
N LEU P 57 -98.01 -29.63 -39.14
CA LEU P 57 -98.09 -28.74 -40.30
C LEU P 57 -96.70 -28.38 -40.80
N SER P 58 -95.78 -28.17 -39.87
CA SER P 58 -94.42 -27.81 -40.22
C SER P 58 -93.57 -29.06 -40.48
N GLU P 59 -94.05 -30.20 -39.99
CA GLU P 59 -93.37 -31.47 -40.20
C GLU P 59 -93.56 -31.93 -41.64
N ALA P 60 -94.53 -31.35 -42.34
CA ALA P 60 -94.80 -31.69 -43.73
C ALA P 60 -93.56 -31.50 -44.59
N THR P 61 -92.97 -30.30 -44.52
CA THR P 61 -91.78 -29.99 -45.29
C THR P 61 -90.61 -30.92 -44.94
N GLY P 62 -90.67 -31.51 -43.76
CA GLY P 62 -89.63 -32.43 -43.32
C GLY P 62 -89.90 -33.87 -43.70
N LEU P 63 -91.05 -34.10 -44.32
CA LEU P 63 -91.42 -35.43 -44.79
C LEU P 63 -91.32 -35.54 -46.30
N PHE P 64 -91.87 -34.55 -47.01
CA PHE P 64 -91.81 -34.53 -48.46
C PHE P 64 -90.38 -34.54 -48.96
N CYS P 65 -89.57 -33.60 -48.49
CA CYS P 65 -88.17 -33.51 -48.89
C CYS P 65 -87.39 -34.73 -48.42
N LEU P 66 -87.92 -35.40 -47.40
CA LEU P 66 -87.28 -36.60 -46.85
C LEU P 66 -87.56 -37.80 -47.76
N MET P 67 -88.75 -37.85 -48.34
CA MET P 67 -89.13 -38.93 -49.24
C MET P 67 -88.41 -38.81 -50.58
N VAL P 68 -88.10 -37.58 -50.98
CA VAL P 68 -87.42 -37.34 -52.25
C VAL P 68 -86.03 -37.96 -52.26
N SER P 69 -85.38 -37.99 -51.09
CA SER P 69 -84.04 -38.58 -50.99
C SER P 69 -84.09 -40.10 -51.14
N PHE P 70 -85.14 -40.73 -50.62
CA PHE P 70 -85.30 -42.17 -50.73
C PHE P 70 -85.70 -42.59 -52.16
N LEU P 71 -86.34 -41.68 -52.88
CA LEU P 71 -86.73 -41.94 -54.27
C LEU P 71 -85.56 -41.73 -55.22
N LEU P 72 -84.38 -41.55 -54.66
CA LEU P 72 -83.18 -41.35 -55.47
C LEU P 72 -82.06 -42.27 -55.01
N LEU P 73 -82.27 -42.91 -53.86
CA LEU P 73 -81.27 -43.83 -53.30
C LEU P 73 -81.82 -45.24 -53.20
N PHE P 74 -83.02 -45.37 -52.64
CA PHE P 74 -83.66 -46.67 -52.48
C PHE P 74 -84.94 -46.77 -53.30
N GLY P 75 -85.10 -45.84 -54.24
CA GLY P 75 -86.29 -45.81 -55.07
C GLY P 75 -85.97 -45.77 -56.55
N VAL P 76 -86.05 -44.57 -57.13
CA VAL P 76 -85.76 -44.36 -58.53
C VAL P 76 -86.75 -45.11 -59.46
N MET Q 1 -81.61 -42.36 -74.54
CA MET Q 1 -81.69 -41.27 -73.58
C MET Q 1 -80.97 -41.61 -72.29
N GLN Q 2 -80.00 -40.78 -71.92
CA GLN Q 2 -79.22 -40.99 -70.70
C GLN Q 2 -78.78 -39.66 -70.08
N LEU Q 3 -78.29 -38.76 -70.92
CA LEU Q 3 -77.83 -37.46 -70.47
C LEU Q 3 -78.99 -36.59 -69.99
N VAL Q 4 -80.11 -36.67 -70.71
CA VAL Q 4 -81.31 -35.91 -70.35
C VAL Q 4 -82.06 -36.54 -69.18
N LEU Q 5 -81.93 -37.86 -69.02
CA LEU Q 5 -82.55 -38.57 -67.91
C LEU Q 5 -81.90 -38.19 -66.59
N ALA Q 6 -80.58 -38.03 -66.61
CA ALA Q 6 -79.83 -37.67 -65.42
C ALA Q 6 -80.23 -36.30 -64.88
N ALA Q 7 -80.64 -35.40 -65.78
CA ALA Q 7 -81.05 -34.06 -65.41
C ALA Q 7 -82.41 -34.06 -64.72
N LYS Q 8 -83.12 -35.18 -64.83
CA LYS Q 8 -84.42 -35.32 -64.19
C LYS Q 8 -84.28 -35.50 -62.68
N TYR Q 9 -83.18 -36.12 -62.26
CA TYR Q 9 -82.93 -36.34 -60.83
C TYR Q 9 -82.28 -35.12 -60.19
N ILE Q 10 -81.40 -34.46 -60.94
CA ILE Q 10 -80.72 -33.26 -60.44
C ILE Q 10 -81.70 -32.12 -60.24
N GLY Q 11 -82.66 -31.99 -61.15
CA GLY Q 11 -83.66 -30.94 -61.06
C GLY Q 11 -84.72 -31.21 -60.01
N ALA Q 12 -84.88 -32.47 -59.64
CA ALA Q 12 -85.87 -32.86 -58.64
C ALA Q 12 -85.38 -32.59 -57.23
N GLY Q 13 -84.07 -32.70 -57.03
CA GLY Q 13 -83.47 -32.47 -55.73
C GLY Q 13 -83.32 -31.00 -55.41
N ILE Q 14 -83.42 -30.16 -56.44
CA ILE Q 14 -83.31 -28.72 -56.26
C ILE Q 14 -84.69 -28.09 -56.02
N SER Q 15 -85.73 -28.71 -56.58
CA SER Q 15 -87.08 -28.19 -56.42
C SER Q 15 -87.60 -28.39 -55.00
N THR Q 16 -86.86 -29.14 -54.19
CA THR Q 16 -87.21 -29.35 -52.79
C THR Q 16 -86.77 -28.17 -51.94
N ILE Q 17 -85.80 -27.40 -52.45
CA ILE Q 17 -85.30 -26.22 -51.74
C ILE Q 17 -86.38 -25.15 -51.65
N GLY Q 18 -87.30 -25.15 -52.62
CA GLY Q 18 -88.37 -24.18 -52.64
C GLY Q 18 -89.44 -24.45 -51.59
N LEU Q 19 -89.30 -25.56 -50.87
CA LEU Q 19 -90.27 -25.94 -49.85
C LEU Q 19 -89.94 -25.34 -48.48
N LEU Q 20 -88.87 -24.55 -48.42
CA LEU Q 20 -88.49 -23.88 -47.19
C LEU Q 20 -89.51 -22.81 -46.81
N GLY Q 21 -90.18 -22.27 -47.82
CA GLY Q 21 -91.16 -21.23 -47.62
C GLY Q 21 -92.35 -21.72 -46.82
N ALA Q 22 -92.59 -23.03 -46.87
CA ALA Q 22 -93.72 -23.63 -46.16
C ALA Q 22 -93.31 -24.06 -44.76
N GLY Q 23 -92.04 -24.36 -44.57
CA GLY Q 23 -91.54 -24.78 -43.28
C GLY Q 23 -91.42 -23.61 -42.32
N ILE Q 24 -90.74 -22.57 -42.77
CA ILE Q 24 -90.54 -21.38 -41.95
C ILE Q 24 -91.75 -20.46 -42.04
N GLY Q 25 -92.37 -20.40 -43.22
CA GLY Q 25 -93.53 -19.57 -43.44
C GLY Q 25 -94.68 -19.90 -42.50
N ILE Q 26 -95.20 -21.13 -42.62
CA ILE Q 26 -96.30 -21.59 -41.80
C ILE Q 26 -95.93 -21.50 -40.32
N ALA Q 27 -94.64 -21.61 -40.04
CA ALA Q 27 -94.15 -21.51 -38.66
C ALA Q 27 -94.48 -20.15 -38.05
N ILE Q 28 -94.14 -19.09 -38.77
CA ILE Q 28 -94.38 -17.74 -38.29
C ILE Q 28 -95.88 -17.44 -38.14
N VAL Q 29 -96.65 -17.88 -39.13
CA VAL Q 29 -98.09 -17.66 -39.12
C VAL Q 29 -98.76 -18.35 -37.94
N PHE Q 30 -98.30 -19.56 -37.63
CA PHE Q 30 -98.85 -20.33 -36.53
C PHE Q 30 -98.31 -19.80 -35.20
N ALA Q 31 -97.06 -19.34 -35.22
CA ALA Q 31 -96.42 -18.82 -34.02
C ALA Q 31 -97.11 -17.55 -33.50
N ALA Q 32 -97.67 -16.78 -34.42
CA ALA Q 32 -98.37 -15.54 -34.05
C ALA Q 32 -99.63 -15.86 -33.26
N LEU Q 33 -100.30 -16.95 -33.62
CA LEU Q 33 -101.50 -17.38 -32.90
C LEU Q 33 -101.16 -17.78 -31.48
N ILE Q 34 -99.96 -18.33 -31.28
CA ILE Q 34 -99.51 -18.74 -29.95
C ILE Q 34 -99.17 -17.53 -29.08
N ASN Q 35 -98.49 -16.55 -29.68
CA ASN Q 35 -98.10 -15.35 -28.95
C ASN Q 35 -99.27 -14.39 -28.78
N GLY Q 36 -100.35 -14.66 -29.50
CA GLY Q 36 -101.53 -13.82 -29.46
C GLY Q 36 -102.50 -14.18 -28.36
N VAL Q 37 -102.76 -15.47 -28.21
CA VAL Q 37 -103.67 -15.96 -27.16
C VAL Q 37 -103.05 -15.78 -25.77
N SER Q 38 -101.72 -15.76 -25.73
CA SER Q 38 -100.98 -15.56 -24.48
C SER Q 38 -101.06 -14.12 -24.02
N ARG Q 39 -101.48 -13.25 -24.94
CA ARG Q 39 -101.59 -11.83 -24.65
C ARG Q 39 -103.05 -11.43 -24.50
N ASN Q 40 -103.94 -12.20 -25.12
CA ASN Q 40 -105.36 -11.95 -25.05
C ASN Q 40 -106.22 -13.18 -25.32
N PRO Q 41 -106.41 -14.03 -24.30
CA PRO Q 41 -107.18 -15.27 -24.45
C PRO Q 41 -108.65 -15.00 -24.74
N SER Q 42 -109.07 -13.75 -24.57
CA SER Q 42 -110.46 -13.38 -24.79
C SER Q 42 -110.87 -13.67 -26.23
N ILE Q 43 -109.98 -13.33 -27.16
CA ILE Q 43 -110.25 -13.53 -28.58
C ILE Q 43 -109.62 -14.83 -29.07
N LYS Q 44 -110.43 -15.87 -29.19
CA LYS Q 44 -109.95 -17.17 -29.61
C LYS Q 44 -110.66 -17.63 -30.87
N ASP Q 45 -111.99 -17.65 -30.82
CA ASP Q 45 -112.80 -18.07 -31.97
C ASP Q 45 -112.84 -16.99 -33.05
N THR Q 46 -111.88 -16.07 -33.01
CA THR Q 46 -111.79 -15.02 -34.02
C THR Q 46 -110.44 -15.05 -34.74
N VAL Q 47 -109.39 -15.34 -33.99
CA VAL Q 47 -108.03 -15.40 -34.55
C VAL Q 47 -107.69 -16.81 -35.03
N PHE Q 48 -108.29 -17.81 -34.39
CA PHE Q 48 -108.07 -19.21 -34.75
C PHE Q 48 -108.55 -19.53 -36.16
N PRO Q 49 -109.76 -19.09 -36.53
CA PRO Q 49 -110.28 -19.37 -37.87
C PRO Q 49 -109.45 -18.70 -38.96
N MET Q 50 -109.09 -17.44 -38.76
CA MET Q 50 -108.29 -16.73 -39.74
C MET Q 50 -106.87 -17.30 -39.81
N ALA Q 51 -106.38 -17.81 -38.69
CA ALA Q 51 -105.06 -18.44 -38.64
C ALA Q 51 -104.97 -19.61 -39.61
N ILE Q 52 -106.04 -20.40 -39.67
CA ILE Q 52 -106.12 -21.54 -40.59
C ILE Q 52 -106.11 -21.05 -42.04
N LEU Q 53 -106.74 -19.91 -42.28
CA LEU Q 53 -106.78 -19.33 -43.63
C LEU Q 53 -105.38 -19.00 -44.12
N GLY Q 54 -104.53 -18.52 -43.21
CA GLY Q 54 -103.15 -18.20 -43.53
C GLY Q 54 -102.35 -19.46 -43.84
N PHE Q 55 -102.80 -20.59 -43.30
CA PHE Q 55 -102.14 -21.86 -43.53
C PHE Q 55 -102.21 -22.26 -45.01
N ALA Q 56 -103.41 -22.25 -45.58
CA ALA Q 56 -103.60 -22.60 -46.99
C ALA Q 56 -102.87 -21.65 -47.93
N LEU Q 57 -102.68 -20.42 -47.48
CA LEU Q 57 -101.98 -19.42 -48.28
C LEU Q 57 -100.49 -19.70 -48.32
N SER Q 58 -99.94 -20.12 -47.19
CA SER Q 58 -98.53 -20.43 -47.08
C SER Q 58 -98.24 -21.87 -47.52
N GLU Q 59 -99.28 -22.69 -47.54
CA GLU Q 59 -99.16 -24.08 -47.98
C GLU Q 59 -99.00 -24.13 -49.49
N ALA Q 60 -99.34 -23.04 -50.16
CA ALA Q 60 -99.23 -22.97 -51.62
C ALA Q 60 -97.80 -23.26 -52.07
N THR Q 61 -96.84 -22.54 -51.50
CA THR Q 61 -95.44 -22.72 -51.84
C THR Q 61 -94.96 -24.15 -51.54
N GLY Q 62 -95.66 -24.83 -50.65
CA GLY Q 62 -95.33 -26.20 -50.29
C GLY Q 62 -96.02 -27.23 -51.16
N LEU Q 63 -96.87 -26.76 -52.07
CA LEU Q 63 -97.56 -27.65 -53.00
C LEU Q 63 -96.99 -27.52 -54.40
N PHE Q 64 -96.81 -26.30 -54.87
CA PHE Q 64 -96.24 -26.05 -56.18
C PHE Q 64 -94.86 -26.69 -56.33
N CYS Q 65 -93.95 -26.35 -55.41
CA CYS Q 65 -92.60 -26.90 -55.44
C CYS Q 65 -92.61 -28.40 -55.20
N LEU Q 66 -93.69 -28.88 -54.59
CA LEU Q 66 -93.84 -30.31 -54.33
C LEU Q 66 -94.24 -31.06 -55.60
N MET Q 67 -95.07 -30.41 -56.42
CA MET Q 67 -95.52 -31.01 -57.67
C MET Q 67 -94.40 -31.03 -58.71
N VAL Q 68 -93.50 -30.06 -58.63
CA VAL Q 68 -92.38 -29.97 -59.56
C VAL Q 68 -91.46 -31.18 -59.44
N SER Q 69 -91.33 -31.72 -58.24
CA SER Q 69 -90.49 -32.88 -58.02
C SER Q 69 -91.10 -34.15 -58.64
N PHE Q 70 -92.43 -34.25 -58.60
CA PHE Q 70 -93.12 -35.39 -59.20
C PHE Q 70 -93.13 -35.31 -60.72
N LEU Q 71 -93.05 -34.10 -61.27
CA LEU Q 71 -93.00 -33.89 -62.70
C LEU Q 71 -91.60 -34.13 -63.26
N LEU Q 72 -90.72 -34.65 -62.41
CA LEU Q 72 -89.34 -34.93 -62.83
C LEU Q 72 -88.94 -36.34 -62.42
N LEU Q 73 -89.77 -36.98 -61.61
CA LEU Q 73 -89.51 -38.34 -61.16
C LEU Q 73 -90.60 -39.31 -61.64
N PHE Q 74 -91.86 -38.92 -61.43
CA PHE Q 74 -92.98 -39.75 -61.84
C PHE Q 74 -93.82 -39.07 -62.92
N GLY Q 75 -93.25 -38.04 -63.53
CA GLY Q 75 -93.94 -37.29 -64.55
C GLY Q 75 -93.13 -37.16 -65.84
N VAL Q 76 -92.51 -36.01 -66.01
CA VAL Q 76 -91.69 -35.72 -67.18
C VAL Q 76 -92.51 -35.72 -68.49
N MET R 1 -81.98 -33.16 -80.44
CA MET R 1 -81.91 -32.34 -79.24
C MET R 1 -81.88 -33.21 -77.98
N GLN R 2 -80.84 -33.02 -77.18
CA GLN R 2 -80.68 -33.78 -75.94
C GLN R 2 -79.98 -32.96 -74.87
N LEU R 3 -78.90 -32.29 -75.25
CA LEU R 3 -78.14 -31.47 -74.33
C LEU R 3 -78.93 -30.24 -73.89
N VAL R 4 -79.68 -29.65 -74.81
CA VAL R 4 -80.51 -28.48 -74.52
C VAL R 4 -81.80 -28.86 -73.79
N LEU R 5 -82.27 -30.08 -74.02
CA LEU R 5 -83.47 -30.58 -73.35
C LEU R 5 -83.20 -30.80 -71.86
N ALA R 6 -82.01 -31.29 -71.54
CA ALA R 6 -81.63 -31.55 -70.16
C ALA R 6 -81.59 -30.27 -69.33
N ALA R 7 -81.27 -29.15 -69.98
CA ALA R 7 -81.20 -27.87 -69.30
C ALA R 7 -82.59 -27.34 -68.96
N LYS R 8 -83.61 -27.92 -69.58
CA LYS R 8 -84.99 -27.54 -69.32
C LYS R 8 -85.44 -28.02 -67.94
N TYR R 9 -84.91 -29.16 -67.50
CA TYR R 9 -85.26 -29.72 -66.20
C TYR R 9 -84.43 -29.09 -65.08
N ILE R 10 -83.17 -28.81 -65.38
CA ILE R 10 -82.28 -28.20 -64.39
C ILE R 10 -82.71 -26.78 -64.07
N GLY R 11 -83.16 -26.05 -65.08
CA GLY R 11 -83.61 -24.68 -64.91
C GLY R 11 -84.96 -24.59 -64.24
N ALA R 12 -85.75 -25.66 -64.32
CA ALA R 12 -87.08 -25.69 -63.74
C ALA R 12 -87.04 -25.94 -62.24
N GLY R 13 -86.04 -26.69 -61.79
CA GLY R 13 -85.88 -27.01 -60.39
C GLY R 13 -85.26 -25.87 -59.61
N ILE R 14 -84.66 -24.92 -60.32
CA ILE R 14 -84.04 -23.76 -59.68
C ILE R 14 -85.03 -22.61 -59.58
N SER R 15 -85.97 -22.54 -60.52
CA SER R 15 -86.97 -21.47 -60.51
C SER R 15 -87.96 -21.64 -59.36
N THR R 16 -87.91 -22.79 -58.69
CA THR R 16 -88.77 -23.04 -57.54
C THR R 16 -88.20 -22.39 -56.28
N ILE R 17 -86.90 -22.10 -56.30
CA ILE R 17 -86.24 -21.45 -55.17
C ILE R 17 -86.75 -20.02 -54.99
N GLY R 18 -87.19 -19.41 -56.09
CA GLY R 18 -87.71 -18.05 -56.05
C GLY R 18 -89.08 -17.95 -55.40
N LEU R 19 -89.65 -19.10 -55.04
CA LEU R 19 -90.97 -19.14 -54.43
C LEU R 19 -90.91 -19.02 -52.90
N LEU R 20 -89.70 -18.87 -52.38
CA LEU R 20 -89.52 -18.69 -50.94
C LEU R 20 -90.08 -17.34 -50.49
N GLY R 21 -90.08 -16.38 -51.41
CA GLY R 21 -90.57 -15.05 -51.11
C GLY R 21 -92.05 -15.03 -50.78
N ALA R 22 -92.77 -16.04 -51.28
CA ALA R 22 -94.20 -16.13 -51.06
C ALA R 22 -94.52 -16.94 -49.81
N GLY R 23 -93.62 -17.84 -49.45
CA GLY R 23 -93.80 -18.67 -48.27
C GLY R 23 -93.55 -17.88 -47.01
N ILE R 24 -92.38 -17.25 -46.94
CA ILE R 24 -92.01 -16.46 -45.77
C ILE R 24 -92.63 -15.07 -45.84
N GLY R 25 -92.74 -14.53 -47.05
CA GLY R 25 -93.31 -13.21 -47.24
C GLY R 25 -94.74 -13.10 -46.75
N ILE R 26 -95.63 -13.89 -47.34
CA ILE R 26 -97.04 -13.89 -46.96
C ILE R 26 -97.19 -14.25 -45.49
N ALA R 27 -96.24 -15.02 -44.97
CA ALA R 27 -96.25 -15.40 -43.57
C ALA R 27 -96.18 -14.19 -42.65
N ILE R 28 -95.22 -13.30 -42.91
CA ILE R 28 -95.03 -12.11 -42.10
C ILE R 28 -96.22 -11.17 -42.21
N VAL R 29 -96.74 -11.00 -43.42
CA VAL R 29 -97.87 -10.11 -43.67
C VAL R 29 -99.11 -10.60 -42.93
N PHE R 30 -99.32 -11.90 -42.93
CA PHE R 30 -100.47 -12.49 -42.26
C PHE R 30 -100.25 -12.53 -40.75
N ALA R 31 -99.00 -12.73 -40.35
CA ALA R 31 -98.64 -12.80 -38.93
C ALA R 31 -98.89 -11.48 -38.22
N ALA R 32 -98.74 -10.37 -38.95
CA ALA R 32 -98.96 -9.04 -38.38
C ALA R 32 -100.43 -8.84 -38.02
N LEU R 33 -101.32 -9.40 -38.84
CA LEU R 33 -102.76 -9.31 -38.58
C LEU R 33 -103.11 -10.07 -37.30
N ILE R 34 -102.38 -11.14 -37.03
CA ILE R 34 -102.61 -11.95 -35.83
C ILE R 34 -102.12 -11.21 -34.58
N ASN R 35 -100.95 -10.58 -34.68
CA ASN R 35 -100.39 -9.87 -33.54
C ASN R 35 -101.05 -8.50 -33.32
N GLY R 36 -101.72 -8.01 -34.35
CA GLY R 36 -102.38 -6.72 -34.28
C GLY R 36 -103.72 -6.76 -33.58
N VAL R 37 -104.48 -7.83 -33.82
CA VAL R 37 -105.77 -7.99 -33.17
C VAL R 37 -105.62 -8.35 -31.69
N SER R 38 -104.48 -8.93 -31.34
CA SER R 38 -104.20 -9.32 -29.96
C SER R 38 -103.87 -8.12 -29.09
N ARG R 39 -103.75 -6.97 -29.71
CA ARG R 39 -103.40 -5.74 -29.01
C ARG R 39 -104.57 -4.76 -29.06
N ASN R 40 -105.39 -4.89 -30.10
CA ASN R 40 -106.52 -3.97 -30.30
C ASN R 40 -107.58 -4.58 -31.22
N PRO R 41 -108.51 -5.36 -30.64
CA PRO R 41 -109.56 -6.03 -31.41
C PRO R 41 -110.58 -5.04 -31.96
N SER R 42 -110.49 -3.77 -31.53
CA SER R 42 -111.43 -2.74 -31.97
C SER R 42 -111.41 -2.56 -33.48
N ILE R 43 -110.20 -2.64 -34.05
CA ILE R 43 -110.02 -2.45 -35.49
C ILE R 43 -109.85 -3.79 -36.21
N LYS R 44 -110.97 -4.36 -36.64
CA LYS R 44 -110.94 -5.64 -37.32
C LYS R 44 -111.31 -5.48 -38.79
N ASP R 45 -112.46 -4.86 -39.04
CA ASP R 45 -112.93 -4.65 -40.41
C ASP R 45 -112.17 -3.50 -41.08
N THR R 46 -110.99 -3.19 -40.55
CA THR R 46 -110.15 -2.15 -41.13
C THR R 46 -108.78 -2.69 -41.51
N VAL R 47 -108.24 -3.59 -40.68
CA VAL R 47 -106.94 -4.18 -40.93
C VAL R 47 -107.06 -5.48 -41.73
N PHE R 48 -108.19 -6.16 -41.57
CA PHE R 48 -108.46 -7.41 -42.29
C PHE R 48 -108.51 -7.21 -43.80
N PRO R 49 -109.23 -6.18 -44.27
CA PRO R 49 -109.33 -5.94 -45.73
C PRO R 49 -107.99 -5.58 -46.34
N MET R 50 -107.24 -4.70 -45.70
CA MET R 50 -105.93 -4.30 -46.19
C MET R 50 -104.94 -5.47 -46.13
N ALA R 51 -105.11 -6.34 -45.14
CA ALA R 51 -104.26 -7.52 -45.00
C ALA R 51 -104.34 -8.40 -46.23
N ILE R 52 -105.55 -8.56 -46.77
CA ILE R 52 -105.76 -9.34 -47.99
C ILE R 52 -105.08 -8.68 -49.18
N LEU R 53 -105.06 -7.35 -49.19
CA LEU R 53 -104.40 -6.59 -50.26
C LEU R 53 -102.91 -6.90 -50.30
N GLY R 54 -102.31 -7.05 -49.13
CA GLY R 54 -100.90 -7.39 -49.03
C GLY R 54 -100.63 -8.79 -49.52
N PHE R 55 -101.64 -9.65 -49.48
CA PHE R 55 -101.53 -11.02 -49.94
C PHE R 55 -101.24 -11.07 -51.44
N ALA R 56 -102.07 -10.39 -52.23
CA ALA R 56 -101.90 -10.36 -53.68
C ALA R 56 -100.58 -9.72 -54.10
N LEU R 57 -100.06 -8.83 -53.26
CA LEU R 57 -98.79 -8.17 -53.54
C LEU R 57 -97.62 -9.13 -53.34
N SER R 58 -97.73 -9.96 -52.29
CA SER R 58 -96.68 -10.92 -51.98
C SER R 58 -96.87 -12.21 -52.77
N GLU R 59 -98.08 -12.41 -53.27
CA GLU R 59 -98.39 -13.59 -54.08
C GLU R 59 -97.78 -13.45 -55.47
N ALA R 60 -97.39 -12.23 -55.82
CA ALA R 60 -96.77 -11.97 -57.12
C ALA R 60 -95.53 -12.83 -57.32
N THR R 61 -94.62 -12.77 -56.36
CA THR R 61 -93.38 -13.55 -56.42
C THR R 61 -93.66 -15.05 -56.48
N GLY R 62 -94.84 -15.46 -56.02
CA GLY R 62 -95.23 -16.85 -56.03
C GLY R 62 -95.94 -17.26 -57.31
N LEU R 63 -96.16 -16.29 -58.19
CA LEU R 63 -96.79 -16.55 -59.47
C LEU R 63 -95.78 -16.49 -60.61
N PHE R 64 -94.97 -15.43 -60.62
CA PHE R 64 -93.95 -15.27 -61.65
C PHE R 64 -92.99 -16.46 -61.66
N CYS R 65 -92.39 -16.76 -60.51
CA CYS R 65 -91.45 -17.87 -60.42
C CYS R 65 -92.15 -19.21 -60.66
N LEU R 66 -93.48 -19.22 -60.48
CA LEU R 66 -94.28 -20.41 -60.71
C LEU R 66 -94.49 -20.64 -62.20
N MET R 67 -94.64 -19.54 -62.95
CA MET R 67 -94.85 -19.62 -64.39
C MET R 67 -93.56 -20.00 -65.11
N VAL R 68 -92.43 -19.61 -64.54
CA VAL R 68 -91.13 -19.92 -65.13
C VAL R 68 -90.88 -21.42 -65.19
N SER R 69 -91.40 -22.15 -64.21
CA SER R 69 -91.23 -23.60 -64.18
C SER R 69 -92.06 -24.28 -65.29
N PHE R 70 -93.24 -23.74 -65.57
CA PHE R 70 -94.08 -24.28 -66.63
C PHE R 70 -93.55 -23.95 -68.02
N LEU R 71 -92.80 -22.85 -68.12
CA LEU R 71 -92.19 -22.45 -69.39
C LEU R 71 -90.90 -23.22 -69.65
N LEU R 72 -90.65 -24.24 -68.84
CA LEU R 72 -89.46 -25.07 -69.00
C LEU R 72 -89.84 -26.55 -68.99
N LEU R 73 -91.08 -26.84 -68.63
CA LEU R 73 -91.56 -28.21 -68.56
C LEU R 73 -92.72 -28.44 -69.54
N PHE R 74 -93.69 -27.53 -69.51
CA PHE R 74 -94.85 -27.64 -70.38
C PHE R 74 -94.92 -26.47 -71.35
N GLY R 75 -93.81 -25.76 -71.49
CA GLY R 75 -93.75 -24.59 -72.35
C GLY R 75 -92.57 -24.65 -73.31
N VAL R 76 -91.51 -23.93 -72.98
CA VAL R 76 -90.31 -23.87 -73.79
C VAL R 76 -90.56 -23.25 -75.19
N MET S 1 -76.54 -23.67 -83.25
CA MET S 1 -76.57 -23.23 -81.87
C MET S 1 -77.35 -24.22 -81.00
N GLN S 2 -76.70 -24.73 -79.96
CA GLN S 2 -77.32 -25.69 -79.06
C GLN S 2 -76.77 -25.55 -77.64
N LEU S 3 -75.45 -25.45 -77.53
CA LEU S 3 -74.79 -25.31 -76.24
C LEU S 3 -75.10 -23.95 -75.59
N VAL S 4 -75.15 -22.90 -76.42
CA VAL S 4 -75.45 -21.56 -75.94
C VAL S 4 -76.95 -21.37 -75.69
N LEU S 5 -77.77 -22.12 -76.42
CA LEU S 5 -79.22 -22.06 -76.23
C LEU S 5 -79.62 -22.66 -74.88
N ALA S 6 -78.94 -23.72 -74.49
CA ALA S 6 -79.22 -24.39 -73.22
C ALA S 6 -78.94 -23.49 -72.03
N ALA S 7 -77.98 -22.58 -72.18
CA ALA S 7 -77.61 -21.66 -71.11
C ALA S 7 -78.68 -20.58 -70.93
N LYS S 8 -79.56 -20.45 -71.92
CA LYS S 8 -80.64 -19.47 -71.86
C LYS S 8 -81.72 -19.90 -70.86
N TYR S 9 -81.91 -21.21 -70.72
CA TYR S 9 -82.90 -21.75 -69.79
C TYR S 9 -82.34 -21.85 -68.38
N ILE S 10 -81.07 -22.20 -68.26
CA ILE S 10 -80.41 -22.31 -66.96
C ILE S 10 -80.28 -20.95 -66.28
N GLY S 11 -79.99 -19.93 -67.08
CA GLY S 11 -79.86 -18.58 -66.56
C GLY S 11 -81.19 -17.93 -66.22
N ALA S 12 -82.27 -18.43 -66.83
CA ALA S 12 -83.60 -17.89 -66.60
C ALA S 12 -84.20 -18.40 -65.29
N GLY S 13 -83.83 -19.62 -64.92
CA GLY S 13 -84.33 -20.23 -63.70
C GLY S 13 -83.62 -19.72 -62.47
N ILE S 14 -82.46 -19.10 -62.68
CA ILE S 14 -81.69 -18.55 -61.57
C ILE S 14 -82.06 -17.10 -61.30
N SER S 15 -82.50 -16.39 -62.35
CA SER S 15 -82.87 -14.99 -62.20
C SER S 15 -84.18 -14.83 -61.44
N THR S 16 -84.87 -15.96 -61.19
CA THR S 16 -86.09 -15.96 -60.41
C THR S 16 -85.79 -15.92 -58.91
N ILE S 17 -84.58 -16.33 -58.54
CA ILE S 17 -84.16 -16.31 -57.15
C ILE S 17 -84.05 -14.90 -56.62
N GLY S 18 -83.77 -13.95 -57.52
CA GLY S 18 -83.64 -12.55 -57.15
C GLY S 18 -84.98 -11.91 -56.82
N LEU S 19 -86.06 -12.65 -57.00
CA LEU S 19 -87.41 -12.13 -56.75
C LEU S 19 -87.85 -12.35 -55.30
N LEU S 20 -86.96 -12.91 -54.50
CA LEU S 20 -87.25 -13.12 -53.07
C LEU S 20 -87.32 -11.79 -52.35
N GLY S 21 -86.58 -10.81 -52.86
CA GLY S 21 -86.53 -9.49 -52.24
C GLY S 21 -87.88 -8.80 -52.28
N ALA S 22 -88.73 -9.19 -53.23
CA ALA S 22 -90.04 -8.59 -53.38
C ALA S 22 -91.08 -9.34 -52.57
N GLY S 23 -90.84 -10.63 -52.34
CA GLY S 23 -91.76 -11.45 -51.58
C GLY S 23 -91.67 -11.14 -50.10
N ILE S 24 -90.45 -11.21 -49.56
CA ILE S 24 -90.22 -10.94 -48.15
C ILE S 24 -90.13 -9.45 -47.88
N GLY S 25 -89.57 -8.71 -48.84
CA GLY S 25 -89.43 -7.27 -48.70
C GLY S 25 -90.75 -6.56 -48.53
N ILE S 26 -91.61 -6.66 -49.54
CA ILE S 26 -92.92 -6.02 -49.50
C ILE S 26 -93.72 -6.53 -48.31
N ALA S 27 -93.42 -7.75 -47.88
CA ALA S 27 -94.10 -8.33 -46.73
C ALA S 27 -93.86 -7.51 -45.46
N ILE S 28 -92.59 -7.20 -45.19
CA ILE S 28 -92.22 -6.44 -44.02
C ILE S 28 -92.79 -5.02 -44.06
N VAL S 29 -92.70 -4.39 -45.24
CA VAL S 29 -93.20 -3.03 -45.40
C VAL S 29 -94.71 -2.95 -45.16
N PHE S 30 -95.43 -3.95 -45.65
CA PHE S 30 -96.87 -3.99 -45.49
C PHE S 30 -97.24 -4.42 -44.07
N ALA S 31 -96.41 -5.29 -43.49
CA ALA S 31 -96.65 -5.79 -42.14
C ALA S 31 -96.56 -4.67 -41.10
N ALA S 32 -95.71 -3.68 -41.37
CA ALA S 32 -95.54 -2.56 -40.45
C ALA S 32 -96.81 -1.71 -40.38
N LEU S 33 -97.48 -1.59 -41.51
CA LEU S 33 -98.75 -0.85 -41.56
C LEU S 33 -99.81 -1.54 -40.73
N ILE S 34 -99.75 -2.87 -40.67
CA ILE S 34 -100.70 -3.65 -39.89
C ILE S 34 -100.44 -3.51 -38.40
N ASN S 35 -99.17 -3.54 -37.99
CA ASN S 35 -98.85 -3.39 -36.56
C ASN S 35 -98.94 -1.94 -36.11
N GLY S 36 -99.07 -1.04 -37.07
CA GLY S 36 -99.08 0.38 -36.77
C GLY S 36 -100.46 0.88 -36.46
N VAL S 37 -101.38 0.65 -37.39
CA VAL S 37 -102.76 1.11 -37.22
C VAL S 37 -103.39 0.47 -35.98
N SER S 38 -102.95 -0.74 -35.66
CA SER S 38 -103.46 -1.44 -34.49
C SER S 38 -103.11 -0.71 -33.20
N ARG S 39 -101.84 -0.32 -33.10
CA ARG S 39 -101.34 0.36 -31.91
C ARG S 39 -101.80 1.82 -31.89
N ASN S 40 -102.32 2.30 -33.01
CA ASN S 40 -102.74 3.70 -33.12
C ASN S 40 -103.63 3.94 -34.35
N PRO S 41 -104.93 3.66 -34.22
CA PRO S 41 -105.88 3.81 -35.32
C PRO S 41 -106.09 5.27 -35.72
N SER S 42 -105.59 6.18 -34.88
CA SER S 42 -105.77 7.61 -35.12
C SER S 42 -105.15 8.04 -36.44
N ILE S 43 -103.93 7.57 -36.68
CA ILE S 43 -103.21 7.91 -37.91
C ILE S 43 -103.40 6.82 -38.96
N LYS S 44 -104.21 7.12 -39.96
CA LYS S 44 -104.49 6.14 -41.01
C LYS S 44 -104.20 6.74 -42.38
N ASP S 45 -104.82 7.88 -42.67
CA ASP S 45 -104.64 8.56 -43.95
C ASP S 45 -103.28 9.26 -44.01
N THR S 46 -102.35 8.84 -43.16
CA THR S 46 -101.01 9.40 -43.16
C THR S 46 -99.95 8.31 -43.39
N VAL S 47 -100.18 7.15 -42.80
CA VAL S 47 -99.26 6.03 -42.94
C VAL S 47 -99.61 5.14 -44.13
N PHE S 48 -100.91 5.11 -44.47
CA PHE S 48 -101.40 4.32 -45.60
C PHE S 48 -100.82 4.79 -46.94
N PRO S 49 -100.82 6.12 -47.18
CA PRO S 49 -100.29 6.63 -48.45
C PRO S 49 -98.79 6.38 -48.60
N MET S 50 -98.03 6.63 -47.54
CA MET S 50 -96.60 6.39 -47.58
C MET S 50 -96.28 4.91 -47.69
N ALA S 51 -97.14 4.06 -47.11
CA ALA S 51 -96.97 2.62 -47.18
C ALA S 51 -96.97 2.14 -48.63
N ILE S 52 -97.86 2.72 -49.44
CA ILE S 52 -97.93 2.39 -50.86
C ILE S 52 -96.65 2.82 -51.58
N LEU S 53 -96.08 3.94 -51.15
CA LEU S 53 -94.84 4.44 -51.74
C LEU S 53 -93.70 3.44 -51.54
N GLY S 54 -93.68 2.79 -50.38
CA GLY S 54 -92.68 1.78 -50.09
C GLY S 54 -92.87 0.55 -50.95
N PHE S 55 -94.09 0.34 -51.41
CA PHE S 55 -94.39 -0.79 -52.28
C PHE S 55 -93.66 -0.70 -53.61
N ALA S 56 -93.78 0.43 -54.28
CA ALA S 56 -93.11 0.65 -55.57
C ALA S 56 -91.59 0.59 -55.44
N LEU S 57 -91.08 0.93 -54.26
CA LEU S 57 -89.64 0.90 -54.01
C LEU S 57 -89.15 -0.54 -53.89
N SER S 58 -89.94 -1.38 -53.23
CA SER S 58 -89.59 -2.77 -53.03
C SER S 58 -90.02 -3.62 -54.23
N GLU S 59 -90.94 -3.09 -55.02
CA GLU S 59 -91.40 -3.77 -56.22
C GLU S 59 -90.34 -3.71 -57.31
N ALA S 60 -89.38 -2.81 -57.15
CA ALA S 60 -88.29 -2.66 -58.11
C ALA S 60 -87.54 -3.98 -58.30
N THR S 61 -87.08 -4.57 -57.19
CA THR S 61 -86.36 -5.82 -57.24
C THR S 61 -87.21 -6.95 -57.86
N GLY S 62 -88.52 -6.78 -57.84
CA GLY S 62 -89.43 -7.77 -58.40
C GLY S 62 -89.74 -7.51 -59.86
N LEU S 63 -89.20 -6.42 -60.40
CA LEU S 63 -89.40 -6.08 -61.80
C LEU S 63 -88.11 -6.33 -62.60
N PHE S 64 -86.99 -5.85 -62.07
CA PHE S 64 -85.71 -6.03 -62.73
C PHE S 64 -85.40 -7.51 -62.94
N CYS S 65 -85.42 -8.28 -61.85
CA CYS S 65 -85.16 -9.71 -61.92
C CYS S 65 -86.21 -10.43 -62.74
N LEU S 66 -87.38 -9.81 -62.87
CA LEU S 66 -88.47 -10.38 -63.66
C LEU S 66 -88.21 -10.18 -65.15
N MET S 67 -87.62 -9.05 -65.51
CA MET S 67 -87.31 -8.74 -66.90
C MET S 67 -86.14 -9.57 -67.40
N VAL S 68 -85.24 -9.93 -66.48
CA VAL S 68 -84.06 -10.72 -66.84
C VAL S 68 -84.46 -12.11 -67.35
N SER S 69 -85.55 -12.65 -66.81
CA SER S 69 -86.03 -13.96 -67.23
C SER S 69 -86.61 -13.92 -68.65
N PHE S 70 -87.26 -12.81 -68.99
CA PHE S 70 -87.83 -12.65 -70.34
C PHE S 70 -86.74 -12.38 -71.38
N LEU S 71 -85.63 -11.81 -70.93
CA LEU S 71 -84.50 -11.55 -71.83
C LEU S 71 -83.66 -12.79 -72.04
N LEU S 72 -84.16 -13.94 -71.59
CA LEU S 72 -83.46 -15.20 -71.74
C LEU S 72 -84.39 -16.26 -72.30
N LEU S 73 -85.68 -15.95 -72.34
CA LEU S 73 -86.68 -16.88 -72.85
C LEU S 73 -87.40 -16.31 -74.07
N PHE S 74 -87.84 -15.06 -73.97
CA PHE S 74 -88.55 -14.41 -75.06
C PHE S 74 -87.76 -13.20 -75.58
N GLY S 75 -86.49 -13.12 -75.20
CA GLY S 75 -85.65 -12.02 -75.61
C GLY S 75 -84.35 -12.48 -76.24
N VAL S 76 -83.28 -12.46 -75.47
CA VAL S 76 -81.96 -12.88 -75.92
C VAL S 76 -81.42 -11.97 -77.05
N GLY T 1 -45.48 3.07 -9.75
CA GLY T 1 -46.24 4.28 -9.31
C GLY T 1 -46.99 3.98 -8.02
N GLU T 2 -47.75 2.89 -8.04
CA GLU T 2 -48.51 2.40 -6.89
C GLU T 2 -47.61 2.10 -5.68
N PHE T 3 -46.48 1.42 -5.93
CA PHE T 3 -45.37 1.25 -4.98
C PHE T 3 -45.34 2.32 -3.89
N ALA T 4 -45.52 3.58 -4.31
CA ALA T 4 -45.47 4.72 -3.41
C ALA T 4 -46.78 4.82 -2.66
N ASP T 5 -47.88 4.98 -3.40
CA ASP T 5 -49.19 5.21 -2.79
C ASP T 5 -49.52 4.24 -1.66
N LYS T 6 -49.37 2.94 -1.90
CA LYS T 6 -49.65 1.98 -0.82
C LYS T 6 -48.71 2.24 0.36
N LEU T 7 -47.41 2.36 0.06
CA LEU T 7 -46.39 2.58 1.09
C LEU T 7 -46.64 3.89 1.82
N ASN T 8 -46.81 4.94 1.07
CA ASN T 8 -47.12 6.24 1.63
C ASN T 8 -48.35 6.17 2.53
N GLU T 9 -49.48 5.72 1.96
CA GLU T 9 -50.70 5.60 2.74
C GLU T 9 -50.50 4.72 3.96
N GLN T 10 -49.69 3.68 3.79
CA GLN T 10 -49.17 2.89 4.90
C GLN T 10 -48.43 3.80 5.91
N LYS T 11 -47.39 4.49 5.45
CA LYS T 11 -46.59 5.37 6.29
C LYS T 11 -47.37 6.42 7.06
N ILE T 12 -48.38 7.02 6.42
CA ILE T 12 -49.27 7.98 7.10
C ILE T 12 -50.08 7.27 8.15
N ALA T 13 -50.81 6.25 7.72
CA ALA T 13 -51.63 5.40 8.57
C ALA T 13 -50.89 5.17 9.89
N GLN T 14 -49.63 4.74 9.80
CA GLN T 14 -48.74 4.57 10.96
C GLN T 14 -48.76 5.77 11.89
N LEU T 15 -48.22 6.89 11.42
CA LEU T 15 -48.08 8.07 12.28
C LEU T 15 -49.45 8.58 12.75
N GLU T 16 -50.49 8.20 12.03
CA GLU T 16 -51.86 8.45 12.43
C GLU T 16 -52.20 7.60 13.66
N GLU T 17 -51.78 6.34 13.70
CA GLU T 17 -51.93 5.52 14.89
C GLU T 17 -50.96 6.00 15.96
N VAL T 18 -49.78 6.45 15.53
CA VAL T 18 -48.77 6.96 16.46
C VAL T 18 -49.29 8.20 17.20
N LYS T 19 -49.64 9.27 16.48
CA LYS T 19 -50.26 10.41 17.15
C LYS T 19 -51.38 9.93 18.06
N GLN T 20 -52.23 9.02 17.57
CA GLN T 20 -53.39 8.53 18.34
C GLN T 20 -52.97 7.91 19.65
N ALA T 21 -52.16 6.86 19.59
CA ALA T 21 -51.65 6.23 20.79
C ALA T 21 -51.19 7.36 21.72
N SER T 22 -50.31 8.19 21.17
CA SER T 22 -49.63 9.19 21.94
C SER T 22 -50.59 10.07 22.70
N ILE T 23 -51.65 10.59 22.05
CA ILE T 23 -52.70 11.29 22.79
C ILE T 23 -53.30 10.39 23.87
N LYS T 24 -53.72 9.19 23.48
CA LYS T 24 -54.42 8.33 24.39
C LYS T 24 -53.58 8.01 25.61
N GLN T 25 -52.28 7.76 25.44
CA GLN T 25 -51.39 7.48 26.59
C GLN T 25 -51.17 8.68 27.48
N ILE T 26 -50.88 9.83 26.90
CA ILE T 26 -50.69 11.00 27.73
C ILE T 26 -52.00 11.36 28.44
N GLN T 27 -53.15 11.01 27.85
CA GLN T 27 -54.42 11.26 28.52
C GLN T 27 -54.46 10.38 29.70
N ASP T 28 -53.75 9.26 29.61
CA ASP T 28 -53.80 8.31 30.70
C ASP T 28 -52.79 8.64 31.76
N ALA T 29 -51.62 9.14 31.37
CA ALA T 29 -50.73 9.64 32.38
C ALA T 29 -51.61 10.63 33.15
N ILE T 30 -52.48 11.33 32.43
CA ILE T 30 -53.26 12.39 33.04
C ILE T 30 -54.24 11.82 34.05
N ASP T 31 -54.93 10.75 33.68
CA ASP T 31 -55.98 10.23 34.54
C ASP T 31 -55.39 9.74 35.83
N MET T 32 -54.38 8.93 35.68
CA MET T 32 -53.62 8.38 36.77
C MET T 32 -53.33 9.52 37.75
N GLU T 33 -52.83 10.63 37.23
CA GLU T 33 -52.46 11.75 38.12
C GLU T 33 -53.63 12.33 38.88
N LYS T 34 -54.77 12.44 38.22
CA LYS T 34 -55.99 12.85 38.90
C LYS T 34 -56.37 11.80 39.94
N SER T 35 -56.39 10.52 39.56
CA SER T 35 -56.68 9.45 40.53
C SER T 35 -55.85 9.75 41.77
N GLN T 36 -54.52 9.71 41.67
CA GLN T 36 -53.63 10.08 42.79
C GLN T 36 -54.07 11.32 43.59
N GLN T 37 -54.03 12.49 42.95
CA GLN T 37 -54.30 13.76 43.62
C GLN T 37 -55.51 13.63 44.53
N ALA T 38 -56.40 12.75 44.11
CA ALA T 38 -57.66 12.55 44.77
C ALA T 38 -57.43 11.74 46.00
N LEU T 39 -57.09 10.48 45.84
CA LEU T 39 -56.66 9.67 46.98
C LEU T 39 -55.84 10.46 48.00
N VAL T 40 -55.00 11.39 47.53
CA VAL T 40 -54.25 12.28 48.42
C VAL T 40 -55.31 13.11 49.15
N GLN T 41 -55.07 14.38 49.44
CA GLN T 41 -56.10 15.13 50.21
C GLN T 41 -57.37 14.26 50.28
N LYS T 42 -58.26 14.41 49.29
CA LYS T 42 -59.50 13.66 49.22
C LYS T 42 -59.77 12.76 50.41
N ARG T 43 -59.20 11.56 50.37
CA ARG T 43 -59.56 10.54 51.33
C ARG T 43 -59.61 10.90 52.82
N HIS T 44 -58.67 11.74 53.29
CA HIS T 44 -58.67 12.06 54.72
C HIS T 44 -60.03 12.63 55.19
N TYR T 45 -60.63 13.47 54.35
CA TYR T 45 -61.88 14.14 54.69
C TYR T 45 -62.91 13.22 55.29
N LEU T 46 -63.00 12.00 54.76
CA LEU T 46 -63.96 11.04 55.28
C LEU T 46 -63.75 10.91 56.78
N PHE T 47 -62.51 10.63 57.16
CA PHE T 47 -62.18 10.48 58.57
C PHE T 47 -62.27 11.78 59.34
N ASP T 48 -61.92 12.87 58.70
CA ASP T 48 -62.15 14.16 59.31
C ASP T 48 -63.63 14.43 59.64
N VAL T 49 -64.51 14.17 58.68
CA VAL T 49 -65.95 14.28 58.98
C VAL T 49 -66.23 13.48 60.25
N GLN T 50 -65.78 12.23 60.28
CA GLN T 50 -66.01 11.37 61.42
C GLN T 50 -65.46 11.98 62.71
N ARG T 51 -64.17 12.34 62.72
CA ARG T 51 -63.63 12.95 63.94
C ARG T 51 -64.41 14.21 64.37
N ASN T 52 -64.74 15.06 63.40
CA ASN T 52 -65.51 16.26 63.69
C ASN T 52 -66.82 15.88 64.37
N ASN T 53 -67.57 14.99 63.73
CA ASN T 53 -68.79 14.50 64.31
C ASN T 53 -68.60 14.17 65.81
N ILE T 54 -67.68 13.26 66.15
CA ILE T 54 -67.38 12.97 67.57
C ILE T 54 -67.25 14.25 68.40
N ALA T 55 -66.31 15.12 68.03
CA ALA T 55 -66.01 16.34 68.79
C ALA T 55 -67.27 17.08 69.19
N MET T 56 -68.15 17.27 68.21
CA MET T 56 -69.39 17.99 68.39
C MET T 56 -70.23 17.21 69.39
N ALA T 57 -70.35 15.91 69.15
CA ALA T 57 -71.29 15.09 69.92
C ALA T 57 -70.94 15.11 71.40
N LEU T 58 -69.66 15.22 71.70
CA LEU T 58 -69.23 15.34 73.08
C LEU T 58 -69.58 16.72 73.61
N GLU T 59 -69.37 17.76 72.79
CA GLU T 59 -69.70 19.11 73.21
C GLU T 59 -71.19 19.22 73.53
N VAL T 60 -72.04 18.86 72.57
CA VAL T 60 -73.47 18.83 72.85
C VAL T 60 -73.74 18.11 74.17
N THR T 61 -73.13 16.94 74.33
CA THR T 61 -73.32 16.19 75.53
C THR T 61 -72.91 17.00 76.74
N TYR T 62 -71.69 17.54 76.73
CA TYR T 62 -71.26 18.35 77.86
C TYR T 62 -72.28 19.44 78.19
N ARG T 63 -72.66 20.20 77.16
CA ARG T 63 -73.61 21.27 77.32
C ARG T 63 -74.92 20.74 77.89
N GLU T 64 -75.49 19.73 77.26
CA GLU T 64 -76.71 19.11 77.76
C GLU T 64 -76.63 18.72 79.24
N ARG T 65 -75.47 18.27 79.66
CA ARG T 65 -75.32 17.87 81.05
C ARG T 65 -75.51 19.10 81.88
N LEU T 66 -74.75 20.15 81.55
CA LEU T 66 -74.89 21.45 82.21
C LEU T 66 -76.33 21.94 82.29
N HIS T 67 -77.02 21.91 81.15
CA HIS T 67 -78.41 22.34 81.13
C HIS T 67 -79.22 21.47 82.06
N ARG T 68 -78.97 20.17 82.04
CA ARG T 68 -79.74 19.29 82.92
C ARG T 68 -79.57 19.67 84.41
N VAL T 69 -78.34 19.93 84.85
CA VAL T 69 -78.14 20.30 86.24
C VAL T 69 -78.97 21.52 86.56
N TYR T 70 -78.93 22.51 85.68
CA TYR T 70 -79.70 23.74 85.87
C TYR T 70 -81.20 23.41 86.03
N ARG T 71 -81.81 22.89 84.97
CA ARG T 71 -83.22 22.55 84.96
C ARG T 71 -83.61 21.86 86.26
N GLU T 72 -82.80 20.89 86.70
CA GLU T 72 -83.20 20.05 87.81
C GLU T 72 -83.17 20.79 89.14
N VAL T 73 -82.07 21.48 89.40
CA VAL T 73 -82.00 22.34 90.57
C VAL T 73 -83.13 23.38 90.55
N LYS T 74 -83.17 24.21 89.51
CA LYS T 74 -84.19 25.25 89.40
C LYS T 74 -85.59 24.64 89.63
N ASN T 75 -85.82 23.51 88.99
CA ASN T 75 -87.02 22.74 89.18
C ASN T 75 -87.31 22.45 90.66
N ARG T 76 -86.27 22.08 91.42
CA ARG T 76 -86.44 21.80 92.86
C ARG T 76 -86.78 23.07 93.63
N LEU T 77 -86.06 24.14 93.30
CA LEU T 77 -86.37 25.48 93.81
C LEU T 77 -87.80 25.94 93.50
N ASP T 78 -88.15 26.02 92.22
CA ASP T 78 -89.51 26.41 91.84
C ASP T 78 -90.63 25.62 92.52
N TYR T 79 -90.31 24.40 92.95
CA TYR T 79 -91.29 23.58 93.58
C TYR T 79 -91.72 24.25 94.87
N HIS T 80 -90.73 24.67 95.64
CA HIS T 80 -91.00 25.33 96.92
C HIS T 80 -91.88 26.54 96.73
N ILE T 81 -91.58 27.37 95.74
CA ILE T 81 -92.45 28.52 95.44
C ILE T 81 -93.89 28.13 95.07
N SER T 82 -94.03 27.24 94.09
CA SER T 82 -95.34 26.76 93.67
C SER T 82 -96.13 26.25 94.87
N VAL T 83 -95.51 25.38 95.67
CA VAL T 83 -96.10 24.94 96.95
C VAL T 83 -96.50 26.12 97.83
N GLN T 84 -95.52 26.89 98.28
CA GLN T 84 -95.79 28.09 99.07
C GLN T 84 -97.02 28.82 98.52
N ASN T 85 -96.99 29.15 97.23
CA ASN T 85 -98.09 29.84 96.55
C ASN T 85 -99.45 29.16 96.72
N MET T 86 -99.48 27.84 96.56
CA MET T 86 -100.70 27.03 96.74
C MET T 86 -101.24 27.11 98.16
N MET T 87 -100.33 27.08 99.13
CA MET T 87 -100.73 27.15 100.51
C MET T 87 -101.41 28.47 100.73
N ARG T 88 -100.78 29.55 100.28
CA ARG T 88 -101.29 30.87 100.55
C ARG T 88 -102.69 30.93 100.00
N GLN T 89 -102.82 30.67 98.71
CA GLN T 89 -104.12 30.70 98.07
C GLN T 89 -105.15 29.96 98.92
N LYS T 90 -104.85 28.71 99.28
CA LYS T 90 -105.81 27.89 100.00
C LYS T 90 -106.17 28.52 101.33
N GLU T 91 -105.37 28.76 101.88
CA GLU T 91 -105.65 29.28 103.21
C GLU T 91 -106.53 30.52 103.09
N GLN T 92 -106.13 31.43 102.22
CA GLN T 92 -106.87 32.68 102.03
C GLN T 92 -108.21 32.47 101.34
N GLU T 93 -108.45 31.24 100.88
CA GLU T 93 -109.79 30.87 100.44
C GLU T 93 -110.64 30.67 101.68
N HIS T 94 -110.27 29.64 102.44
CA HIS T 94 -110.94 29.32 103.69
C HIS T 94 -111.01 30.56 104.59
N MET T 95 -110.09 31.49 104.35
CA MET T 95 -110.01 32.69 105.18
C MET T 95 -111.08 33.72 104.82
N ILE T 96 -111.20 34.02 103.53
CA ILE T 96 -112.19 34.99 103.07
C ILE T 96 -113.56 34.33 102.98
N ASN T 97 -113.56 33.02 102.79
CA ASN T 97 -114.80 32.27 102.77
C ASN T 97 -115.35 32.15 104.19
N TRP T 98 -114.44 31.97 105.15
CA TRP T 98 -114.84 31.90 106.55
C TRP T 98 -115.61 33.14 106.90
N VAL T 99 -115.32 34.22 106.18
CA VAL T 99 -116.04 35.46 106.34
C VAL T 99 -117.53 35.22 106.12
N GLU T 100 -117.86 34.50 105.05
CA GLU T 100 -119.26 34.26 104.71
C GLU T 100 -120.03 33.72 105.89
N LYS T 101 -119.62 32.56 106.39
CA LYS T 101 -120.38 31.85 107.41
C LYS T 101 -120.45 32.58 108.76
N ARG T 102 -119.57 33.54 108.97
CA ARG T 102 -119.64 34.33 110.19
C ARG T 102 -120.50 35.58 110.00
N VAL T 103 -120.81 35.91 108.75
CA VAL T 103 -121.69 37.03 108.46
C VAL T 103 -123.12 36.56 108.22
N VAL T 104 -123.27 35.30 107.81
CA VAL T 104 -124.58 34.68 107.71
C VAL T 104 -125.05 34.35 109.12
N GLN T 105 -124.10 34.29 110.04
CA GLN T 105 -124.41 34.11 111.46
C GLN T 105 -124.70 35.45 112.12
N SER T 106 -124.22 36.53 111.53
CA SER T 106 -124.38 37.85 112.12
C SER T 106 -125.75 38.45 111.85
N ILE T 107 -126.32 38.16 110.67
CA ILE T 107 -127.64 38.67 110.32
C ILE T 107 -128.75 37.73 110.76
N SER T 108 -128.55 36.43 110.51
CA SER T 108 -129.54 35.43 110.91
C SER T 108 -129.73 35.48 112.42
N ALA T 109 -128.63 35.50 113.16
CA ALA T 109 -128.68 35.74 114.60
C ALA T 109 -128.95 37.22 114.82
N GLN T 110 -128.25 37.79 115.80
CA GLN T 110 -128.39 39.21 116.12
C GLN T 110 -129.70 39.79 115.59
N GLN T 111 -130.74 39.72 116.40
CA GLN T 111 -132.00 40.37 116.07
C GLN T 111 -131.76 41.88 115.94
N GLU T 112 -130.62 42.33 116.46
CA GLU T 112 -130.17 43.71 116.33
C GLU T 112 -129.41 43.92 115.02
N LYS T 113 -129.44 42.89 114.17
CA LYS T 113 -128.96 43.00 112.79
C LYS T 113 -130.14 42.82 111.83
N GLU T 114 -131.31 43.14 112.35
CA GLU T 114 -132.55 43.20 111.58
C GLU T 114 -133.05 44.63 111.65
N THR T 115 -132.49 45.37 112.61
CA THR T 115 -132.71 46.80 112.72
C THR T 115 -131.81 47.53 111.73
N ILE T 116 -130.55 47.10 111.62
CA ILE T 116 -129.62 47.63 110.63
C ILE T 116 -130.03 47.15 109.25
N ALA T 117 -131.25 46.61 109.17
CA ALA T 117 -131.86 46.21 107.92
C ALA T 117 -132.71 47.37 107.41
N LYS T 118 -133.89 47.56 108.01
CA LYS T 118 -134.79 48.65 107.63
C LYS T 118 -134.00 49.96 107.46
N CYS T 119 -132.88 50.05 108.17
CA CYS T 119 -132.01 51.23 108.14
C CYS T 119 -131.49 51.56 106.75
N ILE T 120 -130.29 51.07 106.48
CA ILE T 120 -129.59 51.31 105.22
C ILE T 120 -130.49 51.22 103.98
N ALA T 121 -131.56 50.43 104.08
CA ALA T 121 -132.44 50.17 102.93
C ALA T 121 -133.43 51.31 102.64
N ASP T 122 -133.97 51.94 103.67
CA ASP T 122 -134.86 53.07 103.46
C ASP T 122 -134.09 54.26 102.91
N LEU T 123 -132.77 54.14 102.94
CA LEU T 123 -131.87 55.14 102.36
C LEU T 123 -131.67 54.84 100.87
N LYS T 124 -132.59 54.05 100.32
CA LYS T 124 -132.60 53.72 98.90
C LYS T 124 -133.64 54.58 98.18
N LEU T 125 -134.91 54.31 98.50
CA LEU T 125 -136.04 55.05 97.95
C LEU T 125 -135.69 56.52 97.76
N LEU T 126 -135.18 57.11 98.82
CA LEU T 126 -134.82 58.52 98.85
C LEU T 126 -133.88 58.90 97.71
N SER T 127 -132.59 58.65 97.92
CA SER T 127 -131.54 59.00 96.96
C SER T 127 -132.00 58.91 95.50
N LYS T 128 -132.42 57.70 95.09
CA LYS T 128 -132.84 57.49 93.71
C LYS T 128 -133.70 58.66 93.19
N LYS T 129 -134.81 58.94 93.86
CA LYS T 129 -135.67 60.05 93.46
C LYS T 129 -134.89 61.36 93.42
N LYS U 1 -63.27 26.18 73.65
CA LYS U 1 -63.17 26.31 72.16
C LYS U 1 -62.69 25.01 71.49
N LEU U 2 -63.32 24.66 70.37
CA LEU U 2 -63.07 23.41 69.67
C LEU U 2 -62.18 23.57 68.45
N ALA U 3 -61.40 22.54 68.17
CA ALA U 3 -60.72 22.42 66.89
C ALA U 3 -61.67 21.61 66.05
N LEU U 4 -61.72 21.90 64.76
CA LEU U 4 -62.60 21.17 63.84
C LEU U 4 -62.07 21.10 62.41
N LYS U 5 -61.17 20.16 62.15
CA LYS U 5 -60.63 19.93 60.82
C LYS U 5 -61.64 20.36 59.75
N THR U 6 -61.29 21.43 59.04
CA THR U 6 -62.08 22.03 57.94
C THR U 6 -62.29 21.02 56.81
N ILE U 7 -63.36 21.21 56.05
CA ILE U 7 -63.85 20.12 55.22
C ILE U 7 -64.53 20.63 53.95
N ASP U 8 -64.01 20.24 52.79
CA ASP U 8 -64.71 20.63 51.58
C ASP U 8 -65.55 19.47 51.10
N TRP U 9 -66.84 19.74 51.08
CA TRP U 9 -67.84 18.72 50.91
C TRP U 9 -67.90 18.05 49.54
N VAL U 10 -67.49 18.77 48.49
CA VAL U 10 -67.60 18.21 47.14
C VAL U 10 -66.54 17.17 46.95
N ALA U 11 -65.41 17.35 47.60
CA ALA U 11 -64.40 16.31 47.65
C ALA U 11 -64.94 15.09 48.38
N PHE U 12 -65.61 15.30 49.50
CA PHE U 12 -66.14 14.22 50.32
C PHE U 12 -67.13 13.41 49.47
N GLY U 13 -67.99 14.12 48.76
CA GLY U 13 -68.83 13.48 47.76
C GLY U 13 -68.02 12.61 46.81
N GLU U 14 -66.84 13.08 46.38
CA GLU U 14 -66.11 12.40 45.32
C GLU U 14 -65.21 11.24 45.77
N ILE U 15 -65.25 10.87 47.05
CA ILE U 15 -64.37 9.78 47.55
C ILE U 15 -65.07 8.53 48.09
N ILE U 16 -66.38 8.55 48.06
CA ILE U 16 -67.18 7.44 48.53
C ILE U 16 -67.56 6.52 47.37
N PRO U 17 -67.12 5.26 47.43
CA PRO U 17 -67.73 4.22 46.61
C PRO U 17 -69.26 4.27 46.69
N ARG U 18 -69.94 3.80 45.64
CA ARG U 18 -71.40 3.85 45.57
C ARG U 18 -72.06 2.98 46.63
N ASN U 19 -71.52 1.78 46.81
CA ASN U 19 -72.00 0.84 47.82
C ASN U 19 -71.82 1.34 49.25
N GLN U 20 -71.45 2.61 49.37
CA GLN U 20 -71.12 3.23 50.64
C GLN U 20 -71.70 4.63 50.74
N LYS U 21 -72.34 5.07 49.65
CA LYS U 21 -73.00 6.37 49.59
C LYS U 21 -73.98 6.53 50.76
N ALA U 22 -74.70 5.45 51.10
CA ALA U 22 -75.60 5.43 52.25
C ALA U 22 -74.93 6.01 53.48
N VAL U 23 -73.93 5.28 53.96
CA VAL U 23 -73.12 5.72 55.08
C VAL U 23 -72.82 7.21 54.91
N ALA U 24 -72.13 7.58 53.84
CA ALA U 24 -71.67 8.95 53.64
C ALA U 24 -72.80 9.93 53.84
N ASN U 25 -73.95 9.65 53.26
CA ASN U 25 -75.13 10.49 53.45
C ASN U 25 -75.37 10.70 54.95
N SER U 26 -75.57 9.60 55.69
CA SER U 26 -75.91 9.71 57.10
C SER U 26 -74.83 10.52 57.87
N LEU U 27 -73.59 10.32 57.47
CA LEU U 27 -72.47 11.02 58.03
C LEU U 27 -72.60 12.54 57.83
N LYS U 28 -73.01 12.94 56.63
CA LYS U 28 -73.26 14.35 56.29
C LYS U 28 -74.37 14.98 57.13
N SER U 29 -75.51 14.31 57.17
CA SER U 29 -76.67 14.85 57.88
C SER U 29 -76.41 14.96 59.36
N TRP U 30 -75.75 13.95 59.94
CA TRP U 30 -75.41 14.00 61.35
C TRP U 30 -74.60 15.27 61.60
N ASN U 31 -73.57 15.46 60.78
CA ASN U 31 -72.79 16.67 60.88
C ASN U 31 -73.65 17.94 60.88
N GLU U 32 -74.53 18.04 59.89
CA GLU U 32 -75.41 19.19 59.75
C GLU U 32 -76.31 19.33 60.96
N THR U 33 -77.02 18.24 61.30
CA THR U 33 -77.77 18.15 62.54
C THR U 33 -76.95 18.70 63.68
N LEU U 34 -75.84 18.02 63.93
CA LEU U 34 -74.96 18.34 65.04
C LEU U 34 -74.61 19.82 65.04
N THR U 35 -74.24 20.33 63.87
CA THR U 35 -73.93 21.73 63.76
C THR U 35 -75.09 22.61 64.17
N SER U 36 -76.26 22.35 63.59
CA SER U 36 -77.44 23.18 63.88
C SER U 36 -77.57 23.18 65.38
N ARG U 37 -77.40 22.00 65.94
CA ARG U 37 -77.62 21.81 67.35
C ARG U 37 -76.77 22.82 68.12
N LEU U 38 -75.46 22.79 67.94
CA LEU U 38 -74.57 23.67 68.69
C LEU U 38 -74.84 25.16 68.50
N ALA U 39 -75.43 25.51 67.37
CA ALA U 39 -75.80 26.89 67.12
C ALA U 39 -76.85 27.36 68.12
N THR U 40 -77.65 26.42 68.62
CA THR U 40 -78.77 26.75 69.47
C THR U 40 -78.50 26.39 70.94
N LEU U 41 -77.67 25.39 71.19
CA LEU U 41 -77.38 24.98 72.55
C LEU U 41 -76.22 25.77 73.14
N PRO U 42 -76.54 26.72 74.03
CA PRO U 42 -75.54 27.62 74.61
C PRO U 42 -74.49 26.93 75.50
N GLU U 43 -73.24 27.40 75.41
CA GLU U 43 -72.12 26.92 76.23
C GLU U 43 -72.55 26.53 77.63
N LYS U 44 -73.09 27.50 78.36
CA LYS U 44 -73.53 27.32 79.73
C LYS U 44 -75.02 27.65 79.79
N PRO U 45 -75.72 27.16 80.84
CA PRO U 45 -77.10 27.57 81.00
C PRO U 45 -77.18 28.96 81.63
N PRO U 46 -78.35 29.64 81.53
CA PRO U 46 -78.61 30.80 82.38
C PRO U 46 -78.12 30.57 83.81
N ALA U 47 -77.70 31.65 84.46
CA ALA U 47 -77.36 31.58 85.87
C ALA U 47 -78.63 31.36 86.66
N ILE U 48 -78.54 31.49 87.97
CA ILE U 48 -79.68 31.25 88.81
C ILE U 48 -79.74 32.34 89.84
N ASP U 49 -80.80 33.14 89.78
CA ASP U 49 -80.97 34.26 90.69
C ASP U 49 -81.11 33.73 92.10
N TRP U 50 -79.98 33.41 92.70
CA TRP U 50 -79.94 32.80 94.03
C TRP U 50 -80.53 33.73 95.09
N ALA U 51 -80.15 35.00 95.04
CA ALA U 51 -80.70 36.01 95.94
C ALA U 51 -82.21 35.92 95.99
N TYR U 52 -82.85 35.99 94.82
CA TYR U 52 -84.30 35.91 94.70
C TYR U 52 -84.86 34.69 95.41
N TYR U 53 -84.31 33.52 95.13
CA TYR U 53 -84.85 32.31 95.76
C TYR U 53 -84.63 32.41 97.26
N LYS U 54 -83.41 32.76 97.66
CA LYS U 54 -83.10 33.03 99.07
C LYS U 54 -84.15 33.96 99.64
N ALA U 55 -84.52 34.98 98.85
CA ALA U 55 -85.57 35.94 99.18
C ALA U 55 -86.98 35.35 99.36
N ASN U 56 -87.29 34.30 98.61
CA ASN U 56 -88.58 33.64 98.78
C ASN U 56 -88.42 32.17 99.12
N VAL U 57 -88.07 31.84 100.35
CA VAL U 57 -87.97 30.42 100.70
C VAL U 57 -88.81 30.06 101.93
N ALA U 58 -88.34 29.13 102.75
CA ALA U 58 -89.03 28.70 103.98
C ALA U 58 -88.20 27.66 104.77
N LYS U 59 -87.65 26.66 104.08
CA LYS U 59 -86.63 25.82 104.69
C LYS U 59 -85.37 26.65 104.68
N ALA U 60 -84.65 26.63 105.81
CA ALA U 60 -83.55 27.57 106.11
C ALA U 60 -82.48 27.75 105.02
N GLY U 61 -81.28 27.28 105.29
CA GLY U 61 -80.18 27.45 104.35
C GLY U 61 -80.23 26.43 103.23
N LEU U 62 -81.42 26.15 102.73
CA LEU U 62 -81.57 25.28 101.56
C LEU U 62 -80.87 25.95 100.37
N VAL U 63 -81.30 27.16 100.05
CA VAL U 63 -80.68 27.95 99.00
C VAL U 63 -79.16 28.06 99.18
N ASP U 64 -78.69 28.48 100.35
CA ASP U 64 -77.25 28.54 100.63
C ASP U 64 -76.61 27.17 100.34
N ASP U 65 -77.20 26.14 100.93
CA ASP U 65 -76.81 24.76 100.66
C ASP U 65 -76.71 24.49 99.16
N PHE U 66 -77.74 24.88 98.41
CA PHE U 66 -77.80 24.63 96.96
C PHE U 66 -76.81 25.47 96.18
N GLU U 67 -76.77 26.78 96.42
CA GLU U 67 -75.82 27.63 95.68
C GLU U 67 -74.42 27.10 95.83
N LYS U 68 -74.00 26.88 97.08
CA LYS U 68 -72.75 26.19 97.33
C LYS U 68 -72.70 24.93 96.46
N LYS U 69 -73.53 23.93 96.78
CA LYS U 69 -73.49 22.66 96.11
C LYS U 69 -73.45 22.79 94.59
N PHE U 70 -74.19 23.76 94.05
CA PHE U 70 -74.27 23.97 92.60
C PHE U 70 -72.89 24.31 92.07
N ASN U 71 -72.36 25.45 92.52
CA ASN U 71 -71.00 25.80 92.24
C ASN U 71 -70.09 24.74 92.83
N ALA U 72 -68.88 24.61 92.32
CA ALA U 72 -67.94 23.61 92.81
C ALA U 72 -68.55 22.20 92.83
N LEU U 73 -69.59 22.00 92.04
CA LEU U 73 -69.89 20.68 91.57
C LEU U 73 -69.37 20.67 90.15
N LYS U 74 -68.41 19.79 89.92
CA LYS U 74 -67.79 19.70 88.61
C LYS U 74 -68.38 18.52 87.83
N VAL U 75 -69.20 18.88 86.84
CA VAL U 75 -69.83 17.96 85.89
C VAL U 75 -68.76 17.28 85.02
N PRO U 76 -68.80 15.94 84.92
CA PRO U 76 -67.75 15.28 84.11
C PRO U 76 -67.95 15.58 82.64
N ILE U 77 -66.84 15.83 81.95
CA ILE U 77 -66.79 15.83 80.49
C ILE U 77 -66.67 14.39 80.05
N PRO U 78 -67.52 13.99 79.09
CA PRO U 78 -67.58 12.65 78.54
C PRO U 78 -66.24 12.17 77.99
N GLU U 79 -65.78 10.96 78.36
CA GLU U 79 -64.58 10.34 77.74
C GLU U 79 -64.78 10.26 76.24
N ASP U 80 -63.78 10.67 75.48
CA ASP U 80 -63.73 10.38 74.04
C ASP U 80 -63.22 8.97 73.89
N LYS U 81 -64.10 8.00 74.08
CA LYS U 81 -63.70 6.63 73.80
C LYS U 81 -64.00 6.21 72.36
N TYR U 82 -64.16 7.21 71.48
CA TYR U 82 -64.71 6.96 70.15
C TYR U 82 -63.75 7.09 68.95
N THR U 83 -62.62 7.79 69.08
CA THR U 83 -61.63 7.79 68.00
C THR U 83 -60.82 6.45 67.72
N ALA U 84 -61.59 5.45 67.26
CA ALA U 84 -61.16 4.24 66.52
C ALA U 84 -61.11 4.61 65.02
N GLN U 85 -61.62 5.78 64.69
CA GLN U 85 -61.46 6.24 63.33
C GLN U 85 -60.00 6.45 63.04
N VAL U 86 -59.29 7.22 63.86
CA VAL U 86 -57.83 7.38 63.65
C VAL U 86 -57.32 6.03 63.10
N ASP U 87 -57.68 4.94 63.76
CA ASP U 87 -57.24 3.60 63.38
C ASP U 87 -57.80 3.20 62.01
N ALA U 88 -59.12 3.15 61.87
CA ALA U 88 -59.70 2.82 60.57
C ALA U 88 -59.08 3.69 59.46
N GLU U 89 -58.63 4.91 59.80
CA GLU U 89 -57.90 5.70 58.81
C GLU U 89 -56.56 5.08 58.46
N GLU U 90 -55.62 5.09 59.39
CA GLU U 90 -54.28 4.54 59.21
C GLU U 90 -54.32 3.21 58.42
N LYS U 91 -55.40 2.46 58.64
CA LYS U 91 -55.65 1.23 57.90
C LYS U 91 -55.88 1.50 56.45
N GLU U 92 -56.80 2.37 56.14
CA GLU U 92 -57.06 2.60 54.73
C GLU U 92 -55.91 3.35 54.05
N ASP U 93 -54.85 3.67 54.79
CA ASP U 93 -53.68 4.23 54.14
C ASP U 93 -52.75 3.11 53.76
N VAL U 94 -52.66 2.09 54.62
CA VAL U 94 -51.99 0.87 54.22
C VAL U 94 -52.59 0.69 52.83
N LYS U 95 -53.91 0.77 52.77
CA LYS U 95 -54.67 0.36 51.60
C LYS U 95 -54.59 1.33 50.48
N SER U 96 -55.32 2.42 50.64
CA SER U 96 -55.45 3.36 49.56
C SER U 96 -54.06 3.90 49.33
N CYS U 97 -53.64 4.75 50.24
CA CYS U 97 -52.37 5.43 50.13
C CYS U 97 -51.36 4.58 49.38
N ALA U 98 -50.48 3.94 50.13
CA ALA U 98 -49.31 3.33 49.58
C ALA U 98 -49.67 2.49 48.36
N GLU U 99 -50.49 1.47 48.58
CA GLU U 99 -50.66 0.40 47.59
C GLU U 99 -51.05 0.95 46.23
N PHE U 100 -52.14 1.70 46.19
CA PHE U 100 -52.58 2.32 44.96
C PHE U 100 -51.55 3.29 44.38
N LEU U 101 -51.08 4.20 45.21
CA LEU U 101 -50.18 5.22 44.74
C LEU U 101 -48.93 4.59 44.16
N THR U 102 -48.43 3.55 44.80
CA THR U 102 -47.23 2.88 44.33
C THR U 102 -47.43 2.31 42.91
N GLN U 103 -48.57 1.64 42.71
CA GLN U 103 -48.89 1.05 41.42
C GLN U 103 -49.17 2.12 40.36
N SER U 104 -49.97 3.13 40.72
CA SER U 104 -50.19 4.26 39.82
C SER U 104 -48.91 4.92 39.31
N LYS U 105 -47.94 5.14 40.20
CA LYS U 105 -46.65 5.70 39.82
C LYS U 105 -45.96 4.80 38.81
N THR U 106 -46.01 3.50 39.08
CA THR U 106 -45.26 2.58 38.27
C THR U 106 -45.90 2.58 36.88
N ARG U 107 -47.23 2.63 36.83
CA ARG U 107 -47.91 2.70 35.57
C ARG U 107 -47.62 3.98 34.84
N ILE U 108 -47.57 5.09 35.55
CA ILE U 108 -47.24 6.35 34.89
C ILE U 108 -45.82 6.28 34.32
N GLN U 109 -44.91 5.64 35.04
CA GLN U 109 -43.57 5.43 34.51
C GLN U 109 -43.59 4.72 33.17
N GLU U 110 -44.23 3.55 33.10
CA GLU U 110 -44.14 2.78 31.86
C GLU U 110 -44.74 3.54 30.68
N TYR U 111 -45.94 4.06 30.87
CA TYR U 111 -46.55 5.01 29.95
C TYR U 111 -45.55 6.03 29.42
N GLU U 112 -44.84 6.66 30.35
CA GLU U 112 -43.76 7.59 30.01
C GLU U 112 -42.64 6.93 29.21
N LYS U 113 -42.21 5.76 29.69
CA LYS U 113 -41.24 4.98 28.94
C LYS U 113 -41.81 4.66 27.56
N GLU U 114 -43.09 4.34 27.50
CA GLU U 114 -43.73 4.04 26.23
C GLU U 114 -43.82 5.25 25.31
N LEU U 115 -43.84 6.45 25.86
CA LEU U 115 -43.84 7.65 25.03
C LEU U 115 -42.42 7.96 24.59
N GLU U 116 -41.47 7.50 25.41
CA GLU U 116 -40.04 7.60 25.13
C GLU U 116 -39.76 7.02 23.74
N LYS U 117 -39.85 5.69 23.65
CA LYS U 117 -39.69 4.95 22.39
C LYS U 117 -40.29 5.74 21.24
N MET U 118 -41.60 5.99 21.37
CA MET U 118 -42.39 6.58 20.31
C MET U 118 -41.85 7.91 19.80
N ARG U 119 -41.05 8.59 20.62
CA ARG U 119 -40.38 9.81 20.17
C ARG U 119 -39.27 9.52 19.13
N ASN U 120 -38.86 8.25 19.03
CA ASN U 120 -37.77 7.83 18.14
C ASN U 120 -38.23 6.80 17.12
CA LEU V 1 -125.42 55.88 100.92
C LEU V 1 -124.43 56.44 101.93
N ASP V 2 -124.88 57.35 102.80
CA ASP V 2 -124.07 57.68 103.97
C ASP V 2 -124.19 56.60 105.03
N PRO V 3 -125.43 56.09 105.28
CA PRO V 3 -125.58 54.96 106.22
C PRO V 3 -124.75 53.72 105.82
N VAL V 4 -124.71 53.48 104.51
CA VAL V 4 -124.02 52.35 103.89
C VAL V 4 -122.57 52.12 104.37
N GLN V 5 -121.92 53.21 104.81
CA GLN V 5 -120.50 53.21 105.15
C GLN V 5 -120.11 52.35 106.36
N LYS V 6 -126.82 56.35 101.18
CA LYS V 6 -120.65 51.68 108.63
C LYS V 6 -120.58 50.17 108.54
N PHE V 8 -118.30 48.61 106.18
CA PHE V 8 -116.84 48.47 106.08
C PHE V 8 -116.32 48.06 107.46
N VAL V 9 -116.79 48.76 108.49
CA VAL V 9 -116.45 48.46 109.87
C VAL V 9 -116.68 46.97 110.19
N ASP V 10 -117.89 46.51 109.90
CA ASP V 10 -118.35 45.17 110.29
C ASP V 10 -117.51 44.08 109.66
N LYS V 11 -117.09 44.31 108.42
CA LYS V 11 -116.19 43.39 107.77
C LYS V 11 -114.86 43.32 108.52
N ILE V 12 -114.25 44.49 108.80
CA ILE V 12 -112.92 44.51 109.42
C ILE V 12 -112.92 43.67 110.68
N ARG V 13 -113.91 43.92 111.53
CA ARG V 13 -113.94 43.29 112.84
C ARG V 13 -113.80 41.79 112.68
N GLU V 14 -114.52 41.25 111.71
CA GLU V 14 -114.52 39.81 111.52
C GLU V 14 -113.20 39.35 110.90
N TYR V 15 -112.64 40.17 110.02
CA TYR V 15 -111.29 39.93 109.55
C TYR V 15 -110.40 39.79 110.80
N ARG V 16 -110.52 40.78 111.69
CA ARG V 16 -109.71 40.89 112.89
C ARG V 16 -109.72 39.61 113.76
N THR V 17 -110.89 39.08 114.07
CA THR V 17 -110.96 37.91 114.96
C THR V 17 -110.28 36.68 114.35
N LYS V 18 -110.51 36.48 113.05
CA LYS V 18 -109.85 35.42 112.28
C LYS V 18 -108.35 35.57 112.37
N ARG V 19 -107.86 36.73 111.92
CA ARG V 19 -106.43 36.99 111.88
C ARG V 19 -105.78 36.85 113.25
N GLN V 20 -106.52 37.22 114.30
CA GLN V 20 -106.07 37.06 115.67
C GLN V 20 -106.01 35.61 116.12
N THR V 21 -106.09 34.66 115.20
CA THR V 21 -106.13 33.27 115.62
C THR V 21 -104.99 32.37 115.15
N SER V 22 -104.29 31.82 116.14
CA SER V 22 -103.07 31.08 115.93
C SER V 22 -103.19 29.69 116.49
N GLY V 23 -103.49 28.75 115.61
CA GLY V 23 -103.63 27.35 115.93
C GLY V 23 -103.98 26.65 114.63
N GLY V 24 -103.10 26.78 113.63
CA GLY V 24 -103.37 26.26 112.29
C GLY V 24 -104.23 27.19 111.45
N PRO V 25 -105.07 26.62 110.56
CA PRO V 25 -106.06 27.40 109.82
C PRO V 25 -107.40 27.35 110.56
N VAL V 26 -108.00 28.52 110.79
CA VAL V 26 -109.08 28.64 111.79
C VAL V 26 -110.37 27.85 111.47
N ASP V 27 -110.81 27.06 112.45
CA ASP V 27 -111.90 26.09 112.29
C ASP V 27 -111.61 25.00 111.26
N ALA V 28 -110.54 24.25 111.53
CA ALA V 28 -110.03 23.15 110.70
C ALA V 28 -111.06 22.52 109.77
N GLY V 29 -111.66 21.42 110.21
CA GLY V 29 -112.47 20.60 109.33
C GLY V 29 -111.52 19.69 108.59
N PRO V 30 -111.64 18.37 108.81
CA PRO V 30 -110.69 17.38 108.28
C PRO V 30 -110.40 17.50 106.78
N GLU V 31 -111.34 18.10 106.04
CA GLU V 31 -111.21 18.29 104.59
C GLU V 31 -109.96 19.08 104.20
N TYR V 32 -109.64 20.09 105.00
CA TYR V 32 -108.52 20.95 104.67
C TYR V 32 -107.31 20.10 104.35
N GLN V 33 -106.92 19.24 105.29
CA GLN V 33 -105.78 18.38 105.02
C GLN V 33 -106.01 17.59 103.74
N GLN V 34 -107.17 16.97 103.61
CA GLN V 34 -107.44 16.16 102.42
C GLN V 34 -107.16 16.95 101.15
N ASP V 35 -107.77 18.12 101.02
CA ASP V 35 -107.60 18.95 99.82
C ASP V 35 -106.12 19.27 99.69
N LEU V 36 -105.53 19.66 100.80
CA LEU V 36 -104.12 20.05 100.83
C LEU V 36 -103.34 18.94 100.17
N ASP V 37 -103.40 17.78 100.81
CA ASP V 37 -102.73 16.59 100.33
C ASP V 37 -102.97 16.35 98.83
N ARG V 38 -104.22 16.51 98.39
CA ARG V 38 -104.55 16.34 96.98
C ARG V 38 -103.72 17.30 96.13
N GLU V 39 -103.70 18.57 96.51
CA GLU V 39 -102.95 19.49 95.66
C GLU V 39 -101.46 19.30 95.80
N LEU V 40 -101.07 18.86 96.99
CA LEU V 40 -99.69 18.54 97.27
C LEU V 40 -99.29 17.36 96.39
N PHE V 41 -100.26 16.57 96.01
CA PHE V 41 -100.00 15.44 95.14
C PHE V 41 -99.93 15.87 93.67
N LYS V 42 -100.76 16.83 93.26
CA LYS V 42 -100.70 17.25 91.85
C LYS V 42 -99.33 17.86 91.53
N LEU V 43 -98.77 18.57 92.50
CA LEU V 43 -97.49 19.23 92.33
C LEU V 43 -96.37 18.21 92.22
N LYS V 44 -96.49 17.12 92.97
CA LYS V 44 -95.58 16.01 92.78
C LYS V 44 -95.61 15.55 91.32
N GLN V 45 -96.80 15.52 90.73
CA GLN V 45 -96.99 15.08 89.35
C GLN V 45 -96.27 16.02 88.43
N MET V 46 -96.46 17.32 88.68
CA MET V 46 -95.86 18.37 87.90
C MET V 46 -94.34 18.42 87.98
N TYR V 47 -93.80 18.30 89.19
CA TYR V 47 -92.42 18.62 89.45
C TYR V 47 -91.52 17.42 89.63
N GLY V 48 -92.10 16.24 89.83
CA GLY V 48 -91.30 15.01 89.85
C GLY V 48 -91.29 14.31 91.20
N LYS V 49 -90.88 13.04 91.19
CA LYS V 49 -91.00 12.17 92.36
C LYS V 49 -89.84 12.20 93.36
N ALA V 50 -89.02 13.25 93.30
CA ALA V 50 -87.83 13.33 94.14
C ALA V 50 -88.14 14.02 95.47
N ASP V 51 -87.20 13.90 96.38
CA ASP V 51 -87.26 14.63 97.63
C ASP V 51 -86.84 16.07 97.37
N MET V 52 -87.82 16.95 97.20
CA MET V 52 -87.55 18.37 96.94
C MET V 52 -86.82 19.07 98.09
N ASN V 53 -86.64 18.39 99.20
CA ASN V 53 -85.83 18.96 100.28
C ASN V 53 -84.34 18.77 100.06
N THR V 54 -83.99 17.98 99.04
CA THR V 54 -82.63 17.48 98.86
C THR V 54 -82.00 18.01 97.59
N PHE V 55 -80.68 18.15 97.59
CA PHE V 55 -79.93 18.48 96.37
C PHE V 55 -79.92 17.24 95.48
N PRO V 56 -79.93 17.43 94.14
CA PRO V 56 -80.10 16.26 93.30
C PRO V 56 -78.81 15.50 93.01
N ASN V 57 -78.99 14.18 92.94
CA ASN V 57 -78.11 13.23 92.31
C ASN V 57 -78.00 13.51 90.82
N PHE V 58 -76.89 13.10 90.22
CA PHE V 58 -76.79 13.06 88.75
C PHE V 58 -75.97 11.88 88.24
N THR V 59 -76.58 11.02 87.43
CA THR V 59 -75.79 10.08 86.62
C THR V 59 -76.11 10.47 85.19
N PHE V 60 -75.08 10.83 84.45
CA PHE V 60 -75.33 11.36 83.14
C PHE V 60 -75.35 10.28 82.06
N GLU V 61 -76.16 10.52 81.03
CA GLU V 61 -76.19 9.68 79.87
C GLU V 61 -74.86 9.78 79.16
N ASP V 62 -74.35 8.64 78.73
CA ASP V 62 -73.32 8.57 77.67
C ASP V 62 -73.81 9.35 76.43
N PRO V 63 -72.88 9.85 75.61
CA PRO V 63 -73.32 10.44 74.32
C PRO V 63 -74.01 9.42 73.38
N LYS V 64 -74.70 9.90 72.35
CA LYS V 64 -75.40 9.04 71.40
C LYS V 64 -75.11 9.48 69.96
N PHE V 65 -74.89 8.48 69.09
CA PHE V 65 -74.49 8.69 67.69
C PHE V 65 -75.48 8.07 66.72
N GLU V 66 -75.85 8.79 65.67
CA GLU V 66 -76.77 8.25 64.65
C GLU V 66 -76.16 8.19 63.27
N ILE W 11 -151.57 34.05 105.71
CA ILE W 11 -150.34 34.36 106.43
C ILE W 11 -149.35 33.20 106.33
N TYR W 12 -148.07 33.54 106.22
CA TYR W 12 -147.03 32.53 106.08
C TYR W 12 -145.73 32.99 106.75
N GLY W 13 -145.11 34.01 106.17
CA GLY W 13 -143.87 34.53 106.73
C GLY W 13 -143.04 35.29 105.70
N ILE W 14 -142.57 34.58 104.68
CA ILE W 14 -141.75 35.20 103.64
C ILE W 14 -142.52 36.32 102.95
N GLU W 15 -143.77 36.06 102.60
CA GLU W 15 -144.60 37.07 101.95
C GLU W 15 -145.01 38.15 102.93
N GLY W 16 -145.22 37.75 104.19
CA GLY W 16 -145.59 38.70 105.21
C GLY W 16 -144.42 39.57 105.62
N ARG W 17 -143.21 39.04 105.45
CA ARG W 17 -142.00 39.77 105.81
C ARG W 17 -141.76 40.90 104.81
N TYR W 18 -142.28 40.75 103.60
CA TYR W 18 -142.11 41.78 102.56
C TYR W 18 -142.61 43.12 103.08
N ALA W 19 -143.82 43.12 103.63
CA ALA W 19 -144.41 44.34 104.16
C ALA W 19 -143.68 44.78 105.41
N THR W 20 -143.33 43.82 106.25
CA THR W 20 -142.61 44.13 107.49
C THR W 20 -141.18 44.56 107.21
N ALA W 21 -140.66 44.17 106.05
CA ALA W 21 -139.30 44.54 105.68
C ALA W 21 -139.30 45.84 104.87
N LEU W 22 -140.48 46.38 104.63
CA LEU W 22 -140.61 47.63 103.90
C LEU W 22 -141.20 48.67 104.82
N TYR W 23 -142.18 48.24 105.61
CA TYR W 23 -142.80 49.11 106.58
C TYR W 23 -141.88 49.26 107.79
N SER W 24 -140.93 48.31 107.94
CA SER W 24 -139.98 48.38 109.05
C SER W 24 -139.39 49.77 109.13
N ALA W 25 -139.03 50.31 107.98
CA ALA W 25 -138.50 51.66 107.90
C ALA W 25 -139.64 52.65 108.10
N ALA W 26 -140.81 52.27 107.60
CA ALA W 26 -142.00 53.09 107.73
C ALA W 26 -142.36 53.28 109.20
N SER W 27 -142.25 52.21 109.98
CA SER W 27 -142.57 52.25 111.40
C SER W 27 -141.72 53.32 112.10
N LYS W 28 -140.44 53.34 111.80
CA LYS W 28 -139.52 54.31 112.39
C LYS W 28 -140.07 55.73 112.21
N GLN W 29 -140.80 55.93 111.12
CA GLN W 29 -141.39 57.23 110.83
C GLN W 29 -142.82 57.29 111.36
N ASN W 30 -143.56 56.19 111.15
CA ASN W 30 -144.95 56.09 111.59
C ASN W 30 -145.88 56.20 110.38
N LYS W 31 -145.39 55.72 109.24
CA LYS W 31 -146.15 55.76 108.00
C LYS W 31 -147.06 54.54 107.87
N LEU W 32 -147.11 53.71 108.91
CA LEU W 32 -147.95 52.52 108.90
C LEU W 32 -149.31 52.83 108.30
N GLU W 33 -149.77 54.06 108.49
CA GLU W 33 -151.04 54.50 107.95
C GLU W 33 -150.94 54.71 106.44
N GLN W 34 -149.79 55.21 106.00
CA GLN W 34 -149.55 55.47 104.59
C GLN W 34 -149.05 54.20 103.88
N VAL W 35 -148.70 53.18 104.65
CA VAL W 35 -148.21 51.93 104.09
C VAL W 35 -149.22 50.81 104.29
N GLU W 36 -150.05 50.93 105.31
CA GLU W 36 -151.07 49.93 105.59
C GLU W 36 -152.35 50.26 104.83
N LYS W 37 -152.65 51.55 104.73
CA LYS W 37 -153.82 52.00 104.00
C LYS W 37 -153.55 51.87 102.51
N GLU W 38 -152.30 52.12 102.13
CA GLU W 38 -151.92 52.00 100.75
C GLU W 38 -151.96 50.54 100.33
N LEU W 39 -151.31 49.68 101.11
CA LEU W 39 -151.28 48.25 100.82
C LEU W 39 -152.69 47.73 100.53
N LEU W 40 -153.68 48.34 101.16
CA LEU W 40 -155.07 47.94 100.95
C LEU W 40 -155.47 48.16 99.50
N ARG W 41 -154.85 49.16 98.88
CA ARG W 41 -155.13 49.48 97.49
C ARG W 41 -154.70 48.33 96.58
N VAL W 42 -153.49 47.83 96.80
CA VAL W 42 -152.96 46.73 96.00
C VAL W 42 -153.93 45.55 95.98
N GLY W 43 -154.70 45.41 97.05
CA GLY W 43 -155.66 44.33 97.14
C GLY W 43 -156.84 44.52 96.21
N GLN W 44 -157.37 45.74 96.19
CA GLN W 44 -158.50 46.07 95.33
C GLN W 44 -158.10 46.07 93.87
N ILE W 45 -156.84 46.43 93.62
CA ILE W 45 -156.31 46.47 92.26
C ILE W 45 -156.26 45.08 91.64
N LEU W 46 -156.04 44.07 92.48
CA LEU W 46 -155.98 42.70 92.01
C LEU W 46 -157.37 42.15 91.74
N LYS W 47 -158.35 42.63 92.49
CA LYS W 47 -159.73 42.20 92.32
C LYS W 47 -160.31 42.81 91.05
N GLU W 48 -159.70 43.89 90.59
CA GLU W 48 -160.15 44.58 89.37
C GLU W 48 -159.85 43.74 88.13
N PRO W 49 -160.90 43.24 87.45
CA PRO W 49 -160.73 42.43 86.24
C PRO W 49 -159.85 43.12 85.20
N LYS W 50 -160.07 44.42 85.02
CA LYS W 50 -159.29 45.19 84.06
C LYS W 50 -157.83 45.29 84.50
N MET W 51 -157.61 45.28 85.81
CA MET W 51 -156.25 45.36 86.34
C MET W 51 -155.49 44.06 86.11
N ALA W 52 -156.20 42.94 86.20
CA ALA W 52 -155.59 41.63 85.99
C ALA W 52 -154.95 41.53 84.61
N ALA W 53 -155.48 42.30 83.66
CA ALA W 53 -154.97 42.30 82.30
C ALA W 53 -153.83 43.31 82.14
N SER W 54 -153.44 43.94 83.24
CA SER W 54 -152.36 44.93 83.21
C SER W 54 -151.28 44.60 84.24
N LEU W 55 -151.71 44.12 85.41
CA LEU W 55 -150.78 43.78 86.47
C LEU W 55 -150.10 42.44 86.20
N LEU W 56 -150.58 41.72 85.19
CA LEU W 56 -150.01 40.42 84.85
C LEU W 56 -149.88 40.25 83.33
N ASN W 57 -149.77 41.37 82.62
CA ASN W 57 -149.64 41.33 81.16
C ASN W 57 -148.17 41.26 80.74
N PRO W 58 -147.72 40.12 80.20
CA PRO W 58 -146.33 39.95 79.75
C PRO W 58 -146.03 40.70 78.45
N TYR W 59 -146.99 41.52 78.01
CA TYR W 59 -146.84 42.29 76.78
C TYR W 59 -146.11 43.61 77.04
N VAL W 60 -146.28 44.14 78.24
CA VAL W 60 -145.64 45.40 78.61
C VAL W 60 -144.11 45.27 78.59
N LYS W 61 -143.52 44.87 79.72
CA LYS W 61 -142.08 44.69 79.82
C LYS W 61 -141.66 44.46 81.27
N ARG W 62 -140.37 44.56 81.53
CA ARG W 62 -139.84 44.36 82.87
C ARG W 62 -139.63 45.71 83.58
N SER W 63 -139.35 46.74 82.79
CA SER W 63 -139.13 48.07 83.34
C SER W 63 -140.13 49.08 82.76
N VAL W 64 -141.00 48.62 81.87
CA VAL W 64 -142.00 49.49 81.27
C VAL W 64 -143.24 49.54 82.15
N LYS W 65 -143.81 48.36 82.42
CA LYS W 65 -144.99 48.25 83.26
C LYS W 65 -144.77 48.95 84.59
N VAL W 66 -143.51 49.01 85.03
CA VAL W 66 -143.18 49.65 86.30
C VAL W 66 -143.48 51.15 86.25
N LYS W 67 -143.38 51.73 85.07
CA LYS W 67 -143.65 53.15 84.90
C LYS W 67 -145.13 53.44 85.00
N SER W 68 -145.94 52.62 84.32
CA SER W 68 -147.38 52.78 84.35
C SER W 68 -147.90 52.64 85.77
N LEU W 69 -147.15 51.92 86.60
CA LEU W 69 -147.54 51.72 87.99
C LEU W 69 -147.62 53.07 88.72
N SER W 70 -146.63 53.92 88.47
CA SER W 70 -146.59 55.25 89.09
C SER W 70 -147.94 55.94 88.97
N ASP W 71 -148.64 55.68 87.86
CA ASP W 71 -149.95 56.29 87.64
C ASP W 71 -150.95 55.76 88.66
N MET W 72 -150.72 54.55 89.14
CA MET W 72 -151.58 53.95 90.15
C MET W 72 -150.94 54.08 91.52
N THR W 73 -149.79 54.74 91.55
CA THR W 73 -149.05 54.97 92.78
C THR W 73 -149.15 56.44 93.19
N ALA W 74 -149.43 57.30 92.21
CA ALA W 74 -149.54 58.72 92.48
C ALA W 74 -150.99 59.20 92.36
N LYS W 75 -151.91 58.26 92.12
CA LYS W 75 -153.32 58.61 91.99
C LYS W 75 -154.22 57.58 92.68
N GLU W 76 -153.65 56.84 93.63
CA GLU W 76 -154.41 55.83 94.36
C GLU W 76 -154.26 56.01 95.86
N LYS W 77 -153.03 56.20 96.30
CA LYS W 77 -152.72 56.39 97.72
C LYS W 77 -151.22 56.29 97.92
N PHE W 78 -150.60 55.39 97.17
CA PHE W 78 -149.16 55.18 97.24
C PHE W 78 -148.41 56.48 97.02
N SER W 79 -147.09 56.35 96.95
CA SER W 79 -146.19 57.48 96.70
C SER W 79 -145.04 57.50 97.69
N PRO W 80 -145.31 57.31 98.99
CA PRO W 80 -144.28 57.38 100.01
C PRO W 80 -143.75 56.03 100.48
N LEU W 81 -144.53 55.31 101.29
CA LEU W 81 -144.08 54.01 101.78
C LEU W 81 -144.60 52.92 100.87
N THR W 82 -145.17 53.34 99.75
CA THR W 82 -145.71 52.44 98.78
C THR W 82 -145.14 52.73 97.40
N SER W 83 -144.27 53.73 97.30
CA SER W 83 -143.67 54.06 96.02
C SER W 83 -142.32 53.35 95.88
N ASN W 84 -142.25 52.17 96.49
CA ASN W 84 -141.08 51.33 96.45
C ASN W 84 -141.56 49.90 96.46
N LEU W 85 -142.51 49.64 97.34
CA LEU W 85 -143.13 48.33 97.43
C LEU W 85 -143.93 48.09 96.16
N ILE W 86 -144.27 49.18 95.46
CA ILE W 86 -145.04 49.07 94.22
C ILE W 86 -144.20 48.39 93.14
N ASN W 87 -142.98 48.88 92.96
CA ASN W 87 -142.08 48.32 91.96
C ASN W 87 -141.64 46.93 92.38
N LEU W 88 -141.46 46.74 93.68
CA LEU W 88 -141.04 45.45 94.21
C LEU W 88 -142.15 44.41 94.05
N LEU W 89 -143.39 44.85 94.20
CA LEU W 89 -144.53 43.96 94.07
C LEU W 89 -144.71 43.54 92.60
N ALA W 90 -144.25 44.38 91.69
CA ALA W 90 -144.35 44.10 90.26
C ALA W 90 -142.97 43.94 89.64
N GLU W 91 -141.99 43.57 90.47
CA GLU W 91 -140.62 43.38 89.99
C GLU W 91 -140.42 41.96 89.49
N ASN W 92 -140.89 40.99 90.26
CA ASN W 92 -140.77 39.59 89.89
C ASN W 92 -142.10 39.02 89.39
N GLY W 93 -143.19 39.60 89.88
CA GLY W 93 -144.51 39.15 89.47
C GLY W 93 -145.29 38.55 90.62
N ARG W 94 -145.21 39.20 91.78
CA ARG W 94 -145.92 38.73 92.97
C ARG W 94 -147.24 39.47 93.15
N LEU W 95 -147.86 39.85 92.04
CA LEU W 95 -149.13 40.57 92.08
C LEU W 95 -150.29 39.61 91.86
N THR W 96 -150.15 38.40 92.37
CA THR W 96 -151.19 37.39 92.26
C THR W 96 -151.66 36.96 93.64
N ASN W 97 -150.71 36.83 94.56
CA ASN W 97 -151.02 36.45 95.93
C ASN W 97 -150.53 37.52 96.90
N THR W 98 -150.47 38.77 96.40
CA THR W 98 -150.03 39.89 97.21
C THR W 98 -151.03 40.23 98.33
N PRO W 99 -152.34 40.01 98.11
CA PRO W 99 -153.36 40.31 99.13
C PRO W 99 -153.03 39.68 100.47
N ALA W 100 -152.26 38.59 100.44
CA ALA W 100 -151.87 37.90 101.65
C ALA W 100 -150.80 38.67 102.40
N VAL W 101 -149.98 39.42 101.65
CA VAL W 101 -148.91 40.21 102.25
C VAL W 101 -149.47 41.39 103.02
N ILE W 102 -150.58 41.96 102.51
CA ILE W 102 -151.22 43.10 103.16
C ILE W 102 -151.81 42.71 104.51
N SER W 103 -152.39 41.50 104.57
CA SER W 103 -152.99 41.01 105.80
C SER W 103 -151.97 40.98 106.94
N ALA W 104 -150.78 40.46 106.64
CA ALA W 104 -149.72 40.37 107.62
C ALA W 104 -149.37 41.75 108.17
N PHE W 105 -149.51 42.77 107.33
CA PHE W 105 -149.21 44.14 107.72
C PHE W 105 -150.10 44.58 108.89
N SER W 106 -151.34 44.10 108.89
CA SER W 106 -152.28 44.44 109.95
C SER W 106 -151.87 43.83 111.28
N THR W 107 -151.17 42.72 111.23
CA THR W 107 -150.72 42.06 112.45
C THR W 107 -149.33 42.56 112.83
N MET W 108 -148.55 42.95 111.82
CA MET W 108 -147.22 43.45 112.07
C MET W 108 -147.29 44.94 112.41
N MET W 109 -148.35 45.59 111.95
CA MET W 109 -148.53 47.02 112.23
C MET W 109 -149.00 47.22 113.67
N SER W 110 -149.43 46.14 114.34
CA SER W 110 -149.89 46.24 115.71
C SER W 110 -148.77 45.90 116.68
N VAL W 111 -147.75 45.22 116.18
CA VAL W 111 -146.60 44.83 117.00
C VAL W 111 -145.60 45.98 117.11
N HIS W 112 -145.75 46.99 116.24
CA HIS W 112 -144.87 48.13 116.26
C HIS W 112 -145.25 49.10 117.38
N ARG W 113 -146.52 49.09 117.76
CA ARG W 113 -147.00 49.98 118.82
C ARG W 113 -146.43 49.57 120.17
N GLY W 114 -146.28 48.27 120.38
CA GLY W 114 -145.75 47.78 121.63
C GLY W 114 -144.22 47.77 121.66
N GLU W 115 -143.62 47.67 120.48
CA GLU W 115 -142.16 47.65 120.37
C GLU W 115 -141.60 49.07 120.34
N VAL W 116 -141.91 49.85 121.37
CA VAL W 116 -141.45 51.22 121.45
C VAL W 116 -141.29 51.66 122.91
N PRO W 117 -140.21 52.40 123.23
CA PRO W 117 -139.97 52.88 124.60
C PRO W 117 -141.17 53.60 125.18
N CYS W 118 -142.04 52.86 125.85
CA CYS W 118 -143.24 53.44 126.46
C CYS W 118 -142.93 53.97 127.85
N THR W 119 -142.35 55.16 127.92
CA THR W 119 -142.00 55.79 129.19
C THR W 119 -142.97 56.92 129.52
N VAL W 120 -143.46 57.59 128.48
CA VAL W 120 -144.39 58.70 128.65
C VAL W 120 -145.79 58.19 128.96
N ASN X 1 167.25 3.83 15.54
CA ASN X 1 166.87 2.63 16.29
C ASN X 1 166.97 1.35 15.45
N LEU X 2 166.34 1.37 14.26
CA LEU X 2 166.33 0.24 13.32
C LEU X 2 165.32 -0.87 13.65
N ASN X 3 164.82 -0.88 14.88
CA ASN X 3 163.92 -1.92 15.34
C ASN X 3 162.50 -1.43 15.43
N GLU X 4 162.35 -0.14 15.70
CA GLU X 4 161.04 0.48 15.77
C GLU X 4 160.92 1.48 14.65
N THR X 5 162.03 1.69 13.95
CA THR X 5 162.04 2.63 12.83
C THR X 5 162.68 2.02 11.59
N GLY X 6 162.51 2.71 10.46
CA GLY X 6 163.02 2.22 9.20
C GLY X 6 163.18 3.33 8.17
N ARG X 7 163.98 3.05 7.15
CA ARG X 7 164.24 4.02 6.09
C ARG X 7 163.65 3.55 4.77
N VAL X 8 163.02 4.47 4.05
CA VAL X 8 162.42 4.12 2.77
C VAL X 8 163.50 3.86 1.74
N LEU X 9 163.51 2.64 1.25
CA LEU X 9 164.50 2.23 0.26
C LEU X 9 164.00 2.56 -1.15
N ALA X 10 162.72 2.31 -1.41
CA ALA X 10 162.10 2.55 -2.71
C ALA X 10 160.59 2.81 -2.59
N VAL X 11 160.08 3.74 -3.37
CA VAL X 11 158.66 4.04 -3.31
C VAL X 11 158.07 4.13 -4.72
N GLY X 12 156.79 3.76 -4.86
CA GLY X 12 156.12 3.81 -6.14
C GLY X 12 154.86 2.97 -6.20
N ASP X 13 154.01 3.27 -7.17
CA ASP X 13 152.77 2.51 -7.36
C ASP X 13 152.01 2.39 -6.04
N GLY X 14 152.08 3.42 -5.21
CA GLY X 14 151.37 3.42 -3.95
C GLY X 14 151.88 2.37 -2.99
N ILE X 15 153.05 1.83 -3.31
CA ILE X 15 153.72 0.86 -2.44
C ILE X 15 155.19 1.21 -2.26
N ALA X 16 155.59 1.42 -1.02
CA ALA X 16 156.99 1.70 -0.69
C ALA X 16 157.59 0.59 0.15
N ARG X 17 158.79 0.17 -0.22
CA ARG X 17 159.52 -0.87 0.51
C ARG X 17 160.50 -0.24 1.49
N VAL X 18 160.29 -0.51 2.78
CA VAL X 18 161.13 0.09 3.80
C VAL X 18 162.09 -0.94 4.39
N PHE X 19 163.20 -0.45 4.95
CA PHE X 19 164.22 -1.27 5.57
C PHE X 19 164.32 -1.00 7.07
N GLY X 20 164.26 -2.05 7.87
CA GLY X 20 164.27 -1.93 9.32
C GLY X 20 163.06 -2.59 9.96
N LEU X 21 162.55 -1.97 11.02
CA LEU X 21 161.36 -2.48 11.73
C LEU X 21 161.43 -3.96 12.03
N ASN X 22 162.57 -4.43 12.52
CA ASN X 22 162.79 -5.86 12.74
C ASN X 22 161.84 -6.50 13.75
N ASN X 23 160.98 -5.68 14.34
CA ASN X 23 160.04 -6.17 15.34
C ASN X 23 158.59 -5.88 14.95
N ILE X 24 158.39 -5.38 13.73
CA ILE X 24 157.06 -5.04 13.26
C ILE X 24 156.20 -6.29 13.07
N GLN X 25 154.91 -6.17 13.36
CA GLN X 25 153.98 -7.29 13.22
C GLN X 25 153.43 -7.42 11.81
N ALA X 26 152.71 -8.52 11.55
CA ALA X 26 152.10 -8.75 10.25
C ALA X 26 150.83 -7.91 10.06
N GLU X 27 150.75 -7.23 8.91
CA GLU X 27 149.59 -6.41 8.58
C GLU X 27 149.41 -5.26 9.57
N GLU X 28 150.51 -4.89 10.22
CA GLU X 28 150.49 -3.81 11.21
C GLU X 28 150.58 -2.44 10.54
N LEU X 29 149.96 -1.44 11.14
CA LEU X 29 150.00 -0.08 10.61
C LEU X 29 151.35 0.58 10.89
N VAL X 30 151.71 1.59 10.10
CA VAL X 30 152.94 2.36 10.28
C VAL X 30 152.73 3.82 9.85
N GLU X 31 153.58 4.72 10.34
CA GLU X 31 153.43 6.14 10.05
C GLU X 31 154.69 6.79 9.50
N PHE X 32 154.55 7.45 8.35
CA PHE X 32 155.68 8.07 7.66
C PHE X 32 155.90 9.50 8.14
N SER X 33 157.09 10.00 7.86
CA SER X 33 157.48 11.35 8.25
C SER X 33 156.44 12.38 7.80
N SER X 34 155.89 12.18 6.61
CA SER X 34 154.94 13.13 6.02
C SER X 34 153.61 13.16 6.76
N GLY X 35 153.13 12.00 7.17
CA GLY X 35 151.86 11.89 7.86
C GLY X 35 150.96 10.77 7.33
N VAL X 36 151.11 10.45 6.05
CA VAL X 36 150.39 9.35 5.44
C VAL X 36 150.76 8.04 6.14
N LYS X 37 149.78 7.17 6.34
CA LYS X 37 150.03 5.91 7.01
C LYS X 37 149.93 4.75 6.02
N GLY X 38 150.44 3.58 6.42
CA GLY X 38 150.34 2.39 5.58
C GLY X 38 150.39 1.13 6.43
N MET X 39 150.16 -0.02 5.82
CA MET X 39 150.33 -1.28 6.54
C MET X 39 151.16 -2.28 5.76
N ALA X 40 152.10 -2.91 6.47
CA ALA X 40 152.99 -3.88 5.88
C ALA X 40 152.30 -5.23 5.71
N LEU X 41 152.12 -5.65 4.46
CA LEU X 41 151.51 -6.95 4.18
C LEU X 41 152.58 -8.02 3.91
N ASN X 42 153.71 -7.59 3.36
CA ASN X 42 154.81 -8.49 3.06
C ASN X 42 155.97 -8.26 4.03
N LEU X 43 156.44 -9.34 4.67
CA LEU X 43 157.54 -9.23 5.63
C LEU X 43 158.75 -10.03 5.18
N GLU X 44 159.63 -9.40 4.41
CA GLU X 44 160.80 -10.07 3.87
C GLU X 44 162.02 -9.94 4.78
N PRO X 45 162.95 -10.91 4.70
CA PRO X 45 164.14 -10.96 5.54
C PRO X 45 164.99 -9.70 5.45
N GLY X 46 165.04 -9.10 4.26
CA GLY X 46 165.82 -7.90 4.05
C GLY X 46 165.02 -6.63 4.28
N GLN X 47 163.89 -6.54 3.59
CA GLN X 47 163.07 -5.33 3.61
C GLN X 47 161.63 -5.67 3.99
N VAL X 48 160.80 -4.64 4.11
CA VAL X 48 159.39 -4.83 4.42
C VAL X 48 158.51 -4.04 3.47
N GLY X 49 157.64 -4.74 2.74
CA GLY X 49 156.73 -4.09 1.80
C GLY X 49 155.52 -3.51 2.48
N ILE X 50 155.26 -2.23 2.25
CA ILE X 50 154.15 -1.53 2.91
C ILE X 50 153.29 -0.72 1.94
N VAL X 51 152.00 -1.02 1.94
CA VAL X 51 151.04 -0.32 1.09
C VAL X 51 150.72 1.06 1.67
N LEU X 52 150.23 1.97 0.84
CA LEU X 52 149.91 3.32 1.28
C LEU X 52 148.42 3.60 1.31
N PHE X 53 147.98 4.42 2.26
CA PHE X 53 146.59 4.85 2.29
C PHE X 53 146.40 6.21 1.61
N GLY X 54 147.51 6.81 1.18
CA GLY X 54 147.46 8.10 0.51
C GLY X 54 148.41 8.17 -0.68
N SER X 55 148.43 9.33 -1.34
CA SER X 55 149.29 9.52 -2.51
C SER X 55 150.72 9.15 -2.17
N ASP X 56 151.42 8.58 -3.14
CA ASP X 56 152.82 8.23 -2.97
C ASP X 56 153.71 9.43 -3.26
N ARG X 57 153.09 10.59 -3.43
CA ARG X 57 153.82 11.83 -3.65
C ARG X 57 154.42 12.33 -2.33
N LEU X 58 153.79 11.96 -1.21
CA LEU X 58 154.25 12.38 0.10
C LEU X 58 155.49 11.60 0.54
N VAL X 59 155.55 10.32 0.13
CA VAL X 59 156.65 9.46 0.52
C VAL X 59 157.86 9.61 -0.39
N LYS X 60 159.02 9.83 0.20
CA LYS X 60 160.26 9.97 -0.56
C LYS X 60 161.25 8.89 -0.16
N GLU X 61 162.41 8.91 -0.79
CA GLU X 61 163.46 7.94 -0.49
C GLU X 61 164.25 8.35 0.74
N GLY X 62 164.57 7.37 1.58
CA GLY X 62 165.35 7.61 2.79
C GLY X 62 164.50 8.16 3.92
N GLU X 63 163.26 8.52 3.60
CA GLU X 63 162.36 9.07 4.60
C GLU X 63 162.21 8.11 5.78
N LEU X 64 161.97 8.67 6.96
CA LEU X 64 161.85 7.86 8.18
C LEU X 64 160.42 7.38 8.39
N VAL X 65 160.29 6.18 8.94
CA VAL X 65 158.99 5.58 9.22
C VAL X 65 158.99 4.88 10.56
N LYS X 66 157.92 5.05 11.34
CA LYS X 66 157.87 4.47 12.69
C LYS X 66 156.64 3.59 12.89
N ARG X 67 156.75 2.61 13.78
CA ARG X 67 155.65 1.69 14.06
C ARG X 67 154.45 2.33 14.73
N THR X 68 153.36 1.58 14.79
CA THR X 68 152.15 2.02 15.48
C THR X 68 151.73 0.97 16.51
N GLY X 69 152.34 -0.20 16.43
CA GLY X 69 152.07 -1.26 17.38
C GLY X 69 150.61 -1.68 17.46
N ASN X 70 149.84 -1.33 16.43
CA ASN X 70 148.43 -1.69 16.38
C ASN X 70 148.01 -2.19 15.00
N ILE X 71 147.25 -3.28 14.97
CA ILE X 71 146.71 -3.80 13.73
C ILE X 71 145.51 -2.95 13.31
N VAL X 72 145.16 -3.02 12.04
CA VAL X 72 144.01 -2.31 11.52
C VAL X 72 142.81 -2.47 12.45
N ASP X 73 142.43 -1.37 13.12
CA ASP X 73 141.30 -1.41 14.03
C ASP X 73 140.30 -0.30 13.73
N VAL X 74 139.03 -0.59 13.95
CA VAL X 74 137.98 0.40 13.72
C VAL X 74 137.03 0.44 14.92
N PRO X 75 136.59 1.65 15.28
CA PRO X 75 135.69 1.89 16.41
C PRO X 75 134.28 1.45 16.09
N VAL X 76 133.68 0.67 16.98
CA VAL X 76 132.34 0.14 16.76
C VAL X 76 131.39 0.60 17.84
N GLY X 77 130.10 0.31 17.66
CA GLY X 77 129.11 0.72 18.64
C GLY X 77 128.02 1.54 18.00
N PRO X 78 127.00 1.87 18.79
CA PRO X 78 125.76 2.48 18.31
C PRO X 78 125.90 3.95 17.97
N GLY X 79 127.08 4.52 18.20
CA GLY X 79 127.31 5.92 17.90
C GLY X 79 127.42 6.17 16.42
N LEU X 80 127.80 5.15 15.66
CA LEU X 80 128.00 5.29 14.22
C LEU X 80 126.70 5.54 13.48
N LEU X 81 125.61 5.02 14.03
CA LEU X 81 124.28 5.13 13.43
C LEU X 81 123.95 6.57 13.06
N GLY X 82 123.78 6.81 11.76
CA GLY X 82 123.37 8.12 11.27
C GLY X 82 124.55 8.93 10.79
N ARG X 83 125.70 8.28 10.75
CA ARG X 83 126.94 8.93 10.34
C ARG X 83 127.43 8.35 9.03
N VAL X 84 128.55 8.88 8.55
CA VAL X 84 129.18 8.40 7.32
C VAL X 84 130.69 8.40 7.49
N VAL X 85 131.27 7.20 7.57
CA VAL X 85 132.68 7.04 7.87
C VAL X 85 133.43 6.35 6.72
N ASP X 86 134.74 6.53 6.69
CA ASP X 86 135.59 5.86 5.71
C ASP X 86 136.15 4.54 6.24
N ALA X 87 136.91 3.85 5.41
CA ALA X 87 137.39 2.52 5.73
C ALA X 87 138.00 2.46 7.13
N LEU X 88 138.75 3.50 7.49
CA LEU X 88 139.41 3.57 8.79
C LEU X 88 138.40 3.79 9.92
N GLY X 89 137.37 4.60 9.67
CA GLY X 89 136.36 4.87 10.66
C GLY X 89 136.31 6.31 11.12
N ASN X 90 136.86 7.21 10.30
CA ASN X 90 136.81 8.64 10.59
C ASN X 90 135.58 9.27 9.97
N PRO X 91 135.12 10.39 10.53
CA PRO X 91 133.95 11.10 10.00
C PRO X 91 134.26 11.84 8.70
N ILE X 92 133.30 11.82 7.77
CA ILE X 92 133.45 12.53 6.50
C ILE X 92 132.21 13.37 6.18
N ASP X 93 131.20 13.26 7.03
CA ASP X 93 129.95 14.00 6.86
C ASP X 93 130.01 15.39 7.51
N GLY X 94 130.90 15.55 8.49
CA GLY X 94 131.06 16.81 9.17
C GLY X 94 130.03 17.05 10.27
N LYS X 95 129.83 16.03 11.10
CA LYS X 95 128.85 16.08 12.18
C LYS X 95 129.55 15.99 13.53
N GLY X 96 130.86 16.15 13.52
CA GLY X 96 131.65 16.09 14.73
C GLY X 96 132.33 14.75 14.92
N PRO X 97 133.08 14.62 16.03
CA PRO X 97 133.77 13.37 16.38
C PRO X 97 132.78 12.27 16.72
N ILE X 98 133.16 11.03 16.44
CA ILE X 98 132.30 9.88 16.66
C ILE X 98 132.32 9.42 18.10
N ASP X 99 131.24 8.82 18.58
CA ASP X 99 131.22 8.29 19.93
C ASP X 99 131.11 6.77 19.97
N ALA X 100 132.24 6.07 19.90
CA ALA X 100 132.20 4.63 19.88
C ALA X 100 132.27 4.03 21.28
N ALA X 101 131.81 2.79 21.40
CA ALA X 101 131.77 2.10 22.68
C ALA X 101 132.92 1.10 22.78
N GLY X 102 133.90 1.28 21.90
CA GLY X 102 135.03 0.36 21.84
C GLY X 102 135.51 0.18 20.42
N ARG X 103 136.55 -0.61 20.27
CA ARG X 103 137.12 -0.87 18.96
C ARG X 103 137.11 -2.37 18.70
N SER X 104 137.20 -2.73 17.43
CA SER X 104 137.35 -4.13 17.07
C SER X 104 138.32 -4.26 15.90
N ARG X 105 139.10 -5.34 15.91
CA ARG X 105 140.08 -5.56 14.86
C ARG X 105 139.39 -5.80 13.53
N ALA X 106 139.99 -5.24 12.47
CA ALA X 106 139.47 -5.44 11.13
C ALA X 106 139.33 -6.93 10.86
N GLN X 107 140.25 -7.71 11.39
CA GLN X 107 140.22 -9.14 11.16
C GLN X 107 139.70 -9.89 12.37
N VAL X 108 138.47 -10.40 12.25
CA VAL X 108 137.86 -11.16 13.31
C VAL X 108 137.51 -12.56 12.82
N LYS X 109 137.71 -13.56 13.68
CA LYS X 109 137.39 -14.94 13.33
C LYS X 109 135.88 -15.21 13.39
N ALA X 110 135.37 -15.89 12.37
CA ALA X 110 133.95 -16.21 12.31
C ALA X 110 133.55 -17.11 13.48
N PRO X 111 132.28 -17.03 13.88
CA PRO X 111 131.74 -17.91 14.92
C PRO X 111 131.92 -19.39 14.57
N GLY X 112 132.30 -20.17 15.58
CA GLY X 112 132.57 -21.59 15.40
C GLY X 112 131.35 -22.40 15.04
N ILE X 113 131.56 -23.69 14.84
CA ILE X 113 130.47 -24.58 14.46
C ILE X 113 129.37 -24.60 15.52
N LEU X 114 129.75 -24.62 16.79
CA LEU X 114 128.76 -24.79 17.88
C LEU X 114 127.88 -23.57 18.22
N PRO X 115 128.49 -22.37 18.32
CA PRO X 115 127.75 -21.14 18.68
C PRO X 115 126.85 -20.55 17.58
N ARG X 116 125.94 -21.35 17.01
CA ARG X 116 125.04 -20.91 15.94
C ARG X 116 123.64 -21.56 16.01
N ARG X 117 122.70 -21.01 15.24
CA ARG X 117 121.36 -21.56 15.14
C ARG X 117 120.83 -21.53 13.71
N SER X 118 120.07 -22.55 13.33
CA SER X 118 119.38 -22.56 12.06
C SER X 118 118.57 -21.28 11.91
N VAL X 119 118.83 -20.53 10.85
CA VAL X 119 118.11 -19.29 10.63
C VAL X 119 116.59 -19.52 10.69
N HIS X 120 115.88 -18.65 11.40
CA HIS X 120 114.44 -18.80 11.55
C HIS X 120 113.71 -17.47 11.64
N GLU X 121 114.48 -16.37 11.64
CA GLU X 121 113.88 -15.04 11.73
C GLU X 121 113.87 -14.34 10.37
N PRO X 122 112.68 -14.16 9.78
CA PRO X 122 112.58 -13.60 8.43
C PRO X 122 113.11 -12.16 8.35
N VAL X 123 113.63 -11.78 7.19
CA VAL X 123 114.12 -10.43 6.95
C VAL X 123 113.27 -9.77 5.86
N GLN X 124 112.15 -9.20 6.26
CA GLN X 124 111.23 -8.63 5.28
C GLN X 124 111.86 -7.49 4.50
N THR X 125 112.01 -7.73 3.21
CA THR X 125 112.65 -6.75 2.33
C THR X 125 111.63 -5.75 1.80
N GLY X 126 110.35 -6.12 1.87
CA GLY X 126 109.30 -5.26 1.36
C GLY X 126 109.13 -5.42 -0.13
N LEU X 127 109.88 -6.37 -0.71
CA LEU X 127 109.74 -6.70 -2.12
C LEU X 127 108.90 -7.96 -2.29
N LYS X 128 107.80 -7.84 -3.01
CA LYS X 128 106.84 -8.93 -3.18
C LYS X 128 107.49 -10.12 -3.87
N ALA X 129 108.26 -9.83 -4.91
CA ALA X 129 108.94 -10.86 -5.69
C ALA X 129 110.04 -11.53 -4.88
N VAL X 130 110.41 -10.91 -3.77
CA VAL X 130 111.45 -11.46 -2.93
C VAL X 130 110.90 -12.21 -1.74
N ASP X 131 110.16 -11.51 -0.89
CA ASP X 131 109.61 -12.11 0.31
C ASP X 131 108.64 -13.24 0.00
N ALA X 132 108.15 -13.28 -1.24
CA ALA X 132 107.24 -14.34 -1.66
C ALA X 132 108.02 -15.50 -2.28
N LEU X 133 108.96 -15.16 -3.14
CA LEU X 133 109.71 -16.15 -3.90
C LEU X 133 111.03 -16.58 -3.24
N VAL X 134 111.93 -15.62 -3.06
CA VAL X 134 113.21 -15.88 -2.40
C VAL X 134 113.29 -15.20 -1.03
N PRO X 135 112.84 -15.92 0.02
CA PRO X 135 112.81 -15.35 1.38
C PRO X 135 114.21 -15.23 1.95
N ILE X 136 114.50 -14.14 2.65
CA ILE X 136 115.81 -13.95 3.26
C ILE X 136 115.71 -14.08 4.78
N GLY X 137 116.75 -14.64 5.40
CA GLY X 137 116.75 -14.89 6.83
C GLY X 137 117.86 -14.21 7.60
N ARG X 138 117.55 -13.81 8.83
CA ARG X 138 118.53 -13.17 9.69
C ARG X 138 119.70 -14.10 9.95
N GLY X 139 120.82 -13.80 9.32
CA GLY X 139 122.02 -14.61 9.43
C GLY X 139 122.38 -15.27 8.11
N GLN X 140 121.47 -15.17 7.14
CA GLN X 140 121.70 -15.81 5.86
C GLN X 140 122.66 -14.96 5.04
N ARG X 141 123.22 -15.55 4.00
CA ARG X 141 124.05 -14.81 3.06
C ARG X 141 123.44 -14.92 1.66
N GLU X 142 122.56 -13.97 1.34
CA GLU X 142 121.91 -13.93 0.05
C GLU X 142 122.66 -13.01 -0.89
N LEU X 143 122.99 -13.52 -2.08
CA LEU X 143 123.82 -12.78 -3.02
C LEU X 143 123.00 -12.04 -4.07
N ILE X 144 123.30 -10.77 -4.26
CA ILE X 144 122.64 -9.98 -5.30
C ILE X 144 123.55 -9.87 -6.51
N ILE X 145 123.50 -10.89 -7.36
CA ILE X 145 124.33 -10.92 -8.57
C ILE X 145 123.55 -10.42 -9.78
N GLY X 146 124.20 -9.63 -10.62
CA GLY X 146 123.57 -9.15 -11.84
C GLY X 146 124.40 -8.17 -12.65
N ASP X 147 124.12 -8.09 -13.96
CA ASP X 147 124.82 -7.17 -14.85
C ASP X 147 124.65 -5.72 -14.43
N ARG X 148 125.34 -4.83 -15.11
CA ARG X 148 125.29 -3.42 -14.76
C ARG X 148 123.92 -2.82 -15.04
N GLN X 149 123.47 -1.96 -14.15
CA GLN X 149 122.22 -1.25 -14.34
C GLN X 149 121.05 -2.22 -14.47
N THR X 150 120.89 -3.09 -13.49
CA THR X 150 119.85 -4.11 -13.51
C THR X 150 118.84 -3.95 -12.39
N GLY X 151 119.29 -3.40 -11.26
CA GLY X 151 118.41 -3.18 -10.12
C GLY X 151 118.91 -3.87 -8.87
N LYS X 152 120.23 -4.03 -8.78
CA LYS X 152 120.86 -4.75 -7.68
C LYS X 152 120.78 -3.96 -6.38
N THR X 153 121.08 -2.67 -6.49
CA THR X 153 121.03 -1.75 -5.36
C THR X 153 119.60 -1.51 -4.90
N ALA X 154 118.69 -1.44 -5.86
CA ALA X 154 117.25 -1.29 -5.61
C ALA X 154 116.75 -2.32 -4.61
N VAL X 155 117.16 -3.57 -4.81
CA VAL X 155 116.78 -4.65 -3.91
C VAL X 155 117.20 -4.32 -2.48
N ALA X 156 118.48 -4.11 -2.27
CA ALA X 156 119.00 -3.80 -0.94
C ALA X 156 118.40 -2.50 -0.42
N LEU X 157 118.52 -1.44 -1.20
CA LEU X 157 118.02 -0.12 -0.84
C LEU X 157 116.58 -0.14 -0.33
N ASP X 158 115.68 -0.79 -1.06
CA ASP X 158 114.30 -0.91 -0.60
C ASP X 158 114.26 -1.65 0.73
N THR X 159 115.11 -2.66 0.86
CA THR X 159 115.12 -3.47 2.09
C THR X 159 115.32 -2.59 3.31
N ILE X 160 116.34 -1.74 3.24
CA ILE X 160 116.63 -0.81 4.32
C ILE X 160 115.43 0.07 4.62
N LEU X 161 114.86 0.69 3.58
CA LEU X 161 113.71 1.55 3.77
C LEU X 161 112.54 0.81 4.42
N ASN X 162 112.40 -0.46 4.07
CA ASN X 162 111.30 -1.27 4.60
C ASN X 162 111.48 -1.60 6.08
N GLN X 163 112.50 -1.03 6.70
CA GLN X 163 112.78 -1.33 8.10
C GLN X 163 112.18 -0.30 9.06
N LYS X 164 111.63 0.79 8.53
CA LYS X 164 110.99 1.79 9.38
C LYS X 164 109.78 1.20 10.07
N ARG X 165 109.44 -0.02 9.68
CA ARG X 165 108.25 -0.66 10.21
C ARG X 165 108.53 -1.23 11.60
N TRP X 166 109.80 -1.40 11.93
CA TRP X 166 110.17 -2.03 13.19
C TRP X 166 111.20 -1.25 14.00
N ASN X 167 112.09 -0.55 13.32
CA ASN X 167 113.15 0.20 14.01
C ASN X 167 112.63 1.37 14.85
N ASN X 168 111.54 2.00 14.41
CA ASN X 168 110.89 3.06 15.19
C ASN X 168 109.95 2.50 16.26
N GLY X 169 109.91 1.18 16.40
CA GLY X 169 109.13 0.53 17.44
C GLY X 169 109.87 0.48 18.77
N SER X 170 109.39 -0.34 19.69
CA SER X 170 109.95 -0.41 21.05
C SER X 170 110.82 -1.65 21.28
N ASP X 171 110.35 -2.80 20.78
CA ASP X 171 111.05 -4.08 20.87
C ASP X 171 112.37 -4.08 20.08
N GLU X 172 113.42 -4.64 20.67
CA GLU X 172 114.74 -4.65 20.04
C GLU X 172 114.98 -5.89 19.17
N SER X 173 114.54 -7.05 19.68
CA SER X 173 114.72 -8.31 18.98
C SER X 173 113.93 -8.33 17.66
N LYS X 174 113.32 -7.20 17.34
CA LYS X 174 112.53 -7.07 16.12
C LYS X 174 113.15 -6.07 15.14
N LYS X 175 113.91 -5.11 15.66
CA LYS X 175 114.53 -4.10 14.82
C LYS X 175 115.62 -4.69 13.94
N LEU X 176 116.18 -3.86 13.06
CA LEU X 176 117.26 -4.29 12.18
C LEU X 176 118.09 -3.11 11.68
N TYR X 177 119.28 -2.94 12.25
CA TYR X 177 120.18 -1.85 11.89
C TYR X 177 120.90 -2.17 10.58
N CYS X 178 120.96 -1.20 9.67
CA CYS X 178 121.49 -1.40 8.33
C CYS X 178 122.86 -0.78 8.12
N VAL X 179 123.79 -1.57 7.61
CA VAL X 179 125.16 -1.10 7.35
C VAL X 179 125.55 -1.26 5.88
N TYR X 180 125.57 -0.14 5.17
CA TYR X 180 125.90 -0.11 3.75
C TYR X 180 127.38 0.18 3.53
N VAL X 181 128.00 -0.58 2.64
CA VAL X 181 129.43 -0.51 2.40
C VAL X 181 129.74 -0.07 0.99
N ALA X 182 129.94 1.23 0.79
CA ALA X 182 130.19 1.75 -0.55
C ALA X 182 131.63 1.48 -0.96
N VAL X 183 131.82 0.62 -1.96
CA VAL X 183 133.17 0.37 -2.44
C VAL X 183 133.30 0.74 -3.90
N GLY X 184 134.29 1.56 -4.22
CA GLY X 184 134.58 1.87 -5.61
C GLY X 184 133.58 2.78 -6.29
N GLN X 185 132.70 3.38 -5.50
CA GLN X 185 131.70 4.29 -6.05
C GLN X 185 132.14 5.73 -5.92
N LYS X 186 131.90 6.53 -6.96
CA LYS X 186 132.26 7.95 -6.93
C LYS X 186 131.55 8.64 -5.79
N ARG X 187 132.11 9.75 -5.31
CA ARG X 187 131.49 10.48 -4.22
C ARG X 187 130.08 10.93 -4.58
N SER X 188 129.92 11.50 -5.77
CA SER X 188 128.60 11.97 -6.18
C SER X 188 127.51 10.93 -5.89
N THR X 189 127.81 9.66 -6.15
CA THR X 189 126.85 8.58 -5.96
C THR X 189 126.49 8.38 -4.49
N VAL X 190 127.52 8.29 -3.65
CA VAL X 190 127.33 8.15 -2.21
C VAL X 190 126.50 9.31 -1.65
N ALA X 191 126.91 10.53 -1.97
CA ALA X 191 126.20 11.73 -1.52
C ALA X 191 124.71 11.69 -1.89
N GLN X 192 124.40 11.08 -3.02
CA GLN X 192 123.01 10.88 -3.43
C GLN X 192 122.36 9.73 -2.67
N LEU X 193 123.04 8.59 -2.65
CA LEU X 193 122.53 7.42 -1.92
C LEU X 193 122.17 7.79 -0.50
N VAL X 194 123.04 8.55 0.15
CA VAL X 194 122.77 9.03 1.49
C VAL X 194 121.54 9.94 1.46
N GLN X 195 121.53 10.89 0.53
CA GLN X 195 120.42 11.84 0.44
C GLN X 195 119.07 11.19 0.17
N THR X 196 119.06 9.96 -0.33
CA THR X 196 117.81 9.26 -0.55
C THR X 196 117.29 8.67 0.75
N LEU X 197 118.19 8.05 1.52
CA LEU X 197 117.80 7.46 2.79
C LEU X 197 117.26 8.52 3.76
N GLU X 198 117.76 9.74 3.66
CA GLU X 198 117.31 10.82 4.53
C GLU X 198 115.90 11.27 4.18
N GLN X 199 115.63 11.46 2.89
CA GLN X 199 114.31 11.91 2.46
C GLN X 199 113.25 10.88 2.82
N HIS X 200 113.69 9.73 3.28
CA HIS X 200 112.79 8.65 3.68
C HIS X 200 112.90 8.37 5.18
N ASP X 201 113.74 9.14 5.87
CA ASP X 201 114.02 8.92 7.29
C ASP X 201 114.54 7.50 7.51
N ALA X 202 115.69 7.18 6.90
CA ALA X 202 116.28 5.86 7.10
C ALA X 202 117.67 5.95 7.72
N MET X 203 118.29 7.12 7.65
CA MET X 203 119.62 7.31 8.22
C MET X 203 119.60 7.14 9.74
N LYS X 204 118.43 7.28 10.32
CA LYS X 204 118.25 7.10 11.75
C LYS X 204 118.80 5.75 12.25
N TYR X 205 118.92 4.76 11.35
CA TYR X 205 119.41 3.43 11.74
C TYR X 205 120.32 2.79 10.68
N SER X 206 120.97 3.63 9.88
CA SER X 206 121.86 3.17 8.81
C SER X 206 123.27 3.67 9.03
N ILE X 207 124.26 2.82 8.72
CA ILE X 207 125.66 3.19 8.83
C ILE X 207 126.36 3.12 7.47
N ILE X 208 126.92 4.24 7.02
CA ILE X 208 127.57 4.29 5.71
C ILE X 208 129.08 4.25 5.80
N VAL X 209 129.67 3.19 5.26
CA VAL X 209 131.12 3.09 5.19
C VAL X 209 131.59 3.35 3.77
N ALA X 210 131.81 4.63 3.46
CA ALA X 210 132.18 5.09 2.12
C ALA X 210 133.64 4.80 1.78
N ALA X 211 133.87 4.26 0.59
CA ALA X 211 135.21 3.93 0.12
C ALA X 211 135.35 4.31 -1.36
N THR X 212 135.26 5.61 -1.63
CA THR X 212 135.27 6.14 -2.99
C THR X 212 136.43 5.59 -3.84
N ALA X 213 136.29 5.68 -5.17
CA ALA X 213 137.25 5.09 -6.09
C ALA X 213 138.58 5.83 -6.09
N SER X 214 138.52 7.14 -5.84
CA SER X 214 139.73 7.95 -5.78
C SER X 214 140.63 7.58 -4.58
N GLU X 215 140.06 6.97 -3.54
CA GLU X 215 140.84 6.60 -2.35
C GLU X 215 141.82 5.46 -2.65
N ALA X 216 142.90 5.36 -1.89
CA ALA X 216 143.89 4.31 -2.09
C ALA X 216 143.27 2.92 -2.07
N ALA X 217 143.93 2.00 -2.77
CA ALA X 217 143.42 0.64 -2.93
C ALA X 217 143.12 -0.06 -1.60
N PRO X 218 144.09 0.00 -0.67
CA PRO X 218 143.92 -0.69 0.61
C PRO X 218 142.66 -0.25 1.33
N LEU X 219 142.30 1.02 1.20
CA LEU X 219 141.08 1.51 1.83
C LEU X 219 139.91 0.68 1.34
N GLN X 220 139.87 0.47 0.02
CA GLN X 220 138.82 -0.30 -0.62
C GLN X 220 138.96 -1.78 -0.28
N TYR X 221 140.09 -2.13 0.33
CA TYR X 221 140.34 -3.50 0.74
C TYR X 221 139.78 -3.74 2.15
N LEU X 222 139.98 -2.76 3.02
CA LEU X 222 139.60 -2.86 4.43
C LEU X 222 138.14 -2.47 4.69
N ALA X 223 137.56 -1.71 3.77
CA ALA X 223 136.17 -1.27 3.90
C ALA X 223 135.22 -2.40 4.33
N PRO X 224 135.16 -3.48 3.53
CA PRO X 224 134.22 -4.54 3.90
C PRO X 224 134.47 -5.11 5.30
N PHE X 225 135.72 -5.32 5.68
CA PHE X 225 136.00 -5.88 7.01
C PHE X 225 135.69 -4.88 8.10
N THR X 226 136.10 -3.64 7.89
CA THR X 226 135.77 -2.58 8.82
C THR X 226 134.29 -2.60 9.16
N ALA X 227 133.47 -2.44 8.13
CA ALA X 227 132.03 -2.45 8.30
C ALA X 227 131.54 -3.76 8.90
N ALA X 228 132.24 -4.85 8.59
CA ALA X 228 131.89 -6.16 9.12
C ALA X 228 131.86 -6.13 10.63
N SER X 229 132.96 -5.67 11.22
CA SER X 229 133.04 -5.58 12.67
C SER X 229 131.90 -4.73 13.21
N ILE X 230 131.72 -3.54 12.64
CA ILE X 230 130.71 -2.61 13.11
C ILE X 230 129.36 -3.30 13.35
N GLY X 231 128.99 -4.18 12.42
CA GLY X 231 127.71 -4.87 12.50
C GLY X 231 127.74 -6.02 13.48
N GLU X 232 128.89 -6.67 13.57
CA GLU X 232 129.06 -7.79 14.50
C GLU X 232 128.76 -7.33 15.90
N TRP X 233 129.13 -6.09 16.20
CA TRP X 233 128.83 -5.48 17.49
C TRP X 233 127.39 -5.78 17.86
N PHE X 234 126.48 -5.37 16.98
CA PHE X 234 125.06 -5.62 17.16
C PHE X 234 124.80 -7.12 17.34
N ARG X 235 125.49 -7.92 16.55
CA ARG X 235 125.31 -9.37 16.59
C ARG X 235 125.73 -9.96 17.92
N ASP X 236 126.89 -9.55 18.40
CA ASP X 236 127.44 -10.06 19.65
C ASP X 236 126.56 -9.68 20.83
N ASN X 237 126.15 -8.41 20.88
CA ASN X 237 125.34 -7.89 21.98
C ASN X 237 123.90 -8.40 22.01
N GLY X 238 123.56 -9.29 21.08
CA GLY X 238 122.21 -9.84 21.01
C GLY X 238 121.23 -8.90 20.32
N LYS X 239 121.47 -8.62 19.04
CA LYS X 239 120.56 -7.84 18.23
C LYS X 239 120.51 -8.34 16.78
N HIS X 240 120.17 -7.44 15.86
CA HIS X 240 120.08 -7.80 14.45
C HIS X 240 120.64 -6.70 13.56
N ALA X 241 121.55 -7.06 12.67
CA ALA X 241 122.20 -6.09 11.80
C ALA X 241 122.30 -6.61 10.37
N LEU X 242 121.95 -5.74 9.43
CA LEU X 242 121.97 -6.09 8.02
C LEU X 242 123.08 -5.31 7.32
N ILE X 243 124.01 -6.02 6.70
CA ILE X 243 125.11 -5.37 6.00
C ILE X 243 125.16 -5.77 4.52
N VAL X 244 125.24 -4.75 3.67
CA VAL X 244 125.21 -4.96 2.23
C VAL X 244 126.53 -4.54 1.61
N TYR X 245 127.25 -5.50 1.06
CA TYR X 245 128.51 -5.21 0.41
C TYR X 245 128.29 -4.88 -1.07
N ASP X 246 128.42 -3.60 -1.42
CA ASP X 246 128.13 -3.13 -2.78
C ASP X 246 129.31 -2.31 -3.27
N ASP X 247 130.24 -2.95 -3.97
CA ASP X 247 130.14 -4.37 -4.33
C ASP X 247 131.45 -5.10 -4.14
N LEU X 248 131.37 -6.41 -3.89
CA LEU X 248 132.56 -7.23 -3.71
C LEU X 248 133.44 -7.26 -4.96
N SER X 249 132.83 -7.10 -6.13
CA SER X 249 133.58 -7.09 -7.38
C SER X 249 134.67 -6.03 -7.35
N LYS X 250 134.30 -4.83 -6.94
CA LYS X 250 135.26 -3.73 -6.86
C LYS X 250 136.34 -4.04 -5.83
N GLN X 251 135.95 -4.68 -4.73
CA GLN X 251 136.92 -4.99 -3.69
C GLN X 251 138.05 -5.86 -4.23
N ALA X 252 137.68 -6.94 -4.93
CA ALA X 252 138.65 -7.86 -5.49
C ALA X 252 139.62 -7.13 -6.42
N VAL X 253 139.11 -6.26 -7.26
CA VAL X 253 139.95 -5.47 -8.15
C VAL X 253 140.99 -4.69 -7.36
N ALA X 254 140.54 -4.01 -6.31
CA ALA X 254 141.47 -3.26 -5.46
C ALA X 254 142.56 -4.19 -4.94
N TYR X 255 142.14 -5.28 -4.31
CA TYR X 255 143.06 -6.24 -3.72
C TYR X 255 144.03 -6.83 -4.74
N ARG X 256 143.54 -7.08 -5.94
CA ARG X 256 144.36 -7.58 -7.04
C ARG X 256 145.48 -6.60 -7.32
N GLN X 257 145.14 -5.32 -7.33
CA GLN X 257 146.10 -4.26 -7.57
C GLN X 257 147.27 -4.28 -6.58
N LEU X 258 146.94 -4.36 -5.29
CA LEU X 258 147.97 -4.43 -4.26
C LEU X 258 148.83 -5.67 -4.45
N SER X 259 148.16 -6.80 -4.66
CA SER X 259 148.86 -8.08 -4.78
C SER X 259 149.85 -8.09 -5.94
N LEU X 260 149.42 -7.59 -7.09
CA LEU X 260 150.30 -7.51 -8.26
C LEU X 260 151.48 -6.58 -8.04
N LEU X 261 151.21 -5.36 -7.59
CA LEU X 261 152.27 -4.40 -7.30
C LEU X 261 153.32 -4.95 -6.33
N LEU X 262 152.87 -5.77 -5.38
CA LEU X 262 153.77 -6.40 -4.41
C LEU X 262 154.47 -7.61 -5.00
N ARG X 263 154.23 -7.87 -6.28
CA ARG X 263 154.87 -8.97 -6.99
C ARG X 263 154.51 -10.36 -6.45
N ARG X 264 153.28 -10.53 -5.99
CA ARG X 264 152.81 -11.85 -5.59
C ARG X 264 152.27 -12.61 -6.80
N PRO X 265 152.42 -13.94 -6.77
CA PRO X 265 151.98 -14.84 -7.86
C PRO X 265 150.59 -14.48 -8.38
N PRO X 266 150.46 -14.33 -9.71
CA PRO X 266 149.18 -14.03 -10.36
C PRO X 266 148.44 -15.29 -10.77
N GLY X 267 147.16 -15.38 -10.45
CA GLY X 267 146.35 -16.52 -10.84
C GLY X 267 145.37 -16.19 -11.94
N ARG X 268 144.34 -17.03 -12.08
CA ARG X 268 143.31 -16.81 -13.08
C ARG X 268 142.92 -15.34 -13.11
N GLU X 269 142.95 -14.74 -14.29
CA GLU X 269 142.50 -13.36 -14.43
C GLU X 269 143.31 -12.38 -13.56
N ALA X 270 144.54 -12.75 -13.22
CA ALA X 270 145.40 -11.88 -12.41
C ALA X 270 144.98 -11.75 -10.94
N TYR X 271 144.25 -12.74 -10.42
CA TYR X 271 143.90 -12.78 -9.00
C TYR X 271 144.72 -13.82 -8.23
N PRO X 272 145.44 -13.38 -7.17
CA PRO X 272 146.22 -14.23 -6.27
C PRO X 272 145.39 -15.34 -5.66
N GLY X 273 146.03 -16.43 -5.25
CA GLY X 273 145.30 -17.57 -4.71
C GLY X 273 144.48 -17.31 -3.46
N ASP X 274 144.83 -16.26 -2.72
CA ASP X 274 144.15 -15.96 -1.45
C ASP X 274 142.90 -15.10 -1.63
N VAL X 275 142.51 -14.86 -2.88
CA VAL X 275 141.33 -14.03 -3.18
C VAL X 275 140.04 -14.67 -2.69
N PHE X 276 139.98 -15.99 -2.78
CA PHE X 276 138.83 -16.72 -2.28
C PHE X 276 138.83 -16.73 -0.77
N TYR X 277 140.00 -16.92 -0.17
CA TYR X 277 140.16 -16.86 1.28
C TYR X 277 139.72 -15.50 1.79
N LEU X 278 139.71 -14.50 0.91
CA LEU X 278 139.31 -13.16 1.29
C LEU X 278 137.81 -13.12 1.56
N HIS X 279 137.02 -13.42 0.55
CA HIS X 279 135.56 -13.37 0.68
C HIS X 279 135.01 -14.43 1.61
N SER X 280 135.61 -15.61 1.61
CA SER X 280 135.14 -16.68 2.50
C SER X 280 135.33 -16.29 3.96
N ARG X 281 136.41 -15.56 4.22
CA ARG X 281 136.71 -15.09 5.57
C ARG X 281 135.92 -13.82 5.92
N LEU X 282 135.11 -13.36 4.98
CA LEU X 282 134.27 -12.18 5.20
C LEU X 282 132.81 -12.58 5.40
N LEU X 283 132.28 -13.34 4.45
CA LEU X 283 130.88 -13.77 4.51
C LEU X 283 130.61 -14.69 5.69
N GLU X 284 131.57 -15.56 6.03
CA GLU X 284 131.36 -16.50 7.12
C GLU X 284 131.25 -15.77 8.47
N ARG X 285 131.57 -14.48 8.50
CA ARG X 285 131.48 -13.68 9.71
C ARG X 285 130.03 -13.39 10.13
N ALA X 286 129.15 -13.37 9.13
CA ALA X 286 127.72 -13.16 9.37
C ALA X 286 127.06 -14.50 9.63
N ALA X 287 126.21 -14.57 10.65
CA ALA X 287 125.50 -15.81 10.96
C ALA X 287 124.37 -15.58 11.94
N LYS X 288 123.91 -16.67 12.55
CA LYS X 288 122.87 -16.59 13.57
C LYS X 288 123.37 -17.24 14.87
N LEU X 289 123.76 -16.39 15.81
CA LEU X 289 124.23 -16.85 17.11
C LEU X 289 123.14 -17.62 17.86
N SER X 290 123.53 -18.65 18.61
CA SER X 290 122.57 -19.44 19.39
C SER X 290 122.02 -18.66 20.59
N GLU X 291 121.10 -19.30 21.33
CA GLU X 291 120.46 -18.64 22.47
C GLU X 291 121.48 -18.31 23.56
N LYS X 292 122.47 -19.19 23.72
CA LYS X 292 123.50 -19.04 24.74
C LYS X 292 124.47 -17.91 24.41
N GLU X 293 124.71 -17.72 23.12
CA GLU X 293 125.65 -16.71 22.65
C GLU X 293 125.04 -15.31 22.67
N GLY X 294 123.71 -15.24 22.66
CA GLY X 294 123.00 -13.98 22.66
C GLY X 294 121.89 -13.90 21.61
N SER X 295 121.72 -14.97 20.84
CA SER X 295 120.69 -15.02 19.82
C SER X 295 120.83 -13.90 18.79
N GLY X 296 121.97 -13.21 18.84
CA GLY X 296 122.25 -12.14 17.89
C GLY X 296 122.48 -12.68 16.50
N SER X 297 122.48 -11.79 15.51
CA SER X 297 122.48 -12.21 14.13
C SER X 297 123.00 -11.13 13.20
N LEU X 298 123.69 -11.56 12.14
CA LEU X 298 124.23 -10.65 11.15
C LEU X 298 123.95 -11.16 9.74
N THR X 299 123.12 -10.43 9.02
CA THR X 299 122.77 -10.81 7.66
C THR X 299 123.70 -10.12 6.67
N ALA X 300 124.02 -10.82 5.58
CA ALA X 300 124.89 -10.29 4.54
C ALA X 300 124.24 -10.34 3.16
N LEU X 301 124.23 -9.20 2.48
CA LEU X 301 123.79 -9.11 1.09
C LEU X 301 124.91 -8.55 0.24
N PRO X 302 125.81 -9.44 -0.23
CA PRO X 302 126.93 -9.08 -1.10
C PRO X 302 126.49 -8.85 -2.54
N VAL X 303 127.09 -7.86 -3.20
CA VAL X 303 126.70 -7.53 -4.56
C VAL X 303 127.83 -7.84 -5.54
N ILE X 304 127.50 -8.60 -6.58
CA ILE X 304 128.48 -8.97 -7.60
C ILE X 304 128.03 -8.54 -8.99
N GLU X 305 128.91 -7.91 -9.72
CA GLU X 305 128.60 -7.43 -11.07
C GLU X 305 129.22 -8.30 -12.15
N THR X 306 128.36 -9.01 -12.89
CA THR X 306 128.84 -9.90 -13.94
C THR X 306 129.05 -9.14 -15.24
N GLN X 307 129.78 -9.77 -16.14
CA GLN X 307 130.08 -9.15 -17.43
C GLN X 307 129.37 -9.88 -18.57
N GLY X 308 128.12 -9.50 -18.80
CA GLY X 308 127.32 -10.10 -19.86
C GLY X 308 126.71 -11.43 -19.44
N GLY X 309 126.26 -11.50 -18.19
CA GLY X 309 125.63 -12.70 -17.67
C GLY X 309 126.59 -13.82 -17.31
N ASP X 310 127.89 -13.57 -17.51
CA ASP X 310 128.91 -14.59 -17.26
C ASP X 310 129.09 -14.86 -15.77
N VAL X 311 128.27 -15.78 -15.27
CA VAL X 311 128.36 -16.21 -13.89
C VAL X 311 129.47 -17.24 -13.72
N SER X 312 130.11 -17.58 -14.83
CA SER X 312 131.15 -18.61 -14.83
C SER X 312 132.51 -18.00 -14.56
N ALA X 313 132.57 -16.67 -14.49
CA ALA X 313 133.81 -15.96 -14.25
C ALA X 313 134.45 -16.42 -12.95
N TYR X 314 135.68 -15.99 -12.70
CA TYR X 314 136.37 -16.39 -11.49
C TYR X 314 135.67 -15.82 -10.26
N ILE X 315 135.75 -14.51 -10.09
CA ILE X 315 135.20 -13.88 -8.89
C ILE X 315 133.78 -14.34 -8.56
N PRO X 316 132.84 -14.20 -9.51
CA PRO X 316 131.46 -14.64 -9.26
C PRO X 316 131.38 -16.08 -8.75
N THR X 317 132.11 -16.99 -9.39
CA THR X 317 132.09 -18.40 -8.99
C THR X 317 132.46 -18.58 -7.54
N ASN X 318 133.44 -17.80 -7.09
CA ASN X 318 133.88 -17.82 -5.70
C ASN X 318 132.74 -17.40 -4.78
N VAL X 319 132.17 -16.23 -5.06
CA VAL X 319 131.13 -15.66 -4.22
C VAL X 319 129.89 -16.55 -4.20
N ILE X 320 129.40 -16.91 -5.39
CA ILE X 320 128.23 -17.76 -5.52
C ILE X 320 128.38 -19.07 -4.77
N SER X 321 129.61 -19.56 -4.69
CA SER X 321 129.89 -20.81 -3.99
C SER X 321 129.78 -20.64 -2.47
N ILE X 322 130.08 -19.45 -1.98
CA ILE X 322 130.07 -19.21 -0.54
C ILE X 322 128.69 -18.80 0.01
N THR X 323 128.05 -17.85 -0.65
CA THR X 323 126.72 -17.41 -0.24
C THR X 323 125.74 -18.57 -0.12
N ASP X 324 124.50 -18.25 0.20
CA ASP X 324 123.46 -19.24 0.41
C ASP X 324 122.23 -18.94 -0.47
N GLY X 325 122.49 -18.44 -1.67
CA GLY X 325 121.42 -18.10 -2.58
C GLY X 325 121.72 -16.83 -3.36
N GLN X 326 121.06 -16.68 -4.51
CA GLN X 326 121.31 -15.54 -5.39
C GLN X 326 119.99 -14.86 -5.79
N ILE X 327 120.06 -13.56 -6.06
CA ILE X 327 118.92 -12.81 -6.58
C ILE X 327 119.26 -12.29 -7.98
N PHE X 328 119.62 -13.23 -8.85
CA PHE X 328 120.03 -12.93 -10.22
C PHE X 328 119.12 -11.91 -10.89
N LEU X 329 119.70 -10.89 -11.51
CA LEU X 329 118.92 -9.87 -12.20
C LEU X 329 119.39 -9.73 -13.64
N GLU X 330 118.44 -9.59 -14.56
CA GLU X 330 118.77 -9.48 -15.98
C GLU X 330 118.27 -8.17 -16.55
N ALA X 331 119.10 -7.51 -17.33
CA ALA X 331 118.69 -6.26 -17.98
C ALA X 331 117.48 -6.48 -18.87
N GLU X 332 117.47 -7.59 -19.61
CA GLU X 332 116.36 -7.89 -20.52
C GLU X 332 115.02 -7.82 -19.80
N LEU X 333 114.90 -8.55 -18.71
CA LEU X 333 113.66 -8.58 -17.94
C LEU X 333 113.30 -7.16 -17.52
N PHE X 334 114.33 -6.33 -17.35
CA PHE X 334 114.11 -4.95 -16.97
C PHE X 334 113.41 -4.16 -18.07
N TYR X 335 113.83 -4.39 -19.31
CA TYR X 335 113.31 -3.64 -20.44
C TYR X 335 111.83 -3.91 -20.67
N LYS X 336 111.43 -5.17 -20.50
CA LYS X 336 110.05 -5.59 -20.70
C LYS X 336 109.10 -4.81 -19.81
N GLY X 337 109.60 -4.43 -18.63
CA GLY X 337 108.81 -3.71 -17.66
C GLY X 337 108.90 -4.34 -16.29
N ILE X 338 109.13 -5.65 -16.27
CA ILE X 338 109.24 -6.40 -15.03
C ILE X 338 110.32 -5.78 -14.12
N ARG X 339 109.88 -4.90 -13.21
CA ARG X 339 110.81 -4.25 -12.30
C ARG X 339 110.34 -4.44 -10.85
N PRO X 340 111.23 -4.95 -9.99
CA PRO X 340 112.62 -5.32 -10.25
C PRO X 340 112.71 -6.59 -11.07
N ALA X 341 113.66 -6.63 -12.00
CA ALA X 341 113.81 -7.78 -12.88
C ALA X 341 114.49 -8.97 -12.19
N ILE X 342 113.76 -9.62 -11.30
CA ILE X 342 114.32 -10.77 -10.57
C ILE X 342 113.98 -12.09 -11.24
N ASN X 343 114.94 -12.64 -11.96
CA ASN X 343 114.74 -13.91 -12.66
C ASN X 343 114.35 -15.04 -11.71
N VAL X 344 113.04 -15.28 -11.58
CA VAL X 344 112.55 -16.31 -10.70
C VAL X 344 113.22 -17.66 -10.98
N GLY X 345 113.50 -17.92 -12.25
CA GLY X 345 114.10 -19.18 -12.66
C GLY X 345 115.43 -19.45 -12.00
N LEU X 346 116.27 -18.42 -11.93
CA LEU X 346 117.60 -18.59 -11.35
C LEU X 346 117.63 -18.25 -9.86
N SER X 347 117.04 -17.12 -9.51
CA SER X 347 117.00 -16.71 -8.11
C SER X 347 116.58 -17.88 -7.24
N VAL X 348 117.39 -18.18 -6.23
CA VAL X 348 117.08 -19.28 -5.32
C VAL X 348 117.51 -18.93 -3.89
N SER X 349 117.01 -19.69 -2.92
CA SER X 349 117.34 -19.49 -1.51
C SER X 349 117.38 -20.84 -0.78
N ARG X 350 118.54 -21.20 -0.24
CA ARG X 350 118.71 -22.52 0.36
C ARG X 350 117.93 -22.67 1.66
N VAL X 351 117.74 -21.56 2.35
CA VAL X 351 117.00 -21.53 3.61
C VAL X 351 115.49 -21.59 3.36
N GLY X 352 115.04 -20.82 2.37
CA GLY X 352 113.65 -20.82 1.97
C GLY X 352 112.66 -20.53 3.08
N SER X 353 111.60 -21.32 3.11
CA SER X 353 110.48 -21.10 4.04
C SER X 353 110.96 -20.99 5.48
N ALA X 354 112.11 -21.58 5.79
CA ALA X 354 112.64 -21.53 7.14
C ALA X 354 112.62 -20.10 7.70
N ALA X 355 112.70 -19.13 6.81
CA ALA X 355 112.81 -17.73 7.22
C ALA X 355 111.76 -16.84 6.56
N GLN X 356 110.57 -17.39 6.34
CA GLN X 356 109.50 -16.67 5.67
C GLN X 356 108.23 -16.73 6.53
N VAL X 357 107.49 -15.64 6.56
CA VAL X 357 106.27 -15.57 7.36
C VAL X 357 105.23 -16.59 6.90
N LYS X 358 104.71 -17.37 7.83
CA LYS X 358 103.72 -18.39 7.49
C LYS X 358 102.48 -17.78 6.85
N ALA X 359 102.21 -16.51 7.16
CA ALA X 359 101.08 -15.80 6.58
C ALA X 359 101.22 -15.72 5.06
N LEU X 360 102.46 -15.64 4.60
CA LEU X 360 102.76 -15.53 3.17
C LEU X 360 103.13 -16.90 2.59
N LYS X 361 103.67 -17.77 3.43
CA LYS X 361 104.06 -19.12 3.01
C LYS X 361 102.86 -19.93 2.55
N GLN X 362 101.71 -19.67 3.17
CA GLN X 362 100.48 -20.39 2.85
C GLN X 362 99.93 -20.01 1.48
N VAL X 363 100.43 -18.92 0.90
CA VAL X 363 99.95 -18.48 -0.40
C VAL X 363 101.07 -18.41 -1.41
N ALA X 364 102.28 -18.72 -0.96
CA ALA X 364 103.47 -18.65 -1.80
C ALA X 364 103.92 -20.04 -2.25
N GLY X 365 103.52 -21.06 -1.50
CA GLY X 365 103.91 -22.42 -1.83
C GLY X 365 103.46 -22.80 -3.23
N SER X 366 102.34 -22.23 -3.65
CA SER X 366 101.77 -22.53 -4.95
C SER X 366 102.25 -21.57 -6.03
N LEU X 367 102.61 -20.36 -5.62
CA LEU X 367 103.01 -19.31 -6.56
C LEU X 367 104.28 -19.65 -7.32
N LYS X 368 105.12 -20.48 -6.72
CA LYS X 368 106.34 -20.93 -7.37
C LYS X 368 106.01 -21.97 -8.43
N LEU X 369 104.89 -22.67 -8.23
CA LEU X 369 104.43 -23.69 -9.17
C LEU X 369 103.96 -23.07 -10.48
N PHE X 370 102.90 -22.27 -10.42
CA PHE X 370 102.34 -21.64 -11.61
C PHE X 370 103.43 -20.97 -12.44
N LEU X 371 104.26 -20.15 -11.78
CA LEU X 371 105.32 -19.43 -12.49
C LEU X 371 106.25 -20.41 -13.17
N ALA X 372 106.49 -21.55 -12.52
CA ALA X 372 107.37 -22.59 -13.06
C ALA X 372 106.86 -23.15 -14.38
N GLN X 373 105.56 -23.46 -14.42
CA GLN X 373 104.94 -23.99 -15.62
C GLN X 373 104.76 -22.90 -16.67
N TYR X 374 104.76 -21.65 -16.24
CA TYR X 374 104.57 -20.51 -17.14
C TYR X 374 105.79 -20.30 -18.02
N ARG X 375 106.97 -20.47 -17.43
CA ARG X 375 108.22 -20.29 -18.17
C ARG X 375 108.37 -21.39 -19.22
N GLU X 376 107.72 -22.53 -19.01
CA GLU X 376 107.80 -23.64 -19.94
C GLU X 376 106.87 -23.46 -21.14
N VAL X 377 105.72 -22.84 -20.89
CA VAL X 377 104.70 -22.65 -21.91
C VAL X 377 104.67 -21.19 -22.35
N ALA X 378 105.83 -20.53 -22.30
CA ALA X 378 105.90 -19.12 -22.62
C ALA X 378 106.04 -18.90 -24.12
N ALA X 379 106.53 -19.92 -24.82
CA ALA X 379 106.67 -19.83 -26.26
C ALA X 379 105.31 -19.90 -26.95
N PHE X 380 104.36 -20.60 -26.33
CA PHE X 380 103.04 -20.78 -26.91
C PHE X 380 102.29 -19.45 -27.01
N ALA X 381 102.54 -18.56 -26.06
CA ALA X 381 101.91 -17.25 -26.03
C ALA X 381 102.13 -16.45 -27.33
N GLN X 382 103.13 -16.85 -28.11
CA GLN X 382 103.50 -16.13 -29.33
C GLN X 382 102.71 -16.61 -30.54
N PHE X 383 102.05 -17.77 -30.37
CA PHE X 383 101.29 -18.41 -31.45
C PHE X 383 99.80 -18.02 -31.41
N GLY X 384 99.07 -18.37 -32.46
CA GLY X 384 97.65 -18.08 -32.56
C GLY X 384 96.81 -18.69 -31.46
N SER X 385 95.51 -18.45 -31.50
CA SER X 385 94.60 -18.95 -30.47
C SER X 385 94.43 -20.46 -30.54
N ASP X 386 95.13 -21.09 -31.48
CA ASP X 386 95.04 -22.54 -31.71
C ASP X 386 95.49 -23.35 -30.52
N LEU X 387 95.96 -22.65 -29.48
CA LEU X 387 96.36 -23.30 -28.24
C LEU X 387 95.14 -23.89 -27.53
N ASP X 388 95.29 -25.11 -27.03
CA ASP X 388 94.23 -25.75 -26.25
C ASP X 388 93.91 -24.91 -25.01
N ALA X 389 92.82 -25.24 -24.33
CA ALA X 389 92.40 -24.47 -23.16
C ALA X 389 93.28 -24.73 -21.94
N SER X 390 93.76 -25.96 -21.80
CA SER X 390 94.64 -26.32 -20.68
C SER X 390 95.85 -25.41 -20.56
N THR X 391 96.68 -25.39 -21.58
CA THR X 391 97.85 -24.52 -21.58
C THR X 391 97.45 -23.05 -21.52
N LYS X 392 96.39 -22.68 -22.24
CA LYS X 392 95.95 -21.28 -22.26
C LYS X 392 95.73 -20.74 -20.84
N GLN X 393 95.21 -21.60 -19.96
CA GLN X 393 94.93 -21.18 -18.58
C GLN X 393 96.19 -20.72 -17.89
N THR X 394 97.28 -21.44 -18.13
CA THR X 394 98.55 -21.09 -17.56
C THR X 394 98.94 -19.66 -17.99
N LEU X 395 98.79 -19.38 -19.28
CA LEU X 395 99.15 -18.06 -19.79
C LEU X 395 98.34 -16.96 -19.13
N VAL X 396 97.07 -17.24 -18.87
CA VAL X 396 96.22 -16.26 -18.24
C VAL X 396 96.78 -15.87 -16.86
N ARG X 397 97.19 -16.87 -16.09
CA ARG X 397 97.76 -16.64 -14.75
C ARG X 397 99.11 -15.94 -14.82
N GLY X 398 100.07 -16.58 -15.49
CA GLY X 398 101.41 -16.05 -15.63
C GLY X 398 101.49 -14.58 -15.99
N GLU X 399 100.77 -14.19 -17.03
CA GLU X 399 100.73 -12.79 -17.45
C GLU X 399 100.36 -11.90 -16.25
N ARG X 400 99.36 -12.34 -15.48
CA ARG X 400 98.87 -11.55 -14.36
C ARG X 400 99.73 -11.69 -13.11
N LEU X 401 100.17 -12.91 -12.81
CA LEU X 401 101.05 -13.13 -11.68
C LEU X 401 102.37 -12.39 -11.86
N THR X 402 102.84 -12.32 -13.10
CA THR X 402 104.09 -11.62 -13.39
C THR X 402 103.85 -10.13 -13.31
N GLN X 403 102.65 -9.70 -13.66
CA GLN X 403 102.31 -8.29 -13.63
C GLN X 403 102.19 -7.77 -12.18
N LEU X 404 101.85 -8.65 -11.25
CA LEU X 404 101.70 -8.28 -9.85
C LEU X 404 103.04 -8.04 -9.16
N LEU X 405 104.02 -8.87 -9.49
CA LEU X 405 105.36 -8.75 -8.93
C LEU X 405 106.01 -7.40 -9.27
N LYS X 406 105.58 -6.79 -10.37
CA LYS X 406 106.10 -5.49 -10.76
C LYS X 406 105.81 -4.49 -9.65
N GLN X 407 106.86 -4.02 -9.00
CA GLN X 407 106.69 -3.10 -7.88
C GLN X 407 107.57 -1.87 -8.09
N ASN X 408 106.97 -0.69 -7.96
CA ASN X 408 107.71 0.54 -8.14
C ASN X 408 108.78 0.69 -7.09
N GLN X 409 109.81 1.47 -7.41
CA GLN X 409 110.93 1.64 -6.51
C GLN X 409 110.57 2.56 -5.34
N TYR X 410 111.21 2.33 -4.21
CA TYR X 410 111.00 3.16 -3.04
C TYR X 410 109.60 2.99 -2.52
N SER X 411 109.02 1.81 -2.74
CA SER X 411 107.64 1.59 -2.34
C SER X 411 107.42 0.19 -1.76
N PRO X 412 108.11 -0.12 -0.66
CA PRO X 412 107.99 -1.41 0.04
C PRO X 412 106.63 -1.60 0.68
N LEU X 413 106.14 -2.84 0.71
CA LEU X 413 104.85 -3.14 1.30
C LEU X 413 105.01 -4.15 2.42
N ALA X 414 104.25 -3.97 3.50
CA ALA X 414 104.31 -4.90 4.62
C ALA X 414 103.63 -6.22 4.27
N THR X 415 103.89 -7.26 5.06
CA THR X 415 103.31 -8.58 4.81
C THR X 415 101.80 -8.52 4.81
N GLU X 416 101.24 -7.68 5.68
CA GLU X 416 99.80 -7.51 5.80
C GLU X 416 99.19 -7.05 4.47
N GLU X 417 100.01 -6.46 3.62
CA GLU X 417 99.55 -5.94 2.32
C GLU X 417 99.94 -6.85 1.16
N GLN X 418 100.86 -7.77 1.43
CA GLN X 418 101.33 -8.71 0.41
C GLN X 418 100.37 -9.89 0.29
N VAL X 419 100.03 -10.49 1.43
CA VAL X 419 99.16 -11.65 1.47
C VAL X 419 97.87 -11.46 0.66
N PRO X 420 97.14 -10.36 0.92
CA PRO X 420 95.90 -10.09 0.17
C PRO X 420 96.11 -10.07 -1.35
N LEU X 421 97.26 -9.59 -1.82
CA LEU X 421 97.53 -9.50 -3.25
C LEU X 421 97.91 -10.86 -3.84
N ILE X 422 98.68 -11.63 -3.08
CA ILE X 422 99.07 -12.96 -3.50
C ILE X 422 97.88 -13.92 -3.50
N TYR X 423 97.06 -13.84 -2.46
CA TYR X 423 95.90 -14.71 -2.32
C TYR X 423 94.90 -14.54 -3.47
N ALA X 424 94.69 -13.29 -3.87
CA ALA X 424 93.78 -12.99 -4.98
C ALA X 424 94.38 -13.44 -6.31
N GLY X 425 95.70 -13.41 -6.40
CA GLY X 425 96.40 -13.83 -7.60
C GLY X 425 96.42 -15.34 -7.79
N VAL X 426 96.82 -16.06 -6.74
CA VAL X 426 96.91 -17.52 -6.83
C VAL X 426 95.58 -18.18 -7.20
N ASN X 427 94.52 -17.89 -6.43
CA ASN X 427 93.20 -18.46 -6.70
C ASN X 427 92.69 -18.13 -8.11
N GLY X 428 92.97 -16.92 -8.56
CA GLY X 428 92.64 -16.52 -9.92
C GLY X 428 91.47 -15.57 -10.01
N HIS X 429 91.42 -14.61 -9.10
CA HIS X 429 90.33 -13.63 -9.08
C HIS X 429 90.67 -12.44 -9.96
N LEU X 430 91.79 -12.50 -10.64
CA LEU X 430 92.24 -11.41 -11.49
C LEU X 430 92.16 -11.81 -12.95
N ASP X 431 92.03 -13.11 -13.18
CA ASP X 431 91.94 -13.66 -14.52
C ASP X 431 90.85 -12.98 -15.36
N GLY X 432 89.78 -12.54 -14.69
CA GLY X 432 88.68 -11.88 -15.38
C GLY X 432 88.99 -10.42 -15.64
N ILE X 433 89.92 -9.88 -14.87
CA ILE X 433 90.32 -8.49 -15.00
C ILE X 433 91.33 -8.34 -16.13
N GLU X 434 91.27 -7.21 -16.83
CA GLU X 434 92.20 -6.92 -17.92
C GLU X 434 93.65 -6.86 -17.44
N LEU X 435 94.57 -7.30 -18.28
CA LEU X 435 95.99 -7.30 -17.94
C LEU X 435 96.59 -5.89 -17.98
N SER X 436 95.76 -4.90 -18.29
CA SER X 436 96.21 -3.51 -18.34
C SER X 436 95.86 -2.77 -17.05
N ARG X 437 94.87 -3.27 -16.33
CA ARG X 437 94.40 -2.61 -15.12
C ARG X 437 94.95 -3.26 -13.85
N ILE X 438 95.90 -4.18 -14.00
CA ILE X 438 96.43 -4.91 -12.86
C ILE X 438 97.13 -3.97 -11.87
N GLY X 439 97.70 -2.88 -12.41
CA GLY X 439 98.43 -1.94 -11.60
C GLY X 439 97.52 -1.19 -10.64
N GLU X 440 96.51 -0.54 -11.19
CA GLU X 440 95.55 0.21 -10.38
C GLU X 440 94.76 -0.73 -9.47
N PHE X 441 94.78 -2.02 -9.78
CA PHE X 441 94.06 -3.01 -8.99
C PHE X 441 94.61 -3.08 -7.57
N GLU X 442 95.93 -3.07 -7.47
CA GLU X 442 96.61 -3.11 -6.19
C GLU X 442 96.24 -1.88 -5.35
N SER X 443 96.25 -0.71 -5.97
CA SER X 443 95.94 0.54 -5.27
C SER X 443 94.55 0.50 -4.65
N SER X 444 93.55 0.40 -5.51
CA SER X 444 92.15 0.44 -5.07
C SER X 444 91.77 -0.72 -4.15
N PHE X 445 92.46 -1.84 -4.28
CA PHE X 445 92.19 -3.00 -3.44
C PHE X 445 92.69 -2.80 -2.02
N LEU X 446 93.92 -2.33 -1.87
CA LEU X 446 94.50 -2.09 -0.55
C LEU X 446 93.68 -1.04 0.20
N SER X 447 93.39 0.07 -0.45
CA SER X 447 92.59 1.13 0.16
C SER X 447 91.23 0.61 0.62
N TYR X 448 90.68 -0.34 -0.12
CA TYR X 448 89.40 -0.96 0.26
C TYR X 448 89.52 -1.65 1.60
N LEU X 449 90.47 -2.58 1.72
CA LEU X 449 90.63 -3.34 2.94
C LEU X 449 90.85 -2.44 4.15
N LYS X 450 91.66 -1.39 3.97
CA LYS X 450 92.02 -0.51 5.06
C LYS X 450 90.88 0.38 5.52
N SER X 451 89.67 0.10 5.03
CA SER X 451 88.51 0.92 5.37
C SER X 451 87.28 0.08 5.68
N ASN X 452 87.29 -1.17 5.22
CA ASN X 452 86.16 -2.08 5.41
C ASN X 452 86.57 -3.39 6.07
N HIS X 453 87.81 -3.81 5.86
CA HIS X 453 88.29 -5.07 6.40
C HIS X 453 89.61 -4.87 7.15
N ASN X 454 89.76 -3.70 7.77
CA ASN X 454 90.96 -3.35 8.49
C ASN X 454 91.26 -4.35 9.60
N GLU X 455 90.20 -4.95 10.15
CA GLU X 455 90.34 -5.91 11.24
C GLU X 455 91.05 -7.18 10.78
N LEU X 456 90.89 -7.52 9.49
CA LEU X 456 91.52 -8.71 8.94
C LEU X 456 93.02 -8.48 8.77
N LEU X 457 93.38 -7.34 8.21
CA LEU X 457 94.78 -7.02 7.97
C LEU X 457 95.58 -7.03 9.26
N THR X 458 95.02 -6.43 10.30
CA THR X 458 95.70 -6.27 11.59
C THR X 458 95.87 -7.60 12.31
N GLU X 459 94.99 -8.55 12.02
CA GLU X 459 95.07 -9.87 12.62
C GLU X 459 96.18 -10.69 11.98
N ILE X 460 96.46 -10.40 10.70
CA ILE X 460 97.52 -11.09 9.96
C ILE X 460 98.88 -10.53 10.36
N ARG X 461 98.91 -9.23 10.66
CA ARG X 461 100.14 -8.57 11.06
C ARG X 461 100.61 -9.05 12.45
N GLU X 462 99.65 -9.33 13.33
CA GLU X 462 99.97 -9.73 14.71
C GLU X 462 100.17 -11.22 14.84
N LYS X 463 99.25 -12.00 14.30
CA LYS X 463 99.32 -13.45 14.38
C LYS X 463 100.41 -13.98 13.45
N GLY X 464 100.49 -13.42 12.25
CA GLY X 464 101.45 -13.85 11.26
C GLY X 464 101.02 -15.12 10.55
N GLU X 465 99.79 -15.57 10.82
CA GLU X 465 99.28 -16.79 10.21
C GLU X 465 97.86 -16.59 9.68
N LEU X 466 97.39 -17.56 8.89
CA LEU X 466 96.03 -17.49 8.34
C LEU X 466 95.19 -18.71 8.72
N SER X 467 94.30 -18.53 9.70
CA SER X 467 93.40 -19.58 10.15
C SER X 467 92.26 -19.81 9.17
N LYS X 468 91.62 -20.97 9.25
CA LYS X 468 90.53 -21.34 8.34
C LYS X 468 89.46 -20.25 8.29
N GLU X 469 89.33 -19.52 9.40
CA GLU X 469 88.37 -18.43 9.49
C GLU X 469 88.81 -17.25 8.63
N LEU X 470 90.08 -16.88 8.73
CA LEU X 470 90.63 -15.80 7.92
C LEU X 470 90.63 -16.14 6.43
N LEU X 471 91.04 -17.36 6.10
CA LEU X 471 91.08 -17.82 4.71
C LEU X 471 89.72 -17.65 4.05
N ALA X 472 88.66 -17.83 4.83
CA ALA X 472 87.31 -17.69 4.33
C ALA X 472 86.89 -16.22 4.31
N SER X 473 87.31 -15.47 5.33
CA SER X 473 86.98 -14.06 5.45
C SER X 473 87.71 -13.24 4.40
N LEU X 474 88.96 -13.61 4.13
CA LEU X 474 89.75 -12.95 3.10
C LEU X 474 89.17 -13.23 1.72
N LYS X 475 88.78 -14.47 1.48
CA LYS X 475 88.20 -14.86 0.19
C LYS X 475 86.89 -14.09 -0.08
N SER X 476 86.06 -13.98 0.94
CA SER X 476 84.77 -13.30 0.80
C SER X 476 84.94 -11.81 0.50
N ALA X 477 85.95 -11.22 1.12
CA ALA X 477 86.21 -9.79 0.95
C ALA X 477 86.78 -9.51 -0.44
N THR X 478 87.53 -10.48 -0.96
CA THR X 478 88.13 -10.36 -2.27
C THR X 478 87.06 -10.45 -3.35
N GLU X 479 86.30 -11.55 -3.31
CA GLU X 479 85.26 -11.81 -4.30
C GLU X 479 84.26 -10.66 -4.33
N SER X 480 84.12 -9.97 -3.21
CA SER X 480 83.22 -8.83 -3.10
C SER X 480 83.76 -7.63 -3.87
N PHE X 481 85.05 -7.37 -3.72
CA PHE X 481 85.68 -6.25 -4.42
C PHE X 481 85.81 -6.52 -5.92
N VAL X 482 86.17 -7.75 -6.28
CA VAL X 482 86.28 -8.15 -7.67
C VAL X 482 84.93 -8.05 -8.37
N ALA X 483 83.88 -8.34 -7.61
CA ALA X 483 82.52 -8.25 -8.13
C ALA X 483 82.14 -6.80 -8.42
N THR X 484 82.32 -5.94 -7.43
CA THR X 484 81.98 -4.52 -7.56
C THR X 484 82.89 -3.80 -8.55
N PHE X 485 83.97 -4.46 -8.93
CA PHE X 485 84.92 -3.90 -9.88
C PHE X 485 84.45 -4.13 -11.32
N ALA Y 1 184.44 -36.01 1.63
CA ALA Y 1 184.06 -34.82 0.89
C ALA Y 1 184.73 -34.77 -0.49
N ASN Y 2 184.47 -35.79 -1.30
CA ASN Y 2 184.97 -35.84 -2.67
C ASN Y 2 184.01 -35.19 -3.67
N LEU Y 3 184.28 -33.93 -4.01
CA LEU Y 3 183.43 -33.17 -4.94
C LEU Y 3 183.64 -33.62 -6.38
N ASN Y 4 183.65 -34.92 -6.59
CA ASN Y 4 183.89 -35.50 -7.90
C ASN Y 4 182.96 -36.67 -8.17
N GLU Y 5 182.41 -37.25 -7.11
CA GLU Y 5 181.51 -38.38 -7.25
C GLU Y 5 180.37 -38.26 -6.25
N THR Y 6 180.48 -37.26 -5.38
CA THR Y 6 179.47 -37.01 -4.37
C THR Y 6 179.38 -35.52 -4.03
N GLY Y 7 178.18 -35.08 -3.67
CA GLY Y 7 177.96 -33.69 -3.33
C GLY Y 7 176.90 -33.53 -2.25
N ARG Y 8 176.62 -32.27 -1.90
CA ARG Y 8 175.66 -31.95 -0.86
C ARG Y 8 174.42 -31.27 -1.44
N VAL Y 9 173.26 -31.54 -0.85
CA VAL Y 9 172.02 -30.92 -1.29
C VAL Y 9 171.93 -29.45 -0.86
N LEU Y 10 171.79 -28.56 -1.83
CA LEU Y 10 171.68 -27.12 -1.56
C LEU Y 10 170.23 -26.72 -1.26
N ALA Y 11 169.29 -27.26 -2.02
CA ALA Y 11 167.89 -26.94 -1.84
C ALA Y 11 167.00 -28.02 -2.45
N VAL Y 12 165.76 -28.09 -1.99
CA VAL Y 12 164.82 -29.08 -2.51
C VAL Y 12 163.39 -28.55 -2.50
N GLY Y 13 162.62 -28.92 -3.51
CA GLY Y 13 161.23 -28.51 -3.62
C GLY Y 13 160.68 -28.67 -5.01
N ASP Y 14 159.36 -28.73 -5.13
CA ASP Y 14 158.71 -28.84 -6.43
C ASP Y 14 159.14 -30.09 -7.19
N GLY Y 15 159.77 -31.04 -6.49
CA GLY Y 15 160.21 -32.27 -7.10
C GLY Y 15 161.55 -32.16 -7.81
N ILE Y 16 162.23 -31.04 -7.60
CA ILE Y 16 163.57 -30.84 -8.14
C ILE Y 16 164.56 -30.66 -6.99
N ALA Y 17 165.82 -31.00 -7.25
CA ALA Y 17 166.86 -30.82 -6.24
C ALA Y 17 168.15 -30.28 -6.84
N ARG Y 18 168.70 -29.24 -6.21
CA ARG Y 18 169.94 -28.64 -6.65
C ARG Y 18 171.11 -29.06 -5.75
N VAL Y 19 171.86 -30.05 -6.22
CA VAL Y 19 173.02 -30.56 -5.49
C VAL Y 19 174.30 -29.84 -5.91
N PHE Y 20 175.21 -29.68 -4.96
CA PHE Y 20 176.51 -29.04 -5.20
C PHE Y 20 177.63 -30.08 -5.24
N GLY Y 21 178.27 -30.23 -6.39
CA GLY Y 21 179.35 -31.19 -6.54
C GLY Y 21 179.21 -32.01 -7.81
N LEU Y 22 179.54 -33.30 -7.73
CA LEU Y 22 179.40 -34.20 -8.86
C LEU Y 22 179.98 -33.61 -10.14
N ASN Y 23 181.29 -33.40 -10.15
CA ASN Y 23 181.96 -32.82 -11.30
C ASN Y 23 182.25 -33.83 -12.42
N ASN Y 24 182.16 -35.11 -12.08
CA ASN Y 24 182.40 -36.18 -13.04
C ASN Y 24 181.12 -36.95 -13.38
N ILE Y 25 179.98 -36.28 -13.27
CA ILE Y 25 178.70 -36.92 -13.57
C ILE Y 25 178.30 -36.73 -15.04
N GLN Y 26 177.64 -37.75 -15.59
CA GLN Y 26 177.18 -37.67 -16.97
C GLN Y 26 175.79 -37.05 -17.05
N ALA Y 27 175.45 -36.50 -18.20
CA ALA Y 27 174.12 -35.97 -18.42
C ALA Y 27 173.11 -37.10 -18.29
N GLU Y 28 172.00 -36.83 -17.60
CA GLU Y 28 170.95 -37.83 -17.41
C GLU Y 28 171.50 -39.13 -16.78
N GLU Y 29 172.33 -38.99 -15.75
CA GLU Y 29 172.87 -40.16 -15.06
C GLU Y 29 172.12 -40.44 -13.75
N LEU Y 30 171.80 -41.71 -13.53
CA LEU Y 30 171.12 -42.14 -12.31
C LEU Y 30 171.93 -41.76 -11.08
N VAL Y 31 171.26 -41.40 -9.99
CA VAL Y 31 171.93 -41.10 -8.71
C VAL Y 31 171.12 -41.59 -7.51
N GLU Y 32 171.73 -41.55 -6.34
CA GLU Y 32 171.07 -41.99 -5.12
C GLU Y 32 171.39 -41.06 -3.94
N PHE Y 33 170.41 -40.84 -3.07
CA PHE Y 33 170.61 -39.98 -1.91
C PHE Y 33 170.76 -40.80 -0.63
N SER Y 34 171.12 -40.11 0.45
CA SER Y 34 171.30 -40.76 1.75
C SER Y 34 170.07 -41.56 2.14
N SER Y 35 168.89 -41.08 1.74
CA SER Y 35 167.63 -41.76 2.05
C SER Y 35 167.44 -43.01 1.20
N GLY Y 36 168.13 -43.06 0.07
CA GLY Y 36 168.06 -44.20 -0.82
C GLY Y 36 167.21 -43.95 -2.05
N VAL Y 37 166.77 -42.69 -2.21
CA VAL Y 37 165.93 -42.31 -3.34
C VAL Y 37 166.77 -42.09 -4.60
N LYS Y 38 166.28 -42.62 -5.71
CA LYS Y 38 167.01 -42.50 -6.97
C LYS Y 38 166.60 -41.21 -7.70
N GLY Y 39 167.59 -40.51 -8.23
CA GLY Y 39 167.35 -39.30 -9.00
C GLY Y 39 167.95 -39.38 -10.39
N MET Y 40 168.03 -38.24 -11.08
CA MET Y 40 168.62 -38.19 -12.42
C MET Y 40 169.06 -36.77 -12.77
N ALA Y 41 170.33 -36.62 -13.13
CA ALA Y 41 170.87 -35.31 -13.48
C ALA Y 41 170.34 -34.83 -14.81
N LEU Y 42 169.16 -34.24 -14.80
CA LEU Y 42 168.52 -33.80 -16.05
C LEU Y 42 169.23 -32.60 -16.67
N ASN Y 43 169.94 -31.83 -15.85
CA ASN Y 43 170.69 -30.69 -16.36
C ASN Y 43 171.94 -30.42 -15.55
N LEU Y 44 172.97 -29.88 -16.22
CA LEU Y 44 174.24 -29.58 -15.56
C LEU Y 44 174.61 -28.11 -15.73
N GLU Y 45 174.85 -27.44 -14.61
CA GLU Y 45 175.20 -26.03 -14.60
C GLU Y 45 176.55 -25.87 -13.91
N PRO Y 46 177.25 -24.76 -14.14
CA PRO Y 46 178.52 -24.52 -13.44
C PRO Y 46 178.26 -24.15 -11.99
N GLY Y 47 178.61 -25.01 -11.05
CA GLY Y 47 178.45 -24.71 -9.65
C GLY Y 47 177.26 -25.38 -9.00
N GLN Y 48 176.46 -26.09 -9.79
CA GLN Y 48 175.30 -26.80 -9.27
C GLN Y 48 174.72 -27.74 -10.32
N VAL Y 49 173.85 -28.66 -9.90
CA VAL Y 49 173.25 -29.61 -10.84
C VAL Y 49 171.79 -29.91 -10.52
N GLY Y 50 170.98 -30.03 -11.57
CA GLY Y 50 169.57 -30.29 -11.39
C GLY Y 50 169.25 -31.77 -11.38
N ILE Y 51 168.57 -32.24 -10.34
CA ILE Y 51 168.20 -33.63 -10.24
C ILE Y 51 166.70 -33.80 -10.04
N VAL Y 52 166.08 -34.67 -10.84
CA VAL Y 52 164.66 -34.97 -10.67
C VAL Y 52 164.48 -36.04 -9.59
N LEU Y 53 163.39 -35.95 -8.85
CA LEU Y 53 163.13 -36.90 -7.78
C LEU Y 53 162.15 -37.98 -8.22
N PHE Y 54 162.54 -39.24 -8.08
CA PHE Y 54 161.67 -40.35 -8.45
C PHE Y 54 160.81 -40.78 -7.26
N GLY Y 55 161.01 -40.13 -6.11
CA GLY Y 55 160.22 -40.42 -4.93
C GLY Y 55 159.70 -39.13 -4.32
N SER Y 56 159.02 -39.25 -3.18
CA SER Y 56 158.51 -38.07 -2.50
C SER Y 56 159.64 -37.21 -1.94
N ASP Y 57 159.50 -35.90 -2.10
CA ASP Y 57 160.51 -34.94 -1.64
C ASP Y 57 160.63 -34.92 -0.12
N ARG Y 58 159.66 -35.53 0.56
CA ARG Y 58 159.70 -35.65 2.01
C ARG Y 58 161.00 -36.33 2.45
N LEU Y 59 161.39 -37.37 1.72
CA LEU Y 59 162.58 -38.16 2.05
C LEU Y 59 163.87 -37.42 1.72
N VAL Y 60 163.77 -36.39 0.89
CA VAL Y 60 164.93 -35.58 0.56
C VAL Y 60 165.01 -34.37 1.48
N LYS Y 61 166.05 -34.35 2.31
CA LYS Y 61 166.27 -33.25 3.24
C LYS Y 61 167.43 -32.40 2.73
N GLU Y 62 167.46 -31.13 3.13
CA GLU Y 62 168.52 -30.22 2.70
C GLU Y 62 169.79 -30.42 3.54
N GLY Y 63 170.89 -30.75 2.88
CA GLY Y 63 172.16 -30.92 3.55
C GLY Y 63 172.57 -32.38 3.72
N GLU Y 64 171.89 -33.26 3.00
CA GLU Y 64 172.17 -34.69 3.08
C GLU Y 64 173.36 -35.07 2.20
N LEU Y 65 173.62 -36.37 2.11
CA LEU Y 65 174.70 -36.88 1.28
C LEU Y 65 174.13 -37.40 -0.05
N VAL Y 66 174.86 -37.17 -1.13
CA VAL Y 66 174.43 -37.61 -2.47
C VAL Y 66 175.52 -38.37 -3.24
N LYS Y 67 175.31 -39.68 -3.41
CA LYS Y 67 176.25 -40.52 -4.15
C LYS Y 67 175.75 -40.75 -5.59
N ARG Y 68 176.67 -40.97 -6.53
CA ARG Y 68 176.28 -41.24 -7.91
C ARG Y 68 176.33 -42.73 -8.24
N THR Y 69 175.56 -43.16 -9.24
CA THR Y 69 175.54 -44.57 -9.63
C THR Y 69 176.66 -44.88 -10.61
N GLY Y 70 176.97 -43.92 -11.46
CA GLY Y 70 178.01 -44.11 -12.46
C GLY Y 70 177.48 -44.69 -13.74
N ASN Y 71 176.19 -45.04 -13.76
CA ASN Y 71 175.53 -45.51 -14.97
C ASN Y 71 174.18 -44.84 -15.19
N ILE Y 72 173.87 -44.52 -16.44
CA ILE Y 72 172.57 -43.94 -16.80
C ILE Y 72 171.43 -44.87 -16.37
N VAL Y 73 170.27 -44.31 -16.11
CA VAL Y 73 169.11 -45.10 -15.69
C VAL Y 73 168.80 -46.23 -16.66
N ASP Y 74 168.80 -47.45 -16.15
CA ASP Y 74 168.57 -48.63 -16.98
C ASP Y 74 167.62 -49.60 -16.28
N VAL Y 75 167.07 -50.52 -17.04
CA VAL Y 75 166.14 -51.51 -16.50
C VAL Y 75 166.46 -52.92 -16.98
N PRO Y 76 166.31 -53.91 -16.08
CA PRO Y 76 166.58 -55.32 -16.39
C PRO Y 76 165.77 -55.80 -17.59
N VAL Y 77 166.45 -56.39 -18.58
CA VAL Y 77 165.79 -56.91 -19.78
C VAL Y 77 166.14 -58.37 -20.05
N GLY Y 78 165.13 -59.16 -20.42
CA GLY Y 78 165.34 -60.58 -20.67
C GLY Y 78 164.03 -61.36 -20.72
N PRO Y 79 164.14 -62.68 -20.90
CA PRO Y 79 162.96 -63.55 -21.01
C PRO Y 79 162.36 -63.85 -19.63
N GLY Y 80 163.12 -63.58 -18.58
CA GLY Y 80 162.71 -63.88 -17.22
C GLY Y 80 161.66 -62.93 -16.68
N LEU Y 81 161.38 -61.89 -17.46
CA LEU Y 81 160.39 -60.89 -17.06
C LEU Y 81 158.99 -61.39 -17.38
N LEU Y 82 158.92 -62.37 -18.27
CA LEU Y 82 157.64 -62.96 -18.66
C LEU Y 82 156.86 -63.45 -17.43
N GLY Y 83 155.60 -63.08 -17.35
CA GLY Y 83 154.74 -63.49 -16.25
C GLY Y 83 154.98 -62.72 -14.97
N ARG Y 84 155.86 -61.72 -15.03
CA ARG Y 84 156.25 -60.94 -13.86
C ARG Y 84 155.87 -59.46 -13.99
N VAL Y 85 155.39 -58.89 -12.89
CA VAL Y 85 154.95 -57.49 -12.85
C VAL Y 85 155.97 -56.59 -12.15
N VAL Y 86 156.53 -55.63 -12.88
CA VAL Y 86 157.52 -54.71 -12.35
C VAL Y 86 157.06 -53.26 -12.45
N ASP Y 87 157.87 -52.34 -11.93
CA ASP Y 87 157.58 -50.92 -12.01
C ASP Y 87 158.45 -50.23 -13.06
N ALA Y 88 158.65 -48.93 -12.90
CA ALA Y 88 159.43 -48.13 -13.83
C ALA Y 88 160.93 -48.42 -13.74
N LEU Y 89 161.37 -48.88 -12.57
CA LEU Y 89 162.78 -49.18 -12.33
C LEU Y 89 163.14 -50.59 -12.77
N GLY Y 90 162.13 -51.46 -12.87
CA GLY Y 90 162.35 -52.84 -13.25
C GLY Y 90 162.33 -53.79 -12.07
N ASN Y 91 162.07 -53.26 -10.88
CA ASN Y 91 161.97 -54.06 -9.67
C ASN Y 91 160.61 -54.75 -9.58
N PRO Y 92 160.58 -55.96 -9.01
CA PRO Y 92 159.34 -56.72 -8.90
C PRO Y 92 158.40 -56.05 -7.91
N ILE Y 93 157.11 -56.07 -8.21
CA ILE Y 93 156.13 -55.49 -7.32
C ILE Y 93 155.04 -56.50 -7.00
N ASP Y 94 155.18 -57.69 -7.57
CA ASP Y 94 154.21 -58.76 -7.39
C ASP Y 94 154.56 -59.69 -6.21
N GLY Y 95 155.85 -59.78 -5.92
CA GLY Y 95 156.31 -60.59 -4.80
C GLY Y 95 156.52 -62.05 -5.14
N LYS Y 96 157.05 -62.32 -6.33
CA LYS Y 96 157.36 -63.67 -6.75
C LYS Y 96 158.87 -63.87 -6.84
N GLY Y 97 159.61 -63.05 -6.11
CA GLY Y 97 161.05 -63.12 -6.08
C GLY Y 97 161.68 -62.29 -7.19
N PRO Y 98 162.97 -61.94 -7.03
CA PRO Y 98 163.70 -61.08 -7.97
C PRO Y 98 163.62 -61.53 -9.44
N ILE Y 99 163.78 -60.57 -10.34
CA ILE Y 99 163.67 -60.79 -11.77
C ILE Y 99 164.95 -61.38 -12.39
N ASP Y 100 164.78 -62.41 -13.20
CA ASP Y 100 165.91 -63.03 -13.91
C ASP Y 100 166.19 -62.32 -15.22
N ALA Y 101 167.05 -61.31 -15.16
CA ALA Y 101 167.40 -60.52 -16.34
C ALA Y 101 168.68 -61.02 -17.01
N ALA Y 102 168.68 -61.02 -18.33
CA ALA Y 102 169.85 -61.43 -19.10
C ALA Y 102 170.84 -60.29 -19.26
N GLY Y 103 170.33 -59.06 -19.21
CA GLY Y 103 171.17 -57.89 -19.35
C GLY Y 103 170.49 -56.61 -18.91
N ARG Y 104 171.21 -55.50 -19.04
CA ARG Y 104 170.67 -54.19 -18.69
C ARG Y 104 170.82 -53.23 -19.87
N SER Y 105 169.73 -52.52 -20.19
CA SER Y 105 169.73 -51.58 -21.30
C SER Y 105 169.39 -50.15 -20.85
N ARG Y 106 169.97 -49.15 -21.51
CA ARG Y 106 169.69 -47.74 -21.20
C ARG Y 106 168.20 -47.47 -21.22
N ALA Y 107 167.76 -46.50 -20.44
CA ALA Y 107 166.35 -46.14 -20.44
C ALA Y 107 166.02 -45.31 -21.68
N GLN Y 108 167.02 -44.65 -22.23
CA GLN Y 108 166.85 -43.79 -23.39
C GLN Y 108 167.62 -44.28 -24.60
N VAL Y 109 166.99 -45.11 -25.44
CA VAL Y 109 167.66 -45.65 -26.61
C VAL Y 109 167.26 -44.89 -27.86
N LYS Y 110 168.19 -44.80 -28.82
CA LYS Y 110 167.90 -44.17 -30.10
C LYS Y 110 167.30 -45.16 -31.09
N ALA Y 111 166.32 -44.69 -31.87
CA ALA Y 111 165.65 -45.53 -32.85
C ALA Y 111 166.62 -46.04 -33.89
N PRO Y 112 166.36 -47.24 -34.42
CA PRO Y 112 167.21 -47.80 -35.48
C PRO Y 112 167.29 -46.87 -36.69
N GLY Y 113 168.46 -46.84 -37.32
CA GLY Y 113 168.68 -46.01 -38.49
C GLY Y 113 167.73 -46.35 -39.62
N ILE Y 114 167.87 -45.64 -40.72
CA ILE Y 114 166.98 -45.83 -41.86
C ILE Y 114 167.36 -47.06 -42.67
N LEU Y 115 168.65 -47.38 -42.68
CA LEU Y 115 169.13 -48.49 -43.49
C LEU Y 115 168.79 -49.86 -42.90
N PRO Y 116 168.95 -50.02 -41.57
CA PRO Y 116 168.63 -51.28 -40.90
C PRO Y 116 167.12 -51.46 -40.66
N ARG Y 117 166.31 -51.25 -41.70
CA ARG Y 117 164.87 -51.39 -41.58
C ARG Y 117 164.23 -51.98 -42.84
N ARG Y 118 163.00 -52.47 -42.69
CA ARG Y 118 162.25 -53.01 -43.80
C ARG Y 118 160.77 -52.71 -43.61
N SER Y 119 160.04 -52.56 -44.71
CA SER Y 119 158.60 -52.34 -44.66
C SER Y 119 157.90 -53.51 -43.99
N VAL Y 120 156.88 -53.22 -43.18
CA VAL Y 120 156.11 -54.27 -42.53
C VAL Y 120 155.35 -55.11 -43.54
N HIS Y 121 155.21 -56.40 -43.27
CA HIS Y 121 154.54 -57.29 -44.18
C HIS Y 121 154.02 -58.51 -43.44
N GLU Y 122 154.07 -58.46 -42.11
CA GLU Y 122 153.64 -59.58 -41.30
C GLU Y 122 152.34 -59.25 -40.56
N PRO Y 123 151.22 -59.84 -41.01
CA PRO Y 123 149.91 -59.61 -40.38
C PRO Y 123 149.90 -59.93 -38.88
N VAL Y 124 149.11 -59.19 -38.12
CA VAL Y 124 149.00 -59.39 -36.68
C VAL Y 124 147.54 -59.50 -36.26
N GLN Y 125 146.99 -60.71 -36.36
CA GLN Y 125 145.56 -60.93 -36.06
C GLN Y 125 145.19 -60.43 -34.66
N THR Y 126 144.27 -59.48 -34.61
CA THR Y 126 143.81 -58.91 -33.35
C THR Y 126 142.61 -59.66 -32.81
N GLY Y 127 142.02 -60.50 -33.64
CA GLY Y 127 140.83 -61.24 -33.25
C GLY Y 127 139.56 -60.49 -33.61
N LEU Y 128 139.68 -59.18 -33.82
CA LEU Y 128 138.54 -58.34 -34.17
C LEU Y 128 138.33 -58.27 -35.67
N LYS Y 129 137.10 -58.50 -36.12
CA LYS Y 129 136.80 -58.52 -37.55
C LYS Y 129 136.87 -57.13 -38.15
N ALA Y 130 136.12 -56.21 -37.56
CA ALA Y 130 136.08 -54.83 -38.03
C ALA Y 130 137.47 -54.21 -38.08
N VAL Y 131 138.39 -54.72 -37.26
CA VAL Y 131 139.76 -54.21 -37.20
C VAL Y 131 140.64 -54.76 -38.32
N ASP Y 132 140.81 -56.09 -38.33
CA ASP Y 132 141.68 -56.76 -39.29
C ASP Y 132 141.09 -56.79 -40.69
N ALA Y 133 140.14 -55.91 -40.94
CA ALA Y 133 139.48 -55.79 -42.23
C ALA Y 133 139.63 -54.37 -42.76
N LEU Y 134 139.42 -53.39 -41.89
CA LEU Y 134 139.52 -51.98 -42.26
C LEU Y 134 140.90 -51.41 -41.99
N VAL Y 135 141.41 -51.65 -40.79
CA VAL Y 135 142.71 -51.11 -40.39
C VAL Y 135 143.56 -52.16 -39.68
N PRO Y 136 144.08 -53.13 -40.45
CA PRO Y 136 144.86 -54.23 -39.89
C PRO Y 136 146.20 -53.75 -39.36
N ILE Y 137 146.76 -54.51 -38.42
CA ILE Y 137 148.04 -54.17 -37.83
C ILE Y 137 149.08 -55.21 -38.20
N GLY Y 138 150.29 -54.76 -38.52
CA GLY Y 138 151.37 -55.65 -38.88
C GLY Y 138 152.56 -55.56 -37.94
N ARG Y 139 153.41 -56.58 -37.96
CA ARG Y 139 154.61 -56.61 -37.13
C ARG Y 139 155.54 -55.46 -37.49
N GLY Y 140 155.59 -54.44 -36.63
CA GLY Y 140 156.43 -53.28 -36.85
C GLY Y 140 155.62 -52.01 -37.12
N GLN Y 141 154.30 -52.13 -37.06
CA GLN Y 141 153.42 -50.99 -37.30
C GLN Y 141 153.15 -50.28 -35.98
N ARG Y 142 152.71 -49.03 -36.06
CA ARG Y 142 152.36 -48.26 -34.86
C ARG Y 142 150.93 -47.78 -34.93
N GLU Y 143 150.00 -48.62 -34.51
CA GLU Y 143 148.58 -48.32 -34.60
C GLU Y 143 148.09 -47.61 -33.34
N LEU Y 144 147.55 -46.41 -33.53
CA LEU Y 144 147.03 -45.61 -32.42
C LEU Y 144 145.63 -46.06 -32.04
N ILE Y 145 145.32 -45.95 -30.76
CA ILE Y 145 143.98 -46.27 -30.27
C ILE Y 145 143.37 -45.05 -29.58
N ILE Y 146 142.84 -44.13 -30.36
CA ILE Y 146 142.26 -42.90 -29.83
C ILE Y 146 140.75 -43.05 -29.58
N GLY Y 147 140.27 -42.43 -28.51
CA GLY Y 147 138.86 -42.50 -28.15
C GLY Y 147 138.60 -41.84 -26.80
N ASP Y 148 137.32 -41.59 -26.51
CA ASP Y 148 136.96 -40.93 -25.27
C ASP Y 148 136.88 -41.91 -24.11
N ARG Y 149 136.52 -41.41 -22.94
CA ARG Y 149 136.43 -42.23 -21.75
C ARG Y 149 135.46 -43.37 -21.96
N GLN Y 150 135.83 -44.56 -21.51
CA GLN Y 150 134.97 -45.74 -21.64
C GLN Y 150 134.40 -45.88 -23.05
N THR Y 151 135.28 -46.15 -24.01
CA THR Y 151 134.86 -46.34 -25.41
C THR Y 151 135.34 -47.67 -25.96
N GLY Y 152 136.21 -48.35 -25.22
CA GLY Y 152 136.76 -49.63 -25.64
C GLY Y 152 138.12 -49.48 -26.31
N LYS Y 153 138.99 -48.67 -25.71
CA LYS Y 153 140.31 -48.42 -26.25
C LYS Y 153 141.27 -49.57 -25.93
N THR Y 154 141.16 -50.04 -24.70
CA THR Y 154 142.00 -51.14 -24.21
C THR Y 154 141.38 -52.47 -24.59
N ALA Y 155 140.06 -52.44 -24.80
CA ALA Y 155 139.31 -53.63 -25.18
C ALA Y 155 139.78 -54.19 -26.52
N VAL Y 156 140.36 -53.33 -27.35
CA VAL Y 156 140.90 -53.75 -28.63
C VAL Y 156 142.34 -54.26 -28.46
N ALA Y 157 143.07 -53.65 -27.54
CA ALA Y 157 144.45 -54.07 -27.26
C ALA Y 157 144.47 -55.35 -26.44
N LEU Y 158 143.57 -55.45 -25.48
CA LEU Y 158 143.47 -56.61 -24.60
C LEU Y 158 143.11 -57.91 -25.34
N ASP Y 159 142.09 -57.85 -26.19
CA ASP Y 159 141.69 -59.02 -26.98
C ASP Y 159 142.81 -59.50 -27.91
N THR Y 160 143.66 -58.56 -28.35
CA THR Y 160 144.78 -58.89 -29.23
C THR Y 160 145.76 -59.81 -28.52
N ILE Y 161 146.00 -59.52 -27.25
CA ILE Y 161 146.91 -60.32 -26.45
C ILE Y 161 146.39 -61.74 -26.27
N LEU Y 162 145.09 -61.86 -26.00
CA LEU Y 162 144.47 -63.15 -25.74
C LEU Y 162 144.40 -64.02 -27.01
N ASN Y 163 144.39 -63.36 -28.17
CA ASN Y 163 144.34 -64.05 -29.46
C ASN Y 163 145.71 -64.57 -29.88
N GLN Y 164 146.75 -64.01 -29.30
CA GLN Y 164 148.12 -64.44 -29.61
C GLN Y 164 148.43 -65.82 -29.02
N LYS Y 165 147.65 -66.22 -28.03
CA LYS Y 165 147.80 -67.52 -27.39
C LYS Y 165 147.74 -68.66 -28.41
N ARG Y 166 147.09 -68.42 -29.53
CA ARG Y 166 146.96 -69.42 -30.60
C ARG Y 166 148.30 -69.76 -31.25
N TRP Y 167 149.28 -68.87 -31.11
CA TRP Y 167 150.61 -69.10 -31.70
C TRP Y 167 151.72 -69.16 -30.66
N ASN Y 168 151.47 -68.62 -29.49
CA ASN Y 168 152.47 -68.65 -28.42
C ASN Y 168 152.66 -70.05 -27.86
N ASN Y 169 151.62 -70.87 -27.96
CA ASN Y 169 151.65 -72.26 -27.51
C ASN Y 169 152.17 -73.23 -28.56
N GLY Y 170 152.46 -72.69 -29.75
CA GLY Y 170 153.03 -73.50 -30.83
C GLY Y 170 154.51 -73.76 -30.67
N SER Y 171 155.05 -74.57 -31.57
CA SER Y 171 156.46 -74.94 -31.56
C SER Y 171 157.31 -73.87 -32.24
N ASP Y 172 156.79 -73.32 -33.34
CA ASP Y 172 157.53 -72.33 -34.11
C ASP Y 172 157.67 -71.00 -33.36
N GLU Y 173 158.75 -70.28 -33.65
CA GLU Y 173 159.06 -69.05 -32.95
C GLU Y 173 158.57 -67.80 -33.70
N SER Y 174 158.89 -67.73 -34.99
CA SER Y 174 158.48 -66.59 -35.81
C SER Y 174 156.96 -66.35 -35.78
N LYS Y 175 156.19 -67.35 -35.33
CA LYS Y 175 154.74 -67.21 -35.21
C LYS Y 175 154.31 -66.61 -33.88
N LYS Y 176 155.08 -66.87 -32.84
CA LYS Y 176 154.78 -66.34 -31.50
C LYS Y 176 154.99 -64.83 -31.47
N LEU Y 177 154.19 -64.15 -30.65
CA LEU Y 177 154.27 -62.69 -30.53
C LEU Y 177 154.14 -62.27 -29.07
N TYR Y 178 155.27 -61.98 -28.44
CA TYR Y 178 155.31 -61.59 -27.03
C TYR Y 178 154.54 -60.30 -26.81
N CYS Y 179 154.07 -60.10 -25.59
CA CYS Y 179 153.27 -58.94 -25.28
C CYS Y 179 153.85 -58.19 -24.10
N VAL Y 180 153.84 -56.86 -24.16
CA VAL Y 180 154.28 -56.02 -23.05
C VAL Y 180 153.35 -54.85 -22.77
N TYR Y 181 152.46 -55.02 -21.81
CA TYR Y 181 151.50 -53.98 -21.45
C TYR Y 181 152.14 -52.92 -20.56
N VAL Y 182 151.78 -51.67 -20.82
CA VAL Y 182 152.27 -50.54 -20.03
C VAL Y 182 151.11 -49.76 -19.44
N ALA Y 183 151.07 -49.71 -18.11
CA ALA Y 183 150.02 -48.98 -17.42
C ALA Y 183 150.62 -47.76 -16.72
N VAL Y 184 150.17 -46.57 -17.11
CA VAL Y 184 150.66 -45.34 -16.51
C VAL Y 184 149.51 -44.40 -16.13
N GLY Y 185 149.55 -43.90 -14.91
CA GLY Y 185 148.51 -43.00 -14.43
C GLY Y 185 147.21 -43.71 -14.10
N GLN Y 186 147.25 -45.02 -13.99
CA GLN Y 186 146.05 -45.81 -13.70
C GLN Y 186 145.94 -46.17 -12.23
N LYS Y 187 144.82 -46.77 -11.87
CA LYS Y 187 144.59 -47.15 -10.47
C LYS Y 187 145.24 -48.49 -10.15
N ARG Y 188 145.44 -48.74 -8.86
CA ARG Y 188 145.98 -50.00 -8.38
C ARG Y 188 145.05 -51.15 -8.72
N SER Y 189 143.78 -51.00 -8.32
CA SER Y 189 142.77 -52.02 -8.58
C SER Y 189 142.61 -52.28 -10.08
N THR Y 190 142.58 -51.20 -10.86
CA THR Y 190 142.40 -51.28 -12.31
C THR Y 190 143.44 -52.17 -12.99
N VAL Y 191 144.68 -52.11 -12.51
CA VAL Y 191 145.76 -52.93 -13.05
C VAL Y 191 145.72 -54.34 -12.46
N ALA Y 192 145.48 -54.44 -11.16
CA ALA Y 192 145.40 -55.73 -10.48
C ALA Y 192 144.35 -56.64 -11.10
N GLN Y 193 143.15 -56.10 -11.30
CA GLN Y 193 142.06 -56.85 -11.93
C GLN Y 193 142.39 -57.15 -13.39
N LEU Y 194 143.15 -56.27 -14.03
CA LEU Y 194 143.56 -56.46 -15.42
C LEU Y 194 144.51 -57.65 -15.53
N VAL Y 195 145.40 -57.78 -14.55
CA VAL Y 195 146.31 -58.90 -14.48
C VAL Y 195 145.56 -60.22 -14.27
N GLN Y 196 144.60 -60.20 -13.33
CA GLN Y 196 143.78 -61.37 -13.03
C GLN Y 196 143.09 -61.97 -14.25
N THR Y 197 142.57 -61.11 -15.12
CA THR Y 197 141.90 -61.54 -16.35
C THR Y 197 142.88 -62.27 -17.27
N LEU Y 198 144.14 -61.82 -17.26
CA LEU Y 198 145.19 -62.43 -18.05
C LEU Y 198 145.50 -63.85 -17.56
N GLU Y 199 145.52 -64.03 -16.24
CA GLU Y 199 145.75 -65.34 -15.63
C GLU Y 199 144.60 -66.32 -15.88
N GLN Y 200 143.37 -65.80 -15.87
CA GLN Y 200 142.21 -66.63 -16.17
C GLN Y 200 142.27 -67.15 -17.60
N HIS Y 201 142.73 -66.31 -18.52
CA HIS Y 201 142.85 -66.70 -19.93
C HIS Y 201 144.21 -67.31 -20.21
N ASP Y 202 145.04 -67.42 -19.17
CA ASP Y 202 146.37 -68.00 -19.29
C ASP Y 202 147.15 -67.29 -20.38
N ALA Y 203 147.27 -65.98 -20.25
CA ALA Y 203 147.97 -65.17 -21.24
C ALA Y 203 149.11 -64.40 -20.59
N MET Y 204 149.19 -64.52 -19.27
CA MET Y 204 150.23 -63.85 -18.50
C MET Y 204 151.60 -64.51 -18.68
N LYS Y 205 151.58 -65.79 -19.06
CA LYS Y 205 152.81 -66.54 -19.30
C LYS Y 205 153.68 -65.86 -20.36
N TYR Y 206 153.05 -65.24 -21.36
CA TYR Y 206 153.80 -64.61 -22.44
C TYR Y 206 153.65 -63.09 -22.44
N SER Y 207 153.43 -62.52 -21.27
CA SER Y 207 153.20 -61.08 -21.17
C SER Y 207 153.97 -60.47 -20.00
N ILE Y 208 154.48 -59.26 -20.21
CA ILE Y 208 155.22 -58.52 -19.19
C ILE Y 208 154.48 -57.26 -18.79
N ILE Y 209 154.40 -57.00 -17.49
CA ILE Y 209 153.65 -55.86 -16.99
C ILE Y 209 154.56 -54.82 -16.32
N VAL Y 210 154.45 -53.58 -16.77
CA VAL Y 210 155.21 -52.48 -16.19
C VAL Y 210 154.27 -51.47 -15.56
N ALA Y 211 154.53 -51.10 -14.31
CA ALA Y 211 153.59 -50.28 -13.55
C ALA Y 211 154.09 -48.86 -13.29
N ALA Y 212 153.17 -47.90 -13.43
CA ALA Y 212 153.43 -46.51 -13.11
C ALA Y 212 152.16 -45.86 -12.60
N THR Y 213 151.67 -46.35 -11.47
CA THR Y 213 150.43 -45.87 -10.88
C THR Y 213 150.43 -44.35 -10.69
N ALA Y 214 149.25 -43.77 -10.52
CA ALA Y 214 149.11 -42.33 -10.32
C ALA Y 214 149.71 -41.89 -8.98
N SER Y 215 149.57 -42.73 -7.97
CA SER Y 215 150.14 -42.48 -6.66
C SER Y 215 151.66 -42.28 -6.75
N GLU Y 216 152.31 -43.07 -7.61
CA GLU Y 216 153.74 -42.94 -7.85
C GLU Y 216 154.07 -41.55 -8.40
N ALA Y 217 155.28 -41.08 -8.12
CA ALA Y 217 155.70 -39.74 -8.56
C ALA Y 217 155.63 -39.61 -10.07
N ALA Y 218 155.37 -38.38 -10.52
CA ALA Y 218 155.19 -38.09 -11.94
C ALA Y 218 156.30 -38.68 -12.82
N PRO Y 219 157.56 -38.41 -12.47
CA PRO Y 219 158.70 -38.90 -13.26
C PRO Y 219 158.64 -40.40 -13.53
N LEU Y 220 158.20 -41.18 -12.55
CA LEU Y 220 158.06 -42.62 -12.76
C LEU Y 220 157.18 -42.86 -13.97
N GLN Y 221 156.05 -42.15 -14.03
CA GLN Y 221 155.13 -42.26 -15.14
C GLN Y 221 155.77 -41.76 -16.42
N TYR Y 222 156.81 -40.94 -16.27
CA TYR Y 222 157.50 -40.35 -17.41
C TYR Y 222 158.50 -41.34 -18.00
N LEU Y 223 159.18 -42.06 -17.11
CA LEU Y 223 160.21 -43.01 -17.53
C LEU Y 223 159.65 -44.41 -17.78
N ALA Y 224 158.43 -44.65 -17.31
CA ALA Y 224 157.79 -45.96 -17.45
C ALA Y 224 157.68 -46.43 -18.91
N PRO Y 225 157.26 -45.52 -19.82
CA PRO Y 225 157.11 -45.92 -21.21
C PRO Y 225 158.45 -46.26 -21.85
N PHE Y 226 159.46 -45.44 -21.58
CA PHE Y 226 160.78 -45.61 -22.18
C PHE Y 226 161.44 -46.92 -21.77
N THR Y 227 161.46 -47.18 -20.46
CA THR Y 227 162.02 -48.42 -19.93
C THR Y 227 161.25 -49.63 -20.44
N ALA Y 228 159.93 -49.62 -20.27
CA ALA Y 228 159.08 -50.70 -20.76
C ALA Y 228 159.38 -51.00 -22.23
N ALA Y 229 159.75 -49.95 -22.97
CA ALA Y 229 160.09 -50.11 -24.38
C ALA Y 229 161.33 -50.98 -24.54
N SER Y 230 162.35 -50.72 -23.74
CA SER Y 230 163.59 -51.47 -23.85
C SER Y 230 163.39 -52.94 -23.50
N ILE Y 231 162.39 -53.23 -22.69
CA ILE Y 231 162.08 -54.60 -22.33
C ILE Y 231 161.69 -55.43 -23.56
N GLY Y 232 160.94 -54.80 -24.47
CA GLY Y 232 160.48 -55.48 -25.67
C GLY Y 232 161.46 -55.39 -26.83
N GLU Y 233 162.34 -54.40 -26.79
CA GLU Y 233 163.34 -54.22 -27.84
C GLU Y 233 164.28 -55.41 -27.88
N TRP Y 234 164.43 -56.04 -26.72
CA TRP Y 234 165.27 -57.22 -26.60
C TRP Y 234 164.80 -58.29 -27.58
N PHE Y 235 163.52 -58.65 -27.51
CA PHE Y 235 162.95 -59.66 -28.40
C PHE Y 235 163.19 -59.34 -29.88
N ARG Y 236 163.19 -58.05 -30.21
CA ARG Y 236 163.35 -57.61 -31.59
C ARG Y 236 164.75 -57.94 -32.13
N ASP Y 237 165.77 -57.61 -31.36
CA ASP Y 237 167.15 -57.81 -31.77
C ASP Y 237 167.53 -59.28 -31.83
N ASN Y 238 166.84 -60.11 -31.05
CA ASN Y 238 167.05 -61.55 -31.05
C ASN Y 238 166.31 -62.25 -32.19
N GLY Y 239 165.67 -61.47 -33.05
CA GLY Y 239 164.94 -62.02 -34.18
C GLY Y 239 163.52 -62.43 -33.82
N LYS Y 240 163.11 -62.07 -32.60
CA LYS Y 240 161.76 -62.36 -32.14
C LYS Y 240 160.85 -61.16 -32.35
N HIS Y 241 159.54 -61.37 -32.16
CA HIS Y 241 158.57 -60.32 -32.33
C HIS Y 241 157.91 -59.99 -30.99
N ALA Y 242 157.78 -58.70 -30.70
CA ALA Y 242 157.18 -58.25 -29.45
C ALA Y 242 156.06 -57.26 -29.74
N LEU Y 243 155.23 -57.02 -28.74
CA LEU Y 243 154.08 -56.13 -28.89
C LEU Y 243 153.87 -55.35 -27.60
N ILE Y 244 154.11 -54.04 -27.66
CA ILE Y 244 153.97 -53.19 -26.48
C ILE Y 244 152.79 -52.24 -26.62
N VAL Y 245 152.03 -52.09 -25.54
CA VAL Y 245 150.85 -51.22 -25.56
C VAL Y 245 150.91 -50.18 -24.44
N TYR Y 246 150.90 -48.90 -24.83
CA TYR Y 246 150.90 -47.82 -23.86
C TYR Y 246 149.49 -47.39 -23.49
N ASP Y 247 149.20 -47.41 -22.19
CA ASP Y 247 147.87 -47.05 -21.71
C ASP Y 247 147.98 -46.25 -20.42
N ASP Y 248 148.09 -44.93 -20.55
CA ASP Y 248 148.03 -44.26 -21.84
C ASP Y 248 149.07 -43.15 -21.93
N LEU Y 249 149.47 -42.80 -23.15
CA LEU Y 249 150.48 -41.77 -23.36
C LEU Y 249 149.96 -40.36 -23.04
N SER Y 250 148.65 -40.16 -23.18
CA SER Y 250 148.09 -38.84 -22.93
C SER Y 250 148.31 -38.39 -21.48
N LYS Y 251 148.18 -39.31 -20.53
CA LYS Y 251 148.45 -39.00 -19.13
C LYS Y 251 149.91 -38.66 -18.90
N GLN Y 252 150.80 -39.43 -19.50
CA GLN Y 252 152.24 -39.16 -19.41
C GLN Y 252 152.53 -37.70 -19.65
N ALA Y 253 152.19 -37.22 -20.85
CA ALA Y 253 152.45 -35.82 -21.20
C ALA Y 253 151.98 -34.90 -20.09
N VAL Y 254 150.87 -35.25 -19.45
CA VAL Y 254 150.35 -34.46 -18.34
C VAL Y 254 151.31 -34.54 -17.15
N ALA Y 255 151.81 -35.74 -16.87
CA ALA Y 255 152.78 -35.92 -15.80
C ALA Y 255 154.07 -35.18 -16.13
N TYR Y 256 154.46 -35.18 -17.40
CA TYR Y 256 155.69 -34.52 -17.81
C TYR Y 256 155.55 -33.00 -17.83
N ARG Y 257 154.39 -32.52 -18.24
CA ARG Y 257 154.14 -31.07 -18.24
C ARG Y 257 154.28 -30.55 -16.82
N GLN Y 258 154.08 -31.43 -15.85
CA GLN Y 258 154.25 -31.09 -14.45
C GLN Y 258 155.70 -30.70 -14.18
N LEU Y 259 156.61 -31.66 -14.32
CA LEU Y 259 158.03 -31.38 -14.17
C LEU Y 259 158.45 -30.27 -15.11
N SER Y 260 157.77 -30.19 -16.25
CA SER Y 260 158.06 -29.16 -17.23
C SER Y 260 157.75 -27.77 -16.67
N LEU Y 261 156.60 -27.64 -16.03
CA LEU Y 261 156.17 -26.36 -15.46
C LEU Y 261 156.91 -26.04 -14.17
N LEU Y 262 157.18 -27.08 -13.37
CA LEU Y 262 157.90 -26.90 -12.11
C LEU Y 262 159.31 -26.34 -12.35
N LEU Y 263 159.97 -26.85 -13.39
CA LEU Y 263 161.31 -26.38 -13.74
C LEU Y 263 161.26 -25.03 -14.45
N ARG Y 264 160.11 -24.38 -14.41
CA ARG Y 264 159.92 -23.09 -15.07
C ARG Y 264 160.25 -23.11 -16.56
N ARG Y 265 159.33 -23.65 -17.35
CA ARG Y 265 159.48 -23.68 -18.80
C ARG Y 265 158.28 -23.00 -19.47
N PRO Y 266 158.56 -22.06 -20.38
CA PRO Y 266 157.52 -21.32 -21.11
C PRO Y 266 156.39 -22.22 -21.56
N PRO Y 267 155.16 -21.94 -21.11
CA PRO Y 267 154.00 -22.76 -21.45
C PRO Y 267 153.68 -22.69 -22.94
N GLY Y 268 153.18 -23.79 -23.51
CA GLY Y 268 152.75 -23.81 -24.89
C GLY Y 268 151.24 -23.96 -24.98
N ARG Y 269 150.77 -24.55 -26.07
CA ARG Y 269 149.34 -24.82 -26.23
C ARG Y 269 148.85 -25.76 -25.11
N GLU Y 270 147.71 -25.44 -24.53
CA GLU Y 270 147.13 -26.25 -23.46
C GLU Y 270 148.12 -26.50 -22.32
N ALA Y 271 149.06 -25.57 -22.13
CA ALA Y 271 150.03 -25.62 -21.03
C ALA Y 271 151.06 -26.73 -21.20
N TYR Y 272 151.12 -27.32 -22.39
CA TYR Y 272 152.12 -28.33 -22.69
C TYR Y 272 153.35 -27.63 -23.27
N PRO Y 273 154.55 -28.08 -22.87
CA PRO Y 273 155.83 -27.54 -23.35
C PRO Y 273 156.04 -27.85 -24.83
N GLY Y 274 156.85 -27.03 -25.51
CA GLY Y 274 157.10 -27.21 -26.92
C GLY Y 274 157.76 -28.51 -27.30
N ASP Y 275 158.48 -29.11 -26.34
CA ASP Y 275 159.19 -30.37 -26.58
C ASP Y 275 158.33 -31.60 -26.29
N VAL Y 276 157.01 -31.39 -26.17
CA VAL Y 276 156.10 -32.50 -25.88
C VAL Y 276 156.06 -33.48 -27.06
N PHE Y 277 156.32 -32.96 -28.25
CA PHE Y 277 156.34 -33.78 -29.47
C PHE Y 277 157.50 -34.78 -29.43
N TYR Y 278 158.68 -34.30 -29.06
CA TYR Y 278 159.88 -35.13 -28.98
C TYR Y 278 159.70 -36.23 -27.93
N LEU Y 279 158.73 -36.02 -27.03
CA LEU Y 279 158.45 -37.03 -26.03
C LEU Y 279 157.95 -38.30 -26.72
N HIS Y 280 156.73 -38.24 -27.23
CA HIS Y 280 156.13 -39.42 -27.85
C HIS Y 280 156.89 -39.83 -29.12
N SER Y 281 157.58 -38.87 -29.73
CA SER Y 281 158.34 -39.13 -30.95
C SER Y 281 159.42 -40.17 -30.69
N ARG Y 282 160.35 -39.83 -29.81
CA ARG Y 282 161.47 -40.69 -29.47
C ARG Y 282 161.00 -42.08 -29.01
N LEU Y 283 159.77 -42.17 -28.50
CA LEU Y 283 159.27 -43.43 -27.96
C LEU Y 283 158.73 -44.36 -29.04
N LEU Y 284 157.93 -43.79 -29.94
CA LEU Y 284 157.31 -44.57 -31.00
C LEU Y 284 158.31 -45.02 -32.05
N GLU Y 285 159.26 -44.16 -32.39
CA GLU Y 285 160.25 -44.48 -33.41
C GLU Y 285 160.94 -45.80 -33.13
N ARG Y 286 161.04 -46.15 -31.85
CA ARG Y 286 161.71 -47.39 -31.46
C ARG Y 286 160.84 -48.62 -31.69
N ALA Y 287 159.84 -48.48 -32.54
CA ALA Y 287 158.99 -49.60 -32.91
C ALA Y 287 158.92 -49.73 -34.42
N ALA Y 288 159.65 -50.69 -34.97
CA ALA Y 288 159.61 -50.93 -36.41
C ALA Y 288 160.06 -52.34 -36.75
N LYS Y 289 160.21 -52.61 -38.04
CA LYS Y 289 160.67 -53.91 -38.51
C LYS Y 289 162.12 -53.81 -38.99
N LEU Y 290 163.01 -54.54 -38.36
CA LEU Y 290 164.42 -54.56 -38.74
C LEU Y 290 164.64 -55.35 -40.02
N SER Y 291 165.79 -55.15 -40.67
CA SER Y 291 166.13 -55.90 -41.87
C SER Y 291 166.47 -57.35 -41.49
N GLU Y 292 166.70 -58.18 -42.51
CA GLU Y 292 167.03 -59.58 -42.29
C GLU Y 292 168.41 -59.71 -41.66
N LYS Y 293 169.29 -58.76 -41.97
CA LYS Y 293 170.63 -58.79 -41.42
C LYS Y 293 170.61 -58.57 -39.91
N GLU Y 294 169.64 -57.80 -39.44
CA GLU Y 294 169.54 -57.48 -38.02
C GLU Y 294 169.02 -58.66 -37.21
N GLY Y 295 168.12 -59.43 -37.81
CA GLY Y 295 167.53 -60.58 -37.15
C GLY Y 295 166.08 -60.76 -37.53
N SER Y 296 165.60 -59.90 -38.42
CA SER Y 296 164.22 -59.95 -38.90
C SER Y 296 163.23 -59.82 -37.74
N GLY Y 297 163.65 -59.16 -36.67
CA GLY Y 297 162.80 -58.94 -35.52
C GLY Y 297 162.00 -57.67 -35.65
N SER Y 298 160.93 -57.55 -34.88
CA SER Y 298 160.08 -56.37 -34.94
C SER Y 298 159.52 -56.00 -33.57
N LEU Y 299 158.95 -54.81 -33.50
CA LEU Y 299 158.31 -54.33 -32.28
C LEU Y 299 157.07 -53.49 -32.59
N THR Y 300 155.91 -54.13 -32.53
CA THR Y 300 154.64 -53.44 -32.77
C THR Y 300 154.20 -52.68 -31.53
N ALA Y 301 153.80 -51.42 -31.72
CA ALA Y 301 153.36 -50.57 -30.61
C ALA Y 301 151.89 -50.15 -30.74
N LEU Y 302 151.19 -50.12 -29.62
CA LEU Y 302 149.79 -49.69 -29.60
C LEU Y 302 149.57 -48.60 -28.54
N PRO Y 303 149.95 -47.36 -28.86
CA PRO Y 303 149.77 -46.19 -27.98
C PRO Y 303 148.28 -45.89 -27.81
N VAL Y 304 147.90 -45.37 -26.65
CA VAL Y 304 146.50 -45.03 -26.41
C VAL Y 304 146.33 -43.58 -26.00
N ILE Y 305 145.37 -42.91 -26.61
CA ILE Y 305 145.12 -41.50 -26.31
C ILE Y 305 143.66 -41.26 -25.97
N GLU Y 306 143.43 -40.55 -24.86
CA GLU Y 306 142.06 -40.24 -24.43
C GLU Y 306 141.70 -38.79 -24.76
N THR Y 307 140.67 -38.60 -25.58
CA THR Y 307 140.23 -37.28 -26.00
C THR Y 307 139.02 -36.80 -25.19
N GLN Y 308 138.57 -35.57 -25.43
CA GLN Y 308 137.42 -35.02 -24.71
C GLN Y 308 136.29 -34.59 -25.65
N GLY Y 309 135.14 -35.23 -25.51
CA GLY Y 309 133.97 -34.88 -26.31
C GLY Y 309 134.13 -35.23 -27.77
N GLY Y 310 134.95 -36.25 -28.04
CA GLY Y 310 135.21 -36.68 -29.40
C GLY Y 310 135.96 -35.62 -30.18
N ASP Y 311 136.97 -35.04 -29.55
CA ASP Y 311 137.79 -34.01 -30.19
C ASP Y 311 139.15 -34.55 -30.58
N VAL Y 312 139.27 -34.95 -31.86
CA VAL Y 312 140.52 -35.45 -32.40
C VAL Y 312 141.37 -34.30 -32.90
N SER Y 313 140.81 -33.10 -32.79
CA SER Y 313 141.50 -31.89 -33.24
C SER Y 313 142.36 -31.31 -32.12
N ALA Y 314 142.32 -31.94 -30.94
CA ALA Y 314 143.10 -31.48 -29.80
C ALA Y 314 144.60 -31.51 -30.10
N TYR Y 315 145.41 -31.00 -29.18
CA TYR Y 315 146.85 -30.92 -29.37
C TYR Y 315 147.53 -32.28 -29.23
N ILE Y 316 147.54 -32.81 -28.02
CA ILE Y 316 148.12 -34.13 -27.76
C ILE Y 316 147.73 -35.15 -28.82
N PRO Y 317 146.41 -35.29 -29.08
CA PRO Y 317 145.98 -36.26 -30.08
C PRO Y 317 146.67 -36.06 -31.43
N THR Y 318 146.60 -34.87 -32.01
CA THR Y 318 147.20 -34.64 -33.32
C THR Y 318 148.70 -34.95 -33.33
N ASN Y 319 149.38 -34.59 -32.25
CA ASN Y 319 150.81 -34.87 -32.17
C ASN Y 319 151.09 -36.36 -32.33
N VAL Y 320 150.24 -37.20 -31.75
CA VAL Y 320 150.44 -38.64 -31.85
C VAL Y 320 150.11 -39.14 -33.24
N ILE Y 321 149.02 -38.62 -33.82
CA ILE Y 321 148.58 -39.03 -35.14
C ILE Y 321 149.62 -38.73 -36.21
N SER Y 322 150.47 -37.73 -35.95
CA SER Y 322 151.50 -37.35 -36.90
C SER Y 322 152.75 -38.19 -36.70
N ILE Y 323 152.60 -39.26 -35.92
CA ILE Y 323 153.69 -40.19 -35.67
C ILE Y 323 153.26 -41.62 -35.96
N THR Y 324 152.10 -42.01 -35.42
CA THR Y 324 151.60 -43.36 -35.61
C THR Y 324 151.23 -43.63 -37.06
N ASP Y 325 151.14 -44.92 -37.42
CA ASP Y 325 150.83 -45.33 -38.79
C ASP Y 325 149.36 -45.69 -38.97
N GLY Y 326 148.47 -44.88 -38.40
CA GLY Y 326 147.05 -45.10 -38.49
C GLY Y 326 146.36 -45.05 -37.14
N GLN Y 327 145.08 -44.68 -37.15
CA GLN Y 327 144.31 -44.56 -35.91
C GLN Y 327 143.01 -45.35 -35.97
N ILE Y 328 142.50 -45.67 -34.79
CA ILE Y 328 141.25 -46.39 -34.66
C ILE Y 328 140.37 -45.64 -33.68
N PHE Y 329 139.79 -44.54 -34.14
CA PHE Y 329 138.94 -43.72 -33.29
C PHE Y 329 137.73 -44.51 -32.78
N LEU Y 330 137.32 -44.22 -31.54
CA LEU Y 330 136.17 -44.88 -30.94
C LEU Y 330 135.13 -43.87 -30.44
N GLU Y 331 134.21 -43.50 -31.31
CA GLU Y 331 133.18 -42.52 -30.98
C GLU Y 331 132.27 -43.08 -29.90
N ALA Y 332 131.84 -42.22 -28.98
CA ALA Y 332 130.99 -42.66 -27.89
C ALA Y 332 129.58 -42.97 -28.38
N GLU Y 333 129.09 -42.17 -29.32
CA GLU Y 333 127.73 -42.32 -29.81
C GLU Y 333 127.47 -43.75 -30.29
N LEU Y 334 128.35 -44.23 -31.15
CA LEU Y 334 128.23 -45.58 -31.69
C LEU Y 334 128.34 -46.61 -30.58
N PHE Y 335 129.03 -46.25 -29.50
CA PHE Y 335 129.24 -47.16 -28.40
C PHE Y 335 127.97 -47.37 -27.58
N TYR Y 336 127.10 -46.35 -27.59
CA TYR Y 336 125.86 -46.43 -26.83
C TYR Y 336 124.75 -47.09 -27.64
N LYS Y 337 124.81 -46.96 -28.97
CA LYS Y 337 123.84 -47.59 -29.85
C LYS Y 337 124.03 -49.11 -29.93
N GLY Y 338 124.99 -49.62 -29.15
CA GLY Y 338 125.28 -51.04 -29.16
C GLY Y 338 126.43 -51.40 -30.08
N ILE Y 339 126.62 -50.58 -31.11
CA ILE Y 339 127.67 -50.79 -32.11
C ILE Y 339 129.06 -50.89 -31.46
N ARG Y 340 129.43 -52.10 -31.03
CA ARG Y 340 130.69 -52.33 -30.35
C ARG Y 340 131.50 -53.45 -30.99
N PRO Y 341 132.80 -53.22 -31.22
CA PRO Y 341 133.55 -52.00 -30.89
C PRO Y 341 133.06 -50.80 -31.67
N ALA Y 342 133.03 -49.64 -31.02
CA ALA Y 342 132.53 -48.42 -31.64
C ALA Y 342 133.53 -47.81 -32.61
N ILE Y 343 134.09 -48.63 -33.49
CA ILE Y 343 135.06 -48.16 -34.48
C ILE Y 343 134.40 -47.24 -35.49
N ASN Y 344 134.88 -46.00 -35.57
CA ASN Y 344 134.38 -45.07 -36.56
C ASN Y 344 135.18 -45.16 -37.85
N VAL Y 345 134.65 -45.88 -38.83
CA VAL Y 345 135.36 -46.07 -40.09
C VAL Y 345 135.77 -44.75 -40.72
N GLY Y 346 135.03 -43.69 -40.41
CA GLY Y 346 135.31 -42.38 -40.96
C GLY Y 346 136.69 -41.85 -40.62
N LEU Y 347 137.10 -42.04 -39.37
CA LEU Y 347 138.38 -41.51 -38.86
C LEU Y 347 139.45 -42.59 -38.71
N SER Y 348 139.01 -43.85 -38.67
CA SER Y 348 139.92 -44.98 -38.63
C SER Y 348 140.82 -44.95 -39.87
N VAL Y 349 142.06 -45.36 -39.72
CA VAL Y 349 143.00 -45.33 -40.85
C VAL Y 349 144.15 -46.30 -40.61
N SER Y 350 144.73 -46.79 -41.70
CA SER Y 350 145.82 -47.74 -41.63
C SER Y 350 146.81 -47.38 -42.73
N ARG Y 351 147.97 -46.86 -42.36
CA ARG Y 351 148.94 -46.40 -43.35
C ARG Y 351 149.72 -47.54 -43.98
N VAL Y 352 149.73 -48.69 -43.32
CA VAL Y 352 150.42 -49.88 -43.82
C VAL Y 352 149.65 -51.14 -43.45
N GLY Y 353 148.42 -51.23 -43.93
CA GLY Y 353 147.56 -52.36 -43.59
C GLY Y 353 147.54 -53.42 -44.67
N SER Y 354 147.07 -53.04 -45.86
CA SER Y 354 146.99 -53.97 -46.97
C SER Y 354 148.34 -54.66 -47.16
N ALA Y 355 149.40 -53.90 -46.95
CA ALA Y 355 150.74 -54.44 -47.04
C ALA Y 355 150.97 -55.57 -46.02
N ALA Y 356 150.29 -55.48 -44.88
CA ALA Y 356 150.44 -56.50 -43.84
C ALA Y 356 149.10 -57.15 -43.48
N GLN Y 357 148.25 -57.30 -44.50
CA GLN Y 357 146.96 -57.95 -44.33
C GLN Y 357 146.92 -59.22 -45.18
N VAL Y 358 146.15 -60.21 -44.72
CA VAL Y 358 146.01 -61.46 -45.45
C VAL Y 358 145.32 -61.22 -46.80
N LYS Y 359 145.90 -61.76 -47.88
CA LYS Y 359 145.35 -61.59 -49.22
C LYS Y 359 143.92 -62.11 -49.32
N ALA Y 360 143.57 -63.06 -48.46
CA ALA Y 360 142.23 -63.61 -48.44
C ALA Y 360 141.20 -62.55 -48.06
N LEU Y 361 141.65 -61.56 -47.28
CA LEU Y 361 140.78 -60.46 -46.86
C LEU Y 361 140.84 -59.29 -47.83
N LYS Y 362 141.98 -59.13 -48.49
CA LYS Y 362 142.15 -58.07 -49.48
C LYS Y 362 141.23 -58.29 -50.68
N GLN Y 363 140.99 -59.55 -51.01
CA GLN Y 363 140.14 -59.88 -52.16
C GLN Y 363 138.66 -59.69 -51.81
N VAL Y 364 138.21 -60.34 -50.74
CA VAL Y 364 136.81 -60.28 -50.34
C VAL Y 364 136.37 -58.89 -49.89
N ALA Y 365 137.30 -58.12 -49.33
CA ALA Y 365 137.01 -56.76 -48.89
C ALA Y 365 137.70 -55.74 -49.78
N GLY Y 366 136.99 -55.28 -50.81
CA GLY Y 366 137.52 -54.30 -51.73
C GLY Y 366 136.76 -53.00 -51.66
N SER Y 367 137.48 -51.91 -51.42
CA SER Y 367 136.84 -50.60 -51.33
C SER Y 367 135.78 -50.57 -50.23
N LEU Y 368 135.95 -51.40 -49.21
CA LEU Y 368 134.97 -51.47 -48.13
C LEU Y 368 135.10 -50.27 -47.22
N LYS Y 369 136.33 -49.79 -47.04
CA LYS Y 369 136.61 -48.67 -46.18
C LYS Y 369 136.03 -47.37 -46.74
N LEU Y 370 136.34 -47.08 -48.00
CA LEU Y 370 135.83 -45.89 -48.65
C LEU Y 370 134.31 -45.89 -48.75
N PHE Y 371 133.73 -47.07 -48.96
CA PHE Y 371 132.28 -47.19 -49.07
C PHE Y 371 131.63 -46.75 -47.77
N LEU Y 372 132.15 -47.26 -46.66
CA LEU Y 372 131.62 -46.92 -45.35
C LEU Y 372 131.80 -45.44 -45.08
N ALA Y 373 132.92 -44.89 -45.52
CA ALA Y 373 133.17 -43.46 -45.36
C ALA Y 373 132.06 -42.65 -46.01
N GLN Y 374 131.71 -43.04 -47.23
CA GLN Y 374 130.64 -42.35 -47.97
C GLN Y 374 129.28 -42.78 -47.43
N TYR Y 375 129.25 -43.90 -46.73
CA TYR Y 375 128.00 -44.42 -46.18
C TYR Y 375 127.42 -43.45 -45.15
N ARG Y 376 128.24 -43.03 -44.20
CA ARG Y 376 127.77 -42.15 -43.14
C ARG Y 376 127.31 -40.80 -43.69
N GLU Y 377 127.86 -40.41 -44.84
CA GLU Y 377 127.54 -39.12 -45.44
C GLU Y 377 126.14 -39.12 -46.03
N VAL Y 378 125.76 -40.25 -46.63
CA VAL Y 378 124.43 -40.38 -47.23
C VAL Y 378 123.43 -40.87 -46.20
N ALA Y 379 123.92 -41.60 -45.20
CA ALA Y 379 123.06 -42.15 -44.16
C ALA Y 379 122.59 -41.05 -43.23
N ALA Y 380 123.53 -40.21 -42.82
CA ALA Y 380 123.23 -39.09 -41.94
C ALA Y 380 122.55 -37.96 -42.71
N PHE Y 381 122.45 -38.14 -44.03
CA PHE Y 381 121.83 -37.14 -44.90
C PHE Y 381 120.40 -37.55 -45.27
N ALA Y 382 120.07 -38.82 -45.00
CA ALA Y 382 118.73 -39.34 -45.28
C ALA Y 382 117.99 -39.64 -43.98
N GLN Y 383 118.61 -39.33 -42.85
CA GLN Y 383 118.01 -39.57 -41.54
C GLN Y 383 116.98 -38.51 -41.19
N PHE Y 384 116.79 -37.55 -42.09
CA PHE Y 384 115.80 -36.50 -41.92
C PHE Y 384 114.39 -37.03 -42.17
N GLY Y 385 114.30 -38.06 -43.01
CA GLY Y 385 113.03 -38.68 -43.32
C GLY Y 385 112.63 -38.49 -44.77
N SER Y 386 113.33 -37.59 -45.46
CA SER Y 386 113.05 -37.29 -46.85
C SER Y 386 113.16 -38.53 -47.72
N ASP Y 387 112.44 -38.55 -48.84
CA ASP Y 387 112.51 -39.67 -49.75
C ASP Y 387 113.69 -39.51 -50.71
N LEU Y 388 114.37 -40.61 -50.99
CA LEU Y 388 115.52 -40.59 -51.88
C LEU Y 388 115.28 -41.45 -53.12
N ASP Y 389 116.24 -41.44 -54.03
CA ASP Y 389 116.17 -42.25 -55.25
C ASP Y 389 116.61 -43.69 -54.98
N ALA Y 390 116.66 -44.49 -56.04
CA ALA Y 390 117.03 -45.90 -55.91
C ALA Y 390 118.53 -46.05 -55.69
N SER Y 391 119.31 -45.17 -56.30
CA SER Y 391 120.76 -45.22 -56.19
C SER Y 391 121.24 -45.05 -54.74
N THR Y 392 120.77 -43.98 -54.07
CA THR Y 392 121.16 -43.69 -52.70
C THR Y 392 120.54 -44.69 -51.73
N LYS Y 393 119.30 -45.07 -52.00
CA LYS Y 393 118.60 -46.04 -51.16
C LYS Y 393 119.25 -47.41 -51.21
N GLN Y 394 119.69 -47.83 -52.40
CA GLN Y 394 120.35 -49.12 -52.56
C GLN Y 394 121.64 -49.19 -51.75
N THR Y 395 122.40 -48.10 -51.77
CA THR Y 395 123.63 -48.03 -51.00
C THR Y 395 123.35 -47.90 -49.51
N LEU Y 396 122.18 -47.39 -49.18
CA LEU Y 396 121.78 -47.22 -47.79
C LEU Y 396 121.38 -48.56 -47.14
N VAL Y 397 120.86 -49.48 -47.94
CA VAL Y 397 120.45 -50.78 -47.42
C VAL Y 397 121.66 -51.67 -47.18
N ARG Y 398 122.60 -51.65 -48.13
CA ARG Y 398 123.81 -52.46 -48.01
C ARG Y 398 124.76 -51.95 -46.93
N GLY Y 399 124.76 -50.65 -46.71
CA GLY Y 399 125.61 -50.06 -45.67
C GLY Y 399 125.22 -50.52 -44.29
N GLU Y 400 123.91 -50.54 -44.02
CA GLU Y 400 123.39 -50.96 -42.72
C GLU Y 400 123.76 -52.40 -42.39
N ARG Y 401 123.69 -53.28 -43.37
CA ARG Y 401 124.03 -54.68 -43.17
C ARG Y 401 125.50 -54.86 -42.80
N LEU Y 402 126.38 -54.08 -43.44
CA LEU Y 402 127.81 -54.16 -43.20
C LEU Y 402 128.16 -53.61 -41.82
N THR Y 403 127.53 -52.49 -41.48
CA THR Y 403 127.71 -51.88 -40.17
C THR Y 403 127.40 -52.85 -39.03
N GLN Y 404 126.29 -53.58 -39.14
CA GLN Y 404 125.91 -54.55 -38.12
C GLN Y 404 126.84 -55.76 -38.11
N LEU Y 405 127.41 -56.06 -39.28
CA LEU Y 405 128.30 -57.20 -39.42
C LEU Y 405 129.64 -56.93 -38.78
N LEU Y 406 130.02 -55.65 -38.74
CA LEU Y 406 131.28 -55.25 -38.12
C LEU Y 406 131.24 -55.44 -36.61
N LYS Y 407 130.02 -55.42 -36.05
CA LYS Y 407 129.84 -55.55 -34.61
C LYS Y 407 130.39 -56.88 -34.10
N GLN Y 408 130.89 -56.87 -32.88
CA GLN Y 408 131.45 -58.07 -32.26
C GLN Y 408 131.58 -57.94 -30.75
N ASN Y 409 131.19 -58.98 -30.03
CA ASN Y 409 131.32 -59.00 -28.58
C ASN Y 409 132.78 -59.11 -28.13
N GLN Y 410 133.06 -58.68 -26.91
CA GLN Y 410 134.42 -58.74 -26.36
C GLN Y 410 134.78 -60.16 -25.95
N TYR Y 411 136.07 -60.44 -25.89
CA TYR Y 411 136.56 -61.77 -25.50
C TYR Y 411 136.10 -62.85 -26.46
N SER Y 412 135.78 -62.44 -27.69
CA SER Y 412 135.34 -63.38 -28.73
C SER Y 412 136.16 -63.21 -30.02
N PRO Y 413 137.46 -63.54 -29.97
CA PRO Y 413 138.35 -63.43 -31.14
C PRO Y 413 138.04 -64.48 -32.21
N LEU Y 414 138.01 -64.06 -33.48
CA LEU Y 414 137.73 -64.97 -34.59
C LEU Y 414 138.93 -65.13 -35.53
N ALA Y 415 139.19 -66.36 -35.96
CA ALA Y 415 140.29 -66.65 -36.88
C ALA Y 415 140.10 -65.93 -38.21
N THR Y 416 141.20 -65.58 -38.87
CA THR Y 416 141.14 -64.93 -40.17
C THR Y 416 140.28 -65.76 -41.13
N GLU Y 417 140.46 -67.08 -41.08
CA GLU Y 417 139.71 -68.00 -41.92
C GLU Y 417 138.20 -67.83 -41.71
N GLU Y 418 137.80 -67.47 -40.49
CA GLU Y 418 136.41 -67.29 -40.14
C GLU Y 418 135.89 -65.90 -40.55
N GLN Y 419 136.80 -64.94 -40.62
CA GLN Y 419 136.46 -63.57 -41.00
C GLN Y 419 136.25 -63.41 -42.49
N VAL Y 420 137.12 -64.05 -43.28
CA VAL Y 420 137.06 -63.96 -44.74
C VAL Y 420 135.66 -64.20 -45.31
N PRO Y 421 135.01 -65.29 -44.90
CA PRO Y 421 133.67 -65.63 -45.37
C PRO Y 421 132.65 -64.51 -45.12
N LEU Y 422 132.67 -63.94 -43.91
CA LEU Y 422 131.68 -62.94 -43.53
C LEU Y 422 131.76 -61.69 -44.41
N ILE Y 423 132.97 -61.22 -44.66
CA ILE Y 423 133.16 -60.04 -45.49
C ILE Y 423 132.66 -60.26 -46.92
N TYR Y 424 132.97 -61.43 -47.48
CA TYR Y 424 132.57 -61.76 -48.85
C TYR Y 424 131.07 -61.53 -49.05
N ALA Y 425 130.26 -62.09 -48.16
CA ALA Y 425 128.81 -61.98 -48.27
C ALA Y 425 128.32 -60.54 -48.21
N GLY Y 426 128.93 -59.73 -47.36
CA GLY Y 426 128.53 -58.34 -47.19
C GLY Y 426 128.64 -57.53 -48.47
N VAL Y 427 129.78 -57.61 -49.13
CA VAL Y 427 130.02 -56.86 -50.36
C VAL Y 427 129.10 -57.33 -51.49
N ASN Y 428 128.95 -58.63 -51.64
CA ASN Y 428 128.13 -59.20 -52.70
C ASN Y 428 126.67 -58.79 -52.59
N GLY Y 429 126.16 -58.73 -51.36
CA GLY Y 429 124.79 -58.29 -51.12
C GLY Y 429 123.86 -59.38 -50.63
N HIS Y 430 124.37 -60.60 -50.48
CA HIS Y 430 123.55 -61.72 -50.03
C HIS Y 430 122.87 -61.40 -48.71
N LEU Y 431 123.49 -60.52 -47.93
CA LEU Y 431 122.96 -60.14 -46.63
C LEU Y 431 121.81 -59.16 -46.78
N ASP Y 432 121.86 -58.35 -47.83
CA ASP Y 432 120.82 -57.35 -48.07
C ASP Y 432 119.41 -57.92 -47.93
N GLY Y 433 119.17 -59.05 -48.58
CA GLY Y 433 117.86 -59.68 -48.49
C GLY Y 433 117.54 -60.10 -47.07
N ILE Y 434 118.58 -60.48 -46.34
CA ILE Y 434 118.44 -60.92 -44.95
C ILE Y 434 117.91 -59.81 -44.05
N GLU Y 435 117.06 -60.19 -43.11
CA GLU Y 435 116.50 -59.23 -42.17
C GLU Y 435 117.61 -58.65 -41.31
N LEU Y 436 117.40 -57.44 -40.81
CA LEU Y 436 118.41 -56.74 -40.03
C LEU Y 436 118.62 -57.36 -38.64
N SER Y 437 117.53 -57.89 -38.06
CA SER Y 437 117.59 -58.46 -36.72
C SER Y 437 118.10 -59.90 -36.72
N ARG Y 438 118.36 -60.44 -37.91
CA ARG Y 438 118.83 -61.81 -38.05
C ARG Y 438 120.30 -61.87 -38.47
N ILE Y 439 120.94 -60.70 -38.56
CA ILE Y 439 122.33 -60.61 -38.98
C ILE Y 439 123.27 -61.25 -37.95
N GLY Y 440 122.93 -61.09 -36.68
CA GLY Y 440 123.72 -61.63 -35.59
C GLY Y 440 123.67 -63.15 -35.53
N GLU Y 441 122.46 -63.71 -35.46
CA GLU Y 441 122.29 -65.16 -35.42
C GLU Y 441 122.85 -65.80 -36.69
N PHE Y 442 122.78 -65.06 -37.80
CA PHE Y 442 123.22 -65.56 -39.09
C PHE Y 442 124.72 -65.85 -39.09
N GLU Y 443 125.49 -64.98 -38.45
CA GLU Y 443 126.93 -65.15 -38.40
C GLU Y 443 127.32 -66.44 -37.69
N SER Y 444 126.69 -66.70 -36.55
CA SER Y 444 126.99 -67.89 -35.76
C SER Y 444 126.48 -69.16 -36.45
N SER Y 445 125.45 -69.01 -37.26
CA SER Y 445 124.86 -70.14 -37.98
C SER Y 445 125.58 -70.41 -39.29
N PHE Y 446 126.16 -69.36 -39.88
CA PHE Y 446 126.88 -69.51 -41.14
C PHE Y 446 128.21 -70.21 -40.94
N LEU Y 447 128.89 -69.93 -39.83
CA LEU Y 447 130.17 -70.56 -39.52
C LEU Y 447 130.00 -72.06 -39.31
N SER Y 448 128.93 -72.44 -38.62
CA SER Y 448 128.64 -73.85 -38.38
C SER Y 448 128.35 -74.59 -39.69
N TYR Y 449 127.80 -73.88 -40.67
CA TYR Y 449 127.46 -74.48 -41.97
C TYR Y 449 128.71 -74.91 -42.73
N LEU Y 450 129.77 -74.10 -42.63
CA LEU Y 450 131.03 -74.42 -43.30
C LEU Y 450 131.76 -75.57 -42.60
N LYS Y 451 131.84 -75.51 -41.28
CA LYS Y 451 132.48 -76.57 -40.49
C LYS Y 451 131.78 -77.91 -40.69
N SER Y 452 130.45 -77.89 -40.72
CA SER Y 452 129.66 -79.10 -40.88
C SER Y 452 129.64 -79.60 -42.32
N ASN Y 453 129.80 -78.67 -43.27
CA ASN Y 453 129.80 -79.00 -44.68
C ASN Y 453 131.13 -78.67 -45.35
N HIS Y 454 131.23 -77.46 -45.89
CA HIS Y 454 132.41 -77.03 -46.64
C HIS Y 454 133.61 -76.71 -45.76
N ASN Y 455 134.04 -77.70 -44.98
CA ASN Y 455 135.19 -77.54 -44.10
C ASN Y 455 136.48 -77.39 -44.89
N GLU Y 456 136.51 -78.04 -46.06
CA GLU Y 456 137.69 -78.01 -46.92
C GLU Y 456 138.11 -76.58 -47.27
N LEU Y 457 137.12 -75.71 -47.46
CA LEU Y 457 137.39 -74.31 -47.77
C LEU Y 457 138.10 -73.61 -46.62
N LEU Y 458 137.71 -73.94 -45.40
CA LEU Y 458 138.30 -73.35 -44.21
C LEU Y 458 139.77 -73.74 -44.06
N THR Y 459 140.07 -75.02 -44.32
CA THR Y 459 141.43 -75.52 -44.23
C THR Y 459 142.33 -74.95 -45.33
N GLU Y 460 141.75 -74.60 -46.47
CA GLU Y 460 142.51 -74.04 -47.59
C GLU Y 460 142.91 -72.59 -47.33
N ILE Y 461 141.96 -71.79 -46.84
CA ILE Y 461 142.22 -70.39 -46.54
C ILE Y 461 143.18 -70.25 -45.35
N ARG Y 462 143.16 -71.25 -44.48
CA ARG Y 462 144.04 -71.28 -43.31
C ARG Y 462 145.50 -71.34 -43.71
N GLU Y 463 145.89 -72.41 -44.41
CA GLU Y 463 147.27 -72.62 -44.84
C GLU Y 463 147.67 -71.63 -45.95
N LYS Y 464 147.02 -71.76 -47.10
CA LYS Y 464 147.31 -70.90 -48.26
C LYS Y 464 147.25 -69.43 -47.88
N GLY Y 465 146.13 -69.00 -47.32
CA GLY Y 465 145.95 -67.61 -46.93
C GLY Y 465 145.60 -66.72 -48.12
N GLU Y 466 145.21 -67.35 -49.22
CA GLU Y 466 144.81 -66.60 -50.40
C GLU Y 466 143.69 -67.36 -51.13
N LEU Y 467 142.77 -66.63 -51.75
CA LEU Y 467 141.67 -67.25 -52.46
C LEU Y 467 141.96 -67.33 -53.96
N SER Y 468 142.22 -68.54 -54.45
CA SER Y 468 142.48 -68.74 -55.87
C SER Y 468 141.24 -68.47 -56.71
N LYS Y 469 141.38 -68.54 -58.02
CA LYS Y 469 140.26 -68.31 -58.92
C LYS Y 469 139.26 -69.47 -58.87
N GLU Y 470 139.73 -70.62 -58.39
CA GLU Y 470 138.89 -71.81 -58.27
C GLU Y 470 138.13 -71.86 -56.95
N LEU Y 471 138.82 -71.60 -55.84
CA LEU Y 471 138.21 -71.57 -54.52
C LEU Y 471 137.18 -70.44 -54.41
N LEU Y 472 137.39 -69.39 -55.20
CA LEU Y 472 136.48 -68.25 -55.25
C LEU Y 472 135.10 -68.69 -55.73
N ALA Y 473 135.08 -69.59 -56.71
CA ALA Y 473 133.84 -70.11 -57.27
C ALA Y 473 133.16 -71.10 -56.32
N SER Y 474 133.95 -71.99 -55.72
CA SER Y 474 133.43 -72.99 -54.79
C SER Y 474 132.80 -72.32 -53.59
N LEU Y 475 133.32 -71.14 -53.25
CA LEU Y 475 132.82 -70.37 -52.12
C LEU Y 475 131.49 -69.71 -52.46
N LYS Y 476 131.42 -69.11 -53.64
CA LYS Y 476 130.21 -68.40 -54.05
C LYS Y 476 129.02 -69.35 -54.10
N SER Y 477 129.20 -70.50 -54.73
CA SER Y 477 128.12 -71.48 -54.86
C SER Y 477 127.70 -72.03 -53.49
N ALA Y 478 128.59 -71.91 -52.51
CA ALA Y 478 128.36 -72.43 -51.15
C ALA Y 478 127.60 -71.44 -50.25
N THR Y 479 127.77 -70.15 -50.53
CA THR Y 479 127.09 -69.11 -49.77
C THR Y 479 125.72 -68.83 -50.35
N GLU Y 480 125.68 -68.69 -51.67
CA GLU Y 480 124.43 -68.46 -52.40
C GLU Y 480 123.40 -69.53 -52.03
N SER Y 481 123.86 -70.77 -51.94
CA SER Y 481 122.99 -71.90 -51.61
C SER Y 481 122.46 -71.80 -50.18
N PHE Y 482 123.21 -71.13 -49.32
CA PHE Y 482 122.81 -70.97 -47.92
C PHE Y 482 121.87 -69.78 -47.73
N VAL Y 483 122.10 -68.73 -48.51
CA VAL Y 483 121.25 -67.55 -48.49
C VAL Y 483 119.81 -67.91 -48.89
N ALA Y 484 119.67 -68.81 -49.86
CA ALA Y 484 118.36 -69.22 -50.34
C ALA Y 484 117.55 -69.95 -49.26
N THR Y 485 118.22 -70.84 -48.52
CA THR Y 485 117.56 -71.58 -47.45
C THR Y 485 117.45 -70.72 -46.19
N ASN Z 1 188.07 7.77 -23.80
CA ASN Z 1 188.38 6.74 -24.76
C ASN Z 1 187.11 6.05 -25.27
N LEU Z 2 186.33 5.53 -24.33
CA LEU Z 2 185.14 4.76 -24.64
C LEU Z 2 183.93 5.63 -24.96
N ASN Z 3 184.11 6.94 -24.89
CA ASN Z 3 183.04 7.87 -25.22
C ASN Z 3 182.57 7.74 -26.67
N GLU Z 4 183.49 7.46 -27.57
CA GLU Z 4 183.12 7.36 -28.98
C GLU Z 4 183.28 5.94 -29.49
N THR Z 5 183.63 5.02 -28.61
CA THR Z 5 183.84 3.64 -29.01
C THR Z 5 183.41 2.71 -27.90
N GLY Z 6 183.35 1.42 -28.21
CA GLY Z 6 182.92 0.44 -27.22
C GLY Z 6 183.26 -0.98 -27.61
N ARG Z 7 183.29 -1.86 -26.62
CA ARG Z 7 183.59 -3.26 -26.86
C ARG Z 7 182.36 -4.11 -26.63
N VAL Z 8 182.13 -5.06 -27.52
CA VAL Z 8 180.95 -5.91 -27.45
C VAL Z 8 181.04 -6.90 -26.30
N LEU Z 9 180.00 -6.95 -25.48
CA LEU Z 9 179.96 -7.86 -24.33
C LEU Z 9 179.28 -9.20 -24.67
N ALA Z 10 178.18 -9.13 -25.41
CA ALA Z 10 177.49 -10.32 -25.87
C ALA Z 10 176.86 -10.04 -27.22
N VAL Z 11 176.51 -11.10 -27.95
CA VAL Z 11 175.86 -10.94 -29.24
C VAL Z 11 175.14 -12.21 -29.67
N GLY Z 12 173.96 -12.04 -30.27
CA GLY Z 12 173.15 -13.16 -30.71
C GLY Z 12 171.71 -12.77 -31.06
N ASP Z 13 171.14 -13.44 -32.07
CA ASP Z 13 169.77 -13.18 -32.45
C ASP Z 13 169.57 -11.76 -32.97
N GLY Z 14 170.64 -11.15 -33.49
CA GLY Z 14 170.55 -9.80 -34.00
C GLY Z 14 170.66 -8.72 -32.94
N ILE Z 15 170.90 -9.15 -31.70
CA ILE Z 15 171.11 -8.24 -30.57
C ILE Z 15 172.57 -8.22 -30.12
N ALA Z 16 173.06 -7.04 -29.75
CA ALA Z 16 174.45 -6.89 -29.31
C ALA Z 16 174.60 -5.92 -28.15
N ARG Z 17 174.94 -6.45 -26.98
CA ARG Z 17 175.19 -5.64 -25.79
C ARG Z 17 176.62 -5.15 -25.81
N VAL Z 18 176.81 -3.90 -26.26
CA VAL Z 18 178.12 -3.32 -26.31
C VAL Z 18 178.37 -2.50 -25.05
N PHE Z 19 179.60 -2.53 -24.57
CA PHE Z 19 179.98 -1.75 -23.41
C PHE Z 19 180.69 -0.46 -23.81
N GLY Z 20 180.38 0.64 -23.14
CA GLY Z 20 180.96 1.93 -23.47
C GLY Z 20 179.93 2.84 -24.09
N LEU Z 21 180.35 3.63 -25.08
CA LEU Z 21 179.43 4.53 -25.80
C LEU Z 21 178.62 5.39 -24.84
N ASN Z 22 179.30 6.26 -24.10
CA ASN Z 22 178.63 7.12 -23.12
C ASN Z 22 178.32 8.51 -23.66
N ASN Z 23 178.30 8.64 -24.98
CA ASN Z 23 177.96 9.90 -25.63
C ASN Z 23 177.11 9.65 -26.87
N ILE Z 24 176.70 8.40 -27.06
CA ILE Z 24 175.79 8.04 -28.13
C ILE Z 24 174.38 8.50 -27.75
N GLN Z 25 173.59 8.88 -28.76
CA GLN Z 25 172.24 9.39 -28.53
C GLN Z 25 171.20 8.27 -28.54
N ALA Z 26 169.93 8.61 -28.34
CA ALA Z 26 168.87 7.61 -28.40
C ALA Z 26 168.49 7.29 -29.85
N GLU Z 27 168.44 6.01 -30.19
CA GLU Z 27 168.08 5.57 -31.54
C GLU Z 27 169.11 6.01 -32.58
N GLU Z 28 170.38 6.01 -32.17
CA GLU Z 28 171.46 6.45 -33.04
C GLU Z 28 172.09 5.29 -33.79
N LEU Z 29 172.53 5.57 -35.01
CA LEU Z 29 173.12 4.57 -35.87
C LEU Z 29 174.56 4.33 -35.43
N VAL Z 30 175.02 3.09 -35.54
CA VAL Z 30 176.39 2.73 -35.19
C VAL Z 30 176.99 1.76 -36.21
N GLU Z 31 178.31 1.61 -36.17
CA GLU Z 31 179.04 0.71 -37.07
C GLU Z 31 180.06 -0.16 -36.34
N PHE Z 32 179.99 -1.47 -36.57
CA PHE Z 32 180.93 -2.40 -35.97
C PHE Z 32 182.16 -2.56 -36.84
N SER Z 33 183.17 -3.26 -36.33
CA SER Z 33 184.40 -3.47 -37.07
C SER Z 33 184.16 -4.35 -38.29
N SER Z 34 183.18 -5.24 -38.19
CA SER Z 34 182.85 -6.19 -39.24
C SER Z 34 182.35 -5.51 -40.52
N GLY Z 35 181.79 -4.31 -40.36
CA GLY Z 35 181.18 -3.58 -41.46
C GLY Z 35 179.68 -3.42 -41.26
N VAL Z 36 179.09 -4.33 -40.49
CA VAL Z 36 177.65 -4.32 -40.26
C VAL Z 36 177.23 -3.17 -39.35
N LYS Z 37 176.16 -2.49 -39.71
CA LYS Z 37 175.69 -1.37 -38.91
C LYS Z 37 174.63 -1.83 -37.91
N GLY Z 38 174.33 -0.98 -36.92
CA GLY Z 38 173.37 -1.34 -35.90
C GLY Z 38 172.67 -0.13 -35.32
N MET Z 39 171.66 -0.38 -34.50
CA MET Z 39 170.84 0.70 -33.93
C MET Z 39 170.65 0.56 -32.43
N ALA Z 40 170.94 1.63 -31.70
CA ALA Z 40 170.84 1.62 -30.23
C ALA Z 40 169.45 2.02 -29.75
N LEU Z 41 168.79 1.11 -29.04
CA LEU Z 41 167.43 1.34 -28.58
C LEU Z 41 167.32 1.35 -27.07
N ASN Z 42 168.16 0.57 -26.41
CA ASN Z 42 168.18 0.52 -24.95
C ASN Z 42 169.46 1.13 -24.37
N LEU Z 43 169.31 2.23 -23.64
CA LEU Z 43 170.44 2.90 -23.02
C LEU Z 43 170.51 2.57 -21.54
N GLU Z 44 171.56 1.86 -21.15
CA GLU Z 44 171.76 1.51 -19.74
C GLU Z 44 173.19 1.80 -19.33
N PRO Z 45 173.41 2.03 -18.02
CA PRO Z 45 174.73 2.31 -17.47
C PRO Z 45 175.73 1.20 -17.78
N GLY Z 46 175.39 -0.02 -17.41
CA GLY Z 46 176.24 -1.17 -17.68
C GLY Z 46 176.61 -1.33 -19.14
N GLN Z 47 175.60 -1.45 -19.99
CA GLN Z 47 175.82 -1.72 -21.41
C GLN Z 47 174.77 -1.02 -22.25
N VAL Z 48 174.94 -1.09 -23.57
CA VAL Z 48 173.98 -0.50 -24.48
C VAL Z 48 173.44 -1.61 -25.37
N GLY Z 49 172.11 -1.66 -25.49
CA GLY Z 49 171.47 -2.63 -26.36
C GLY Z 49 171.40 -2.12 -27.77
N ILE Z 50 171.93 -2.90 -28.71
CA ILE Z 50 171.92 -2.51 -30.11
C ILE Z 50 171.35 -3.63 -30.97
N VAL Z 51 170.59 -3.25 -31.99
CA VAL Z 51 169.99 -4.20 -32.89
C VAL Z 51 170.74 -4.20 -34.21
N LEU Z 52 170.93 -5.37 -34.80
CA LEU Z 52 171.73 -5.49 -36.01
C LEU Z 52 170.87 -5.44 -37.26
N PHE Z 53 171.37 -4.77 -38.29
CA PHE Z 53 170.66 -4.71 -39.55
C PHE Z 53 171.01 -5.91 -40.43
N GLY Z 54 172.07 -6.62 -40.05
CA GLY Z 54 172.49 -7.79 -40.80
C GLY Z 54 172.68 -9.00 -39.90
N SER Z 55 173.19 -10.08 -40.48
CA SER Z 55 173.48 -11.29 -39.72
C SER Z 55 174.40 -10.95 -38.56
N ASP Z 56 174.38 -11.79 -37.53
CA ASP Z 56 175.19 -11.54 -36.36
C ASP Z 56 176.37 -12.50 -36.24
N ARG Z 57 176.54 -13.37 -37.23
CA ARG Z 57 177.63 -14.34 -37.23
C ARG Z 57 178.97 -13.65 -37.41
N LEU Z 58 178.93 -12.34 -37.60
CA LEU Z 58 180.14 -11.57 -37.84
C LEU Z 58 180.61 -10.84 -36.59
N VAL Z 59 179.67 -10.43 -35.75
CA VAL Z 59 180.02 -9.75 -34.50
C VAL Z 59 180.47 -10.78 -33.46
N LYS Z 60 181.48 -10.43 -32.69
CA LYS Z 60 182.02 -11.33 -31.69
C LYS Z 60 182.37 -10.52 -30.46
N GLU Z 61 182.48 -11.19 -29.31
CA GLU Z 61 182.81 -10.51 -28.06
C GLU Z 61 184.13 -9.74 -28.17
N GLY Z 62 184.15 -8.53 -27.61
CA GLY Z 62 185.37 -7.72 -27.56
C GLY Z 62 185.66 -6.92 -28.81
N GLU Z 63 184.70 -6.90 -29.73
CA GLU Z 63 184.89 -6.19 -30.99
C GLU Z 63 184.76 -4.69 -30.75
N LEU Z 64 185.36 -3.89 -31.63
CA LEU Z 64 185.27 -2.44 -31.53
C LEU Z 64 183.91 -1.97 -32.04
N VAL Z 65 183.41 -0.88 -31.49
CA VAL Z 65 182.18 -0.29 -31.98
C VAL Z 65 182.33 1.22 -32.09
N LYS Z 66 181.83 1.78 -33.19
CA LYS Z 66 181.93 3.21 -33.46
C LYS Z 66 180.55 3.80 -33.65
N ARG Z 67 180.41 5.10 -33.42
CA ARG Z 67 179.11 5.74 -33.59
C ARG Z 67 179.04 6.64 -34.82
N THR Z 68 177.81 6.89 -35.29
CA THR Z 68 177.55 7.70 -36.47
C THR Z 68 177.30 9.18 -36.11
N GLY Z 69 176.77 9.41 -34.91
CA GLY Z 69 176.49 10.76 -34.45
C GLY Z 69 175.19 11.34 -35.00
N ASN Z 70 174.54 10.56 -35.86
CA ASN Z 70 173.32 11.03 -36.51
C ASN Z 70 172.17 10.02 -36.41
N ILE Z 71 170.94 10.54 -36.30
CA ILE Z 71 169.74 9.71 -36.24
C ILE Z 71 169.43 9.06 -37.58
N VAL Z 72 169.05 7.78 -37.57
CA VAL Z 72 168.88 7.02 -38.80
C VAL Z 72 167.97 7.68 -39.81
N ASP Z 73 168.56 8.19 -40.88
CA ASP Z 73 167.81 8.93 -41.90
C ASP Z 73 167.90 8.26 -43.27
N VAL Z 74 167.08 8.73 -44.21
CA VAL Z 74 167.05 8.19 -45.57
C VAL Z 74 166.99 9.29 -46.61
N PRO Z 75 167.63 9.05 -47.77
CA PRO Z 75 167.67 10.01 -48.88
C PRO Z 75 166.27 10.28 -49.39
N VAL Z 76 165.98 11.51 -49.78
CA VAL Z 76 164.66 11.84 -50.28
C VAL Z 76 164.72 12.78 -51.48
N GLY Z 77 163.64 12.82 -52.25
CA GLY Z 77 163.58 13.64 -53.44
C GLY Z 77 163.03 12.88 -54.63
N PRO Z 78 162.86 13.57 -55.77
CA PRO Z 78 162.31 12.99 -56.99
C PRO Z 78 163.17 11.88 -57.56
N GLY Z 79 164.49 11.99 -57.40
CA GLY Z 79 165.40 10.99 -57.91
C GLY Z 79 164.98 9.55 -57.70
N LEU Z 80 164.44 9.25 -56.52
CA LEU Z 80 164.03 7.89 -56.18
C LEU Z 80 162.95 7.34 -57.10
N LEU Z 81 162.16 8.24 -57.67
CA LEU Z 81 161.12 7.85 -58.61
C LEU Z 81 161.64 6.78 -59.55
N GLY Z 82 160.98 5.64 -59.55
CA GLY Z 82 161.29 4.58 -60.49
C GLY Z 82 162.38 3.66 -59.99
N ARG Z 83 162.92 3.99 -58.83
CA ARG Z 83 164.00 3.20 -58.25
C ARG Z 83 163.43 2.36 -57.11
N VAL Z 84 164.14 1.29 -56.77
CA VAL Z 84 163.73 0.39 -55.71
C VAL Z 84 164.79 0.39 -54.62
N VAL Z 85 164.49 1.01 -53.48
CA VAL Z 85 165.46 1.09 -52.39
C VAL Z 85 165.08 0.23 -51.18
N ASP Z 86 165.99 0.12 -50.20
CA ASP Z 86 165.74 -0.63 -48.97
C ASP Z 86 165.51 0.32 -47.80
N ALA Z 87 165.23 -0.23 -46.63
CA ALA Z 87 164.96 0.57 -45.43
C ALA Z 87 165.80 1.84 -45.44
N LEU Z 88 167.12 1.68 -45.44
CA LEU Z 88 168.05 2.79 -45.37
C LEU Z 88 168.01 3.74 -46.57
N GLY Z 89 167.47 3.28 -47.69
CA GLY Z 89 167.34 4.13 -48.86
C GLY Z 89 168.38 3.87 -49.94
N ASN Z 90 169.14 2.78 -49.77
CA ASN Z 90 170.12 2.37 -50.76
C ASN Z 90 169.48 1.63 -51.93
N PRO Z 91 170.03 1.82 -53.15
CA PRO Z 91 169.49 1.14 -54.34
C PRO Z 91 169.67 -0.37 -54.26
N ILE Z 92 168.63 -1.11 -54.63
CA ILE Z 92 168.69 -2.57 -54.66
C ILE Z 92 168.24 -3.12 -56.02
N ASP Z 93 168.01 -2.20 -56.96
CA ASP Z 93 167.58 -2.55 -58.32
C ASP Z 93 168.76 -2.62 -59.28
N GLY Z 94 169.88 -2.02 -58.89
CA GLY Z 94 171.11 -2.05 -59.67
C GLY Z 94 171.10 -1.14 -60.87
N LYS Z 95 170.90 0.16 -60.63
CA LYS Z 95 170.74 1.11 -61.72
C LYS Z 95 171.41 2.42 -61.36
N GLY Z 96 172.46 2.33 -60.56
CA GLY Z 96 173.22 3.50 -60.18
C GLY Z 96 172.90 4.01 -58.81
N PRO Z 97 173.69 5.00 -58.35
CA PRO Z 97 173.46 5.59 -57.03
C PRO Z 97 172.15 6.37 -57.02
N ILE Z 98 171.56 6.49 -55.84
CA ILE Z 98 170.36 7.27 -55.62
C ILE Z 98 170.68 8.75 -55.60
N ASP Z 99 170.26 9.46 -56.64
CA ASP Z 99 170.45 10.91 -56.68
C ASP Z 99 169.38 11.62 -55.86
N ALA Z 100 169.62 11.83 -54.57
CA ALA Z 100 168.63 12.49 -53.71
C ALA Z 100 168.87 14.00 -53.58
N ALA Z 101 167.81 14.74 -53.27
CA ALA Z 101 167.92 16.19 -53.12
C ALA Z 101 168.13 16.63 -51.66
N GLY Z 102 167.57 15.86 -50.73
CA GLY Z 102 167.76 16.11 -49.32
C GLY Z 102 167.70 14.81 -48.54
N ARG Z 103 167.97 14.86 -47.24
CA ARG Z 103 167.89 13.67 -46.39
C ARG Z 103 167.06 13.97 -45.14
N SER Z 104 166.01 13.18 -44.92
CA SER Z 104 165.14 13.39 -43.77
C SER Z 104 165.14 12.18 -42.84
N ARG Z 105 164.88 12.43 -41.56
CA ARG Z 105 164.96 11.37 -40.55
C ARG Z 105 163.86 10.33 -40.73
N ALA Z 106 164.01 9.20 -40.04
CA ALA Z 106 163.00 8.15 -40.07
C ALA Z 106 161.78 8.58 -39.28
N GLN Z 107 162.00 9.05 -38.06
CA GLN Z 107 160.92 9.48 -37.19
C GLN Z 107 160.69 10.99 -37.33
N VAL Z 108 159.57 11.36 -37.91
CA VAL Z 108 159.24 12.76 -38.09
C VAL Z 108 157.93 13.09 -37.39
N LYS Z 109 157.88 14.26 -36.77
CA LYS Z 109 156.68 14.71 -36.08
C LYS Z 109 155.52 14.87 -37.07
N ALA Z 110 154.33 14.44 -36.67
CA ALA Z 110 153.14 14.61 -37.52
C ALA Z 110 152.87 16.10 -37.76
N PRO Z 111 152.27 16.43 -38.92
CA PRO Z 111 151.97 17.82 -39.26
C PRO Z 111 151.11 18.50 -38.19
N GLY Z 112 151.22 19.82 -38.06
CA GLY Z 112 150.51 20.56 -37.03
C GLY Z 112 149.00 20.61 -37.16
N ILE Z 113 148.33 21.01 -36.07
CA ILE Z 113 146.89 21.20 -36.08
C ILE Z 113 146.54 22.42 -36.92
N LEU Z 114 147.39 23.44 -36.83
CA LEU Z 114 147.13 24.67 -37.56
C LEU Z 114 147.27 24.50 -39.10
N PRO Z 115 148.41 23.95 -39.56
CA PRO Z 115 148.66 23.74 -41.00
C PRO Z 115 147.90 22.58 -41.66
N ARG Z 116 146.57 22.56 -41.56
CA ARG Z 116 145.77 21.48 -42.15
C ARG Z 116 144.62 22.00 -42.99
N ARG Z 117 144.11 21.13 -43.87
CA ARG Z 117 142.95 21.45 -44.69
C ARG Z 117 142.01 20.26 -44.71
N SER Z 118 140.71 20.54 -44.71
CA SER Z 118 139.74 19.47 -44.84
C SER Z 118 139.89 18.83 -46.22
N VAL Z 119 139.87 17.51 -46.24
CA VAL Z 119 139.99 16.72 -47.47
C VAL Z 119 138.85 17.00 -48.43
N HIS Z 120 139.17 17.43 -49.64
CA HIS Z 120 138.17 17.73 -50.67
C HIS Z 120 138.58 17.15 -52.01
N GLU Z 121 139.85 16.76 -52.10
CA GLU Z 121 140.40 16.23 -53.34
C GLU Z 121 140.23 14.71 -53.42
N PRO Z 122 139.57 14.25 -54.50
CA PRO Z 122 139.29 12.82 -54.71
C PRO Z 122 140.55 12.03 -55.02
N VAL Z 123 140.48 10.72 -54.91
CA VAL Z 123 141.58 9.84 -55.31
C VAL Z 123 141.08 8.70 -56.19
N GLN Z 124 140.92 8.98 -57.48
CA GLN Z 124 140.41 8.00 -58.42
C GLN Z 124 141.10 6.65 -58.28
N THR Z 125 140.41 5.66 -57.73
CA THR Z 125 140.98 4.34 -57.57
C THR Z 125 140.68 3.45 -58.76
N GLY Z 126 139.87 3.96 -59.68
CA GLY Z 126 139.49 3.19 -60.85
C GLY Z 126 138.55 2.04 -60.51
N LEU Z 127 138.33 1.79 -59.23
CA LEU Z 127 137.43 0.72 -58.82
C LEU Z 127 136.02 1.26 -58.58
N LYS Z 128 135.05 0.84 -59.39
CA LYS Z 128 133.69 1.36 -59.27
C LYS Z 128 133.10 1.10 -57.89
N ALA Z 129 133.24 -0.13 -57.43
CA ALA Z 129 132.78 -0.50 -56.10
C ALA Z 129 133.32 0.47 -55.05
N VAL Z 130 134.51 1.02 -55.29
CA VAL Z 130 135.18 1.90 -54.33
C VAL Z 130 134.83 3.37 -54.52
N ASP Z 131 135.07 3.90 -55.72
CA ASP Z 131 134.86 5.32 -55.97
C ASP Z 131 133.39 5.71 -55.84
N ALA Z 132 132.50 4.71 -55.83
CA ALA Z 132 131.07 4.94 -55.74
C ALA Z 132 130.58 4.84 -54.30
N LEU Z 133 131.07 3.84 -53.58
CA LEU Z 133 130.67 3.61 -52.21
C LEU Z 133 131.60 4.27 -51.19
N VAL Z 134 132.86 3.82 -51.14
CA VAL Z 134 133.85 4.35 -50.20
C VAL Z 134 134.96 5.13 -50.89
N PRO Z 135 134.70 6.41 -51.23
CA PRO Z 135 135.66 7.22 -51.99
C PRO Z 135 136.92 7.56 -51.18
N ILE Z 136 138.05 7.68 -51.86
CA ILE Z 136 139.30 8.04 -51.21
C ILE Z 136 139.59 9.51 -51.43
N GLY Z 137 140.27 10.13 -50.46
CA GLY Z 137 140.52 11.55 -50.51
C GLY Z 137 141.97 11.86 -50.20
N ARG Z 138 142.54 12.77 -50.98
CA ARG Z 138 143.92 13.18 -50.79
C ARG Z 138 144.10 13.79 -49.40
N GLY Z 139 144.67 12.98 -48.51
CA GLY Z 139 145.00 13.42 -47.16
C GLY Z 139 144.45 12.51 -46.08
N GLN Z 140 143.78 11.44 -46.50
CA GLN Z 140 143.20 10.54 -45.52
C GLN Z 140 143.92 9.20 -45.58
N ARG Z 141 143.61 8.34 -44.63
CA ARG Z 141 144.18 7.01 -44.64
C ARG Z 141 143.07 5.94 -44.62
N GLU Z 142 142.84 5.34 -45.79
CA GLU Z 142 141.82 4.30 -45.96
C GLU Z 142 142.39 2.91 -45.79
N LEU Z 143 141.95 2.21 -44.75
CA LEU Z 143 142.46 0.89 -44.45
C LEU Z 143 142.01 -0.14 -45.49
N ILE Z 144 142.80 -1.18 -45.65
CA ILE Z 144 142.41 -2.31 -46.49
C ILE Z 144 142.59 -3.60 -45.70
N ILE Z 145 141.65 -3.87 -44.81
CA ILE Z 145 141.73 -5.03 -43.92
C ILE Z 145 140.99 -6.23 -44.52
N GLY Z 146 141.51 -7.42 -44.29
CA GLY Z 146 140.93 -8.66 -44.79
C GLY Z 146 141.84 -9.85 -44.52
N ASP Z 147 141.35 -11.07 -44.75
CA ASP Z 147 142.16 -12.28 -44.57
C ASP Z 147 143.14 -12.46 -45.73
N ARG Z 148 143.93 -13.53 -45.68
CA ARG Z 148 144.90 -13.80 -46.74
C ARG Z 148 144.18 -14.24 -48.02
N GLN Z 149 144.77 -13.92 -49.16
CA GLN Z 149 144.22 -14.36 -50.45
C GLN Z 149 142.79 -13.88 -50.66
N THR Z 150 142.58 -12.57 -50.57
CA THR Z 150 141.25 -12.02 -50.74
C THR Z 150 141.25 -10.97 -51.84
N GLY Z 151 142.23 -10.07 -51.79
CA GLY Z 151 142.37 -9.04 -52.80
C GLY Z 151 142.71 -7.67 -52.23
N LYS Z 152 143.54 -7.66 -51.18
CA LYS Z 152 143.87 -6.42 -50.47
C LYS Z 152 144.81 -5.56 -51.29
N THR Z 153 145.90 -6.21 -51.69
CA THR Z 153 146.91 -5.63 -52.54
C THR Z 153 146.30 -5.17 -53.85
N ALA Z 154 145.40 -5.99 -54.38
CA ALA Z 154 144.71 -5.70 -55.63
C ALA Z 154 144.16 -4.28 -55.63
N VAL Z 155 143.35 -3.98 -54.63
CA VAL Z 155 142.72 -2.68 -54.53
C VAL Z 155 143.78 -1.59 -54.66
N ALA Z 156 144.84 -1.71 -53.87
CA ALA Z 156 145.91 -0.73 -53.90
C ALA Z 156 146.58 -0.67 -55.28
N LEU Z 157 146.96 -1.83 -55.79
CA LEU Z 157 147.71 -1.92 -57.03
C LEU Z 157 146.99 -1.23 -58.19
N ASP Z 158 145.70 -1.53 -58.34
CA ASP Z 158 144.92 -0.95 -59.42
C ASP Z 158 144.91 0.56 -59.31
N THR Z 159 144.87 1.06 -58.09
CA THR Z 159 144.87 2.50 -57.86
C THR Z 159 146.07 3.18 -58.53
N ILE Z 160 147.26 2.64 -58.26
CA ILE Z 160 148.48 3.19 -58.82
C ILE Z 160 148.40 3.19 -60.34
N LEU Z 161 147.87 2.10 -60.89
CA LEU Z 161 147.76 1.96 -62.33
C LEU Z 161 146.83 3.02 -62.92
N ASN Z 162 145.79 3.39 -62.16
CA ASN Z 162 144.78 4.35 -62.61
C ASN Z 162 145.35 5.77 -62.69
N GLN Z 163 146.42 6.01 -61.95
CA GLN Z 163 147.00 7.35 -61.86
C GLN Z 163 147.68 7.77 -63.16
N LYS Z 164 147.90 6.80 -64.04
CA LYS Z 164 148.54 7.05 -65.32
C LYS Z 164 147.77 8.08 -66.12
N ARG Z 165 146.49 8.25 -65.77
CA ARG Z 165 145.61 9.18 -66.47
C ARG Z 165 146.04 10.64 -66.29
N TRP Z 166 146.82 10.92 -65.25
CA TRP Z 166 147.16 12.30 -64.92
C TRP Z 166 148.64 12.56 -64.75
N ASN Z 167 149.38 11.51 -64.42
CA ASN Z 167 150.83 11.65 -64.21
C ASN Z 167 151.57 11.89 -65.52
N ASN Z 168 150.98 11.46 -66.64
CA ASN Z 168 151.56 11.70 -67.95
C ASN Z 168 151.24 13.10 -68.45
N GLY Z 169 150.49 13.84 -67.65
CA GLY Z 169 150.03 15.15 -68.03
C GLY Z 169 151.05 16.23 -67.74
N SER Z 170 150.65 17.48 -67.91
CA SER Z 170 151.54 18.61 -67.70
C SER Z 170 151.27 19.24 -66.33
N ASP Z 171 149.98 19.31 -65.99
CA ASP Z 171 149.55 19.83 -64.71
C ASP Z 171 150.12 19.02 -63.54
N GLU Z 172 150.64 19.72 -62.52
CA GLU Z 172 151.21 19.06 -61.36
C GLU Z 172 150.17 18.81 -60.27
N SER Z 173 149.39 19.84 -59.95
CA SER Z 173 148.42 19.76 -58.85
C SER Z 173 147.39 18.65 -59.04
N LYS Z 174 147.41 18.01 -60.21
CA LYS Z 174 146.45 16.96 -60.52
C LYS Z 174 147.06 15.56 -60.42
N LYS Z 175 148.37 15.46 -60.64
CA LYS Z 175 149.05 14.17 -60.60
C LYS Z 175 149.04 13.56 -59.20
N LEU Z 176 149.53 12.34 -59.08
CA LEU Z 176 149.57 11.66 -57.78
C LEU Z 176 150.61 10.54 -57.72
N TYR Z 177 151.77 10.85 -57.13
CA TYR Z 177 152.88 9.89 -57.05
C TYR Z 177 152.62 8.80 -56.02
N CYS Z 178 153.10 7.60 -56.30
CA CYS Z 178 152.77 6.41 -55.51
C CYS Z 178 153.98 5.77 -54.83
N VAL Z 179 153.82 5.41 -53.56
CA VAL Z 179 154.90 4.75 -52.81
C VAL Z 179 154.46 3.42 -52.23
N TYR Z 180 154.86 2.33 -52.87
CA TYR Z 180 154.57 0.98 -52.37
C TYR Z 180 155.60 0.55 -51.35
N VAL Z 181 155.15 0.05 -50.21
CA VAL Z 181 156.08 -0.39 -49.15
C VAL Z 181 155.93 -1.87 -48.82
N ALA Z 182 156.70 -2.72 -49.50
CA ALA Z 182 156.63 -4.15 -49.27
C ALA Z 182 157.32 -4.50 -47.97
N VAL Z 183 156.57 -5.10 -47.05
CA VAL Z 183 157.15 -5.53 -45.78
C VAL Z 183 156.70 -6.93 -45.43
N GLY Z 184 157.66 -7.83 -45.24
CA GLY Z 184 157.37 -9.21 -44.88
C GLY Z 184 157.23 -10.12 -46.07
N GLN Z 185 157.04 -9.53 -47.24
CA GLN Z 185 156.88 -10.27 -48.49
C GLN Z 185 158.21 -10.88 -48.93
N LYS Z 186 158.13 -11.90 -49.78
CA LYS Z 186 159.35 -12.52 -50.31
C LYS Z 186 159.83 -11.75 -51.53
N ARG Z 187 161.13 -11.80 -51.78
CA ARG Z 187 161.69 -11.09 -52.92
C ARG Z 187 161.06 -11.55 -54.24
N SER Z 188 160.66 -12.81 -54.30
CA SER Z 188 159.97 -13.35 -55.48
C SER Z 188 158.76 -12.49 -55.86
N THR Z 189 157.91 -12.22 -54.88
CA THR Z 189 156.68 -11.46 -55.09
C THR Z 189 156.98 -10.03 -55.48
N VAL Z 190 157.85 -9.38 -54.72
CA VAL Z 190 158.17 -7.99 -54.98
C VAL Z 190 158.63 -7.84 -56.42
N ALA Z 191 159.44 -8.80 -56.87
CA ALA Z 191 159.99 -8.77 -58.22
C ALA Z 191 158.89 -8.82 -59.27
N GLN Z 192 157.87 -9.62 -58.98
CA GLN Z 192 156.77 -9.81 -59.89
C GLN Z 192 155.86 -8.58 -59.88
N LEU Z 193 155.73 -7.96 -58.71
CA LEU Z 193 154.94 -6.74 -58.57
C LEU Z 193 155.53 -5.62 -59.40
N VAL Z 194 156.82 -5.37 -59.20
CA VAL Z 194 157.54 -4.34 -59.94
C VAL Z 194 157.54 -4.63 -61.44
N GLN Z 195 157.50 -5.91 -61.78
CA GLN Z 195 157.41 -6.30 -63.18
C GLN Z 195 156.07 -5.82 -63.74
N THR Z 196 155.01 -6.02 -62.96
CA THR Z 196 153.67 -5.67 -63.41
C THR Z 196 153.50 -4.15 -63.58
N LEU Z 197 154.09 -3.38 -62.67
CA LEU Z 197 154.05 -1.93 -62.76
C LEU Z 197 154.65 -1.46 -64.07
N GLU Z 198 155.81 -2.02 -64.42
CA GLU Z 198 156.47 -1.68 -65.68
C GLU Z 198 155.62 -2.08 -66.88
N GLN Z 199 154.92 -3.21 -66.79
CA GLN Z 199 154.09 -3.66 -67.91
C GLN Z 199 152.97 -2.67 -68.18
N HIS Z 200 152.78 -1.74 -67.25
CA HIS Z 200 151.75 -0.70 -67.40
C HIS Z 200 152.33 0.71 -67.36
N ASP Z 201 153.63 0.82 -67.56
CA ASP Z 201 154.29 2.12 -67.50
C ASP Z 201 153.79 2.88 -66.28
N ALA Z 202 153.87 2.23 -65.13
CA ALA Z 202 153.47 2.82 -63.86
C ALA Z 202 154.65 2.87 -62.92
N MET Z 203 155.80 2.42 -63.40
CA MET Z 203 156.98 2.44 -62.53
C MET Z 203 157.62 3.82 -62.52
N LYS Z 204 157.34 4.63 -63.53
CA LYS Z 204 157.97 5.95 -63.65
C LYS Z 204 157.53 6.93 -62.57
N TYR Z 205 156.30 6.78 -62.07
CA TYR Z 205 155.85 7.64 -60.98
C TYR Z 205 155.70 6.87 -59.69
N SER Z 206 156.40 5.74 -59.60
CA SER Z 206 156.28 4.86 -58.44
C SER Z 206 157.61 4.60 -57.75
N ILE Z 207 157.61 4.69 -56.43
CA ILE Z 207 158.79 4.37 -55.63
C ILE Z 207 158.49 3.14 -54.78
N ILE Z 208 159.43 2.21 -54.70
CA ILE Z 208 159.20 0.97 -53.98
C ILE Z 208 160.23 0.81 -52.88
N VAL Z 209 159.78 0.43 -51.70
CA VAL Z 209 160.71 0.18 -50.61
C VAL Z 209 160.60 -1.25 -50.13
N ALA Z 210 161.70 -1.98 -50.20
CA ALA Z 210 161.67 -3.40 -49.97
C ALA Z 210 162.19 -3.76 -48.59
N ALA Z 211 161.42 -4.57 -47.87
CA ALA Z 211 161.83 -5.05 -46.57
C ALA Z 211 161.42 -6.49 -46.44
N THR Z 212 161.95 -7.33 -47.33
CA THR Z 212 161.57 -8.73 -47.39
C THR Z 212 161.80 -9.44 -46.06
N ALA Z 213 161.19 -10.62 -45.93
CA ALA Z 213 161.22 -11.35 -44.68
C ALA Z 213 162.65 -11.71 -44.29
N SER Z 214 163.45 -12.10 -45.27
CA SER Z 214 164.83 -12.53 -45.03
C SER Z 214 165.69 -11.48 -44.29
N GLU Z 215 165.49 -10.20 -44.62
CA GLU Z 215 166.25 -9.12 -43.99
C GLU Z 215 166.07 -9.13 -42.47
N ALA Z 216 166.88 -8.34 -41.77
CA ALA Z 216 166.83 -8.29 -40.31
C ALA Z 216 165.57 -7.60 -39.80
N ALA Z 217 165.11 -8.01 -38.62
CA ALA Z 217 163.87 -7.50 -38.04
C ALA Z 217 163.79 -5.96 -37.97
N PRO Z 218 164.90 -5.30 -37.60
CA PRO Z 218 165.00 -3.83 -37.54
C PRO Z 218 164.81 -3.14 -38.88
N LEU Z 219 165.07 -3.84 -39.97
CA LEU Z 219 164.80 -3.30 -41.30
C LEU Z 219 163.31 -3.27 -41.56
N GLN Z 220 162.65 -4.40 -41.34
CA GLN Z 220 161.20 -4.49 -41.49
C GLN Z 220 160.50 -3.48 -40.58
N TYR Z 221 161.08 -3.21 -39.43
CA TYR Z 221 160.49 -2.26 -38.49
C TYR Z 221 160.67 -0.83 -38.95
N LEU Z 222 161.82 -0.53 -39.52
CA LEU Z 222 162.14 0.84 -39.90
C LEU Z 222 161.59 1.18 -41.29
N ALA Z 223 161.34 0.13 -42.09
CA ALA Z 223 160.95 0.28 -43.49
C ALA Z 223 159.82 1.28 -43.73
N PRO Z 224 158.70 1.13 -42.99
CA PRO Z 224 157.55 2.02 -43.17
C PRO Z 224 157.89 3.46 -42.84
N PHE Z 225 158.59 3.68 -41.74
CA PHE Z 225 158.88 5.04 -41.29
C PHE Z 225 159.72 5.80 -42.29
N THR Z 226 160.82 5.17 -42.73
CA THR Z 226 161.67 5.80 -43.73
C THR Z 226 160.88 6.04 -45.00
N ALA Z 227 160.12 5.03 -45.41
CA ALA Z 227 159.31 5.11 -46.63
C ALA Z 227 158.35 6.30 -46.58
N ALA Z 228 157.82 6.58 -45.40
CA ALA Z 228 156.90 7.71 -45.22
C ALA Z 228 157.58 9.05 -45.47
N SER Z 229 158.80 9.18 -44.95
CA SER Z 229 159.58 10.39 -45.16
C SER Z 229 159.78 10.64 -46.65
N ILE Z 230 159.98 9.57 -47.40
CA ILE Z 230 160.14 9.67 -48.84
C ILE Z 230 158.94 10.37 -49.47
N GLY Z 231 157.75 9.98 -49.03
CA GLY Z 231 156.52 10.50 -49.60
C GLY Z 231 156.19 11.87 -49.06
N GLU Z 232 156.47 12.08 -47.78
CA GLU Z 232 156.23 13.37 -47.14
C GLU Z 232 156.83 14.48 -48.00
N TRP Z 233 157.87 14.14 -48.76
CA TRP Z 233 158.63 15.11 -49.53
C TRP Z 233 157.73 15.88 -50.49
N PHE Z 234 156.96 15.14 -51.26
CA PHE Z 234 156.00 15.73 -52.18
C PHE Z 234 155.00 16.60 -51.43
N ARG Z 235 154.50 16.09 -50.32
CA ARG Z 235 153.53 16.80 -49.48
C ARG Z 235 154.00 18.20 -49.11
N ASP Z 236 155.30 18.32 -48.88
CA ASP Z 236 155.88 19.59 -48.45
C ASP Z 236 156.15 20.55 -49.61
N ASN Z 237 156.48 19.99 -50.78
CA ASN Z 237 156.77 20.80 -51.96
C ASN Z 237 155.51 21.09 -52.78
N GLY Z 238 154.35 20.96 -52.15
CA GLY Z 238 153.09 21.27 -52.81
C GLY Z 238 152.69 20.28 -53.89
N LYS Z 239 153.14 19.03 -53.75
CA LYS Z 239 152.71 17.95 -54.64
C LYS Z 239 151.93 16.91 -53.84
N HIS Z 240 151.29 15.99 -54.54
CA HIS Z 240 150.46 14.98 -53.89
C HIS Z 240 151.15 13.62 -53.94
N ALA Z 241 151.04 12.87 -52.84
CA ALA Z 241 151.67 11.56 -52.77
C ALA Z 241 150.68 10.51 -52.28
N LEU Z 242 150.95 9.25 -52.59
CA LEU Z 242 150.07 8.16 -52.22
C LEU Z 242 150.91 6.99 -51.76
N ILE Z 243 150.99 6.78 -50.45
CA ILE Z 243 151.79 5.70 -49.92
C ILE Z 243 150.92 4.50 -49.56
N VAL Z 244 151.41 3.31 -49.83
CA VAL Z 244 150.68 2.10 -49.46
C VAL Z 244 151.57 1.24 -48.56
N TYR Z 245 151.10 0.97 -47.35
CA TYR Z 245 151.81 0.05 -46.48
C TYR Z 245 151.23 -1.35 -46.65
N ASP Z 246 152.10 -2.33 -46.86
CA ASP Z 246 151.67 -3.71 -47.01
C ASP Z 246 152.76 -4.63 -46.48
N ASP Z 247 152.65 -5.05 -45.22
CA ASP Z 247 151.51 -4.70 -44.37
C ASP Z 247 151.98 -4.39 -42.95
N LEU Z 248 151.21 -3.60 -42.21
CA LEU Z 248 151.62 -3.23 -40.86
C LEU Z 248 151.54 -4.42 -39.92
N SER Z 249 150.79 -5.45 -40.31
CA SER Z 249 150.65 -6.63 -39.47
C SER Z 249 151.98 -7.33 -39.28
N LYS Z 250 152.77 -7.40 -40.36
CA LYS Z 250 154.10 -7.97 -40.30
C LYS Z 250 155.05 -7.05 -39.53
N GLN Z 251 154.97 -5.75 -39.79
CA GLN Z 251 155.82 -4.79 -39.10
C GLN Z 251 155.74 -4.94 -37.58
N ALA Z 252 154.54 -5.13 -37.05
CA ALA Z 252 154.38 -5.30 -35.61
C ALA Z 252 155.05 -6.57 -35.14
N VAL Z 253 154.93 -7.64 -35.94
CA VAL Z 253 155.61 -8.88 -35.61
C VAL Z 253 157.11 -8.62 -35.53
N ALA Z 254 157.64 -7.90 -36.51
CA ALA Z 254 159.05 -7.54 -36.51
C ALA Z 254 159.40 -6.73 -35.26
N TYR Z 255 158.69 -5.63 -35.05
CA TYR Z 255 158.95 -4.77 -33.89
C TYR Z 255 158.74 -5.54 -32.59
N ARG Z 256 157.93 -6.59 -32.64
CA ARG Z 256 157.74 -7.43 -31.46
C ARG Z 256 159.03 -8.17 -31.17
N GLN Z 257 159.73 -8.54 -32.24
CA GLN Z 257 160.94 -9.33 -32.12
C GLN Z 257 162.11 -8.59 -31.45
N LEU Z 258 162.28 -7.31 -31.78
CA LEU Z 258 163.32 -6.50 -31.16
C LEU Z 258 163.05 -6.35 -29.66
N SER Z 259 161.79 -6.11 -29.31
CA SER Z 259 161.39 -5.94 -27.92
C SER Z 259 161.73 -7.16 -27.07
N LEU Z 260 161.14 -8.30 -27.44
CA LEU Z 260 161.41 -9.56 -26.74
C LEU Z 260 162.92 -9.83 -26.60
N LEU Z 261 163.68 -9.59 -27.66
CA LEU Z 261 165.10 -9.90 -27.67
C LEU Z 261 165.92 -8.90 -26.84
N LEU Z 262 165.46 -7.67 -26.81
CA LEU Z 262 166.08 -6.66 -25.96
C LEU Z 262 165.62 -6.86 -24.52
N ARG Z 263 164.91 -7.96 -24.30
CA ARG Z 263 164.42 -8.31 -22.96
C ARG Z 263 163.43 -7.29 -22.42
N ARG Z 264 162.66 -6.69 -23.34
CA ARG Z 264 161.62 -5.75 -22.96
C ARG Z 264 160.31 -6.47 -22.71
N PRO Z 265 159.74 -6.32 -21.51
CA PRO Z 265 158.47 -6.93 -21.17
C PRO Z 265 157.40 -6.76 -22.26
N PRO Z 266 156.73 -7.87 -22.65
CA PRO Z 266 155.60 -7.90 -23.57
C PRO Z 266 154.27 -7.48 -22.95
N GLY Z 267 153.34 -7.00 -23.78
CA GLY Z 267 152.01 -6.68 -23.34
C GLY Z 267 151.05 -7.83 -23.58
N ARG Z 268 150.29 -7.75 -24.66
CA ARG Z 268 149.36 -8.81 -25.03
C ARG Z 268 149.78 -9.54 -26.31
N GLU Z 269 149.91 -10.85 -26.19
CA GLU Z 269 150.38 -11.68 -27.29
C GLU Z 269 151.82 -11.32 -27.61
N ALA Z 270 152.56 -10.91 -26.59
CA ALA Z 270 153.99 -10.66 -26.74
C ALA Z 270 154.31 -9.33 -27.40
N TYR Z 271 153.31 -8.64 -27.91
CA TYR Z 271 153.57 -7.34 -28.54
C TYR Z 271 153.96 -6.31 -27.47
N PRO Z 272 154.87 -5.38 -27.83
CA PRO Z 272 155.35 -4.35 -26.91
C PRO Z 272 154.20 -3.45 -26.46
N GLY Z 273 154.30 -2.88 -25.26
CA GLY Z 273 153.24 -2.05 -24.75
C GLY Z 273 152.79 -0.98 -25.73
N ASP Z 274 153.75 -0.27 -26.29
CA ASP Z 274 153.49 0.88 -27.15
C ASP Z 274 153.22 0.48 -28.59
N VAL Z 275 152.70 -0.73 -28.79
CA VAL Z 275 152.52 -1.24 -30.13
C VAL Z 275 151.54 -0.36 -30.90
N PHE Z 276 150.59 0.22 -30.17
CA PHE Z 276 149.66 1.18 -30.77
C PHE Z 276 150.44 2.37 -31.32
N TYR Z 277 151.32 2.92 -30.48
CA TYR Z 277 152.13 4.07 -30.84
C TYR Z 277 153.01 3.80 -32.05
N LEU Z 278 153.06 2.53 -32.47
CA LEU Z 278 153.85 2.14 -33.62
C LEU Z 278 153.15 2.56 -34.92
N HIS Z 279 151.83 2.40 -34.95
CA HIS Z 279 151.04 2.72 -36.13
C HIS Z 279 150.41 4.10 -36.04
N SER Z 280 150.30 4.62 -34.81
CA SER Z 280 149.68 5.91 -34.61
C SER Z 280 150.57 7.03 -35.13
N ARG Z 281 151.84 6.99 -34.77
CA ARG Z 281 152.79 8.02 -35.18
C ARG Z 281 153.26 7.80 -36.60
N LEU Z 282 152.62 6.85 -37.29
CA LEU Z 282 152.95 6.55 -38.66
C LEU Z 282 151.86 7.10 -39.56
N LEU Z 283 150.63 6.72 -39.27
CA LEU Z 283 149.49 7.13 -40.08
C LEU Z 283 149.20 8.61 -39.94
N GLU Z 284 149.40 9.17 -38.75
CA GLU Z 284 149.11 10.58 -38.54
C GLU Z 284 150.02 11.47 -39.40
N ARG Z 285 151.11 10.90 -39.89
CA ARG Z 285 152.10 11.63 -40.69
C ARG Z 285 151.58 12.00 -42.07
N ALA Z 286 150.47 11.38 -42.44
CA ALA Z 286 149.85 11.62 -43.73
C ALA Z 286 148.59 12.45 -43.51
N ALA Z 287 148.53 13.62 -44.15
CA ALA Z 287 147.35 14.46 -44.06
C ALA Z 287 147.44 15.62 -45.04
N LYS Z 288 146.33 16.36 -45.17
CA LYS Z 288 146.26 17.49 -46.08
C LYS Z 288 146.79 18.75 -45.42
N LEU Z 289 147.73 19.41 -46.10
CA LEU Z 289 148.37 20.59 -45.56
C LEU Z 289 147.64 21.88 -45.91
N SER Z 290 147.88 22.92 -45.12
CA SER Z 290 147.29 24.24 -45.34
C SER Z 290 147.78 24.85 -46.65
N GLU Z 291 147.02 25.83 -47.16
CA GLU Z 291 147.43 26.57 -48.34
C GLU Z 291 148.77 27.29 -48.15
N LYS Z 292 149.05 27.71 -46.92
CA LYS Z 292 150.31 28.36 -46.57
C LYS Z 292 151.48 27.39 -46.72
N GLU Z 293 151.20 26.11 -46.47
CA GLU Z 293 152.25 25.09 -46.44
C GLU Z 293 152.62 24.62 -47.84
N GLY Z 294 151.63 24.62 -48.73
CA GLY Z 294 151.87 24.29 -50.13
C GLY Z 294 150.68 23.62 -50.77
N SER Z 295 149.65 23.36 -49.98
CA SER Z 295 148.47 22.64 -50.44
C SER Z 295 148.87 21.20 -50.77
N GLY Z 296 149.97 20.77 -50.16
CA GLY Z 296 150.50 19.44 -50.37
C GLY Z 296 149.74 18.41 -49.56
N SER Z 297 149.91 17.15 -49.90
CA SER Z 297 149.14 16.10 -49.25
C SER Z 297 149.73 14.72 -49.40
N LEU Z 298 149.38 13.86 -48.46
CA LEU Z 298 149.86 12.49 -48.45
C LEU Z 298 148.75 11.54 -48.01
N THR Z 299 148.40 10.64 -48.91
CA THR Z 299 147.32 9.69 -48.67
C THR Z 299 147.90 8.35 -48.29
N ALA Z 300 147.21 7.61 -47.43
CA ALA Z 300 147.76 6.35 -46.94
C ALA Z 300 146.79 5.18 -47.01
N LEU Z 301 147.29 4.07 -47.54
CA LEU Z 301 146.49 2.86 -47.67
C LEU Z 301 147.16 1.71 -46.94
N PRO Z 302 147.09 1.72 -45.61
CA PRO Z 302 147.56 0.67 -44.69
C PRO Z 302 146.90 -0.67 -45.01
N VAL Z 303 147.65 -1.77 -44.90
CA VAL Z 303 147.08 -3.09 -45.15
C VAL Z 303 147.25 -4.03 -43.96
N ILE Z 304 146.18 -4.71 -43.56
CA ILE Z 304 146.24 -5.61 -42.42
C ILE Z 304 145.78 -7.04 -42.75
N GLU Z 305 146.33 -8.01 -42.05
CA GLU Z 305 146.06 -9.43 -42.32
C GLU Z 305 145.39 -10.12 -41.13
N THR Z 306 144.09 -10.31 -41.22
CA THR Z 306 143.34 -10.94 -40.15
C THR Z 306 143.44 -12.46 -40.22
N GLN Z 307 143.13 -13.12 -39.11
CA GLN Z 307 143.12 -14.57 -39.05
C GLN Z 307 141.69 -15.08 -38.87
N GLY Z 308 141.24 -15.92 -39.79
CA GLY Z 308 139.92 -16.52 -39.70
C GLY Z 308 138.78 -15.53 -39.73
N GLY Z 309 139.07 -14.34 -40.29
CA GLY Z 309 138.08 -13.29 -40.39
C GLY Z 309 137.83 -12.55 -39.09
N ASP Z 310 138.74 -12.72 -38.12
CA ASP Z 310 138.61 -12.10 -36.80
C ASP Z 310 139.17 -10.69 -36.75
N VAL Z 311 138.29 -9.71 -36.93
CA VAL Z 311 138.68 -8.31 -36.88
C VAL Z 311 138.76 -7.81 -35.44
N SER Z 312 138.35 -8.66 -34.49
CA SER Z 312 138.36 -8.28 -33.08
C SER Z 312 139.75 -8.46 -32.48
N ALA Z 313 140.71 -8.74 -33.35
CA ALA Z 313 142.07 -9.05 -32.96
C ALA Z 313 142.80 -7.86 -32.33
N TYR Z 314 144.03 -8.09 -31.85
CA TYR Z 314 144.76 -7.06 -31.13
C TYR Z 314 145.29 -5.96 -32.06
N ILE Z 315 146.12 -6.32 -33.04
CA ILE Z 315 146.65 -5.33 -33.95
C ILE Z 315 145.58 -4.63 -34.83
N PRO Z 316 144.65 -5.41 -35.41
CA PRO Z 316 143.66 -4.80 -36.32
C PRO Z 316 142.82 -3.72 -35.66
N THR Z 317 142.29 -4.00 -34.46
CA THR Z 317 141.53 -3.01 -33.72
C THR Z 317 142.34 -1.74 -33.50
N ASN Z 318 143.64 -1.91 -33.23
CA ASN Z 318 144.54 -0.79 -33.00
C ASN Z 318 144.58 0.17 -34.20
N VAL Z 319 144.40 -0.38 -35.40
CA VAL Z 319 144.55 0.40 -36.62
C VAL Z 319 143.21 0.91 -37.14
N ILE Z 320 142.17 0.10 -36.96
CA ILE Z 320 140.82 0.49 -37.32
C ILE Z 320 140.44 1.80 -36.62
N SER Z 321 141.02 2.00 -35.44
CA SER Z 321 140.70 3.17 -34.63
C SER Z 321 141.34 4.44 -35.17
N ILE Z 322 142.38 4.27 -35.99
CA ILE Z 322 143.16 5.40 -36.48
C ILE Z 322 142.78 5.81 -37.89
N THR Z 323 142.53 4.80 -38.72
CA THR Z 323 142.26 4.98 -40.13
C THR Z 323 140.89 5.62 -40.37
N ASP Z 324 140.80 6.41 -41.44
CA ASP Z 324 139.57 7.11 -41.80
C ASP Z 324 138.61 6.18 -42.55
N GLY Z 325 138.39 5.00 -41.99
CA GLY Z 325 137.52 4.02 -42.61
C GLY Z 325 138.29 2.81 -43.10
N GLN Z 326 137.59 1.80 -43.58
CA GLN Z 326 138.24 0.57 -43.98
C GLN Z 326 137.50 -0.13 -45.11
N ILE Z 327 138.25 -0.77 -45.99
CA ILE Z 327 137.65 -1.53 -47.08
C ILE Z 327 137.73 -3.02 -46.75
N PHE Z 328 136.77 -3.47 -45.98
CA PHE Z 328 136.71 -4.86 -45.54
C PHE Z 328 136.61 -5.79 -46.76
N LEU Z 329 137.42 -6.84 -46.80
CA LEU Z 329 137.32 -7.81 -47.88
C LEU Z 329 137.12 -9.23 -47.35
N GLU Z 330 136.03 -9.86 -47.78
CA GLU Z 330 135.71 -11.18 -47.28
C GLU Z 330 136.02 -12.25 -48.30
N ALA Z 331 136.62 -13.33 -47.83
CA ALA Z 331 136.92 -14.48 -48.67
C ALA Z 331 135.63 -15.08 -49.22
N GLU Z 332 134.62 -15.20 -48.36
CA GLU Z 332 133.38 -15.85 -48.76
C GLU Z 332 132.70 -15.16 -49.96
N LEU Z 333 132.80 -13.84 -50.03
CA LEU Z 333 132.16 -13.09 -51.12
C LEU Z 333 132.92 -13.31 -52.42
N PHE Z 334 134.22 -13.56 -52.30
CA PHE Z 334 135.09 -13.80 -53.44
C PHE Z 334 134.63 -15.00 -54.27
N TYR Z 335 134.32 -16.10 -53.59
CA TYR Z 335 133.88 -17.32 -54.28
C TYR Z 335 132.50 -17.12 -54.87
N LYS Z 336 131.63 -16.44 -54.13
CA LYS Z 336 130.27 -16.17 -54.58
C LYS Z 336 130.31 -15.42 -55.91
N GLY Z 337 131.47 -14.82 -56.22
CA GLY Z 337 131.62 -14.15 -57.49
C GLY Z 337 131.70 -12.66 -57.35
N ILE Z 338 131.61 -12.17 -56.11
CA ILE Z 338 131.80 -10.75 -55.86
C ILE Z 338 133.29 -10.42 -55.83
N ARG Z 339 133.78 -9.88 -56.94
CA ARG Z 339 135.19 -9.53 -57.08
C ARG Z 339 135.34 -8.13 -57.67
N PRO Z 340 136.02 -7.23 -56.92
CA PRO Z 340 136.65 -7.50 -55.63
C PRO Z 340 135.62 -7.69 -54.53
N ALA Z 341 135.90 -8.61 -53.61
CA ALA Z 341 134.94 -8.95 -52.54
C ALA Z 341 134.89 -7.89 -51.44
N ILE Z 342 134.37 -6.73 -51.77
CA ILE Z 342 134.23 -5.63 -50.82
C ILE Z 342 132.91 -5.72 -50.07
N ASN Z 343 132.97 -6.00 -48.77
CA ASN Z 343 131.73 -6.00 -47.97
C ASN Z 343 131.26 -4.58 -47.62
N VAL Z 344 130.25 -4.11 -48.34
CA VAL Z 344 129.72 -2.76 -48.13
C VAL Z 344 129.19 -2.59 -46.73
N GLY Z 345 128.58 -3.65 -46.20
CA GLY Z 345 128.07 -3.65 -44.85
C GLY Z 345 129.07 -3.18 -43.81
N LEU Z 346 130.35 -3.46 -44.04
CA LEU Z 346 131.37 -3.14 -43.05
C LEU Z 346 132.38 -2.11 -43.54
N SER Z 347 132.41 -1.90 -44.85
CA SER Z 347 133.33 -0.92 -45.41
C SER Z 347 132.69 0.45 -45.43
N VAL Z 348 133.40 1.43 -44.90
CA VAL Z 348 132.89 2.80 -44.81
C VAL Z 348 134.02 3.77 -45.10
N SER Z 349 133.67 5.02 -45.36
CA SER Z 349 134.67 6.07 -45.49
C SER Z 349 134.27 7.24 -44.62
N ARG Z 350 135.15 7.66 -43.73
CA ARG Z 350 134.79 8.72 -42.81
C ARG Z 350 134.75 10.07 -43.51
N VAL Z 351 135.54 10.24 -44.56
CA VAL Z 351 135.52 11.51 -45.26
C VAL Z 351 134.24 11.61 -46.07
N GLY Z 352 133.81 10.47 -46.60
CA GLY Z 352 132.53 10.36 -47.27
C GLY Z 352 132.50 11.10 -48.59
N SER Z 353 131.33 11.67 -48.90
CA SER Z 353 131.11 12.32 -50.18
C SER Z 353 132.02 13.53 -50.41
N ALA Z 354 132.53 14.10 -49.32
CA ALA Z 354 133.43 15.24 -49.46
C ALA Z 354 134.56 14.90 -50.43
N ALA Z 355 135.02 13.65 -50.39
CA ALA Z 355 136.16 13.20 -51.18
C ALA Z 355 135.75 12.70 -52.56
N GLN Z 356 134.58 12.07 -52.61
CA GLN Z 356 134.01 11.55 -53.85
C GLN Z 356 133.88 12.62 -54.92
N VAL Z 357 133.85 12.21 -56.18
CA VAL Z 357 133.65 13.16 -57.28
C VAL Z 357 132.22 13.70 -57.25
N LYS Z 358 132.06 14.98 -57.58
CA LYS Z 358 130.74 15.61 -57.53
C LYS Z 358 129.77 14.96 -58.52
N ALA Z 359 130.23 14.72 -59.74
CA ALA Z 359 129.40 14.06 -60.75
C ALA Z 359 128.90 12.72 -60.23
N LEU Z 360 129.81 11.84 -59.86
CA LEU Z 360 129.44 10.52 -59.38
C LEU Z 360 128.60 10.60 -58.11
N LYS Z 361 128.67 11.74 -57.42
CA LYS Z 361 127.93 11.91 -56.18
C LYS Z 361 126.43 11.98 -56.45
N GLN Z 362 126.06 12.57 -57.58
CA GLN Z 362 124.66 12.74 -57.94
C GLN Z 362 124.02 11.42 -58.32
N VAL Z 363 124.61 10.73 -59.28
CA VAL Z 363 124.05 9.47 -59.78
C VAL Z 363 123.89 8.40 -58.69
N ALA Z 364 124.74 8.43 -57.69
CA ALA Z 364 124.61 7.48 -56.59
C ALA Z 364 124.51 8.22 -55.27
N GLY Z 365 123.29 8.37 -54.76
CA GLY Z 365 123.09 9.09 -53.52
C GLY Z 365 122.84 8.17 -52.36
N SER Z 366 121.75 7.41 -52.44
CA SER Z 366 121.41 6.44 -51.40
C SER Z 366 121.76 5.03 -51.86
N LEU Z 367 122.63 4.96 -52.85
CA LEU Z 367 123.04 3.68 -53.42
C LEU Z 367 123.57 2.73 -52.34
N LYS Z 368 124.47 3.23 -51.49
CA LYS Z 368 124.99 2.42 -50.39
C LYS Z 368 123.85 2.01 -49.46
N LEU Z 369 122.92 2.92 -49.25
CA LEU Z 369 121.76 2.66 -48.41
C LEU Z 369 120.86 1.61 -49.06
N PHE Z 370 120.81 1.65 -50.39
CA PHE Z 370 119.97 0.74 -51.16
C PHE Z 370 120.51 -0.68 -51.13
N LEU Z 371 121.84 -0.79 -51.23
CA LEU Z 371 122.52 -2.07 -51.15
C LEU Z 371 122.37 -2.67 -49.77
N ALA Z 372 122.12 -1.81 -48.79
CA ALA Z 372 121.86 -2.25 -47.43
C ALA Z 372 120.46 -2.87 -47.38
N GLN Z 373 119.53 -2.25 -48.07
CA GLN Z 373 118.16 -2.77 -48.15
C GLN Z 373 118.15 -4.10 -48.90
N TYR Z 374 119.00 -4.20 -49.91
CA TYR Z 374 119.10 -5.42 -50.71
C TYR Z 374 119.45 -6.63 -49.85
N ARG Z 375 120.48 -6.49 -49.03
CA ARG Z 375 120.90 -7.58 -48.14
C ARG Z 375 119.82 -7.84 -47.11
N GLU Z 376 119.04 -6.81 -46.82
CA GLU Z 376 117.93 -6.94 -45.89
C GLU Z 376 116.81 -7.78 -46.51
N VAL Z 377 116.55 -7.55 -47.79
CA VAL Z 377 115.53 -8.29 -48.51
C VAL Z 377 116.05 -9.66 -48.95
N ALA Z 378 117.35 -9.74 -49.24
CA ALA Z 378 117.94 -10.98 -49.70
C ALA Z 378 117.93 -12.04 -48.62
N ALA Z 379 118.08 -11.60 -47.37
CA ALA Z 379 118.10 -12.52 -46.23
C ALA Z 379 116.67 -12.97 -45.87
N PHE Z 380 115.70 -12.10 -46.11
CA PHE Z 380 114.30 -12.33 -45.75
C PHE Z 380 113.56 -13.20 -46.77
N ALA Z 381 114.05 -13.21 -48.01
CA ALA Z 381 113.50 -14.06 -49.07
C ALA Z 381 114.07 -15.48 -48.98
N GLN Z 382 114.95 -15.68 -48.01
CA GLN Z 382 115.50 -17.00 -47.70
C GLN Z 382 114.40 -17.94 -47.17
N PHE Z 383 113.42 -17.35 -46.49
CA PHE Z 383 112.28 -18.07 -45.91
C PHE Z 383 111.58 -18.99 -46.93
N GLY Z 384 111.63 -18.61 -48.19
CA GLY Z 384 111.00 -19.39 -49.24
C GLY Z 384 109.55 -18.99 -49.42
N SER Z 385 109.25 -17.75 -49.05
CA SER Z 385 107.91 -17.23 -49.24
C SER Z 385 107.87 -16.31 -50.45
N ASP Z 386 106.72 -16.27 -51.10
CA ASP Z 386 106.52 -15.39 -52.26
C ASP Z 386 106.76 -13.94 -51.89
N LEU Z 387 107.18 -13.15 -52.86
CA LEU Z 387 107.46 -11.74 -52.63
C LEU Z 387 106.52 -10.86 -53.47
N ASP Z 388 106.06 -9.77 -52.88
CA ASP Z 388 105.21 -8.82 -53.59
C ASP Z 388 106.01 -8.01 -54.61
N ALA Z 389 105.37 -7.00 -55.20
CA ALA Z 389 106.01 -6.17 -56.22
C ALA Z 389 107.15 -5.34 -55.65
N SER Z 390 106.98 -4.81 -54.44
CA SER Z 390 107.99 -3.96 -53.82
C SER Z 390 109.26 -4.72 -53.47
N THR Z 391 109.12 -5.77 -52.68
CA THR Z 391 110.25 -6.55 -52.19
C THR Z 391 110.99 -7.30 -53.30
N LYS Z 392 110.30 -7.54 -54.41
CA LYS Z 392 110.90 -8.21 -55.56
C LYS Z 392 111.53 -7.19 -56.52
N GLN Z 393 110.93 -6.01 -56.60
CA GLN Z 393 111.45 -4.95 -57.46
C GLN Z 393 112.86 -4.55 -57.00
N THR Z 394 112.96 -4.21 -55.72
CA THR Z 394 114.24 -3.86 -55.13
C THR Z 394 115.19 -5.05 -55.15
N LEU Z 395 114.65 -6.24 -55.01
CA LEU Z 395 115.44 -7.46 -55.07
C LEU Z 395 116.02 -7.67 -56.47
N VAL Z 396 115.26 -7.31 -57.48
CA VAL Z 396 115.73 -7.44 -58.86
C VAL Z 396 116.87 -6.47 -59.13
N ARG Z 397 116.68 -5.23 -58.71
CA ARG Z 397 117.68 -4.19 -58.97
C ARG Z 397 118.91 -4.38 -58.08
N GLY Z 398 118.66 -4.65 -56.80
CA GLY Z 398 119.74 -4.83 -55.86
C GLY Z 398 120.66 -5.97 -56.25
N GLU Z 399 120.12 -6.95 -56.94
CA GLU Z 399 120.90 -8.13 -57.33
C GLU Z 399 121.80 -7.80 -58.52
N ARG Z 400 121.36 -6.83 -59.32
CA ARG Z 400 122.09 -6.45 -60.52
C ARG Z 400 123.12 -5.38 -60.23
N LEU Z 401 122.81 -4.52 -59.28
CA LEU Z 401 123.77 -3.52 -58.85
C LEU Z 401 125.01 -4.20 -58.30
N THR Z 402 124.81 -5.31 -57.59
CA THR Z 402 125.93 -6.08 -57.06
C THR Z 402 126.74 -6.71 -58.18
N GLN Z 403 126.09 -6.98 -59.31
CA GLN Z 403 126.76 -7.59 -60.46
C GLN Z 403 127.45 -6.53 -61.30
N LEU Z 404 126.97 -5.29 -61.21
CA LEU Z 404 127.57 -4.19 -61.94
C LEU Z 404 128.87 -3.74 -61.27
N LEU Z 405 128.94 -3.92 -59.95
CA LEU Z 405 130.11 -3.51 -59.18
C LEU Z 405 131.33 -4.40 -59.42
N LYS Z 406 131.08 -5.62 -59.90
CA LYS Z 406 132.16 -6.57 -60.18
C LYS Z 406 133.04 -6.05 -61.32
N GLN Z 407 134.33 -5.88 -61.02
CA GLN Z 407 135.26 -5.36 -62.01
C GLN Z 407 136.54 -6.18 -61.99
N ASN Z 408 137.09 -6.44 -63.18
CA ASN Z 408 138.29 -7.25 -63.32
C ASN Z 408 139.55 -6.53 -62.87
N GLN Z 409 140.51 -7.28 -62.35
CA GLN Z 409 141.75 -6.71 -61.89
C GLN Z 409 142.53 -6.11 -63.06
N TYR Z 410 143.43 -5.19 -62.75
CA TYR Z 410 144.29 -4.60 -63.77
C TYR Z 410 143.45 -3.88 -64.82
N SER Z 411 142.25 -3.48 -64.44
CA SER Z 411 141.35 -2.81 -65.38
C SER Z 411 140.69 -1.59 -64.78
N PRO Z 412 141.48 -0.55 -64.48
CA PRO Z 412 140.95 0.68 -63.90
C PRO Z 412 140.04 1.41 -64.89
N LEU Z 413 138.91 1.90 -64.41
CA LEU Z 413 137.94 2.62 -65.25
C LEU Z 413 137.87 4.10 -64.90
N ALA Z 414 137.98 4.96 -65.90
CA ALA Z 414 137.93 6.40 -65.67
C ALA Z 414 136.61 6.81 -65.01
N THR Z 415 136.50 8.08 -64.64
CA THR Z 415 135.30 8.63 -64.03
C THR Z 415 134.17 8.73 -65.06
N GLU Z 416 134.53 9.06 -66.29
CA GLU Z 416 133.58 9.23 -67.39
C GLU Z 416 132.93 7.91 -67.80
N GLU Z 417 133.44 6.80 -67.25
CA GLU Z 417 132.94 5.48 -67.60
C GLU Z 417 132.20 4.84 -66.42
N GLN Z 418 132.41 5.42 -65.25
CA GLN Z 418 131.76 4.90 -64.05
C GLN Z 418 130.39 5.53 -63.90
N VAL Z 419 130.31 6.84 -64.16
CA VAL Z 419 129.08 7.58 -64.00
C VAL Z 419 127.94 6.98 -64.81
N PRO Z 420 128.17 6.78 -66.12
CA PRO Z 420 127.13 6.22 -66.99
C PRO Z 420 126.60 4.88 -66.49
N LEU Z 421 127.48 3.97 -66.11
CA LEU Z 421 127.07 2.65 -65.66
C LEU Z 421 126.21 2.73 -64.40
N ILE Z 422 126.71 3.43 -63.39
CA ILE Z 422 125.97 3.61 -62.15
C ILE Z 422 124.63 4.28 -62.42
N TYR Z 423 124.62 5.21 -63.38
CA TYR Z 423 123.41 5.91 -63.73
C TYR Z 423 122.32 4.93 -64.13
N ALA Z 424 122.64 4.07 -65.09
CA ALA Z 424 121.68 3.09 -65.60
C ALA Z 424 121.30 2.06 -64.54
N GLY Z 425 122.01 2.04 -63.43
CA GLY Z 425 121.74 1.07 -62.39
C GLY Z 425 120.78 1.59 -61.35
N VAL Z 426 121.14 2.72 -60.74
CA VAL Z 426 120.35 3.30 -59.66
C VAL Z 426 118.95 3.64 -60.13
N ASN Z 427 118.81 3.96 -61.42
CA ASN Z 427 117.53 4.34 -61.97
C ASN Z 427 116.60 3.13 -62.17
N GLY Z 428 117.05 2.16 -62.97
CA GLY Z 428 116.30 0.92 -63.12
C GLY Z 428 116.19 0.44 -64.55
N HIS Z 429 117.20 0.75 -65.35
CA HIS Z 429 117.21 0.37 -66.76
C HIS Z 429 117.79 -1.02 -66.96
N LEU Z 430 118.38 -1.58 -65.91
CA LEU Z 430 118.98 -2.91 -65.99
C LEU Z 430 118.04 -3.96 -65.46
N ASP Z 431 116.99 -3.50 -64.79
CA ASP Z 431 116.00 -4.40 -64.21
C ASP Z 431 115.47 -5.34 -65.29
N GLY Z 432 115.24 -4.80 -66.48
CA GLY Z 432 114.70 -5.56 -67.59
C GLY Z 432 115.75 -6.28 -68.42
N ILE Z 433 116.86 -6.64 -67.78
CA ILE Z 433 117.92 -7.37 -68.45
C ILE Z 433 118.33 -8.57 -67.60
N GLU Z 434 118.70 -9.65 -68.25
CA GLU Z 434 119.10 -10.85 -67.53
C GLU Z 434 120.43 -10.63 -66.80
N LEU Z 435 120.64 -11.37 -65.71
CA LEU Z 435 121.84 -11.19 -64.89
C LEU Z 435 123.15 -11.50 -65.63
N SER Z 436 123.17 -12.59 -66.39
CA SER Z 436 124.38 -12.99 -67.11
C SER Z 436 124.64 -12.09 -68.31
N ARG Z 437 123.80 -11.07 -68.47
CA ARG Z 437 123.91 -10.11 -69.55
C ARG Z 437 124.63 -8.84 -69.10
N ILE Z 438 124.50 -8.53 -67.81
CA ILE Z 438 125.10 -7.33 -67.25
C ILE Z 438 126.58 -7.28 -67.61
N GLY Z 439 127.17 -8.46 -67.71
CA GLY Z 439 128.58 -8.60 -68.03
C GLY Z 439 128.95 -7.86 -69.30
N GLU Z 440 128.50 -8.38 -70.44
CA GLU Z 440 128.83 -7.79 -71.72
C GLU Z 440 128.18 -6.42 -71.91
N PHE Z 441 127.11 -6.16 -71.16
CA PHE Z 441 126.39 -4.91 -71.27
C PHE Z 441 127.30 -3.73 -71.01
N GLU Z 442 128.11 -3.84 -69.97
CA GLU Z 442 129.02 -2.79 -69.57
C GLU Z 442 129.92 -2.41 -70.74
N SER Z 443 130.62 -3.40 -71.29
CA SER Z 443 131.56 -3.14 -72.38
C SER Z 443 130.86 -2.59 -73.62
N SER Z 444 129.69 -3.14 -73.93
CA SER Z 444 128.94 -2.72 -75.10
C SER Z 444 128.46 -1.27 -74.94
N PHE Z 445 127.94 -0.96 -73.78
CA PHE Z 445 127.42 0.38 -73.54
C PHE Z 445 128.52 1.43 -73.67
N LEU Z 446 129.70 1.12 -73.13
CA LEU Z 446 130.83 2.04 -73.20
C LEU Z 446 131.22 2.29 -74.65
N SER Z 447 131.37 1.21 -75.42
CA SER Z 447 131.74 1.32 -76.82
C SER Z 447 130.71 2.13 -77.58
N TYR Z 448 129.48 2.10 -77.09
CA TYR Z 448 128.39 2.84 -77.71
C TYR Z 448 128.61 4.35 -77.57
N LEU Z 449 128.92 4.78 -76.35
CA LEU Z 449 129.14 6.20 -76.08
C LEU Z 449 130.40 6.73 -76.73
N LYS Z 450 131.47 5.95 -76.69
CA LYS Z 450 132.76 6.35 -77.27
C LYS Z 450 132.66 6.55 -78.79
N SER Z 451 131.61 6.00 -79.39
CA SER Z 451 131.39 6.06 -80.83
C SER Z 451 130.38 7.14 -81.22
N ASN Z 452 129.25 7.16 -80.51
CA ASN Z 452 128.18 8.10 -80.79
C ASN Z 452 128.16 9.26 -79.81
N HIS Z 453 127.62 9.01 -78.62
CA HIS Z 453 127.50 10.04 -77.60
C HIS Z 453 128.82 10.24 -76.86
N ASN Z 454 129.83 10.71 -77.58
CA ASN Z 454 131.15 10.92 -76.99
C ASN Z 454 131.28 12.34 -76.42
N GLU Z 455 130.46 13.24 -76.95
CA GLU Z 455 130.48 14.62 -76.50
C GLU Z 455 130.17 14.69 -75.01
N LEU Z 456 129.19 13.90 -74.58
CA LEU Z 456 128.77 13.85 -73.19
C LEU Z 456 129.91 13.41 -72.28
N LEU Z 457 130.57 12.31 -72.65
CA LEU Z 457 131.71 11.83 -71.89
C LEU Z 457 132.74 12.95 -71.69
N THR Z 458 132.88 13.81 -72.70
CA THR Z 458 133.86 14.90 -72.64
C THR Z 458 133.43 16.02 -71.69
N GLU Z 459 132.12 16.19 -71.51
CA GLU Z 459 131.60 17.22 -70.62
C GLU Z 459 131.70 16.75 -69.17
N ILE Z 460 131.26 15.52 -68.94
CA ILE Z 460 131.38 14.94 -67.61
C ILE Z 460 132.83 14.96 -67.13
N ARG Z 461 133.75 14.65 -68.04
CA ARG Z 461 135.17 14.62 -67.69
C ARG Z 461 135.70 15.99 -67.23
N GLU Z 462 135.48 17.01 -68.05
CA GLU Z 462 135.98 18.36 -67.77
C GLU Z 462 135.21 19.01 -66.62
N LYS Z 463 133.90 19.16 -66.82
CA LYS Z 463 133.04 19.76 -65.83
C LYS Z 463 133.12 19.03 -64.50
N GLY Z 464 132.98 17.71 -64.55
CA GLY Z 464 133.02 16.88 -63.35
C GLY Z 464 131.71 16.92 -62.60
N GLU Z 465 130.71 17.56 -63.21
CA GLU Z 465 129.38 17.68 -62.62
C GLU Z 465 128.33 17.47 -63.67
N LEU Z 466 127.06 17.46 -63.27
CA LEU Z 466 125.95 17.25 -64.18
C LEU Z 466 124.99 18.45 -64.20
N SER Z 467 124.88 19.10 -65.36
CA SER Z 467 124.00 20.24 -65.53
C SER Z 467 122.61 19.78 -65.96
N LYS Z 468 121.67 20.71 -65.98
CA LYS Z 468 120.30 20.39 -66.38
C LYS Z 468 120.26 19.88 -67.83
N GLU Z 469 121.16 20.39 -68.65
CA GLU Z 469 121.25 19.99 -70.05
C GLU Z 469 121.93 18.63 -70.21
N LEU Z 470 123.02 18.44 -69.47
CA LEU Z 470 123.80 17.20 -69.56
C LEU Z 470 122.99 15.98 -69.13
N LEU Z 471 122.09 16.17 -68.17
CA LEU Z 471 121.20 15.10 -67.72
C LEU Z 471 120.23 14.71 -68.83
N ALA Z 472 119.72 15.73 -69.53
CA ALA Z 472 118.76 15.51 -70.59
C ALA Z 472 119.34 14.61 -71.68
N SER Z 473 120.49 15.00 -72.20
CA SER Z 473 121.18 14.23 -73.23
C SER Z 473 121.56 12.85 -72.70
N LEU Z 474 122.09 12.80 -71.48
CA LEU Z 474 122.49 11.55 -70.88
C LEU Z 474 121.29 10.62 -70.68
N LYS Z 475 120.15 11.21 -70.34
CA LYS Z 475 118.94 10.45 -70.16
C LYS Z 475 118.56 9.76 -71.47
N SER Z 476 118.51 10.54 -72.55
CA SER Z 476 118.11 10.04 -73.86
C SER Z 476 119.11 9.06 -74.45
N ALA Z 477 120.37 9.22 -74.10
CA ALA Z 477 121.41 8.33 -74.60
C ALA Z 477 121.26 6.93 -74.01
N THR Z 478 120.76 6.88 -72.77
CA THR Z 478 120.59 5.60 -72.07
C THR Z 478 119.41 4.83 -72.65
N GLU Z 479 118.26 5.46 -72.68
CA GLU Z 479 117.03 4.86 -73.19
C GLU Z 479 117.17 4.39 -74.62
N SER Z 480 117.86 5.19 -75.43
CA SER Z 480 118.10 4.86 -76.83
C SER Z 480 118.89 3.56 -76.96
N PHE Z 481 119.85 3.35 -76.07
CA PHE Z 481 120.66 2.14 -76.11
C PHE Z 481 119.90 0.90 -75.63
N VAL Z 482 119.06 1.06 -74.62
CA VAL Z 482 118.24 -0.02 -74.12
C VAL Z 482 117.35 -0.57 -75.22
N ALA Z 483 116.81 0.33 -76.03
CA ALA Z 483 115.95 -0.05 -77.15
C ALA Z 483 116.73 -0.85 -78.19
N THR Z 484 118.00 -0.52 -78.36
CA THR Z 484 118.85 -1.23 -79.31
C THR Z 484 119.03 -2.68 -78.87
N PHE Z 485 119.14 -3.58 -79.84
CA PHE Z 485 119.22 -5.00 -79.56
C PHE Z 485 117.98 -5.45 -78.80
N SER AA 1 168.19 32.26 -7.93
CA SER AA 1 167.56 30.95 -7.98
C SER AA 1 168.47 29.84 -7.44
N THR AA 2 167.86 28.77 -6.94
CA THR AA 2 168.60 27.61 -6.42
C THR AA 2 168.05 26.27 -6.95
N PRO AA 3 168.29 25.98 -8.25
CA PRO AA 3 167.77 24.76 -8.87
C PRO AA 3 168.57 23.49 -8.53
N ILE AA 4 167.93 22.32 -8.61
CA ILE AA 4 168.61 21.05 -8.35
C ILE AA 4 169.03 20.35 -9.65
N THR AA 5 170.33 20.20 -9.85
CA THR AA 5 170.86 19.54 -11.04
C THR AA 5 170.68 18.02 -10.95
N GLY AA 6 170.66 17.37 -12.11
CA GLY AA 6 170.56 15.92 -12.18
C GLY AA 6 171.24 15.40 -13.42
N LYS AA 7 171.23 14.08 -13.61
CA LYS AA 7 171.87 13.47 -14.77
C LYS AA 7 171.18 12.20 -15.21
N VAL AA 8 170.80 12.12 -16.48
CA VAL AA 8 170.18 10.93 -17.02
C VAL AA 8 171.12 9.74 -16.95
N THR AA 9 170.60 8.57 -16.61
CA THR AA 9 171.44 7.39 -16.50
C THR AA 9 170.93 6.20 -17.32
N ALA AA 10 169.67 6.26 -17.74
CA ALA AA 10 169.09 5.20 -18.56
C ALA AA 10 168.01 5.74 -19.48
N VAL AA 11 167.90 5.18 -20.67
CA VAL AA 11 166.86 5.59 -21.61
C VAL AA 11 166.26 4.40 -22.32
N ILE AA 12 165.02 4.09 -21.97
CA ILE AA 12 164.30 3.00 -22.62
C ILE AA 12 162.90 3.47 -23.00
N GLY AA 13 162.70 3.69 -24.30
CA GLY AA 13 161.42 4.12 -24.82
C GLY AA 13 160.97 5.45 -24.23
N ALA AA 14 159.77 5.47 -23.67
CA ALA AA 14 159.25 6.68 -23.03
C ALA AA 14 159.62 6.73 -21.56
N ILE AA 15 160.57 5.89 -21.15
CA ILE AA 15 160.99 5.82 -19.74
C ILE AA 15 162.45 6.24 -19.53
N VAL AA 16 162.63 7.35 -18.82
CA VAL AA 16 163.94 7.93 -18.57
C VAL AA 16 164.27 7.86 -17.08
N ASP AA 17 165.44 7.33 -16.75
CA ASP AA 17 165.91 7.27 -15.35
C ASP AA 17 166.94 8.36 -15.06
N VAL AA 18 166.66 9.20 -14.08
CA VAL AA 18 167.61 10.25 -13.68
C VAL AA 18 168.27 9.92 -12.34
N HIS AA 19 169.56 10.23 -12.22
CA HIS AA 19 170.31 9.98 -10.99
C HIS AA 19 170.70 11.29 -10.32
N PHE AA 20 169.95 11.67 -9.28
CA PHE AA 20 170.26 12.89 -8.54
C PHE AA 20 171.32 12.63 -7.46
N GLU AA 21 171.50 13.62 -6.59
CA GLU AA 21 172.41 13.48 -5.45
C GLU AA 21 171.63 13.23 -4.16
N GLN AA 22 172.34 12.83 -3.10
CA GLN AA 22 171.67 12.53 -1.84
C GLN AA 22 170.95 13.76 -1.30
N SER AA 23 169.80 13.51 -0.69
CA SER AA 23 169.02 14.55 -0.02
C SER AA 23 168.40 15.53 -1.02
N GLU AA 24 168.59 15.26 -2.31
CA GLU AA 24 168.13 16.15 -3.36
C GLU AA 24 167.10 15.48 -4.27
N LEU AA 25 166.45 14.43 -3.78
CA LEU AA 25 165.48 13.71 -4.59
C LEU AA 25 164.11 14.41 -4.57
N PRO AA 26 163.55 14.64 -5.77
CA PRO AA 26 162.21 15.22 -5.93
C PRO AA 26 161.12 14.18 -5.69
N ALA AA 27 160.05 14.62 -5.04
CA ALA AA 27 158.92 13.73 -4.73
C ALA AA 27 158.33 13.19 -6.02
N ILE AA 28 157.39 12.27 -5.87
CA ILE AA 28 156.71 11.70 -7.02
C ILE AA 28 155.87 12.77 -7.70
N LEU AA 29 155.58 12.57 -8.98
CA LEU AA 29 154.71 13.48 -9.70
C LEU AA 29 155.32 14.88 -9.82
N ASN AA 30 156.65 14.95 -9.84
CA ASN AA 30 157.33 16.20 -10.14
C ASN AA 30 157.87 16.25 -11.57
N ALA AA 31 157.74 17.43 -12.17
CA ALA AA 31 158.22 17.65 -13.52
C ALA AA 31 159.73 17.84 -13.55
N LEU AA 32 160.33 17.66 -14.72
CA LEU AA 32 161.75 17.88 -14.90
C LEU AA 32 161.96 18.50 -16.27
N GLU AA 33 163.14 19.03 -16.52
CA GLU AA 33 163.40 19.65 -17.81
C GLU AA 33 164.78 19.30 -18.30
N ILE AA 34 164.90 19.12 -19.61
CA ILE AA 34 166.21 18.90 -20.21
C ILE AA 34 166.37 19.79 -21.44
N LYS AA 35 167.34 20.68 -21.39
CA LYS AA 35 167.59 21.63 -22.48
C LYS AA 35 168.03 20.89 -23.74
N THR AA 36 167.35 21.17 -24.84
CA THR AA 36 167.75 20.63 -26.13
C THR AA 36 167.77 21.75 -27.16
N PRO AA 37 168.53 21.55 -28.26
CA PRO AA 37 168.65 22.58 -29.30
C PRO AA 37 167.29 22.87 -29.92
N GLN AA 38 166.45 21.84 -30.03
CA GLN AA 38 165.14 21.99 -30.65
C GLN AA 38 164.13 22.61 -29.67
N GLY AA 39 163.97 22.00 -28.50
CA GLY AA 39 163.03 22.50 -27.51
C GLY AA 39 163.35 22.04 -26.10
N LYS AA 40 162.32 21.67 -25.35
CA LYS AA 40 162.50 21.16 -24.00
C LYS AA 40 161.74 19.86 -23.82
N LEU AA 41 162.42 18.85 -23.29
CA LEU AA 41 161.82 17.55 -23.07
C LEU AA 41 161.47 17.37 -21.60
N VAL AA 42 160.26 17.79 -21.22
CA VAL AA 42 159.81 17.67 -19.85
C VAL AA 42 159.67 16.20 -19.46
N LEU AA 43 160.05 15.87 -18.23
CA LEU AA 43 159.86 14.51 -17.73
C LEU AA 43 158.97 14.55 -16.49
N GLU AA 44 158.45 13.41 -16.08
CA GLU AA 44 157.59 13.36 -14.91
C GLU AA 44 158.00 12.22 -13.98
N VAL AA 45 158.38 12.56 -12.76
CA VAL AA 45 158.77 11.56 -11.79
C VAL AA 45 157.69 10.48 -11.64
N ALA AA 46 158.11 9.23 -11.52
CA ALA AA 46 157.15 8.14 -11.40
C ALA AA 46 157.43 7.29 -10.17
N GLN AA 47 158.67 6.82 -10.06
CA GLN AA 47 159.03 5.97 -8.94
C GLN AA 47 160.39 6.38 -8.34
N HIS AA 48 160.72 5.81 -7.19
CA HIS AA 48 162.03 6.01 -6.61
C HIS AA 48 162.69 4.65 -6.45
N LEU AA 49 163.47 4.24 -7.46
CA LEU AA 49 164.09 2.92 -7.45
C LEU AA 49 165.08 2.74 -6.30
N GLY AA 50 165.53 3.86 -5.73
CA GLY AA 50 166.50 3.83 -4.66
C GLY AA 50 167.87 4.27 -5.17
N GLU AA 51 168.84 4.35 -4.25
CA GLU AA 51 170.19 4.75 -4.62
C GLU AA 51 170.20 6.07 -5.37
N ASN AA 52 169.35 7.00 -4.93
CA ASN AA 52 169.25 8.33 -5.51
C ASN AA 52 168.82 8.33 -6.98
N THR AA 53 168.14 7.25 -7.38
CA THR AA 53 167.70 7.08 -8.75
C THR AA 53 166.17 7.18 -8.85
N VAL AA 54 165.71 7.93 -9.83
CA VAL AA 54 164.29 8.17 -10.03
C VAL AA 54 163.91 7.79 -11.45
N ARG AA 55 162.72 7.23 -11.63
CA ARG AA 55 162.26 6.86 -12.96
C ARG AA 55 161.15 7.79 -13.44
N THR AA 56 161.38 8.46 -14.56
CA THR AA 56 160.39 9.41 -15.09
C THR AA 56 159.74 8.92 -16.38
N ILE AA 57 158.76 9.68 -16.84
CA ILE AA 57 158.03 9.33 -18.06
C ILE AA 57 158.09 10.44 -19.09
N ALA AA 58 158.75 10.15 -20.20
CA ALA AA 58 159.03 11.12 -21.25
C ALA AA 58 157.78 11.76 -21.84
N MET AA 59 157.68 13.07 -21.67
CA MET AA 59 156.52 13.83 -22.13
C MET AA 59 156.58 14.10 -23.63
N ASP AA 60 157.65 13.62 -24.26
CA ASP AA 60 157.84 13.86 -25.67
C ASP AA 60 158.84 12.87 -26.25
N GLY AA 61 159.22 13.08 -27.50
CA GLY AA 61 160.16 12.23 -28.19
C GLY AA 61 161.45 12.06 -27.41
N THR AA 62 161.80 10.80 -27.16
CA THR AA 62 162.99 10.47 -26.39
C THR AA 62 164.26 10.42 -27.24
N GLU AA 63 164.11 10.39 -28.56
CA GLU AA 63 165.26 10.34 -29.48
C GLU AA 63 166.11 11.60 -29.39
N GLY AA 64 167.41 11.43 -29.15
CA GLY AA 64 168.33 12.55 -29.01
C GLY AA 64 168.85 12.79 -27.61
N LEU AA 65 168.49 11.91 -26.67
CA LEU AA 65 168.98 11.99 -25.30
C LEU AA 65 170.33 11.28 -25.16
N VAL AA 66 171.30 11.99 -24.60
CA VAL AA 66 172.63 11.43 -24.43
C VAL AA 66 172.84 10.91 -23.02
N ARG AA 67 173.37 9.69 -22.93
CA ARG AA 67 173.71 9.10 -21.66
C ARG AA 67 174.39 10.09 -20.71
N GLY AA 68 173.61 10.77 -19.88
CA GLY AA 68 174.18 11.63 -18.86
C GLY AA 68 173.97 13.12 -19.03
N GLU AA 69 172.99 13.51 -19.84
CA GLU AA 69 172.64 14.91 -19.98
C GLU AA 69 172.14 15.43 -18.64
N LYS AA 70 172.46 16.68 -18.33
CA LYS AA 70 172.05 17.29 -17.07
C LYS AA 70 170.60 17.74 -17.10
N VAL AA 71 169.81 17.22 -16.16
CA VAL AA 71 168.40 17.56 -16.09
C VAL AA 71 168.15 18.61 -15.01
N LEU AA 72 167.27 19.57 -15.32
CA LEU AA 72 166.91 20.62 -14.39
C LEU AA 72 165.60 20.30 -13.69
N ASP AA 73 165.61 20.19 -12.37
CA ASP AA 73 164.40 19.90 -11.61
C ASP AA 73 163.48 21.12 -11.68
N THR AA 74 162.23 20.89 -12.05
CA THR AA 74 161.27 21.99 -12.09
C THR AA 74 160.97 22.43 -10.66
N GLY AA 75 160.88 21.46 -9.76
CA GLY AA 75 160.61 21.73 -8.36
C GLY AA 75 159.14 21.58 -8.03
N GLY AA 76 158.39 20.98 -8.95
CA GLY AA 76 156.96 20.85 -8.76
C GLY AA 76 156.27 20.27 -9.99
N PRO AA 77 155.06 19.74 -9.80
CA PRO AA 77 154.32 19.09 -10.89
C PRO AA 77 154.16 20.03 -12.08
N ILE AA 78 153.91 19.45 -13.25
CA ILE AA 78 153.70 20.20 -14.48
C ILE AA 78 152.71 21.36 -14.29
N SER AA 79 153.13 22.57 -14.62
CA SER AA 79 152.25 23.73 -14.46
C SER AA 79 151.57 24.13 -15.77
N VAL AA 80 150.25 24.27 -15.74
CA VAL AA 80 149.52 24.72 -16.90
C VAL AA 80 148.89 26.09 -16.65
N PRO AA 81 148.71 26.87 -17.73
CA PRO AA 81 148.11 28.20 -17.61
C PRO AA 81 146.66 28.07 -17.19
N VAL AA 82 146.17 29.00 -16.38
CA VAL AA 82 144.75 29.04 -16.04
C VAL AA 82 144.24 30.46 -16.21
N GLY AA 83 142.91 30.61 -16.16
CA GLY AA 83 142.30 31.92 -16.28
C GLY AA 83 141.66 32.15 -17.63
N ARG AA 84 140.96 33.27 -17.77
CA ARG AA 84 140.29 33.62 -19.03
C ARG AA 84 141.31 33.94 -20.10
N GLU AA 85 142.58 33.89 -19.71
CA GLU AA 85 143.68 34.13 -20.63
C GLU AA 85 143.84 32.96 -21.59
N THR AA 86 143.44 31.77 -21.15
CA THR AA 86 143.56 30.56 -21.97
C THR AA 86 142.38 30.39 -22.92
N LEU AA 87 141.40 31.28 -22.80
CA LEU AA 87 140.25 31.23 -23.68
C LEU AA 87 140.66 31.56 -25.10
N GLY AA 88 140.19 30.75 -26.05
CA GLY AA 88 140.42 31.00 -27.46
C GLY AA 88 141.85 30.72 -27.90
N ARG AA 89 142.51 29.80 -27.22
CA ARG AA 89 143.86 29.42 -27.60
C ARG AA 89 144.08 27.91 -27.47
N ILE AA 90 144.95 27.38 -28.32
CA ILE AA 90 145.27 25.96 -28.33
C ILE AA 90 146.47 25.69 -27.43
N ILE AA 91 146.36 24.67 -26.60
CA ILE AA 91 147.42 24.36 -25.65
C ILE AA 91 147.70 22.87 -25.63
N ASN AA 92 148.98 22.52 -25.56
CA ASN AA 92 149.38 21.12 -25.47
C ASN AA 92 149.39 20.63 -24.03
N VAL AA 93 150.05 19.51 -23.79
CA VAL AA 93 150.08 18.94 -22.45
C VAL AA 93 150.95 19.73 -21.49
N ILE AA 94 152.09 20.19 -21.97
CA ILE AA 94 153.05 20.90 -21.12
C ILE AA 94 152.60 22.32 -20.74
N GLY AA 95 151.53 22.79 -21.37
CA GLY AA 95 151.01 24.13 -21.09
C GLY AA 95 151.62 25.24 -21.93
N GLU AA 96 152.26 24.84 -23.03
CA GLU AA 96 152.89 25.78 -23.96
C GLU AA 96 151.89 26.05 -25.08
N PRO AA 97 151.81 27.31 -25.55
CA PRO AA 97 150.91 27.66 -26.66
C PRO AA 97 151.33 27.02 -27.99
N ILE AA 98 150.39 26.39 -28.69
CA ILE AA 98 150.68 25.80 -30.00
C ILE AA 98 149.73 26.28 -31.10
N ASP AA 99 149.44 27.58 -31.11
CA ASP AA 99 148.57 28.16 -32.13
C ASP AA 99 149.23 29.34 -32.83
N GLU AA 100 150.50 29.57 -32.54
CA GLU AA 100 151.26 30.68 -33.09
C GLU AA 100 150.62 32.03 -32.73
N ARG AA 101 150.28 32.19 -31.46
CA ARG AA 101 149.69 33.44 -30.97
C ARG AA 101 150.57 34.10 -29.92
N GLY AA 102 151.81 33.63 -29.86
CA GLY AA 102 152.74 34.15 -28.87
C GLY AA 102 152.46 33.57 -27.50
N PRO AA 103 153.07 34.16 -26.46
CA PRO AA 103 152.94 33.62 -25.10
C PRO AA 103 151.55 33.86 -24.52
N ILE AA 104 151.08 32.91 -23.71
CA ILE AA 104 149.80 33.02 -23.03
C ILE AA 104 149.98 33.76 -21.72
N LYS AA 105 149.50 34.99 -21.64
CA LYS AA 105 149.66 35.78 -20.43
C LYS AA 105 148.69 35.37 -19.32
N SER AA 106 149.11 34.44 -18.46
CA SER AA 106 148.28 34.00 -17.34
C SER AA 106 148.80 34.55 -16.01
N LYS AA 107 147.89 35.00 -15.15
CA LYS AA 107 148.26 35.52 -13.84
C LYS AA 107 148.66 34.39 -12.90
N LEU AA 108 148.12 33.20 -13.13
CA LEU AA 108 148.48 32.05 -12.30
C LEU AA 108 148.92 30.83 -13.11
N ARG AA 109 149.60 29.91 -12.43
CA ARG AA 109 150.01 28.63 -12.99
C ARG AA 109 149.68 27.53 -11.98
N LYS AA 110 148.65 26.74 -12.26
CA LYS AA 110 148.22 25.69 -11.33
C LYS AA 110 148.59 24.30 -11.83
N PRO AA 111 149.13 23.46 -10.92
CA PRO AA 111 149.59 22.12 -11.28
C PRO AA 111 148.47 21.23 -11.80
N ILE AA 112 148.81 20.33 -12.71
CA ILE AA 112 147.83 19.43 -13.30
C ILE AA 112 147.40 18.37 -12.31
N HIS AA 113 148.23 18.14 -11.29
CA HIS AA 113 147.92 17.14 -10.28
C HIS AA 113 147.36 17.76 -9.01
N ALA AA 114 146.23 17.22 -8.58
CA ALA AA 114 145.52 17.71 -7.40
C ALA AA 114 144.57 16.65 -6.84
N ASP AA 115 144.23 16.80 -5.57
CA ASP AA 115 143.35 15.85 -4.88
C ASP AA 115 141.88 16.08 -5.25
N PRO AA 116 141.07 15.01 -5.18
CA PRO AA 116 139.63 15.09 -5.46
C PRO AA 116 138.88 15.84 -4.37
N PRO AA 117 137.84 16.59 -4.75
CA PRO AA 117 137.01 17.33 -3.80
C PRO AA 117 136.54 16.45 -2.65
N SER AA 118 136.30 17.06 -1.49
CA SER AA 118 135.87 16.35 -0.29
C SER AA 118 134.41 15.93 -0.35
N PHE AA 119 134.10 14.79 0.27
CA PHE AA 119 132.72 14.29 0.29
C PHE AA 119 131.76 15.39 0.73
N ALA AA 120 132.23 16.26 1.62
CA ALA AA 120 131.42 17.37 2.11
C ALA AA 120 131.11 18.37 1.00
N GLU AA 121 132.08 18.58 0.11
CA GLU AA 121 131.92 19.53 -0.98
C GLU AA 121 130.95 19.05 -2.07
N GLN AA 122 130.72 17.74 -2.14
CA GLN AA 122 129.86 17.18 -3.18
C GLN AA 122 128.42 17.73 -3.14
N SER AA 123 127.95 18.23 -4.27
CA SER AA 123 126.58 18.75 -4.37
C SER AA 123 125.74 18.02 -5.43
N THR AA 124 124.62 17.46 -5.01
CA THR AA 124 123.72 16.75 -5.92
C THR AA 124 122.67 17.68 -6.53
N SER AA 125 122.44 17.53 -7.84
CA SER AA 125 121.41 18.31 -8.52
C SER AA 125 120.48 17.36 -9.28
N ALA AA 126 119.30 17.86 -9.65
CA ALA AA 126 118.33 17.05 -10.39
C ALA AA 126 117.82 17.79 -11.62
N GLU AA 127 118.41 18.95 -11.91
CA GLU AA 127 118.03 19.73 -13.08
C GLU AA 127 118.25 18.91 -14.35
N ILE AA 128 117.42 19.14 -15.36
CA ILE AA 128 117.53 18.44 -16.63
C ILE AA 128 118.23 19.33 -17.65
N LEU AA 129 118.89 18.73 -18.63
CA LEU AA 129 119.58 19.49 -19.67
C LEU AA 129 119.01 19.19 -21.05
N GLU AA 130 118.51 20.24 -21.71
CA GLU AA 130 117.90 20.08 -23.04
C GLU AA 130 118.92 20.26 -24.16
N THR AA 131 119.14 19.19 -24.92
CA THR AA 131 120.11 19.20 -26.00
C THR AA 131 119.44 19.48 -27.34
N GLY AA 132 118.44 18.67 -27.66
CA GLY AA 132 117.71 18.82 -28.91
C GLY AA 132 117.59 17.50 -29.63
N ILE AA 133 118.17 16.46 -29.05
CA ILE AA 133 118.14 15.14 -29.65
C ILE AA 133 117.01 14.29 -29.10
N LYS AA 134 116.11 13.87 -29.98
CA LYS AA 134 114.94 13.13 -29.55
C LYS AA 134 115.31 11.89 -28.75
N VAL AA 135 116.04 10.96 -29.37
CA VAL AA 135 116.35 9.68 -28.75
C VAL AA 135 116.96 9.84 -27.36
N VAL AA 136 117.55 11.00 -27.10
CA VAL AA 136 118.17 11.28 -25.82
C VAL AA 136 117.21 11.93 -24.84
N ASP AA 137 116.67 13.09 -25.24
CA ASP AA 137 115.81 13.89 -24.36
C ASP AA 137 114.58 13.11 -23.91
N LEU AA 138 114.20 12.11 -24.71
CA LEU AA 138 113.05 11.28 -24.41
C LEU AA 138 113.42 10.09 -23.54
N LEU AA 139 114.56 9.47 -23.83
CA LEU AA 139 114.96 8.28 -23.07
C LEU AA 139 115.89 8.61 -21.91
N ALA AA 140 117.16 8.86 -22.23
CA ALA AA 140 118.16 9.18 -21.21
C ALA AA 140 118.57 10.65 -21.34
N PRO AA 141 117.85 11.53 -20.64
CA PRO AA 141 118.16 12.97 -20.73
C PRO AA 141 119.40 13.28 -19.89
N TYR AA 142 120.24 14.20 -20.37
CA TYR AA 142 121.47 14.56 -19.66
C TYR AA 142 121.18 15.55 -18.55
N ALA AA 143 121.95 15.47 -17.47
CA ALA AA 143 121.74 16.36 -16.33
C ALA AA 143 122.66 17.57 -16.37
N ARG AA 144 122.11 18.74 -16.05
CA ARG AA 144 122.92 19.95 -15.95
C ARG AA 144 123.97 19.80 -14.85
N GLY AA 145 125.24 19.90 -15.23
CA GLY AA 145 126.33 19.76 -14.28
C GLY AA 145 126.65 18.31 -14.00
N GLY AA 146 126.14 17.44 -14.87
CA GLY AA 146 126.35 16.02 -14.70
C GLY AA 146 127.45 15.49 -15.61
N LYS AA 147 127.74 14.21 -15.43
CA LYS AA 147 128.73 13.53 -16.25
C LYS AA 147 128.02 12.66 -17.27
N ILE AA 148 128.37 12.86 -18.52
CA ILE AA 148 127.80 12.14 -19.65
C ILE AA 148 128.83 11.20 -20.22
N GLY AA 149 128.36 10.07 -20.76
CA GLY AA 149 129.23 9.12 -21.44
C GLY AA 149 128.66 8.69 -22.78
N LEU AA 150 129.49 8.76 -23.81
CA LEU AA 150 129.10 8.31 -25.15
C LEU AA 150 129.89 7.06 -25.51
N PHE AA 151 129.33 5.89 -25.21
CA PHE AA 151 129.98 4.63 -25.53
C PHE AA 151 129.75 4.23 -26.98
N GLY AA 152 130.66 3.44 -27.54
CA GLY AA 152 130.52 2.99 -28.91
C GLY AA 152 131.81 2.51 -29.53
N GLY AA 153 131.72 1.45 -30.33
CA GLY AA 153 132.86 0.89 -31.00
C GLY AA 153 133.49 1.89 -31.97
N ALA AA 154 134.29 1.38 -32.89
CA ALA AA 154 134.90 2.25 -33.89
C ALA AA 154 133.89 2.52 -34.98
N GLY AA 155 133.76 3.77 -35.38
CA GLY AA 155 132.85 4.13 -36.44
C GLY AA 155 131.42 3.80 -36.09
N VAL AA 156 130.92 4.46 -35.05
CA VAL AA 156 129.53 4.33 -34.66
C VAL AA 156 128.85 5.69 -34.68
N GLY AA 157 129.57 6.73 -34.25
CA GLY AA 157 129.07 8.08 -34.30
C GLY AA 157 129.30 8.86 -33.03
N LYS AA 158 130.37 8.54 -32.32
CA LYS AA 158 130.68 9.20 -31.05
C LYS AA 158 131.18 10.62 -31.26
N THR AA 159 131.97 10.83 -32.31
CA THR AA 159 132.51 12.16 -32.57
C THR AA 159 131.42 13.10 -33.09
N VAL AA 160 130.78 12.74 -34.20
CA VAL AA 160 129.70 13.58 -34.73
C VAL AA 160 128.70 13.91 -33.63
N PHE AA 161 128.42 12.91 -32.78
CA PHE AA 161 127.47 13.09 -31.68
C PHE AA 161 127.91 14.24 -30.77
N ILE AA 162 129.10 14.11 -30.19
CA ILE AA 162 129.63 15.10 -29.26
C ILE AA 162 129.82 16.46 -29.94
N GLN AA 163 129.97 16.46 -31.26
CA GLN AA 163 130.17 17.69 -32.01
C GLN AA 163 128.87 18.47 -32.12
N GLU AA 164 127.77 17.75 -32.28
CA GLU AA 164 126.47 18.39 -32.36
C GLU AA 164 126.13 19.02 -31.03
N LEU AA 165 126.44 18.31 -29.94
CA LEU AA 165 126.15 18.81 -28.61
C LEU AA 165 126.79 20.18 -28.40
N ILE AA 166 127.93 20.40 -29.03
CA ILE AA 166 128.63 21.67 -28.94
C ILE AA 166 127.94 22.72 -29.79
N ASN AA 167 127.36 22.28 -30.89
CA ASN AA 167 126.65 23.17 -31.82
C ASN AA 167 125.27 23.55 -31.30
N ASN AA 168 124.89 23.01 -30.15
CA ASN AA 168 123.57 23.27 -29.59
C ASN AA 168 123.59 23.67 -28.12
N ILE AA 169 124.74 23.50 -27.49
CA ILE AA 169 124.86 23.85 -26.08
C ILE AA 169 125.85 25.00 -25.90
N ALA AA 170 127.01 24.89 -26.55
CA ALA AA 170 128.13 25.82 -26.34
C ALA AA 170 127.79 27.28 -26.64
N LYS AA 171 127.25 27.54 -27.82
CA LYS AA 171 126.78 28.87 -28.12
C LYS AA 171 125.68 29.25 -27.13
N ALA AA 172 124.75 28.32 -26.89
CA ALA AA 172 123.59 28.57 -26.05
C ALA AA 172 123.90 28.59 -24.55
N HIS AA 173 125.18 28.65 -24.21
CA HIS AA 173 125.64 28.61 -22.83
C HIS AA 173 126.40 29.89 -22.54
N GLY AA 174 125.86 30.71 -21.62
CA GLY AA 174 126.48 31.98 -21.29
C GLY AA 174 127.75 31.88 -20.47
N GLY AA 175 128.40 30.72 -20.51
CA GLY AA 175 129.59 30.48 -19.72
C GLY AA 175 130.80 30.08 -20.53
N PHE AA 176 131.71 29.32 -19.93
CA PHE AA 176 132.94 28.91 -20.60
C PHE AA 176 133.01 27.40 -20.84
N SER AA 177 133.77 26.99 -21.86
CA SER AA 177 133.89 25.58 -22.22
C SER AA 177 135.34 25.16 -22.40
N VAL AA 178 135.62 23.88 -22.22
CA VAL AA 178 136.95 23.35 -22.43
C VAL AA 178 136.92 22.04 -23.20
N PHE AA 179 137.54 22.04 -24.37
CA PHE AA 179 137.64 20.82 -25.17
C PHE AA 179 139.02 20.20 -25.00
N THR AA 180 139.04 18.90 -24.78
CA THR AA 180 140.29 18.17 -24.62
C THR AA 180 140.38 16.94 -25.50
N GLY AA 181 141.23 17.02 -26.52
CA GLY AA 181 141.42 15.92 -27.45
C GLY AA 181 142.50 14.99 -26.97
N VAL AA 182 142.11 13.80 -26.56
CA VAL AA 182 143.06 12.82 -26.06
C VAL AA 182 143.12 11.60 -26.96
N GLY AA 183 144.25 11.44 -27.64
CA GLY AA 183 144.46 10.28 -28.50
C GLY AA 183 143.49 10.20 -29.67
N GLU AA 184 143.43 11.25 -30.47
CA GLU AA 184 142.53 11.24 -31.62
C GLU AA 184 143.21 11.75 -32.90
N ARG AA 185 142.46 11.78 -33.99
CA ARG AA 185 142.98 12.21 -35.27
C ARG AA 185 143.25 13.72 -35.24
N THR AA 186 144.51 14.08 -35.44
CA THR AA 186 144.91 15.48 -35.43
C THR AA 186 144.04 16.30 -36.37
N ARG AA 187 143.54 15.67 -37.44
CA ARG AA 187 142.74 16.38 -38.43
C ARG AA 187 141.38 16.82 -37.89
N GLU AA 188 140.82 16.03 -36.98
CA GLU AA 188 139.54 16.34 -36.34
C GLU AA 188 139.63 17.64 -35.54
N GLY AA 189 140.77 17.84 -34.89
CA GLY AA 189 141.03 19.09 -34.20
C GLY AA 189 140.96 20.22 -35.21
N ASN AA 190 141.71 20.09 -36.30
CA ASN AA 190 141.75 21.13 -37.31
C ASN AA 190 140.37 21.61 -37.71
N ASP AA 191 139.52 20.68 -38.13
CA ASP AA 191 138.16 21.01 -38.52
C ASP AA 191 137.44 21.71 -37.39
N LEU AA 192 137.66 21.25 -36.17
CA LEU AA 192 137.03 21.84 -34.99
C LEU AA 192 137.42 23.31 -34.85
N TYR AA 193 138.72 23.55 -34.76
CA TYR AA 193 139.23 24.92 -34.68
C TYR AA 193 138.63 25.81 -35.77
N ARG AA 194 138.44 25.25 -36.96
CA ARG AA 194 137.87 26.00 -38.08
C ARG AA 194 136.42 26.37 -37.83
N GLU AA 195 135.66 25.42 -37.28
CA GLU AA 195 134.24 25.63 -37.00
C GLU AA 195 133.99 26.61 -35.86
N MET AA 196 134.87 26.60 -34.84
CA MET AA 196 134.73 27.51 -33.71
C MET AA 196 134.93 28.96 -34.13
N LYS AA 197 135.75 29.18 -35.15
CA LYS AA 197 135.91 30.52 -35.70
C LYS AA 197 134.66 30.93 -36.50
N GLU AA 198 134.16 30.01 -37.33
CA GLU AA 198 133.02 30.24 -38.24
C GLU AA 198 131.67 30.37 -37.52
N THR AA 199 131.53 29.67 -36.41
CA THR AA 199 130.35 29.77 -35.56
C THR AA 199 130.39 31.04 -34.72
N GLY AA 200 131.60 31.51 -34.43
CA GLY AA 200 131.78 32.74 -33.67
C GLY AA 200 132.20 32.51 -32.22
N VAL AA 201 132.26 31.25 -31.83
CA VAL AA 201 132.66 30.87 -30.48
C VAL AA 201 134.05 31.38 -30.14
N ILE AA 202 134.97 31.20 -31.08
CA ILE AA 202 136.34 31.69 -30.91
C ILE AA 202 136.64 32.80 -31.91
N ASN AA 203 136.93 33.97 -31.39
CA ASN AA 203 137.29 35.11 -32.22
C ASN AA 203 138.73 35.53 -31.97
N LEU AA 204 139.56 35.51 -33.02
CA LEU AA 204 140.98 35.79 -32.90
C LEU AA 204 141.26 37.24 -32.47
N GLU AA 205 140.50 38.17 -33.04
CA GLU AA 205 140.62 39.58 -32.70
C GLU AA 205 139.47 40.06 -31.81
N GLY AA 206 138.88 39.13 -31.07
CA GLY AA 206 137.78 39.44 -30.17
C GLY AA 206 137.77 38.59 -28.90
N GLU AA 207 136.58 38.34 -28.38
CA GLU AA 207 136.43 37.52 -27.18
C GLU AA 207 136.12 36.07 -27.54
N SER AA 208 136.45 35.16 -26.63
CA SER AA 208 136.20 33.75 -26.85
C SER AA 208 135.53 33.15 -25.60
N LYS AA 209 134.92 31.99 -25.74
CA LYS AA 209 134.23 31.37 -24.61
C LYS AA 209 134.58 29.90 -24.44
N VAL AA 210 135.76 29.52 -24.94
CA VAL AA 210 136.21 28.13 -24.86
C VAL AA 210 137.72 28.00 -25.06
N ALA AA 211 138.36 27.15 -24.27
CA ALA AA 211 139.78 26.87 -24.45
C ALA AA 211 139.99 25.50 -25.10
N LEU AA 212 141.13 25.34 -25.76
CA LEU AA 212 141.42 24.11 -26.49
C LEU AA 212 142.70 23.43 -26.03
N VAL AA 213 142.58 22.19 -25.58
CA VAL AA 213 143.73 21.40 -25.18
C VAL AA 213 143.80 20.11 -25.98
N PHE AA 214 144.90 19.95 -26.72
CA PHE AA 214 145.10 18.77 -27.56
C PHE AA 214 146.36 17.98 -27.20
N GLY AA 215 146.19 16.67 -27.06
CA GLY AA 215 147.29 15.74 -26.89
C GLY AA 215 146.99 14.50 -27.71
N GLN AA 216 147.02 14.66 -29.03
CA GLN AA 216 146.54 13.63 -29.95
C GLN AA 216 147.37 12.34 -29.93
N MET AA 217 147.01 11.40 -30.80
CA MET AA 217 147.63 10.08 -30.80
C MET AA 217 149.05 10.10 -31.37
N ASN AA 218 149.34 11.06 -32.23
CA ASN AA 218 150.71 11.24 -32.72
C ASN AA 218 151.72 11.39 -31.59
N GLU AA 219 151.26 11.78 -30.40
CA GLU AA 219 152.13 11.98 -29.23
C GLU AA 219 152.44 10.67 -28.51
N PRO AA 220 153.63 10.60 -27.87
CA PRO AA 220 154.10 9.43 -27.13
C PRO AA 220 153.22 9.10 -25.93
N PRO AA 221 153.33 7.87 -25.41
CA PRO AA 221 152.55 7.38 -24.26
C PRO AA 221 152.55 8.33 -23.07
N GLY AA 222 153.62 9.09 -22.90
CA GLY AA 222 153.70 10.02 -21.79
C GLY AA 222 152.63 11.09 -21.91
N ALA AA 223 152.48 11.63 -23.12
CA ALA AA 223 151.61 12.79 -23.32
C ALA AA 223 150.13 12.43 -23.17
N ARG AA 224 149.71 11.40 -23.90
CA ARG AA 224 148.31 11.00 -23.91
C ARG AA 224 147.79 10.57 -22.54
N ALA AA 225 148.70 10.30 -21.61
CA ALA AA 225 148.33 9.82 -20.28
C ALA AA 225 148.18 10.97 -19.29
N ARG AA 226 148.49 12.19 -19.72
CA ARG AA 226 148.42 13.36 -18.85
C ARG AA 226 147.74 14.54 -19.52
N VAL AA 227 147.37 14.41 -20.78
CA VAL AA 227 146.73 15.51 -21.48
C VAL AA 227 145.33 15.74 -20.93
N ALA AA 228 144.73 14.68 -20.42
CA ALA AA 228 143.39 14.74 -19.84
C ALA AA 228 143.41 15.61 -18.60
N LEU AA 229 144.50 15.51 -17.84
CA LEU AA 229 144.65 16.30 -16.63
C LEU AA 229 144.88 17.76 -16.99
N THR AA 230 145.65 17.99 -18.05
CA THR AA 230 146.02 19.35 -18.43
C THR AA 230 144.81 20.22 -18.69
N GLY AA 231 143.78 19.65 -19.29
CA GLY AA 231 142.59 20.38 -19.67
C GLY AA 231 141.59 20.42 -18.54
N LEU AA 232 141.59 19.37 -17.74
CA LEU AA 232 140.81 19.31 -16.53
C LEU AA 232 141.18 20.48 -15.60
N THR AA 233 142.48 20.71 -15.43
CA THR AA 233 142.98 21.77 -14.57
C THR AA 233 142.45 23.15 -14.97
N ILE AA 234 142.34 23.41 -16.28
CA ILE AA 234 141.85 24.69 -16.77
C ILE AA 234 140.36 24.84 -16.50
N ALA AA 235 139.63 23.74 -16.59
CA ALA AA 235 138.20 23.74 -16.29
C ALA AA 235 137.99 24.01 -14.81
N GLU AA 236 138.61 23.17 -13.99
CA GLU AA 236 138.48 23.24 -12.54
C GLU AA 236 138.67 24.66 -12.00
N TYR AA 237 139.55 25.42 -12.65
CA TYR AA 237 139.82 26.78 -12.23
C TYR AA 237 138.54 27.63 -12.34
N PHE AA 238 137.89 27.59 -13.50
CA PHE AA 238 136.64 28.32 -13.66
C PHE AA 238 135.58 27.80 -12.71
N ARG AA 239 135.78 26.58 -12.22
CA ARG AA 239 134.81 25.98 -11.31
C ARG AA 239 134.87 26.64 -9.94
N ASP AA 240 136.04 26.63 -9.33
CA ASP AA 240 136.17 27.13 -7.96
C ASP AA 240 136.47 28.63 -7.91
N GLU AA 241 137.52 29.06 -8.62
CA GLU AA 241 137.96 30.46 -8.57
C GLU AA 241 137.04 31.39 -9.32
N GLU AA 242 136.57 30.93 -10.48
CA GLU AA 242 135.64 31.73 -11.27
C GLU AA 242 134.19 31.49 -10.83
N GLY AA 243 133.93 30.32 -10.25
CA GLY AA 243 132.62 30.01 -9.70
C GLY AA 243 131.47 30.16 -10.69
N GLN AA 244 131.56 29.46 -11.82
CA GLN AA 244 130.57 29.62 -12.87
C GLN AA 244 130.42 28.31 -13.66
N ASP AA 245 129.34 28.20 -14.43
CA ASP AA 245 129.09 27.02 -15.24
C ASP AA 245 130.21 26.78 -16.25
N VAL AA 246 130.56 25.51 -16.43
CA VAL AA 246 131.62 25.13 -17.35
C VAL AA 246 131.31 23.83 -18.07
N LEU AA 247 131.53 23.81 -19.38
CA LEU AA 247 131.32 22.62 -20.19
C LEU AA 247 132.65 21.97 -20.54
N LEU AA 248 132.84 20.75 -20.06
CA LEU AA 248 134.06 20.01 -20.33
C LEU AA 248 133.79 18.93 -21.38
N PHE AA 249 134.48 19.01 -22.51
CA PHE AA 249 134.36 17.98 -23.53
C PHE AA 249 135.65 17.18 -23.63
N ILE AA 250 135.57 15.90 -23.33
CA ILE AA 250 136.71 15.03 -23.46
C ILE AA 250 136.44 13.99 -24.55
N ASP AA 251 137.42 13.82 -25.45
CA ASP AA 251 137.34 12.87 -26.54
C ASP AA 251 138.76 12.60 -27.03
N ASN AA 252 139.27 11.38 -26.82
CA ASN AA 252 138.52 10.31 -26.17
C ASN AA 252 139.11 10.02 -24.81
N ILE AA 253 138.31 9.46 -23.92
CA ILE AA 253 138.74 9.19 -22.56
C ILE AA 253 139.38 7.81 -22.45
N PHE AA 254 139.18 6.97 -23.46
CA PHE AA 254 139.76 5.64 -23.41
C PHE AA 254 141.28 5.67 -23.60
N ARG AA 255 141.77 6.65 -24.34
CA ARG AA 255 143.19 6.79 -24.56
C ARG AA 255 143.95 7.03 -23.26
N PHE AA 256 143.24 7.53 -22.25
CA PHE AA 256 143.85 7.80 -20.95
C PHE AA 256 144.34 6.52 -20.28
N THR AA 257 143.54 5.46 -20.36
CA THR AA 257 143.93 4.19 -19.80
C THR AA 257 144.95 3.53 -20.71
N GLN AA 258 144.60 3.44 -21.98
CA GLN AA 258 145.45 2.78 -22.98
C GLN AA 258 146.87 3.30 -22.90
N ALA AA 259 147.02 4.61 -23.03
CA ALA AA 259 148.33 5.23 -23.01
C ALA AA 259 149.14 4.74 -21.82
N GLY AA 260 148.52 4.75 -20.65
CA GLY AA 260 149.17 4.27 -19.45
C GLY AA 260 149.47 2.78 -19.52
N SER AA 261 148.62 2.06 -20.23
CA SER AA 261 148.75 0.61 -20.37
C SER AA 261 150.00 0.24 -21.13
N GLU AA 262 150.45 1.14 -22.02
CA GLU AA 262 151.61 0.86 -22.84
C GLU AA 262 152.88 0.89 -21.99
N VAL AA 263 152.97 1.86 -21.10
CA VAL AA 263 154.19 2.06 -20.33
C VAL AA 263 154.24 1.26 -19.03
N SER AA 264 153.08 0.84 -18.54
CA SER AA 264 153.01 0.12 -17.27
C SER AA 264 153.97 -1.07 -17.22
N ALA AA 265 154.13 -1.75 -18.36
CA ALA AA 265 155.04 -2.88 -18.45
C ALA AA 265 156.49 -2.46 -18.21
N LEU AA 266 156.89 -1.36 -18.85
CA LEU AA 266 158.26 -0.85 -18.73
C LEU AA 266 158.55 -0.28 -17.35
N LEU AA 267 157.51 0.05 -16.58
CA LEU AA 267 157.70 0.55 -15.22
C LEU AA 267 157.75 -0.59 -14.22
N GLY AA 268 157.88 -1.82 -14.73
CA GLY AA 268 157.97 -2.98 -13.88
C GLY AA 268 156.68 -3.32 -13.14
N ARG AA 269 155.56 -3.24 -13.86
CA ARG AA 269 154.26 -3.61 -13.33
C ARG AA 269 153.75 -4.90 -13.96
N ILE AA 270 153.49 -5.91 -13.15
CA ILE AA 270 152.93 -7.16 -13.66
C ILE AA 270 151.58 -6.93 -14.33
N PRO AA 271 151.51 -7.18 -15.64
CA PRO AA 271 150.28 -6.95 -16.42
C PRO AA 271 149.05 -7.62 -15.79
N SER AA 272 148.00 -6.85 -15.55
CA SER AA 272 146.74 -7.39 -15.02
C SER AA 272 145.98 -8.14 -16.11
N ALA AA 273 144.79 -8.63 -15.77
CA ALA AA 273 143.97 -9.37 -16.73
C ALA AA 273 143.62 -8.55 -17.96
N VAL AA 274 143.73 -9.18 -19.13
CA VAL AA 274 143.46 -8.54 -20.42
C VAL AA 274 144.62 -7.66 -20.88
N GLY AA 275 145.70 -7.65 -20.10
CA GLY AA 275 146.87 -6.87 -20.45
C GLY AA 275 146.91 -5.50 -19.83
N TYR AA 276 145.75 -4.99 -19.42
CA TYR AA 276 145.71 -3.68 -18.78
C TYR AA 276 146.59 -3.68 -17.53
N GLN AA 277 146.92 -2.50 -17.03
CA GLN AA 277 147.72 -2.38 -15.83
C GLN AA 277 146.87 -2.58 -14.58
N PRO AA 278 147.48 -3.03 -13.48
CA PRO AA 278 146.74 -3.21 -12.23
C PRO AA 278 146.09 -1.91 -11.76
N THR AA 279 146.82 -0.80 -11.86
CA THR AA 279 146.29 0.50 -11.45
C THR AA 279 145.32 1.06 -12.49
N LEU AA 280 144.22 0.36 -12.72
CA LEU AA 280 143.23 0.82 -13.68
C LEU AA 280 142.12 1.56 -12.95
N ALA AA 281 141.59 0.91 -11.92
CA ALA AA 281 140.44 1.42 -11.17
C ALA AA 281 140.78 2.73 -10.48
N THR AA 282 141.99 2.81 -9.94
CA THR AA 282 142.43 4.00 -9.23
C THR AA 282 142.67 5.16 -10.20
N ASP AA 283 143.51 4.94 -11.21
CA ASP AA 283 143.80 5.98 -12.21
C ASP AA 283 142.51 6.50 -12.86
N MET AA 284 141.71 5.58 -13.40
CA MET AA 284 140.41 5.95 -13.95
C MET AA 284 139.60 6.68 -12.88
N GLY AA 285 139.87 6.36 -11.62
CA GLY AA 285 139.19 6.97 -10.50
C GLY AA 285 139.64 8.39 -10.12
N LEU AA 286 140.95 8.59 -10.07
CA LEU AA 286 141.50 9.90 -9.70
C LEU AA 286 141.24 10.96 -10.76
N LEU AA 287 140.71 10.54 -11.90
CA LEU AA 287 140.43 11.48 -12.97
C LEU AA 287 138.97 11.90 -12.94
N GLN AA 288 138.08 10.92 -12.82
CA GLN AA 288 136.63 11.16 -12.80
C GLN AA 288 136.19 11.87 -11.53
N GLU AA 289 136.92 11.64 -10.44
CA GLU AA 289 136.55 12.24 -9.16
C GLU AA 289 136.70 13.74 -9.23
N ARG AA 290 137.76 14.18 -9.90
CA ARG AA 290 138.04 15.60 -10.08
C ARG AA 290 137.01 16.25 -10.99
N ILE AA 291 136.55 15.49 -11.99
CA ILE AA 291 135.55 15.96 -12.93
C ILE AA 291 134.17 15.86 -12.29
N THR AA 292 133.78 16.90 -11.55
CA THR AA 292 132.49 16.87 -10.85
C THR AA 292 132.07 18.26 -10.41
N THR AA 293 130.84 18.35 -9.90
CA THR AA 293 130.27 19.62 -9.49
C THR AA 293 130.36 19.82 -7.98
N THR AA 294 130.87 20.98 -7.58
CA THR AA 294 131.02 21.30 -6.18
C THR AA 294 130.08 22.44 -5.83
N LYS AA 295 130.11 22.84 -4.57
CA LYS AA 295 129.27 23.91 -4.10
C LYS AA 295 129.83 25.26 -4.53
N LYS AA 296 130.96 25.25 -5.22
CA LYS AA 296 131.59 26.47 -5.67
C LYS AA 296 131.19 26.80 -7.10
N GLY AA 297 130.97 25.76 -7.91
CA GLY AA 297 130.61 25.93 -9.30
C GLY AA 297 130.12 24.66 -9.95
N SER AA 298 129.42 24.81 -11.07
CA SER AA 298 128.83 23.68 -11.77
C SER AA 298 129.60 23.33 -13.05
N VAL AA 299 129.82 22.04 -13.26
CA VAL AA 299 130.58 21.58 -14.41
C VAL AA 299 129.86 20.44 -15.12
N THR AA 300 129.44 20.71 -16.36
CA THR AA 300 128.81 19.69 -17.17
C THR AA 300 129.84 19.03 -18.06
N SER AA 301 130.01 17.71 -17.90
CA SER AA 301 131.06 16.98 -18.58
C SER AA 301 130.56 15.98 -19.62
N VAL AA 302 131.11 16.05 -20.82
CA VAL AA 302 130.72 15.14 -21.90
C VAL AA 302 131.90 14.32 -22.41
N GLN AA 303 132.08 13.15 -21.79
CA GLN AA 303 133.20 12.27 -22.09
C GLN AA 303 132.78 11.12 -23.00
N ALA AA 304 133.39 11.04 -24.18
CA ALA AA 304 133.12 9.96 -25.12
C ALA AA 304 134.02 8.78 -24.81
N VAL AA 305 133.44 7.60 -24.59
CA VAL AA 305 134.24 6.44 -24.27
C VAL AA 305 134.37 5.49 -25.45
N TYR AA 306 135.57 4.96 -25.66
CA TYR AA 306 135.80 4.00 -26.73
C TYR AA 306 135.64 2.56 -26.25
N VAL AA 307 135.03 1.73 -27.10
CA VAL AA 307 134.80 0.33 -26.78
C VAL AA 307 135.60 -0.58 -27.71
N PRO AA 308 136.71 -1.15 -27.19
CA PRO AA 308 137.60 -2.05 -27.93
C PRO AA 308 136.85 -3.26 -28.44
N ALA AA 309 136.90 -3.50 -29.74
CA ALA AA 309 136.28 -4.69 -30.36
C ALA AA 309 134.78 -4.83 -30.08
N ASP AA 310 134.10 -3.69 -29.95
CA ASP AA 310 132.66 -3.67 -29.67
C ASP AA 310 132.33 -4.58 -28.51
N ASP AA 311 133.19 -4.56 -27.50
CA ASP AA 311 133.04 -5.41 -26.33
C ASP AA 311 132.90 -4.56 -25.08
N LEU AA 312 131.73 -4.63 -24.44
CA LEU AA 312 131.42 -3.80 -23.28
C LEU AA 312 131.92 -4.42 -21.99
N THR AA 313 132.25 -5.71 -22.05
CA THR AA 313 132.81 -6.41 -20.91
C THR AA 313 134.26 -6.00 -20.66
N ASP AA 314 134.86 -5.31 -21.61
CA ASP AA 314 136.24 -4.84 -21.46
C ASP AA 314 136.35 -3.94 -20.23
N PRO AA 315 137.36 -4.19 -19.39
CA PRO AA 315 137.61 -3.40 -18.19
C PRO AA 315 137.49 -1.89 -18.41
N ALA AA 316 138.15 -1.36 -19.43
CA ALA AA 316 138.18 0.09 -19.65
C ALA AA 316 136.77 0.69 -19.71
N PRO AA 317 135.95 0.17 -20.64
CA PRO AA 317 134.56 0.64 -20.68
C PRO AA 317 133.81 0.28 -19.41
N ALA AA 318 133.95 -0.97 -18.96
CA ALA AA 318 133.18 -1.47 -17.81
C ALA AA 318 133.32 -0.60 -16.57
N THR AA 319 134.56 -0.20 -16.29
CA THR AA 319 134.85 0.59 -15.10
C THR AA 319 134.27 2.00 -15.20
N THR AA 320 134.20 2.54 -16.41
CA THR AA 320 133.79 3.92 -16.64
C THR AA 320 132.31 4.19 -16.37
N PHE AA 321 131.49 3.15 -16.41
CA PHE AA 321 130.05 3.31 -16.22
C PHE AA 321 129.71 3.91 -14.86
N ALA AA 322 130.38 3.42 -13.82
CA ALA AA 322 130.14 3.86 -12.44
C ALA AA 322 130.46 5.35 -12.18
N HIS AA 323 131.23 5.96 -13.08
CA HIS AA 323 131.55 7.39 -12.98
C HIS AA 323 130.66 8.24 -13.86
N LEU AA 324 129.52 7.71 -14.28
CA LEU AA 324 128.65 8.45 -15.18
C LEU AA 324 127.22 8.48 -14.66
N ASP AA 325 126.55 9.61 -14.86
CA ASP AA 325 125.15 9.74 -14.46
C ASP AA 325 124.26 9.38 -15.64
N ALA AA 326 124.64 9.83 -16.83
CA ALA AA 326 123.89 9.55 -18.04
C ALA AA 326 124.77 8.84 -19.08
N THR AA 327 124.35 7.66 -19.50
CA THR AA 327 125.11 6.86 -20.46
C THR AA 327 124.37 6.69 -21.78
N THR AA 328 125.02 7.09 -22.87
CA THR AA 328 124.44 6.99 -24.21
C THR AA 328 125.19 5.97 -25.06
N VAL AA 329 124.84 4.69 -24.90
CA VAL AA 329 125.53 3.62 -25.62
C VAL AA 329 125.18 3.57 -27.12
N LEU AA 330 126.19 3.52 -27.97
CA LEU AA 330 125.97 3.41 -29.41
C LEU AA 330 126.28 2.00 -29.90
N SER AA 331 125.34 1.40 -30.63
CA SER AA 331 125.51 0.04 -31.15
C SER AA 331 125.79 0.05 -32.64
N ARG AA 332 126.81 -0.71 -33.06
CA ARG AA 332 127.12 -0.81 -34.47
C ARG AA 332 126.01 -1.54 -35.20
N GLY AA 333 125.35 -2.45 -34.49
CA GLY AA 333 124.21 -3.17 -35.02
C GLY AA 333 123.06 -2.24 -35.40
N ILE AA 334 123.15 -1.00 -34.93
CA ILE AA 334 122.12 0.00 -35.23
C ILE AA 334 122.56 0.89 -36.39
N SER AA 335 123.87 1.12 -36.45
CA SER AA 335 124.45 1.91 -37.53
C SER AA 335 124.14 1.26 -38.87
N GLU AA 336 124.45 -0.03 -38.96
CA GLU AA 336 124.36 -0.78 -40.20
C GLU AA 336 122.97 -0.68 -40.84
N LEU AA 337 121.95 -0.56 -40.00
CA LEU AA 337 120.57 -0.44 -40.48
C LEU AA 337 120.30 0.91 -41.14
N GLY AA 338 121.21 1.86 -40.95
CA GLY AA 338 121.06 3.18 -41.55
C GLY AA 338 120.48 4.20 -40.59
N ILE AA 339 120.00 3.71 -39.45
CA ILE AA 339 119.39 4.57 -38.45
C ILE AA 339 120.45 5.21 -37.55
N TYR AA 340 120.49 6.54 -37.54
CA TYR AA 340 121.49 7.29 -36.77
C TYR AA 340 120.86 8.49 -36.07
N PRO AA 341 121.44 8.90 -34.92
CA PRO AA 341 122.61 8.30 -34.29
C PRO AA 341 122.29 6.93 -33.76
N ALA AA 342 123.17 5.97 -34.03
CA ALA AA 342 122.96 4.59 -33.63
C ALA AA 342 122.94 4.48 -32.11
N VAL AA 343 121.88 4.98 -31.50
CA VAL AA 343 121.74 4.92 -30.05
C VAL AA 343 120.90 3.73 -29.65
N ASP AA 344 121.40 2.98 -28.67
CA ASP AA 344 120.67 1.84 -28.14
C ASP AA 344 119.73 2.32 -27.04
N PRO AA 345 118.41 2.30 -27.31
CA PRO AA 345 117.33 2.78 -26.43
C PRO AA 345 117.15 2.00 -25.14
N LEU AA 346 117.42 0.69 -25.16
CA LEU AA 346 117.29 -0.16 -23.98
C LEU AA 346 118.51 -0.07 -23.06
N ASP AA 347 119.70 -0.25 -23.65
CA ASP AA 347 120.98 -0.23 -22.93
C ASP AA 347 121.36 1.16 -22.41
N SER AA 348 120.87 2.21 -23.07
CA SER AA 348 121.12 3.58 -22.61
C SER AA 348 120.16 3.99 -21.52
N LYS AA 349 120.72 4.39 -20.38
CA LYS AA 349 119.91 4.82 -19.25
C LYS AA 349 120.30 6.22 -18.83
N SER AA 350 119.58 6.76 -17.85
CA SER AA 350 119.87 8.08 -17.30
C SER AA 350 119.47 8.18 -15.83
N ARG AA 351 119.98 9.22 -15.18
CA ARG AA 351 119.69 9.50 -13.78
C ARG AA 351 118.39 10.26 -13.67
N LEU AA 352 118.18 11.19 -14.59
CA LEU AA 352 116.94 11.98 -14.61
C LEU AA 352 115.78 11.20 -15.20
N LEU AA 353 115.92 9.87 -15.33
CA LEU AA 353 114.83 9.07 -15.87
C LEU AA 353 113.83 8.74 -14.77
N ASP AA 354 113.37 9.78 -14.09
CA ASP AA 354 112.44 9.60 -12.97
C ASP AA 354 111.22 10.47 -13.16
N ALA AA 355 110.07 9.97 -12.72
CA ALA AA 355 108.84 10.73 -12.83
C ALA AA 355 109.01 12.07 -12.11
N ALA AA 356 109.58 12.04 -10.92
CA ALA AA 356 109.70 13.24 -10.10
C ALA AA 356 110.73 14.23 -10.64
N VAL AA 357 111.22 13.96 -11.85
CA VAL AA 357 112.22 14.82 -12.47
C VAL AA 357 111.75 15.32 -13.83
N VAL AA 358 111.47 14.39 -14.74
CA VAL AA 358 111.07 14.72 -16.10
C VAL AA 358 109.57 14.91 -16.23
N GLY AA 359 108.83 14.57 -15.18
CA GLY AA 359 107.38 14.68 -15.18
C GLY AA 359 106.76 13.31 -15.30
N GLN AA 360 105.53 13.17 -14.80
CA GLN AA 360 104.87 11.87 -14.83
C GLN AA 360 104.55 11.47 -16.26
N GLU AA 361 104.01 12.41 -17.01
CA GLU AA 361 103.65 12.18 -18.41
C GLU AA 361 104.87 11.74 -19.22
N HIS AA 362 105.99 12.39 -18.96
CA HIS AA 362 107.22 12.14 -19.71
C HIS AA 362 107.71 10.71 -19.46
N TYR AA 363 107.61 10.26 -18.23
CA TYR AA 363 108.09 8.92 -17.85
C TYR AA 363 107.28 7.84 -18.52
N ASP AA 364 105.96 7.97 -18.46
CA ASP AA 364 105.04 6.99 -19.02
C ASP AA 364 105.26 6.80 -20.52
N VAL AA 365 105.34 7.91 -21.25
CA VAL AA 365 105.58 7.88 -22.69
C VAL AA 365 106.90 7.20 -23.00
N ALA AA 366 107.92 7.56 -22.23
CA ALA AA 366 109.25 6.98 -22.41
C ALA AA 366 109.25 5.48 -22.16
N SER AA 367 108.50 5.05 -21.13
CA SER AA 367 108.44 3.64 -20.76
C SER AA 367 107.72 2.83 -21.81
N LYS AA 368 106.65 3.40 -22.35
CA LYS AA 368 105.90 2.73 -23.40
C LYS AA 368 106.78 2.49 -24.61
N VAL AA 369 107.55 3.51 -24.99
CA VAL AA 369 108.42 3.38 -26.16
C VAL AA 369 109.42 2.26 -25.97
N GLN AA 370 109.95 2.13 -24.76
CA GLN AA 370 110.92 1.10 -24.46
C GLN AA 370 110.32 -0.30 -24.52
N GLU AA 371 109.12 -0.45 -24.00
CA GLU AA 371 108.46 -1.75 -23.98
C GLU AA 371 108.10 -2.19 -25.40
N THR AA 372 107.74 -1.23 -26.24
CA THR AA 372 107.39 -1.50 -27.62
C THR AA 372 108.59 -2.02 -28.40
N LEU AA 373 109.71 -1.33 -28.27
CA LEU AA 373 110.94 -1.70 -28.96
C LEU AA 373 111.48 -3.04 -28.46
N GLN AA 374 111.13 -3.41 -27.23
CA GLN AA 374 111.61 -4.66 -26.64
C GLN AA 374 110.86 -5.87 -27.21
N THR AA 375 109.54 -5.81 -27.17
CA THR AA 375 108.73 -6.88 -27.72
C THR AA 375 109.03 -7.08 -29.21
N TYR AA 376 109.27 -5.96 -29.90
CA TYR AA 376 109.65 -6.01 -31.30
C TYR AA 376 110.85 -6.91 -31.49
N LYS AA 377 111.89 -6.63 -30.71
CA LYS AA 377 113.13 -7.37 -30.76
C LYS AA 377 112.93 -8.79 -30.25
N SER AA 378 111.85 -9.01 -29.51
CA SER AA 378 111.55 -10.33 -28.96
C SER AA 378 110.88 -11.20 -30.00
N LEU AA 379 110.18 -10.56 -30.92
CA LEU AA 379 109.46 -11.28 -31.94
C LEU AA 379 110.30 -11.42 -33.21
N GLN AA 380 111.57 -11.02 -33.14
CA GLN AA 380 112.43 -11.05 -34.31
C GLN AA 380 112.63 -12.47 -34.80
N ASP AA 381 112.43 -13.43 -33.90
CA ASP AA 381 112.59 -14.84 -34.23
C ASP AA 381 111.35 -15.41 -34.90
N ILE AA 382 110.23 -14.68 -34.83
CA ILE AA 382 108.99 -15.13 -35.45
C ILE AA 382 108.75 -14.43 -36.79
N ILE AA 383 109.16 -13.16 -36.88
CA ILE AA 383 108.95 -12.40 -38.10
C ILE AA 383 109.80 -12.90 -39.26
N ALA AA 384 110.79 -13.75 -38.97
CA ALA AA 384 111.63 -14.32 -40.02
C ALA AA 384 111.36 -15.81 -40.23
N ILE AA 385 110.81 -16.45 -39.21
CA ILE AA 385 110.58 -17.89 -39.27
C ILE AA 385 109.12 -18.26 -39.56
N LEU AA 386 108.20 -17.34 -39.31
CA LEU AA 386 106.79 -17.57 -39.55
C LEU AA 386 106.10 -16.42 -40.29
N GLY AA 387 106.85 -15.33 -40.49
CA GLY AA 387 106.31 -14.17 -41.20
C GLY AA 387 105.62 -13.17 -40.31
N MET AA 388 104.95 -12.21 -40.92
CA MET AA 388 104.24 -11.18 -40.16
C MET AA 388 102.78 -11.57 -39.94
N ASP AA 389 102.28 -12.46 -40.79
CA ASP AA 389 100.87 -12.86 -40.76
C ASP AA 389 100.53 -13.70 -39.53
N GLU AA 390 101.50 -14.48 -39.05
CA GLU AA 390 101.30 -15.36 -37.89
C GLU AA 390 101.10 -14.59 -36.60
N LEU AA 391 101.63 -13.38 -36.54
CA LEU AA 391 101.50 -12.54 -35.35
C LEU AA 391 100.03 -12.19 -35.10
N SER AA 392 99.69 -11.99 -33.83
CA SER AA 392 98.32 -11.66 -33.43
C SER AA 392 97.96 -10.23 -33.82
N GLU AA 393 96.69 -9.88 -33.66
CA GLU AA 393 96.22 -8.56 -34.02
C GLU AA 393 96.88 -7.50 -33.16
N GLN AA 394 97.05 -7.81 -31.87
CA GLN AA 394 97.72 -6.91 -30.95
C GLN AA 394 99.21 -6.81 -31.28
N ASP AA 395 99.77 -7.91 -31.79
CA ASP AA 395 101.20 -7.96 -32.08
C ASP AA 395 101.55 -7.19 -33.35
N LYS AA 396 100.87 -7.50 -34.45
CA LYS AA 396 101.11 -6.82 -35.72
C LYS AA 396 100.98 -5.30 -35.57
N LEU AA 397 99.93 -4.86 -34.88
CA LEU AA 397 99.72 -3.45 -34.63
C LEU AA 397 100.87 -2.83 -33.83
N THR AA 398 101.42 -3.59 -32.88
CA THR AA 398 102.55 -3.11 -32.10
C THR AA 398 103.81 -3.08 -32.95
N VAL AA 399 104.06 -4.19 -33.65
CA VAL AA 399 105.24 -4.33 -34.49
C VAL AA 399 105.39 -3.18 -35.47
N GLU AA 400 104.30 -2.86 -36.18
CA GLU AA 400 104.32 -1.74 -37.12
C GLU AA 400 104.77 -0.46 -36.42
N ARG AA 401 104.16 -0.19 -35.27
CA ARG AA 401 104.49 1.00 -34.49
C ARG AA 401 105.96 0.99 -34.06
N ALA AA 402 106.44 -0.16 -33.59
CA ALA AA 402 107.81 -0.28 -33.14
C ALA AA 402 108.77 0.07 -34.26
N ARG AA 403 108.36 -0.22 -35.49
CA ARG AA 403 109.20 0.06 -36.64
C ARG AA 403 109.15 1.56 -36.96
N LYS AA 404 108.00 2.18 -36.74
CA LYS AA 404 107.86 3.61 -36.98
C LYS AA 404 108.63 4.43 -35.95
N ILE AA 405 108.48 4.08 -34.68
CA ILE AA 405 109.19 4.77 -33.60
C ILE AA 405 110.70 4.63 -33.79
N GLN AA 406 111.14 3.41 -34.09
CA GLN AA 406 112.55 3.12 -34.31
C GLN AA 406 113.14 4.07 -35.33
N ARG AA 407 112.47 4.19 -36.48
CA ARG AA 407 112.94 5.08 -37.53
C ARG AA 407 112.70 6.54 -37.15
N PHE AA 408 111.81 6.75 -36.19
CA PHE AA 408 111.46 8.10 -35.75
C PHE AA 408 112.51 8.66 -34.80
N LEU AA 409 113.36 7.77 -34.28
CA LEU AA 409 114.43 8.15 -33.35
C LEU AA 409 115.59 8.81 -34.09
N SER AA 410 115.73 8.49 -35.37
CA SER AA 410 116.78 9.06 -36.19
C SER AA 410 116.57 10.55 -36.38
N GLN AA 411 117.66 11.31 -36.39
CA GLN AA 411 117.58 12.75 -36.51
C GLN AA 411 118.80 13.26 -37.24
N PRO AA 412 118.58 14.13 -38.23
CA PRO AA 412 119.66 14.74 -39.03
C PRO AA 412 120.37 15.83 -38.25
N PHE AA 413 121.70 15.71 -38.11
CA PHE AA 413 122.49 16.70 -37.41
C PHE AA 413 123.12 17.69 -38.40
N ALA AA 414 123.16 18.97 -38.01
CA ALA AA 414 123.73 20.00 -38.87
C ALA AA 414 125.22 19.75 -39.10
N VAL AA 415 125.82 18.95 -38.22
CA VAL AA 415 127.24 18.63 -38.30
C VAL AA 415 127.52 17.59 -39.38
N ALA AA 416 126.69 16.54 -39.42
CA ALA AA 416 126.82 15.48 -40.41
C ALA AA 416 125.90 15.72 -41.61
N GLU AA 417 125.73 16.99 -41.96
CA GLU AA 417 124.88 17.38 -43.09
C GLU AA 417 125.55 16.98 -44.39
N VAL AA 418 126.87 16.82 -44.35
CA VAL AA 418 127.63 16.45 -45.53
C VAL AA 418 127.49 14.97 -45.80
N PHE AA 419 127.02 14.23 -44.79
CA PHE AA 419 126.83 12.79 -44.93
C PHE AA 419 125.42 12.44 -45.38
N THR AA 420 124.44 13.11 -44.78
CA THR AA 420 123.03 12.79 -45.04
C THR AA 420 122.42 13.67 -46.13
N GLY AA 421 123.01 14.83 -46.38
CA GLY AA 421 122.52 15.74 -47.40
C GLY AA 421 121.32 16.55 -46.93
N ILE AA 422 120.72 16.11 -45.83
CA ILE AA 422 119.57 16.77 -45.25
C ILE AA 422 119.99 17.76 -44.17
N PRO AA 423 119.39 18.95 -44.16
CA PRO AA 423 119.70 20.03 -43.23
C PRO AA 423 119.43 19.61 -41.79
N GLY AA 424 120.34 19.96 -40.89
CA GLY AA 424 120.18 19.61 -39.48
C GLY AA 424 118.81 19.99 -38.98
N LYS AA 425 118.34 19.30 -37.95
CA LYS AA 425 117.07 19.63 -37.31
C LYS AA 425 117.18 19.48 -35.80
N LEU AA 426 116.84 20.54 -35.08
CA LEU AA 426 116.87 20.53 -33.63
C LEU AA 426 115.46 20.47 -33.06
N VAL AA 427 115.13 19.38 -32.37
CA VAL AA 427 113.80 19.21 -31.80
C VAL AA 427 113.79 19.58 -30.31
N ARG AA 428 112.72 20.26 -29.89
CA ARG AA 428 112.57 20.64 -28.49
C ARG AA 428 111.95 19.49 -27.69
N LEU AA 429 112.42 19.33 -26.45
CA LEU AA 429 111.94 18.26 -25.58
C LEU AA 429 110.43 18.31 -25.41
N LYS AA 430 109.89 19.52 -25.32
CA LYS AA 430 108.47 19.71 -25.12
C LYS AA 430 107.66 19.16 -26.29
N ASP AA 431 108.20 19.31 -27.51
CA ASP AA 431 107.56 18.77 -28.70
C ASP AA 431 107.89 17.29 -28.89
N THR AA 432 109.10 16.88 -28.51
CA THR AA 432 109.53 15.49 -28.67
C THR AA 432 108.55 14.53 -28.01
N VAL AA 433 108.29 14.76 -26.73
CA VAL AA 433 107.42 13.90 -25.96
C VAL AA 433 106.02 13.87 -26.53
N ALA AA 434 105.59 15.03 -27.04
CA ALA AA 434 104.26 15.18 -27.61
C ALA AA 434 104.13 14.41 -28.93
N SER AA 435 105.26 14.15 -29.56
CA SER AA 435 105.31 13.47 -30.85
C SER AA 435 105.09 11.96 -30.70
N PHE AA 436 105.95 11.32 -29.91
CA PHE AA 436 105.84 9.89 -29.66
C PHE AA 436 104.54 9.55 -28.97
N LYS AA 437 104.15 10.39 -28.02
CA LYS AA 437 102.89 10.21 -27.34
C LYS AA 437 101.81 9.97 -28.39
N ALA AA 438 101.71 10.90 -29.33
CA ALA AA 438 100.72 10.81 -30.42
C ALA AA 438 100.86 9.52 -31.21
N VAL AA 439 102.09 9.10 -31.47
CA VAL AA 439 102.32 7.89 -32.25
C VAL AA 439 101.99 6.63 -31.45
N LEU AA 440 102.12 6.72 -30.13
CA LEU AA 440 101.84 5.59 -29.24
C LEU AA 440 100.34 5.34 -29.13
N GLU AA 441 99.56 6.39 -29.36
CA GLU AA 441 98.11 6.31 -29.29
C GLU AA 441 97.50 5.81 -30.61
N GLY AA 442 98.34 5.66 -31.63
CA GLY AA 442 97.90 5.16 -32.92
C GLY AA 442 97.26 6.20 -33.81
N LYS AA 443 97.57 7.46 -33.56
CA LYS AA 443 96.97 8.57 -34.30
C LYS AA 443 97.59 8.71 -35.68
N TYR AA 444 98.61 7.92 -35.97
CA TYR AA 444 99.28 8.00 -37.25
C TYR AA 444 99.59 6.61 -37.79
N ASP AA 445 98.63 5.71 -37.65
CA ASP AA 445 98.81 4.35 -38.11
C ASP AA 445 98.65 4.27 -39.63
N ASN AA 446 98.17 5.37 -40.22
CA ASN AA 446 98.02 5.45 -41.67
C ASN AA 446 99.30 5.90 -42.37
N ILE AA 447 100.05 6.79 -41.73
CA ILE AA 447 101.28 7.32 -42.31
C ILE AA 447 102.30 6.20 -42.54
N PRO AA 448 103.02 6.25 -43.67
CA PRO AA 448 104.07 5.29 -44.05
C PRO AA 448 105.35 5.39 -43.23
N GLU AA 449 106.02 4.26 -43.03
CA GLU AA 449 107.22 4.21 -42.20
C GLU AA 449 108.29 5.14 -42.74
N HIS AA 450 108.46 5.15 -44.05
CA HIS AA 450 109.50 5.97 -44.65
C HIS AA 450 109.29 7.45 -44.34
N ALA AA 451 108.15 7.78 -43.74
CA ALA AA 451 107.86 9.17 -43.39
C ALA AA 451 108.42 9.55 -42.02
N PHE AA 452 109.01 8.57 -41.32
CA PHE AA 452 109.56 8.81 -40.00
C PHE AA 452 111.09 8.71 -40.01
N TYR AA 453 111.63 8.20 -41.12
CA TYR AA 453 113.06 8.06 -41.26
C TYR AA 453 113.75 9.39 -41.53
N MET AA 454 114.73 9.71 -40.70
CA MET AA 454 115.46 10.97 -40.79
C MET AA 454 114.50 12.16 -40.80
N VAL AA 455 113.78 12.34 -39.69
CA VAL AA 455 112.85 13.44 -39.56
C VAL AA 455 112.90 14.08 -38.18
N GLY AA 456 112.84 15.41 -38.15
CA GLY AA 456 112.90 16.15 -36.90
C GLY AA 456 111.58 16.15 -36.15
N GLY AA 457 110.88 17.28 -36.19
CA GLY AA 457 109.61 17.41 -35.50
C GLY AA 457 108.52 16.53 -36.06
N ILE AA 458 107.44 16.33 -35.29
CA ILE AA 458 106.34 15.48 -35.70
C ILE AA 458 105.57 16.05 -36.89
N GLU AA 459 105.53 17.38 -36.98
CA GLU AA 459 104.89 18.06 -38.10
C GLU AA 459 105.53 17.65 -39.42
N ASP AA 460 106.86 17.53 -39.41
CA ASP AA 460 107.60 17.14 -40.60
C ASP AA 460 107.22 15.75 -41.08
N VAL AA 461 106.84 14.88 -40.15
CA VAL AA 461 106.42 13.54 -40.52
C VAL AA 461 105.21 13.60 -41.45
N VAL AA 462 104.22 14.39 -41.06
CA VAL AA 462 103.00 14.52 -41.85
C VAL AA 462 103.29 15.26 -43.14
N ALA AA 463 104.16 16.26 -43.08
CA ALA AA 463 104.55 17.01 -44.26
C ALA AA 463 105.27 16.10 -45.26
N LYS AA 464 106.17 15.28 -44.74
CA LYS AA 464 106.93 14.35 -45.58
C LYS AA 464 106.01 13.30 -46.21
N ALA AA 465 105.14 12.71 -45.40
CA ALA AA 465 104.23 11.68 -45.89
C ALA AA 465 103.34 12.21 -47.01
N GLU AA 466 103.07 13.51 -46.99
CA GLU AA 466 102.25 14.15 -48.01
C GLU AA 466 103.06 14.52 -49.25
N LYS AA 467 104.34 14.83 -49.06
CA LYS AA 467 105.21 15.18 -50.19
C LYS AA 467 105.59 13.96 -51.02
N LEU AA 468 105.62 12.80 -50.38
CA LEU AA 468 105.91 11.55 -51.09
C LEU AA 468 104.73 11.13 -51.95
N ALA AA 469 103.52 11.33 -51.45
CA ALA AA 469 102.32 10.92 -52.16
C ALA AA 469 102.17 11.58 -53.53
N ALA AA 470 102.82 12.74 -53.69
CA ALA AA 470 102.76 13.48 -54.95
C ALA AA 470 103.46 12.71 -56.08
N SER BA 1 166.80 -31.94 25.65
CA SER BA 1 166.83 -33.24 24.98
C SER BA 1 166.84 -33.10 23.46
N THR BA 2 165.70 -33.33 22.83
CA THR BA 2 165.59 -33.20 21.39
C THR BA 2 164.66 -32.04 20.97
N PRO BA 3 164.91 -30.84 21.50
CA PRO BA 3 164.11 -29.65 21.22
C PRO BA 3 164.60 -28.90 19.98
N ILE BA 4 163.77 -28.84 18.95
CA ILE BA 4 164.12 -28.17 17.70
C ILE BA 4 163.48 -26.77 17.63
N THR BA 5 164.32 -25.75 17.44
CA THR BA 5 163.82 -24.38 17.38
C THR BA 5 164.32 -23.65 16.13
N GLY BA 6 163.52 -22.69 15.65
CA GLY BA 6 163.87 -21.89 14.49
C GLY BA 6 163.29 -20.49 14.65
N LYS BA 7 163.49 -19.63 13.65
CA LYS BA 7 163.00 -18.26 13.73
C LYS BA 7 162.38 -17.78 12.41
N VAL BA 8 161.18 -17.20 12.49
CA VAL BA 8 160.50 -16.69 11.31
C VAL BA 8 161.27 -15.55 10.66
N THR BA 9 161.53 -15.68 9.37
CA THR BA 9 162.31 -14.69 8.63
C THR BA 9 161.47 -13.99 7.60
N ALA BA 10 160.34 -14.60 7.23
CA ALA BA 10 159.48 -14.02 6.20
C ALA BA 10 158.00 -14.35 6.38
N VAL BA 11 157.17 -13.33 6.23
CA VAL BA 11 155.73 -13.50 6.31
C VAL BA 11 155.03 -12.87 5.13
N ILE BA 12 154.52 -13.73 4.25
CA ILE BA 12 153.77 -13.29 3.07
C ILE BA 12 152.49 -14.10 2.94
N GLY BA 13 151.39 -13.52 3.41
CA GLY BA 13 150.11 -14.20 3.34
C GLY BA 13 150.09 -15.46 4.18
N ALA BA 14 149.54 -16.54 3.64
CA ALA BA 14 149.52 -17.81 4.34
C ALA BA 14 150.86 -18.52 4.22
N ILE BA 15 151.84 -17.84 3.63
CA ILE BA 15 153.17 -18.41 3.43
C ILE BA 15 154.21 -17.80 4.38
N VAL BA 16 154.74 -18.63 5.28
CA VAL BA 16 155.70 -18.17 6.28
C VAL BA 16 157.04 -18.88 6.11
N ASP BA 17 158.14 -18.14 6.26
CA ASP BA 17 159.49 -18.69 6.10
C ASP BA 17 160.26 -18.73 7.42
N VAL BA 18 160.64 -19.93 7.86
CA VAL BA 18 161.35 -20.11 9.10
C VAL BA 18 162.81 -20.50 8.86
N HIS BA 19 163.68 -20.07 9.77
CA HIS BA 19 165.10 -20.41 9.69
C HIS BA 19 165.50 -21.29 10.86
N PHE BA 20 165.99 -22.49 10.55
CA PHE BA 20 166.46 -23.40 11.57
C PHE BA 20 167.99 -23.46 11.58
N GLU BA 21 168.54 -24.25 12.48
CA GLU BA 21 169.98 -24.42 12.62
C GLU BA 21 170.56 -25.28 11.50
N GLN BA 22 171.83 -25.04 11.16
CA GLN BA 22 172.49 -25.81 10.11
C GLN BA 22 172.30 -27.31 10.32
N SER BA 23 172.22 -28.05 9.22
CA SER BA 23 172.06 -29.51 9.27
C SER BA 23 171.09 -29.97 10.36
N GLU BA 24 169.97 -29.28 10.48
CA GLU BA 24 168.96 -29.63 11.48
C GLU BA 24 167.56 -29.30 10.98
N LEU BA 25 167.50 -28.83 9.74
CA LEU BA 25 166.24 -28.51 9.09
C LEU BA 25 165.32 -29.71 9.09
N PRO BA 26 164.06 -29.51 9.52
CA PRO BA 26 163.09 -30.59 9.47
C PRO BA 26 162.81 -30.97 8.02
N ALA BA 27 162.53 -32.23 7.75
CA ALA BA 27 162.22 -32.67 6.40
C ALA BA 27 161.00 -31.93 5.85
N ILE BA 28 160.36 -32.49 4.82
CA ILE BA 28 159.23 -31.85 4.19
C ILE BA 28 157.89 -32.47 4.58
N LEU BA 29 156.84 -31.64 4.62
CA LEU BA 29 155.51 -32.09 4.99
C LEU BA 29 155.38 -32.29 6.50
N ASN BA 30 156.35 -31.79 7.26
CA ASN BA 30 156.30 -31.90 8.71
C ASN BA 30 155.37 -30.89 9.36
N ALA BA 31 155.35 -30.87 10.69
CA ALA BA 31 154.47 -29.99 11.43
C ALA BA 31 155.22 -29.05 12.36
N LEU BA 32 155.14 -27.76 12.07
CA LEU BA 32 155.77 -26.74 12.91
C LEU BA 32 154.72 -26.02 13.74
N GLU BA 33 155.11 -25.59 14.95
CA GLU BA 33 154.18 -24.92 15.84
C GLU BA 33 154.68 -23.53 16.27
N ILE BA 34 153.74 -22.61 16.45
CA ILE BA 34 154.04 -21.25 16.92
C ILE BA 34 153.05 -20.84 18.01
N LYS BA 35 153.55 -20.15 19.04
CA LYS BA 35 152.69 -19.73 20.13
C LYS BA 35 151.80 -18.56 19.69
N THR BA 36 150.49 -18.69 19.93
CA THR BA 36 149.54 -17.62 19.63
C THR BA 36 148.61 -17.38 20.81
N PRO BA 37 148.22 -16.12 21.04
CA PRO BA 37 147.30 -15.77 22.13
C PRO BA 37 146.05 -16.65 22.17
N GLN BA 38 145.50 -17.01 21.02
CA GLN BA 38 144.31 -17.86 20.97
C GLN BA 38 144.67 -19.27 21.44
N GLY BA 39 145.58 -19.91 20.70
CA GLY BA 39 146.03 -21.25 21.01
C GLY BA 39 147.42 -21.49 20.46
N LYS BA 40 147.48 -21.97 19.21
CA LYS BA 40 148.74 -22.18 18.54
C LYS BA 40 148.56 -22.16 17.02
N LEU BA 41 149.65 -21.86 16.32
CA LEU BA 41 149.64 -21.81 14.87
C LEU BA 41 150.37 -23.02 14.32
N VAL BA 42 149.89 -23.60 13.23
CA VAL BA 42 150.52 -24.78 12.65
C VAL BA 42 151.07 -24.51 11.26
N LEU BA 43 152.31 -24.95 11.01
CA LEU BA 43 152.94 -24.72 9.71
C LEU BA 43 153.43 -26.02 9.09
N GLU BA 44 152.92 -26.34 7.91
CA GLU BA 44 153.33 -27.55 7.22
C GLU BA 44 154.50 -27.26 6.28
N VAL BA 45 155.60 -27.97 6.47
CA VAL BA 45 156.76 -27.82 5.61
C VAL BA 45 156.38 -28.04 4.16
N ALA BA 46 157.06 -27.31 3.26
CA ALA BA 46 156.79 -27.46 1.84
C ALA BA 46 158.08 -27.53 1.03
N GLN BA 47 158.98 -26.56 1.23
CA GLN BA 47 160.21 -26.53 0.46
C GLN BA 47 161.36 -26.07 1.32
N HIS BA 48 162.58 -26.44 0.92
CA HIS BA 48 163.79 -25.99 1.60
C HIS BA 48 164.48 -24.92 0.77
N LEU BA 49 164.12 -23.66 1.00
CA LEU BA 49 164.62 -22.55 0.19
C LEU BA 49 166.15 -22.57 0.07
N GLY BA 50 166.81 -23.11 1.09
CA GLY BA 50 168.25 -23.17 1.12
C GLY BA 50 168.79 -22.29 2.23
N GLU BA 51 170.08 -22.40 2.51
CA GLU BA 51 170.70 -21.57 3.53
C GLU BA 51 169.97 -21.77 4.84
N ASN BA 52 169.69 -23.03 5.17
CA ASN BA 52 169.05 -23.36 6.43
C ASN BA 52 167.71 -22.67 6.59
N THR BA 53 167.00 -22.47 5.47
CA THR BA 53 165.69 -21.82 5.49
C THR BA 53 164.63 -22.64 4.74
N VAL BA 54 163.49 -22.84 5.38
CA VAL BA 54 162.43 -23.63 4.78
C VAL BA 54 161.15 -22.82 4.63
N ARG BA 55 160.35 -23.13 3.62
CA ARG BA 55 159.09 -22.46 3.41
C ARG BA 55 157.91 -23.40 3.72
N THR BA 56 157.00 -22.92 4.56
CA THR BA 56 155.85 -23.72 4.96
C THR BA 56 154.54 -22.97 4.69
N ILE BA 57 153.44 -23.71 4.73
CA ILE BA 57 152.12 -23.14 4.53
C ILE BA 57 151.37 -23.04 5.85
N ALA BA 58 150.70 -21.92 6.06
CA ALA BA 58 149.99 -21.69 7.31
C ALA BA 58 148.71 -22.51 7.34
N MET BA 59 148.38 -23.05 8.51
CA MET BA 59 147.13 -23.79 8.66
C MET BA 59 146.12 -22.95 9.42
N ASP BA 60 146.46 -21.69 9.65
CA ASP BA 60 145.57 -20.74 10.30
C ASP BA 60 146.01 -19.33 9.97
N GLY BA 61 145.39 -18.34 10.60
CA GLY BA 61 145.72 -16.95 10.35
C GLY BA 61 147.19 -16.65 10.55
N THR BA 62 147.71 -15.70 9.80
CA THR BA 62 149.12 -15.32 9.90
C THR BA 62 149.29 -13.90 10.39
N GLU BA 63 148.17 -13.17 10.49
CA GLU BA 63 148.23 -11.80 10.98
C GLU BA 63 148.72 -11.79 12.43
N GLY BA 64 149.81 -11.06 12.67
CA GLY BA 64 150.36 -10.95 14.01
C GLY BA 64 151.78 -11.44 14.13
N LEU BA 65 152.16 -12.40 13.28
CA LEU BA 65 153.51 -12.92 13.29
C LEU BA 65 154.53 -11.79 13.16
N VAL BA 66 155.69 -11.98 13.79
CA VAL BA 66 156.76 -10.99 13.74
C VAL BA 66 158.10 -11.67 13.49
N ARG BA 67 158.91 -11.09 12.61
CA ARG BA 67 160.19 -11.70 12.24
C ARG BA 67 161.11 -11.89 13.45
N GLY BA 68 161.39 -13.15 13.76
CA GLY BA 68 162.23 -13.47 14.89
C GLY BA 68 161.61 -14.51 15.81
N GLU BA 69 160.28 -14.52 15.90
CA GLU BA 69 159.57 -15.40 16.82
C GLU BA 69 160.05 -16.84 16.71
N LYS BA 70 160.09 -17.54 17.83
CA LYS BA 70 160.54 -18.92 17.86
C LYS BA 70 159.53 -19.81 17.15
N VAL BA 71 160.01 -20.92 16.60
CA VAL BA 71 159.16 -21.87 15.90
C VAL BA 71 159.52 -23.30 16.26
N LEU BA 72 158.60 -24.00 16.93
CA LEU BA 72 158.85 -25.36 17.39
C LEU BA 72 158.65 -26.39 16.28
N ASP BA 73 159.43 -27.47 16.31
CA ASP BA 73 159.23 -28.55 15.35
C ASP BA 73 158.77 -29.83 16.04
N THR BA 74 157.58 -30.29 15.70
CA THR BA 74 157.07 -31.55 16.22
C THR BA 74 157.97 -32.70 15.76
N GLY BA 75 158.51 -32.55 14.55
CA GLY BA 75 159.40 -33.56 13.99
C GLY BA 75 158.70 -34.46 13.00
N GLY BA 76 157.39 -34.54 13.10
CA GLY BA 76 156.59 -35.39 12.23
C GLY BA 76 155.41 -34.68 11.60
N PRO BA 77 154.96 -35.17 10.43
CA PRO BA 77 153.81 -34.57 9.74
C PRO BA 77 152.60 -34.43 10.66
N ILE BA 78 151.66 -33.57 10.29
CA ILE BA 78 150.45 -33.36 11.08
C ILE BA 78 149.84 -34.71 11.52
N SER BA 79 149.43 -34.78 12.79
CA SER BA 79 148.88 -36.02 13.34
C SER BA 79 147.42 -35.88 13.75
N VAL BA 80 146.66 -36.94 13.55
CA VAL BA 80 145.26 -36.98 13.93
C VAL BA 80 144.97 -38.23 14.78
N PRO BA 81 144.26 -38.04 15.90
CA PRO BA 81 143.95 -39.20 16.75
C PRO BA 81 143.13 -40.22 16.00
N VAL BA 82 143.34 -41.50 16.30
CA VAL BA 82 142.56 -42.57 15.66
C VAL BA 82 141.97 -43.49 16.71
N GLY BA 83 140.77 -44.02 16.43
CA GLY BA 83 140.13 -44.91 17.38
C GLY BA 83 138.66 -44.62 17.53
N ARG BA 84 137.98 -45.44 18.33
CA ARG BA 84 136.54 -45.33 18.49
C ARG BA 84 136.15 -44.04 19.23
N GLU BA 85 137.16 -43.33 19.73
CA GLU BA 85 136.95 -42.12 20.51
C GLU BA 85 136.67 -40.89 19.64
N THR BA 86 136.94 -41.02 18.34
CA THR BA 86 136.68 -39.95 17.39
C THR BA 86 135.23 -39.96 16.94
N LEU BA 87 134.58 -41.12 17.02
CA LEU BA 87 133.17 -41.23 16.67
C LEU BA 87 132.33 -40.25 17.51
N GLY BA 88 131.49 -39.46 16.85
CA GLY BA 88 130.64 -38.51 17.54
C GLY BA 88 131.39 -37.29 18.04
N ARG BA 89 132.49 -36.97 17.36
CA ARG BA 89 133.34 -35.87 17.75
C ARG BA 89 133.73 -35.02 16.53
N ILE BA 90 133.62 -33.70 16.66
CA ILE BA 90 134.00 -32.79 15.60
C ILE BA 90 135.50 -32.52 15.64
N ILE BA 91 136.21 -32.92 14.58
CA ILE BA 91 137.65 -32.76 14.53
C ILE BA 91 138.06 -31.87 13.36
N ASN BA 92 138.98 -30.94 13.61
CA ASN BA 92 139.48 -30.06 12.57
C ASN BA 92 140.72 -30.64 11.90
N VAL BA 93 141.24 -29.91 10.92
CA VAL BA 93 142.35 -30.40 10.11
C VAL BA 93 143.61 -30.65 10.93
N ILE BA 94 143.77 -29.87 11.99
CA ILE BA 94 144.90 -29.98 12.91
C ILE BA 94 144.83 -31.26 13.75
N GLY BA 95 143.62 -31.74 13.98
CA GLY BA 95 143.43 -32.97 14.75
C GLY BA 95 142.92 -32.71 16.15
N GLU BA 96 142.66 -31.45 16.45
CA GLU BA 96 142.16 -31.05 17.76
C GLU BA 96 140.64 -30.95 17.74
N PRO BA 97 140.01 -31.28 18.88
CA PRO BA 97 138.55 -31.18 18.99
C PRO BA 97 138.09 -29.72 19.07
N ILE BA 98 136.96 -29.43 18.42
CA ILE BA 98 136.37 -28.10 18.46
C ILE BA 98 134.90 -28.17 18.88
N ASP BA 99 134.45 -29.38 19.21
CA ASP BA 99 133.07 -29.59 19.65
C ASP BA 99 132.88 -29.20 21.11
N GLU BA 100 133.97 -28.73 21.72
CA GLU BA 100 133.93 -28.32 23.13
C GLU BA 100 133.58 -29.50 24.03
N ARG BA 101 133.92 -30.71 23.59
CA ARG BA 101 133.67 -31.90 24.40
C ARG BA 101 134.96 -32.40 25.02
N GLY BA 102 135.89 -31.47 25.30
CA GLY BA 102 137.16 -31.82 25.88
C GLY BA 102 138.07 -32.54 24.90
N PRO BA 103 139.25 -32.98 25.37
CA PRO BA 103 140.27 -33.64 24.55
C PRO BA 103 139.87 -35.07 24.19
N ILE BA 104 140.17 -35.48 22.95
CA ILE BA 104 139.85 -36.82 22.49
C ILE BA 104 140.84 -37.83 23.03
N LYS BA 105 140.48 -38.48 24.13
CA LYS BA 105 141.35 -39.47 24.77
C LYS BA 105 141.57 -40.69 23.88
N SER BA 106 142.55 -40.59 22.99
CA SER BA 106 142.91 -41.69 22.10
C SER BA 106 144.23 -42.32 22.55
N LYS BA 107 144.52 -43.52 22.05
CA LYS BA 107 145.72 -44.25 22.44
C LYS BA 107 146.84 -44.02 21.43
N LEU BA 108 146.47 -43.82 20.17
CA LEU BA 108 147.44 -43.69 19.10
C LEU BA 108 147.17 -42.44 18.26
N ARG BA 109 148.19 -42.01 17.51
CA ARG BA 109 148.08 -40.84 16.64
C ARG BA 109 148.81 -41.01 15.31
N LYS BA 110 148.05 -41.28 14.24
CA LYS BA 110 148.62 -41.49 12.91
C LYS BA 110 148.74 -40.16 12.14
N PRO BA 111 149.75 -40.05 11.26
CA PRO BA 111 149.98 -38.86 10.42
C PRO BA 111 149.03 -38.81 9.23
N ILE BA 112 148.82 -37.61 8.69
CA ILE BA 112 147.92 -37.43 7.56
C ILE BA 112 148.53 -37.91 6.25
N HIS BA 113 149.86 -37.88 6.16
CA HIS BA 113 150.57 -38.31 4.96
C HIS BA 113 150.97 -39.78 5.04
N ALA BA 114 150.31 -40.60 4.24
CA ALA BA 114 150.62 -42.03 4.20
C ALA BA 114 150.81 -42.49 2.76
N ASP BA 115 151.74 -43.43 2.57
CA ASP BA 115 151.97 -44.00 1.26
C ASP BA 115 150.83 -44.92 0.88
N PRO BA 116 150.45 -44.91 -0.41
CA PRO BA 116 149.38 -45.74 -0.91
C PRO BA 116 149.77 -47.20 -0.79
N PRO BA 117 148.84 -48.05 -0.34
CA PRO BA 117 149.07 -49.50 -0.22
C PRO BA 117 149.76 -50.09 -1.45
N SER BA 118 150.52 -51.16 -1.24
CA SER BA 118 151.31 -51.78 -2.30
C SER BA 118 150.47 -52.56 -3.31
N PHE BA 119 151.08 -52.83 -4.46
CA PHE BA 119 150.44 -53.56 -5.56
C PHE BA 119 150.01 -54.96 -5.13
N ALA BA 120 150.90 -55.63 -4.41
CA ALA BA 120 150.66 -57.00 -3.92
C ALA BA 120 149.53 -57.08 -2.90
N GLU BA 121 149.30 -56.00 -2.16
CA GLU BA 121 148.24 -55.95 -1.16
C GLU BA 121 146.87 -55.71 -1.80
N GLN BA 122 146.87 -55.29 -3.06
CA GLN BA 122 145.63 -55.01 -3.79
C GLN BA 122 144.87 -56.31 -4.06
N SER BA 123 143.55 -56.18 -4.21
CA SER BA 123 142.71 -57.33 -4.54
C SER BA 123 142.77 -57.63 -6.02
N THR BA 124 142.35 -58.84 -6.41
CA THR BA 124 142.38 -59.25 -7.81
C THR BA 124 140.97 -59.42 -8.39
N SER BA 125 139.99 -58.89 -7.67
CA SER BA 125 138.59 -59.06 -8.03
C SER BA 125 137.74 -58.00 -7.32
N ALA BA 126 136.86 -57.34 -8.09
CA ALA BA 126 135.95 -56.35 -7.50
C ALA BA 126 134.65 -57.01 -7.09
N GLU BA 127 134.21 -56.73 -5.87
CA GLU BA 127 132.96 -57.26 -5.38
C GLU BA 127 131.97 -56.15 -5.07
N ILE BA 128 130.69 -56.48 -5.12
CA ILE BA 128 129.64 -55.53 -4.84
C ILE BA 128 129.49 -55.33 -3.34
N LEU BA 129 129.18 -54.12 -2.92
CA LEU BA 129 128.96 -53.83 -1.52
C LEU BA 129 127.49 -53.52 -1.23
N GLU BA 130 126.81 -54.48 -0.59
CA GLU BA 130 125.39 -54.34 -0.26
C GLU BA 130 125.18 -53.10 0.61
N THR BA 131 124.42 -52.14 0.09
CA THR BA 131 124.17 -50.91 0.82
C THR BA 131 122.93 -51.01 1.69
N GLY BA 132 121.78 -51.24 1.06
CA GLY BA 132 120.52 -51.35 1.77
C GLY BA 132 119.39 -50.69 1.01
N ILE BA 133 119.67 -50.27 -0.22
CA ILE BA 133 118.69 -49.60 -1.05
C ILE BA 133 118.48 -50.32 -2.38
N LYS BA 134 117.24 -50.62 -2.71
CA LYS BA 134 116.93 -51.30 -3.96
C LYS BA 134 117.42 -50.47 -5.16
N VAL BA 135 117.15 -49.17 -5.12
CA VAL BA 135 117.54 -48.27 -6.20
C VAL BA 135 119.04 -48.35 -6.45
N VAL BA 136 119.77 -48.83 -5.44
CA VAL BA 136 121.22 -48.94 -5.50
C VAL BA 136 121.65 -50.32 -5.99
N ASP BA 137 121.46 -51.32 -5.13
CA ASP BA 137 121.91 -52.68 -5.42
C ASP BA 137 121.45 -53.19 -6.80
N LEU BA 138 120.29 -52.72 -7.25
CA LEU BA 138 119.72 -53.17 -8.53
C LEU BA 138 120.19 -52.35 -9.73
N LEU BA 139 120.30 -51.04 -9.55
CA LEU BA 139 120.69 -50.13 -10.63
C LEU BA 139 122.18 -49.77 -10.61
N ALA BA 140 122.54 -48.83 -9.74
CA ALA BA 140 123.94 -48.40 -9.62
C ALA BA 140 124.54 -48.84 -8.29
N PRO BA 141 125.03 -50.08 -8.22
CA PRO BA 141 125.58 -50.65 -6.99
C PRO BA 141 126.91 -50.02 -6.57
N TYR BA 142 127.17 -50.00 -5.26
CA TYR BA 142 128.42 -49.45 -4.75
C TYR BA 142 129.54 -50.48 -4.78
N ALA BA 143 130.68 -50.08 -5.35
CA ALA BA 143 131.85 -50.94 -5.40
C ALA BA 143 132.60 -50.94 -4.07
N ARG BA 144 132.85 -52.13 -3.52
CA ARG BA 144 133.59 -52.27 -2.27
C ARG BA 144 134.99 -51.71 -2.39
N GLY BA 145 135.22 -50.55 -1.77
CA GLY BA 145 136.52 -49.90 -1.85
C GLY BA 145 136.67 -49.08 -3.11
N GLY BA 146 135.54 -48.66 -3.68
CA GLY BA 146 135.55 -47.84 -4.88
C GLY BA 146 135.14 -46.41 -4.59
N LYS BA 147 135.05 -45.61 -5.64
CA LYS BA 147 134.65 -44.20 -5.50
C LYS BA 147 133.30 -43.97 -6.13
N ILE BA 148 132.37 -43.40 -5.34
CA ILE BA 148 131.04 -43.12 -5.84
C ILE BA 148 130.82 -41.62 -5.93
N GLY BA 149 130.19 -41.17 -7.02
CA GLY BA 149 129.90 -39.77 -7.22
C GLY BA 149 128.47 -39.42 -6.92
N LEU BA 150 128.27 -38.45 -6.04
CA LEU BA 150 126.93 -38.02 -5.63
C LEU BA 150 126.65 -36.61 -6.15
N PHE BA 151 125.67 -36.50 -7.05
CA PHE BA 151 125.31 -35.22 -7.64
C PHE BA 151 124.02 -34.68 -7.04
N GLY BA 152 123.83 -33.37 -7.16
CA GLY BA 152 122.63 -32.73 -6.65
C GLY BA 152 122.86 -32.07 -5.31
N GLY BA 153 122.47 -30.81 -5.19
CA GLY BA 153 122.65 -30.06 -3.96
C GLY BA 153 121.50 -30.25 -2.99
N ALA BA 154 121.33 -29.29 -2.07
CA ALA BA 154 120.23 -29.35 -1.13
C ALA BA 154 118.89 -29.31 -1.85
N GLY BA 155 117.86 -29.87 -1.22
CA GLY BA 155 116.53 -29.88 -1.80
C GLY BA 155 116.14 -31.29 -2.19
N VAL BA 156 117.14 -32.13 -2.36
CA VAL BA 156 116.93 -33.53 -2.73
C VAL BA 156 117.19 -34.45 -1.55
N GLY BA 157 117.38 -33.86 -0.37
CA GLY BA 157 117.62 -34.63 0.84
C GLY BA 157 118.97 -35.32 0.79
N LYS BA 158 119.98 -34.61 0.27
CA LYS BA 158 121.31 -35.19 0.17
C LYS BA 158 121.71 -35.73 1.54
N THR BA 159 121.59 -34.88 2.57
CA THR BA 159 122.01 -35.25 3.90
C THR BA 159 121.31 -36.52 4.37
N VAL BA 160 120.04 -36.64 4.01
CA VAL BA 160 119.24 -37.78 4.40
C VAL BA 160 119.75 -39.07 3.76
N PHE BA 161 120.26 -38.94 2.54
CA PHE BA 161 120.80 -40.09 1.80
C PHE BA 161 122.16 -40.53 2.34
N ILE BA 162 122.83 -39.64 3.07
CA ILE BA 162 124.16 -39.92 3.59
C ILE BA 162 124.09 -40.68 4.91
N GLN BA 163 123.38 -40.09 5.87
CA GLN BA 163 123.17 -40.74 7.16
C GLN BA 163 122.59 -42.15 6.97
N GLU BA 164 121.86 -42.36 5.89
CA GLU BA 164 121.28 -43.68 5.61
C GLU BA 164 122.39 -44.71 5.42
N LEU BA 165 123.25 -44.49 4.44
CA LEU BA 165 124.35 -45.42 4.15
C LEU BA 165 125.19 -45.72 5.38
N ILE BA 166 125.23 -44.77 6.32
CA ILE BA 166 126.00 -44.92 7.54
C ILE BA 166 125.32 -45.91 8.50
N ASN BA 167 124.00 -45.86 8.55
CA ASN BA 167 123.22 -46.75 9.39
C ASN BA 167 123.23 -48.17 8.84
N ASN BA 168 122.79 -48.31 7.59
CA ASN BA 168 122.70 -49.61 6.93
C ASN BA 168 123.96 -50.43 7.07
N ILE BA 169 125.08 -49.88 6.59
CA ILE BA 169 126.37 -50.55 6.65
C ILE BA 169 126.75 -50.89 8.08
N ALA BA 170 126.31 -50.06 9.01
CA ALA BA 170 126.60 -50.26 10.43
C ALA BA 170 125.84 -51.47 10.99
N LYS BA 171 124.79 -51.88 10.28
CA LYS BA 171 123.97 -53.00 10.74
C LYS BA 171 124.21 -54.26 9.92
N ALA BA 172 124.61 -54.08 8.67
CA ALA BA 172 124.85 -55.20 7.77
C ALA BA 172 126.31 -55.63 7.80
N HIS BA 173 127.21 -54.66 7.72
CA HIS BA 173 128.65 -54.94 7.73
C HIS BA 173 129.27 -54.52 9.06
N GLY BA 174 128.55 -53.73 9.82
CA GLY BA 174 129.04 -53.24 11.11
C GLY BA 174 130.30 -52.38 10.99
N GLY BA 175 130.52 -51.79 9.82
CA GLY BA 175 131.66 -50.91 9.62
C GLY BA 175 131.31 -49.46 9.89
N PHE BA 176 132.19 -48.75 10.59
CA PHE BA 176 131.96 -47.35 10.90
C PHE BA 176 132.08 -46.47 9.65
N SER BA 177 131.80 -45.18 9.82
CA SER BA 177 131.85 -44.22 8.71
C SER BA 177 132.62 -42.97 9.10
N VAL BA 178 133.20 -42.30 8.10
CA VAL BA 178 133.94 -41.07 8.34
C VAL BA 178 133.53 -39.96 7.39
N PHE BA 179 132.98 -38.88 7.94
CA PHE BA 179 132.55 -37.74 7.14
C PHE BA 179 133.64 -36.68 7.15
N THR BA 180 133.99 -36.23 5.95
CA THR BA 180 135.02 -35.21 5.81
C THR BA 180 134.49 -34.05 5.00
N GLY BA 181 134.60 -32.84 5.56
CA GLY BA 181 134.12 -31.65 4.89
C GLY BA 181 135.23 -30.69 4.53
N VAL BA 182 135.43 -30.52 3.23
CA VAL BA 182 136.45 -29.60 2.73
C VAL BA 182 135.80 -28.29 2.32
N GLY BA 183 136.14 -27.21 3.02
CA GLY BA 183 135.53 -25.93 2.75
C GLY BA 183 134.04 -26.01 3.02
N GLU BA 184 133.68 -26.75 4.06
CA GLU BA 184 132.29 -26.91 4.47
C GLU BA 184 131.76 -25.57 5.00
N ARG BA 185 130.54 -25.22 4.59
CA ARG BA 185 129.91 -23.98 5.07
C ARG BA 185 129.63 -24.09 6.56
N THR BA 186 130.18 -23.17 7.34
CA THR BA 186 130.00 -23.20 8.79
C THR BA 186 128.52 -23.30 9.15
N ARG BA 187 127.67 -22.73 8.31
CA ARG BA 187 126.24 -22.80 8.53
C ARG BA 187 125.79 -24.25 8.44
N GLU BA 188 126.07 -24.88 7.30
CA GLU BA 188 125.63 -26.25 7.06
C GLU BA 188 126.25 -27.23 8.05
N GLY BA 189 127.52 -27.01 8.38
CA GLY BA 189 128.21 -27.85 9.33
C GLY BA 189 127.46 -27.94 10.65
N ASN BA 190 126.90 -26.81 11.08
CA ASN BA 190 126.12 -26.78 12.31
C ASN BA 190 124.86 -27.62 12.20
N ASP BA 191 124.05 -27.33 11.18
CA ASP BA 191 122.78 -28.02 10.96
C ASP BA 191 122.97 -29.52 10.70
N LEU BA 192 124.14 -29.87 10.16
CA LEU BA 192 124.45 -31.27 9.91
C LEU BA 192 124.67 -32.00 11.23
N TYR BA 193 125.65 -31.54 12.00
CA TYR BA 193 125.93 -32.09 13.31
C TYR BA 193 124.65 -32.29 14.11
N ARG BA 194 123.82 -31.26 14.16
CA ARG BA 194 122.57 -31.29 14.94
C ARG BA 194 121.58 -32.30 14.41
N GLU BA 195 121.43 -32.34 13.09
CA GLU BA 195 120.54 -33.29 12.45
C GLU BA 195 120.97 -34.73 12.75
N MET BA 196 122.28 -34.96 12.74
CA MET BA 196 122.83 -36.29 12.97
C MET BA 196 122.53 -36.80 14.38
N LYS BA 197 122.30 -35.88 15.31
CA LYS BA 197 121.96 -36.25 16.67
C LYS BA 197 120.47 -36.55 16.77
N GLU BA 198 119.71 -36.04 15.81
CA GLU BA 198 118.26 -36.22 15.80
C GLU BA 198 117.87 -37.51 15.09
N THR BA 199 118.71 -37.93 14.15
CA THR BA 199 118.45 -39.15 13.41
C THR BA 199 118.88 -40.38 14.20
N GLY BA 200 120.01 -40.28 14.90
CA GLY BA 200 120.50 -41.36 15.72
C GLY BA 200 121.81 -41.94 15.26
N VAL BA 201 122.33 -41.41 14.14
CA VAL BA 201 123.63 -41.82 13.63
C VAL BA 201 124.73 -41.40 14.61
N ILE BA 202 124.42 -40.41 15.43
CA ILE BA 202 125.35 -39.93 16.44
C ILE BA 202 124.68 -39.74 17.80
N ASN BA 203 125.08 -40.56 18.77
CA ASN BA 203 124.55 -40.46 20.12
C ASN BA 203 125.64 -40.10 21.11
N LEU BA 204 125.41 -39.05 21.90
CA LEU BA 204 126.37 -38.60 22.89
C LEU BA 204 126.49 -39.57 24.04
N GLU BA 205 125.36 -39.93 24.63
CA GLU BA 205 125.30 -40.83 25.78
C GLU BA 205 125.65 -42.27 25.39
N GLY BA 206 125.14 -42.72 24.25
CA GLY BA 206 125.35 -44.07 23.78
C GLY BA 206 126.63 -44.23 22.96
N GLU BA 207 126.49 -44.82 21.77
CA GLU BA 207 127.64 -45.07 20.91
C GLU BA 207 127.46 -44.49 19.52
N SER BA 208 128.38 -43.64 19.10
CA SER BA 208 128.32 -43.04 17.78
C SER BA 208 128.86 -44.01 16.73
N LYS BA 209 128.50 -43.78 15.48
CA LYS BA 209 128.90 -44.68 14.39
C LYS BA 209 129.77 -43.98 13.36
N VAL BA 210 129.75 -42.64 13.36
CA VAL BA 210 130.48 -41.88 12.35
C VAL BA 210 131.26 -40.70 12.95
N ALA BA 211 132.48 -40.51 12.46
CA ALA BA 211 133.35 -39.44 12.93
C ALA BA 211 133.32 -38.23 12.00
N LEU BA 212 133.26 -37.05 12.60
CA LEU BA 212 133.13 -35.82 11.82
C LEU BA 212 134.43 -35.02 11.81
N VAL BA 213 134.83 -34.57 10.63
CA VAL BA 213 136.03 -33.78 10.48
C VAL BA 213 135.82 -32.65 9.48
N PHE BA 214 135.36 -31.50 9.97
CA PHE BA 214 135.02 -30.39 9.08
C PHE BA 214 136.19 -29.44 8.87
N GLY BA 215 136.21 -28.81 7.70
CA GLY BA 215 137.24 -27.84 7.36
C GLY BA 215 136.60 -26.57 6.84
N GLN BA 216 136.28 -25.67 7.76
CA GLN BA 216 135.59 -24.42 7.45
C GLN BA 216 136.15 -23.71 6.21
N MET BA 217 135.31 -22.90 5.55
CA MET BA 217 135.74 -22.16 4.36
C MET BA 217 136.60 -20.97 4.72
N ASN BA 218 136.41 -20.46 5.94
CA ASN BA 218 137.16 -19.31 6.40
C ASN BA 218 138.58 -19.71 6.81
N GLU BA 219 138.97 -20.93 6.46
CA GLU BA 219 140.33 -21.41 6.71
C GLU BA 219 141.21 -21.27 5.47
N PRO BA 220 142.53 -21.08 5.68
CA PRO BA 220 143.50 -20.90 4.60
C PRO BA 220 143.67 -22.16 3.79
N PRO BA 221 144.02 -22.01 2.50
CA PRO BA 221 144.14 -23.12 1.56
C PRO BA 221 144.94 -24.28 2.13
N GLY BA 222 145.95 -23.98 2.93
CA GLY BA 222 146.79 -25.01 3.52
C GLY BA 222 145.96 -26.07 4.21
N ALA BA 223 145.06 -25.62 5.08
CA ALA BA 223 144.21 -26.52 5.85
C ALA BA 223 143.17 -27.19 4.96
N ARG BA 224 142.63 -26.42 4.03
CA ARG BA 224 141.59 -26.91 3.14
C ARG BA 224 142.08 -28.12 2.35
N ALA BA 225 143.32 -28.04 1.87
CA ALA BA 225 143.86 -29.10 1.04
C ALA BA 225 144.33 -30.31 1.83
N ARG BA 226 144.12 -30.29 3.15
CA ARG BA 226 144.57 -31.39 3.98
C ARG BA 226 143.42 -32.03 4.73
N VAL BA 227 142.29 -31.35 4.74
CA VAL BA 227 141.12 -31.85 5.45
C VAL BA 227 140.87 -33.28 4.99
N ALA BA 228 140.90 -33.50 3.68
CA ALA BA 228 140.58 -34.81 3.13
C ALA BA 228 141.51 -35.88 3.71
N LEU BA 229 142.80 -35.58 3.76
CA LEU BA 229 143.78 -36.54 4.25
C LEU BA 229 143.54 -36.86 5.72
N THR BA 230 143.08 -35.85 6.45
CA THR BA 230 142.80 -36.02 7.87
C THR BA 230 141.74 -37.08 8.08
N GLY BA 231 140.67 -37.00 7.30
CA GLY BA 231 139.56 -37.92 7.42
C GLY BA 231 139.91 -39.28 6.87
N LEU BA 232 140.78 -39.30 5.87
CA LEU BA 232 141.21 -40.54 5.27
C LEU BA 232 141.98 -41.39 6.30
N THR BA 233 142.91 -40.74 6.99
CA THR BA 233 143.73 -41.40 7.99
C THR BA 233 142.88 -42.17 9.00
N ILE BA 234 141.94 -41.46 9.62
CA ILE BA 234 141.08 -42.06 10.62
C ILE BA 234 140.36 -43.28 10.05
N ALA BA 235 139.96 -43.20 8.78
CA ALA BA 235 139.23 -44.29 8.14
C ALA BA 235 140.12 -45.52 7.89
N GLU BA 236 141.36 -45.28 7.48
CA GLU BA 236 142.30 -46.37 7.20
C GLU BA 236 142.60 -47.17 8.45
N TYR BA 237 142.51 -46.51 9.59
CA TYR BA 237 142.73 -47.17 10.87
C TYR BA 237 141.80 -48.36 11.03
N PHE BA 238 140.50 -48.13 10.86
CA PHE BA 238 139.51 -49.19 11.00
C PHE BA 238 139.54 -50.19 9.84
N ARG BA 239 140.42 -49.94 8.88
CA ARG BA 239 140.57 -50.84 7.75
C ARG BA 239 141.69 -51.83 8.01
N ASP BA 240 142.80 -51.31 8.54
CA ASP BA 240 143.98 -52.12 8.77
C ASP BA 240 144.03 -52.71 10.18
N GLU BA 241 143.39 -52.03 11.13
CA GLU BA 241 143.32 -52.53 12.49
C GLU BA 241 142.13 -53.47 12.66
N GLU BA 242 140.92 -52.92 12.60
CA GLU BA 242 139.71 -53.70 12.82
C GLU BA 242 139.19 -54.38 11.55
N GLY BA 243 139.76 -54.03 10.41
CA GLY BA 243 139.38 -54.63 9.14
C GLY BA 243 137.89 -54.56 8.87
N GLN BA 244 137.37 -53.34 8.77
CA GLN BA 244 135.94 -53.12 8.54
C GLN BA 244 135.69 -52.47 7.18
N ASP BA 245 134.45 -52.57 6.71
CA ASP BA 245 134.07 -51.94 5.46
C ASP BA 245 133.66 -50.49 5.70
N VAL BA 246 134.63 -49.67 6.10
CA VAL BA 246 134.39 -48.28 6.45
C VAL BA 246 134.05 -47.43 5.23
N LEU BA 247 133.15 -46.47 5.40
CA LEU BA 247 132.78 -45.57 4.32
C LEU BA 247 133.33 -44.18 4.57
N LEU BA 248 134.04 -43.63 3.58
CA LEU BA 248 134.60 -42.29 3.69
C LEU BA 248 133.82 -41.31 2.82
N PHE BA 249 133.17 -40.33 3.46
CA PHE BA 249 132.39 -39.35 2.73
C PHE BA 249 133.15 -38.03 2.57
N ILE BA 250 133.23 -37.56 1.33
CA ILE BA 250 133.95 -36.31 1.04
C ILE BA 250 133.05 -35.34 0.30
N ASP BA 251 132.85 -34.16 0.88
CA ASP BA 251 131.98 -33.14 0.29
C ASP BA 251 132.61 -31.76 0.43
N ASN BA 252 133.11 -31.22 -0.68
CA ASN BA 252 133.00 -31.85 -2.00
C ASN BA 252 134.37 -32.00 -2.64
N ILE BA 253 134.60 -33.12 -3.30
CA ILE BA 253 135.87 -33.38 -3.99
C ILE BA 253 136.32 -32.21 -4.85
N PHE BA 254 135.41 -31.30 -5.17
CA PHE BA 254 135.76 -30.17 -6.02
C PHE BA 254 136.61 -29.12 -5.31
N ARG BA 255 136.19 -28.75 -4.10
CA ARG BA 255 136.92 -27.77 -3.31
C ARG BA 255 138.29 -28.29 -2.89
N PHE BA 256 138.48 -29.61 -2.97
CA PHE BA 256 139.76 -30.25 -2.70
C PHE BA 256 140.76 -29.93 -3.79
N THR BA 257 140.27 -29.90 -5.02
CA THR BA 257 141.08 -29.52 -6.16
C THR BA 257 141.31 -28.01 -6.13
N GLN BA 258 140.27 -27.25 -5.78
CA GLN BA 258 140.38 -25.81 -5.67
C GLN BA 258 141.39 -25.43 -4.60
N ALA BA 259 141.32 -26.12 -3.46
CA ALA BA 259 142.27 -25.90 -2.38
C ALA BA 259 143.70 -26.03 -2.89
N GLY BA 260 144.02 -27.16 -3.50
CA GLY BA 260 145.32 -27.34 -4.09
C GLY BA 260 145.71 -26.20 -5.02
N SER BA 261 144.73 -25.72 -5.79
CA SER BA 261 145.01 -24.69 -6.79
C SER BA 261 145.43 -23.37 -6.18
N GLU BA 262 144.91 -23.09 -4.99
CA GLU BA 262 145.25 -21.85 -4.33
C GLU BA 262 146.62 -22.01 -3.67
N VAL BA 263 146.85 -23.18 -3.08
CA VAL BA 263 148.12 -23.45 -2.44
C VAL BA 263 149.27 -23.38 -3.44
N SER BA 264 149.17 -24.17 -4.50
CA SER BA 264 150.21 -24.21 -5.54
C SER BA 264 150.36 -22.83 -6.17
N ALA BA 265 149.31 -22.03 -6.09
CA ALA BA 265 149.33 -20.69 -6.64
C ALA BA 265 150.27 -19.78 -5.85
N LEU BA 266 150.12 -19.80 -4.53
CA LEU BA 266 150.92 -18.95 -3.66
C LEU BA 266 152.39 -19.36 -3.64
N LEU BA 267 152.64 -20.65 -3.76
CA LEU BA 267 154.01 -21.18 -3.74
C LEU BA 267 154.84 -20.64 -4.90
N GLY BA 268 154.18 -20.21 -5.96
CA GLY BA 268 154.88 -19.66 -7.11
C GLY BA 268 154.90 -20.57 -8.31
N ARG BA 269 154.57 -21.85 -8.09
CA ARG BA 269 154.50 -22.82 -9.17
C ARG BA 269 153.66 -22.26 -10.32
N ILE BA 270 154.15 -22.46 -11.56
CA ILE BA 270 153.44 -21.98 -12.74
C ILE BA 270 152.12 -22.73 -12.97
N PRO BA 271 151.04 -21.98 -13.28
CA PRO BA 271 149.69 -22.49 -13.54
C PRO BA 271 149.56 -23.33 -14.81
N SER BA 272 148.92 -24.48 -14.67
CA SER BA 272 148.73 -25.38 -15.80
C SER BA 272 147.57 -24.91 -16.67
N ALA BA 273 146.98 -25.84 -17.41
CA ALA BA 273 145.88 -25.52 -18.30
C ALA BA 273 144.63 -25.19 -17.50
N VAL BA 274 143.90 -24.16 -17.94
CA VAL BA 274 142.67 -23.74 -17.28
C VAL BA 274 142.95 -23.04 -15.95
N GLY BA 275 144.21 -23.05 -15.53
CA GLY BA 275 144.61 -22.35 -14.33
C GLY BA 275 144.95 -23.28 -13.17
N TYR BA 276 144.51 -24.53 -13.28
CA TYR BA 276 144.76 -25.52 -12.25
C TYR BA 276 146.26 -25.76 -12.11
N GLN BA 277 146.65 -26.41 -11.00
CA GLN BA 277 148.05 -26.68 -10.73
C GLN BA 277 148.57 -27.85 -11.55
N PRO BA 278 149.87 -27.81 -11.92
CA PRO BA 278 150.47 -28.89 -12.71
C PRO BA 278 150.45 -30.19 -11.92
N THR BA 279 150.69 -30.06 -10.62
CA THR BA 279 150.78 -31.19 -9.72
C THR BA 279 149.44 -31.86 -9.48
N LEU BA 280 148.40 -31.30 -10.09
CA LEU BA 280 147.03 -31.78 -9.88
C LEU BA 280 146.92 -33.29 -10.06
N ALA BA 281 147.54 -33.77 -11.13
CA ALA BA 281 147.46 -35.18 -11.49
C ALA BA 281 147.93 -36.12 -10.39
N THR BA 282 149.04 -35.75 -9.75
CA THR BA 282 149.64 -36.58 -8.71
C THR BA 282 148.88 -36.50 -7.39
N ASP BA 283 148.45 -35.29 -7.04
CA ASP BA 283 147.68 -35.06 -5.81
C ASP BA 283 146.43 -35.92 -5.78
N MET BA 284 145.69 -35.93 -6.87
CA MET BA 284 144.45 -36.68 -6.94
C MET BA 284 144.68 -38.13 -6.58
N GLY BA 285 145.84 -38.66 -6.98
CA GLY BA 285 146.18 -40.06 -6.76
C GLY BA 285 146.63 -40.33 -5.34
N LEU BA 286 147.19 -39.30 -4.70
CA LEU BA 286 147.65 -39.41 -3.33
C LEU BA 286 146.49 -39.41 -2.36
N LEU BA 287 145.28 -39.58 -2.89
CA LEU BA 287 144.09 -39.62 -2.06
C LEU BA 287 143.17 -40.75 -2.51
N GLN BA 288 143.01 -40.88 -3.82
CA GLN BA 288 142.12 -41.90 -4.36
C GLN BA 288 142.71 -43.30 -4.21
N GLU BA 289 144.00 -43.44 -4.49
CA GLU BA 289 144.68 -44.73 -4.39
C GLU BA 289 144.67 -45.29 -2.97
N ARG BA 290 144.79 -44.41 -1.98
CA ARG BA 290 144.78 -44.80 -0.58
C ARG BA 290 143.44 -45.40 -0.15
N ILE BA 291 142.41 -45.12 -0.93
CA ILE BA 291 141.09 -45.66 -0.66
C ILE BA 291 140.88 -46.91 -1.48
N THR BA 292 141.16 -48.07 -0.89
CA THR BA 292 141.00 -49.34 -1.59
C THR BA 292 140.71 -50.50 -0.64
N THR BA 293 140.36 -51.64 -1.21
CA THR BA 293 140.09 -52.84 -0.42
C THR BA 293 141.37 -53.66 -0.27
N THR BA 294 141.80 -53.85 0.98
CA THR BA 294 142.99 -54.64 1.28
C THR BA 294 142.57 -56.01 1.80
N LYS BA 295 143.56 -56.82 2.16
CA LYS BA 295 143.28 -58.16 2.65
C LYS BA 295 142.67 -58.13 4.06
N LYS BA 296 142.88 -57.02 4.76
CA LYS BA 296 142.39 -56.87 6.13
C LYS BA 296 140.98 -56.30 6.15
N GLY BA 297 140.83 -55.10 5.59
CA GLY BA 297 139.54 -54.44 5.54
C GLY BA 297 139.35 -53.71 4.23
N SER BA 298 138.44 -52.74 4.23
CA SER BA 298 138.13 -52.01 3.01
C SER BA 298 137.52 -50.65 3.31
N VAL BA 299 137.73 -49.70 2.40
CA VAL BA 299 137.19 -48.36 2.55
C VAL BA 299 136.46 -47.88 1.30
N THR BA 300 135.15 -47.75 1.40
CA THR BA 300 134.34 -47.27 0.27
C THR BA 300 134.13 -45.76 0.37
N SER BA 301 134.47 -45.04 -0.69
CA SER BA 301 134.37 -43.58 -0.72
C SER BA 301 133.09 -43.10 -1.37
N VAL BA 302 132.36 -42.24 -0.65
CA VAL BA 302 131.13 -41.67 -1.15
C VAL BA 302 131.25 -40.16 -1.19
N GLN BA 303 131.87 -39.64 -2.24
CA GLN BA 303 132.17 -38.21 -2.32
C GLN BA 303 131.35 -37.49 -3.39
N ALA BA 304 130.81 -36.33 -3.02
CA ALA BA 304 130.01 -35.53 -3.93
C ALA BA 304 130.88 -34.95 -5.05
N VAL BA 305 130.26 -34.53 -6.14
CA VAL BA 305 131.00 -33.96 -7.27
C VAL BA 305 130.31 -32.71 -7.79
N TYR BA 306 131.10 -31.67 -8.06
CA TYR BA 306 130.55 -30.45 -8.61
C TYR BA 306 131.11 -30.22 -10.01
N VAL BA 307 130.23 -29.98 -10.97
CA VAL BA 307 130.65 -29.75 -12.35
C VAL BA 307 130.80 -28.25 -12.63
N PRO BA 308 132.06 -27.79 -12.76
CA PRO BA 308 132.37 -26.39 -13.03
C PRO BA 308 131.72 -25.93 -14.33
N ALA BA 309 130.84 -24.93 -14.26
CA ALA BA 309 130.18 -24.39 -15.45
C ALA BA 309 129.53 -25.45 -16.33
N ASP BA 310 128.98 -26.50 -15.70
CA ASP BA 310 128.31 -27.57 -16.43
C ASP BA 310 129.15 -28.03 -17.63
N ASP BA 311 130.41 -28.29 -17.35
CA ASP BA 311 131.38 -28.67 -18.37
C ASP BA 311 132.20 -29.85 -17.85
N LEU BA 312 132.21 -30.95 -18.59
CA LEU BA 312 132.95 -32.13 -18.15
C LEU BA 312 134.31 -32.23 -18.80
N THR BA 313 134.61 -31.29 -19.70
CA THR BA 313 135.91 -31.24 -20.37
C THR BA 313 136.98 -30.69 -19.43
N ASP BA 314 136.54 -29.94 -18.42
CA ASP BA 314 137.42 -29.30 -17.46
C ASP BA 314 138.28 -30.32 -16.73
N PRO BA 315 139.55 -29.97 -16.45
CA PRO BA 315 140.51 -30.87 -15.78
C PRO BA 315 140.01 -31.46 -14.47
N ALA BA 316 139.56 -30.61 -13.55
CA ALA BA 316 139.14 -31.06 -12.23
C ALA BA 316 138.13 -32.21 -12.31
N PRO BA 317 137.02 -31.98 -13.01
CA PRO BA 317 136.04 -33.07 -13.14
C PRO BA 317 136.65 -34.24 -13.90
N ALA BA 318 137.30 -33.95 -15.02
CA ALA BA 318 137.86 -34.98 -15.88
C ALA BA 318 138.70 -35.93 -15.05
N THR BA 319 139.55 -35.35 -14.22
CA THR BA 319 140.47 -36.12 -13.39
C THR BA 319 139.73 -36.92 -12.33
N THR BA 320 138.70 -36.33 -11.74
CA THR BA 320 137.95 -37.00 -10.69
C THR BA 320 137.25 -38.25 -11.22
N PHE BA 321 136.55 -38.10 -12.34
CA PHE BA 321 135.79 -39.21 -12.90
C PHE BA 321 136.68 -40.41 -13.22
N ALA BA 322 137.96 -40.15 -13.44
CA ALA BA 322 138.90 -41.23 -13.78
C ALA BA 322 139.05 -42.26 -12.67
N HIS BA 323 138.58 -41.91 -11.48
CA HIS BA 323 138.66 -42.82 -10.34
C HIS BA 323 137.28 -43.34 -9.95
N LEU BA 324 136.24 -42.57 -10.25
CA LEU BA 324 134.88 -42.96 -9.91
C LEU BA 324 134.50 -44.29 -10.53
N ASP BA 325 133.79 -45.12 -9.76
CA ASP BA 325 133.36 -46.43 -10.22
C ASP BA 325 131.84 -46.47 -10.39
N ALA BA 326 131.15 -45.65 -9.62
CA ALA BA 326 129.68 -45.55 -9.70
C ALA BA 326 129.23 -44.13 -9.43
N THR BA 327 128.00 -43.81 -9.84
CA THR BA 327 127.44 -42.48 -9.60
C THR BA 327 125.96 -42.53 -9.23
N THR BA 328 125.65 -42.00 -8.06
CA THR BA 328 124.27 -41.95 -7.59
C THR BA 328 123.76 -40.52 -7.75
N VAL BA 329 123.02 -40.26 -8.82
CA VAL BA 329 122.52 -38.92 -9.07
C VAL BA 329 121.22 -38.66 -8.28
N LEU BA 330 121.04 -37.42 -7.83
CA LEU BA 330 119.82 -37.02 -7.13
C LEU BA 330 119.12 -35.86 -7.83
N SER BA 331 118.10 -36.18 -8.62
CA SER BA 331 117.39 -35.16 -9.39
C SER BA 331 116.22 -34.57 -8.63
N ARG BA 332 115.92 -33.31 -8.93
CA ARG BA 332 114.79 -32.62 -8.33
C ARG BA 332 113.48 -33.19 -8.85
N GLY BA 333 113.50 -33.54 -10.14
CA GLY BA 333 112.33 -34.07 -10.81
C GLY BA 333 111.96 -35.45 -10.28
N ILE BA 334 112.90 -36.10 -9.62
CA ILE BA 334 112.66 -37.41 -9.03
C ILE BA 334 111.94 -37.29 -7.68
N SER BA 335 112.36 -36.32 -6.86
CA SER BA 335 111.72 -36.09 -5.57
C SER BA 335 110.41 -35.33 -5.78
N GLU BA 336 110.27 -34.72 -6.95
CA GLU BA 336 109.06 -34.00 -7.31
C GLU BA 336 107.87 -34.94 -7.52
N LEU BA 337 108.15 -36.14 -8.02
CA LEU BA 337 107.13 -37.16 -8.23
C LEU BA 337 106.81 -37.93 -6.95
N GLY BA 338 107.34 -37.46 -5.82
CA GLY BA 338 107.15 -38.12 -4.55
C GLY BA 338 107.97 -39.38 -4.39
N ILE BA 339 109.07 -39.47 -5.14
CA ILE BA 339 109.94 -40.64 -5.11
C ILE BA 339 111.16 -40.41 -4.20
N TYR BA 340 111.23 -41.16 -3.11
CA TYR BA 340 112.32 -41.05 -2.15
C TYR BA 340 113.04 -42.37 -2.00
N PRO BA 341 114.38 -42.36 -2.06
CA PRO BA 341 115.19 -41.16 -2.29
C PRO BA 341 115.02 -40.60 -3.70
N ALA BA 342 115.56 -39.41 -3.94
CA ALA BA 342 115.43 -38.77 -5.25
C ALA BA 342 116.45 -39.32 -6.25
N VAL BA 343 116.86 -40.57 -6.06
CA VAL BA 343 117.81 -41.21 -6.96
C VAL BA 343 117.23 -41.39 -8.34
N ASP BA 344 117.96 -40.95 -9.37
CA ASP BA 344 117.51 -41.11 -10.74
C ASP BA 344 118.05 -42.39 -11.37
N PRO BA 345 117.14 -43.34 -11.66
CA PRO BA 345 117.48 -44.63 -12.29
C PRO BA 345 118.23 -44.50 -13.60
N LEU BA 346 117.88 -43.50 -14.42
CA LEU BA 346 118.51 -43.33 -15.72
C LEU BA 346 119.96 -42.83 -15.63
N ASP BA 347 120.20 -41.83 -14.78
CA ASP BA 347 121.53 -41.25 -14.62
C ASP BA 347 122.48 -42.12 -13.79
N SER BA 348 121.95 -42.78 -12.77
CA SER BA 348 122.76 -43.65 -11.90
C SER BA 348 123.31 -44.86 -12.66
N LYS BA 349 124.64 -44.90 -12.78
CA LYS BA 349 125.31 -45.98 -13.49
C LYS BA 349 126.46 -46.52 -12.65
N SER BA 350 126.88 -47.74 -12.93
CA SER BA 350 127.98 -48.35 -12.20
C SER BA 350 128.91 -49.12 -13.12
N ARG BA 351 130.18 -49.20 -12.75
CA ARG BA 351 131.16 -49.95 -13.52
C ARG BA 351 131.20 -51.41 -13.10
N LEU BA 352 130.31 -51.79 -12.19
CA LEU BA 352 130.17 -53.18 -11.79
C LEU BA 352 128.79 -53.72 -12.13
N LEU BA 353 128.25 -53.25 -13.25
CA LEU BA 353 126.93 -53.69 -13.71
C LEU BA 353 127.08 -54.66 -14.87
N ASP BA 354 127.75 -55.78 -14.61
CA ASP BA 354 127.94 -56.82 -15.63
C ASP BA 354 127.66 -58.22 -15.07
N ALA BA 355 127.32 -59.15 -15.95
CA ALA BA 355 127.04 -60.53 -15.55
C ALA BA 355 128.28 -61.21 -14.98
N ALA BA 356 129.44 -60.76 -15.41
CA ALA BA 356 130.70 -61.30 -14.91
C ALA BA 356 131.03 -60.74 -13.52
N VAL BA 357 130.11 -59.97 -12.96
CA VAL BA 357 130.31 -59.36 -11.65
C VAL BA 357 129.17 -59.63 -10.68
N VAL BA 358 127.95 -59.27 -11.08
CA VAL BA 358 126.77 -59.46 -10.24
C VAL BA 358 126.02 -60.74 -10.61
N GLY BA 359 126.48 -61.41 -11.67
CA GLY BA 359 125.84 -62.63 -12.13
C GLY BA 359 124.96 -62.40 -13.33
N GLN BA 360 124.74 -63.45 -14.11
CA GLN BA 360 123.92 -63.34 -15.32
C GLN BA 360 122.47 -62.99 -15.00
N GLU BA 361 121.95 -63.56 -13.92
CA GLU BA 361 120.57 -63.28 -13.49
C GLU BA 361 120.40 -61.81 -13.10
N HIS BA 362 121.20 -61.38 -12.13
CA HIS BA 362 121.19 -59.99 -11.68
C HIS BA 362 121.28 -59.03 -12.86
N TYR BA 363 122.18 -59.34 -13.79
CA TYR BA 363 122.40 -58.50 -14.96
C TYR BA 363 121.12 -58.32 -15.76
N ASP BA 364 120.59 -59.42 -16.25
CA ASP BA 364 119.38 -59.40 -17.06
C ASP BA 364 118.24 -58.68 -16.32
N VAL BA 365 118.10 -58.98 -15.03
CA VAL BA 365 117.04 -58.37 -14.23
C VAL BA 365 117.17 -56.86 -14.19
N ALA BA 366 118.38 -56.38 -13.93
CA ALA BA 366 118.64 -54.95 -13.88
C ALA BA 366 118.44 -54.31 -15.24
N SER BA 367 118.88 -55.02 -16.28
CA SER BA 367 118.81 -54.51 -17.64
C SER BA 367 117.37 -54.28 -18.09
N LYS BA 368 116.50 -55.25 -17.81
CA LYS BA 368 115.09 -55.15 -18.17
C LYS BA 368 114.42 -53.97 -17.48
N VAL BA 369 114.79 -53.72 -16.21
CA VAL BA 369 114.22 -52.62 -15.46
C VAL BA 369 114.54 -51.28 -16.12
N GLN BA 370 115.77 -51.15 -16.58
CA GLN BA 370 116.21 -49.95 -17.27
C GLN BA 370 115.52 -49.82 -18.63
N GLU BA 371 115.36 -50.96 -19.30
CA GLU BA 371 114.69 -51.00 -20.59
C GLU BA 371 113.22 -50.60 -20.47
N THR BA 372 112.59 -51.03 -19.37
CA THR BA 372 111.18 -50.73 -19.13
C THR BA 372 110.97 -49.25 -18.87
N LEU BA 373 111.90 -48.64 -18.15
CA LEU BA 373 111.79 -47.24 -17.77
C LEU BA 373 112.17 -46.34 -18.94
N GLN BA 374 113.14 -46.81 -19.73
CA GLN BA 374 113.61 -46.05 -20.88
C GLN BA 374 112.49 -45.80 -21.89
N THR BA 375 111.87 -46.89 -22.35
CA THR BA 375 110.79 -46.78 -23.33
C THR BA 375 109.59 -46.00 -22.77
N TYR BA 376 109.47 -45.99 -21.45
CA TYR BA 376 108.38 -45.27 -20.78
C TYR BA 376 108.60 -43.77 -20.79
N LYS BA 377 109.87 -43.37 -20.79
CA LYS BA 377 110.24 -41.96 -20.81
C LYS BA 377 109.91 -41.32 -22.15
N SER BA 378 109.97 -42.11 -23.21
CA SER BA 378 109.69 -41.62 -24.56
C SER BA 378 108.19 -41.57 -24.84
N LEU BA 379 107.43 -42.34 -24.09
CA LEU BA 379 105.98 -42.38 -24.25
C LEU BA 379 105.31 -41.27 -23.46
N GLN BA 380 106.08 -40.56 -22.63
CA GLN BA 380 105.54 -39.51 -21.77
C GLN BA 380 105.08 -38.30 -22.59
N ASP BA 381 105.09 -38.43 -23.91
CA ASP BA 381 104.68 -37.36 -24.80
C ASP BA 381 103.33 -37.66 -25.47
N ILE BA 382 103.26 -38.80 -26.15
CA ILE BA 382 102.03 -39.19 -26.85
C ILE BA 382 100.90 -39.53 -25.87
N ILE BA 383 101.26 -39.76 -24.61
CA ILE BA 383 100.30 -40.11 -23.58
C ILE BA 383 99.58 -38.87 -23.01
N ALA BA 384 100.33 -37.78 -22.83
CA ALA BA 384 99.79 -36.55 -22.28
C ALA BA 384 99.19 -35.65 -23.36
N ILE BA 385 99.07 -36.18 -24.57
CA ILE BA 385 98.51 -35.42 -25.69
C ILE BA 385 97.31 -36.15 -26.32
N LEU BA 386 97.51 -37.40 -26.69
CA LEU BA 386 96.46 -38.19 -27.33
C LEU BA 386 95.90 -39.28 -26.42
N GLY BA 387 96.08 -39.13 -25.11
CA GLY BA 387 95.62 -40.11 -24.16
C GLY BA 387 96.49 -41.35 -24.15
N MET BA 388 96.17 -42.31 -23.30
CA MET BA 388 96.98 -43.52 -23.16
C MET BA 388 96.53 -44.62 -24.10
N ASP BA 389 95.32 -44.47 -24.63
CA ASP BA 389 94.77 -45.46 -25.55
C ASP BA 389 95.62 -45.58 -26.81
N GLU BA 390 96.55 -44.66 -26.99
CA GLU BA 390 97.40 -44.64 -28.18
C GLU BA 390 98.59 -45.60 -28.06
N LEU BA 391 98.33 -46.79 -27.56
CA LEU BA 391 99.37 -47.79 -27.38
C LEU BA 391 98.88 -49.20 -27.71
N SER BA 392 99.77 -50.02 -28.26
CA SER BA 392 99.42 -51.40 -28.60
C SER BA 392 99.32 -52.27 -27.35
N GLU BA 393 98.99 -53.54 -27.53
CA GLU BA 393 98.83 -54.47 -26.42
C GLU BA 393 100.15 -54.70 -25.69
N GLN BA 394 101.26 -54.54 -26.41
CA GLN BA 394 102.58 -54.74 -25.84
C GLN BA 394 103.13 -53.47 -25.20
N ASP BA 395 102.78 -52.32 -25.78
CA ASP BA 395 103.22 -51.03 -25.26
C ASP BA 395 102.47 -50.64 -23.99
N LYS BA 396 101.14 -50.65 -24.04
CA LYS BA 396 100.30 -50.32 -22.90
C LYS BA 396 100.60 -51.21 -21.70
N LEU BA 397 101.10 -52.41 -21.98
CA LEU BA 397 101.45 -53.38 -20.95
C LEU BA 397 102.68 -52.93 -20.17
N THR BA 398 103.77 -52.67 -20.89
CA THR BA 398 105.00 -52.19 -20.28
C THR BA 398 104.80 -50.89 -19.53
N VAL BA 399 103.93 -50.03 -20.08
CA VAL BA 399 103.62 -48.74 -19.45
C VAL BA 399 103.04 -48.93 -18.05
N GLU BA 400 102.04 -49.81 -17.93
CA GLU BA 400 101.45 -50.11 -16.64
C GLU BA 400 102.43 -50.87 -15.75
N ARG BA 401 103.40 -51.51 -16.39
CA ARG BA 401 104.46 -52.22 -15.68
C ARG BA 401 105.48 -51.26 -15.07
N ALA BA 402 105.90 -50.27 -15.84
CA ALA BA 402 106.85 -49.26 -15.38
C ALA BA 402 106.28 -48.45 -14.21
N ARG BA 403 104.99 -48.14 -14.28
CA ARG BA 403 104.33 -47.40 -13.22
C ARG BA 403 104.53 -48.03 -11.86
N LYS BA 404 104.60 -49.36 -11.84
CA LYS BA 404 104.79 -50.10 -10.60
C LYS BA 404 106.27 -50.16 -10.20
N ILE BA 405 107.14 -50.38 -11.19
CA ILE BA 405 108.57 -50.49 -10.94
C ILE BA 405 109.18 -49.18 -10.43
N GLN BA 406 108.79 -48.07 -11.05
CA GLN BA 406 109.29 -46.75 -10.67
C GLN BA 406 108.92 -46.41 -9.23
N ARG BA 407 107.67 -46.68 -8.87
CA ARG BA 407 107.20 -46.43 -7.50
C ARG BA 407 107.85 -47.41 -6.53
N PHE BA 408 108.03 -48.65 -6.97
CA PHE BA 408 108.61 -49.70 -6.12
C PHE BA 408 110.05 -49.36 -5.74
N LEU BA 409 110.68 -48.48 -6.51
CA LEU BA 409 112.05 -48.07 -6.23
C LEU BA 409 112.15 -47.38 -4.88
N SER BA 410 111.12 -46.61 -4.54
CA SER BA 410 111.09 -45.88 -3.28
C SER BA 410 111.39 -46.82 -2.10
N GLN BA 411 111.91 -46.25 -1.02
CA GLN BA 411 112.23 -47.03 0.17
C GLN BA 411 112.28 -46.15 1.41
N PRO BA 412 111.58 -46.56 2.48
CA PRO BA 412 111.55 -45.79 3.72
C PRO BA 412 112.91 -45.78 4.39
N PHE BA 413 113.40 -44.60 4.74
CA PHE BA 413 114.68 -44.45 5.40
C PHE BA 413 114.58 -44.75 6.90
N ALA BA 414 115.35 -45.72 7.35
CA ALA BA 414 115.33 -46.10 8.75
C ALA BA 414 115.84 -44.98 9.63
N VAL BA 415 116.66 -44.11 9.05
CA VAL BA 415 117.23 -42.99 9.78
C VAL BA 415 116.22 -41.86 9.97
N ALA BA 416 115.28 -41.75 9.02
CA ALA BA 416 114.26 -40.72 9.09
C ALA BA 416 112.99 -41.23 9.80
N GLU BA 417 113.19 -41.96 10.89
CA GLU BA 417 112.08 -42.52 11.66
C GLU BA 417 111.31 -41.45 12.41
N VAL BA 418 112.02 -40.44 12.90
CA VAL BA 418 111.40 -39.35 13.64
C VAL BA 418 110.89 -38.25 12.71
N PHE BA 419 111.29 -38.32 11.44
CA PHE BA 419 110.89 -37.33 10.44
C PHE BA 419 109.53 -37.68 9.83
N THR BA 420 109.38 -38.93 9.40
CA THR BA 420 108.14 -39.39 8.75
C THR BA 420 107.22 -40.12 9.72
N GLY BA 421 107.80 -40.95 10.57
CA GLY BA 421 107.03 -41.72 11.54
C GLY BA 421 106.77 -43.13 11.05
N ILE BA 422 107.13 -43.38 9.79
CA ILE BA 422 106.92 -44.69 9.18
C ILE BA 422 108.16 -45.56 9.37
N PRO BA 423 107.96 -46.81 9.81
CA PRO BA 423 109.06 -47.75 10.05
C PRO BA 423 109.89 -47.97 8.79
N GLY BA 424 111.20 -47.82 8.90
CA GLY BA 424 112.10 -48.04 7.78
C GLY BA 424 112.41 -49.51 7.56
N LYS BA 425 112.91 -49.83 6.36
CA LYS BA 425 113.24 -51.21 6.04
C LYS BA 425 114.62 -51.31 5.39
N LEU BA 426 115.24 -52.48 5.54
CA LEU BA 426 116.57 -52.73 5.01
C LEU BA 426 116.53 -53.86 4.00
N VAL BA 427 116.40 -53.53 2.72
CA VAL BA 427 116.30 -54.55 1.67
C VAL BA 427 117.67 -55.09 1.28
N ARG BA 428 117.78 -56.41 1.21
CA ARG BA 428 119.03 -57.06 0.83
C ARG BA 428 119.04 -57.38 -0.66
N LEU BA 429 120.24 -57.56 -1.22
CA LEU BA 429 120.40 -57.86 -2.63
C LEU BA 429 119.73 -59.19 -3.01
N LYS BA 430 119.63 -60.09 -2.03
CA LYS BA 430 119.02 -61.40 -2.25
C LYS BA 430 117.53 -61.30 -2.57
N ASP BA 431 116.83 -60.42 -1.85
CA ASP BA 431 115.39 -60.23 -2.04
C ASP BA 431 115.10 -59.24 -3.17
N THR BA 432 115.96 -58.23 -3.32
CA THR BA 432 115.79 -57.22 -4.35
C THR BA 432 115.67 -57.81 -5.76
N VAL BA 433 116.63 -58.67 -6.12
CA VAL BA 433 116.64 -59.28 -7.44
C VAL BA 433 115.42 -60.16 -7.67
N ALA BA 434 115.00 -60.86 -6.62
CA ALA BA 434 113.84 -61.73 -6.71
C ALA BA 434 112.55 -60.91 -6.79
N SER BA 435 112.59 -59.69 -6.28
CA SER BA 435 111.41 -58.82 -6.27
C SER BA 435 111.02 -58.38 -7.68
N PHE BA 436 111.93 -57.67 -8.34
CA PHE BA 436 111.68 -57.14 -9.69
C PHE BA 436 111.52 -58.27 -10.70
N LYS BA 437 112.22 -59.38 -10.46
CA LYS BA 437 112.12 -60.55 -11.34
C LYS BA 437 110.68 -61.03 -11.48
N ALA BA 438 109.90 -60.91 -10.40
CA ALA BA 438 108.51 -61.39 -10.37
C ALA BA 438 107.53 -60.35 -10.91
N VAL BA 439 107.94 -59.09 -10.90
CA VAL BA 439 107.12 -58.00 -11.43
C VAL BA 439 107.18 -57.98 -12.95
N LEU BA 440 108.38 -58.18 -13.49
CA LEU BA 440 108.61 -58.21 -14.94
C LEU BA 440 107.80 -59.32 -15.62
N GLU BA 441 107.82 -60.50 -15.02
CA GLU BA 441 107.08 -61.65 -15.55
C GLU BA 441 105.58 -61.35 -15.60
N GLY BA 442 105.17 -60.33 -14.84
CA GLY BA 442 103.78 -59.91 -14.81
C GLY BA 442 102.95 -60.78 -13.88
N LYS BA 443 103.38 -60.85 -12.62
CA LYS BA 443 102.67 -61.67 -11.65
C LYS BA 443 101.94 -60.80 -10.64
N TYR BA 444 101.96 -59.49 -10.86
CA TYR BA 444 101.28 -58.55 -9.97
C TYR BA 444 100.59 -57.43 -10.72
N ASP BA 445 99.96 -57.77 -11.84
CA ASP BA 445 99.24 -56.79 -12.66
C ASP BA 445 97.86 -56.46 -12.08
N ASN BA 446 97.35 -57.37 -11.25
CA ASN BA 446 96.08 -57.14 -10.56
C ASN BA 446 96.26 -56.35 -9.27
N ILE BA 447 97.51 -56.18 -8.86
CA ILE BA 447 97.86 -55.46 -7.63
C ILE BA 447 97.90 -53.95 -7.89
N PRO BA 448 97.24 -53.17 -7.01
CA PRO BA 448 97.17 -51.71 -7.15
C PRO BA 448 98.56 -51.06 -7.12
N GLU BA 449 98.71 -49.91 -7.75
CA GLU BA 449 99.99 -49.23 -7.81
C GLU BA 449 100.42 -48.71 -6.45
N HIS BA 450 99.46 -48.20 -5.69
CA HIS BA 450 99.73 -47.66 -4.35
C HIS BA 450 100.27 -48.72 -3.40
N ALA BA 451 100.23 -49.98 -3.81
CA ALA BA 451 100.69 -51.09 -2.96
C ALA BA 451 102.19 -51.31 -3.07
N PHE BA 452 102.84 -50.52 -3.92
CA PHE BA 452 104.28 -50.63 -4.14
C PHE BA 452 105.01 -49.36 -3.72
N TYR BA 453 104.25 -48.39 -3.20
CA TYR BA 453 104.83 -47.12 -2.78
C TYR BA 453 105.34 -47.18 -1.35
N MET BA 454 106.64 -46.94 -1.17
CA MET BA 454 107.27 -46.97 0.14
C MET BA 454 107.16 -48.36 0.78
N VAL BA 455 107.40 -49.39 -0.02
CA VAL BA 455 107.34 -50.77 0.46
C VAL BA 455 108.72 -51.29 0.81
N GLY BA 456 108.85 -51.85 2.01
CA GLY BA 456 110.11 -52.41 2.45
C GLY BA 456 110.48 -53.69 1.72
N GLY BA 457 109.53 -54.62 1.64
CA GLY BA 457 109.78 -55.90 0.99
C GLY BA 457 108.64 -56.38 0.11
N ILE BA 458 108.96 -57.25 -0.83
CA ILE BA 458 107.96 -57.81 -1.73
C ILE BA 458 106.83 -58.47 -0.94
N GLU BA 459 107.20 -59.19 0.11
CA GLU BA 459 106.22 -59.86 0.98
C GLU BA 459 105.33 -58.83 1.66
N ASP BA 460 105.88 -57.65 1.92
CA ASP BA 460 105.13 -56.56 2.55
C ASP BA 460 104.22 -55.87 1.53
N VAL BA 461 104.61 -55.92 0.26
CA VAL BA 461 103.82 -55.35 -0.82
C VAL BA 461 102.43 -55.98 -0.83
N VAL BA 462 102.39 -57.30 -0.76
CA VAL BA 462 101.12 -58.03 -0.72
C VAL BA 462 100.42 -57.79 0.62
N ALA BA 463 101.21 -57.61 1.67
CA ALA BA 463 100.66 -57.35 3.00
C ALA BA 463 99.88 -56.04 3.01
N LYS BA 464 100.30 -55.10 2.16
CA LYS BA 464 99.65 -53.80 2.06
C LYS BA 464 98.46 -53.82 1.11
N ALA BA 465 98.57 -54.62 0.06
CA ALA BA 465 97.51 -54.75 -0.94
C ALA BA 465 96.24 -55.34 -0.32
N GLU BA 466 96.42 -56.25 0.63
CA GLU BA 466 95.32 -56.89 1.31
C GLU BA 466 94.62 -55.94 2.27
N LYS BA 467 95.40 -55.05 2.89
CA LYS BA 467 94.84 -54.07 3.81
C LYS BA 467 94.04 -53.01 3.08
N LEU BA 468 94.60 -52.48 1.99
CA LEU BA 468 93.94 -51.45 1.21
C LEU BA 468 92.61 -51.95 0.63
N ALA BA 469 92.64 -53.18 0.10
CA ALA BA 469 91.44 -53.81 -0.45
C ALA BA 469 90.39 -54.07 0.62
N ALA BA 470 90.83 -54.45 1.82
CA ALA BA 470 89.92 -54.72 2.94
C ALA BA 470 89.22 -53.44 3.42
N GLU BA 471 89.94 -52.33 3.35
CA GLU BA 471 89.40 -51.04 3.76
C GLU BA 471 88.36 -50.52 2.77
N ALA BA 472 88.49 -50.95 1.51
CA ALA BA 472 87.53 -50.59 0.48
C ALA BA 472 86.19 -51.28 0.71
N ASN BA 473 86.22 -52.53 1.16
CA ASN BA 473 85.01 -53.29 1.46
C ASN BA 473 84.27 -52.73 2.67
N THR CA 2 197.98 -24.71 -34.54
CA THR CA 2 197.45 -25.12 -33.25
C THR CA 2 195.93 -25.08 -33.23
N PRO CA 3 195.30 -26.22 -32.93
CA PRO CA 3 193.84 -26.33 -32.85
C PRO CA 3 193.30 -25.61 -31.61
N ILE CA 4 192.25 -24.81 -31.80
CA ILE CA 4 191.63 -24.12 -30.68
C ILE CA 4 190.81 -25.10 -29.85
N THR CA 5 191.02 -25.07 -28.53
CA THR CA 5 190.38 -26.03 -27.64
C THR CA 5 189.66 -25.35 -26.47
N GLY CA 6 188.64 -26.01 -25.94
CA GLY CA 6 187.88 -25.47 -24.83
C GLY CA 6 187.34 -26.53 -23.88
N LYS CA 7 186.60 -26.08 -22.87
CA LYS CA 7 186.02 -26.96 -21.87
C LYS CA 7 184.53 -26.67 -21.68
N VAL CA 8 183.75 -27.71 -21.41
CA VAL CA 8 182.33 -27.55 -21.17
C VAL CA 8 182.08 -26.96 -19.79
N THR CA 9 181.10 -26.06 -19.69
CA THR CA 9 180.73 -25.48 -18.40
C THR CA 9 179.30 -25.86 -17.97
N ALA CA 10 178.43 -26.13 -18.95
CA ALA CA 10 177.04 -26.51 -18.66
C ALA CA 10 176.43 -27.41 -19.73
N VAL CA 11 175.50 -28.27 -19.33
CA VAL CA 11 174.82 -29.16 -20.27
C VAL CA 11 173.35 -29.32 -19.93
N ILE CA 12 172.51 -28.51 -20.55
CA ILE CA 12 171.07 -28.61 -20.34
C ILE CA 12 170.38 -29.03 -21.62
N GLY CA 13 169.92 -30.27 -21.67
CA GLY CA 13 169.24 -30.80 -22.84
C GLY CA 13 170.08 -30.71 -24.10
N ALA CA 14 169.45 -30.24 -25.19
CA ALA CA 14 170.14 -30.10 -26.45
C ALA CA 14 170.94 -28.80 -26.50
N ILE CA 15 171.24 -28.26 -25.33
CA ILE CA 15 172.00 -27.02 -25.25
C ILE CA 15 173.20 -27.16 -24.34
N VAL CA 16 174.39 -27.04 -24.94
CA VAL CA 16 175.64 -27.16 -24.20
C VAL CA 16 176.44 -25.87 -24.26
N ASP CA 17 176.91 -25.41 -23.11
CA ASP CA 17 177.69 -24.18 -23.01
C ASP CA 17 179.19 -24.50 -23.01
N VAL CA 18 179.90 -23.95 -23.98
CA VAL CA 18 181.34 -24.20 -24.11
C VAL CA 18 182.15 -22.97 -23.77
N HIS CA 19 183.28 -23.18 -23.11
CA HIS CA 19 184.16 -22.09 -22.73
C HIS CA 19 185.58 -22.27 -23.25
N PHE CA 20 186.17 -21.17 -23.71
CA PHE CA 20 187.50 -21.21 -24.29
C PHE CA 20 188.51 -20.37 -23.49
N GLU CA 21 189.62 -20.99 -23.10
CA GLU CA 21 190.67 -20.34 -22.32
C GLU CA 21 191.37 -19.28 -23.15
N GLN CA 22 191.66 -19.63 -24.39
CA GLN CA 22 192.26 -18.71 -25.33
C GLN CA 22 191.36 -17.49 -25.51
N SER CA 23 191.95 -16.37 -25.90
CA SER CA 23 191.20 -15.14 -26.12
C SER CA 23 190.56 -15.08 -27.52
N GLU CA 24 190.81 -16.10 -28.34
CA GLU CA 24 190.16 -16.21 -29.65
C GLU CA 24 188.94 -17.09 -29.58
N LEU CA 25 187.78 -16.52 -29.87
CA LEU CA 25 186.54 -17.28 -29.85
C LEU CA 25 186.03 -17.51 -31.27
N PRO CA 26 185.46 -18.70 -31.52
CA PRO CA 26 184.86 -19.02 -32.82
C PRO CA 26 183.58 -18.23 -33.04
N ALA CA 27 183.36 -17.76 -34.26
CA ALA CA 27 182.18 -16.97 -34.59
C ALA CA 27 180.89 -17.76 -34.39
N ILE CA 28 179.77 -17.17 -34.77
CA ILE CA 28 178.50 -17.88 -34.67
C ILE CA 28 178.27 -18.76 -35.90
N LEU CA 29 177.42 -19.77 -35.72
CA LEU CA 29 177.06 -20.70 -36.79
C LEU CA 29 178.19 -21.68 -37.11
N ASN CA 30 179.21 -21.71 -36.25
CA ASN CA 30 180.34 -22.61 -36.44
C ASN CA 30 180.12 -23.98 -35.81
N ALA CA 31 180.89 -24.96 -36.28
CA ALA CA 31 180.77 -26.31 -35.77
C ALA CA 31 181.79 -26.59 -34.69
N LEU CA 32 181.53 -27.65 -33.93
CA LEU CA 32 182.43 -28.09 -32.87
C LEU CA 32 182.35 -29.61 -32.78
N GLU CA 33 183.40 -30.24 -32.27
CA GLU CA 33 183.41 -31.69 -32.13
C GLU CA 33 183.94 -32.13 -30.76
N ILE CA 34 183.35 -33.20 -30.24
CA ILE CA 34 183.74 -33.74 -28.94
C ILE CA 34 184.03 -35.22 -29.07
N LYS CA 35 185.15 -35.65 -28.51
CA LYS CA 35 185.54 -37.05 -28.59
C LYS CA 35 184.71 -37.91 -27.64
N THR CA 36 184.11 -38.97 -28.17
CA THR CA 36 183.35 -39.92 -27.37
C THR CA 36 183.67 -41.37 -27.76
N PRO CA 37 183.41 -42.32 -26.86
CA PRO CA 37 183.61 -43.74 -27.18
C PRO CA 37 182.72 -44.19 -28.33
N GLN CA 38 181.52 -43.62 -28.42
CA GLN CA 38 180.56 -43.98 -29.45
C GLN CA 38 180.94 -43.38 -30.82
N GLY CA 39 181.57 -42.22 -30.79
CA GLY CA 39 182.00 -41.54 -32.01
C GLY CA 39 182.42 -40.11 -31.74
N LYS CA 40 181.74 -39.18 -32.41
CA LYS CA 40 182.03 -37.76 -32.23
C LYS CA 40 180.74 -36.94 -32.24
N LEU CA 41 180.61 -36.04 -31.26
CA LEU CA 41 179.44 -35.20 -31.13
C LEU CA 41 179.70 -33.81 -31.71
N VAL CA 42 178.88 -33.39 -32.65
CA VAL CA 42 179.06 -32.13 -33.34
C VAL CA 42 178.21 -31.02 -32.71
N LEU CA 43 178.82 -29.88 -32.43
CA LEU CA 43 178.10 -28.74 -31.85
C LEU CA 43 178.03 -27.57 -32.83
N GLU CA 44 177.08 -26.67 -32.59
CA GLU CA 44 176.91 -25.50 -33.45
C GLU CA 44 176.70 -24.25 -32.61
N VAL CA 45 177.58 -23.28 -32.79
CA VAL CA 45 177.53 -22.02 -32.05
C VAL CA 45 176.21 -21.31 -32.28
N ALA CA 46 175.66 -20.73 -31.22
CA ALA CA 46 174.40 -20.01 -31.36
C ALA CA 46 174.52 -18.55 -30.94
N GLN CA 47 175.17 -18.31 -29.81
CA GLN CA 47 175.33 -16.95 -29.32
C GLN CA 47 176.44 -16.86 -28.30
N HIS CA 48 177.07 -15.69 -28.22
CA HIS CA 48 178.15 -15.43 -27.28
C HIS CA 48 177.60 -14.86 -25.98
N LEU CA 49 177.47 -15.71 -24.97
CA LEU CA 49 176.92 -15.29 -23.68
C LEU CA 49 177.81 -14.26 -22.98
N GLY CA 50 179.08 -14.23 -23.36
CA GLY CA 50 180.05 -13.34 -22.74
C GLY CA 50 181.04 -14.09 -21.87
N GLU CA 51 182.08 -13.40 -21.42
CA GLU CA 51 183.07 -14.02 -20.55
C GLU CA 51 183.71 -15.23 -21.22
N ASN CA 52 184.10 -15.07 -22.47
CA ASN CA 52 184.72 -16.17 -23.22
C ASN CA 52 183.92 -17.45 -23.10
N THR CA 53 182.61 -17.31 -22.94
CA THR CA 53 181.71 -18.45 -22.91
C THR CA 53 180.72 -18.32 -24.07
N VAL CA 54 180.39 -19.46 -24.67
CA VAL CA 54 179.49 -19.46 -25.81
C VAL CA 54 178.36 -20.46 -25.57
N ARG CA 55 177.26 -20.28 -26.29
CA ARG CA 55 176.13 -21.20 -26.19
C ARG CA 55 175.98 -21.94 -27.51
N THR CA 56 175.89 -23.25 -27.45
CA THR CA 56 175.80 -24.05 -28.66
C THR CA 56 174.67 -25.07 -28.62
N ILE CA 57 174.32 -25.60 -29.80
CA ILE CA 57 173.22 -26.56 -29.93
C ILE CA 57 173.70 -27.93 -30.37
N ALA CA 58 173.43 -28.93 -29.53
CA ALA CA 58 173.84 -30.30 -29.80
C ALA CA 58 173.26 -30.80 -31.12
N MET CA 59 174.00 -31.68 -31.77
CA MET CA 59 173.54 -32.28 -33.01
C MET CA 59 173.09 -33.71 -32.76
N ASP CA 60 173.42 -34.24 -31.59
CA ASP CA 60 173.00 -35.57 -31.20
C ASP CA 60 172.80 -35.64 -29.69
N GLY CA 61 172.54 -36.84 -29.18
CA GLY CA 61 172.30 -37.02 -27.76
C GLY CA 61 173.45 -36.50 -26.92
N THR CA 62 173.12 -35.82 -25.81
CA THR CA 62 174.13 -35.26 -24.92
C THR CA 62 174.37 -36.13 -23.69
N GLU CA 63 173.88 -37.36 -23.74
CA GLU CA 63 174.04 -38.29 -22.64
C GLU CA 63 175.51 -38.65 -22.47
N GLY CA 64 176.00 -38.57 -21.23
CA GLY CA 64 177.38 -38.93 -20.95
C GLY CA 64 178.32 -37.75 -20.88
N LEU CA 65 177.95 -36.64 -21.49
CA LEU CA 65 178.79 -35.44 -21.45
C LEU CA 65 179.11 -35.06 -20.02
N VAL CA 66 180.39 -34.88 -19.74
CA VAL CA 66 180.84 -34.49 -18.41
C VAL CA 66 181.36 -33.04 -18.42
N ARG CA 67 181.00 -32.26 -17.40
CA ARG CA 67 181.40 -30.87 -17.32
C ARG CA 67 182.92 -30.73 -17.31
N GLY CA 68 183.44 -29.84 -18.15
CA GLY CA 68 184.87 -29.59 -18.19
C GLY CA 68 185.59 -30.47 -19.18
N GLU CA 69 184.84 -31.26 -19.93
CA GLU CA 69 185.40 -32.13 -20.96
C GLU CA 69 185.97 -31.29 -22.09
N LYS CA 70 187.03 -31.77 -22.73
CA LYS CA 70 187.72 -31.01 -23.76
C LYS CA 70 186.91 -30.95 -25.06
N VAL CA 71 186.89 -29.78 -25.68
CA VAL CA 71 186.13 -29.57 -26.91
C VAL CA 71 186.98 -28.96 -28.02
N LEU CA 72 187.01 -29.62 -29.17
CA LEU CA 72 187.81 -29.19 -30.31
C LEU CA 72 186.99 -28.37 -31.29
N ASP CA 73 187.60 -27.32 -31.84
CA ASP CA 73 186.95 -26.44 -32.80
C ASP CA 73 187.17 -26.90 -34.25
N THR CA 74 186.18 -26.71 -35.12
CA THR CA 74 186.32 -27.13 -36.52
C THR CA 74 186.94 -26.04 -37.40
N GLY CA 75 186.51 -24.80 -37.19
CA GLY CA 75 187.02 -23.68 -37.96
C GLY CA 75 186.10 -23.20 -39.06
N GLY CA 76 184.93 -23.83 -39.17
CA GLY CA 76 183.97 -23.46 -40.20
C GLY CA 76 182.58 -24.00 -39.93
N PRO CA 77 181.55 -23.29 -40.40
CA PRO CA 77 180.16 -23.72 -40.22
C PRO CA 77 179.95 -25.11 -40.78
N ILE CA 78 179.05 -25.86 -40.17
CA ILE CA 78 178.75 -27.22 -40.63
C ILE CA 78 178.63 -27.23 -42.16
N SER CA 79 179.56 -27.92 -42.82
CA SER CA 79 179.50 -28.03 -44.28
C SER CA 79 179.10 -29.44 -44.73
N VAL CA 80 178.61 -29.54 -45.96
CA VAL CA 80 178.22 -30.84 -46.49
C VAL CA 80 178.65 -30.94 -47.94
N PRO CA 81 179.07 -32.14 -48.35
CA PRO CA 81 179.49 -32.39 -49.73
C PRO CA 81 178.41 -32.01 -50.74
N VAL CA 82 178.81 -31.35 -51.82
CA VAL CA 82 177.90 -30.99 -52.90
C VAL CA 82 178.44 -31.48 -54.24
N GLY CA 83 177.54 -31.81 -55.16
CA GLY CA 83 177.95 -32.28 -56.47
C GLY CA 83 177.22 -33.55 -56.87
N ARG CA 84 177.46 -34.00 -58.09
CA ARG CA 84 176.78 -35.18 -58.59
C ARG CA 84 177.09 -36.42 -57.74
N GLU CA 85 178.12 -36.30 -56.90
CA GLU CA 85 178.58 -37.41 -56.06
C GLU CA 85 177.62 -37.72 -54.91
N THR CA 86 176.74 -36.77 -54.60
CA THR CA 86 175.76 -36.94 -53.53
C THR CA 86 174.56 -37.77 -54.00
N LEU CA 87 174.30 -37.75 -55.32
CA LEU CA 87 173.19 -38.47 -55.91
C LEU CA 87 173.26 -39.98 -55.64
N GLY CA 88 172.11 -40.57 -55.32
CA GLY CA 88 172.06 -42.00 -55.00
C GLY CA 88 172.71 -42.32 -53.67
N ARG CA 89 172.86 -41.31 -52.83
CA ARG CA 89 173.45 -41.49 -51.50
C ARG CA 89 172.60 -40.82 -50.42
N ILE CA 90 172.52 -41.45 -49.25
CA ILE CA 90 171.77 -40.89 -48.13
C ILE CA 90 172.68 -40.13 -47.16
N ILE CA 91 172.57 -38.81 -47.19
CA ILE CA 91 173.37 -37.93 -46.36
C ILE CA 91 172.68 -37.56 -45.05
N ASN CA 92 173.46 -37.49 -43.99
CA ASN CA 92 172.99 -37.12 -42.67
C ASN CA 92 173.03 -35.61 -42.47
N VAL CA 93 172.32 -35.13 -41.44
CA VAL CA 93 172.30 -33.71 -41.10
C VAL CA 93 173.70 -33.11 -41.01
N ILE CA 94 174.65 -33.91 -40.53
CA ILE CA 94 176.04 -33.48 -40.35
C ILE CA 94 176.79 -33.41 -41.68
N GLY CA 95 176.41 -34.30 -42.60
CA GLY CA 95 177.00 -34.31 -43.92
C GLY CA 95 177.86 -35.53 -44.15
N GLU CA 96 177.45 -36.64 -43.54
CA GLU CA 96 178.17 -37.89 -43.67
C GLU CA 96 177.23 -39.01 -44.10
N PRO CA 97 177.73 -39.92 -44.94
CA PRO CA 97 176.96 -41.06 -45.46
C PRO CA 97 176.35 -41.90 -44.34
N ILE CA 98 175.08 -42.26 -44.49
CA ILE CA 98 174.41 -43.09 -43.49
C ILE CA 98 173.74 -44.29 -44.14
N ASP CA 99 174.21 -44.65 -45.33
CA ASP CA 99 173.64 -45.77 -46.06
C ASP CA 99 174.61 -46.94 -46.12
N GLU CA 100 175.74 -46.80 -45.43
CA GLU CA 100 176.77 -47.82 -45.44
C GLU CA 100 177.13 -48.18 -46.86
N ARG CA 101 177.79 -47.27 -47.56
CA ARG CA 101 178.23 -47.51 -48.92
C ARG CA 101 179.53 -46.74 -49.19
N GLY CA 102 180.21 -46.34 -48.12
CA GLY CA 102 181.47 -45.63 -48.23
C GLY CA 102 181.31 -44.12 -48.24
N PRO CA 103 182.40 -43.39 -47.96
CA PRO CA 103 182.35 -41.93 -47.89
C PRO CA 103 182.08 -41.27 -49.24
N ILE CA 104 181.34 -40.17 -49.23
CA ILE CA 104 181.04 -39.45 -50.46
C ILE CA 104 182.27 -38.66 -50.91
N LYS CA 105 182.98 -39.21 -51.88
CA LYS CA 105 184.15 -38.55 -52.45
C LYS CA 105 183.68 -37.41 -53.35
N SER CA 106 183.40 -36.27 -52.75
CA SER CA 106 182.94 -35.10 -53.50
C SER CA 106 184.11 -34.16 -53.76
N LYS CA 107 183.95 -33.30 -54.75
CA LYS CA 107 184.99 -32.36 -55.11
C LYS CA 107 185.02 -31.19 -54.13
N LEU CA 108 183.86 -30.55 -53.96
CA LEU CA 108 183.75 -29.38 -53.10
C LEU CA 108 182.79 -29.63 -51.94
N ARG CA 109 182.96 -28.87 -50.87
CA ARG CA 109 182.07 -28.97 -49.70
C ARG CA 109 181.67 -27.59 -49.18
N LYS CA 110 180.43 -27.19 -49.48
CA LYS CA 110 179.93 -25.89 -49.06
C LYS CA 110 179.15 -25.97 -47.75
N PRO CA 111 179.13 -24.88 -46.98
CA PRO CA 111 178.43 -24.75 -45.70
C PRO CA 111 176.91 -24.70 -45.85
N ILE CA 112 176.18 -25.15 -44.84
CA ILE CA 112 174.73 -25.13 -44.87
C ILE CA 112 174.19 -23.71 -44.72
N HIS CA 113 175.00 -22.83 -44.14
CA HIS CA 113 174.58 -21.45 -43.96
C HIS CA 113 175.06 -20.58 -45.11
N ALA CA 114 174.11 -19.90 -45.75
CA ALA CA 114 174.42 -19.03 -46.86
C ALA CA 114 173.30 -18.03 -47.07
N ASP CA 115 173.65 -16.86 -47.57
CA ASP CA 115 172.72 -15.74 -47.68
C ASP CA 115 171.79 -15.90 -48.89
N PRO CA 116 170.54 -15.43 -48.75
CA PRO CA 116 169.50 -15.49 -49.79
C PRO CA 116 169.84 -14.65 -51.02
N PRO CA 117 169.36 -15.08 -52.20
CA PRO CA 117 169.58 -14.43 -53.49
C PRO CA 117 169.19 -12.95 -53.51
N SER CA 118 169.98 -12.14 -54.19
CA SER CA 118 169.72 -10.71 -54.32
C SER CA 118 168.42 -10.44 -55.06
N PHE CA 119 167.79 -9.31 -54.74
CA PHE CA 119 166.54 -8.93 -55.39
C PHE CA 119 166.67 -8.85 -56.90
N ALA CA 120 167.84 -8.41 -57.37
CA ALA CA 120 168.09 -8.31 -58.80
C ALA CA 120 168.21 -9.69 -59.44
N GLU CA 121 168.57 -10.69 -58.63
CA GLU CA 121 168.74 -12.06 -59.12
C GLU CA 121 167.42 -12.81 -59.26
N GLN CA 122 166.35 -12.23 -58.72
CA GLN CA 122 165.03 -12.84 -58.74
C GLN CA 122 164.48 -12.93 -60.17
N SER CA 123 163.98 -14.10 -60.54
CA SER CA 123 163.38 -14.29 -61.85
C SER CA 123 162.00 -14.90 -61.74
N THR CA 124 161.02 -14.25 -62.34
CA THR CA 124 159.64 -14.70 -62.25
C THR CA 124 159.22 -15.45 -63.51
N SER CA 125 158.33 -16.42 -63.32
CA SER CA 125 157.84 -17.24 -64.41
C SER CA 125 156.37 -17.57 -64.24
N ALA CA 126 155.66 -17.71 -65.35
CA ALA CA 126 154.23 -18.03 -65.35
C ALA CA 126 153.92 -19.26 -66.20
N GLU CA 127 154.80 -20.26 -66.17
CA GLU CA 127 154.60 -21.49 -66.93
C GLU CA 127 153.86 -22.53 -66.12
N ILE CA 128 152.82 -23.13 -66.71
CA ILE CA 128 152.03 -24.10 -65.99
C ILE CA 128 152.78 -25.43 -65.87
N LEU CA 129 152.44 -26.21 -64.85
CA LEU CA 129 153.04 -27.51 -64.64
C LEU CA 129 151.93 -28.53 -64.41
N GLU CA 130 151.72 -29.40 -65.40
CA GLU CA 130 150.68 -30.41 -65.33
C GLU CA 130 151.12 -31.57 -64.44
N THR CA 131 150.27 -31.91 -63.46
CA THR CA 131 150.59 -32.94 -62.49
C THR CA 131 149.79 -34.20 -62.78
N GLY CA 132 148.57 -33.99 -63.27
CA GLY CA 132 147.65 -35.07 -63.52
C GLY CA 132 146.55 -35.09 -62.48
N ILE CA 133 146.71 -34.27 -61.44
CA ILE CA 133 145.71 -34.20 -60.39
C ILE CA 133 144.58 -33.25 -60.74
N LYS CA 134 143.36 -33.76 -60.77
CA LYS CA 134 142.20 -32.97 -61.14
C LYS CA 134 142.05 -31.72 -60.28
N VAL CA 135 141.88 -31.93 -58.97
CA VAL CA 135 141.62 -30.85 -58.04
C VAL CA 135 142.70 -29.79 -58.04
N VAL CA 136 143.80 -30.07 -58.73
CA VAL CA 136 144.92 -29.14 -58.76
C VAL CA 136 145.04 -28.45 -60.13
N ASP CA 137 145.24 -29.25 -61.18
CA ASP CA 137 145.41 -28.72 -62.54
C ASP CA 137 144.18 -27.92 -62.99
N LEU CA 138 143.08 -28.04 -62.25
CA LEU CA 138 141.85 -27.34 -62.58
C LEU CA 138 141.61 -26.10 -61.72
N LEU CA 139 142.03 -26.16 -60.45
CA LEU CA 139 141.79 -25.06 -59.51
C LEU CA 139 143.04 -24.26 -59.20
N ALA CA 140 144.05 -24.90 -58.63
CA ALA CA 140 145.27 -24.20 -58.28
C ALA CA 140 146.50 -24.86 -58.90
N PRO CA 141 146.68 -24.68 -60.22
CA PRO CA 141 147.82 -25.32 -60.89
C PRO CA 141 149.16 -24.81 -60.38
N TYR CA 142 150.11 -25.74 -60.26
CA TYR CA 142 151.46 -25.44 -59.83
C TYR CA 142 152.26 -24.86 -61.00
N ALA CA 143 153.26 -24.04 -60.68
CA ALA CA 143 154.11 -23.43 -61.71
C ALA CA 143 155.51 -24.04 -61.74
N ARG CA 144 156.10 -24.07 -62.93
CA ARG CA 144 157.44 -24.61 -63.10
C ARG CA 144 158.45 -23.77 -62.30
N GLY CA 145 159.33 -24.45 -61.58
CA GLY CA 145 160.31 -23.78 -60.73
C GLY CA 145 159.67 -22.87 -59.70
N GLY CA 146 158.45 -23.20 -59.29
CA GLY CA 146 157.73 -22.41 -58.30
C GLY CA 146 157.71 -23.05 -56.93
N LYS CA 147 157.06 -22.38 -55.98
CA LYS CA 147 156.93 -22.91 -54.62
C LYS CA 147 155.57 -23.56 -54.38
N ILE CA 148 155.62 -24.79 -53.91
CA ILE CA 148 154.42 -25.58 -53.67
C ILE CA 148 154.26 -25.80 -52.19
N GLY CA 149 153.02 -25.72 -51.69
CA GLY CA 149 152.77 -25.95 -50.29
C GLY CA 149 151.60 -26.88 -50.07
N LEU CA 150 151.75 -27.82 -49.14
CA LEU CA 150 150.68 -28.79 -48.88
C LEU CA 150 150.25 -28.84 -47.43
N PHE CA 151 149.47 -27.86 -47.01
CA PHE CA 151 149.03 -27.77 -45.63
C PHE CA 151 148.08 -28.88 -45.27
N GLY CA 152 147.92 -29.12 -43.98
CA GLY CA 152 146.92 -30.06 -43.52
C GLY CA 152 147.25 -30.68 -42.18
N GLY CA 153 146.22 -30.98 -41.40
CA GLY CA 153 146.39 -31.61 -40.11
C GLY CA 153 147.05 -32.97 -40.21
N ALA CA 154 146.83 -33.81 -39.21
CA ALA CA 154 147.48 -35.11 -39.15
C ALA CA 154 146.67 -36.21 -39.84
N GLY CA 155 147.28 -36.86 -40.82
CA GLY CA 155 146.62 -37.91 -41.58
C GLY CA 155 145.59 -37.38 -42.55
N VAL CA 156 145.93 -36.29 -43.25
CA VAL CA 156 145.03 -35.71 -44.24
C VAL CA 156 145.43 -36.08 -45.65
N GLY CA 157 146.72 -36.31 -45.87
CA GLY CA 157 147.25 -36.72 -47.16
C GLY CA 157 148.32 -35.82 -47.75
N LYS CA 158 149.28 -35.40 -46.94
CA LYS CA 158 150.32 -34.47 -47.38
C LYS CA 158 151.48 -35.17 -48.06
N THR CA 159 151.91 -36.27 -47.47
CA THR CA 159 152.98 -37.08 -48.03
C THR CA 159 152.45 -37.87 -49.22
N VAL CA 160 151.40 -38.65 -49.01
CA VAL CA 160 150.80 -39.44 -50.09
C VAL CA 160 150.54 -38.57 -51.32
N PHE CA 161 150.20 -37.30 -51.08
CA PHE CA 161 150.03 -36.33 -52.14
C PHE CA 161 151.35 -36.05 -52.88
N ILE CA 162 152.43 -35.90 -52.11
CA ILE CA 162 153.75 -35.69 -52.69
C ILE CA 162 154.26 -36.92 -53.43
N GLN CA 163 154.18 -38.08 -52.78
CA GLN CA 163 154.60 -39.34 -53.39
C GLN CA 163 154.06 -39.46 -54.81
N GLU CA 164 152.80 -39.09 -55.00
CA GLU CA 164 152.20 -39.12 -56.32
C GLU CA 164 152.88 -38.11 -57.24
N LEU CA 165 153.19 -36.93 -56.72
CA LEU CA 165 153.86 -35.91 -57.52
C LEU CA 165 155.23 -36.37 -58.00
N ILE CA 166 155.86 -37.24 -57.21
CA ILE CA 166 157.18 -37.76 -57.53
C ILE CA 166 157.05 -38.93 -58.51
N ASN CA 167 155.90 -39.59 -58.48
CA ASN CA 167 155.61 -40.70 -59.37
C ASN CA 167 155.19 -40.21 -60.75
N ASN CA 168 154.94 -38.91 -60.86
CA ASN CA 168 154.44 -38.35 -62.12
C ASN CA 168 155.29 -37.24 -62.70
N ILE CA 169 156.15 -36.65 -61.89
CA ILE CA 169 157.00 -35.57 -62.36
C ILE CA 169 158.48 -35.94 -62.35
N ALA CA 170 158.93 -36.59 -61.28
CA ALA CA 170 160.34 -36.95 -61.13
C ALA CA 170 160.79 -37.89 -62.25
N LYS CA 171 159.87 -38.73 -62.71
CA LYS CA 171 160.16 -39.69 -63.77
C LYS CA 171 160.41 -38.98 -65.12
N ALA CA 172 159.44 -38.19 -65.54
CA ALA CA 172 159.54 -37.48 -66.82
C ALA CA 172 160.13 -36.08 -66.66
N HIS CA 173 161.07 -35.91 -65.72
CA HIS CA 173 161.61 -34.58 -65.42
C HIS CA 173 162.84 -34.21 -66.25
N GLY CA 174 163.89 -34.99 -66.11
CA GLY CA 174 165.11 -34.77 -66.87
C GLY CA 174 166.23 -34.09 -66.10
N GLY CA 175 165.89 -33.48 -64.97
CA GLY CA 175 166.87 -32.80 -64.15
C GLY CA 175 167.32 -33.62 -62.95
N PHE CA 176 167.57 -32.92 -61.84
CA PHE CA 176 167.95 -33.59 -60.59
C PHE CA 176 166.86 -33.39 -59.54
N SER CA 177 166.89 -34.22 -58.50
CA SER CA 177 165.91 -34.13 -57.42
C SER CA 177 166.61 -34.20 -56.06
N VAL CA 178 166.04 -33.54 -55.06
CA VAL CA 178 166.55 -33.61 -53.69
C VAL CA 178 165.42 -33.81 -52.68
N PHE CA 179 165.35 -35.01 -52.09
CA PHE CA 179 164.34 -35.29 -51.07
C PHE CA 179 164.95 -35.18 -49.67
N THR CA 180 164.28 -34.41 -48.81
CA THR CA 180 164.74 -34.20 -47.44
C THR CA 180 163.62 -34.37 -46.42
N GLY CA 181 163.66 -35.46 -45.68
CA GLY CA 181 162.65 -35.75 -44.68
C GLY CA 181 162.97 -35.12 -43.34
N VAL CA 182 162.29 -34.03 -43.02
CA VAL CA 182 162.52 -33.32 -41.77
C VAL CA 182 161.48 -33.72 -40.72
N GLY CA 183 161.97 -34.31 -39.64
CA GLY CA 183 161.12 -34.74 -38.55
C GLY CA 183 159.97 -35.60 -39.03
N GLU CA 184 160.28 -36.73 -39.64
CA GLU CA 184 159.25 -37.64 -40.13
C GLU CA 184 159.52 -39.09 -39.72
N ARG CA 185 158.51 -39.94 -39.89
CA ARG CA 185 158.61 -41.34 -39.49
C ARG CA 185 159.82 -41.97 -40.17
N THR CA 186 160.71 -42.53 -39.36
CA THR CA 186 161.91 -43.13 -39.91
C THR CA 186 161.55 -44.24 -40.90
N ARG CA 187 160.40 -44.87 -40.67
CA ARG CA 187 159.93 -45.96 -41.51
C ARG CA 187 159.64 -45.49 -42.94
N GLU CA 188 159.04 -44.32 -43.07
CA GLU CA 188 158.69 -43.76 -44.37
C GLU CA 188 159.93 -43.48 -45.22
N GLY CA 189 161.05 -43.23 -44.56
CA GLY CA 189 162.31 -43.01 -45.27
C GLY CA 189 162.80 -44.29 -45.92
N ASN CA 190 162.78 -45.38 -45.16
CA ASN CA 190 163.20 -46.68 -45.67
C ASN CA 190 162.36 -47.12 -46.86
N ASP CA 191 161.04 -47.09 -46.69
CA ASP CA 191 160.13 -47.48 -47.76
C ASP CA 191 160.29 -46.57 -48.97
N LEU CA 192 160.71 -45.33 -48.72
CA LEU CA 192 160.98 -44.38 -49.80
C LEU CA 192 162.22 -44.81 -50.57
N TYR CA 193 163.18 -45.36 -49.83
CA TYR CA 193 164.41 -45.86 -50.43
C TYR CA 193 164.11 -47.05 -51.34
N ARG CA 194 163.25 -47.95 -50.87
CA ARG CA 194 162.81 -49.09 -51.69
C ARG CA 194 162.23 -48.64 -53.02
N GLU CA 195 161.35 -47.64 -52.96
CA GLU CA 195 160.66 -47.14 -54.15
C GLU CA 195 161.61 -46.57 -55.20
N MET CA 196 162.61 -45.80 -54.74
CA MET CA 196 163.58 -45.18 -55.63
C MET CA 196 164.45 -46.21 -56.34
N LYS CA 197 164.71 -47.31 -55.64
CA LYS CA 197 165.48 -48.42 -56.20
C LYS CA 197 164.67 -49.21 -57.23
N GLU CA 198 163.47 -49.62 -56.83
CA GLU CA 198 162.58 -50.39 -57.70
C GLU CA 198 162.22 -49.63 -58.97
N THR CA 199 161.79 -48.38 -58.81
CA THR CA 199 161.45 -47.51 -59.93
C THR CA 199 162.68 -47.25 -60.80
N GLY CA 200 163.85 -47.41 -60.20
CA GLY CA 200 165.11 -47.24 -60.92
C GLY CA 200 165.64 -45.82 -60.88
N VAL CA 201 164.96 -44.94 -60.14
CA VAL CA 201 165.42 -43.57 -59.98
C VAL CA 201 166.81 -43.55 -59.36
N ILE CA 202 167.04 -44.49 -58.44
CA ILE CA 202 168.33 -44.62 -57.77
C ILE CA 202 168.88 -46.03 -57.97
N ASN CA 203 169.86 -46.15 -58.85
CA ASN CA 203 170.51 -47.42 -59.12
C ASN CA 203 171.91 -47.45 -58.50
N LEU CA 204 172.11 -48.34 -57.53
CA LEU CA 204 173.38 -48.49 -56.85
C LEU CA 204 174.53 -48.71 -57.82
N GLU CA 205 174.40 -49.72 -58.67
CA GLU CA 205 175.40 -50.05 -59.68
C GLU CA 205 175.48 -48.96 -60.75
N GLY CA 206 174.32 -48.43 -61.14
CA GLY CA 206 174.26 -47.39 -62.16
C GLY CA 206 174.29 -45.98 -61.60
N GLU CA 207 173.58 -45.06 -62.27
CA GLU CA 207 173.47 -43.69 -61.80
C GLU CA 207 172.10 -43.44 -61.19
N SER CA 208 171.94 -42.26 -60.60
CA SER CA 208 170.69 -41.90 -59.97
C SER CA 208 170.28 -40.49 -60.35
N LYS CA 209 169.02 -40.14 -60.08
CA LYS CA 209 168.51 -38.84 -60.46
C LYS CA 209 168.12 -37.97 -59.25
N VAL CA 210 168.32 -38.50 -58.04
CA VAL CA 210 167.89 -37.82 -56.81
C VAL CA 210 168.77 -38.13 -55.60
N ALA CA 211 168.95 -37.13 -54.73
CA ALA CA 211 169.74 -37.27 -53.50
C ALA CA 211 168.85 -37.33 -52.27
N LEU CA 212 169.22 -38.15 -51.30
CA LEU CA 212 168.38 -38.37 -50.12
C LEU CA 212 169.01 -37.83 -48.83
N VAL CA 213 168.43 -36.77 -48.29
CA VAL CA 213 168.91 -36.20 -47.03
C VAL CA 213 167.84 -36.31 -45.94
N PHE CA 214 168.20 -36.91 -44.82
CA PHE CA 214 167.22 -37.16 -43.75
C PHE CA 214 167.60 -36.59 -42.39
N GLY CA 215 166.64 -35.95 -41.76
CA GLY CA 215 166.77 -35.48 -40.39
C GLY CA 215 165.49 -35.84 -39.68
N GLN CA 216 165.27 -37.13 -39.51
CA GLN CA 216 164.00 -37.64 -39.02
C GLN CA 216 163.68 -37.16 -37.62
N MET CA 217 162.41 -37.27 -37.25
CA MET CA 217 161.94 -36.81 -35.96
C MET CA 217 162.66 -37.50 -34.80
N ASN CA 218 162.98 -38.78 -34.98
CA ASN CA 218 163.72 -39.50 -33.95
C ASN CA 218 164.99 -38.76 -33.55
N GLU CA 219 165.60 -38.06 -34.51
CA GLU CA 219 166.79 -37.25 -34.23
C GLU CA 219 166.44 -36.04 -33.36
N PRO CA 220 167.35 -35.65 -32.45
CA PRO CA 220 167.15 -34.50 -31.54
C PRO CA 220 166.85 -33.19 -32.28
N PRO CA 221 166.45 -32.15 -31.55
CA PRO CA 221 166.00 -30.86 -32.10
C PRO CA 221 167.06 -30.16 -32.95
N GLY CA 222 168.30 -30.17 -32.49
CA GLY CA 222 169.37 -29.54 -33.23
C GLY CA 222 169.40 -30.03 -34.68
N ALA CA 223 169.26 -31.34 -34.85
CA ALA CA 223 169.32 -31.94 -36.17
C ALA CA 223 168.07 -31.59 -36.97
N ARG CA 224 166.93 -31.73 -36.33
CA ARG CA 224 165.67 -31.43 -36.98
C ARG CA 224 165.63 -29.99 -37.43
N ALA CA 225 166.59 -29.20 -36.93
CA ALA CA 225 166.63 -27.79 -37.24
C ALA CA 225 167.57 -27.50 -38.39
N ARG CA 226 168.59 -28.34 -38.52
CA ARG CA 226 169.64 -28.09 -39.51
C ARG CA 226 169.42 -28.91 -40.77
N VAL CA 227 168.79 -30.07 -40.60
CA VAL CA 227 168.57 -30.97 -41.72
C VAL CA 227 168.02 -30.23 -42.93
N ALA CA 228 167.04 -29.35 -42.70
CA ALA CA 228 166.43 -28.60 -43.80
C ALA CA 228 167.47 -27.79 -44.55
N LEU CA 229 168.45 -27.27 -43.82
CA LEU CA 229 169.51 -26.47 -44.41
C LEU CA 229 170.48 -27.34 -45.20
N THR CA 230 170.77 -28.52 -44.66
CA THR CA 230 171.64 -29.48 -45.34
C THR CA 230 171.08 -29.81 -46.71
N GLY CA 231 169.87 -30.34 -46.75
CA GLY CA 231 169.22 -30.69 -48.01
C GLY CA 231 169.19 -29.54 -49.00
N LEU CA 232 169.05 -28.32 -48.49
CA LEU CA 232 168.90 -27.16 -49.36
C LEU CA 232 170.21 -26.76 -50.00
N THR CA 233 171.29 -26.91 -49.25
CA THR CA 233 172.61 -26.56 -49.74
C THR CA 233 172.95 -27.40 -50.97
N ILE CA 234 172.59 -28.67 -50.91
CA ILE CA 234 172.86 -29.58 -52.02
C ILE CA 234 172.12 -29.14 -53.28
N ALA CA 235 170.87 -28.71 -53.11
CA ALA CA 235 170.03 -28.35 -54.25
C ALA CA 235 170.37 -26.99 -54.86
N GLU CA 236 170.86 -26.08 -54.03
CA GLU CA 236 171.25 -24.77 -54.55
C GLU CA 236 172.53 -24.89 -55.36
N TYR CA 237 173.25 -25.99 -55.18
CA TYR CA 237 174.46 -26.24 -55.96
C TYR CA 237 174.08 -26.49 -57.42
N PHE CA 238 173.19 -27.45 -57.65
CA PHE CA 238 172.76 -27.78 -58.99
C PHE CA 238 172.06 -26.62 -59.65
N ARG CA 239 171.73 -25.62 -58.84
CA ARG CA 239 170.99 -24.48 -59.33
C ARG CA 239 171.92 -23.44 -59.93
N ASP CA 240 172.98 -23.11 -59.21
CA ASP CA 240 173.91 -22.09 -59.65
C ASP CA 240 175.06 -22.71 -60.40
N GLU CA 241 175.77 -23.61 -59.72
CA GLU CA 241 176.91 -24.31 -60.31
C GLU CA 241 176.53 -25.06 -61.60
N GLU CA 242 175.52 -25.93 -61.53
CA GLU CA 242 175.12 -26.72 -62.69
C GLU CA 242 174.10 -26.00 -63.57
N GLY CA 243 173.29 -25.14 -62.95
CA GLY CA 243 172.27 -24.40 -63.68
C GLY CA 243 171.31 -25.32 -64.39
N GLN CA 244 170.77 -26.30 -63.66
CA GLN CA 244 169.86 -27.27 -64.22
C GLN CA 244 168.59 -27.37 -63.36
N ASP CA 245 167.46 -27.68 -63.99
CA ASP CA 245 166.21 -27.84 -63.27
C ASP CA 245 166.34 -28.87 -62.14
N VAL CA 246 165.88 -28.49 -60.95
CA VAL CA 246 165.90 -29.39 -59.81
C VAL CA 246 164.56 -29.41 -59.07
N LEU CA 247 164.15 -30.59 -58.61
CA LEU CA 247 162.94 -30.73 -57.82
C LEU CA 247 163.28 -30.93 -56.36
N LEU CA 248 162.96 -29.94 -55.53
CA LEU CA 248 163.26 -30.00 -54.10
C LEU CA 248 162.03 -30.42 -53.28
N PHE CA 249 162.05 -31.65 -52.80
CA PHE CA 249 160.92 -32.19 -52.03
C PHE CA 249 161.21 -32.16 -50.53
N ILE CA 250 160.42 -31.41 -49.77
CA ILE CA 250 160.62 -31.31 -48.34
C ILE CA 250 159.41 -31.75 -47.55
N ASP CA 251 159.63 -32.56 -46.51
CA ASP CA 251 158.54 -33.09 -45.71
C ASP CA 251 159.07 -33.61 -44.38
N ASN CA 252 158.74 -32.94 -43.28
CA ASN CA 252 157.85 -31.78 -43.28
C ASN CA 252 158.60 -30.51 -42.86
N ILE CA 253 158.27 -29.39 -43.47
CA ILE CA 253 158.99 -28.14 -43.22
C ILE CA 253 158.68 -27.54 -41.86
N PHE CA 254 157.51 -27.89 -41.31
CA PHE CA 254 157.08 -27.36 -40.01
C PHE CA 254 158.06 -27.73 -38.92
N ARG CA 255 158.53 -28.97 -38.95
CA ARG CA 255 159.47 -29.46 -37.96
C ARG CA 255 160.63 -28.49 -37.78
N PHE CA 256 160.88 -27.68 -38.80
CA PHE CA 256 161.98 -26.71 -38.76
C PHE CA 256 161.79 -25.68 -37.67
N THR CA 257 160.59 -25.14 -37.59
CA THR CA 257 160.26 -24.17 -36.56
C THR CA 257 159.94 -24.88 -35.25
N GLN CA 258 159.30 -26.04 -35.35
CA GLN CA 258 158.97 -26.83 -34.15
C GLN CA 258 160.24 -27.18 -33.40
N ALA CA 259 161.27 -27.61 -34.12
CA ALA CA 259 162.53 -27.99 -33.49
C ALA CA 259 163.23 -26.79 -32.88
N GLY CA 260 163.02 -25.61 -33.46
CA GLY CA 260 163.64 -24.39 -32.98
C GLY CA 260 162.91 -23.79 -31.78
N SER CA 261 161.63 -24.15 -31.62
CA SER CA 261 160.85 -23.63 -30.50
C SER CA 261 161.10 -24.43 -29.23
N GLU CA 262 161.78 -25.56 -29.36
CA GLU CA 262 162.07 -26.40 -28.21
C GLU CA 262 163.27 -25.86 -27.46
N VAL CA 263 164.18 -25.28 -28.23
CA VAL CA 263 165.44 -24.81 -27.69
C VAL CA 263 165.40 -23.33 -27.37
N SER CA 264 164.52 -22.59 -28.05
CA SER CA 264 164.41 -21.15 -27.81
C SER CA 264 164.28 -20.87 -26.32
N ALA CA 265 163.65 -21.79 -25.60
CA ALA CA 265 163.44 -21.64 -24.17
C ALA CA 265 164.77 -21.71 -23.42
N LEU CA 266 165.55 -22.74 -23.74
CA LEU CA 266 166.85 -22.94 -23.11
C LEU CA 266 167.85 -21.88 -23.55
N LEU CA 267 167.67 -21.36 -24.76
CA LEU CA 267 168.58 -20.33 -25.27
C LEU CA 267 168.45 -19.05 -24.46
N GLY CA 268 167.36 -18.93 -23.71
CA GLY CA 268 167.13 -17.77 -22.88
C GLY CA 268 166.32 -16.68 -23.61
N ARG CA 269 165.50 -17.09 -24.55
CA ARG CA 269 164.65 -16.17 -25.28
C ARG CA 269 163.28 -16.08 -24.62
N ILE CA 270 162.67 -14.91 -24.68
CA ILE CA 270 161.34 -14.70 -24.11
C ILE CA 270 160.26 -15.25 -25.03
N PRO CA 271 159.56 -16.29 -24.57
CA PRO CA 271 158.58 -16.96 -25.43
C PRO CA 271 157.52 -15.99 -25.95
N SER CA 272 157.29 -15.98 -27.27
CA SER CA 272 156.22 -15.19 -27.86
C SER CA 272 154.90 -15.94 -27.68
N ALA CA 273 153.80 -15.37 -28.15
CA ALA CA 273 152.49 -16.01 -27.96
C ALA CA 273 152.45 -17.40 -28.58
N VAL CA 274 151.79 -18.33 -27.88
CA VAL CA 274 151.68 -19.72 -28.33
C VAL CA 274 152.91 -20.55 -27.98
N GLY CA 275 153.95 -19.88 -27.48
CA GLY CA 275 155.16 -20.56 -27.07
C GLY CA 275 156.29 -20.45 -28.08
N TYR CA 276 155.94 -20.08 -29.31
CA TYR CA 276 156.90 -19.98 -30.40
C TYR CA 276 157.92 -18.86 -30.16
N GLN CA 277 159.16 -19.12 -30.56
CA GLN CA 277 160.25 -18.17 -30.39
C GLN CA 277 159.99 -16.85 -31.11
N PRO CA 278 160.44 -15.73 -30.52
CA PRO CA 278 160.20 -14.40 -31.06
C PRO CA 278 160.59 -14.28 -32.53
N THR CA 279 161.71 -14.88 -32.89
CA THR CA 279 162.23 -14.74 -34.24
C THR CA 279 161.69 -15.83 -35.18
N LEU CA 280 160.38 -16.02 -35.17
CA LEU CA 280 159.79 -17.03 -36.05
C LEU CA 280 159.83 -16.57 -37.50
N ALA CA 281 159.48 -15.30 -37.71
CA ALA CA 281 159.34 -14.72 -39.04
C ALA CA 281 160.65 -14.67 -39.82
N THR CA 282 161.73 -14.36 -39.12
CA THR CA 282 163.03 -14.25 -39.74
C THR CA 282 163.56 -15.62 -40.13
N ASP CA 283 163.83 -16.45 -39.13
CA ASP CA 283 164.32 -17.81 -39.38
C ASP CA 283 163.57 -18.46 -40.55
N MET CA 284 162.24 -18.52 -40.45
CA MET CA 284 161.42 -19.09 -41.52
C MET CA 284 161.65 -18.30 -42.80
N GLY CA 285 161.98 -17.03 -42.65
CA GLY CA 285 162.26 -16.16 -43.79
C GLY CA 285 163.52 -16.55 -44.52
N LEU CA 286 164.63 -16.63 -43.79
CA LEU CA 286 165.91 -16.97 -44.40
C LEU CA 286 165.88 -18.31 -45.14
N LEU CA 287 165.02 -19.22 -44.67
CA LEU CA 287 164.91 -20.53 -45.28
C LEU CA 287 164.19 -20.46 -46.62
N GLN CA 288 162.98 -19.92 -46.61
CA GLN CA 288 162.16 -19.83 -47.82
C GLN CA 288 162.81 -18.97 -48.92
N GLU CA 289 163.53 -17.94 -48.51
CA GLU CA 289 164.16 -17.03 -49.47
C GLU CA 289 165.28 -17.69 -50.24
N ARG CA 290 165.84 -18.76 -49.67
CA ARG CA 290 166.90 -19.50 -50.33
C ARG CA 290 166.33 -20.55 -51.28
N ILE CA 291 165.11 -20.98 -51.00
CA ILE CA 291 164.45 -21.98 -51.82
C ILE CA 291 163.63 -21.30 -52.90
N THR CA 292 164.30 -20.94 -54.00
CA THR CA 292 163.66 -20.17 -55.05
C THR CA 292 164.42 -20.28 -56.37
N THR CA 293 163.80 -19.82 -57.45
CA THR CA 293 164.43 -19.86 -58.76
C THR CA 293 165.19 -18.57 -59.04
N THR CA 294 166.39 -18.69 -59.57
CA THR CA 294 167.23 -17.54 -59.87
C THR CA 294 167.61 -17.50 -61.34
N LYS CA 295 168.39 -16.51 -61.73
CA LYS CA 295 168.77 -16.32 -63.13
C LYS CA 295 169.81 -17.35 -63.57
N LYS CA 296 170.22 -18.21 -62.65
CA LYS CA 296 171.20 -19.23 -62.97
C LYS CA 296 170.56 -20.60 -63.16
N GLY CA 297 169.44 -20.83 -62.49
CA GLY CA 297 168.74 -22.09 -62.59
C GLY CA 297 167.35 -22.06 -62.00
N SER CA 298 166.55 -23.06 -62.33
CA SER CA 298 165.19 -23.14 -61.83
C SER CA 298 165.01 -24.32 -60.90
N VAL CA 299 164.22 -24.12 -59.86
CA VAL CA 299 163.99 -25.14 -58.87
C VAL CA 299 162.52 -25.16 -58.49
N THR CA 300 161.91 -26.34 -58.60
CA THR CA 300 160.53 -26.52 -58.19
C THR CA 300 160.50 -27.20 -56.84
N SER CA 301 159.97 -26.51 -55.84
CA SER CA 301 159.96 -27.03 -54.48
C SER CA 301 158.55 -27.42 -54.04
N VAL CA 302 158.42 -28.64 -53.53
CA VAL CA 302 157.14 -29.09 -52.99
C VAL CA 302 157.26 -29.27 -51.47
N GLN CA 303 157.00 -28.20 -50.73
CA GLN CA 303 157.10 -28.24 -49.27
C GLN CA 303 155.78 -28.59 -48.60
N ALA CA 304 155.83 -29.57 -47.70
CA ALA CA 304 154.64 -29.94 -46.95
C ALA CA 304 154.67 -29.27 -45.58
N VAL CA 305 153.54 -28.68 -45.21
CA VAL CA 305 153.43 -27.97 -43.93
C VAL CA 305 152.43 -28.65 -43.01
N TYR CA 306 152.82 -28.81 -41.75
CA TYR CA 306 151.95 -29.41 -40.75
C TYR CA 306 151.09 -28.34 -40.08
N VAL CA 307 149.83 -28.68 -39.79
CA VAL CA 307 148.87 -27.78 -39.18
C VAL CA 307 148.47 -28.28 -37.78
N PRO CA 308 149.08 -27.68 -36.74
CA PRO CA 308 148.84 -28.05 -35.34
C PRO CA 308 147.37 -27.89 -34.96
N ALA CA 309 146.79 -28.95 -34.40
CA ALA CA 309 145.39 -28.92 -34.00
C ALA CA 309 144.48 -28.41 -35.12
N ASP CA 310 144.83 -28.74 -36.36
CA ASP CA 310 144.03 -28.32 -37.52
C ASP CA 310 143.73 -26.82 -37.53
N ASP CA 311 144.65 -26.04 -36.99
CA ASP CA 311 144.46 -24.58 -36.89
C ASP CA 311 145.31 -23.83 -37.90
N LEU CA 312 144.67 -23.24 -38.90
CA LEU CA 312 145.39 -22.50 -39.92
C LEU CA 312 145.80 -21.11 -39.43
N THR CA 313 145.24 -20.68 -38.30
CA THR CA 313 145.55 -19.37 -37.77
C THR CA 313 146.82 -19.42 -36.94
N ASP CA 314 147.32 -20.62 -36.70
CA ASP CA 314 148.56 -20.83 -35.98
C ASP CA 314 149.69 -20.07 -36.66
N PRO CA 315 150.53 -19.37 -35.88
CA PRO CA 315 151.62 -18.56 -36.42
C PRO CA 315 152.55 -19.35 -37.33
N ALA CA 316 152.75 -20.64 -37.05
CA ALA CA 316 153.65 -21.43 -37.87
C ALA CA 316 153.15 -21.53 -39.31
N PRO CA 317 151.99 -22.17 -39.52
CA PRO CA 317 151.52 -22.27 -40.92
C PRO CA 317 151.13 -20.91 -41.50
N ALA CA 318 150.62 -20.02 -40.66
CA ALA CA 318 150.11 -18.73 -41.15
C ALA CA 318 151.21 -17.86 -41.75
N THR CA 319 152.46 -18.17 -41.42
CA THR CA 319 153.57 -17.39 -41.94
C THR CA 319 154.20 -18.13 -43.10
N THR CA 320 153.57 -19.22 -43.50
CA THR CA 320 154.09 -20.05 -44.58
C THR CA 320 153.41 -19.72 -45.90
N PHE CA 321 152.14 -19.33 -45.83
CA PHE CA 321 151.38 -19.01 -47.03
C PHE CA 321 152.07 -17.93 -47.85
N ALA CA 322 152.60 -16.92 -47.16
CA ALA CA 322 153.18 -15.79 -47.84
C ALA CA 322 154.43 -16.16 -48.64
N HIS CA 323 154.99 -17.32 -48.34
CA HIS CA 323 156.19 -17.79 -49.03
C HIS CA 323 155.88 -18.87 -50.06
N LEU CA 324 154.70 -18.82 -50.66
CA LEU CA 324 154.28 -19.85 -51.60
C LEU CA 324 153.56 -19.26 -52.81
N ASP CA 325 153.84 -19.79 -53.99
CA ASP CA 325 153.17 -19.34 -55.21
C ASP CA 325 151.93 -20.19 -55.45
N ALA CA 326 151.84 -21.31 -54.73
CA ALA CA 326 150.69 -22.18 -54.82
C ALA CA 326 150.42 -22.85 -53.47
N THR CA 327 149.16 -22.83 -53.05
CA THR CA 327 148.78 -23.39 -51.76
C THR CA 327 147.63 -24.37 -51.89
N THR CA 328 147.87 -25.60 -51.45
CA THR CA 328 146.88 -26.66 -51.52
C THR CA 328 146.59 -27.19 -50.13
N VAL CA 329 145.51 -26.72 -49.52
CA VAL CA 329 145.19 -27.07 -48.14
C VAL CA 329 144.26 -28.27 -48.05
N LEU CA 330 144.57 -29.20 -47.16
CA LEU CA 330 143.73 -30.37 -46.95
C LEU CA 330 143.00 -30.26 -45.62
N SER CA 331 141.68 -30.33 -45.67
CA SER CA 331 140.87 -30.28 -44.46
C SER CA 331 140.43 -31.68 -44.06
N ARG CA 332 140.69 -32.06 -42.81
CA ARG CA 332 140.31 -33.37 -42.34
C ARG CA 332 138.79 -33.57 -42.40
N GLY CA 333 138.07 -32.46 -42.53
CA GLY CA 333 136.62 -32.51 -42.63
C GLY CA 333 136.17 -33.04 -43.98
N ILE CA 334 137.10 -33.04 -44.93
CA ILE CA 334 136.85 -33.53 -46.28
C ILE CA 334 137.33 -34.98 -46.46
N SER CA 335 138.42 -35.32 -45.79
CA SER CA 335 138.98 -36.67 -45.86
C SER CA 335 138.07 -37.67 -45.16
N GLU CA 336 137.45 -37.22 -44.07
CA GLU CA 336 136.53 -38.05 -43.31
C GLU CA 336 135.28 -38.38 -44.13
N LEU CA 337 134.96 -37.51 -45.10
CA LEU CA 337 133.83 -37.77 -45.99
C LEU CA 337 134.16 -38.93 -46.93
N GLY CA 338 135.43 -39.29 -46.97
CA GLY CA 338 135.90 -40.33 -47.87
C GLY CA 338 136.45 -39.74 -49.15
N ILE CA 339 136.31 -38.42 -49.31
CA ILE CA 339 136.82 -37.73 -50.49
C ILE CA 339 138.33 -37.56 -50.42
N TYR CA 340 139.03 -38.08 -51.43
CA TYR CA 340 140.49 -37.95 -51.53
C TYR CA 340 140.95 -37.64 -52.95
N PRO CA 341 141.99 -36.80 -53.07
CA PRO CA 341 142.64 -36.14 -51.92
C PRO CA 341 141.65 -35.17 -51.29
N ALA CA 342 141.78 -34.93 -50.00
CA ALA CA 342 140.85 -34.04 -49.31
C ALA CA 342 141.14 -32.57 -49.58
N VAL CA 343 141.37 -32.22 -50.84
CA VAL CA 343 141.65 -30.84 -51.21
C VAL CA 343 140.43 -29.97 -51.01
N ASP CA 344 140.62 -28.80 -50.41
CA ASP CA 344 139.53 -27.86 -50.24
C ASP CA 344 139.58 -26.79 -51.32
N PRO CA 345 138.73 -26.95 -52.34
CA PRO CA 345 138.68 -26.07 -53.51
C PRO CA 345 138.57 -24.60 -53.13
N LEU CA 346 137.87 -24.31 -52.04
CA LEU CA 346 137.64 -22.93 -51.60
C LEU CA 346 138.91 -22.27 -51.14
N ASP CA 347 139.55 -22.90 -50.15
CA ASP CA 347 140.74 -22.34 -49.52
C ASP CA 347 141.94 -22.37 -50.46
N SER CA 348 141.99 -23.36 -51.34
CA SER CA 348 143.09 -23.54 -52.27
C SER CA 348 143.26 -22.36 -53.23
N LYS CA 349 144.47 -21.85 -53.31
CA LYS CA 349 144.76 -20.70 -54.15
C LYS CA 349 146.05 -20.96 -54.95
N SER CA 350 146.19 -20.23 -56.05
CA SER CA 350 147.42 -20.25 -56.83
C SER CA 350 147.60 -18.91 -57.53
N ARG CA 351 148.76 -18.72 -58.14
CA ARG CA 351 149.06 -17.48 -58.81
C ARG CA 351 148.83 -17.65 -60.32
N LEU CA 352 148.65 -18.91 -60.73
CA LEU CA 352 148.46 -19.25 -62.13
C LEU CA 352 146.99 -19.28 -62.53
N LEU CA 353 146.11 -19.14 -61.54
CA LEU CA 353 144.69 -19.13 -61.80
C LEU CA 353 144.32 -17.81 -62.47
N ASP CA 354 144.78 -17.63 -63.70
CA ASP CA 354 144.48 -16.41 -64.45
C ASP CA 354 144.22 -16.73 -65.91
N ALA CA 355 143.21 -16.08 -66.48
CA ALA CA 355 142.81 -16.33 -67.84
C ALA CA 355 143.91 -16.01 -68.85
N ALA CA 356 144.84 -15.15 -68.47
CA ALA CA 356 145.94 -14.79 -69.36
C ALA CA 356 147.02 -15.86 -69.36
N VAL CA 357 146.71 -16.99 -68.74
CA VAL CA 357 147.66 -18.11 -68.67
C VAL CA 357 147.02 -19.47 -68.92
N VAL CA 358 145.97 -19.78 -68.17
CA VAL CA 358 145.28 -21.07 -68.32
C VAL CA 358 144.18 -21.00 -69.36
N GLY CA 359 143.98 -19.81 -69.93
CA GLY CA 359 142.94 -19.62 -70.93
C GLY CA 359 141.65 -19.08 -70.35
N GLN CA 360 140.90 -18.37 -71.19
CA GLN CA 360 139.64 -17.76 -70.79
C GLN CA 360 138.61 -18.79 -70.34
N GLU CA 361 138.39 -19.82 -71.16
CA GLU CA 361 137.45 -20.89 -70.84
C GLU CA 361 137.80 -21.58 -69.53
N HIS CA 362 139.08 -21.89 -69.34
CA HIS CA 362 139.56 -22.59 -68.14
C HIS CA 362 139.25 -21.74 -66.91
N TYR CA 363 139.42 -20.43 -67.05
CA TYR CA 363 139.11 -19.51 -65.96
C TYR CA 363 137.63 -19.55 -65.59
N ASP CA 364 136.77 -19.52 -66.61
CA ASP CA 364 135.33 -19.49 -66.41
C ASP CA 364 134.79 -20.78 -65.81
N VAL CA 365 135.26 -21.92 -66.32
CA VAL CA 365 134.84 -23.22 -65.83
C VAL CA 365 135.21 -23.37 -64.37
N ALA CA 366 136.44 -23.03 -64.03
CA ALA CA 366 136.90 -23.10 -62.65
C ALA CA 366 136.02 -22.27 -61.74
N SER CA 367 135.83 -21.00 -62.11
CA SER CA 367 135.01 -20.09 -61.30
C SER CA 367 133.62 -20.66 -61.04
N LYS CA 368 133.00 -21.19 -62.10
CA LYS CA 368 131.67 -21.77 -61.96
C LYS CA 368 131.69 -22.91 -60.95
N VAL CA 369 132.76 -23.69 -60.94
CA VAL CA 369 132.86 -24.78 -59.99
C VAL CA 369 132.90 -24.27 -58.56
N GLN CA 370 133.64 -23.19 -58.35
CA GLN CA 370 133.76 -22.59 -57.02
C GLN CA 370 132.40 -22.08 -56.55
N GLU CA 371 131.80 -21.19 -57.33
CA GLU CA 371 130.49 -20.64 -56.98
C GLU CA 371 129.51 -21.73 -56.60
N THR CA 372 129.49 -22.79 -57.40
CA THR CA 372 128.56 -23.89 -57.12
C THR CA 372 128.89 -24.53 -55.78
N LEU CA 373 130.17 -24.77 -55.53
CA LEU CA 373 130.56 -25.40 -54.28
C LEU CA 373 130.28 -24.46 -53.12
N GLN CA 374 130.47 -23.17 -53.36
CA GLN CA 374 130.27 -22.17 -52.32
C GLN CA 374 128.81 -22.10 -51.91
N THR CA 375 127.91 -22.15 -52.89
CA THR CA 375 126.49 -22.03 -52.61
C THR CA 375 125.99 -23.21 -51.79
N TYR CA 376 126.68 -24.34 -51.91
CA TYR CA 376 126.34 -25.55 -51.17
C TYR CA 376 126.74 -25.39 -49.72
N LYS CA 377 127.86 -24.69 -49.52
CA LYS CA 377 128.41 -24.48 -48.18
C LYS CA 377 127.57 -23.47 -47.42
N SER CA 378 127.14 -22.41 -48.11
CA SER CA 378 126.36 -21.36 -47.49
C SER CA 378 124.98 -21.82 -47.04
N LEU CA 379 124.53 -22.96 -47.54
CA LEU CA 379 123.22 -23.48 -47.16
C LEU CA 379 123.35 -24.71 -46.26
N GLN CA 380 124.58 -25.04 -45.91
CA GLN CA 380 124.85 -26.23 -45.13
C GLN CA 380 124.13 -26.19 -43.79
N ASP CA 381 124.05 -24.99 -43.21
CA ASP CA 381 123.39 -24.80 -41.93
C ASP CA 381 121.93 -25.17 -42.07
N ILE CA 382 121.34 -24.74 -43.17
CA ILE CA 382 119.94 -24.99 -43.40
C ILE CA 382 119.68 -26.47 -43.57
N ILE CA 383 120.57 -27.16 -44.28
CA ILE CA 383 120.40 -28.57 -44.59
C ILE CA 383 120.30 -29.46 -43.35
N ALA CA 384 121.14 -29.20 -42.36
CA ALA CA 384 121.16 -30.01 -41.15
C ALA CA 384 119.93 -29.76 -40.30
N ILE CA 385 119.43 -28.52 -40.35
CA ILE CA 385 118.26 -28.15 -39.57
C ILE CA 385 116.95 -28.59 -40.24
N LEU CA 386 116.68 -28.04 -41.42
CA LEU CA 386 115.43 -28.32 -42.13
C LEU CA 386 115.57 -29.50 -43.10
N GLY CA 387 116.40 -29.33 -44.11
CA GLY CA 387 116.61 -30.36 -45.12
C GLY CA 387 116.54 -29.76 -46.50
N MET CA 388 116.50 -30.60 -47.52
CA MET CA 388 116.42 -30.10 -48.88
C MET CA 388 114.98 -29.82 -49.28
N ASP CA 389 114.04 -30.33 -48.49
CA ASP CA 389 112.62 -30.14 -48.77
C ASP CA 389 112.27 -28.67 -48.69
N GLU CA 390 113.02 -27.94 -47.87
CA GLU CA 390 112.77 -26.52 -47.65
C GLU CA 390 113.55 -25.66 -48.64
N LEU CA 391 114.50 -26.28 -49.33
CA LEU CA 391 115.30 -25.59 -50.33
C LEU CA 391 114.47 -25.27 -51.55
N SER CA 392 114.75 -24.13 -52.16
CA SER CA 392 114.02 -23.74 -53.36
C SER CA 392 114.41 -24.62 -54.54
N GLU CA 393 113.62 -24.53 -55.60
CA GLU CA 393 113.83 -25.36 -56.79
C GLU CA 393 115.22 -25.09 -57.36
N GLN CA 394 115.57 -23.82 -57.47
CA GLN CA 394 116.86 -23.44 -58.01
C GLN CA 394 118.00 -23.88 -57.09
N ASP CA 395 117.81 -23.70 -55.79
CA ASP CA 395 118.84 -24.07 -54.80
C ASP CA 395 119.02 -25.58 -54.72
N LYS CA 396 117.93 -26.32 -54.80
CA LYS CA 396 117.98 -27.77 -54.66
C LYS CA 396 118.72 -28.42 -55.83
N LEU CA 397 118.62 -27.80 -57.01
CA LEU CA 397 119.31 -28.28 -58.20
C LEU CA 397 120.83 -28.04 -58.13
N THR CA 398 121.21 -26.91 -57.51
CA THR CA 398 122.62 -26.55 -57.37
C THR CA 398 123.34 -27.44 -56.37
N VAL CA 399 122.66 -27.80 -55.28
CA VAL CA 399 123.18 -28.74 -54.30
C VAL CA 399 123.60 -30.04 -54.96
N GLU CA 400 122.63 -30.74 -55.56
CA GLU CA 400 122.90 -32.03 -56.21
C GLU CA 400 124.07 -31.90 -57.16
N ARG CA 401 124.01 -30.90 -58.03
CA ARG CA 401 125.06 -30.63 -58.99
C ARG CA 401 126.38 -30.43 -58.26
N ALA CA 402 126.33 -29.60 -57.21
CA ALA CA 402 127.51 -29.34 -56.39
C ALA CA 402 128.06 -30.65 -55.83
N ARG CA 403 127.21 -31.40 -55.13
CA ARG CA 403 127.61 -32.68 -54.58
C ARG CA 403 128.23 -33.60 -55.62
N LYS CA 404 127.74 -33.49 -56.86
CA LYS CA 404 128.31 -34.26 -57.97
C LYS CA 404 129.72 -33.78 -58.28
N ILE CA 405 129.93 -32.47 -58.28
CA ILE CA 405 131.24 -31.89 -58.57
C ILE CA 405 132.26 -32.25 -57.50
N GLN CA 406 131.85 -32.19 -56.25
CA GLN CA 406 132.72 -32.54 -55.13
C GLN CA 406 133.22 -33.98 -55.23
N ARG CA 407 132.29 -34.91 -55.40
CA ARG CA 407 132.66 -36.32 -55.48
C ARG CA 407 133.59 -36.55 -56.66
N PHE CA 408 133.35 -35.79 -57.74
CA PHE CA 408 134.12 -35.93 -58.96
C PHE CA 408 135.57 -35.50 -58.74
N LEU CA 409 135.78 -34.61 -57.77
CA LEU CA 409 137.11 -34.10 -57.46
C LEU CA 409 138.06 -35.20 -57.01
N SER CA 410 137.50 -36.21 -56.33
CA SER CA 410 138.30 -37.33 -55.87
C SER CA 410 138.99 -37.99 -57.06
N GLN CA 411 140.13 -38.64 -56.79
CA GLN CA 411 140.92 -39.27 -57.84
C GLN CA 411 141.73 -40.42 -57.25
N PRO CA 412 141.61 -41.62 -57.85
CA PRO CA 412 142.39 -42.76 -57.36
C PRO CA 412 143.89 -42.52 -57.54
N PHE CA 413 144.66 -42.75 -56.49
CA PHE CA 413 146.10 -42.53 -56.52
C PHE CA 413 146.84 -43.86 -56.63
N ALA CA 414 147.75 -43.94 -57.60
CA ALA CA 414 148.50 -45.17 -57.83
C ALA CA 414 149.31 -45.53 -56.57
N VAL CA 415 149.80 -44.51 -55.88
CA VAL CA 415 150.58 -44.74 -54.68
C VAL CA 415 149.69 -45.20 -53.54
N ALA CA 416 148.44 -44.76 -53.55
CA ALA CA 416 147.50 -45.11 -52.49
C ALA CA 416 146.55 -46.22 -52.92
N GLU CA 417 146.99 -47.05 -53.86
CA GLU CA 417 146.17 -48.14 -54.36
C GLU CA 417 145.98 -49.18 -53.27
N VAL CA 418 146.95 -49.27 -52.37
CA VAL CA 418 146.90 -50.22 -51.27
C VAL CA 418 145.92 -49.79 -50.20
N PHE CA 419 145.31 -48.62 -50.41
CA PHE CA 419 144.31 -48.10 -49.49
C PHE CA 419 142.92 -48.13 -50.11
N THR CA 420 142.84 -47.76 -51.39
CA THR CA 420 141.57 -47.65 -52.09
C THR CA 420 141.24 -48.94 -52.83
N GLY CA 421 142.27 -49.73 -53.12
CA GLY CA 421 142.10 -50.99 -53.82
C GLY CA 421 141.73 -50.75 -55.27
N ILE CA 422 141.85 -49.51 -55.70
CA ILE CA 422 141.52 -49.13 -57.06
C ILE CA 422 142.77 -48.59 -57.76
N PRO CA 423 143.06 -49.13 -58.96
CA PRO CA 423 144.23 -48.73 -59.75
C PRO CA 423 144.28 -47.22 -59.97
N GLY CA 424 145.49 -46.67 -59.94
CA GLY CA 424 145.68 -45.24 -60.11
C GLY CA 424 145.00 -44.70 -61.36
N LYS CA 425 144.67 -43.41 -61.33
CA LYS CA 425 144.05 -42.77 -62.47
C LYS CA 425 144.71 -41.44 -62.75
N LEU CA 426 145.42 -41.35 -63.87
CA LEU CA 426 146.08 -40.11 -64.26
C LEU CA 426 145.24 -39.38 -65.31
N VAL CA 427 144.79 -38.17 -64.98
CA VAL CA 427 143.95 -37.38 -65.87
C VAL CA 427 144.67 -36.13 -66.37
N ARG CA 428 144.55 -35.88 -67.67
CA ARG CA 428 145.19 -34.72 -68.28
C ARG CA 428 144.39 -33.45 -68.01
N LEU CA 429 145.08 -32.32 -67.99
CA LEU CA 429 144.44 -31.03 -67.77
C LEU CA 429 143.38 -30.75 -68.84
N LYS CA 430 143.72 -31.02 -70.11
CA LYS CA 430 142.80 -30.77 -71.21
C LYS CA 430 141.43 -31.42 -71.01
N ASP CA 431 141.42 -32.69 -70.61
CA ASP CA 431 140.19 -33.47 -70.44
C ASP CA 431 139.42 -33.05 -69.18
N THR CA 432 140.16 -32.68 -68.14
CA THR CA 432 139.55 -32.27 -66.87
C THR CA 432 138.64 -31.07 -67.03
N VAL CA 433 139.16 -30.03 -67.68
CA VAL CA 433 138.38 -28.84 -67.96
C VAL CA 433 137.08 -29.17 -68.70
N ALA CA 434 137.21 -29.84 -69.84
CA ALA CA 434 136.03 -30.20 -70.63
C ALA CA 434 135.07 -31.00 -69.76
N SER CA 435 135.61 -31.84 -68.90
CA SER CA 435 134.80 -32.71 -68.05
C SER CA 435 133.85 -31.91 -67.17
N PHE CA 436 134.40 -31.04 -66.32
CA PHE CA 436 133.58 -30.25 -65.41
C PHE CA 436 132.64 -29.34 -66.19
N LYS CA 437 133.17 -28.73 -67.25
CA LYS CA 437 132.38 -27.85 -68.10
C LYS CA 437 131.13 -28.57 -68.59
N ALA CA 438 131.28 -29.85 -68.91
CA ALA CA 438 130.17 -30.66 -69.37
C ALA CA 438 129.17 -30.93 -68.25
N VAL CA 439 129.68 -30.99 -67.03
CA VAL CA 439 128.83 -31.23 -65.86
C VAL CA 439 128.06 -29.96 -65.51
N LEU CA 440 128.70 -28.82 -65.72
CA LEU CA 440 128.07 -27.53 -65.46
C LEU CA 440 126.91 -27.31 -66.42
N GLU CA 441 127.09 -27.68 -67.68
CA GLU CA 441 126.08 -27.49 -68.71
C GLU CA 441 124.82 -28.32 -68.41
N GLY CA 442 124.96 -29.24 -67.46
CA GLY CA 442 123.84 -30.08 -67.05
C GLY CA 442 123.62 -31.24 -68.00
N LYS CA 443 124.71 -31.84 -68.46
CA LYS CA 443 124.62 -32.94 -69.42
C LYS CA 443 124.78 -34.28 -68.72
N TYR CA 444 124.85 -34.26 -67.39
CA TYR CA 444 124.99 -35.50 -66.64
C TYR CA 444 124.19 -35.49 -65.36
N ASP CA 445 123.09 -34.73 -65.35
CA ASP CA 445 122.26 -34.63 -64.16
C ASP CA 445 121.43 -35.90 -63.96
N ASN CA 446 121.41 -36.77 -64.97
CA ASN CA 446 120.72 -38.06 -64.86
C ASN CA 446 121.55 -39.10 -64.13
N ILE CA 447 122.86 -39.05 -64.34
CA ILE CA 447 123.77 -40.01 -63.71
C ILE CA 447 123.79 -39.82 -62.20
N PRO CA 448 123.73 -40.93 -61.45
CA PRO CA 448 123.76 -40.93 -59.98
C PRO CA 448 125.09 -40.40 -59.44
N GLU CA 449 125.05 -39.83 -58.24
CA GLU CA 449 126.24 -39.24 -57.64
C GLU CA 449 127.33 -40.28 -57.41
N HIS CA 450 126.94 -41.48 -57.00
CA HIS CA 450 127.93 -42.50 -56.70
C HIS CA 450 128.90 -42.69 -57.86
N ALA CA 451 128.42 -42.47 -59.08
CA ALA CA 451 129.24 -42.68 -60.27
C ALA CA 451 130.35 -41.65 -60.44
N PHE CA 452 130.33 -40.62 -59.58
CA PHE CA 452 131.35 -39.58 -59.61
C PHE CA 452 132.42 -39.81 -58.55
N TYR CA 453 132.15 -40.75 -57.65
CA TYR CA 453 133.05 -41.00 -56.52
C TYR CA 453 134.25 -41.85 -56.94
N MET CA 454 135.45 -41.36 -56.63
CA MET CA 454 136.69 -42.04 -56.97
C MET CA 454 136.70 -42.48 -58.44
N VAL CA 455 136.49 -41.51 -59.32
CA VAL CA 455 136.50 -41.76 -60.75
C VAL CA 455 137.60 -40.97 -61.41
N GLY CA 456 138.26 -41.58 -62.40
CA GLY CA 456 139.31 -40.90 -63.12
C GLY CA 456 138.77 -40.04 -64.25
N GLY CA 457 138.80 -40.59 -65.45
CA GLY CA 457 138.35 -39.88 -66.64
C GLY CA 457 136.84 -39.77 -66.75
N ILE CA 458 136.36 -38.70 -67.37
CA ILE CA 458 134.94 -38.42 -67.48
C ILE CA 458 134.19 -39.56 -68.20
N GLU CA 459 134.91 -40.24 -69.09
CA GLU CA 459 134.36 -41.40 -69.77
C GLU CA 459 134.05 -42.50 -68.77
N ASP CA 460 134.92 -42.62 -67.76
CA ASP CA 460 134.81 -43.65 -66.72
C ASP CA 460 133.57 -43.44 -65.86
N VAL CA 461 133.07 -42.20 -65.85
CA VAL CA 461 131.85 -41.90 -65.12
C VAL CA 461 130.67 -42.62 -65.76
N VAL CA 462 130.47 -42.40 -67.05
CA VAL CA 462 129.37 -43.03 -67.78
C VAL CA 462 129.53 -44.55 -67.78
N ALA CA 463 130.78 -45.00 -67.85
CA ALA CA 463 131.07 -46.43 -67.80
C ALA CA 463 130.63 -47.01 -66.46
N LYS CA 464 131.04 -46.36 -65.38
CA LYS CA 464 130.70 -46.80 -64.02
C LYS CA 464 129.20 -46.68 -63.74
N ALA CA 465 128.54 -45.72 -64.39
CA ALA CA 465 127.10 -45.55 -64.21
C ALA CA 465 126.34 -46.74 -64.77
N GLU CA 466 126.84 -47.27 -65.88
CA GLU CA 466 126.22 -48.41 -66.56
C GLU CA 466 126.41 -49.70 -65.77
N LYS CA 467 127.56 -49.82 -65.12
CA LYS CA 467 127.86 -51.00 -64.32
C LYS CA 467 126.94 -51.11 -63.11
N LEU CA 468 126.46 -49.97 -62.64
CA LEU CA 468 125.57 -49.91 -61.48
C LEU CA 468 124.13 -50.32 -61.81
N ALA CA 469 123.81 -50.34 -63.10
CA ALA CA 469 122.48 -50.76 -63.55
C ALA CA 469 122.32 -52.27 -63.42
N ALA CA 470 123.38 -53.00 -63.74
CA ALA CA 470 123.35 -54.47 -63.63
C ALA CA 470 123.38 -54.93 -62.17
N GLU CA 471 123.96 -54.13 -61.28
CA GLU CA 471 124.07 -54.48 -59.86
C GLU CA 471 122.78 -54.24 -59.09
N ALA CA 472 121.88 -53.45 -59.66
CA ALA CA 472 120.60 -53.14 -59.02
C ALA CA 472 119.66 -54.35 -59.07
N ASN CA 473 119.18 -54.78 -57.91
CA ASN CA 473 118.28 -55.93 -57.81
C ASN CA 473 117.02 -55.60 -57.00
N ALA DA 1 136.61 -18.01 -34.31
CA ALA DA 1 135.69 -18.58 -33.35
C ALA DA 1 136.05 -18.16 -31.92
N THR DA 2 135.53 -17.01 -31.51
CA THR DA 2 135.75 -16.48 -30.16
C THR DA 2 134.64 -16.90 -29.21
N LEU DA 3 134.91 -16.85 -27.91
CA LEU DA 3 133.92 -17.24 -26.90
C LEU DA 3 132.60 -16.50 -27.10
N LYS DA 4 132.68 -15.27 -27.60
CA LYS DA 4 131.48 -14.45 -27.79
C LYS DA 4 130.68 -14.89 -29.01
N GLU DA 5 131.38 -15.23 -30.09
CA GLU DA 5 130.72 -15.69 -31.31
C GLU DA 5 130.03 -17.03 -31.12
N VAL DA 6 130.62 -17.88 -30.29
CA VAL DA 6 130.04 -19.19 -29.99
C VAL DA 6 128.90 -19.06 -28.98
N GLU DA 7 129.01 -18.11 -28.06
CA GLU DA 7 127.98 -17.88 -27.05
C GLU DA 7 126.74 -17.24 -27.65
N MET DA 8 126.93 -16.39 -28.65
CA MET DA 8 125.83 -15.70 -29.31
C MET DA 8 125.15 -16.62 -30.30
N ARG DA 9 125.95 -17.40 -31.02
CA ARG DA 9 125.41 -18.33 -32.00
C ARG DA 9 124.73 -19.50 -31.30
N LEU DA 10 125.36 -20.03 -30.24
CA LEU DA 10 124.77 -21.14 -29.52
C LEU DA 10 123.43 -20.73 -28.92
N LYS DA 11 123.29 -19.44 -28.63
CA LYS DA 11 122.06 -18.97 -28.02
C LYS DA 11 120.92 -18.85 -29.02
N SER DA 12 121.24 -18.56 -30.28
CA SER DA 12 120.22 -18.36 -31.31
C SER DA 12 119.69 -19.68 -31.87
N ILE DA 13 120.49 -20.73 -31.77
CA ILE DA 13 120.04 -22.07 -32.14
C ILE DA 13 119.04 -22.56 -31.12
N LYS DA 14 119.28 -22.24 -29.85
CA LYS DA 14 118.39 -22.65 -28.77
C LYS DA 14 117.02 -22.03 -28.92
N ASN DA 15 116.98 -20.79 -29.41
CA ASN DA 15 115.72 -20.10 -29.67
C ASN DA 15 114.95 -20.80 -30.77
N ILE DA 16 115.68 -21.22 -31.81
CA ILE DA 16 115.07 -21.92 -32.93
C ILE DA 16 114.42 -23.22 -32.46
N GLU DA 17 115.11 -23.95 -31.58
CA GLU DA 17 114.59 -25.20 -31.04
C GLU DA 17 113.27 -24.98 -30.31
N LYS DA 18 113.19 -23.89 -29.56
CA LYS DA 18 111.98 -23.56 -28.83
C LYS DA 18 110.84 -23.19 -29.79
N ILE DA 19 111.21 -22.57 -30.91
CA ILE DA 19 110.21 -22.17 -31.91
C ILE DA 19 109.67 -23.37 -32.68
N THR DA 20 110.55 -24.30 -33.02
CA THR DA 20 110.15 -25.52 -33.72
C THR DA 20 109.46 -26.51 -32.78
N LYS DA 21 110.04 -26.72 -31.61
CA LYS DA 21 109.49 -27.68 -30.66
C LYS DA 21 108.06 -27.32 -30.27
N THR DA 22 107.76 -26.03 -30.26
CA THR DA 22 106.40 -25.59 -29.94
C THR DA 22 105.51 -25.65 -31.17
N MET DA 23 106.12 -25.47 -32.34
CA MET DA 23 105.40 -25.55 -33.61
C MET DA 23 104.75 -26.93 -33.79
N LYS DA 24 105.46 -27.97 -33.35
CA LYS DA 24 104.96 -29.35 -33.40
C LYS DA 24 103.68 -29.55 -32.58
N ILE DA 25 103.74 -29.23 -31.28
CA ILE DA 25 102.57 -29.38 -30.42
C ILE DA 25 101.38 -28.59 -30.95
N VAL DA 26 101.63 -27.35 -31.37
CA VAL DA 26 100.58 -26.54 -31.97
C VAL DA 26 100.01 -27.22 -33.20
N ALA DA 27 100.86 -27.95 -33.91
CA ALA DA 27 100.44 -28.69 -35.10
C ALA DA 27 99.50 -29.83 -34.73
N SER DA 28 99.75 -30.47 -33.60
CA SER DA 28 98.90 -31.57 -33.16
C SER DA 28 97.46 -31.11 -32.91
N THR DA 29 97.29 -29.84 -32.56
CA THR DA 29 95.97 -29.27 -32.32
C THR DA 29 95.22 -29.03 -33.64
N ARG DA 30 95.89 -28.40 -34.60
CA ARG DA 30 95.30 -28.16 -35.92
C ARG DA 30 95.03 -29.47 -36.65
N LEU DA 31 95.72 -30.53 -36.22
CA LEU DA 31 95.54 -31.85 -36.82
C LEU DA 31 94.18 -32.44 -36.47
N SER DA 32 93.85 -32.48 -35.19
CA SER DA 32 92.55 -32.97 -34.75
C SER DA 32 91.44 -32.04 -35.21
N LYS DA 33 91.74 -30.75 -35.28
CA LYS DA 33 90.77 -29.74 -35.74
C LYS DA 33 90.44 -29.88 -37.22
N ALA DA 34 91.32 -30.54 -37.97
CA ALA DA 34 91.10 -30.76 -39.39
C ALA DA 34 90.51 -32.15 -39.65
N GLU DA 35 90.42 -32.96 -38.59
CA GLU DA 35 89.79 -34.28 -38.68
C GLU DA 35 88.27 -34.16 -38.75
N LYS DA 36 87.72 -33.20 -38.02
CA LYS DA 36 86.28 -32.94 -38.05
C LYS DA 36 85.85 -32.40 -39.40
N ALA DA 37 86.76 -31.66 -40.06
CA ALA DA 37 86.49 -31.13 -41.38
C ALA DA 37 86.87 -32.13 -42.47
N LYS DA 38 87.55 -33.19 -42.07
CA LYS DA 38 87.95 -34.25 -42.99
C LYS DA 38 86.93 -35.38 -43.03
N ILE DA 39 86.46 -35.79 -41.86
CA ILE DA 39 85.46 -36.85 -41.77
C ILE DA 39 84.09 -36.36 -42.27
N SER DA 40 83.73 -35.12 -41.94
CA SER DA 40 82.46 -34.56 -42.37
C SER DA 40 82.42 -34.29 -43.88
N ALA DA 41 83.59 -34.24 -44.51
CA ALA DA 41 83.68 -34.04 -45.95
C ALA DA 41 83.75 -35.35 -46.72
N LYS DA 42 84.24 -36.40 -46.07
CA LYS DA 42 84.29 -37.73 -46.68
C LYS DA 42 82.93 -38.41 -46.62
N LYS DA 43 82.31 -38.39 -45.43
CA LYS DA 43 80.99 -39.00 -45.27
C LYS DA 43 79.99 -38.36 -46.22
N MET DA 44 80.04 -37.03 -46.32
CA MET DA 44 79.18 -36.31 -47.26
C MET DA 44 79.55 -36.66 -48.71
N ASP DA 45 80.84 -36.80 -48.97
CA ASP DA 45 81.32 -37.17 -50.29
C ASP DA 45 80.75 -38.51 -50.74
N GLU DA 46 80.73 -39.47 -49.82
CA GLU DA 46 80.21 -40.80 -50.11
C GLU DA 46 78.72 -40.76 -50.44
N ALA DA 47 78.03 -39.76 -49.92
CA ALA DA 47 76.60 -39.60 -50.20
C ALA DA 47 76.37 -39.28 -51.68
N GLU DA 48 77.15 -38.36 -52.23
CA GLU DA 48 77.00 -37.95 -53.62
C GLU DA 48 77.64 -38.95 -54.58
N GLN DA 49 78.73 -39.58 -54.14
CA GLN DA 49 79.45 -40.53 -54.98
C GLN DA 49 78.71 -41.86 -55.10
N LEU DA 50 77.88 -42.16 -54.10
CA LEU DA 50 77.09 -43.41 -54.12
C LEU DA 50 76.24 -43.48 -55.38
N PHE DA 51 75.80 -42.33 -55.84
CA PHE DA 51 74.97 -42.24 -57.05
C PHE DA 51 75.74 -42.70 -58.29
N TYR DA 52 76.98 -42.25 -58.42
CA TYR DA 52 77.82 -42.59 -59.56
C TYR DA 52 78.22 -44.07 -59.56
N LYS DA 53 78.11 -44.70 -58.40
CA LYS DA 53 78.46 -46.12 -58.27
C LYS DA 53 77.40 -46.98 -58.92
N ASN DA 54 76.18 -46.91 -58.40
CA ASN DA 54 75.07 -47.69 -58.93
C ASN DA 54 74.74 -47.30 -60.36
N ALA DA 55 75.16 -46.10 -60.75
CA ALA DA 55 74.90 -45.61 -62.10
C ALA DA 55 76.21 -45.31 -62.81
N GLU DA 56 76.68 -46.23 -63.63
CA GLU DA 56 77.91 -46.01 -64.38
C GLU DA 56 77.89 -44.63 -65.02
N THR DA 57 78.94 -43.85 -64.78
CA THR DA 57 79.04 -42.51 -65.36
C THR DA 57 80.46 -42.23 -65.81
N LYS DA 58 81.10 -43.24 -66.40
CA LYS DA 58 82.47 -43.10 -66.85
C LYS DA 58 82.57 -42.19 -68.07
N ASN DA 59 83.79 -41.75 -68.37
CA ASN DA 59 84.06 -40.91 -69.53
C ASN DA 59 84.57 -41.74 -70.70
N LEU DA 60 83.97 -41.55 -71.87
CA LEU DA 60 84.35 -42.31 -73.07
C LEU DA 60 85.02 -41.42 -74.13
N ASP DA 61 86.11 -41.90 -74.71
CA ASP DA 61 86.82 -41.19 -75.78
C ASP DA 61 87.32 -39.83 -75.33
N LYS DA 71 92.14 -30.26 -75.20
CA LYS DA 71 91.68 -29.34 -74.17
C LYS DA 71 91.28 -30.08 -72.89
N GLU DA 72 91.92 -29.74 -71.78
CA GLU DA 72 91.64 -30.36 -70.49
C GLU DA 72 91.94 -29.41 -69.33
N LEU DA 73 91.10 -29.44 -68.31
CA LEU DA 73 91.28 -28.58 -67.14
C LEU DA 73 91.92 -29.34 -65.98
N ILE DA 74 92.99 -28.78 -65.43
CA ILE DA 74 93.72 -29.41 -64.33
C ILE DA 74 93.83 -28.49 -63.10
N VAL DA 75 93.40 -28.99 -61.95
CA VAL DA 75 93.42 -28.22 -60.71
C VAL DA 75 94.26 -28.92 -59.65
N ALA DA 76 95.16 -28.16 -59.03
CA ALA DA 76 96.04 -28.70 -58.00
C ALA DA 76 95.77 -28.03 -56.64
N ILE DA 77 95.37 -28.82 -55.66
CA ILE DA 77 95.07 -28.31 -54.33
C ILE DA 77 96.33 -28.26 -53.47
N THR DA 78 96.75 -27.04 -53.12
CA THR DA 78 97.92 -26.87 -52.27
C THR DA 78 97.70 -25.71 -51.31
N SER DA 79 98.69 -25.46 -50.47
CA SER DA 79 98.63 -24.31 -49.58
C SER DA 79 99.56 -23.22 -50.06
N ASP DA 80 99.79 -22.22 -49.21
CA ASP DA 80 100.67 -21.10 -49.53
C ASP DA 80 101.80 -20.97 -48.51
N LYS DA 81 101.63 -21.62 -47.37
CA LYS DA 81 102.66 -21.64 -46.33
C LYS DA 81 103.74 -22.65 -46.65
N GLY DA 82 104.88 -22.52 -45.98
CA GLY DA 82 105.98 -23.44 -46.17
C GLY DA 82 106.22 -24.25 -44.92
N LEU DA 83 107.43 -24.77 -44.77
CA LEU DA 83 107.80 -25.57 -43.61
C LEU DA 83 106.80 -26.71 -43.42
N CYS DA 84 106.53 -27.44 -44.50
CA CYS DA 84 105.59 -28.55 -44.43
C CYS DA 84 106.20 -29.84 -44.97
N GLY DA 85 107.51 -29.83 -45.17
CA GLY DA 85 108.20 -31.01 -45.68
C GLY DA 85 108.22 -31.06 -47.19
N SER DA 86 107.84 -32.20 -47.75
CA SER DA 86 107.84 -32.40 -49.20
C SER DA 86 106.42 -32.49 -49.75
N ILE DA 87 105.66 -31.41 -49.63
CA ILE DA 87 104.28 -31.39 -50.10
C ILE DA 87 104.15 -30.57 -51.37
N HIS DA 88 104.97 -29.55 -51.51
CA HIS DA 88 104.96 -28.74 -52.71
C HIS DA 88 105.87 -29.31 -53.79
N SER DA 89 106.57 -30.39 -53.45
CA SER DA 89 107.47 -31.05 -54.40
C SER DA 89 106.85 -32.34 -54.94
N GLN DA 90 106.17 -33.06 -54.05
CA GLN DA 90 105.54 -34.32 -54.42
C GLN DA 90 104.38 -34.10 -55.39
N LEU DA 91 103.56 -33.09 -55.10
CA LEU DA 91 102.42 -32.78 -55.94
C LEU DA 91 102.86 -32.15 -57.27
N ALA DA 92 103.87 -31.30 -57.19
CA ALA DA 92 104.42 -30.64 -58.36
C ALA DA 92 105.12 -31.64 -59.27
N LYS DA 93 105.31 -32.86 -58.77
CA LYS DA 93 105.94 -33.92 -59.55
C LYS DA 93 104.89 -34.81 -60.20
N ALA DA 94 103.79 -35.04 -59.51
CA ALA DA 94 102.69 -35.83 -60.04
C ALA DA 94 102.04 -35.13 -61.23
N VAL DA 95 101.68 -33.86 -61.04
CA VAL DA 95 101.10 -33.05 -62.10
C VAL DA 95 102.05 -32.96 -63.28
N ARG DA 96 103.35 -33.04 -63.01
CA ARG DA 96 104.37 -32.92 -64.04
C ARG DA 96 104.33 -34.13 -64.97
N ARG DA 97 104.10 -35.31 -64.40
CA ARG DA 97 104.04 -36.54 -65.18
C ARG DA 97 102.79 -36.58 -66.05
N HIS DA 98 101.65 -36.24 -65.47
CA HIS DA 98 100.38 -36.21 -66.19
C HIS DA 98 100.38 -35.08 -67.22
N LEU DA 99 101.31 -34.14 -67.07
CA LEU DA 99 101.42 -33.03 -68.02
C LEU DA 99 102.18 -33.43 -69.28
N ASN DA 100 103.02 -34.46 -69.16
CA ASN DA 100 103.81 -34.94 -70.30
C ASN DA 100 102.97 -35.67 -71.33
N ASP DA 101 101.82 -36.19 -70.90
CA ASP DA 101 100.92 -36.91 -71.79
C ASP DA 101 99.98 -35.96 -72.54
N GLN DA 102 99.55 -34.89 -71.88
CA GLN DA 102 98.68 -33.89 -72.50
C GLN DA 102 99.14 -32.46 -72.17
N PRO DA 103 100.26 -32.03 -72.77
CA PRO DA 103 100.85 -30.71 -72.48
C PRO DA 103 99.90 -29.56 -72.80
N ASN DA 104 99.09 -29.72 -73.83
CA ASN DA 104 98.10 -28.72 -74.21
C ASN DA 104 97.15 -28.38 -73.06
N ALA DA 105 96.81 -29.39 -72.27
CA ALA DA 105 95.87 -29.22 -71.17
C ALA DA 105 96.29 -28.12 -70.21
N ASP DA 106 95.48 -27.07 -70.13
CA ASP DA 106 95.77 -25.94 -69.25
C ASP DA 106 95.57 -26.30 -67.78
N ILE DA 107 96.27 -25.60 -66.90
CA ILE DA 107 96.24 -25.89 -65.47
C ILE DA 107 95.84 -24.66 -64.65
N VAL DA 108 95.10 -24.90 -63.58
CA VAL DA 108 94.70 -23.82 -62.68
C VAL DA 108 94.94 -24.23 -61.23
N THR DA 109 96.17 -24.01 -60.77
CA THR DA 109 96.57 -24.39 -59.41
C THR DA 109 96.00 -23.44 -58.37
N ILE DA 110 95.69 -23.99 -57.20
CA ILE DA 110 95.19 -23.20 -56.08
C ILE DA 110 96.25 -23.06 -55.00
N GLY DA 111 97.10 -22.04 -55.13
CA GLY DA 111 98.16 -21.80 -54.17
C GLY DA 111 99.36 -21.10 -54.77
N ASP DA 112 99.63 -19.88 -54.31
CA ASP DA 112 100.76 -19.12 -54.81
C ASP DA 112 102.04 -19.94 -54.69
N LYS DA 113 102.08 -20.82 -53.70
CA LYS DA 113 103.27 -21.64 -53.45
C LYS DA 113 103.49 -22.69 -54.54
N ILE DA 114 102.47 -23.51 -54.78
CA ILE DA 114 102.55 -24.52 -55.82
C ILE DA 114 102.67 -23.85 -57.19
N LYS DA 115 102.13 -22.65 -57.30
CA LYS DA 115 102.15 -21.92 -58.57
C LYS DA 115 103.57 -21.82 -59.09
N MET DA 116 104.45 -21.27 -58.25
CA MET DA 116 105.84 -21.07 -58.62
C MET DA 116 106.55 -22.38 -58.97
N GLN DA 117 106.04 -23.49 -58.43
CA GLN DA 117 106.61 -24.80 -58.70
C GLN DA 117 106.45 -25.19 -60.17
N LEU DA 118 105.25 -24.98 -60.68
CA LEU DA 118 104.94 -25.34 -62.06
C LEU DA 118 105.13 -24.14 -62.98
N LEU DA 119 105.15 -22.95 -62.39
CA LEU DA 119 105.30 -21.72 -63.17
C LEU DA 119 106.67 -21.66 -63.82
N ARG DA 120 107.57 -22.54 -63.38
CA ARG DA 120 108.91 -22.59 -63.93
C ARG DA 120 108.97 -23.58 -65.09
N THR DA 121 108.26 -24.70 -64.96
CA THR DA 121 108.25 -25.74 -65.98
C THR DA 121 107.31 -25.40 -67.14
N HIS DA 122 106.10 -24.92 -66.83
CA HIS DA 122 105.11 -24.59 -67.85
C HIS DA 122 104.31 -23.34 -67.46
N PRO DA 123 104.90 -22.15 -67.65
CA PRO DA 123 104.28 -20.87 -67.26
C PRO DA 123 103.13 -20.51 -68.20
N ASN DA 124 102.90 -21.35 -69.20
CA ASN DA 124 101.84 -21.14 -70.16
C ASN DA 124 100.52 -21.69 -69.63
N ASN DA 125 100.53 -22.98 -69.29
CA ASN DA 125 99.34 -23.67 -68.80
C ASN DA 125 98.61 -22.93 -67.69
N ILE DA 126 99.37 -22.25 -66.83
CA ILE DA 126 98.76 -21.50 -65.74
C ILE DA 126 97.99 -20.30 -66.28
N LYS DA 127 96.71 -20.22 -65.93
CA LYS DA 127 95.86 -19.12 -66.37
C LYS DA 127 94.99 -18.62 -65.23
N LEU DA 128 95.20 -19.17 -64.04
CA LEU DA 128 94.47 -18.73 -62.86
C LEU DA 128 95.03 -19.36 -61.59
N SER DA 129 95.16 -18.55 -60.54
CA SER DA 129 95.65 -19.04 -59.25
C SER DA 129 94.89 -18.44 -58.07
N ILE DA 130 94.93 -19.15 -56.94
CA ILE DA 130 94.23 -18.72 -55.74
C ILE DA 130 95.21 -18.53 -54.59
N ASN DA 131 94.92 -17.59 -53.70
CA ASN DA 131 95.78 -17.34 -52.54
C ASN DA 131 94.97 -17.06 -51.28
N GLY DA 132 95.46 -17.57 -50.15
CA GLY DA 132 94.83 -17.31 -48.86
C GLY DA 132 93.89 -18.40 -48.41
N ILE DA 133 94.36 -19.65 -48.47
CA ILE DA 133 93.54 -20.79 -48.11
C ILE DA 133 94.23 -21.68 -47.07
N GLY DA 134 95.56 -21.71 -47.11
CA GLY DA 134 96.32 -22.52 -46.20
C GLY DA 134 96.11 -22.12 -44.75
N LYS DA 135 95.45 -20.98 -44.56
CA LYS DA 135 95.27 -20.43 -43.21
C LYS DA 135 94.52 -21.37 -42.27
N ASP DA 136 93.21 -21.48 -42.45
CA ASP DA 136 92.37 -22.38 -41.64
C ASP DA 136 91.71 -23.45 -42.50
N ALA DA 137 90.87 -24.29 -41.90
CA ALA DA 137 90.19 -25.35 -42.64
C ALA DA 137 89.13 -24.80 -43.62
N PRO DA 138 89.13 -25.31 -44.86
CA PRO DA 138 88.20 -24.81 -45.88
C PRO DA 138 86.75 -25.21 -45.58
N THR DA 139 85.80 -24.42 -46.05
CA THR DA 139 84.38 -24.74 -45.93
C THR DA 139 83.69 -24.69 -47.28
N PHE DA 140 82.47 -25.22 -47.35
CA PHE DA 140 81.72 -25.23 -48.60
C PHE DA 140 81.42 -23.80 -49.06
N GLN DA 141 81.32 -22.89 -48.10
CA GLN DA 141 81.06 -21.49 -48.43
C GLN DA 141 82.17 -20.95 -49.33
N GLU DA 142 83.41 -21.34 -49.03
CA GLU DA 142 84.55 -20.87 -49.78
C GLU DA 142 84.78 -21.75 -51.02
N SER DA 143 84.56 -23.05 -50.85
CA SER DA 143 84.79 -24.02 -51.91
C SER DA 143 83.87 -23.78 -53.11
N ALA DA 144 82.58 -23.57 -52.83
CA ALA DA 144 81.60 -23.34 -53.89
C ALA DA 144 81.87 -22.03 -54.63
N LEU DA 145 82.46 -21.08 -53.93
CA LEU DA 145 82.78 -19.77 -54.48
C LEU DA 145 83.95 -19.85 -55.47
N ILE DA 146 84.93 -20.69 -55.13
CA ILE DA 146 86.10 -20.91 -55.98
C ILE DA 146 85.69 -21.63 -57.27
N ALA DA 147 84.89 -22.68 -57.11
CA ALA DA 147 84.38 -23.45 -58.23
C ALA DA 147 83.53 -22.58 -59.15
N ASP DA 148 83.00 -21.50 -58.59
CA ASP DA 148 82.14 -20.59 -59.32
C ASP DA 148 82.90 -19.80 -60.39
N LYS DA 149 84.10 -19.37 -60.06
CA LYS DA 149 84.93 -18.60 -60.98
C LYS DA 149 85.47 -19.49 -62.10
N LEU DA 150 85.58 -20.78 -61.81
CA LEU DA 150 86.05 -21.74 -62.80
C LEU DA 150 85.01 -21.97 -63.89
N LEU DA 151 83.80 -21.46 -63.65
CA LEU DA 151 82.71 -21.65 -64.59
C LEU DA 151 82.33 -20.33 -65.25
N SER DA 152 82.88 -19.24 -64.72
CA SER DA 152 82.54 -17.92 -65.20
C SER DA 152 83.63 -17.34 -66.11
N VAL DA 153 84.88 -17.44 -65.68
CA VAL DA 153 86.00 -16.90 -66.45
C VAL DA 153 86.82 -18.02 -67.07
N MET DA 154 86.70 -19.21 -66.51
CA MET DA 154 87.38 -20.39 -67.02
C MET DA 154 86.52 -21.19 -67.98
N LYS DA 155 85.22 -21.25 -67.67
CA LYS DA 155 84.27 -21.99 -68.49
C LYS DA 155 84.64 -23.47 -68.53
N ALA DA 156 84.49 -24.14 -67.38
CA ALA DA 156 84.88 -25.54 -67.26
C ALA DA 156 83.82 -26.46 -67.86
N GLY DA 157 82.66 -25.90 -68.14
CA GLY DA 157 81.54 -26.65 -68.68
C GLY DA 157 81.82 -27.19 -70.07
N THR DA 158 82.71 -26.51 -70.79
CA THR DA 158 83.05 -26.89 -72.16
C THR DA 158 84.11 -27.98 -72.21
N TYR DA 159 85.02 -27.95 -71.25
CA TYR DA 159 86.09 -28.94 -71.17
C TYR DA 159 85.50 -30.35 -71.03
N PRO DA 160 85.90 -31.25 -71.95
CA PRO DA 160 85.44 -32.64 -72.02
C PRO DA 160 85.77 -33.46 -70.78
N LYS DA 161 86.99 -33.29 -70.28
CA LYS DA 161 87.43 -34.02 -69.09
C LYS DA 161 88.20 -33.11 -68.14
N ILE DA 162 87.86 -33.17 -66.85
CA ILE DA 162 88.51 -32.34 -65.84
C ILE DA 162 89.14 -33.20 -64.75
N SER DA 163 90.38 -32.87 -64.39
CA SER DA 163 91.11 -33.64 -63.38
C SER DA 163 91.47 -32.79 -62.17
N ILE DA 164 91.49 -33.43 -61.00
CA ILE DA 164 91.80 -32.74 -59.75
C ILE DA 164 92.93 -33.45 -58.99
N PHE DA 165 93.84 -32.66 -58.41
CA PHE DA 165 94.99 -33.20 -57.69
C PHE DA 165 95.00 -32.75 -56.23
N TYR DA 166 95.02 -33.72 -55.32
CA TYR DA 166 95.02 -33.44 -53.89
C TYR DA 166 95.86 -34.49 -53.17
N ASN DA 167 96.25 -34.19 -51.93
CA ASN DA 167 97.06 -35.11 -51.14
C ASN DA 167 96.25 -35.92 -50.14
N ASP DA 168 96.18 -37.23 -50.37
CA ASP DA 168 95.42 -38.15 -49.52
C ASP DA 168 96.32 -38.68 -48.41
N PRO DA 169 96.05 -38.27 -47.16
CA PRO DA 169 96.82 -38.71 -45.99
C PRO DA 169 96.60 -40.18 -45.67
N VAL DA 170 97.53 -41.04 -46.06
CA VAL DA 170 97.45 -42.47 -45.72
C VAL DA 170 97.74 -42.69 -44.24
N SER DA 171 98.59 -41.85 -43.67
CA SER DA 171 98.99 -41.96 -42.27
C SER DA 171 99.57 -40.64 -41.76
N SER DA 172 99.85 -40.58 -40.46
CA SER DA 172 100.42 -39.39 -39.84
C SER DA 172 101.89 -39.25 -40.17
N LEU DA 173 102.46 -40.28 -40.77
CA LEU DA 173 103.88 -40.29 -41.09
C LEU DA 173 104.10 -40.50 -42.59
N SER DA 174 103.00 -40.54 -43.33
CA SER DA 174 103.07 -40.73 -44.77
C SER DA 174 101.86 -40.11 -45.49
N PHE DA 175 102.10 -39.60 -46.69
CA PHE DA 175 101.03 -39.06 -47.51
C PHE DA 175 101.09 -39.69 -48.90
N GLU DA 176 99.98 -39.59 -49.63
CA GLU DA 176 99.92 -40.13 -50.97
C GLU DA 176 99.21 -39.11 -51.86
N PRO DA 177 99.86 -38.69 -52.95
CA PRO DA 177 99.19 -37.79 -53.89
C PRO DA 177 98.01 -38.51 -54.53
N SER DA 178 96.87 -37.83 -54.64
CA SER DA 178 95.68 -38.44 -55.21
C SER DA 178 95.11 -37.63 -56.36
N GLU DA 179 94.44 -38.33 -57.28
CA GLU DA 179 93.80 -37.71 -58.43
C GLU DA 179 92.40 -38.28 -58.58
N LYS DA 180 91.42 -37.43 -58.87
CA LYS DA 180 90.05 -37.88 -59.07
C LYS DA 180 89.36 -37.07 -60.16
N PRO DA 181 88.82 -37.74 -61.20
CA PRO DA 181 88.21 -37.02 -62.31
C PRO DA 181 86.89 -36.38 -61.92
N ILE DA 182 86.52 -35.33 -62.64
CA ILE DA 182 85.25 -34.66 -62.41
C ILE DA 182 84.41 -34.68 -63.69
N PHE DA 183 83.50 -35.64 -63.76
CA PHE DA 183 82.64 -35.79 -64.92
C PHE DA 183 81.73 -34.58 -65.09
N ASN DA 184 81.65 -34.07 -66.32
CA ASN DA 184 80.81 -32.91 -66.61
C ASN DA 184 79.40 -33.29 -67.04
N ALA DA 185 78.58 -32.30 -67.35
CA ALA DA 185 77.20 -32.55 -67.76
C ALA DA 185 77.15 -33.49 -68.95
N LYS DA 186 77.90 -33.17 -69.99
CA LYS DA 186 77.94 -33.97 -71.22
C LYS DA 186 78.25 -35.45 -70.96
N THR DA 187 78.94 -35.75 -69.86
CA THR DA 187 79.32 -37.13 -69.54
C THR DA 187 78.26 -37.82 -68.69
N ILE DA 188 77.31 -37.04 -68.17
CA ILE DA 188 76.21 -37.58 -67.38
C ILE DA 188 75.16 -38.25 -68.28
N GLU DA 189 74.97 -37.72 -69.48
CA GLU DA 189 74.02 -38.30 -70.42
C GLU DA 189 74.50 -39.63 -70.95
N GLN DA 190 75.71 -39.65 -71.49
CA GLN DA 190 76.27 -40.86 -72.08
C GLN DA 190 76.55 -41.95 -71.04
N SER DA 191 76.07 -41.74 -69.82
CA SER DA 191 76.22 -42.71 -68.74
C SER DA 191 75.40 -43.97 -69.03
N PRO DA 192 76.08 -45.11 -69.23
CA PRO DA 192 75.43 -46.39 -69.53
C PRO DA 192 74.23 -46.70 -68.66
N SER DA 193 74.35 -46.45 -67.35
CA SER DA 193 73.25 -46.68 -66.42
C SER DA 193 72.61 -45.35 -66.01
N PHE DA 194 71.67 -44.86 -66.80
CA PHE DA 194 71.03 -43.58 -66.52
C PHE DA 194 69.51 -43.75 -66.54
N GLY DA 195 69.05 -44.61 -67.44
CA GLY DA 195 67.63 -44.86 -67.61
C GLY DA 195 66.96 -45.41 -66.37
N LYS DA 196 67.72 -46.07 -65.52
CA LYS DA 196 67.17 -46.65 -64.30
C LYS DA 196 66.68 -45.57 -63.34
N PHE DA 197 67.18 -44.35 -63.49
CA PHE DA 197 66.81 -43.25 -62.60
C PHE DA 197 65.83 -42.29 -63.27
N GLU DA 198 64.65 -42.14 -62.69
CA GLU DA 198 63.67 -41.19 -63.21
C GLU DA 198 64.23 -39.78 -63.17
N ILE DA 199 63.95 -39.00 -64.22
CA ILE DA 199 64.43 -37.63 -64.31
C ILE DA 199 63.66 -36.85 -65.38
N ASP DA 200 63.44 -35.56 -65.13
CA ASP DA 200 62.70 -34.71 -66.04
C ASP DA 200 63.63 -33.75 -66.77
N THR DA 201 63.72 -33.87 -68.09
CA THR DA 201 64.59 -33.02 -68.88
C THR DA 201 64.00 -31.62 -69.01
N ASP DA 202 63.74 -30.99 -67.87
CA ASP DA 202 63.09 -29.69 -67.82
C ASP DA 202 63.84 -28.73 -66.88
N ALA DA 203 64.46 -29.29 -65.85
CA ALA DA 203 65.14 -28.51 -64.81
C ALA DA 203 66.67 -28.57 -64.91
N ASN DA 204 67.16 -28.89 -66.12
CA ASN DA 204 68.60 -29.00 -66.36
C ASN DA 204 69.33 -29.74 -65.25
N VAL DA 205 68.78 -30.89 -64.85
CA VAL DA 205 69.35 -31.69 -63.78
C VAL DA 205 70.84 -32.00 -64.00
N PRO DA 206 71.22 -32.45 -65.21
CA PRO DA 206 72.63 -32.71 -65.52
C PRO DA 206 73.49 -31.45 -65.46
N ARG DA 207 72.93 -30.33 -65.93
CA ARG DA 207 73.62 -29.04 -65.92
C ARG DA 207 73.91 -28.58 -64.49
N ASP DA 208 72.93 -28.72 -63.61
CA ASP DA 208 73.05 -28.24 -62.23
C ASP DA 208 73.79 -29.24 -61.35
N LEU DA 209 74.02 -30.44 -61.86
CA LEU DA 209 74.76 -31.46 -61.12
C LEU DA 209 76.26 -31.20 -61.26
N PHE DA 210 76.67 -30.74 -62.44
CA PHE DA 210 78.06 -30.42 -62.69
C PHE DA 210 78.54 -29.25 -61.82
N GLU DA 211 77.78 -28.16 -61.84
CA GLU DA 211 78.13 -26.97 -61.07
C GLU DA 211 78.12 -27.23 -59.56
N TYR DA 212 77.64 -28.39 -59.15
CA TYR DA 212 77.55 -28.73 -57.74
C TYR DA 212 78.58 -29.78 -57.37
N THR DA 213 78.68 -30.81 -58.20
CA THR DA 213 79.69 -31.83 -57.99
C THR DA 213 81.07 -31.18 -57.97
N LEU DA 214 81.31 -30.26 -58.90
CA LEU DA 214 82.61 -29.59 -58.98
C LEU DA 214 82.94 -28.86 -57.70
N ALA DA 215 81.91 -28.45 -56.96
CA ALA DA 215 82.12 -27.75 -55.70
C ALA DA 215 82.45 -28.71 -54.57
N ASN DA 216 81.63 -29.74 -54.40
CA ASN DA 216 81.83 -30.69 -53.30
C ASN DA 216 83.15 -31.46 -53.41
N GLN DA 217 83.40 -32.02 -54.59
CA GLN DA 217 84.63 -32.77 -54.82
C GLN DA 217 85.85 -31.93 -54.51
N MET DA 218 85.79 -30.66 -54.88
CA MET DA 218 86.86 -29.73 -54.59
C MET DA 218 86.97 -29.51 -53.07
N LEU DA 219 85.83 -29.43 -52.39
CA LEU DA 219 85.83 -29.26 -50.94
C LEU DA 219 86.37 -30.49 -50.21
N THR DA 220 86.10 -31.68 -50.74
CA THR DA 220 86.60 -32.89 -50.10
C THR DA 220 88.08 -33.09 -50.41
N ALA DA 221 88.55 -32.37 -51.43
CA ALA DA 221 89.96 -32.43 -51.80
C ALA DA 221 90.79 -31.52 -50.90
N MET DA 222 90.31 -30.29 -50.68
CA MET DA 222 91.01 -29.34 -49.84
C MET DA 222 90.91 -29.72 -48.37
N ALA DA 223 89.71 -30.06 -47.91
CA ALA DA 223 89.54 -30.37 -46.50
C ALA DA 223 90.30 -31.64 -46.14
N GLN DA 224 90.51 -32.50 -47.14
CA GLN DA 224 91.25 -33.73 -46.91
C GLN DA 224 92.74 -33.51 -47.12
N GLY DA 225 93.08 -32.70 -48.12
CA GLY DA 225 94.46 -32.39 -48.42
C GLY DA 225 95.07 -31.38 -47.48
N TYR DA 226 94.23 -30.78 -46.63
CA TYR DA 226 94.67 -29.88 -45.58
C TYR DA 226 95.13 -30.72 -44.39
N ALA DA 227 94.37 -31.77 -44.10
CA ALA DA 227 94.73 -32.67 -43.03
C ALA DA 227 96.05 -33.38 -43.32
N ALA DA 228 96.46 -33.37 -44.59
CA ALA DA 228 97.69 -34.03 -45.01
C ALA DA 228 98.92 -33.11 -44.90
N GLU DA 229 98.67 -31.80 -44.97
CA GLU DA 229 99.72 -30.81 -44.79
C GLU DA 229 100.12 -30.71 -43.33
N ILE DA 230 99.14 -30.49 -42.46
CA ILE DA 230 99.38 -30.45 -41.03
C ILE DA 230 100.12 -31.69 -40.56
N SER DA 231 99.75 -32.85 -41.11
CA SER DA 231 100.39 -34.11 -40.76
C SER DA 231 101.86 -34.16 -41.17
N ALA DA 232 102.17 -33.64 -42.35
CA ALA DA 232 103.55 -33.59 -42.81
C ALA DA 232 104.34 -32.52 -42.05
N ARG DA 233 103.68 -31.39 -41.82
CA ARG DA 233 104.30 -30.24 -41.14
C ARG DA 233 104.59 -30.56 -39.68
N ARG DA 234 103.84 -31.50 -39.14
CA ARG DA 234 104.01 -31.95 -37.78
C ARG DA 234 105.20 -32.89 -37.71
N ASN DA 235 105.50 -33.54 -38.82
CA ASN DA 235 106.68 -34.40 -38.92
C ASN DA 235 107.91 -33.56 -39.25
N ALA DA 236 107.73 -32.54 -40.08
CA ALA DA 236 108.84 -31.69 -40.50
C ALA DA 236 109.49 -31.02 -39.29
N MET DA 237 108.68 -30.38 -38.46
CA MET DA 237 109.19 -29.64 -37.31
C MET DA 237 109.59 -30.56 -36.17
N ASP DA 238 109.24 -31.84 -36.27
CA ASP DA 238 109.66 -32.80 -35.25
C ASP DA 238 111.12 -33.16 -35.41
N ASN DA 239 111.53 -33.43 -36.64
CA ASN DA 239 112.92 -33.74 -36.97
C ASN DA 239 113.82 -32.51 -36.90
N ALA DA 240 113.24 -31.35 -37.21
CA ALA DA 240 113.97 -30.09 -37.13
C ALA DA 240 114.40 -29.81 -35.69
N SER DA 241 113.50 -30.04 -34.74
CA SER DA 241 113.82 -29.88 -33.33
C SER DA 241 114.86 -30.90 -32.86
N LYS DA 242 114.84 -32.08 -33.47
CA LYS DA 242 115.78 -33.14 -33.14
C LYS DA 242 117.18 -32.87 -33.69
N ASN DA 243 117.24 -32.37 -34.93
CA ASN DA 243 118.52 -32.01 -35.54
C ASN DA 243 119.08 -30.73 -34.92
N ALA DA 244 118.26 -29.69 -34.86
CA ALA DA 244 118.65 -28.42 -34.27
C ALA DA 244 118.98 -28.60 -32.79
N GLY DA 245 118.17 -29.40 -32.11
CA GLY DA 245 118.41 -29.72 -30.72
C GLY DA 245 119.73 -30.42 -30.53
N ASP DA 246 119.98 -31.44 -31.34
CA ASP DA 246 121.23 -32.21 -31.25
C ASP DA 246 122.42 -31.40 -31.71
N MET DA 247 122.17 -30.44 -32.60
CA MET DA 247 123.21 -29.53 -33.03
C MET DA 247 123.67 -28.66 -31.86
N ILE DA 248 122.75 -28.36 -30.94
CA ILE DA 248 123.09 -27.56 -29.76
C ILE DA 248 124.03 -28.30 -28.83
N ASN DA 249 123.83 -29.61 -28.71
CA ASN DA 249 124.69 -30.45 -27.88
C ASN DA 249 126.06 -30.64 -28.50
N ARG DA 250 126.22 -30.15 -29.73
CA ARG DA 250 127.51 -30.21 -30.41
C ARG DA 250 128.26 -28.88 -30.28
N TYR DA 251 127.60 -27.77 -30.56
CA TYR DA 251 128.21 -26.45 -30.38
C TYR DA 251 128.49 -26.14 -28.91
N SER DA 252 127.66 -26.66 -28.02
CA SER DA 252 127.88 -26.46 -26.59
C SER DA 252 129.21 -27.06 -26.16
N ILE DA 253 129.69 -28.08 -26.87
CA ILE DA 253 130.99 -28.65 -26.55
C ILE DA 253 132.10 -27.74 -27.09
N LEU DA 254 131.88 -27.15 -28.26
CA LEU DA 254 132.84 -26.22 -28.82
C LEU DA 254 132.93 -24.94 -28.00
N TYR DA 255 131.87 -24.64 -27.26
CA TYR DA 255 131.86 -23.48 -26.38
C TYR DA 255 132.72 -23.71 -25.16
N ASN DA 256 132.91 -24.98 -24.80
CA ASN DA 256 133.79 -25.30 -23.69
C ASN DA 256 135.24 -25.15 -24.09
N ARG DA 257 135.68 -25.95 -25.04
CA ARG DA 257 137.07 -25.87 -25.49
C ARG DA 257 137.46 -24.44 -25.84
N THR DA 258 136.51 -23.65 -26.32
CA THR DA 258 136.82 -22.26 -26.65
C THR DA 258 136.82 -21.38 -25.41
N ARG DA 259 136.04 -21.76 -24.41
CA ARG DA 259 136.05 -21.03 -23.15
C ARG DA 259 137.36 -21.30 -22.43
N GLN DA 260 137.72 -22.57 -22.34
CA GLN DA 260 138.97 -22.97 -21.69
C GLN DA 260 140.17 -22.36 -22.40
N ALA DA 261 140.12 -22.29 -23.72
CA ALA DA 261 141.24 -21.73 -24.47
C ALA DA 261 141.48 -20.27 -24.07
N VAL DA 262 140.41 -19.49 -23.94
CA VAL DA 262 140.55 -18.08 -23.58
C VAL DA 262 141.05 -17.89 -22.16
N ILE DA 263 140.68 -18.81 -21.27
CA ILE DA 263 141.13 -18.75 -19.89
C ILE DA 263 142.61 -19.11 -19.76
N THR DA 264 143.07 -20.07 -20.58
CA THR DA 264 144.47 -20.46 -20.54
C THR DA 264 145.36 -19.45 -21.27
N ASN DA 265 144.89 -18.91 -22.38
CA ASN DA 265 145.65 -17.92 -23.13
C ASN DA 265 145.85 -16.61 -22.38
N GLU DA 266 144.79 -16.10 -21.76
CA GLU DA 266 144.89 -14.87 -20.97
C GLU DA 266 145.82 -15.09 -19.78
N LEU DA 267 145.92 -16.34 -19.33
CA LEU DA 267 146.76 -16.67 -18.20
C LEU DA 267 148.24 -16.69 -18.59
N VAL DA 268 148.52 -17.04 -19.85
CA VAL DA 268 149.89 -17.14 -20.34
C VAL DA 268 150.58 -15.78 -20.43
N ASP DA 269 149.84 -14.76 -20.84
CA ASP DA 269 150.40 -13.42 -20.89
C ASP DA 269 150.68 -12.89 -19.52
N ILE DA 270 149.83 -13.25 -18.56
CA ILE DA 270 150.02 -12.82 -17.18
C ILE DA 270 151.30 -13.43 -16.61
N ILE DA 271 151.53 -14.70 -16.92
CA ILE DA 271 152.73 -15.38 -16.44
C ILE DA 271 153.98 -14.90 -17.18
N THR DA 272 153.86 -14.64 -18.47
CA THR DA 272 155.00 -14.18 -19.27
C THR DA 272 155.44 -12.76 -18.90
N GLY DA 273 154.49 -11.96 -18.43
CA GLY DA 273 154.80 -10.60 -18.00
C GLY DA 273 155.47 -10.56 -16.65
N ALA DA 274 155.31 -11.63 -15.87
CA ALA DA 274 155.88 -11.71 -14.53
C ALA DA 274 157.18 -12.50 -14.49
N SER DA 275 157.34 -13.41 -15.45
CA SER DA 275 158.55 -14.23 -15.57
C SER DA 275 159.69 -13.44 -16.18
N SER DA 276 159.48 -12.13 -16.34
CA SER DA 276 160.49 -11.28 -16.96
C SER DA 276 161.66 -11.01 -16.01
N LEU DA 277 162.84 -11.48 -16.39
CA LEU DA 277 164.05 -11.29 -15.60
C LEU DA 277 165.20 -10.79 -16.48
N GLY DA 278 166.42 -10.89 -15.96
CA GLY DA 278 167.59 -10.48 -16.70
C GLY DA 278 168.59 -11.61 -16.88
N SER EA 1 65.19 -57.17 -47.26
CA SER EA 1 65.49 -55.77 -46.98
C SER EA 1 64.22 -54.98 -46.64
N SER EA 2 64.10 -54.58 -45.38
CA SER EA 2 62.96 -53.78 -44.93
C SER EA 2 63.38 -52.35 -44.60
N GLY EA 3 62.55 -51.38 -45.00
CA GLY EA 3 62.84 -49.98 -44.76
C GLY EA 3 63.78 -49.37 -45.78
N LEU EA 4 64.15 -48.11 -45.57
CA LEU EA 4 65.08 -47.43 -46.45
C LEU EA 4 66.14 -46.68 -45.64
N LYS EA 5 67.41 -46.91 -45.97
CA LYS EA 5 68.54 -46.28 -45.28
C LYS EA 5 68.76 -44.83 -45.73
N LEU EA 6 68.67 -43.90 -44.78
CA LEU EA 6 68.84 -42.49 -45.08
C LEU EA 6 70.24 -42.00 -44.78
N GLN EA 7 70.78 -41.16 -45.65
CA GLN EA 7 72.11 -40.59 -45.45
C GLN EA 7 72.11 -39.08 -45.57
N PHE EA 8 71.67 -38.41 -44.51
CA PHE EA 8 71.61 -36.96 -44.50
C PHE EA 8 72.88 -36.36 -43.89
N ALA EA 9 73.75 -35.81 -44.75
CA ALA EA 9 75.01 -35.24 -44.29
C ALA EA 9 75.27 -33.84 -44.85
N LEU EA 10 76.18 -33.11 -44.20
CA LEU EA 10 76.53 -31.74 -44.57
C LEU EA 10 78.05 -31.57 -44.58
N PRO EA 11 78.54 -30.50 -45.23
CA PRO EA 11 79.98 -30.22 -45.33
C PRO EA 11 80.62 -29.84 -44.01
N HIS EA 12 79.84 -29.90 -42.93
CA HIS EA 12 80.34 -29.54 -41.60
C HIS EA 12 79.87 -30.51 -40.53
N GLU EA 13 78.76 -31.19 -40.79
CA GLU EA 13 78.17 -32.10 -39.81
C GLU EA 13 77.31 -33.16 -40.50
N THR EA 14 77.41 -34.40 -40.02
CA THR EA 14 76.59 -35.48 -40.56
C THR EA 14 75.52 -35.91 -39.55
N LEU EA 15 74.25 -35.90 -39.98
CA LEU EA 15 73.13 -36.24 -39.12
C LEU EA 15 72.77 -37.73 -39.17
N TYR EA 16 72.21 -38.15 -40.30
CA TYR EA 16 71.85 -39.56 -40.49
C TYR EA 16 72.85 -40.27 -41.41
N SER EA 17 73.13 -41.53 -41.13
CA SER EA 17 74.08 -42.31 -41.91
C SER EA 17 73.77 -43.80 -41.86
N GLY EA 18 73.12 -44.30 -42.90
CA GLY EA 18 72.70 -45.70 -42.94
C GLY EA 18 71.61 -46.00 -41.92
N SER EA 19 70.76 -45.01 -41.65
CA SER EA 19 69.69 -45.15 -40.68
C SER EA 19 68.33 -45.38 -41.35
N GLU EA 20 67.58 -46.36 -40.85
CA GLU EA 20 66.28 -46.71 -41.43
C GLU EA 20 65.20 -45.69 -41.11
N VAL EA 21 64.47 -45.28 -42.15
CA VAL EA 21 63.44 -44.28 -41.98
C VAL EA 21 62.12 -44.76 -42.55
N THR EA 22 61.03 -44.32 -41.94
CA THR EA 22 59.70 -44.68 -42.39
C THR EA 22 59.25 -43.81 -43.57
N GLN EA 23 59.43 -42.49 -43.44
CA GLN EA 23 59.01 -41.55 -44.48
C GLN EA 23 59.80 -40.24 -44.41
N VAL EA 24 60.02 -39.61 -45.56
CA VAL EA 24 60.71 -38.33 -45.63
C VAL EA 24 60.05 -37.38 -46.62
N ASN EA 25 60.06 -36.10 -46.29
CA ASN EA 25 59.43 -35.09 -47.13
C ASN EA 25 60.40 -33.97 -47.44
N LEU EA 26 60.92 -33.95 -48.66
CA LEU EA 26 61.89 -32.93 -49.04
C LEU EA 26 61.49 -32.25 -50.35
N PRO EA 27 61.38 -30.91 -50.34
CA PRO EA 27 61.01 -30.13 -51.51
C PRO EA 27 61.93 -30.34 -52.72
N ALA EA 28 61.34 -30.58 -53.89
CA ALA EA 28 62.09 -30.78 -55.13
C ALA EA 28 61.74 -29.72 -56.18
N LYS EA 29 62.61 -29.58 -57.18
CA LYS EA 29 62.39 -28.58 -58.24
C LYS EA 29 61.05 -28.83 -58.91
N SER EA 30 60.82 -30.08 -59.31
CA SER EA 30 59.56 -30.45 -59.92
C SER EA 30 58.40 -30.17 -58.97
N GLY EA 31 58.65 -30.32 -57.66
CA GLY EA 31 57.63 -30.07 -56.66
C GLY EA 31 57.88 -30.92 -55.43
N ARG EA 32 57.04 -30.76 -54.40
CA ARG EA 32 57.22 -31.49 -53.16
C ARG EA 32 57.15 -33.00 -53.39
N ILE EA 33 58.08 -33.73 -52.79
CA ILE EA 33 58.18 -35.18 -52.97
C ILE EA 33 58.15 -35.91 -51.65
N GLY EA 34 57.72 -37.17 -51.67
CA GLY EA 34 57.72 -38.01 -50.50
C GLY EA 34 58.35 -39.35 -50.83
N VAL EA 35 58.91 -40.00 -49.82
CA VAL EA 35 59.52 -41.30 -50.02
C VAL EA 35 59.20 -42.21 -48.86
N LEU EA 36 59.11 -43.51 -49.14
CA LEU EA 36 58.83 -44.50 -48.10
C LEU EA 36 59.83 -45.64 -48.25
N ALA EA 37 59.47 -46.79 -47.69
CA ALA EA 37 60.33 -47.97 -47.73
C ALA EA 37 60.85 -48.28 -49.14
N ASN EA 38 60.02 -48.85 -49.98
CA ASN EA 38 60.42 -49.13 -51.36
C ASN EA 38 59.98 -47.98 -52.24
N HIS EA 39 60.93 -47.33 -52.91
CA HIS EA 39 60.61 -46.21 -53.76
C HIS EA 39 61.42 -46.27 -55.04
N VAL EA 40 60.80 -45.87 -56.15
CA VAL EA 40 61.48 -45.90 -57.45
C VAL EA 40 62.65 -44.94 -57.46
N PRO EA 41 63.79 -45.39 -58.01
CA PRO EA 41 65.02 -44.59 -58.08
C PRO EA 41 64.84 -43.28 -58.83
N THR EA 42 64.79 -42.17 -58.10
CA THR EA 42 64.65 -40.85 -58.70
C THR EA 42 65.75 -39.88 -58.24
N VAL EA 43 66.23 -39.06 -59.16
CA VAL EA 43 67.29 -38.10 -58.87
C VAL EA 43 66.82 -36.66 -59.15
N GLU EA 44 66.45 -35.95 -58.10
CA GLU EA 44 65.92 -34.60 -58.26
C GLU EA 44 66.73 -33.58 -57.48
N GLN EA 45 66.71 -32.34 -57.97
CA GLN EA 45 67.41 -31.24 -57.31
C GLN EA 45 66.56 -30.66 -56.17
N LEU EA 46 67.16 -30.54 -54.99
CA LEU EA 46 66.49 -29.99 -53.83
C LEU EA 46 66.57 -28.46 -53.80
N LEU EA 47 65.44 -27.83 -53.55
CA LEU EA 47 65.39 -26.38 -53.48
C LEU EA 47 65.24 -25.94 -52.03
N PRO EA 48 65.68 -24.71 -51.71
CA PRO EA 48 65.65 -24.14 -50.36
C PRO EA 48 64.26 -24.23 -49.71
N GLY EA 49 64.01 -25.31 -48.99
CA GLY EA 49 62.71 -25.53 -48.37
C GLY EA 49 62.81 -26.18 -47.00
N VAL EA 50 61.90 -27.10 -46.71
CA VAL EA 50 61.86 -27.74 -45.40
C VAL EA 50 61.73 -29.26 -45.51
N VAL EA 51 62.61 -29.98 -44.84
CA VAL EA 51 62.61 -31.44 -44.86
C VAL EA 51 62.12 -31.97 -43.53
N GLU EA 52 61.52 -33.15 -43.53
CA GLU EA 52 61.05 -33.76 -42.29
C GLU EA 52 61.24 -35.26 -42.31
N VAL EA 53 62.07 -35.74 -41.39
CA VAL EA 53 62.30 -37.18 -41.29
C VAL EA 53 61.26 -37.79 -40.36
N MET EA 54 60.53 -38.77 -40.88
CA MET EA 54 59.48 -39.39 -40.10
C MET EA 54 59.95 -40.70 -39.47
N GLU EA 55 59.44 -40.97 -38.28
CA GLU EA 55 59.71 -42.22 -37.58
C GLU EA 55 58.43 -42.72 -36.93
N GLY EA 56 58.42 -43.98 -36.51
CA GLY EA 56 57.28 -44.53 -35.80
C GLY EA 56 56.89 -43.59 -34.68
N SER EA 57 57.91 -43.10 -33.98
CA SER EA 57 57.73 -42.05 -32.97
C SER EA 57 57.58 -40.70 -33.66
N ASN EA 58 57.22 -39.68 -32.88
CA ASN EA 58 57.12 -38.32 -33.41
C ASN EA 58 58.30 -37.96 -34.31
N SER EA 59 57.99 -37.43 -35.49
CA SER EA 59 59.03 -37.10 -36.47
C SER EA 59 59.52 -35.66 -36.32
N LYS EA 60 60.84 -35.49 -36.46
CA LYS EA 60 61.47 -34.17 -36.36
C LYS EA 60 61.55 -33.51 -37.72
N LYS EA 61 61.55 -32.19 -37.74
CA LYS EA 61 61.54 -31.43 -38.98
C LYS EA 61 62.59 -30.32 -38.96
N PHE EA 62 63.50 -30.38 -39.94
CA PHE EA 62 64.60 -29.42 -40.06
C PHE EA 62 64.51 -28.65 -41.38
N PHE EA 63 64.99 -27.40 -41.38
CA PHE EA 63 65.00 -26.58 -42.59
C PHE EA 63 66.27 -26.84 -43.38
N ILE EA 64 66.13 -27.03 -44.69
CA ILE EA 64 67.29 -27.33 -45.53
C ILE EA 64 67.66 -26.17 -46.46
N SER EA 65 68.95 -26.04 -46.74
CA SER EA 65 69.45 -24.97 -47.62
C SER EA 65 69.24 -25.34 -49.09
N GLY EA 66 69.57 -26.58 -49.45
CA GLY EA 66 69.40 -27.05 -50.81
C GLY EA 66 70.50 -27.99 -51.25
N GLY EA 67 70.26 -28.71 -52.35
CA GLY EA 67 71.23 -29.65 -52.88
C GLY EA 67 70.63 -30.67 -53.84
N PHE EA 68 70.96 -31.93 -53.67
CA PHE EA 68 70.41 -33.01 -54.48
C PHE EA 68 69.86 -34.14 -53.61
N ALA EA 69 68.94 -34.92 -54.16
CA ALA EA 69 68.40 -36.09 -53.48
C ALA EA 69 68.31 -37.25 -54.47
N THR EA 70 68.88 -38.39 -54.08
CA THR EA 70 68.89 -39.55 -54.95
C THR EA 70 68.47 -40.79 -54.18
N VAL EA 71 67.51 -41.54 -54.74
CA VAL EA 71 67.06 -42.77 -54.12
C VAL EA 71 67.69 -43.96 -54.82
N GLN EA 72 68.66 -44.59 -54.17
CA GLN EA 72 69.36 -45.72 -54.77
C GLN EA 72 68.42 -46.90 -54.99
N PRO EA 73 68.67 -47.67 -56.08
CA PRO EA 73 67.88 -48.85 -56.43
C PRO EA 73 67.70 -49.78 -55.24
N ASP EA 74 68.75 -49.92 -54.44
CA ASP EA 74 68.71 -50.81 -53.28
C ASP EA 74 67.94 -50.22 -52.09
N SER EA 75 67.05 -49.26 -52.37
CA SER EA 75 66.22 -48.63 -51.34
C SER EA 75 67.04 -47.81 -50.34
N GLN EA 76 67.73 -46.80 -50.86
CA GLN EA 76 68.63 -45.98 -50.06
C GLN EA 76 68.62 -44.53 -50.54
N LEU EA 77 67.92 -43.66 -49.82
CA LEU EA 77 67.88 -42.24 -50.16
C LEU EA 77 69.07 -41.49 -49.56
N CYS EA 78 69.68 -40.61 -50.37
CA CYS EA 78 70.82 -39.82 -49.94
C CYS EA 78 70.57 -38.31 -50.08
N VAL EA 79 70.52 -37.61 -48.96
CA VAL EA 79 70.28 -36.17 -48.95
C VAL EA 79 71.57 -35.38 -48.73
N THR EA 80 71.88 -34.48 -49.65
CA THR EA 80 73.10 -33.67 -49.59
C THR EA 80 72.75 -32.19 -49.60
N ALA EA 81 73.21 -31.45 -48.60
CA ALA EA 81 72.98 -30.02 -48.54
C ALA EA 81 74.18 -29.27 -47.96
N ILE EA 82 73.98 -28.00 -47.64
CA ILE EA 82 75.04 -27.18 -47.04
C ILE EA 82 74.79 -27.00 -45.55
N GLU EA 83 73.91 -26.07 -45.19
CA GLU EA 83 73.59 -25.81 -43.79
C GLU EA 83 72.28 -26.46 -43.38
N ALA EA 84 72.07 -26.60 -42.08
CA ALA EA 84 70.84 -27.17 -41.55
C ALA EA 84 70.23 -26.24 -40.50
N PHE EA 85 68.96 -26.47 -40.18
CA PHE EA 85 68.25 -25.65 -39.21
C PHE EA 85 67.25 -26.49 -38.43
N PRO EA 86 67.33 -26.44 -37.09
CA PRO EA 86 66.44 -27.14 -36.15
C PRO EA 86 65.00 -26.69 -36.30
N LEU EA 87 64.15 -27.12 -35.37
CA LEU EA 87 62.71 -26.87 -35.45
C LEU EA 87 62.39 -25.38 -35.63
N GLU EA 88 62.31 -24.66 -34.52
CA GLU EA 88 62.02 -23.24 -34.55
C GLU EA 88 62.80 -22.56 -33.43
N SER EA 89 63.20 -23.35 -32.44
CA SER EA 89 63.92 -22.83 -31.28
C SER EA 89 65.27 -22.27 -31.67
N PHE EA 90 65.64 -22.40 -32.94
CA PHE EA 90 66.91 -21.91 -33.42
C PHE EA 90 66.76 -20.55 -34.11
N SER EA 91 65.80 -20.44 -35.03
CA SER EA 91 65.59 -19.20 -35.76
C SER EA 91 64.72 -18.21 -34.99
N GLN EA 92 64.93 -16.92 -35.25
CA GLN EA 92 64.16 -15.88 -34.60
C GLN EA 92 63.56 -14.93 -35.64
N GLU EA 93 62.30 -14.58 -35.45
CA GLU EA 93 61.62 -13.69 -36.37
C GLU EA 93 62.33 -12.35 -36.45
N ASN EA 94 62.73 -11.82 -35.30
CA ASN EA 94 63.40 -10.54 -35.22
C ASN EA 94 64.73 -10.54 -35.98
N ILE EA 95 65.46 -11.65 -35.90
CA ILE EA 95 66.77 -11.74 -36.54
C ILE EA 95 66.65 -11.86 -38.05
N LYS EA 96 65.47 -12.24 -38.53
CA LYS EA 96 65.23 -12.42 -39.95
C LYS EA 96 64.79 -11.13 -40.64
N ASN EA 97 63.82 -10.44 -40.05
CA ASN EA 97 63.31 -9.20 -40.60
C ASN EA 97 64.40 -8.17 -40.83
N LEU EA 98 65.37 -8.15 -39.92
CA LEU EA 98 66.49 -7.21 -40.02
C LEU EA 98 67.16 -7.27 -41.38
N LEU EA 99 67.62 -8.46 -41.77
CA LEU EA 99 68.26 -8.66 -43.06
C LEU EA 99 67.25 -8.67 -44.20
N ALA EA 100 66.11 -9.31 -43.95
CA ALA EA 100 65.05 -9.43 -44.95
C ALA EA 100 64.71 -8.10 -45.58
N GLU EA 101 64.42 -7.12 -44.73
CA GLU EA 101 64.11 -5.77 -45.18
C GLU EA 101 65.29 -5.16 -45.92
N ALA EA 102 66.51 -5.43 -45.44
CA ALA EA 102 67.71 -4.91 -46.06
C ALA EA 102 67.93 -5.49 -47.46
N LYS EA 103 67.26 -6.60 -47.75
CA LYS EA 103 67.37 -7.25 -49.06
C LYS EA 103 66.65 -6.46 -50.13
N LYS EA 104 65.50 -5.90 -49.78
CA LYS EA 104 64.71 -5.09 -50.70
C LYS EA 104 65.50 -3.84 -51.07
N ASN EA 105 66.37 -3.41 -50.16
CA ASN EA 105 67.23 -2.26 -50.41
C ASN EA 105 68.44 -2.64 -51.25
N VAL EA 106 68.68 -3.94 -51.42
CA VAL EA 106 69.79 -4.41 -52.24
C VAL EA 106 69.45 -4.29 -53.72
N SER EA 107 68.17 -4.41 -54.04
CA SER EA 107 67.70 -4.13 -55.39
C SER EA 107 67.98 -2.68 -55.73
N SER EA 108 67.86 -1.82 -54.72
CA SER EA 108 68.19 -0.40 -54.84
C SER EA 108 69.69 -0.18 -55.05
N SER EA 109 70.50 -1.00 -54.40
CA SER EA 109 71.95 -0.99 -54.61
C SER EA 109 72.29 -1.51 -56.01
N ASP EA 110 73.56 -1.48 -56.37
CA ASP EA 110 74.02 -1.91 -57.70
C ASP EA 110 73.57 -3.35 -58.02
N ALA EA 111 73.15 -3.56 -59.27
CA ALA EA 111 72.60 -4.85 -59.71
C ALA EA 111 73.51 -6.05 -59.46
N ARG EA 112 74.82 -5.83 -59.61
CA ARG EA 112 75.79 -6.88 -59.34
C ARG EA 112 75.55 -7.53 -57.98
N GLU EA 113 75.12 -6.72 -57.02
CA GLU EA 113 74.85 -7.19 -55.66
C GLU EA 113 73.37 -7.48 -55.45
N ALA EA 114 72.53 -6.84 -56.25
CA ALA EA 114 71.08 -7.03 -56.17
C ALA EA 114 70.67 -8.39 -56.72
N ALA EA 115 71.54 -8.96 -57.56
CA ALA EA 115 71.28 -10.25 -58.16
C ALA EA 115 71.10 -11.32 -57.09
N GLU EA 116 71.93 -11.25 -56.07
CA GLU EA 116 71.86 -12.18 -54.96
C GLU EA 116 70.70 -11.87 -54.00
N ALA EA 117 70.22 -10.64 -54.03
CA ALA EA 117 69.11 -10.23 -53.18
C ALA EA 117 67.81 -10.93 -53.56
N ALA EA 118 67.58 -11.02 -54.87
CA ALA EA 118 66.40 -11.69 -55.39
C ALA EA 118 66.32 -13.12 -54.90
N ILE EA 119 67.49 -13.75 -54.78
CA ILE EA 119 67.59 -15.14 -54.35
C ILE EA 119 67.32 -15.25 -52.85
N GLN EA 120 67.60 -14.17 -52.13
CA GLN EA 120 67.41 -14.15 -50.69
C GLN EA 120 65.95 -14.00 -50.34
N VAL EA 121 65.26 -13.12 -51.08
CA VAL EA 121 63.85 -12.88 -50.85
C VAL EA 121 63.09 -14.19 -50.70
N GLU EA 122 63.22 -15.05 -51.70
CA GLU EA 122 62.55 -16.34 -51.72
C GLU EA 122 62.82 -17.13 -50.44
N VAL EA 123 64.10 -17.39 -50.17
CA VAL EA 123 64.49 -18.19 -49.01
C VAL EA 123 63.91 -17.61 -47.73
N LEU EA 124 63.93 -16.29 -47.62
CA LEU EA 124 63.46 -15.61 -46.42
C LEU EA 124 61.95 -15.75 -46.23
N GLU EA 125 61.19 -15.58 -47.30
CA GLU EA 125 59.74 -15.71 -47.24
C GLU EA 125 59.32 -17.08 -46.71
N ASN EA 126 60.02 -18.11 -47.15
CA ASN EA 126 59.74 -19.48 -46.73
C ASN EA 126 60.03 -19.68 -45.25
N LEU EA 127 60.95 -18.89 -44.72
CA LEU EA 127 61.30 -18.96 -43.31
C LEU EA 127 60.11 -18.55 -42.44
N GLN EA 128 59.29 -17.64 -42.95
CA GLN EA 128 58.14 -17.15 -42.22
C GLN EA 128 57.06 -18.21 -42.09
N SER EA 129 56.89 -19.01 -43.14
CA SER EA 129 55.88 -20.06 -43.15
C SER EA 129 56.27 -21.21 -42.22
N VAL EA 130 57.55 -21.30 -41.89
CA VAL EA 130 58.04 -22.34 -40.98
C VAL EA 130 57.53 -22.09 -39.57
N LEU EA 131 57.27 -20.82 -39.26
CA LEU EA 131 56.75 -20.45 -37.95
C LEU EA 131 55.45 -21.19 -37.66
N LYS EA 132 54.62 -21.36 -38.68
CA LYS EA 132 53.35 -22.06 -38.56
C LYS EA 132 52.56 -21.63 -37.32
N SER FA 1 64.24 -13.11 -61.36
CA SER FA 1 64.92 -13.79 -60.28
C SER FA 1 65.71 -15.01 -60.75
N ALA FA 2 65.97 -15.07 -62.06
CA ALA FA 2 66.73 -16.16 -62.65
C ALA FA 2 68.14 -16.25 -62.07
N TRP FA 3 68.55 -17.45 -61.70
CA TRP FA 3 69.85 -17.67 -61.09
C TRP FA 3 70.82 -18.27 -62.10
N ARG FA 4 70.32 -19.13 -62.98
CA ARG FA 4 71.17 -19.77 -63.98
C ARG FA 4 71.24 -18.93 -65.26
N LYS FA 5 70.54 -17.80 -65.27
CA LYS FA 5 70.58 -16.87 -66.39
C LYS FA 5 71.65 -15.81 -66.22
N ALA FA 6 71.41 -14.88 -65.29
CA ALA FA 6 72.38 -13.82 -65.01
C ALA FA 6 72.78 -13.81 -63.54
N GLY FA 7 72.64 -14.95 -62.88
CA GLY FA 7 72.97 -15.08 -61.46
C GLY FA 7 74.34 -15.71 -61.20
N ILE FA 8 74.34 -16.97 -60.80
CA ILE FA 8 75.60 -17.66 -60.52
C ILE FA 8 75.42 -19.17 -60.60
N SER FA 9 76.52 -19.91 -60.51
CA SER FA 9 76.47 -21.37 -60.55
C SER FA 9 75.55 -21.91 -59.47
N TYR FA 10 75.18 -23.18 -59.59
CA TYR FA 10 74.32 -23.84 -58.63
C TYR FA 10 74.99 -23.92 -57.26
N ALA FA 11 76.32 -23.95 -57.26
CA ALA FA 11 77.11 -23.96 -56.03
C ALA FA 11 76.92 -22.66 -55.25
N ALA FA 12 76.76 -21.56 -56.00
CA ALA FA 12 76.55 -20.26 -55.40
C ALA FA 12 75.08 -20.05 -55.06
N TYR FA 13 74.20 -20.69 -55.81
CA TYR FA 13 72.76 -20.57 -55.59
C TYR FA 13 72.38 -21.11 -54.22
N LEU FA 14 73.05 -22.17 -53.80
CA LEU FA 14 72.79 -22.76 -52.50
C LEU FA 14 73.65 -22.08 -51.44
N ASN FA 15 74.71 -21.44 -51.90
CA ASN FA 15 75.62 -20.72 -51.02
C ASN FA 15 74.93 -19.55 -50.34
N VAL FA 16 74.26 -18.72 -51.16
CA VAL FA 16 73.59 -17.54 -50.64
C VAL FA 16 72.54 -17.92 -49.60
N ALA FA 17 71.98 -19.12 -49.75
CA ALA FA 17 70.96 -19.62 -48.83
C ALA FA 17 71.60 -20.20 -47.57
N ALA FA 18 72.85 -20.65 -47.71
CA ALA FA 18 73.59 -21.21 -46.59
C ALA FA 18 73.98 -20.11 -45.58
N GLN FA 19 74.39 -18.96 -46.10
CA GLN FA 19 74.76 -17.82 -45.25
C GLN FA 19 73.51 -17.13 -44.71
N ALA FA 20 72.49 -17.01 -45.56
CA ALA FA 20 71.23 -16.39 -45.14
C ALA FA 20 70.60 -17.17 -44.00
N ILE FA 21 70.66 -18.49 -44.09
CA ILE FA 21 70.13 -19.36 -43.05
C ILE FA 21 70.96 -19.28 -41.78
N ARG FA 22 72.26 -19.49 -41.92
CA ARG FA 22 73.18 -19.43 -40.80
C ARG FA 22 73.14 -18.07 -40.11
N SER FA 23 72.62 -17.07 -40.81
CA SER FA 23 72.52 -15.71 -40.28
C SER FA 23 71.09 -15.34 -39.95
N SER FA 24 70.19 -16.31 -40.02
CA SER FA 24 68.78 -16.07 -39.74
C SER FA 24 68.38 -16.68 -38.40
N LEU FA 25 69.37 -17.16 -37.67
CA LEU FA 25 69.12 -17.82 -36.39
C LEU FA 25 69.41 -16.89 -35.22
N LYS FA 26 69.43 -17.46 -34.01
CA LYS FA 26 69.72 -16.70 -32.81
C LYS FA 26 71.20 -16.33 -32.74
N THR FA 27 71.49 -15.18 -32.15
CA THR FA 27 72.87 -14.73 -32.02
C THR FA 27 73.55 -15.44 -30.86
N GLU FA 28 72.75 -16.04 -30.00
CA GLU FA 28 73.26 -16.75 -28.82
C GLU FA 28 73.71 -18.17 -29.16
N LEU FA 29 72.97 -18.83 -30.04
CA LEU FA 29 73.30 -20.20 -30.43
C LEU FA 29 74.15 -20.22 -31.69
N GLN FA 30 74.93 -19.16 -31.90
CA GLN FA 30 75.77 -19.05 -33.09
C GLN FA 30 77.26 -19.18 -32.76
N THR FA 31 77.73 -20.42 -32.67
CA THR FA 31 79.12 -20.67 -32.33
C THR FA 31 80.08 -19.97 -33.29
N ALA FA 32 81.32 -19.81 -32.85
CA ALA FA 32 82.35 -19.18 -33.68
C ALA FA 32 82.64 -20.07 -34.88
N SER FA 33 82.28 -21.34 -34.76
CA SER FA 33 82.46 -22.30 -35.84
C SER FA 33 81.72 -21.86 -37.09
N VAL FA 34 80.58 -21.20 -36.89
CA VAL FA 34 79.75 -20.74 -38.00
C VAL FA 34 80.23 -19.40 -38.53
N LEU FA 35 80.74 -18.55 -37.63
CA LEU FA 35 81.27 -17.25 -38.02
C LEU FA 35 82.34 -17.39 -39.12
N ASN FA 36 83.44 -18.04 -38.79
CA ASN FA 36 84.54 -18.24 -39.74
C ASN FA 36 84.15 -19.14 -40.91
N ARG FA 37 83.00 -19.81 -40.76
CA ARG FA 37 82.47 -20.68 -41.79
C ARG FA 37 81.91 -19.86 -42.95
N SER FA 38 81.62 -18.60 -42.66
CA SER FA 38 81.10 -17.68 -43.65
C SER FA 38 82.13 -16.61 -44.02
N GLN FA 39 83.32 -16.74 -43.46
CA GLN FA 39 84.40 -15.78 -43.71
C GLN FA 39 85.49 -16.36 -44.60
N THR FA 40 85.98 -15.54 -45.52
CA THR FA 40 87.01 -15.96 -46.47
C THR FA 40 87.83 -14.77 -46.97
N ASP FA 41 89.13 -14.98 -47.10
CA ASP FA 41 90.04 -13.92 -47.56
C ASP FA 41 90.91 -14.41 -48.70
N ALA FA 42 90.29 -14.97 -49.73
CA ALA FA 42 91.04 -15.50 -50.87
C ALA FA 42 90.82 -14.64 -52.12
N PHE FA 43 91.92 -14.30 -52.79
CA PHE FA 43 91.85 -13.50 -54.02
C PHE FA 43 92.34 -14.31 -55.22
N TYR FA 44 91.69 -14.11 -56.36
CA TYR FA 44 92.04 -14.83 -57.60
C TYR FA 44 92.74 -13.94 -58.60
N THR FA 45 93.58 -14.55 -59.44
CA THR FA 45 94.32 -13.80 -60.44
C THR FA 45 94.46 -14.59 -61.73
N GLN FA 46 94.01 -13.99 -62.82
CA GLN FA 46 94.10 -14.64 -64.12
C GLN FA 46 95.47 -14.40 -64.73
N TYR FA 47 96.08 -15.47 -65.24
CA TYR FA 47 97.41 -15.41 -65.84
C TYR FA 47 97.37 -15.64 -67.35
N LYS FA 48 98.39 -15.16 -68.05
CA LYS FA 48 98.48 -15.32 -69.51
C LYS FA 48 99.37 -16.49 -69.89
N ASN FA 49 99.72 -16.54 -71.17
CA ASN FA 49 100.58 -17.60 -71.68
C ASN FA 49 102.04 -17.28 -71.43
N GLY FA 50 102.31 -16.03 -71.09
CA GLY FA 50 103.67 -15.59 -70.82
C GLY FA 50 103.87 -15.14 -69.40
N THR FA 51 103.42 -15.95 -68.45
CA THR FA 51 103.55 -15.66 -67.03
C THR FA 51 102.87 -14.35 -66.61
N ALA FA 52 102.23 -13.69 -67.59
CA ALA FA 52 101.53 -12.44 -67.32
C ALA FA 52 100.36 -12.68 -66.38
N ALA FA 53 99.79 -11.60 -65.86
CA ALA FA 53 98.67 -11.71 -64.92
C ALA FA 53 97.74 -10.50 -65.00
N SER FA 54 96.51 -10.67 -64.51
CA SER FA 54 95.53 -9.59 -64.49
C SER FA 54 95.46 -8.95 -63.10
N GLU FA 55 94.80 -7.80 -63.01
CA GLU FA 55 94.66 -7.09 -61.73
C GLU FA 55 93.97 -7.97 -60.69
N PRO FA 56 94.62 -8.16 -59.53
CA PRO FA 56 94.06 -9.03 -58.48
C PRO FA 56 92.68 -8.58 -58.01
N THR FA 57 91.81 -9.54 -57.70
CA THR FA 57 90.44 -9.23 -57.24
C THR FA 57 89.96 -10.24 -56.19
N PRO FA 58 88.96 -9.84 -55.39
CA PRO FA 58 88.42 -10.71 -54.33
C PRO FA 58 87.44 -11.75 -54.87
N ILE FA 59 87.50 -12.96 -54.34
CA ILE FA 59 86.61 -14.04 -54.76
C ILE FA 59 85.15 -13.63 -54.52
N MET GA 1 4.45 -55.49 -90.87
CA MET GA 1 5.52 -54.74 -90.22
C MET GA 1 6.64 -54.40 -91.21
N GLN GA 2 6.93 -53.12 -91.35
CA GLN GA 2 7.96 -52.66 -92.25
C GLN GA 2 8.65 -51.40 -91.73
N LEU GA 3 7.83 -50.44 -91.27
CA LEU GA 3 8.35 -49.19 -90.73
C LEU GA 3 9.11 -49.40 -89.42
N VAL GA 4 8.59 -50.29 -88.58
CA VAL GA 4 9.21 -50.61 -87.30
C VAL GA 4 10.42 -51.53 -87.47
N LEU GA 5 10.40 -52.35 -88.52
CA LEU GA 5 11.51 -53.24 -88.82
C LEU GA 5 12.75 -52.45 -89.25
N ALA GA 6 12.52 -51.39 -90.02
CA ALA GA 6 13.61 -50.56 -90.51
C ALA GA 6 14.36 -49.86 -89.37
N ALA GA 7 13.64 -49.57 -88.29
CA ALA GA 7 14.22 -48.91 -87.13
C ALA GA 7 15.13 -49.87 -86.34
N LYS GA 8 15.01 -51.16 -86.63
CA LYS GA 8 15.83 -52.16 -85.98
C LYS GA 8 17.27 -52.12 -86.50
N TYR GA 9 17.43 -51.75 -87.76
CA TYR GA 9 18.76 -51.67 -88.37
C TYR GA 9 19.42 -50.32 -88.07
N ILE GA 10 18.62 -49.26 -88.04
CA ILE GA 10 19.12 -47.92 -87.76
C ILE GA 10 19.62 -47.82 -86.32
N GLY GA 11 18.89 -48.45 -85.40
CA GLY GA 11 19.25 -48.44 -84.00
C GLY GA 11 20.43 -49.34 -83.68
N ALA GA 12 20.68 -50.32 -84.54
CA ALA GA 12 21.78 -51.26 -84.33
C ALA GA 12 23.12 -50.66 -84.75
N GLY GA 13 23.09 -49.78 -85.75
CA GLY GA 13 24.29 -49.14 -86.25
C GLY GA 13 24.74 -48.00 -85.36
N ILE GA 14 23.84 -47.53 -84.50
CA ILE GA 14 24.16 -46.44 -83.58
C ILE GA 14 24.69 -46.98 -82.26
N SER GA 15 24.25 -48.18 -81.89
CA SER GA 15 24.68 -48.78 -80.62
C SER GA 15 26.14 -49.23 -80.69
N THR GA 16 26.72 -49.19 -81.89
CA THR GA 16 28.13 -49.53 -82.07
C THR GA 16 29.03 -48.36 -81.70
N ILE GA 17 28.46 -47.15 -81.71
CA ILE GA 17 29.20 -45.94 -81.35
C ILE GA 17 29.59 -45.97 -79.88
N GLY GA 18 28.78 -46.65 -79.07
CA GLY GA 18 29.05 -46.76 -77.64
C GLY GA 18 30.22 -47.67 -77.32
N LEU GA 19 30.78 -48.30 -78.34
CA LEU GA 19 31.90 -49.22 -78.15
C LEU GA 19 33.25 -48.51 -78.23
N LEU GA 20 33.22 -47.20 -78.39
CA LEU GA 20 34.44 -46.40 -78.42
C LEU GA 20 35.09 -46.38 -77.05
N GLY GA 21 34.27 -46.52 -76.01
CA GLY GA 21 34.76 -46.50 -74.64
C GLY GA 21 35.67 -47.66 -74.33
N ALA GA 22 35.53 -48.74 -75.10
CA ALA GA 22 36.34 -49.93 -74.90
C ALA GA 22 37.60 -49.89 -75.74
N GLY GA 23 37.54 -49.17 -76.87
CA GLY GA 23 38.68 -49.05 -77.75
C GLY GA 23 39.72 -48.12 -77.18
N ILE GA 24 39.29 -46.91 -76.83
CA ILE GA 24 40.18 -45.91 -76.27
C ILE GA 24 40.40 -46.13 -74.78
N GLY GA 25 39.35 -46.60 -74.10
CA GLY GA 25 39.43 -46.86 -72.67
C GLY GA 25 40.49 -47.88 -72.32
N ILE GA 26 40.32 -49.11 -72.81
CA ILE GA 26 41.27 -50.18 -72.54
C ILE GA 26 42.66 -49.80 -73.03
N ALA GA 27 42.72 -48.93 -74.03
CA ALA GA 27 43.99 -48.47 -74.56
C ALA GA 27 44.80 -47.73 -73.50
N ILE GA 28 44.16 -46.77 -72.83
CA ILE GA 28 44.82 -45.98 -71.80
C ILE GA 28 45.23 -46.85 -70.61
N VAL GA 29 44.35 -47.74 -70.20
CA VAL GA 29 44.63 -48.62 -69.06
C VAL GA 29 45.82 -49.53 -69.34
N PHE GA 30 45.91 -50.03 -70.56
CA PHE GA 30 46.99 -50.91 -70.95
C PHE GA 30 48.26 -50.11 -71.21
N ALA GA 31 48.09 -48.89 -71.73
CA ALA GA 31 49.22 -48.02 -72.02
C ALA GA 31 49.98 -47.61 -70.75
N ALA GA 32 49.26 -47.51 -69.64
CA ALA GA 32 49.87 -47.14 -68.37
C ALA GA 32 50.82 -48.23 -67.89
N LEU GA 33 50.46 -49.48 -68.14
CA LEU GA 33 51.32 -50.61 -67.77
C LEU GA 33 52.62 -50.58 -68.58
N ILE GA 34 52.54 -50.10 -69.81
CA ILE GA 34 53.72 -50.00 -70.66
C ILE GA 34 54.65 -48.88 -70.20
N ASN GA 35 54.05 -47.76 -69.81
CA ASN GA 35 54.82 -46.62 -69.34
C ASN GA 35 55.21 -46.73 -67.87
N GLY GA 36 54.73 -47.80 -67.22
CA GLY GA 36 55.06 -48.05 -65.83
C GLY GA 36 56.25 -48.96 -65.64
N VAL GA 37 56.33 -50.02 -66.45
CA VAL GA 37 57.43 -50.98 -66.35
C VAL GA 37 58.70 -50.49 -67.03
N SER GA 38 58.56 -49.49 -67.90
CA SER GA 38 59.72 -48.94 -68.61
C SER GA 38 60.46 -47.95 -67.74
N ARG GA 39 59.84 -47.58 -66.61
CA ARG GA 39 60.42 -46.61 -65.70
C ARG GA 39 60.69 -47.28 -64.35
N ASN GA 40 60.21 -48.51 -64.20
CA ASN GA 40 60.38 -49.24 -62.94
C ASN GA 40 60.37 -50.74 -63.18
N PRO GA 41 61.43 -51.25 -63.84
CA PRO GA 41 61.49 -52.67 -64.23
C PRO GA 41 61.34 -53.60 -63.03
N SER GA 42 61.57 -53.08 -61.83
CA SER GA 42 61.48 -53.87 -60.62
C SER GA 42 60.10 -54.50 -60.48
N ILE GA 43 59.09 -53.66 -60.26
CA ILE GA 43 57.73 -54.12 -60.05
C ILE GA 43 57.06 -54.56 -61.36
N LYS GA 44 56.59 -55.81 -61.37
CA LYS GA 44 55.96 -56.38 -62.55
C LYS GA 44 54.79 -57.27 -62.15
N ASP GA 45 55.05 -58.23 -61.27
CA ASP GA 45 54.03 -59.15 -60.80
C ASP GA 45 53.09 -58.48 -59.80
N THR GA 46 53.07 -57.15 -59.80
CA THR GA 46 52.19 -56.39 -58.92
C THR GA 46 51.26 -55.48 -59.71
N VAL GA 47 51.79 -54.88 -60.78
CA VAL GA 47 51.00 -53.99 -61.63
C VAL GA 47 50.31 -54.74 -62.76
N PHE GA 48 50.93 -55.85 -63.20
CA PHE GA 48 50.40 -56.68 -64.27
C PHE GA 48 49.04 -57.30 -63.90
N PRO GA 49 48.93 -57.88 -62.68
CA PRO GA 49 47.67 -58.50 -62.27
C PRO GA 49 46.54 -57.49 -62.15
N MET GA 50 46.81 -56.34 -61.53
CA MET GA 50 45.80 -55.31 -61.38
C MET GA 50 45.43 -54.70 -62.74
N ALA GA 51 46.41 -54.66 -63.65
CA ALA GA 51 46.15 -54.14 -64.99
C ALA GA 51 45.07 -54.94 -65.70
N ILE GA 52 45.09 -56.25 -65.53
CA ILE GA 52 44.09 -57.14 -66.11
C ILE GA 52 42.71 -56.85 -65.48
N LEU GA 53 42.71 -56.53 -64.19
CA LEU GA 53 41.47 -56.20 -63.49
C LEU GA 53 40.78 -54.99 -64.12
N GLY GA 54 41.60 -54.01 -64.52
CA GLY GA 54 41.08 -52.82 -65.17
C GLY GA 54 40.51 -53.12 -66.54
N PHE GA 55 40.98 -54.21 -67.14
CA PHE GA 55 40.49 -54.64 -68.44
C PHE GA 55 39.02 -55.02 -68.40
N ALA GA 56 38.67 -55.90 -67.47
CA ALA GA 56 37.28 -56.35 -67.32
C ALA GA 56 36.35 -55.20 -66.94
N LEU GA 57 36.88 -54.18 -66.29
CA LEU GA 57 36.09 -53.02 -65.90
C LEU GA 57 35.78 -52.14 -67.10
N SER GA 58 36.76 -52.01 -68.00
CA SER GA 58 36.59 -51.20 -69.20
C SER GA 58 35.95 -52.01 -70.32
N GLU GA 59 36.02 -53.33 -70.20
CA GLU GA 59 35.41 -54.22 -71.18
C GLU GA 59 33.90 -54.22 -71.03
N ALA GA 60 33.41 -53.73 -69.89
CA ALA GA 60 31.98 -53.66 -69.63
C ALA GA 60 31.26 -52.86 -70.72
N THR GA 61 31.74 -51.64 -70.97
CA THR GA 61 31.15 -50.78 -71.98
C THR GA 61 31.21 -51.41 -73.38
N GLY GA 62 32.13 -52.36 -73.56
CA GLY GA 62 32.27 -53.05 -74.82
C GLY GA 62 31.43 -54.31 -74.92
N LEU GA 63 30.72 -54.62 -73.84
CA LEU GA 63 29.83 -55.78 -73.81
C LEU GA 63 28.37 -55.34 -73.84
N PHE GA 64 28.02 -54.37 -73.00
CA PHE GA 64 26.65 -53.85 -72.96
C PHE GA 64 26.22 -53.32 -74.31
N CYS GA 65 27.00 -52.39 -74.86
CA CYS GA 65 26.69 -51.81 -76.16
C CYS GA 65 26.77 -52.84 -77.27
N LEU GA 66 27.49 -53.93 -77.01
CA LEU GA 66 27.61 -55.01 -77.97
C LEU GA 66 26.35 -55.88 -77.97
N MET GA 67 25.75 -56.05 -76.80
CA MET GA 67 24.53 -56.85 -76.67
C MET GA 67 23.34 -56.10 -77.24
N VAL GA 68 23.38 -54.78 -77.18
CA VAL GA 68 22.29 -53.95 -77.69
C VAL GA 68 22.11 -54.13 -79.20
N SER GA 69 23.21 -54.37 -79.90
CA SER GA 69 23.15 -54.57 -81.35
C SER GA 69 22.51 -55.90 -81.71
N PHE GA 70 22.75 -56.93 -80.88
CA PHE GA 70 22.15 -58.24 -81.11
C PHE GA 70 20.67 -58.25 -80.75
N LEU GA 71 20.27 -57.38 -79.85
CA LEU GA 71 18.87 -57.26 -79.45
C LEU GA 71 18.07 -56.44 -80.45
N LEU GA 72 18.69 -56.14 -81.59
CA LEU GA 72 18.04 -55.36 -82.63
C LEU GA 72 18.20 -56.05 -83.99
N LEU GA 73 19.06 -57.05 -84.03
CA LEU GA 73 19.32 -57.80 -85.26
C LEU GA 73 18.92 -59.26 -85.12
N PHE GA 74 19.36 -59.89 -84.03
CA PHE GA 74 19.06 -61.29 -83.79
C PHE GA 74 18.22 -61.45 -82.52
N GLY GA 75 17.64 -60.35 -82.06
CA GLY GA 75 16.83 -60.38 -80.86
C GLY GA 75 15.46 -59.76 -81.06
N VAL GA 76 15.31 -58.52 -80.63
CA VAL GA 76 14.07 -57.77 -80.75
C VAL GA 76 12.92 -58.42 -79.95
N MET HA 1 -0.46 -49.29 -82.94
CA MET HA 1 0.82 -48.65 -82.64
C MET HA 1 1.93 -49.23 -83.51
N GLN HA 2 2.60 -48.37 -84.26
CA GLN HA 2 3.69 -48.79 -85.14
C GLN HA 2 4.74 -47.71 -85.27
N LEU HA 3 4.30 -46.48 -85.49
CA LEU HA 3 5.21 -45.34 -85.64
C LEU HA 3 5.92 -45.01 -84.32
N VAL HA 4 5.18 -45.12 -83.22
CA VAL HA 4 5.74 -44.86 -81.90
C VAL HA 4 6.60 -46.03 -81.39
N LEU HA 5 6.28 -47.23 -81.86
CA LEU HA 5 7.05 -48.42 -81.50
C LEU HA 5 8.44 -48.38 -82.11
N ALA HA 6 8.51 -47.89 -83.35
CA ALA HA 6 9.78 -47.80 -84.06
C ALA HA 6 10.76 -46.84 -83.37
N ALA HA 7 10.22 -45.83 -82.71
CA ALA HA 7 11.03 -44.85 -81.99
C ALA HA 7 11.64 -45.44 -80.72
N LYS HA 8 11.11 -46.58 -80.30
CA LYS HA 8 11.61 -47.26 -79.11
C LYS HA 8 12.97 -47.91 -79.39
N TYR HA 9 13.18 -48.36 -80.63
CA TYR HA 9 14.43 -48.99 -81.01
C TYR HA 9 15.49 -47.95 -81.39
N ILE HA 10 15.05 -46.87 -82.02
CA ILE HA 10 15.97 -45.80 -82.42
C ILE HA 10 16.54 -45.08 -81.20
N GLY HA 11 15.69 -44.87 -80.20
CA GLY HA 11 16.10 -44.22 -78.97
C GLY HA 11 16.97 -45.10 -78.07
N ALA HA 12 16.86 -46.41 -78.25
CA ALA HA 12 17.63 -47.35 -77.45
C ALA HA 12 19.06 -47.49 -77.95
N GLY HA 13 19.25 -47.33 -79.25
CA GLY HA 13 20.57 -47.42 -79.85
C GLY HA 13 21.39 -46.16 -79.65
N ILE HA 14 20.72 -45.08 -79.29
CA ILE HA 14 21.40 -43.81 -79.05
C ILE HA 14 21.81 -43.68 -77.57
N SER HA 15 21.03 -44.30 -76.69
CA SER HA 15 21.32 -44.22 -75.26
C SER HA 15 22.57 -45.03 -74.89
N THR HA 16 23.07 -45.81 -75.85
CA THR HA 16 24.30 -46.57 -75.64
C THR HA 16 25.54 -45.70 -75.84
N ILE HA 17 25.36 -44.59 -76.55
CA ILE HA 17 26.45 -43.65 -76.78
C ILE HA 17 26.88 -42.98 -75.47
N GLY HA 18 25.95 -42.86 -74.54
CA GLY HA 18 26.24 -42.26 -73.25
C GLY HA 18 27.09 -43.14 -72.35
N LEU HA 19 27.38 -44.35 -72.81
CA LEU HA 19 28.16 -45.30 -72.03
C LEU HA 19 29.66 -45.16 -72.28
N LEU HA 20 30.03 -44.20 -73.12
CA LEU HA 20 31.43 -43.93 -73.40
C LEU HA 20 32.12 -43.36 -72.18
N GLY HA 21 31.35 -42.68 -71.34
CA GLY HA 21 31.89 -42.06 -70.14
C GLY HA 21 32.42 -43.09 -69.16
N ALA HA 22 31.91 -44.31 -69.25
CA ALA HA 22 32.32 -45.37 -68.35
C ALA HA 22 33.49 -46.16 -68.92
N GLY HA 23 33.60 -46.17 -70.24
CA GLY HA 23 34.67 -46.89 -70.91
C GLY HA 23 35.99 -46.12 -70.79
N ILE HA 24 35.96 -44.87 -71.18
CA ILE HA 24 37.15 -44.03 -71.12
C ILE HA 24 37.36 -43.46 -69.73
N GLY HA 25 36.25 -43.16 -69.04
CA GLY HA 25 36.32 -42.63 -67.69
C GLY HA 25 37.02 -43.54 -66.73
N ILE HA 26 36.46 -44.73 -66.52
CA ILE HA 26 37.04 -45.71 -65.61
C ILE HA 26 38.46 -46.07 -66.04
N ALA HA 27 38.73 -45.93 -67.33
CA ALA HA 27 40.06 -46.21 -67.86
C ALA HA 27 41.10 -45.28 -67.25
N ILE HA 28 40.82 -43.98 -67.27
CA ILE HA 28 41.74 -42.99 -66.74
C ILE HA 28 41.94 -43.15 -65.22
N VAL HA 29 40.84 -43.39 -64.52
CA VAL HA 29 40.87 -43.56 -63.06
C VAL HA 29 41.72 -44.77 -62.67
N PHE HA 30 41.58 -45.85 -63.43
CA PHE HA 30 42.33 -47.07 -63.15
C PHE HA 30 43.78 -46.92 -63.63
N ALA HA 31 43.96 -46.19 -64.73
CA ALA HA 31 45.29 -45.97 -65.29
C ALA HA 31 46.20 -45.20 -64.34
N ALA HA 32 45.60 -44.31 -63.55
CA ALA HA 32 46.35 -43.50 -62.59
C ALA HA 32 46.95 -44.38 -61.49
N LEU HA 33 46.21 -45.41 -61.09
CA LEU HA 33 46.67 -46.35 -60.08
C LEU HA 33 47.89 -47.13 -60.60
N ILE HA 34 47.90 -47.38 -61.91
CA ILE HA 34 49.02 -48.11 -62.53
C ILE HA 34 50.27 -47.23 -62.61
N ASN HA 35 50.09 -45.96 -62.97
CA ASN HA 35 51.22 -45.06 -63.08
C ASN HA 35 51.70 -44.58 -61.70
N GLY HA 36 50.77 -44.52 -60.75
CA GLY HA 36 51.08 -44.09 -59.40
C GLY HA 36 51.96 -45.07 -58.65
N VAL HA 37 51.58 -46.35 -58.66
CA VAL HA 37 52.35 -47.38 -57.98
C VAL HA 37 53.62 -47.76 -58.74
N SER HA 38 53.77 -47.25 -59.96
CA SER HA 38 54.97 -47.49 -60.74
C SER HA 38 56.09 -46.58 -60.27
N ARG HA 39 55.72 -45.51 -59.59
CA ARG HA 39 56.70 -44.57 -59.07
C ARG HA 39 56.83 -44.68 -57.56
N ASN HA 40 55.92 -45.41 -56.94
CA ASN HA 40 55.98 -45.61 -55.49
C ASN HA 40 55.22 -46.84 -55.01
N PRO HA 41 55.79 -48.04 -55.25
CA PRO HA 41 55.14 -49.32 -54.98
C PRO HA 41 54.81 -49.50 -53.51
N SER HA 42 55.54 -48.81 -52.63
CA SER HA 42 55.28 -48.93 -51.20
C SER HA 42 53.84 -48.55 -50.92
N ILE HA 43 53.49 -47.28 -51.12
CA ILE HA 43 52.09 -46.88 -50.93
C ILE HA 43 51.25 -47.70 -51.88
N LYS HA 44 50.40 -48.53 -51.30
CA LYS HA 44 49.57 -49.43 -52.07
C LYS HA 44 48.20 -49.59 -51.42
N ASP HA 45 48.20 -49.96 -50.14
CA ASP HA 45 46.96 -50.14 -49.39
C ASP HA 45 46.33 -48.80 -49.01
N THR HA 46 46.72 -47.74 -49.71
CA THR HA 46 46.16 -46.42 -49.48
C THR HA 46 45.52 -45.85 -50.75
N VAL HA 47 46.15 -46.11 -51.90
CA VAL HA 47 45.63 -45.63 -53.18
C VAL HA 47 44.70 -46.65 -53.83
N PHE HA 48 44.93 -47.93 -53.53
CA PHE HA 48 44.11 -49.00 -54.06
C PHE HA 48 42.65 -48.91 -53.60
N PRO HA 49 42.43 -48.69 -52.30
CA PRO HA 49 41.05 -48.61 -51.78
C PRO HA 49 40.29 -47.41 -52.35
N MET HA 50 40.94 -46.25 -52.40
CA MET HA 50 40.31 -45.06 -52.94
C MET HA 50 40.08 -45.21 -54.45
N ALA HA 51 40.97 -45.94 -55.12
CA ALA HA 51 40.83 -46.18 -56.56
C ALA HA 51 39.51 -46.88 -56.87
N ILE HA 52 39.14 -47.84 -56.02
CA ILE HA 52 37.88 -48.56 -56.17
C ILE HA 52 36.70 -47.62 -55.98
N LEU HA 53 36.86 -46.65 -55.06
CA LEU HA 53 35.81 -45.67 -54.80
C LEU HA 53 35.51 -44.85 -56.05
N GLY HA 54 36.55 -44.52 -56.80
CA GLY HA 54 36.40 -43.78 -58.04
C GLY HA 54 35.70 -44.60 -59.10
N PHE HA 55 35.78 -45.91 -58.98
CA PHE HA 55 35.13 -46.82 -59.92
C PHE HA 55 33.61 -46.68 -59.86
N ALA HA 56 33.05 -46.78 -58.67
CA ALA HA 56 31.60 -46.65 -58.48
C ALA HA 56 31.08 -45.27 -58.89
N LEU HA 57 31.94 -44.26 -58.81
CA LEU HA 57 31.57 -42.90 -59.19
C LEU HA 57 31.48 -42.77 -60.70
N SER HA 58 32.41 -43.43 -61.39
CA SER HA 58 32.44 -43.38 -62.86
C SER HA 58 31.53 -44.45 -63.46
N GLU HA 59 31.19 -45.45 -62.65
CA GLU HA 59 30.29 -46.51 -63.07
C GLU HA 59 28.87 -46.00 -63.15
N ALA HA 60 28.61 -44.86 -62.51
CA ALA HA 60 27.29 -44.26 -62.52
C ALA HA 60 26.79 -44.00 -63.95
N THR HA 61 27.62 -43.31 -64.73
CA THR HA 61 27.28 -43.00 -66.12
C THR HA 61 27.06 -44.27 -66.94
N GLY HA 62 27.63 -45.38 -66.48
CA GLY HA 62 27.50 -46.66 -67.16
C GLY HA 62 26.30 -47.45 -66.71
N LEU HA 63 25.59 -46.92 -65.71
CA LEU HA 63 24.39 -47.57 -65.19
C LEU HA 63 23.14 -46.83 -65.63
N PHE HA 64 23.14 -45.51 -65.48
CA PHE HA 64 22.01 -44.68 -65.89
C PHE HA 64 21.70 -44.86 -67.38
N CYS HA 65 22.70 -44.65 -68.22
CA CYS HA 65 22.53 -44.79 -69.66
C CYS HA 65 22.21 -46.23 -70.03
N LEU HA 66 22.58 -47.16 -69.16
CA LEU HA 66 22.31 -48.57 -69.37
C LEU HA 66 20.85 -48.90 -69.09
N MET HA 67 20.29 -48.24 -68.09
CA MET HA 67 18.89 -48.45 -67.72
C MET HA 67 17.95 -47.83 -68.74
N VAL HA 68 18.40 -46.75 -69.38
CA VAL HA 68 17.59 -46.07 -70.39
C VAL HA 68 17.30 -46.96 -71.58
N SER HA 69 18.24 -47.85 -71.91
CA SER HA 69 18.06 -48.76 -73.03
C SER HA 69 17.01 -49.83 -72.70
N PHE HA 70 16.97 -50.27 -71.45
CA PHE HA 70 15.99 -51.27 -71.02
C PHE HA 70 14.58 -50.67 -70.90
N LEU HA 71 14.52 -49.36 -70.65
CA LEU HA 71 13.24 -48.66 -70.56
C LEU HA 71 12.69 -48.32 -71.94
N LEU HA 72 13.32 -48.86 -72.97
CA LEU HA 72 12.88 -48.63 -74.35
C LEU HA 72 12.76 -49.94 -75.11
N LEU HA 73 13.26 -51.01 -74.50
CA LEU HA 73 13.22 -52.33 -75.12
C LEU HA 73 12.40 -53.31 -74.28
N PHE HA 74 12.68 -53.35 -72.98
CA PHE HA 74 11.98 -54.24 -72.07
C PHE HA 74 11.18 -53.46 -71.03
N GLY HA 75 10.99 -52.17 -71.29
CA GLY HA 75 10.28 -51.31 -70.36
C GLY HA 75 9.15 -50.54 -71.04
N VAL HA 76 9.42 -49.27 -71.35
CA VAL HA 76 8.46 -48.40 -72.01
C VAL HA 76 7.20 -48.15 -71.13
N MET IA 1 -2.75 -38.98 -80.11
CA MET IA 1 -1.33 -38.66 -80.03
C MET IA 1 -0.46 -39.86 -80.35
N GLN IA 2 0.39 -39.73 -81.35
CA GLN IA 2 1.28 -40.81 -81.75
C GLN IA 2 2.60 -40.26 -82.28
N LEU IA 3 2.53 -39.25 -83.14
CA LEU IA 3 3.72 -38.65 -83.73
C LEU IA 3 4.54 -37.89 -82.69
N VAL IA 4 3.84 -37.22 -81.77
CA VAL IA 4 4.51 -36.48 -80.70
C VAL IA 4 5.00 -37.40 -79.57
N LEU IA 5 4.33 -38.54 -79.41
CA LEU IA 5 4.73 -39.52 -78.41
C LEU IA 5 6.06 -40.18 -78.80
N ALA IA 6 6.23 -40.44 -80.09
CA ALA IA 6 7.44 -41.07 -80.60
C ALA IA 6 8.68 -40.19 -80.36
N ALA IA 7 8.47 -38.88 -80.36
CA ALA IA 7 9.56 -37.94 -80.15
C ALA IA 7 10.01 -37.93 -78.69
N LYS IA 8 9.20 -38.50 -77.83
CA LYS IA 8 9.52 -38.58 -76.40
C LYS IA 8 10.62 -39.62 -76.15
N TYR IA 9 10.65 -40.66 -76.97
CA TYR IA 9 11.65 -41.71 -76.83
C TYR IA 9 12.95 -41.34 -77.54
N ILE IA 10 12.83 -40.67 -78.69
CA ILE IA 10 14.00 -40.24 -79.45
C ILE IA 10 14.79 -39.18 -78.70
N GLY IA 11 14.08 -38.28 -78.04
CA GLY IA 11 14.71 -37.22 -77.27
C GLY IA 11 15.31 -37.71 -75.96
N ALA IA 12 14.82 -38.84 -75.47
CA ALA IA 12 15.31 -39.41 -74.21
C ALA IA 12 16.63 -40.15 -74.40
N GLY IA 13 16.80 -40.73 -75.58
CA GLY IA 13 18.01 -41.47 -75.89
C GLY IA 13 19.17 -40.57 -76.24
N ILE IA 14 18.86 -39.32 -76.56
CA ILE IA 14 19.89 -38.33 -76.91
C ILE IA 14 20.37 -37.58 -75.67
N SER IA 15 19.48 -37.43 -74.69
CA SER IA 15 19.82 -36.71 -73.47
C SER IA 15 20.79 -37.51 -72.60
N THR IA 16 21.02 -38.76 -72.97
CA THR IA 16 21.97 -39.62 -72.27
C THR IA 16 23.40 -39.33 -72.72
N ILE IA 17 23.54 -38.75 -73.91
CA ILE IA 17 24.85 -38.39 -74.45
C ILE IA 17 25.50 -37.29 -73.61
N GLY IA 18 24.67 -36.47 -72.98
CA GLY IA 18 25.18 -35.39 -72.15
C GLY IA 18 25.77 -35.87 -70.83
N LEU IA 19 25.68 -37.17 -70.58
CA LEU IA 19 26.18 -37.75 -69.34
C LEU IA 19 27.64 -38.17 -69.45
N LEU IA 20 28.24 -37.91 -70.61
CA LEU IA 20 29.66 -38.22 -70.81
C LEU IA 20 30.52 -37.30 -69.96
N GLY IA 21 30.02 -36.11 -69.68
CA GLY IA 21 30.74 -35.13 -68.90
C GLY IA 21 31.00 -35.61 -67.47
N ALA IA 22 30.14 -36.51 -67.00
CA ALA IA 22 30.26 -37.03 -65.65
C ALA IA 22 31.14 -38.28 -65.61
N GLY IA 23 31.19 -38.99 -66.73
CA GLY IA 23 31.99 -40.20 -66.82
C GLY IA 23 33.46 -39.88 -66.93
N ILE IA 24 33.79 -39.04 -67.90
CA ILE IA 24 35.17 -38.64 -68.13
C ILE IA 24 35.59 -37.52 -67.19
N GLY IA 25 34.64 -36.63 -66.88
CA GLY IA 25 34.91 -35.51 -66.00
C GLY IA 25 35.36 -35.96 -64.62
N ILE IA 26 34.48 -36.67 -63.92
CA ILE IA 26 34.78 -37.15 -62.57
C ILE IA 26 36.02 -38.04 -62.59
N ALA IA 27 36.27 -38.68 -63.73
CA ALA IA 27 37.45 -39.53 -63.89
C ALA IA 27 38.73 -38.73 -63.71
N ILE IA 28 38.84 -37.60 -64.41
CA ILE IA 28 40.03 -36.77 -64.34
C ILE IA 28 40.22 -36.18 -62.95
N VAL IA 29 39.12 -35.72 -62.34
CA VAL IA 29 39.16 -35.12 -61.01
C VAL IA 29 39.64 -36.13 -59.97
N PHE IA 30 39.16 -37.36 -60.09
CA PHE IA 30 39.54 -38.41 -59.16
C PHE IA 30 40.94 -38.93 -59.47
N ALA IA 31 41.29 -38.93 -60.75
CA ALA IA 31 42.61 -39.41 -61.18
C ALA IA 31 43.73 -38.52 -60.66
N ALA IA 32 43.45 -37.23 -60.49
CA ALA IA 32 44.44 -36.29 -59.98
C ALA IA 32 44.79 -36.60 -58.53
N LEU IA 33 43.79 -37.03 -57.76
CA LEU IA 33 44.02 -37.41 -56.37
C LEU IA 33 44.92 -38.63 -56.28
N ILE IA 34 44.83 -39.51 -57.27
CA ILE IA 34 45.65 -40.72 -57.30
C ILE IA 34 47.10 -40.38 -57.67
N ASN IA 35 47.27 -39.47 -58.60
CA ASN IA 35 48.61 -39.05 -59.01
C ASN IA 35 49.24 -38.09 -58.01
N GLY IA 36 48.40 -37.52 -57.15
CA GLY IA 36 48.87 -36.57 -56.16
C GLY IA 36 49.41 -37.25 -54.91
N VAL IA 37 48.66 -38.21 -54.40
CA VAL IA 37 49.05 -38.94 -53.20
C VAL IA 37 50.26 -39.85 -53.44
N SER IA 38 50.49 -40.22 -54.69
CA SER IA 38 51.62 -41.09 -55.04
C SER IA 38 52.88 -40.26 -55.20
N ARG IA 39 52.75 -38.95 -54.97
CA ARG IA 39 53.86 -38.03 -55.12
C ARG IA 39 54.07 -37.25 -53.84
N ASN IA 40 53.09 -37.31 -52.94
CA ASN IA 40 53.15 -36.58 -51.68
C ASN IA 40 52.20 -37.13 -50.63
N PRO IA 41 52.53 -38.30 -50.08
CA PRO IA 41 51.66 -39.03 -49.14
C PRO IA 41 51.31 -38.20 -47.92
N SER IA 42 52.16 -37.23 -47.58
CA SER IA 42 51.92 -36.38 -46.41
C SER IA 42 50.56 -35.71 -46.52
N ILE IA 43 50.37 -34.91 -47.57
CA ILE IA 43 49.12 -34.18 -47.76
C ILE IA 43 48.01 -35.10 -48.24
N LYS IA 44 47.26 -35.67 -47.30
CA LYS IA 44 46.17 -36.58 -47.61
C LYS IA 44 44.85 -36.00 -47.13
N ASP IA 45 44.78 -35.64 -45.85
CA ASP IA 45 43.57 -35.08 -45.27
C ASP IA 45 43.37 -33.63 -45.69
N THR IA 46 44.04 -33.23 -46.77
CA THR IA 46 43.89 -31.88 -47.31
C THR IA 46 43.39 -31.90 -48.75
N VAL IA 47 43.87 -32.87 -49.53
CA VAL IA 47 43.47 -32.99 -50.93
C VAL IA 47 42.26 -33.91 -51.08
N PHE IA 48 42.12 -34.86 -50.17
CA PHE IA 48 41.00 -35.81 -50.18
C PHE IA 48 39.65 -35.10 -50.01
N PRO IA 49 39.55 -34.19 -49.03
CA PRO IA 49 38.28 -33.49 -48.79
C PRO IA 49 37.89 -32.61 -49.97
N MET IA 50 38.83 -31.86 -50.50
CA MET IA 50 38.55 -30.99 -51.65
C MET IA 50 38.24 -31.82 -52.90
N ALA IA 51 38.85 -33.00 -53.00
CA ALA IA 51 38.60 -33.90 -54.12
C ALA IA 51 37.12 -34.28 -54.20
N ILE IA 52 36.53 -34.53 -53.04
CA ILE IA 52 35.10 -34.86 -52.97
C ILE IA 52 34.25 -33.67 -53.40
N LEU IA 53 34.71 -32.46 -53.09
CA LEU IA 53 34.01 -31.24 -53.48
C LEU IA 53 33.91 -31.14 -54.99
N GLY IA 54 34.97 -31.53 -55.68
CA GLY IA 54 35.01 -31.53 -57.13
C GLY IA 54 34.06 -32.56 -57.72
N PHE IA 55 33.76 -33.59 -56.93
CA PHE IA 55 32.84 -34.63 -57.37
C PHE IA 55 31.43 -34.08 -57.58
N ALA IA 56 30.91 -33.40 -56.56
CA ALA IA 56 29.56 -32.81 -56.64
C ALA IA 56 29.46 -31.77 -57.74
N LEU IA 57 30.57 -31.12 -58.08
CA LEU IA 57 30.59 -30.12 -59.13
C LEU IA 57 30.49 -30.76 -60.50
N SER IA 58 31.16 -31.90 -60.66
CA SER IA 58 31.16 -32.61 -61.92
C SER IA 58 29.96 -33.55 -62.01
N GLU IA 59 29.37 -33.87 -60.85
CA GLU IA 59 28.19 -34.72 -60.81
C GLU IA 59 26.97 -33.95 -61.29
N ALA IA 60 27.08 -32.63 -61.34
CA ALA IA 60 25.98 -31.78 -61.82
C ALA IA 60 25.54 -32.18 -63.23
N THR IA 61 26.49 -32.23 -64.15
CA THR IA 61 26.21 -32.61 -65.53
C THR IA 61 25.61 -34.01 -65.63
N GLY IA 62 25.84 -34.83 -64.61
CA GLY IA 62 25.33 -36.19 -64.58
C GLY IA 62 23.97 -36.28 -63.92
N LEU IA 63 23.48 -35.15 -63.41
CA LEU IA 63 22.15 -35.09 -62.79
C LEU IA 63 21.16 -34.37 -63.70
N PHE IA 64 21.55 -33.21 -64.22
CA PHE IA 64 20.70 -32.45 -65.12
C PHE IA 64 20.29 -33.28 -66.34
N CYS IA 65 21.28 -33.80 -67.05
CA CYS IA 65 21.01 -34.61 -68.24
C CYS IA 65 20.28 -35.90 -67.88
N LEU IA 66 20.40 -36.30 -66.62
CA LEU IA 66 19.73 -37.50 -66.12
C LEU IA 66 18.25 -37.23 -65.88
N MET IA 67 17.93 -36.02 -65.43
CA MET IA 67 16.55 -35.63 -65.17
C MET IA 67 15.79 -35.40 -66.48
N VAL IA 68 16.51 -34.97 -67.50
CA VAL IA 68 15.90 -34.71 -68.81
C VAL IA 68 15.31 -35.98 -69.42
N SER IA 69 15.95 -37.12 -69.15
CA SER IA 69 15.47 -38.40 -69.67
C SER IA 69 14.17 -38.83 -68.98
N PHE IA 70 14.05 -38.52 -67.68
CA PHE IA 70 12.83 -38.86 -66.94
C PHE IA 70 11.68 -37.93 -67.31
N LEU IA 71 12.00 -36.72 -67.75
CA LEU IA 71 10.98 -35.76 -68.18
C LEU IA 71 10.51 -36.04 -69.59
N LEU IA 72 10.91 -37.19 -70.14
CA LEU IA 72 10.51 -37.58 -71.48
C LEU IA 72 9.99 -39.01 -71.49
N LEU IA 73 10.19 -39.71 -70.37
CA LEU IA 73 9.73 -41.09 -70.25
C LEU IA 73 8.70 -41.24 -69.14
N PHE IA 74 9.00 -40.68 -67.97
CA PHE IA 74 8.11 -40.75 -66.82
C PHE IA 74 7.60 -39.37 -66.42
N GLY IA 75 7.79 -38.40 -67.31
CA GLY IA 75 7.39 -37.04 -67.04
C GLY IA 75 6.52 -36.45 -68.13
N VAL IA 76 7.12 -35.66 -69.00
CA VAL IA 76 6.43 -35.01 -70.11
C VAL IA 76 5.34 -34.03 -69.63
N MET JA 1 -1.88 -28.65 -83.23
CA MET JA 1 -0.43 -28.71 -83.14
C MET JA 1 0.04 -30.09 -82.70
N GLN JA 2 0.87 -30.71 -83.53
CA GLN JA 2 1.39 -32.04 -83.24
C GLN JA 2 2.80 -32.22 -83.80
N LEU JA 3 2.99 -31.80 -85.05
CA LEU JA 3 4.28 -31.92 -85.72
C LEU JA 3 5.32 -30.99 -85.09
N VAL JA 4 4.88 -29.78 -84.72
CA VAL JA 4 5.76 -28.80 -84.08
C VAL JA 4 6.00 -29.12 -82.60
N LEU JA 5 5.04 -29.79 -81.98
CA LEU JA 5 5.17 -30.20 -80.58
C LEU JA 5 6.24 -31.28 -80.44
N ALA JA 6 6.29 -32.20 -81.40
CA ALA JA 6 7.25 -33.29 -81.38
C ALA JA 6 8.69 -32.78 -81.46
N ALA JA 7 8.87 -31.64 -82.13
CA ALA JA 7 10.20 -31.06 -82.28
C ALA JA 7 10.69 -30.42 -80.98
N LYS JA 8 9.76 -30.23 -80.04
CA LYS JA 8 10.10 -29.66 -78.74
C LYS JA 8 10.85 -30.67 -77.89
N TYR JA 9 10.54 -31.95 -78.06
CA TYR JA 9 11.21 -33.01 -77.31
C TYR JA 9 12.54 -33.40 -77.95
N ILE JA 10 12.58 -33.40 -79.27
CA ILE JA 10 13.79 -33.75 -80.01
C ILE JA 10 14.88 -32.71 -79.79
N GLY JA 11 14.49 -31.44 -79.75
CA GLY JA 11 15.42 -30.35 -79.54
C GLY JA 11 15.90 -30.24 -78.10
N ALA JA 12 15.12 -30.80 -77.17
CA ALA JA 12 15.46 -30.74 -75.75
C ALA JA 12 16.50 -31.80 -75.38
N GLY JA 13 16.47 -32.93 -76.09
CA GLY JA 13 17.40 -34.01 -75.84
C GLY JA 13 18.75 -33.75 -76.45
N ILE JA 14 18.81 -32.80 -77.38
CA ILE JA 14 20.07 -32.45 -78.05
C ILE JA 14 20.78 -31.32 -77.30
N SER JA 15 20.01 -30.46 -76.63
CA SER JA 15 20.59 -29.34 -75.90
C SER JA 15 21.31 -29.81 -74.63
N THR JA 16 21.15 -31.09 -74.30
CA THR JA 16 21.84 -31.68 -73.16
C THR JA 16 23.27 -32.06 -73.52
N ILE JA 17 23.53 -32.22 -74.82
CA ILE JA 17 24.87 -32.54 -75.30
C ILE JA 17 25.84 -31.39 -75.04
N GLY JA 18 25.31 -30.17 -75.01
CA GLY JA 18 26.12 -29.00 -74.77
C GLY JA 18 26.58 -28.87 -73.32
N LEU JA 19 26.14 -29.79 -72.47
CA LEU JA 19 26.49 -29.77 -71.05
C LEU JA 19 27.76 -30.56 -70.77
N LEU JA 20 28.38 -31.09 -71.82
CA LEU JA 20 29.63 -31.82 -71.68
C LEU JA 20 30.76 -30.87 -71.30
N GLY JA 21 30.63 -29.61 -71.71
CA GLY JA 21 31.63 -28.60 -71.43
C GLY JA 21 31.78 -28.33 -69.93
N ALA JA 22 30.71 -28.61 -69.19
CA ALA JA 22 30.72 -28.37 -67.74
C ALA JA 22 31.20 -29.61 -66.99
N GLY JA 23 31.00 -30.78 -67.59
CA GLY JA 23 31.42 -32.03 -66.97
C GLY JA 23 32.92 -32.21 -67.05
N ILE JA 24 33.45 -32.10 -68.27
CA ILE JA 24 34.88 -32.25 -68.49
C ILE JA 24 35.62 -30.96 -68.19
N GLY JA 25 34.99 -29.83 -68.47
CA GLY JA 25 35.59 -28.53 -68.23
C GLY JA 25 35.93 -28.31 -66.77
N ILE JA 26 34.91 -28.31 -65.92
CA ILE JA 26 35.10 -28.10 -64.49
C ILE JA 26 36.04 -29.17 -63.92
N ALA JA 27 36.06 -30.32 -64.56
CA ALA JA 27 36.93 -31.42 -64.13
C ALA JA 27 38.40 -31.02 -64.21
N ILE JA 28 38.80 -30.48 -65.35
CA ILE JA 28 40.18 -30.06 -65.56
C ILE JA 28 40.58 -28.92 -64.64
N VAL JA 29 39.68 -27.95 -64.47
CA VAL JA 29 39.94 -26.79 -63.62
C VAL JA 29 40.13 -27.21 -62.17
N PHE JA 30 39.33 -28.16 -61.72
CA PHE JA 30 39.40 -28.65 -60.35
C PHE JA 30 40.59 -29.60 -60.20
N ALA JA 31 40.88 -30.35 -61.25
CA ALA JA 31 41.98 -31.29 -61.23
C ALA JA 31 43.34 -30.60 -61.08
N ALA JA 32 43.44 -29.39 -61.61
CA ALA JA 32 44.68 -28.62 -61.52
C ALA JA 32 44.97 -28.22 -60.07
N LEU JA 33 43.92 -27.92 -59.32
CA LEU JA 33 44.06 -27.59 -57.91
C LEU JA 33 44.58 -28.78 -57.11
N ILE JA 34 44.20 -29.98 -57.54
CA ILE JA 34 44.65 -31.20 -56.88
C ILE JA 34 46.12 -31.49 -57.17
N ASN JA 35 46.53 -31.24 -58.42
CA ASN JA 35 47.91 -31.46 -58.84
C ASN JA 35 48.85 -30.31 -58.47
N GLY JA 36 48.27 -29.17 -58.14
CA GLY JA 36 49.03 -28.01 -57.72
C GLY JA 36 49.53 -28.14 -56.28
N VAL JA 37 48.65 -28.55 -55.37
CA VAL JA 37 49.00 -28.69 -53.96
C VAL JA 37 49.98 -29.82 -53.73
N SER JA 38 50.06 -30.74 -54.69
CA SER JA 38 50.99 -31.86 -54.58
C SER JA 38 52.38 -31.42 -54.98
N ARG JA 39 52.47 -30.25 -55.61
CA ARG JA 39 53.75 -29.73 -56.08
C ARG JA 39 54.18 -28.52 -55.24
N ASN JA 40 53.25 -28.00 -54.43
CA ASN JA 40 53.49 -26.83 -53.60
C ASN JA 40 52.42 -26.66 -52.52
N PRO JA 41 52.52 -27.44 -51.43
CA PRO JA 41 51.56 -27.47 -50.32
C PRO JA 41 51.49 -26.12 -49.60
N SER JA 42 52.52 -25.30 -49.78
CA SER JA 42 52.56 -23.98 -49.16
C SER JA 42 51.35 -23.16 -49.59
N ILE JA 43 51.28 -22.86 -50.88
CA ILE JA 43 50.21 -22.04 -51.44
C ILE JA 43 48.86 -22.77 -51.47
N LYS JA 44 47.95 -22.40 -50.58
CA LYS JA 44 46.64 -23.01 -50.52
C LYS JA 44 45.54 -21.95 -50.56
N ASP JA 45 45.63 -20.99 -49.64
CA ASP JA 45 44.64 -19.92 -49.57
C ASP JA 45 44.86 -18.88 -50.67
N THR JA 46 45.58 -19.28 -51.72
CA THR JA 46 45.81 -18.40 -52.87
C THR JA 46 45.29 -19.02 -54.16
N VAL JA 47 45.44 -20.35 -54.30
CA VAL JA 47 44.99 -21.06 -55.48
C VAL JA 47 43.55 -21.57 -55.31
N PHE JA 48 43.18 -21.85 -54.06
CA PHE JA 48 41.84 -22.33 -53.74
C PHE JA 48 40.74 -21.31 -54.11
N PRO JA 49 40.94 -20.03 -53.72
CA PRO JA 49 39.94 -19.00 -54.02
C PRO JA 49 39.77 -18.78 -55.52
N MET JA 50 40.88 -18.69 -56.25
CA MET JA 50 40.83 -18.49 -57.69
C MET JA 50 40.25 -19.72 -58.39
N ALA JA 51 40.49 -20.90 -57.81
CA ALA JA 51 39.96 -22.14 -58.36
C ALA JA 51 38.43 -22.10 -58.43
N ILE JA 52 37.82 -21.57 -57.38
CA ILE JA 52 36.37 -21.42 -57.32
C ILE JA 52 35.89 -20.43 -58.39
N LEU JA 53 36.68 -19.41 -58.66
CA LEU JA 53 36.34 -18.42 -59.69
C LEU JA 53 36.24 -19.09 -61.05
N GLY JA 54 37.13 -20.04 -61.32
CA GLY JA 54 37.11 -20.78 -62.57
C GLY JA 54 35.89 -21.67 -62.68
N PHE JA 55 35.33 -22.04 -61.53
CA PHE JA 55 34.14 -22.87 -61.50
C PHE JA 55 32.94 -22.15 -62.13
N ALA JA 56 32.66 -20.94 -61.65
CA ALA JA 56 31.54 -20.15 -62.17
C ALA JA 56 31.71 -19.83 -63.65
N LEU JA 57 32.95 -19.76 -64.11
CA LEU JA 57 33.24 -19.47 -65.52
C LEU JA 57 32.91 -20.67 -66.39
N SER JA 58 33.22 -21.87 -65.89
CA SER JA 58 32.97 -23.09 -66.62
C SER JA 58 31.54 -23.60 -66.38
N GLU JA 59 30.93 -23.12 -65.31
CA GLU JA 59 29.55 -23.47 -64.97
C GLU JA 59 28.58 -22.77 -65.93
N ALA JA 60 29.07 -21.74 -66.62
CA ALA JA 60 28.25 -20.99 -67.57
C ALA JA 60 27.68 -21.92 -68.64
N THR JA 61 28.55 -22.69 -69.29
CA THR JA 61 28.13 -23.62 -70.32
C THR JA 61 27.14 -24.66 -69.78
N GLY JA 62 27.16 -24.88 -68.48
CA GLY JA 62 26.27 -25.83 -67.84
C GLY JA 62 24.97 -25.22 -67.40
N LEU JA 63 24.83 -23.91 -67.58
CA LEU JA 63 23.61 -23.20 -67.24
C LEU JA 63 22.84 -22.81 -68.49
N PHE JA 64 23.53 -22.23 -69.47
CA PHE JA 64 22.90 -21.84 -70.71
C PHE JA 64 22.23 -23.03 -71.40
N CYS JA 65 23.01 -24.08 -71.64
CA CYS JA 65 22.48 -25.28 -72.29
C CYS JA 65 21.43 -25.97 -71.43
N LEU JA 66 21.47 -25.67 -70.13
CA LEU JA 66 20.48 -26.23 -69.20
C LEU JA 66 19.16 -25.50 -69.31
N MET JA 67 19.22 -24.20 -69.55
CA MET JA 67 18.02 -23.38 -69.69
C MET JA 67 17.32 -23.66 -71.02
N VAL JA 68 18.10 -24.02 -72.03
CA VAL JA 68 17.55 -24.30 -73.35
C VAL JA 68 16.61 -25.50 -73.31
N SER JA 69 16.89 -26.47 -72.44
CA SER JA 69 16.04 -27.64 -72.32
C SER JA 69 14.70 -27.31 -71.67
N PHE JA 70 14.70 -26.38 -70.72
CA PHE JA 70 13.47 -25.95 -70.06
C PHE JA 70 12.62 -25.07 -70.98
N LEU JA 71 13.27 -24.39 -71.92
CA LEU JA 71 12.56 -23.54 -72.88
C LEU JA 71 11.98 -24.38 -74.03
N LEU JA 72 12.02 -25.69 -73.88
CA LEU JA 72 11.48 -26.60 -74.89
C LEU JA 72 10.57 -27.64 -74.24
N LEU JA 73 10.58 -27.69 -72.92
CA LEU JA 73 9.76 -28.64 -72.18
C LEU JA 73 8.76 -27.92 -71.28
N PHE JA 74 9.25 -26.95 -70.52
CA PHE JA 74 8.40 -26.20 -69.59
C PHE JA 74 8.34 -24.73 -70.00
N GLY JA 75 8.77 -24.43 -71.23
CA GLY JA 75 8.79 -23.07 -71.71
C GLY JA 75 8.08 -22.92 -73.05
N VAL JA 76 8.86 -22.86 -74.12
CA VAL JA 76 8.36 -22.73 -75.48
C VAL JA 76 7.60 -21.39 -75.68
N MET KA 1 1.76 -21.57 -90.50
CA MET KA 1 3.14 -21.98 -90.23
C MET KA 1 3.19 -23.01 -89.11
N GLN KA 2 3.76 -24.18 -89.41
CA GLN KA 2 3.89 -25.24 -88.44
C GLN KA 2 5.15 -26.07 -88.67
N LEU KA 3 5.39 -26.42 -89.93
CA LEU KA 3 6.56 -27.22 -90.30
C LEU KA 3 7.86 -26.42 -90.11
N VAL KA 4 7.82 -25.14 -90.44
CA VAL KA 4 8.97 -24.26 -90.29
C VAL KA 4 9.18 -23.82 -88.84
N LEU KA 5 8.09 -23.78 -88.07
CA LEU KA 5 8.17 -23.43 -86.66
C LEU KA 5 8.86 -24.52 -85.86
N ALA KA 6 8.59 -25.78 -86.23
CA ALA KA 6 9.19 -26.93 -85.55
C ALA KA 6 10.71 -26.95 -85.72
N ALA KA 7 11.20 -26.43 -86.84
CA ALA KA 7 12.62 -26.40 -87.12
C ALA KA 7 13.33 -25.34 -86.26
N LYS KA 8 12.56 -24.46 -85.66
CA LYS KA 8 13.10 -23.41 -84.79
C LYS KA 8 13.57 -24.00 -83.46
N TYR KA 9 12.89 -25.06 -83.01
CA TYR KA 9 13.25 -25.71 -81.76
C TYR KA 9 14.37 -26.74 -81.95
N ILE KA 10 14.35 -27.42 -83.09
CA ILE KA 10 15.37 -28.41 -83.41
C ILE KA 10 16.72 -27.76 -83.62
N GLY KA 11 16.72 -26.60 -84.27
CA GLY KA 11 17.95 -25.86 -84.52
C GLY KA 11 18.51 -25.17 -83.29
N ALA KA 12 17.64 -24.93 -82.31
CA ALA KA 12 18.04 -24.25 -81.08
C ALA KA 12 18.75 -25.21 -80.12
N GLY KA 13 18.34 -26.48 -80.16
CA GLY KA 13 18.93 -27.48 -79.30
C GLY KA 13 20.27 -27.97 -79.80
N ILE KA 14 20.56 -27.69 -81.07
CA ILE KA 14 21.83 -28.09 -81.67
C ILE KA 14 22.88 -26.99 -81.51
N SER KA 15 22.42 -25.74 -81.46
CA SER KA 15 23.34 -24.61 -81.33
C SER KA 15 23.95 -24.54 -79.93
N THR KA 16 23.44 -25.37 -79.02
CA THR KA 16 23.98 -25.45 -77.66
C THR KA 16 25.22 -26.34 -77.63
N ILE KA 17 25.36 -27.20 -78.62
CA ILE KA 17 26.52 -28.09 -78.73
C ILE KA 17 27.79 -27.29 -78.98
N GLY KA 18 27.65 -26.13 -79.62
CA GLY KA 18 28.79 -25.28 -79.90
C GLY KA 18 29.33 -24.57 -78.69
N LEU KA 19 28.67 -24.75 -77.54
CA LEU KA 19 29.08 -24.11 -76.31
C LEU KA 19 30.08 -24.95 -75.52
N LEU KA 20 30.46 -26.10 -76.08
CA LEU KA 20 31.45 -26.96 -75.45
C LEU KA 20 32.83 -26.30 -75.47
N GLY KA 21 33.04 -25.45 -76.47
CA GLY KA 21 34.32 -24.77 -76.61
C GLY KA 21 34.61 -23.83 -75.47
N ALA KA 22 33.54 -23.38 -74.80
CA ALA KA 22 33.69 -22.46 -73.68
C ALA KA 22 33.82 -23.21 -72.37
N GLY KA 23 33.26 -24.41 -72.31
CA GLY KA 23 33.32 -25.21 -71.11
C GLY KA 23 34.69 -25.81 -70.92
N ILE KA 24 35.17 -26.50 -71.95
CA ILE KA 24 36.48 -27.14 -71.90
C ILE KA 24 37.59 -26.14 -72.21
N GLY KA 25 37.29 -25.20 -73.10
CA GLY KA 25 38.26 -24.18 -73.47
C GLY KA 25 38.73 -23.35 -72.30
N ILE KA 26 37.79 -22.62 -71.68
CA ILE KA 26 38.11 -21.78 -70.54
C ILE KA 26 38.71 -22.60 -69.41
N ALA KA 27 38.36 -23.89 -69.36
CA ALA KA 27 38.88 -24.79 -68.36
C ALA KA 27 40.40 -24.91 -68.45
N ILE KA 28 40.89 -25.17 -69.66
CA ILE KA 28 42.33 -25.34 -69.89
C ILE KA 28 43.08 -24.04 -69.63
N VAL KA 29 42.51 -22.91 -70.08
CA VAL KA 29 43.14 -21.62 -69.90
C VAL KA 29 43.27 -21.26 -68.43
N PHE KA 30 42.24 -21.58 -67.65
CA PHE KA 30 42.24 -21.29 -66.23
C PHE KA 30 43.10 -22.31 -65.48
N ALA KA 31 43.10 -23.54 -65.97
CA ALA KA 31 43.88 -24.61 -65.36
C ALA KA 31 45.38 -24.35 -65.43
N ALA KA 32 45.82 -23.66 -66.48
CA ALA KA 32 47.23 -23.33 -66.64
C ALA KA 32 47.69 -22.35 -65.58
N LEU KA 33 46.81 -21.43 -65.19
CA LEU KA 33 47.12 -20.47 -64.14
C LEU KA 33 47.29 -21.17 -62.80
N ILE KA 34 46.56 -22.26 -62.61
CA ILE KA 34 46.66 -23.04 -61.37
C ILE KA 34 47.96 -23.83 -61.31
N ASN KA 35 48.34 -24.41 -62.46
CA ASN KA 35 49.59 -25.15 -62.56
C ASN KA 35 50.81 -24.23 -62.54
N GLY KA 36 50.60 -22.98 -62.94
CA GLY KA 36 51.67 -21.99 -62.96
C GLY KA 36 51.99 -21.42 -61.59
N VAL KA 37 50.96 -21.00 -60.85
CA VAL KA 37 51.16 -20.41 -59.52
C VAL KA 37 51.57 -21.44 -58.47
N SER KA 38 51.37 -22.71 -58.78
CA SER KA 38 51.77 -23.79 -57.87
C SER KA 38 53.18 -24.27 -58.21
N ARG KA 39 53.85 -23.52 -59.08
CA ARG KA 39 55.21 -23.84 -59.49
C ARG KA 39 56.08 -22.60 -59.42
N ASN KA 40 55.44 -21.43 -59.36
CA ASN KA 40 56.14 -20.15 -59.33
C ASN KA 40 55.28 -19.06 -58.70
N PRO KA 41 55.17 -19.07 -57.36
CA PRO KA 41 54.34 -18.11 -56.61
C PRO KA 41 54.81 -16.66 -56.77
N SER KA 42 56.05 -16.48 -57.20
CA SER KA 42 56.60 -15.15 -57.42
C SER KA 42 55.73 -14.37 -58.41
N ILE KA 43 55.71 -14.84 -59.65
CA ILE KA 43 54.94 -14.21 -60.72
C ILE KA 43 53.44 -14.51 -60.60
N LYS KA 44 52.71 -13.57 -60.02
CA LYS KA 44 51.27 -13.67 -59.81
C LYS KA 44 50.55 -12.52 -60.49
N ASP KA 45 50.95 -11.30 -60.18
CA ASP KA 45 50.34 -10.11 -60.78
C ASP KA 45 50.80 -9.91 -62.21
N THR KA 46 51.30 -10.97 -62.83
CA THR KA 46 51.73 -10.91 -64.23
C THR KA 46 50.99 -11.93 -65.08
N VAL KA 47 50.74 -13.11 -64.52
CA VAL KA 47 50.04 -14.17 -65.23
C VAL KA 47 48.53 -14.10 -64.99
N PHE KA 48 48.15 -13.59 -63.83
CA PHE KA 48 46.74 -13.44 -63.46
C PHE KA 48 45.99 -12.49 -64.40
N PRO KA 49 46.57 -11.32 -64.70
CA PRO KA 49 45.90 -10.36 -65.58
C PRO KA 49 45.74 -10.89 -66.99
N MET KA 50 46.79 -11.50 -67.54
CA MET KA 50 46.73 -12.07 -68.88
C MET KA 50 45.79 -13.26 -68.93
N ALA KA 51 45.69 -13.99 -67.83
CA ALA KA 51 44.79 -15.13 -67.73
C ALA KA 51 43.34 -14.71 -67.97
N ILE KA 52 42.96 -13.57 -67.41
CA ILE KA 52 41.62 -13.02 -67.60
C ILE KA 52 41.40 -12.64 -69.06
N LEU KA 53 42.46 -12.16 -69.72
CA LEU KA 53 42.37 -11.79 -71.13
C LEU KA 53 42.02 -13.00 -71.99
N GLY KA 54 42.57 -14.16 -71.63
CA GLY KA 54 42.28 -15.39 -72.34
C GLY KA 54 40.85 -15.84 -72.12
N PHE KA 55 40.25 -15.40 -71.01
CA PHE KA 55 38.87 -15.72 -70.70
C PHE KA 55 37.91 -15.13 -71.73
N ALA KA 56 38.02 -13.83 -71.97
CA ALA KA 56 37.17 -13.14 -72.94
C ALA KA 56 37.35 -13.68 -74.35
N LEU KA 57 38.54 -14.20 -74.64
CA LEU KA 57 38.82 -14.77 -75.95
C LEU KA 57 38.11 -16.11 -76.14
N SER KA 58 38.08 -16.90 -75.07
CA SER KA 58 37.44 -18.21 -75.12
C SER KA 58 35.95 -18.09 -74.82
N GLU KA 59 35.56 -16.98 -74.21
CA GLU KA 59 34.15 -16.73 -73.91
C GLU KA 59 33.39 -16.37 -75.18
N ALA KA 60 34.13 -16.02 -76.23
CA ALA KA 60 33.52 -15.68 -77.51
C ALA KA 60 32.64 -16.82 -78.03
N THR KA 61 33.22 -18.02 -78.10
CA THR KA 61 32.49 -19.19 -78.58
C THR KA 61 31.27 -19.49 -77.70
N GLY KA 62 31.29 -19.00 -76.47
CA GLY KA 62 30.19 -19.21 -75.54
C GLY KA 62 29.14 -18.11 -75.61
N LEU KA 63 29.40 -17.11 -76.45
CA LEU KA 63 28.45 -16.01 -76.65
C LEU KA 63 27.77 -16.12 -78.00
N PHE KA 64 28.56 -16.35 -79.05
CA PHE KA 64 28.01 -16.49 -80.39
C PHE KA 64 27.00 -17.63 -80.46
N CYS KA 65 27.41 -18.83 -80.04
CA CYS KA 65 26.52 -19.99 -80.06
C CYS KA 65 25.36 -19.80 -79.10
N LEU KA 66 25.54 -18.91 -78.13
CA LEU KA 66 24.49 -18.62 -77.16
C LEU KA 66 23.42 -17.71 -77.76
N MET KA 67 23.85 -16.79 -78.63
CA MET KA 67 22.95 -15.87 -79.29
C MET KA 67 22.14 -16.58 -80.37
N VAL KA 68 22.73 -17.61 -80.97
CA VAL KA 68 22.06 -18.37 -82.02
C VAL KA 68 20.80 -19.06 -81.49
N SER KA 69 20.83 -19.47 -80.23
CA SER KA 69 19.68 -20.13 -79.63
C SER KA 69 18.52 -19.16 -79.40
N PHE KA 70 18.86 -17.92 -79.05
CA PHE KA 70 17.84 -16.88 -78.84
C PHE KA 70 17.24 -16.41 -80.16
N LEU KA 71 18.01 -16.51 -81.24
CA LEU KA 71 17.54 -16.13 -82.56
C LEU KA 71 16.68 -17.22 -83.19
N LEU KA 72 16.34 -18.24 -82.39
CA LEU KA 72 15.52 -19.33 -82.87
C LEU KA 72 14.36 -19.60 -81.90
N LEU KA 73 14.43 -18.97 -80.73
CA LEU KA 73 13.40 -19.13 -79.71
C LEU KA 73 12.70 -17.81 -79.42
N PHE KA 74 13.49 -16.76 -79.19
CA PHE KA 74 12.95 -15.45 -78.88
C PHE KA 74 13.31 -14.44 -79.97
N GLY KA 75 13.74 -14.95 -81.12
CA GLY KA 75 14.13 -14.09 -82.22
C GLY KA 75 13.44 -14.46 -83.52
N VAL KA 76 14.16 -15.18 -84.38
CA VAL KA 76 13.65 -15.62 -85.67
C VAL KA 76 13.32 -14.43 -86.61
N MET LA 1 7.02 -20.81 -100.00
CA MET LA 1 8.22 -21.39 -99.40
C MET LA 1 8.02 -21.66 -97.92
N GLN LA 2 8.21 -22.92 -97.53
CA GLN LA 2 8.04 -23.32 -96.13
C GLN LA 2 9.00 -24.47 -95.77
N LEU LA 3 9.07 -25.46 -96.64
CA LEU LA 3 9.93 -26.61 -96.41
C LEU LA 3 11.41 -26.24 -96.50
N VAL LA 4 11.74 -25.35 -97.44
CA VAL LA 4 13.10 -24.87 -97.61
C VAL LA 4 13.50 -23.83 -96.57
N LEU LA 5 12.51 -23.11 -96.06
CA LEU LA 5 12.74 -22.11 -95.01
C LEU LA 5 13.12 -22.78 -93.70
N ALA LA 6 12.47 -23.91 -93.41
CA ALA LA 6 12.74 -24.66 -92.18
C ALA LA 6 14.17 -25.19 -92.14
N ALA LA 7 14.73 -25.47 -93.30
CA ALA LA 7 16.10 -25.98 -93.39
C ALA LA 7 17.12 -24.88 -93.10
N LYS LA 8 16.67 -23.64 -93.13
CA LYS LA 8 17.53 -22.50 -92.85
C LYS LA 8 17.86 -22.42 -91.36
N TYR LA 9 16.93 -22.85 -90.52
CA TYR LA 9 17.12 -22.83 -89.07
C TYR LA 9 17.88 -24.07 -88.59
N ILE LA 10 17.60 -25.22 -89.22
CA ILE LA 10 18.27 -26.46 -88.87
C ILE LA 10 19.75 -26.41 -89.22
N GLY LA 11 20.06 -25.81 -90.37
CA GLY LA 11 21.44 -25.67 -90.81
C GLY LA 11 22.22 -24.63 -90.03
N ALA LA 12 21.51 -23.69 -89.42
CA ALA LA 12 22.16 -22.62 -88.66
C ALA LA 12 22.58 -23.09 -87.27
N GLY LA 13 21.83 -24.03 -86.71
CA GLY LA 13 22.12 -24.57 -85.40
C GLY LA 13 23.24 -25.60 -85.43
N ILE LA 14 23.54 -26.10 -86.63
CA ILE LA 14 24.61 -27.08 -86.79
C ILE LA 14 25.94 -26.39 -87.08
N SER LA 15 25.88 -25.23 -87.72
CA SER LA 15 27.10 -24.50 -88.07
C SER LA 15 27.76 -23.89 -86.82
N THR LA 16 27.06 -23.96 -85.69
CA THR LA 16 27.61 -23.47 -84.43
C THR LA 16 28.54 -24.52 -83.80
N ILE LA 17 28.37 -25.77 -84.21
CA ILE LA 17 29.20 -26.86 -83.71
C ILE LA 17 30.65 -26.68 -84.17
N GLY LA 18 30.83 -26.04 -85.33
CA GLY LA 18 32.15 -25.81 -85.86
C GLY LA 18 32.93 -24.76 -85.11
N LEU LA 19 32.29 -24.14 -84.12
CA LEU LA 19 32.94 -23.09 -83.33
C LEU LA 19 33.67 -23.64 -82.12
N LEU LA 20 33.67 -24.96 -81.98
CA LEU LA 20 34.38 -25.61 -80.89
C LEU LA 20 35.89 -25.46 -81.08
N GLY LA 21 36.31 -25.35 -82.34
CA GLY LA 21 37.72 -25.23 -82.65
C GLY LA 21 38.32 -23.95 -82.11
N ALA LA 22 37.47 -22.95 -81.89
CA ALA LA 22 37.94 -21.66 -81.38
C ALA LA 22 37.88 -21.62 -79.86
N GLY LA 23 37.00 -22.41 -79.27
CA GLY LA 23 36.86 -22.47 -77.84
C GLY LA 23 38.01 -23.24 -77.20
N ILE LA 24 38.22 -24.46 -77.69
CA ILE LA 24 39.28 -25.32 -77.17
C ILE LA 24 40.62 -24.96 -77.80
N GLY LA 25 40.59 -24.57 -79.07
CA GLY LA 25 41.79 -24.21 -79.79
C GLY LA 25 42.54 -23.05 -79.15
N ILE LA 26 41.89 -21.90 -79.10
CA ILE LA 26 42.48 -20.71 -78.51
C ILE LA 26 42.86 -20.96 -77.05
N ALA LA 27 42.14 -21.88 -76.42
CA ALA LA 27 42.42 -22.25 -75.03
C ALA LA 27 43.83 -22.82 -74.88
N ILE LA 28 44.16 -23.78 -75.73
CA ILE LA 28 45.48 -24.43 -75.67
C ILE LA 28 46.60 -23.44 -76.01
N VAL LA 29 46.37 -22.61 -77.02
CA VAL LA 29 47.37 -21.63 -77.45
C VAL LA 29 47.66 -20.62 -76.35
N PHE LA 30 46.61 -20.20 -75.65
CA PHE LA 30 46.75 -19.22 -74.58
C PHE LA 30 47.31 -19.91 -73.33
N ALA LA 31 46.92 -21.17 -73.12
CA ALA LA 31 47.37 -21.93 -71.96
C ALA LA 31 48.88 -22.16 -71.98
N ALA LA 32 49.45 -22.27 -73.18
CA ALA LA 32 50.89 -22.47 -73.32
C ALA LA 32 51.68 -21.26 -72.84
N LEU LA 33 51.12 -20.06 -73.08
CA LEU LA 33 51.74 -18.83 -72.63
C LEU LA 33 51.76 -18.77 -71.10
N ILE LA 34 50.74 -19.34 -70.48
CA ILE LA 34 50.66 -19.37 -69.02
C ILE LA 34 51.67 -20.34 -68.41
N ASN LA 35 51.83 -21.49 -69.06
CA ASN LA 35 52.79 -22.50 -68.59
C ASN LA 35 54.22 -22.17 -68.99
N GLY LA 36 54.39 -21.21 -69.89
CA GLY LA 36 55.71 -20.80 -70.34
C GLY LA 36 56.33 -19.74 -69.47
N VAL LA 37 55.52 -18.77 -69.05
CA VAL LA 37 56.00 -17.68 -68.21
C VAL LA 37 56.18 -18.10 -66.75
N SER LA 38 55.44 -19.12 -66.33
CA SER LA 38 55.55 -19.62 -64.97
C SER LA 38 56.79 -20.51 -64.80
N ARG LA 39 57.42 -20.82 -65.93
CA ARG LA 39 58.61 -21.66 -65.94
C ARG LA 39 59.80 -20.89 -66.51
N ASN LA 40 59.53 -19.71 -67.05
CA ASN LA 40 60.57 -18.86 -67.64
C ASN LA 40 60.16 -17.39 -67.65
N PRO LA 41 60.19 -16.74 -66.49
CA PRO LA 41 59.74 -15.36 -66.34
C PRO LA 41 60.57 -14.39 -67.15
N SER LA 42 61.77 -14.81 -67.53
CA SER LA 42 62.69 -13.95 -68.27
C SER LA 42 62.10 -13.51 -69.61
N ILE LA 43 61.73 -14.48 -70.44
CA ILE LA 43 61.15 -14.21 -71.74
C ILE LA 43 59.66 -13.90 -71.64
N LYS LA 44 59.31 -12.65 -71.91
CA LYS LA 44 57.91 -12.23 -71.85
C LYS LA 44 57.53 -11.45 -73.09
N ASP LA 45 58.29 -10.41 -73.40
CA ASP LA 45 58.04 -9.58 -74.57
C ASP LA 45 58.47 -10.28 -75.85
N THR LA 46 58.61 -11.60 -75.80
CA THR LA 46 58.98 -12.39 -76.97
C THR LA 46 57.93 -13.46 -77.28
N VAL LA 47 57.37 -14.06 -76.23
CA VAL LA 47 56.35 -15.08 -76.38
C VAL LA 47 54.95 -14.49 -76.39
N PHE LA 48 54.78 -13.37 -75.70
CA PHE LA 48 53.50 -12.67 -75.63
C PHE LA 48 53.02 -12.19 -77.00
N PRO LA 49 53.92 -11.54 -77.77
CA PRO LA 49 53.52 -11.03 -79.10
C PRO LA 49 53.14 -12.15 -80.05
N MET LA 50 53.94 -13.21 -80.08
CA MET LA 50 53.66 -14.35 -80.96
C MET LA 50 52.41 -15.08 -80.51
N ALA LA 51 52.14 -15.08 -79.21
CA ALA LA 51 50.95 -15.71 -78.66
C ALA LA 51 49.68 -15.10 -79.25
N ILE LA 52 49.69 -13.78 -79.39
CA ILE LA 52 48.57 -13.05 -79.99
C ILE LA 52 48.41 -13.44 -81.45
N LEU LA 53 49.52 -13.68 -82.13
CA LEU LA 53 49.49 -14.09 -83.54
C LEU LA 53 48.76 -15.41 -83.71
N GLY LA 54 48.95 -16.31 -82.76
CA GLY LA 54 48.27 -17.60 -82.77
C GLY LA 54 46.78 -17.46 -82.53
N PHE LA 55 46.40 -16.37 -81.88
CA PHE LA 55 44.99 -16.09 -81.61
C PHE LA 55 44.22 -15.87 -82.90
N ALA LA 56 44.70 -14.97 -83.74
CA ALA LA 56 44.05 -14.67 -85.03
C ALA LA 56 44.01 -15.89 -85.94
N LEU LA 57 44.97 -16.80 -85.77
CA LEU LA 57 45.01 -18.01 -86.59
C LEU LA 57 43.93 -18.99 -86.15
N SER LA 58 43.71 -19.08 -84.85
CA SER LA 58 42.71 -19.99 -84.30
C SER LA 58 41.34 -19.33 -84.28
N GLU LA 59 41.32 -18.00 -84.37
CA GLU LA 59 40.07 -17.25 -84.40
C GLU LA 59 39.40 -17.41 -85.77
N ALA LA 60 40.15 -17.88 -86.75
CA ALA LA 60 39.62 -18.10 -88.09
C ALA LA 60 38.43 -19.04 -88.06
N THR LA 61 38.62 -20.20 -87.46
CA THR LA 61 37.55 -21.20 -87.35
C THR LA 61 36.34 -20.66 -86.60
N GLY LA 62 36.55 -19.63 -85.79
CA GLY LA 62 35.48 -19.02 -85.02
C GLY LA 62 34.80 -17.87 -85.76
N LEU LA 63 35.30 -17.57 -86.95
CA LEU LA 63 34.73 -16.52 -87.79
C LEU LA 63 33.98 -17.12 -88.97
N PHE LA 64 34.62 -18.06 -89.65
CA PHE LA 64 34.01 -18.72 -90.79
C PHE LA 64 32.69 -19.40 -90.41
N CYS LA 65 32.75 -20.26 -89.40
CA CYS LA 65 31.57 -20.97 -88.93
C CYS LA 65 30.55 -20.01 -88.34
N LEU LA 66 31.01 -18.83 -87.94
CA LEU LA 66 30.15 -17.81 -87.37
C LEU LA 66 29.38 -17.09 -88.48
N MET LA 67 30.03 -16.90 -89.63
CA MET LA 67 29.39 -16.25 -90.77
C MET LA 67 28.37 -17.16 -91.43
N VAL LA 68 28.61 -18.47 -91.36
CA VAL LA 68 27.69 -19.44 -91.95
C VAL LA 68 26.31 -19.38 -91.30
N SER LA 69 26.28 -19.07 -90.01
CA SER LA 69 25.01 -18.99 -89.29
C SER LA 69 24.20 -17.75 -89.72
N PHE LA 70 24.90 -16.66 -90.01
CA PHE LA 70 24.25 -15.44 -90.47
C PHE LA 70 23.76 -15.56 -91.92
N LEU LA 71 24.42 -16.42 -92.69
CA LEU LA 71 24.03 -16.66 -94.08
C LEU LA 71 22.85 -17.63 -94.16
N LEU LA 72 22.27 -17.95 -93.01
CA LEU LA 72 21.12 -18.86 -92.96
C LEU LA 72 20.00 -18.26 -92.14
N LEU LA 73 20.29 -17.16 -91.45
CA LEU LA 73 19.30 -16.49 -90.62
C LEU LA 73 19.04 -15.06 -91.12
N PHE LA 74 20.12 -14.32 -91.35
CA PHE LA 74 20.00 -12.95 -91.81
C PHE LA 74 20.60 -12.78 -93.21
N GLY LA 75 20.81 -13.90 -93.89
CA GLY LA 75 21.40 -13.89 -95.21
C GLY LA 75 20.57 -14.67 -96.23
N VAL LA 76 21.00 -15.89 -96.50
CA VAL LA 76 20.34 -16.78 -97.44
C VAL LA 76 20.33 -16.21 -98.89
N MET MA 1 11.85 -26.26 -107.87
CA MET MA 1 12.84 -26.76 -106.93
C MET MA 1 12.65 -26.16 -105.55
N GLN MA 2 12.45 -27.02 -104.55
CA GLN MA 2 12.25 -26.58 -103.19
C GLN MA 2 12.83 -27.58 -102.19
N LEU MA 3 12.55 -28.87 -102.42
CA LEU MA 3 13.03 -29.93 -101.54
C LEU MA 3 14.54 -30.09 -101.63
N VAL MA 4 15.08 -29.95 -102.84
CA VAL MA 4 16.52 -30.05 -103.07
C VAL MA 4 17.26 -28.77 -102.65
N LEU MA 5 16.56 -27.64 -102.70
CA LEU MA 5 17.14 -26.37 -102.28
C LEU MA 5 17.36 -26.34 -100.77
N ALA MA 6 16.42 -26.93 -100.04
CA ALA MA 6 16.50 -26.97 -98.58
C ALA MA 6 17.70 -27.77 -98.10
N ALA MA 7 18.09 -28.77 -98.89
CA ALA MA 7 19.24 -29.62 -98.54
C ALA MA 7 20.56 -28.87 -98.73
N LYS MA 8 20.50 -27.75 -99.43
CA LYS MA 8 21.69 -26.93 -99.67
C LYS MA 8 22.10 -26.19 -98.39
N TYR MA 9 21.11 -25.84 -97.57
CA TYR MA 9 21.38 -25.14 -96.32
C TYR MA 9 21.74 -26.11 -95.20
N ILE MA 10 21.10 -27.28 -95.19
CA ILE MA 10 21.37 -28.30 -94.19
C ILE MA 10 22.78 -28.85 -94.33
N GLY MA 11 23.20 -29.05 -95.58
CA GLY MA 11 24.53 -29.57 -95.86
C GLY MA 11 25.64 -28.55 -95.63
N ALA MA 12 25.28 -27.27 -95.67
CA ALA MA 12 26.26 -26.20 -95.48
C ALA MA 12 26.58 -25.99 -94.00
N GLY MA 13 25.60 -26.24 -93.14
CA GLY MA 13 25.78 -26.08 -91.71
C GLY MA 13 26.53 -27.24 -91.09
N ILE MA 14 26.60 -28.35 -91.82
CA ILE MA 14 27.32 -29.53 -91.34
C ILE MA 14 28.78 -29.51 -91.78
N SER MA 15 29.05 -28.88 -92.92
CA SER MA 15 30.40 -28.82 -93.45
C SER MA 15 31.29 -27.88 -92.61
N THR MA 16 30.65 -27.14 -91.70
CA THR MA 16 31.39 -26.26 -90.79
C THR MA 16 31.98 -27.04 -89.62
N ILE MA 17 31.41 -28.21 -89.36
CA ILE MA 17 31.91 -29.08 -88.28
C ILE MA 17 33.31 -29.59 -88.59
N GLY MA 18 33.62 -29.71 -89.88
CA GLY MA 18 34.92 -30.18 -90.31
C GLY MA 18 36.02 -29.17 -90.10
N LEU MA 19 35.65 -27.97 -89.64
CA LEU MA 19 36.62 -26.90 -89.43
C LEU MA 19 37.21 -26.93 -88.01
N LEU MA 20 36.81 -27.93 -87.23
CA LEU MA 20 37.35 -28.10 -85.89
C LEU MA 20 38.81 -28.50 -85.94
N GLY MA 21 39.19 -29.17 -87.02
CA GLY MA 21 40.55 -29.64 -87.20
C GLY MA 21 41.54 -28.50 -87.30
N ALA MA 22 41.05 -27.34 -87.73
CA ALA MA 22 41.91 -26.17 -87.88
C ALA MA 22 41.95 -25.34 -86.60
N GLY MA 23 40.89 -25.43 -85.81
CA GLY MA 23 40.82 -24.69 -84.57
C GLY MA 23 41.70 -25.32 -83.50
N ILE MA 24 41.51 -26.61 -83.28
CA ILE MA 24 42.27 -27.33 -82.28
C ILE MA 24 43.63 -27.76 -82.84
N GLY MA 25 43.66 -28.09 -84.13
CA GLY MA 25 44.88 -28.51 -84.78
C GLY MA 25 45.97 -27.45 -84.73
N ILE MA 26 45.70 -26.31 -85.34
CA ILE MA 26 46.66 -25.22 -85.37
C ILE MA 26 47.02 -24.77 -83.95
N ALA MA 27 46.08 -24.99 -83.02
CA ALA MA 27 46.31 -24.64 -81.62
C ALA MA 27 47.48 -25.43 -81.05
N ILE MA 28 47.47 -26.74 -81.24
CA ILE MA 28 48.52 -27.61 -80.72
C ILE MA 28 49.86 -27.31 -81.36
N VAL MA 29 49.85 -27.10 -82.68
CA VAL MA 29 51.08 -26.81 -83.42
C VAL MA 29 51.72 -25.51 -82.96
N PHE MA 30 50.88 -24.51 -82.70
CA PHE MA 30 51.37 -23.22 -82.25
C PHE MA 30 51.75 -23.28 -80.77
N ALA MA 31 51.01 -24.07 -80.01
CA ALA MA 31 51.27 -24.22 -78.58
C ALA MA 31 52.63 -24.85 -78.30
N ALA MA 32 53.08 -25.72 -79.20
CA ALA MA 32 54.38 -26.37 -79.05
C ALA MA 32 55.52 -25.35 -79.16
N LEU MA 33 55.34 -24.36 -80.03
CA LEU MA 33 56.33 -23.31 -80.19
C LEU MA 33 56.44 -22.48 -78.92
N ILE MA 34 55.32 -22.33 -78.21
CA ILE MA 34 55.31 -21.56 -76.96
C ILE MA 34 56.00 -22.33 -75.84
N ASN MA 35 55.75 -23.65 -75.80
CA ASN MA 35 56.37 -24.54 -74.82
C ASN MA 35 57.85 -24.78 -75.13
N GLY MA 36 58.23 -24.63 -76.40
CA GLY MA 36 59.60 -24.83 -76.83
C GLY MA 36 60.51 -23.66 -76.53
N VAL MA 37 59.97 -22.45 -76.66
CA VAL MA 37 60.74 -21.24 -76.42
C VAL MA 37 60.77 -20.86 -74.94
N SER MA 38 60.20 -21.71 -74.09
CA SER MA 38 60.21 -21.47 -72.65
C SER MA 38 61.29 -22.29 -71.96
N ARG MA 39 61.69 -23.40 -72.59
CA ARG MA 39 62.74 -24.26 -72.04
C ARG MA 39 64.06 -24.07 -72.80
N ASN MA 40 64.00 -23.38 -73.93
CA ASN MA 40 65.18 -23.14 -74.76
C ASN MA 40 65.04 -21.92 -75.66
N PRO MA 41 65.27 -20.73 -75.08
CA PRO MA 41 65.15 -19.46 -75.82
C PRO MA 41 66.18 -19.34 -76.93
N SER MA 42 67.24 -20.15 -76.85
CA SER MA 42 68.30 -20.10 -77.83
C SER MA 42 67.74 -20.33 -79.22
N ILE MA 43 67.25 -21.54 -79.46
CA ILE MA 43 66.70 -21.90 -80.76
C ILE MA 43 65.38 -21.17 -81.00
N LYS MA 44 65.44 -20.10 -81.81
CA LYS MA 44 64.24 -19.33 -82.13
C LYS MA 44 64.06 -19.25 -83.64
N ASP MA 45 65.08 -18.77 -84.33
CA ASP MA 45 65.04 -18.64 -85.79
C ASP MA 45 65.17 -19.99 -86.48
N THR MA 46 64.91 -21.06 -85.74
CA THR MA 46 64.96 -22.41 -86.30
C THR MA 46 63.63 -23.13 -86.15
N VAL MA 47 62.96 -22.91 -85.02
CA VAL MA 47 61.67 -23.54 -84.76
C VAL MA 47 60.52 -22.66 -85.23
N PHE MA 48 60.73 -21.35 -85.22
CA PHE MA 48 59.73 -20.39 -85.66
C PHE MA 48 59.36 -20.56 -87.14
N PRO MA 49 60.37 -20.70 -88.02
CA PRO MA 49 60.08 -20.86 -89.45
C PRO MA 49 59.34 -22.15 -89.75
N MET MA 50 59.77 -23.25 -89.15
CA MET MA 50 59.11 -24.53 -89.35
C MET MA 50 57.72 -24.54 -88.75
N ALA MA 51 57.54 -23.79 -87.66
CA ALA MA 51 56.23 -23.68 -87.02
C ALA MA 51 55.19 -23.12 -87.99
N ILE MA 52 55.59 -22.13 -88.78
CA ILE MA 52 54.72 -21.53 -89.77
C ILE MA 52 54.37 -22.55 -90.86
N LEU MA 53 55.32 -23.42 -91.19
CA LEU MA 53 55.11 -24.46 -92.19
C LEU MA 53 53.99 -25.41 -91.75
N GLY MA 54 53.95 -25.70 -90.46
CA GLY MA 54 52.92 -26.55 -89.90
C GLY MA 54 51.55 -25.89 -89.95
N PHE MA 55 51.55 -24.57 -89.97
CA PHE MA 55 50.32 -23.81 -90.05
C PHE MA 55 49.58 -24.07 -91.36
N ALA MA 56 50.27 -23.92 -92.49
CA ALA MA 56 49.68 -24.14 -93.80
C ALA MA 56 49.21 -25.60 -93.97
N LEU MA 57 49.86 -26.52 -93.27
CA LEU MA 57 49.50 -27.93 -93.34
C LEU MA 57 48.19 -28.19 -92.61
N SER MA 58 48.02 -27.52 -91.47
CA SER MA 58 46.82 -27.69 -90.67
C SER MA 58 45.71 -26.75 -91.14
N GLU MA 59 46.10 -25.72 -91.88
CA GLU MA 59 45.14 -24.78 -92.43
C GLU MA 59 44.38 -25.41 -93.60
N ALA MA 60 44.91 -26.51 -94.12
CA ALA MA 60 44.27 -27.23 -95.22
C ALA MA 60 42.84 -27.63 -94.86
N THR MA 61 42.70 -28.32 -93.74
CA THR MA 61 41.39 -28.76 -93.27
C THR MA 61 40.43 -27.60 -93.04
N GLY MA 62 41.00 -26.41 -92.84
CA GLY MA 62 40.20 -25.21 -92.62
C GLY MA 62 39.86 -24.47 -93.90
N LEU MA 63 40.38 -24.98 -95.01
CA LEU MA 63 40.11 -24.40 -96.33
C LEU MA 63 39.16 -25.29 -97.13
N PHE MA 64 39.45 -26.58 -97.17
CA PHE MA 64 38.60 -27.52 -97.88
C PHE MA 64 37.17 -27.49 -97.36
N CYS MA 65 37.00 -27.70 -96.05
CA CYS MA 65 35.69 -27.68 -95.44
C CYS MA 65 35.04 -26.31 -95.54
N LEU MA 66 35.87 -25.29 -95.73
CA LEU MA 66 35.38 -23.92 -95.87
C LEU MA 66 34.81 -23.69 -97.27
N MET MA 67 35.43 -24.32 -98.27
CA MET MA 67 34.98 -24.20 -99.65
C MET MA 67 33.69 -24.99 -99.87
N VAL MA 68 33.52 -26.07 -99.12
CA VAL MA 68 32.33 -26.89 -99.26
C VAL MA 68 31.07 -26.13 -98.89
N SER MA 69 31.19 -25.20 -97.94
CA SER MA 69 30.04 -24.40 -97.52
C SER MA 69 29.63 -23.39 -98.61
N PHE MA 70 30.62 -22.86 -99.33
CA PHE MA 70 30.34 -21.92 -100.41
C PHE MA 70 29.77 -22.63 -101.64
N LEU MA 71 30.09 -23.90 -101.79
CA LEU MA 71 29.58 -24.70 -102.91
C LEU MA 71 28.17 -25.20 -102.62
N LEU MA 72 27.57 -24.69 -101.55
CA LEU MA 72 26.21 -25.08 -101.18
C LEU MA 72 25.36 -23.85 -100.91
N LEU MA 73 26.01 -22.69 -100.85
CA LEU MA 73 25.31 -21.43 -100.59
C LEU MA 73 25.48 -20.46 -101.76
N PHE MA 74 26.72 -20.29 -102.21
CA PHE MA 74 27.00 -19.39 -103.32
C PHE MA 74 27.55 -20.14 -104.52
N GLY MA 75 27.37 -21.46 -104.51
CA GLY MA 75 27.88 -22.30 -105.57
C GLY MA 75 26.80 -23.22 -106.15
N VAL MA 76 26.83 -24.48 -105.73
CA VAL MA 76 25.87 -25.48 -106.17
C VAL MA 76 25.97 -25.76 -107.69
N MET NA 1 14.15 -36.29 -110.98
CA MET NA 1 15.01 -36.49 -109.80
C MET NA 1 15.07 -35.24 -108.94
N GLN NA 2 14.69 -35.37 -107.68
CA GLN NA 2 14.71 -34.25 -106.75
C GLN NA 2 15.01 -34.72 -105.33
N LEU NA 3 14.35 -35.80 -104.91
CA LEU NA 3 14.55 -36.34 -103.57
C LEU NA 3 15.94 -36.94 -103.41
N VAL NA 4 16.43 -37.60 -104.46
CA VAL NA 4 17.76 -38.21 -104.44
C VAL NA 4 18.86 -37.16 -104.66
N LEU NA 5 18.53 -36.08 -105.34
CA LEU NA 5 19.47 -34.99 -105.57
C LEU NA 5 19.78 -34.26 -104.26
N ALA NA 6 18.75 -34.09 -103.44
CA ALA NA 6 18.90 -33.40 -102.16
C ALA NA 6 19.82 -34.14 -101.22
N ALA NA 7 19.87 -35.47 -101.35
CA ALA NA 7 20.72 -36.29 -100.50
C ALA NA 7 22.20 -36.16 -100.89
N LYS NA 8 22.44 -35.60 -102.07
CA LYS NA 8 23.80 -35.38 -102.55
C LYS NA 8 24.47 -34.25 -101.79
N TYR NA 9 23.68 -33.26 -101.37
CA TYR NA 9 24.21 -32.12 -100.63
C TYR NA 9 24.34 -32.43 -99.14
N ILE NA 10 23.39 -33.20 -98.61
CA ILE NA 10 23.40 -33.58 -97.21
C ILE NA 10 24.57 -34.52 -96.90
N GLY NA 11 24.85 -35.42 -97.83
CA GLY NA 11 25.94 -36.37 -97.66
C GLY NA 11 27.30 -35.74 -97.87
N ALA NA 12 27.35 -34.61 -98.58
CA ALA NA 12 28.60 -33.92 -98.86
C ALA NA 12 29.06 -33.09 -97.66
N GLY NA 13 28.10 -32.57 -96.91
CA GLY NA 13 28.39 -31.75 -95.74
C GLY NA 13 28.81 -32.58 -94.54
N ILE NA 14 28.51 -33.88 -94.60
CA ILE NA 14 28.86 -34.79 -93.51
C ILE NA 14 30.23 -35.42 -93.75
N SER NA 15 30.61 -35.57 -95.01
CA SER NA 15 31.90 -36.16 -95.34
C SER NA 15 33.06 -35.23 -95.01
N THR NA 16 32.73 -33.99 -94.67
CA THR NA 16 33.74 -33.01 -94.27
C THR NA 16 34.14 -33.21 -92.80
N ILE NA 17 33.27 -33.86 -92.04
CA ILE NA 17 33.54 -34.15 -90.64
C ILE NA 17 34.71 -35.12 -90.49
N GLY NA 18 34.89 -35.96 -91.49
CA GLY NA 18 35.98 -36.94 -91.48
C GLY NA 18 37.34 -36.32 -91.71
N LEU NA 19 37.37 -35.01 -91.96
CA LEU NA 19 38.62 -34.29 -92.21
C LEU NA 19 39.24 -33.77 -90.92
N LEU NA 20 38.61 -34.06 -89.79
CA LEU NA 20 39.15 -33.65 -88.50
C LEU NA 20 40.43 -34.42 -88.19
N GLY NA 21 40.52 -35.63 -88.73
CA GLY NA 21 41.67 -36.49 -88.49
C GLY NA 21 42.95 -35.89 -89.06
N ALA NA 22 42.81 -35.03 -90.06
CA ALA NA 22 43.96 -34.40 -90.69
C ALA NA 22 44.32 -33.08 -90.02
N GLY NA 23 43.32 -32.45 -89.40
CA GLY NA 23 43.55 -31.19 -88.72
C GLY NA 23 44.25 -31.40 -87.40
N ILE NA 24 43.70 -32.28 -86.57
CA ILE NA 24 44.27 -32.57 -85.27
C ILE NA 24 45.41 -33.58 -85.38
N GLY NA 25 45.27 -34.52 -86.32
CA GLY NA 25 46.27 -35.54 -86.53
C GLY NA 25 47.63 -34.97 -86.90
N ILE NA 26 47.68 -34.28 -88.05
CA ILE NA 26 48.92 -33.67 -88.52
C ILE NA 26 49.46 -32.69 -87.48
N ALA NA 27 48.57 -32.12 -86.69
CA ALA NA 27 48.96 -31.19 -85.63
C ALA NA 27 49.87 -31.85 -84.61
N ILE NA 28 49.46 -33.01 -84.12
CA ILE NA 28 50.23 -33.75 -83.12
C ILE NA 28 51.57 -34.22 -83.69
N VAL NA 29 51.55 -34.72 -84.93
CA VAL NA 29 52.76 -35.21 -85.57
C VAL NA 29 53.78 -34.10 -85.76
N PHE NA 30 53.29 -32.92 -86.14
CA PHE NA 30 54.17 -31.77 -86.36
C PHE NA 30 54.59 -31.17 -85.02
N ALA NA 31 53.69 -31.23 -84.04
CA ALA NA 31 53.97 -30.67 -82.71
C ALA NA 31 55.11 -31.42 -82.01
N ALA NA 32 55.23 -32.71 -82.30
CA ALA NA 32 56.28 -33.53 -81.70
C ALA NA 32 57.66 -33.09 -82.19
N LEU NA 33 57.73 -32.69 -83.45
CA LEU NA 33 58.99 -32.19 -84.02
C LEU NA 33 59.41 -30.90 -83.34
N ILE NA 34 58.43 -30.10 -82.93
CA ILE NA 34 58.71 -28.83 -82.24
C ILE NA 34 59.21 -29.07 -80.82
N ASN NA 35 58.57 -30.01 -80.12
CA ASN NA 35 58.94 -30.31 -78.74
C ASN NA 35 60.19 -31.18 -78.69
N GLY NA 36 60.60 -31.70 -79.84
CA GLY NA 36 61.75 -32.57 -79.93
C GLY NA 36 63.06 -31.81 -80.12
N VAL NA 37 63.05 -30.83 -81.02
CA VAL NA 37 64.24 -30.02 -81.28
C VAL NA 37 64.54 -29.11 -80.10
N SER NA 38 63.52 -28.79 -79.33
CA SER NA 38 63.67 -27.95 -78.14
C SER NA 38 64.33 -28.71 -77.01
N ARG NA 39 64.36 -30.04 -77.15
CA ARG NA 39 64.94 -30.92 -76.15
C ARG NA 39 66.28 -31.44 -76.63
N ASN NA 40 66.46 -31.49 -77.94
CA ASN NA 40 67.72 -31.97 -78.52
C ASN NA 40 67.94 -31.45 -79.94
N PRO NA 41 68.46 -30.22 -80.06
CA PRO NA 41 68.70 -29.59 -81.36
C PRO NA 41 69.78 -30.32 -82.16
N SER NA 42 70.51 -31.21 -81.49
CA SER NA 42 71.58 -31.96 -82.15
C SER NA 42 71.03 -32.77 -83.32
N ILE NA 43 69.90 -33.41 -83.09
CA ILE NA 43 69.28 -34.24 -84.11
C ILE NA 43 68.19 -33.47 -84.86
N LYS NA 44 68.54 -32.99 -86.05
CA LYS NA 44 67.60 -32.19 -86.84
C LYS NA 44 67.37 -32.85 -88.20
N ASP NA 45 68.45 -33.11 -88.91
CA ASP NA 45 68.37 -33.73 -90.23
C ASP NA 45 68.06 -35.22 -90.14
N THR NA 46 67.53 -35.64 -88.98
CA THR NA 46 67.14 -37.03 -88.77
C THR NA 46 65.67 -37.16 -88.43
N VAL NA 47 65.16 -36.22 -87.64
CA VAL NA 47 63.76 -36.22 -87.23
C VAL NA 47 62.89 -35.43 -88.21
N PHE NA 48 63.49 -34.43 -88.83
CA PHE NA 48 62.79 -33.59 -89.81
C PHE NA 48 62.30 -34.39 -91.02
N PRO NA 49 63.18 -35.24 -91.60
CA PRO NA 49 62.78 -36.02 -92.78
C PRO NA 49 61.66 -37.01 -92.46
N MET NA 50 61.79 -37.72 -91.35
CA MET NA 50 60.77 -38.68 -90.94
C MET NA 50 59.47 -37.98 -90.57
N ALA NA 51 59.58 -36.76 -90.03
CA ALA NA 51 58.40 -35.96 -89.69
C ALA NA 51 57.52 -35.72 -90.90
N ILE NA 52 58.16 -35.44 -92.04
CA ILE NA 52 57.44 -35.22 -93.29
C ILE NA 52 56.74 -36.51 -93.74
N LEU NA 53 57.38 -37.65 -93.48
CA LEU NA 53 56.81 -38.95 -93.83
C LEU NA 53 55.49 -39.17 -93.09
N GLY NA 54 55.43 -38.74 -91.84
CA GLY NA 54 54.22 -38.85 -91.05
C GLY NA 54 53.12 -37.95 -91.57
N PHE NA 55 53.51 -36.89 -92.26
CA PHE NA 55 52.56 -35.97 -92.84
C PHE NA 55 51.69 -36.65 -93.91
N ALA NA 56 52.34 -37.30 -94.88
CA ALA NA 56 51.63 -37.99 -95.95
C ALA NA 56 50.76 -39.12 -95.42
N LEU NA 57 51.14 -39.69 -94.27
CA LEU NA 57 50.37 -40.77 -93.67
C LEU NA 57 49.09 -40.23 -93.04
N SER NA 58 49.18 -39.07 -92.42
CA SER NA 58 48.04 -38.45 -91.78
C SER NA 58 47.23 -37.62 -92.78
N GLU NA 59 47.86 -37.27 -93.89
CA GLU NA 59 47.20 -36.52 -94.95
C GLU NA 59 46.22 -37.42 -95.71
N ALA NA 60 46.38 -38.73 -95.54
CA ALA NA 60 45.49 -39.70 -96.19
C ALA NA 60 44.03 -39.44 -95.82
N THR NA 61 43.75 -39.37 -94.52
CA THR NA 61 42.39 -39.13 -94.05
C THR NA 61 41.84 -37.80 -94.54
N GLY NA 62 42.75 -36.89 -94.91
CA GLY NA 62 42.35 -35.58 -95.42
C GLY NA 62 42.17 -35.55 -96.92
N LEU NA 63 42.46 -36.68 -97.56
CA LEU NA 63 42.30 -36.80 -99.01
C LEU NA 63 41.09 -37.66 -99.35
N PHE NA 64 40.98 -38.81 -98.69
CA PHE NA 64 39.84 -39.71 -98.92
C PHE NA 64 38.52 -39.02 -98.64
N CYS NA 65 38.38 -38.46 -97.44
CA CYS NA 65 37.16 -37.77 -97.06
C CYS NA 65 36.94 -36.52 -97.91
N LEU NA 66 38.03 -36.02 -98.49
CA LEU NA 66 37.96 -34.85 -99.36
C LEU NA 66 37.41 -35.23 -100.73
N MET NA 67 37.75 -36.42 -101.20
CA MET NA 67 37.28 -36.91 -102.50
C MET NA 67 35.81 -37.29 -102.43
N VAL NA 68 35.36 -37.73 -101.27
CA VAL NA 68 33.97 -38.14 -101.08
C VAL NA 68 33.02 -36.98 -101.29
N SER NA 69 33.46 -35.77 -100.93
CA SER NA 69 32.63 -34.58 -101.11
C SER NA 69 32.48 -34.22 -102.59
N PHE NA 70 33.53 -34.42 -103.37
CA PHE NA 70 33.49 -34.15 -104.80
C PHE NA 70 32.66 -35.19 -105.56
N LEU NA 71 32.59 -36.40 -105.01
CA LEU NA 71 31.80 -37.46 -105.62
C LEU NA 71 30.32 -37.33 -105.26
N LEU NA 72 29.95 -36.19 -104.68
CA LEU NA 72 28.58 -35.93 -104.30
C LEU NA 72 28.13 -34.56 -104.79
N LEU NA 73 29.11 -33.76 -105.25
CA LEU NA 73 28.83 -32.42 -105.73
C LEU NA 73 29.20 -32.28 -107.21
N PHE NA 74 30.41 -32.73 -107.55
CA PHE NA 74 30.90 -32.65 -108.93
C PHE NA 74 31.12 -34.04 -109.52
N GLY NA 75 30.57 -35.05 -108.86
CA GLY NA 75 30.74 -36.42 -109.30
C GLY NA 75 29.40 -37.15 -109.43
N VAL NA 76 29.08 -37.96 -108.43
CA VAL NA 76 27.85 -38.73 -108.40
C VAL NA 76 27.77 -39.76 -109.55
N MET OA 1 13.33 -46.88 -108.32
CA MET OA 1 14.16 -46.68 -107.13
C MET OA 1 14.62 -45.24 -107.02
N GLN OA 2 14.28 -44.61 -105.90
CA GLN OA 2 14.66 -43.22 -105.65
C GLN OA 2 14.88 -42.96 -104.17
N LEU OA 3 13.97 -43.45 -103.34
CA LEU OA 3 14.07 -43.26 -101.90
C LEU OA 3 15.24 -44.05 -101.31
N VAL OA 4 15.45 -45.26 -101.83
CA VAL OA 4 16.56 -46.11 -101.39
C VAL OA 4 17.91 -45.66 -101.96
N LEU OA 5 17.86 -45.03 -103.14
CA LEU OA 5 19.07 -44.52 -103.77
C LEU OA 5 19.64 -43.34 -102.98
N ALA OA 6 18.74 -42.50 -102.47
CA ALA OA 6 19.14 -41.33 -101.70
C ALA OA 6 19.87 -41.71 -100.41
N ALA OA 7 19.52 -42.86 -99.86
CA ALA OA 7 20.14 -43.35 -98.63
C ALA OA 7 21.56 -43.84 -98.88
N LYS OA 8 21.90 -44.04 -100.15
CA LYS OA 8 23.24 -44.48 -100.53
C LYS OA 8 24.25 -43.35 -100.37
N TYR OA 9 23.80 -42.12 -100.58
CA TYR OA 9 24.67 -40.96 -100.46
C TYR OA 9 24.78 -40.48 -99.00
N ILE OA 10 23.67 -40.58 -98.27
CA ILE OA 10 23.64 -40.18 -96.87
C ILE OA 10 24.50 -41.11 -96.01
N GLY OA 11 24.47 -42.40 -96.33
CA GLY OA 11 25.25 -43.38 -95.61
C GLY OA 11 26.73 -43.34 -95.95
N ALA OA 12 27.05 -42.80 -97.12
CA ALA OA 12 28.43 -42.71 -97.57
C ALA OA 12 29.17 -41.55 -96.92
N GLY OA 13 28.43 -40.48 -96.62
CA GLY OA 13 29.02 -39.31 -96.00
C GLY OA 13 29.23 -39.48 -94.51
N ILE OA 14 28.57 -40.49 -93.93
CA ILE OA 14 28.70 -40.78 -92.51
C ILE OA 14 29.83 -41.77 -92.26
N SER OA 15 30.08 -42.65 -93.23
CA SER OA 15 31.12 -43.66 -93.09
C SER OA 15 32.52 -43.03 -93.15
N THR OA 16 32.58 -41.75 -93.50
CA THR OA 16 33.84 -41.02 -93.54
C THR OA 16 34.24 -40.56 -92.14
N ILE OA 17 33.26 -40.46 -91.25
CA ILE OA 17 33.51 -40.06 -89.87
C ILE OA 17 34.35 -41.10 -89.14
N GLY OA 18 34.24 -42.36 -89.56
CA GLY OA 18 35.00 -43.43 -88.95
C GLY OA 18 36.47 -43.41 -89.31
N LEU OA 19 36.85 -42.48 -90.17
CA LEU OA 19 38.24 -42.36 -90.61
C LEU OA 19 39.06 -41.45 -89.70
N LEU OA 20 38.43 -40.93 -88.65
CA LEU OA 20 39.13 -40.09 -87.69
C LEU OA 20 40.14 -40.91 -86.89
N GLY OA 21 39.86 -42.20 -86.75
CA GLY OA 21 40.72 -43.08 -86.00
C GLY OA 21 42.09 -43.23 -86.65
N ALA OA 22 42.15 -43.00 -87.96
CA ALA OA 22 43.40 -43.12 -88.70
C ALA OA 22 44.15 -41.80 -88.73
N GLY OA 23 43.41 -40.70 -88.63
CA GLY OA 23 44.02 -39.38 -88.64
C GLY OA 23 44.71 -39.07 -87.33
N ILE OA 24 43.97 -39.23 -86.24
CA ILE OA 24 44.50 -38.96 -84.91
C ILE OA 24 45.28 -40.15 -84.39
N GLY OA 25 44.83 -41.35 -84.74
CA GLY OA 25 45.49 -42.57 -84.31
C GLY OA 25 46.93 -42.66 -84.77
N ILE OA 26 47.12 -42.69 -86.08
CA ILE OA 26 48.46 -42.77 -86.67
C ILE OA 26 49.31 -41.59 -86.21
N ALA OA 27 48.66 -40.48 -85.91
CA ALA OA 27 49.35 -39.29 -85.42
C ALA OA 27 50.09 -39.56 -84.12
N ILE OA 28 49.38 -40.14 -83.16
CA ILE OA 28 49.97 -40.44 -81.85
C ILE OA 28 51.08 -41.49 -81.96
N VAL OA 29 50.85 -42.51 -82.78
CA VAL OA 29 51.84 -43.57 -82.96
C VAL OA 29 53.13 -43.04 -83.57
N PHE OA 30 52.99 -42.14 -84.53
CA PHE OA 30 54.13 -41.55 -85.20
C PHE OA 30 54.78 -40.49 -84.31
N ALA OA 31 53.95 -39.79 -83.53
CA ALA OA 31 54.45 -38.75 -82.64
C ALA OA 31 55.35 -39.30 -81.54
N ALA OA 32 55.08 -40.54 -81.13
CA ALA OA 32 55.88 -41.20 -80.10
C ALA OA 32 57.30 -41.45 -80.59
N LEU OA 33 57.43 -41.79 -81.87
CA LEU OA 33 58.74 -42.01 -82.48
C LEU OA 33 59.56 -40.71 -82.49
N ILE OA 34 58.86 -39.59 -82.64
CA ILE OA 34 59.53 -38.29 -82.66
C ILE OA 34 60.00 -37.89 -81.26
N ASN OA 35 59.17 -38.15 -80.25
CA ASN OA 35 59.52 -37.80 -78.88
C ASN OA 35 60.48 -38.80 -78.26
N GLY OA 36 60.56 -39.98 -78.85
CA GLY OA 36 61.43 -41.04 -78.34
C GLY OA 36 62.89 -40.86 -78.74
N VAL OA 37 63.11 -40.41 -79.97
CA VAL OA 37 64.47 -40.19 -80.46
C VAL OA 37 65.08 -38.93 -79.83
N SER OA 38 64.22 -38.01 -79.38
CA SER OA 38 64.67 -36.77 -78.77
C SER OA 38 65.17 -37.00 -77.34
N ARG OA 39 65.00 -38.22 -76.86
CA ARG OA 39 65.40 -38.57 -75.51
C ARG OA 39 66.53 -39.60 -75.55
N ASN OA 40 66.60 -40.36 -76.63
CA ASN OA 40 67.59 -41.42 -76.78
C ASN OA 40 67.80 -41.82 -78.23
N PRO OA 41 68.67 -41.10 -78.96
CA PRO OA 41 68.93 -41.36 -80.37
C PRO OA 41 69.67 -42.68 -80.58
N SER OA 42 70.13 -43.29 -79.50
CA SER OA 42 70.89 -44.54 -79.58
C SER OA 42 70.07 -45.64 -80.24
N ILE OA 43 68.77 -45.68 -79.92
CA ILE OA 43 67.87 -46.70 -80.45
C ILE OA 43 67.02 -46.17 -81.60
N LYS OA 44 67.55 -46.29 -82.81
CA LYS OA 44 66.84 -45.79 -83.99
C LYS OA 44 66.36 -46.94 -84.86
N ASP OA 45 67.29 -47.82 -85.24
CA ASP OA 45 66.96 -48.97 -86.06
C ASP OA 45 66.24 -50.06 -85.27
N THR OA 46 65.67 -49.67 -84.12
CA THR OA 46 64.92 -50.60 -83.29
C THR OA 46 63.48 -50.13 -83.08
N VAL OA 47 63.31 -48.82 -82.93
CA VAL OA 47 61.99 -48.24 -82.72
C VAL OA 47 61.33 -47.84 -84.04
N PHE OA 48 62.16 -47.51 -85.03
CA PHE OA 48 61.69 -47.13 -86.36
C PHE OA 48 60.93 -48.27 -87.06
N PRO OA 49 61.50 -49.49 -87.03
CA PRO OA 49 60.83 -50.62 -87.70
C PRO OA 49 59.50 -50.96 -87.05
N MET OA 50 59.47 -51.01 -85.72
CA MET OA 50 58.24 -51.32 -85.00
C MET OA 50 57.21 -50.20 -85.17
N ALA OA 51 57.69 -48.97 -85.31
CA ALA OA 51 56.81 -47.82 -85.52
C ALA OA 51 55.99 -47.99 -86.79
N ILE OA 52 56.62 -48.51 -87.84
CA ILE OA 52 55.92 -48.78 -89.10
C ILE OA 52 54.87 -49.87 -88.92
N LEU OA 53 55.17 -50.84 -88.05
CA LEU OA 53 54.23 -51.93 -87.76
C LEU OA 53 52.94 -51.38 -87.16
N GLY OA 54 53.08 -50.37 -86.31
CA GLY OA 54 51.92 -49.73 -85.69
C GLY OA 54 51.10 -48.96 -86.70
N PHE OA 55 51.74 -48.56 -87.79
CA PHE OA 55 51.06 -47.83 -88.86
C PHE OA 55 49.99 -48.70 -89.53
N ALA OA 56 50.39 -49.89 -89.96
CA ALA OA 56 49.45 -50.82 -90.62
C ALA OA 56 48.31 -51.23 -89.68
N LEU OA 57 48.57 -51.22 -88.38
CA LEU OA 57 47.56 -51.58 -87.40
C LEU OA 57 46.51 -50.48 -87.25
N SER OA 58 46.97 -49.24 -87.30
CA SER OA 58 46.09 -48.09 -87.18
C SER OA 58 45.50 -47.70 -88.53
N GLU OA 59 46.15 -48.16 -89.60
CA GLU OA 59 45.67 -47.90 -90.96
C GLU OA 59 44.44 -48.75 -91.25
N ALA OA 60 44.22 -49.78 -90.44
CA ALA OA 60 43.07 -50.66 -90.61
C ALA OA 60 41.76 -49.87 -90.58
N THR OA 61 41.58 -49.08 -89.53
CA THR OA 61 40.38 -48.27 -89.37
C THR OA 61 40.21 -47.28 -90.53
N GLY OA 62 41.31 -46.97 -91.21
CA GLY OA 62 41.29 -46.05 -92.34
C GLY OA 62 41.05 -46.74 -93.66
N LEU OA 63 40.97 -48.07 -93.62
CA LEU OA 63 40.71 -48.86 -94.82
C LEU OA 63 39.28 -49.41 -94.81
N PHE OA 64 38.88 -49.99 -93.68
CA PHE OA 64 37.53 -50.53 -93.56
C PHE OA 64 36.48 -49.46 -93.80
N CYS OA 65 36.56 -48.36 -93.05
CA CYS OA 65 35.61 -47.26 -93.21
C CYS OA 65 35.71 -46.62 -94.58
N LEU OA 66 36.87 -46.80 -95.22
CA LEU OA 66 37.09 -46.28 -96.56
C LEU OA 66 36.39 -47.12 -97.61
N MET OA 67 36.36 -48.43 -97.38
CA MET OA 67 35.70 -49.36 -98.29
C MET OA 67 34.19 -49.25 -98.21
N VAL OA 68 33.70 -48.90 -97.03
CA VAL OA 68 32.26 -48.75 -96.81
C VAL OA 68 31.66 -47.64 -97.68
N SER OA 69 32.45 -46.59 -97.92
CA SER OA 69 31.99 -45.49 -98.75
C SER OA 69 31.88 -45.90 -100.23
N PHE OA 70 32.79 -46.76 -100.68
CA PHE OA 70 32.76 -47.24 -102.06
C PHE OA 70 31.63 -48.26 -102.27
N LEU OA 71 31.24 -48.94 -101.20
CA LEU OA 71 30.15 -49.91 -101.27
C LEU OA 71 28.79 -49.21 -101.20
N LEU OA 72 28.79 -47.89 -101.29
CA LEU OA 72 27.56 -47.12 -101.26
C LEU OA 72 27.52 -46.12 -102.41
N LEU OA 73 28.64 -45.97 -103.09
CA LEU OA 73 28.74 -45.04 -104.21
C LEU OA 73 29.07 -45.78 -105.51
N PHE OA 74 30.08 -46.65 -105.45
CA PHE OA 74 30.50 -47.40 -106.62
C PHE OA 74 30.28 -48.90 -106.41
N GLY OA 75 29.50 -49.24 -105.40
CA GLY OA 75 29.25 -50.63 -105.08
C GLY OA 75 27.76 -50.95 -104.97
N VAL OA 76 27.27 -51.00 -103.74
CA VAL OA 76 25.87 -51.29 -103.46
C VAL OA 76 25.45 -52.70 -103.93
N MET PA 1 9.67 -54.31 -100.66
CA MET PA 1 10.58 -53.74 -99.67
C MET PA 1 11.44 -52.65 -100.28
N GLN PA 2 11.37 -51.45 -99.70
CA GLN PA 2 12.15 -50.32 -100.20
C GLN PA 2 12.54 -49.38 -99.05
N LEU PA 3 11.55 -49.08 -98.20
CA LEU PA 3 11.79 -48.18 -97.07
C LEU PA 3 12.70 -48.83 -96.02
N VAL PA 4 12.53 -50.12 -95.80
CA VAL PA 4 13.36 -50.87 -94.86
C VAL PA 4 14.74 -51.20 -95.42
N LEU PA 5 14.82 -51.31 -96.75
CA LEU PA 5 16.08 -51.57 -97.43
C LEU PA 5 17.02 -50.36 -97.32
N ALA PA 6 16.44 -49.18 -97.43
CA ALA PA 6 17.21 -47.93 -97.35
C ALA PA 6 17.87 -47.75 -95.99
N ALA PA 7 17.22 -48.28 -94.94
CA ALA PA 7 17.74 -48.18 -93.59
C ALA PA 7 18.95 -49.10 -93.38
N LYS PA 8 19.14 -50.04 -94.31
CA LYS PA 8 20.27 -50.96 -94.25
C LYS PA 8 21.57 -50.25 -94.59
N TYR PA 9 21.48 -49.26 -95.48
CA TYR PA 9 22.67 -48.50 -95.88
C TYR PA 9 22.99 -47.38 -94.89
N ILE PA 10 21.95 -46.76 -94.35
CA ILE PA 10 22.11 -45.68 -93.38
C ILE PA 10 22.71 -46.20 -92.08
N GLY PA 11 22.27 -47.39 -91.67
CA GLY PA 11 22.78 -48.00 -90.45
C GLY PA 11 24.18 -48.56 -90.60
N ALA PA 12 24.58 -48.85 -91.83
CA ALA PA 12 25.91 -49.40 -92.10
C ALA PA 12 26.99 -48.33 -92.08
N GLY PA 13 26.61 -47.11 -92.47
CA GLY PA 13 27.55 -46.00 -92.50
C GLY PA 13 27.78 -45.41 -91.12
N ILE PA 14 26.89 -45.72 -90.19
CA ILE PA 14 27.01 -45.23 -88.82
C ILE PA 14 27.81 -46.20 -87.96
N SER PA 15 27.74 -47.48 -88.29
CA SER PA 15 28.44 -48.50 -87.52
C SER PA 15 29.96 -48.43 -87.74
N THR PA 16 30.37 -47.61 -88.71
CA THR PA 16 31.79 -47.40 -88.98
C THR PA 16 32.38 -46.38 -88.01
N ILE PA 17 31.51 -45.56 -87.41
CA ILE PA 17 31.95 -44.57 -86.43
C ILE PA 17 32.50 -45.24 -85.17
N GLY PA 18 32.00 -46.43 -84.89
CA GLY PA 18 32.44 -47.18 -83.72
C GLY PA 18 33.83 -47.76 -83.87
N LEU PA 19 34.43 -47.58 -85.05
CA LEU PA 19 35.77 -48.11 -85.32
C LEU PA 19 36.86 -47.12 -84.94
N LEU PA 20 36.46 -45.98 -84.40
CA LEU PA 20 37.43 -44.98 -83.94
C LEU PA 20 38.20 -45.49 -82.74
N GLY PA 21 37.56 -46.37 -81.97
CA GLY PA 21 38.17 -46.91 -80.77
C GLY PA 21 39.39 -47.76 -81.08
N ALA PA 22 39.45 -48.28 -82.31
CA ALA PA 22 40.56 -49.12 -82.73
C ALA PA 22 41.67 -48.30 -83.37
N GLY PA 23 41.30 -47.16 -83.94
CA GLY PA 23 42.25 -46.28 -84.59
C GLY PA 23 43.08 -45.52 -83.56
N ILE PA 24 42.39 -44.85 -82.65
CA ILE PA 24 43.05 -44.08 -81.60
C ILE PA 24 43.48 -44.97 -80.44
N GLY PA 25 42.67 -45.99 -80.16
CA GLY PA 25 42.97 -46.91 -79.08
C GLY PA 25 44.30 -47.63 -79.26
N ILE PA 26 44.39 -48.41 -80.34
CA ILE PA 26 45.61 -49.15 -80.63
C ILE PA 26 46.80 -48.21 -80.78
N ALA PA 27 46.52 -46.97 -81.17
CA ALA PA 27 47.55 -45.96 -81.32
C ALA PA 27 48.25 -45.69 -79.99
N ILE PA 28 47.46 -45.44 -78.95
CA ILE PA 28 48.00 -45.15 -77.63
C ILE PA 28 48.75 -46.34 -77.05
N VAL PA 29 48.19 -47.54 -77.22
CA VAL PA 29 48.81 -48.75 -76.71
C VAL PA 29 50.16 -49.01 -77.37
N PHE PA 30 50.24 -48.76 -78.66
CA PHE PA 30 51.47 -48.97 -79.41
C PHE PA 30 52.45 -47.82 -79.14
N ALA PA 31 51.91 -46.62 -78.95
CA ALA PA 31 52.73 -45.44 -78.69
C ALA PA 31 53.49 -45.56 -77.36
N ALA PA 32 52.89 -46.25 -76.40
CA ALA PA 32 53.53 -46.44 -75.10
C ALA PA 32 54.78 -47.30 -75.22
N LEU PA 33 54.73 -48.29 -76.11
CA LEU PA 33 55.88 -49.15 -76.36
C LEU PA 33 57.04 -48.35 -76.96
N ILE PA 34 56.70 -47.34 -77.75
CA ILE PA 34 57.72 -46.50 -78.38
C ILE PA 34 58.36 -45.57 -77.35
N ASN PA 35 57.57 -44.99 -76.46
CA ASN PA 35 58.14 -44.10 -75.44
C ASN PA 35 58.80 -44.87 -74.31
N GLY PA 36 58.58 -46.18 -74.29
CA GLY PA 36 59.08 -47.02 -73.23
C GLY PA 36 60.49 -47.52 -73.51
N VAL PA 37 60.66 -48.16 -74.65
CA VAL PA 37 61.96 -48.70 -75.04
C VAL PA 37 62.99 -47.60 -75.15
N SER PA 38 62.54 -46.39 -75.51
CA SER PA 38 63.43 -45.26 -75.64
C SER PA 38 64.03 -44.88 -74.30
N ARG PA 39 63.17 -44.79 -73.30
CA ARG PA 39 63.58 -44.41 -71.95
C ARG PA 39 64.31 -45.55 -71.25
N ASN PA 40 64.21 -46.75 -71.81
CA ASN PA 40 64.82 -47.93 -71.21
C ASN PA 40 64.90 -49.11 -72.19
N PRO PA 41 65.95 -49.12 -73.02
CA PRO PA 41 66.14 -50.17 -74.03
C PRO PA 41 66.42 -51.53 -73.39
N SER PA 42 66.71 -51.54 -72.10
CA SER PA 42 67.05 -52.77 -71.40
C SER PA 42 65.92 -53.79 -71.49
N ILE PA 43 64.70 -53.33 -71.22
CA ILE PA 43 63.53 -54.19 -71.26
C ILE PA 43 62.85 -54.13 -72.62
N LYS PA 44 63.01 -55.18 -73.41
CA LYS PA 44 62.42 -55.22 -74.74
C LYS PA 44 61.58 -56.47 -74.91
N ASP PA 45 62.18 -57.63 -74.66
CA ASP PA 45 61.48 -58.90 -74.79
C ASP PA 45 60.53 -59.14 -73.62
N THR PA 46 60.16 -58.06 -72.93
CA THR PA 46 59.21 -58.15 -71.83
C THR PA 46 57.99 -57.27 -72.06
N VAL PA 47 58.22 -56.09 -72.63
CA VAL PA 47 57.15 -55.15 -72.91
C VAL PA 47 56.56 -55.37 -74.31
N PHE PA 48 57.39 -55.85 -75.23
CA PHE PA 48 56.97 -56.13 -76.60
C PHE PA 48 55.88 -57.20 -76.67
N PRO PA 49 56.06 -58.33 -75.96
CA PRO PA 49 55.06 -59.39 -75.99
C PRO PA 49 53.72 -58.95 -75.40
N MET PA 50 53.76 -58.27 -74.27
CA MET PA 50 52.53 -57.79 -73.64
C MET PA 50 51.88 -56.70 -74.48
N ALA PA 51 52.69 -55.93 -75.20
CA ALA PA 51 52.17 -54.88 -76.08
C ALA PA 51 51.26 -55.48 -77.14
N ILE PA 52 51.64 -56.62 -77.69
CA ILE PA 52 50.84 -57.31 -78.69
C ILE PA 52 49.52 -57.80 -78.07
N LEU PA 53 49.57 -58.20 -76.80
CA LEU PA 53 48.37 -58.65 -76.10
C LEU PA 53 47.34 -57.53 -76.02
N GLY PA 54 47.81 -56.31 -75.81
CA GLY PA 54 46.93 -55.15 -75.77
C GLY PA 54 46.31 -54.85 -77.12
N PHE PA 55 46.99 -55.29 -78.17
CA PHE PA 55 46.48 -55.09 -79.53
C PHE PA 55 45.17 -55.84 -79.75
N ALA PA 56 45.18 -57.13 -79.45
CA ALA PA 56 43.98 -57.96 -79.61
C ALA PA 56 42.82 -57.48 -78.74
N LEU PA 57 43.14 -56.84 -77.62
CA LEU PA 57 42.13 -56.33 -76.72
C LEU PA 57 41.46 -55.09 -77.30
N SER PA 58 42.26 -54.25 -77.94
CA SER PA 58 41.76 -53.02 -78.53
C SER PA 58 41.25 -53.27 -79.95
N GLU PA 59 41.67 -54.39 -80.53
CA GLU PA 59 41.21 -54.78 -81.86
C GLU PA 59 39.77 -55.28 -81.80
N ALA PA 60 39.30 -55.60 -80.61
CA ALA PA 60 37.93 -56.08 -80.41
C ALA PA 60 36.92 -55.06 -80.95
N THR PA 61 37.03 -53.82 -80.50
CA THR PA 61 36.13 -52.76 -80.94
C THR PA 61 36.20 -52.54 -82.44
N GLY PA 62 37.30 -52.96 -83.05
CA GLY PA 62 37.49 -52.82 -84.49
C GLY PA 62 36.99 -54.03 -85.27
N LEU PA 63 36.52 -55.04 -84.55
CA LEU PA 63 35.97 -56.23 -85.17
C LEU PA 63 34.45 -56.28 -85.03
N PHE PA 64 33.96 -56.02 -83.83
CA PHE PA 64 32.52 -56.01 -83.57
C PHE PA 64 31.82 -54.99 -84.47
N CYS PA 65 32.26 -53.74 -84.41
CA CYS PA 65 31.67 -52.68 -85.22
C CYS PA 65 31.88 -52.93 -86.71
N LEU PA 66 32.89 -53.74 -87.02
CA LEU PA 66 33.19 -54.09 -88.40
C LEU PA 66 32.20 -55.15 -88.92
N MET PA 67 31.80 -56.06 -88.05
CA MET PA 67 30.85 -57.10 -88.40
C MET PA 67 29.44 -56.55 -88.56
N VAL PA 68 29.14 -55.50 -87.80
CA VAL PA 68 27.83 -54.87 -87.86
C VAL PA 68 27.55 -54.29 -89.24
N SER PA 69 28.58 -53.80 -89.91
CA SER PA 69 28.42 -53.23 -91.24
C SER PA 69 28.11 -54.31 -92.28
N PHE PA 70 28.70 -55.50 -92.11
CA PHE PA 70 28.45 -56.62 -93.02
C PHE PA 70 27.07 -57.23 -92.79
N LEU PA 71 26.55 -57.10 -91.57
CA LEU PA 71 25.22 -57.61 -91.24
C LEU PA 71 24.13 -56.64 -91.70
N LEU PA 72 24.52 -55.63 -92.48
CA LEU PA 72 23.58 -54.65 -92.98
C LEU PA 72 23.76 -54.46 -94.49
N LEU PA 73 24.84 -55.02 -95.01
CA LEU PA 73 25.15 -54.91 -96.43
C LEU PA 73 25.16 -56.27 -97.10
N PHE PA 74 25.88 -57.21 -96.49
CA PHE PA 74 25.99 -58.56 -97.03
C PHE PA 74 25.36 -59.59 -96.09
N GLY PA 75 24.57 -59.10 -95.15
CA GLY PA 75 23.94 -59.97 -94.17
C GLY PA 75 22.43 -59.75 -94.09
N VAL PA 76 22.01 -59.00 -93.07
CA VAL PA 76 20.61 -58.69 -92.84
C VAL PA 76 19.77 -59.95 -92.55
N GLY QA 1 31.90 -18.94 -27.60
CA GLY QA 1 33.03 -19.72 -27.00
C GLY QA 1 34.28 -18.85 -26.94
N GLU QA 2 34.61 -18.24 -28.08
CA GLU QA 2 35.75 -17.32 -28.21
C GLU QA 2 35.63 -16.11 -27.27
N PHE QA 3 34.43 -15.51 -27.22
CA PHE QA 3 34.03 -14.53 -26.20
C PHE QA 3 34.86 -14.59 -24.93
N ALA QA 4 35.07 -15.81 -24.44
CA ALA QA 4 35.78 -16.04 -23.20
C ALA QA 4 37.27 -15.94 -23.47
N ASP QA 5 37.78 -16.80 -24.36
CA ASP QA 5 39.22 -16.88 -24.62
C ASP QA 5 39.88 -15.52 -24.83
N LYS QA 6 39.33 -14.68 -25.72
CA LYS QA 6 39.92 -13.35 -25.93
C LYS QA 6 39.87 -12.57 -24.61
N LEU QA 7 38.70 -12.55 -23.98
CA LEU QA 7 38.52 -11.81 -22.74
C LEU QA 7 39.43 -12.33 -21.65
N ASN QA 8 39.40 -13.63 -21.45
CA ASN QA 8 40.25 -14.28 -20.49
C ASN QA 8 41.72 -13.94 -20.75
N GLU QA 9 42.20 -14.24 -21.96
CA GLU QA 9 43.59 -13.94 -22.32
C GLU QA 9 43.88 -12.46 -22.12
N GLN QA 10 42.90 -11.62 -22.43
CA GLN QA 10 42.92 -10.21 -22.07
C GLN QA 10 43.10 -10.04 -20.55
N LYS QA 11 42.18 -10.61 -19.77
CA LYS QA 11 42.21 -10.50 -18.31
C LYS QA 11 43.51 -10.95 -17.66
N ILE QA 12 44.10 -12.04 -18.17
CA ILE QA 12 45.41 -12.51 -17.68
C ILE QA 12 46.48 -11.51 -18.04
N ALA QA 13 46.58 -11.22 -19.34
CA ALA QA 13 47.50 -10.24 -19.88
C ALA QA 13 47.60 -9.05 -18.93
N GLN QA 14 46.43 -8.50 -18.55
CA GLN QA 14 46.33 -7.42 -17.57
C GLN QA 14 47.14 -7.69 -16.33
N LEU QA 15 46.71 -8.68 -15.54
CA LEU QA 15 47.36 -8.95 -14.25
C LEU QA 15 48.83 -9.34 -14.43
N GLU QA 16 49.17 -9.77 -15.64
CA GLU QA 16 50.55 -10.02 -16.02
C GLU QA 16 51.31 -8.67 -16.12
N GLU QA 17 50.69 -7.65 -16.68
CA GLU QA 17 51.28 -6.31 -16.67
C GLU QA 17 51.20 -5.73 -15.26
N VAL QA 18 50.14 -6.07 -14.54
CA VAL QA 18 49.97 -5.61 -13.16
C VAL QA 18 51.07 -6.15 -12.25
N LYS QA 19 51.21 -7.47 -12.13
CA LYS QA 19 52.34 -8.02 -11.39
C LYS QA 19 53.64 -7.33 -11.85
N GLN QA 20 53.83 -7.19 -13.16
CA GLN QA 20 55.06 -6.61 -13.72
C GLN QA 20 55.31 -5.21 -13.19
N ALA QA 21 54.38 -4.29 -13.45
CA ALA QA 21 54.49 -2.95 -12.95
C ALA QA 21 54.91 -3.06 -11.49
N SER QA 22 54.10 -3.81 -10.75
CA SER QA 22 54.21 -3.89 -9.32
C SER QA 22 55.61 -4.26 -8.88
N ILE QA 23 56.20 -5.29 -9.48
CA ILE QA 23 57.63 -5.58 -9.22
C ILE QA 23 58.49 -4.36 -9.56
N LYS QA 24 58.33 -3.84 -10.77
CA LYS QA 24 59.19 -2.79 -11.25
C LYS QA 24 59.13 -1.58 -10.34
N GLN QA 25 57.93 -1.21 -9.87
CA GLN QA 25 57.78 -0.05 -8.96
C GLN QA 25 58.39 -0.29 -7.60
N ILE QA 26 58.11 -1.44 -6.99
CA ILE QA 26 58.69 -1.70 -5.70
C ILE QA 26 60.22 -1.81 -5.82
N GLN QA 27 60.73 -2.21 -6.99
CA GLN QA 27 62.17 -2.27 -7.18
C GLN QA 27 62.65 -0.85 -7.16
N ASP QA 28 61.77 0.06 -7.53
CA ASP QA 28 62.19 1.44 -7.61
C ASP QA 28 62.04 2.13 -6.27
N ALA QA 29 61.02 1.78 -5.51
CA ALA QA 29 60.98 2.28 -4.16
C ALA QA 29 62.34 1.86 -3.60
N ILE QA 30 62.80 0.68 -4.00
CA ILE QA 30 64.01 0.11 -3.44
C ILE QA 30 65.21 0.95 -3.83
N ASP QA 31 65.32 1.33 -5.09
CA ASP QA 31 66.52 2.01 -5.56
C ASP QA 31 66.64 3.35 -4.87
N MET QA 32 65.56 4.08 -4.91
CA MET QA 32 65.43 5.36 -4.28
C MET QA 32 66.00 5.23 -2.86
N GLU QA 33 65.57 4.21 -2.14
CA GLU QA 33 66.03 4.05 -0.75
C GLU QA 33 67.53 3.85 -0.61
N LYS QA 34 68.10 3.07 -1.53
CA LYS QA 34 69.55 2.93 -1.58
C LYS QA 34 70.18 4.28 -1.92
N SER QA 35 69.68 4.96 -2.97
CA SER QA 35 70.19 6.28 -3.31
C SER QA 35 70.30 7.08 -1.99
N GLN QA 36 69.16 7.35 -1.34
CA GLN QA 36 69.17 8.01 -0.02
C GLN QA 36 70.26 7.53 0.96
N GLN QA 37 70.15 6.27 1.39
CA GLN QA 37 71.03 5.71 2.42
C GLN QA 37 72.47 6.11 2.15
N ALA QA 38 72.74 6.28 0.85
CA ALA QA 38 74.06 6.54 0.37
C ALA QA 38 74.36 7.99 0.63
N LEU QA 39 73.71 8.88 -0.08
CA LEU QA 39 73.81 10.31 0.23
C LEU QA 39 73.91 10.57 1.73
N VAL QA 40 73.19 9.80 2.55
CA VAL QA 40 73.30 9.91 4.01
C VAL QA 40 74.74 9.53 4.33
N GLN QA 41 75.01 8.85 5.45
CA GLN QA 41 76.43 8.56 5.77
C GLN QA 41 77.28 8.94 4.53
N LYS QA 42 77.48 7.99 3.62
CA LYS QA 42 78.25 8.19 2.41
C LYS QA 42 78.92 9.56 2.30
N ARG QA 43 78.17 10.53 1.83
CA ARG QA 43 78.74 11.80 1.46
C ARG QA 43 79.69 12.50 2.46
N HIS QA 44 79.40 12.41 3.77
CA HIS QA 44 80.27 13.10 4.73
C HIS QA 44 81.75 12.67 4.58
N TYR QA 45 81.96 11.38 4.35
CA TYR QA 45 83.30 10.82 4.27
C TYR QA 45 84.24 11.64 3.42
N LEU QA 46 83.73 12.15 2.30
CA LEU QA 46 84.56 12.95 1.43
C LEU QA 46 85.20 14.07 2.25
N PHE QA 47 84.35 14.81 2.94
CA PHE QA 47 84.83 15.92 3.77
C PHE QA 47 85.65 15.46 4.97
N ASP QA 48 85.26 14.32 5.54
CA ASP QA 48 86.08 13.73 6.57
C ASP QA 48 87.49 13.39 6.08
N VAL QA 49 87.62 12.76 4.93
CA VAL QA 49 88.95 12.54 4.35
C VAL QA 49 89.72 13.87 4.35
N GLN QA 50 89.06 14.90 3.81
CA GLN QA 50 89.67 16.21 3.73
C GLN QA 50 90.09 16.74 5.09
N ARG QA 51 89.16 16.78 6.05
CA ARG QA 51 89.55 17.25 7.38
C ARG QA 51 90.70 16.43 7.99
N ASN QA 52 90.63 15.11 7.86
CA ASN QA 52 91.69 14.25 8.34
C ASN QA 52 93.01 14.65 7.73
N ASN QA 53 93.05 14.71 6.40
CA ASN QA 53 94.23 15.16 5.72
C ASN QA 53 94.84 16.42 6.40
N ILE QA 54 94.07 17.51 6.49
CA ILE QA 54 94.55 18.70 7.23
C ILE QA 54 95.21 18.34 8.56
N ALA QA 55 94.46 17.70 9.44
CA ALA QA 55 94.93 17.37 10.80
C ALA QA 55 96.33 16.79 10.79
N MET QA 56 96.53 15.82 9.92
CA MET QA 56 97.79 15.12 9.78
C MET QA 56 98.83 16.14 9.34
N ALA QA 57 98.49 16.90 8.30
CA ALA QA 57 99.48 17.76 7.65
C ALA QA 57 100.03 18.79 8.64
N LEU QA 58 99.19 19.20 9.58
CA LEU QA 58 99.64 20.11 10.62
C LEU QA 58 100.54 19.37 11.60
N GLU QA 59 100.16 18.14 11.95
CA GLU QA 59 100.98 17.34 12.86
C GLU QA 59 102.37 17.13 12.28
N VAL QA 60 102.44 16.56 11.07
CA VAL QA 60 103.72 16.43 10.40
C VAL QA 60 104.50 17.75 10.48
N THR QA 61 103.83 18.83 10.15
CA THR QA 61 104.47 20.11 10.18
C THR QA 61 104.99 20.41 11.57
N TYR QA 62 104.15 20.30 12.59
CA TYR QA 62 104.62 20.54 13.94
C TYR QA 62 105.87 19.72 14.26
N ARG QA 63 105.79 18.42 14.00
CA ARG QA 63 106.89 17.52 14.24
C ARG QA 63 108.13 17.97 13.47
N GLU QA 64 107.99 18.16 12.18
CA GLU QA 64 109.09 18.64 11.36
C GLU QA 64 109.76 19.90 11.93
N ARG QA 65 108.96 20.77 12.52
CA ARG QA 65 109.51 22.00 13.05
C ARG QA 65 110.42 21.61 14.19
N LEU QA 66 109.87 20.80 15.11
CA LEU QA 66 110.66 20.25 16.22
C LEU QA 66 111.96 19.61 15.77
N HIS QA 67 111.88 18.72 14.77
CA HIS QA 67 113.07 18.08 14.27
C HIS QA 67 114.03 19.12 13.74
N ARG QA 68 113.52 20.12 13.05
CA ARG QA 68 114.42 21.14 12.51
C ARG QA 68 115.20 21.86 13.62
N VAL QA 69 114.52 22.25 14.71
CA VAL QA 69 115.21 22.93 15.79
C VAL QA 69 116.35 22.05 16.29
N TYR QA 70 116.06 20.77 16.48
CA TYR QA 70 117.06 19.83 16.95
C TYR QA 70 118.27 19.81 15.99
N ARG QA 71 118.06 19.36 14.76
CA ARG QA 71 119.09 19.27 13.76
C ARG QA 71 119.97 20.52 13.78
N GLU QA 72 119.33 21.70 13.83
CA GLU QA 72 120.08 22.94 13.65
C GLU QA 72 120.95 23.27 14.83
N VAL QA 73 120.38 23.19 16.03
CA VAL QA 73 121.18 23.33 17.23
C VAL QA 73 122.31 22.30 17.27
N LYS QA 74 121.96 21.02 17.23
CA LYS QA 74 122.97 19.96 17.29
C LYS QA 74 124.07 20.23 16.25
N ASN QA 75 123.63 20.58 15.05
CA ASN QA 75 124.51 20.97 13.99
C ASN QA 75 125.49 22.07 14.41
N ARG QA 76 125.00 23.07 15.15
CA ARG QA 76 125.86 24.17 15.64
C ARG QA 76 126.85 23.67 16.67
N LEU QA 77 126.36 22.85 17.58
CA LEU QA 77 127.20 22.13 18.54
C LEU QA 77 128.28 21.26 17.88
N ASP QA 78 127.88 20.29 17.07
CA ASP QA 78 128.84 19.44 16.36
C ASP QA 78 129.93 20.19 15.60
N TYR QA 79 129.62 21.42 15.21
CA TYR QA 79 130.55 22.22 14.46
C TYR QA 79 131.77 22.45 15.34
N HIS QA 80 131.51 22.89 16.57
CA HIS QA 80 132.58 23.16 17.51
C HIS QA 80 133.48 21.96 17.71
N ILE QA 81 132.88 20.78 17.88
CA ILE QA 81 133.68 19.55 17.99
C ILE QA 81 134.53 19.25 16.74
N SER QA 82 133.89 19.25 15.57
CA SER QA 82 134.58 19.01 14.32
C SER QA 82 135.76 19.96 14.18
N VAL QA 83 135.51 21.26 14.39
CA VAL QA 83 136.59 22.27 14.45
C VAL QA 83 137.68 21.88 15.45
N GLN QA 84 137.31 21.85 16.72
CA GLN QA 84 138.25 21.43 17.76
C GLN QA 84 139.10 20.25 17.28
N ASN QA 85 138.44 19.18 16.82
CA ASN QA 85 139.11 17.99 16.29
C ASN QA 85 140.13 18.27 15.19
N MET QA 86 139.75 19.13 14.25
CA MET QA 86 140.63 19.53 13.14
C MET QA 86 141.87 20.27 13.63
N MET QA 87 141.68 21.13 14.62
CA MET QA 87 142.77 21.88 15.17
C MET QA 87 143.75 20.90 15.76
N ARG QA 88 143.24 19.98 16.58
CA ARG QA 88 144.11 19.08 17.28
C ARG QA 88 144.95 18.35 16.27
N GLN QA 89 144.28 17.67 15.35
CA GLN QA 89 144.97 16.93 14.31
C GLN QA 89 146.09 17.78 13.70
N LYS QA 90 145.75 18.98 13.25
CA LYS QA 90 146.73 19.82 12.58
C LYS QA 90 147.90 20.14 13.48
N GLU QA 91 147.61 20.51 14.35
CA GLU QA 91 148.70 20.92 15.24
C GLU QA 91 149.63 19.74 15.49
N GLN QA 92 149.04 18.60 15.85
CA GLN QA 92 149.82 17.41 16.15
C GLN QA 92 150.46 16.79 14.89
N GLU QA 93 150.12 17.33 13.73
CA GLU QA 93 150.84 17.01 12.52
C GLU QA 93 152.16 17.76 12.56
N HIS QA 94 152.05 19.09 12.51
CA HIS QA 94 153.20 19.97 12.58
C HIS QA 94 154.04 19.62 13.82
N MET QA 95 153.40 19.02 14.81
CA MET QA 95 154.07 18.70 16.06
C MET QA 95 154.97 17.47 15.94
N ILE QA 96 154.42 16.39 15.38
CA ILE QA 96 155.19 15.16 15.22
C ILE QA 96 156.07 15.26 13.99
N ASN QA 97 155.65 16.08 13.05
CA ASN QA 97 156.46 16.32 11.87
C ASN QA 97 157.66 17.20 12.24
N TRP QA 98 157.43 18.17 13.11
CA TRP QA 98 158.50 19.03 13.59
C TRP QA 98 159.62 18.17 14.15
N VAL QA 99 159.22 16.99 14.63
CA VAL QA 99 160.18 16.02 15.11
C VAL QA 99 161.20 15.70 14.02
N GLU QA 100 160.70 15.47 12.81
CA GLU QA 100 161.56 15.08 11.69
C GLU QA 100 162.71 16.06 11.53
N LYS QA 101 162.39 17.32 11.28
CA LYS QA 101 163.40 18.32 10.93
C LYS QA 101 164.37 18.65 12.07
N ARG QA 102 164.01 18.30 13.30
CA ARG QA 102 164.93 18.49 14.42
C ARG QA 102 165.81 17.26 14.63
N VAL QA 103 165.43 16.14 14.02
CA VAL QA 103 166.24 14.92 14.11
C VAL QA 103 167.14 14.79 12.89
N VAL QA 104 166.73 15.40 11.78
CA VAL QA 104 167.58 15.47 10.60
C VAL QA 104 168.66 16.51 10.85
N GLN QA 105 168.40 17.37 11.83
CA GLN QA 105 169.39 18.35 12.28
C GLN QA 105 170.31 17.74 13.33
N SER QA 106 169.84 16.69 13.99
CA SER QA 106 170.60 16.06 15.07
C SER QA 106 171.70 15.13 14.54
N ILE QA 107 171.42 14.46 13.43
CA ILE QA 107 172.41 13.55 12.84
C ILE QA 107 173.32 14.25 11.85
N SER QA 108 172.73 15.09 10.98
CA SER QA 108 173.49 15.83 10.01
C SER QA 108 174.49 16.74 10.72
N ALA QA 109 174.02 17.44 11.74
CA ALA QA 109 174.92 18.19 12.62
C ALA QA 109 175.61 17.21 13.55
N GLN QA 110 175.74 17.58 14.81
CA GLN QA 110 176.35 16.73 15.82
C GLN QA 110 177.23 15.65 15.18
N GLN QA 111 178.50 15.98 15.00
CA GLN QA 111 179.48 15.00 14.54
C GLN QA 111 179.57 13.88 15.58
N GLU QA 112 179.06 14.16 16.78
CA GLU QA 112 178.94 13.18 17.85
C GLU QA 112 177.66 12.37 17.71
N LYS QA 113 176.97 12.55 16.59
CA LYS QA 113 175.85 11.69 16.20
C LYS QA 113 176.21 10.93 14.93
N GLU QA 114 177.52 10.75 14.76
CA GLU QA 114 178.09 9.92 13.69
C GLU QA 114 178.87 8.81 14.40
N THR QA 115 179.13 9.02 15.68
CA THR QA 115 179.70 8.01 16.55
C THR QA 115 178.60 7.04 17.00
N ILE QA 116 177.44 7.59 17.36
CA ILE QA 116 176.28 6.77 17.70
C ILE QA 116 175.72 6.13 16.43
N ALA QA 117 176.52 6.20 15.37
CA ALA QA 117 176.23 5.53 14.11
C ALA QA 117 176.90 4.16 14.12
N LYS QA 118 178.21 4.13 13.91
CA LYS QA 118 178.97 2.89 13.91
C LYS QA 118 178.57 2.01 15.10
N CYS QA 119 178.08 2.66 16.17
CA CYS QA 119 177.64 2.00 17.39
C CYS QA 119 176.55 0.98 17.16
N ILE QA 120 175.31 1.43 17.36
CA ILE QA 120 174.12 0.61 17.25
C ILE QA 120 174.13 -0.33 16.04
N ALA QA 121 174.85 0.05 14.99
CA ALA QA 121 174.86 -0.71 13.74
C ALA QA 121 175.75 -1.96 13.76
N ASP QA 122 176.90 -1.87 14.41
CA ASP QA 122 177.77 -3.04 14.54
C ASP QA 122 177.12 -4.08 15.45
N LEU QA 123 176.05 -3.66 16.12
CA LEU QA 123 175.25 -4.54 16.96
C LEU QA 123 174.20 -5.24 16.09
N LYS QA 124 174.44 -5.25 14.79
CA LYS QA 124 173.58 -5.93 13.82
C LYS QA 124 174.22 -7.26 13.42
N LEU QA 125 175.34 -7.16 12.72
CA LEU QA 125 176.12 -8.31 12.28
C LEU QA 125 176.08 -9.42 13.31
N LEU QA 126 176.40 -9.04 14.54
CA LEU QA 126 176.46 -9.96 15.67
C LEU QA 126 175.17 -10.76 15.84
N SER QA 127 174.19 -10.13 16.49
CA SER QA 127 172.91 -10.77 16.80
C SER QA 127 172.45 -11.74 15.72
N LYS QA 128 172.27 -11.24 14.50
CA LYS QA 128 171.79 -12.08 13.39
C LYS QA 128 172.46 -13.46 13.40
N LYS QA 129 173.79 -13.49 13.32
CA LYS QA 129 174.51 -14.76 13.34
C LYS QA 129 174.18 -15.55 14.61
N LYS RA 1 97.74 14.00 21.23
CA LYS RA 1 96.88 12.97 20.59
C LYS RA 1 95.82 13.59 19.66
N LEU RA 2 95.62 12.97 18.50
CA LEU RA 2 94.73 13.49 17.46
C LEU RA 2 93.38 12.79 17.41
N ALA RA 3 92.35 13.55 17.04
CA ALA RA 3 91.09 12.97 16.67
C ALA RA 3 91.18 12.78 15.18
N LEU RA 4 90.58 11.73 14.65
CA LEU RA 4 90.60 11.46 13.21
C LEU RA 4 89.37 10.70 12.71
N LYS RA 5 88.29 11.43 12.46
CA LYS RA 5 87.06 10.87 11.92
C LYS RA 5 87.38 9.63 11.08
N THR RA 6 86.96 8.47 11.59
CA THR RA 6 87.11 7.14 10.96
C THR RA 6 86.43 7.10 9.60
N ILE RA 7 86.89 6.21 8.73
CA ILE RA 7 86.58 6.35 7.33
C ILE RA 7 86.53 5.01 6.62
N ASP RA 8 85.40 4.66 6.04
CA ASP RA 8 85.37 3.43 5.26
C ASP RA 8 85.50 3.76 3.79
N TRP RA 9 86.58 3.25 3.25
CA TRP RA 9 87.05 3.65 1.95
C TRP RA 9 86.17 3.23 0.76
N VAL RA 10 85.43 2.13 0.89
CA VAL RA 10 84.65 1.65 -0.24
C VAL RA 10 83.44 2.53 -0.42
N ALA RA 11 82.96 3.08 0.67
CA ALA RA 11 81.93 4.10 0.59
C ALA RA 11 82.47 5.34 -0.13
N PHE RA 12 83.69 5.75 0.24
CA PHE RA 12 84.30 6.93 -0.34
C PHE RA 12 84.42 6.75 -1.84
N GLY RA 13 84.88 5.57 -2.25
CA GLY RA 13 84.86 5.18 -3.64
C GLY RA 13 83.47 5.41 -4.25
N GLU RA 14 82.42 5.06 -3.52
CA GLU RA 14 81.08 5.04 -4.12
C GLU RA 14 80.34 6.37 -4.13
N ILE RA 15 80.99 7.47 -3.73
CA ILE RA 15 80.31 8.79 -3.67
C ILE RA 15 80.88 9.87 -4.58
N ILE RA 16 81.92 9.53 -5.32
CA ILE RA 16 82.54 10.46 -6.23
C ILE RA 16 81.99 10.30 -7.65
N PRO RA 17 81.37 11.35 -8.18
CA PRO RA 17 81.16 11.43 -9.62
C PRO RA 17 82.44 11.09 -10.40
N ARG RA 18 82.28 10.58 -11.63
CA ARG RA 18 83.44 10.17 -12.45
C ARG RA 18 84.34 11.33 -12.81
N ASN RA 19 83.73 12.45 -13.19
CA ASN RA 19 84.44 13.66 -13.54
C ASN RA 19 85.21 14.26 -12.36
N GLN RA 20 85.28 13.50 -11.28
CA GLN RA 20 85.87 13.96 -10.02
C GLN RA 20 86.71 12.86 -9.39
N LYS RA 21 86.73 11.70 -10.03
CA LYS RA 21 87.53 10.56 -9.60
C LYS RA 21 89.01 10.97 -9.41
N ALA RA 22 89.50 11.80 -10.33
CA ALA RA 22 90.86 12.35 -10.25
C ALA RA 22 91.14 12.89 -8.86
N VAL RA 23 90.43 13.95 -8.51
CA VAL RA 23 90.50 14.55 -7.19
C VAL RA 23 90.54 13.43 -6.15
N ALA RA 24 89.47 12.63 -6.10
CA ALA RA 24 89.32 11.62 -5.06
C ALA RA 24 90.56 10.77 -4.94
N ASN RA 25 91.09 10.33 -6.08
CA ASN RA 25 92.34 9.57 -6.08
C ASN RA 25 93.40 10.33 -5.29
N SER RA 26 93.72 11.54 -5.73
CA SER RA 26 94.80 12.31 -5.09
C SER RA 26 94.55 12.46 -3.58
N LEU RA 27 93.29 12.64 -3.24
CA LEU RA 27 92.88 12.77 -1.86
C LEU RA 27 93.22 11.51 -1.05
N LYS RA 28 92.99 10.33 -1.66
CA LYS RA 28 93.32 9.03 -1.07
C LYS RA 28 94.82 8.85 -0.83
N SER RA 29 95.60 9.11 -1.87
CA SER RA 29 97.04 8.90 -1.79
C SER RA 29 97.68 9.83 -0.80
N TRP RA 30 97.24 11.09 -0.78
CA TRP RA 30 97.77 12.06 0.18
C TRP RA 30 97.56 11.48 1.58
N ASN RA 31 96.33 11.05 1.84
CA ASN RA 31 96.04 10.42 3.11
C ASN RA 31 97.02 9.30 3.45
N GLU RA 32 97.19 8.38 2.50
CA GLU RA 32 98.10 7.26 2.69
C GLU RA 32 99.52 7.72 2.91
N THR RA 33 100.02 8.56 2.00
CA THR RA 33 101.28 9.25 2.17
C THR RA 33 101.39 9.79 3.58
N LEU RA 34 100.49 10.71 3.88
CA LEU RA 34 100.47 11.39 5.16
C LEU RA 34 100.54 10.40 6.32
N THR RA 35 99.72 9.36 6.24
CA THR RA 35 99.73 8.35 7.26
C THR RA 35 101.09 7.70 7.39
N SER RA 36 101.66 7.24 6.27
CA SER RA 36 102.95 6.54 6.31
C SER RA 36 103.88 7.49 7.03
N ARG RA 37 103.78 8.75 6.64
CA ARG RA 37 104.69 9.74 7.14
C ARG RA 37 104.68 9.70 8.67
N LEU RA 38 103.52 9.91 9.28
CA LEU RA 38 103.44 9.97 10.74
C LEU RA 38 103.89 8.72 11.45
N ALA RA 39 103.84 7.58 10.76
CA ALA RA 39 104.30 6.33 11.32
C ALA RA 39 105.81 6.39 11.55
N THR RA 40 106.49 7.21 10.76
CA THR RA 40 107.95 7.27 10.81
C THR RA 40 108.47 8.53 11.49
N LEU RA 41 107.70 9.61 11.44
CA LEU RA 41 108.12 10.86 12.05
C LEU RA 41 107.72 10.94 13.52
N PRO RA 42 108.69 10.75 14.43
CA PRO RA 42 108.42 10.71 15.86
C PRO RA 42 107.92 12.02 16.47
N GLU RA 43 106.98 11.92 17.41
CA GLU RA 43 106.43 13.06 18.15
C GLU RA 43 107.44 14.15 18.40
N LYS RA 44 108.51 13.79 19.10
CA LYS RA 44 109.57 14.69 19.46
C LYS RA 44 110.88 14.15 18.87
N PRO RA 45 111.90 15.02 18.73
CA PRO RA 45 113.20 14.51 18.31
C PRO RA 45 113.93 13.88 19.49
N PRO RA 46 114.97 13.05 19.24
CA PRO RA 46 115.92 12.70 20.29
C PRO RA 46 116.28 13.90 21.15
N ALA RA 47 116.55 13.64 22.43
CA ALA RA 47 117.04 14.68 23.31
C ALA RA 47 118.44 15.04 22.88
N ILE RA 48 119.13 15.82 23.70
CA ILE RA 48 120.45 16.28 23.35
C ILE RA 48 121.33 16.14 24.57
N ASP RA 49 122.33 15.26 24.46
CA ASP RA 49 123.23 15.00 25.57
C ASP RA 49 124.00 16.26 25.89
N TRP RA 50 123.36 17.16 26.63
CA TRP RA 50 123.92 18.46 26.96
C TRP RA 50 125.19 18.34 27.78
N ALA RA 51 125.16 17.47 28.78
CA ALA RA 51 126.33 17.19 29.61
C ALA RA 51 127.55 16.93 28.74
N TYR RA 52 127.42 15.97 27.81
CA TYR RA 52 128.49 15.62 26.89
C TYR RA 52 129.06 16.83 26.17
N TYR RA 53 128.19 17.63 25.56
CA TYR RA 53 128.68 18.78 24.82
C TYR RA 53 129.35 19.73 25.80
N LYS RA 54 128.68 20.03 26.90
CA LYS RA 54 129.28 20.81 27.99
C LYS RA 54 130.66 20.26 28.31
N ALA RA 55 130.75 18.93 28.34
CA ALA RA 55 132.00 18.19 28.56
C ALA RA 55 133.08 18.41 27.50
N ASN RA 56 132.68 18.61 26.24
CA ASN RA 56 133.64 18.90 25.19
C ASN RA 56 133.36 20.21 24.50
N VAL RA 57 133.67 21.34 25.14
CA VAL RA 57 133.46 22.61 24.46
C VAL RA 57 134.74 23.48 24.41
N ALA RA 58 134.59 24.80 24.50
CA ALA RA 58 135.72 25.74 24.48
C ALA RA 58 135.24 27.20 24.68
N LYS RA 59 134.19 27.61 23.98
CA LYS RA 59 133.52 28.85 24.32
C LYS RA 59 132.69 28.54 25.56
N ALA RA 60 132.74 29.45 26.53
CA ALA RA 60 132.26 29.21 27.91
C ALA RA 60 130.84 28.64 28.04
N GLY RA 61 129.92 29.44 28.55
CA GLY RA 61 128.56 28.96 28.78
C GLY RA 61 127.74 28.97 27.50
N LEU RA 62 128.35 28.56 26.39
CA LEU RA 62 127.62 28.41 25.15
C LEU RA 62 126.55 27.31 25.34
N VAL RA 63 127.01 26.13 25.72
CA VAL RA 63 126.12 25.02 26.02
C VAL RA 63 125.02 25.41 27.02
N ASP RA 64 125.40 25.98 28.17
CA ASP RA 64 124.42 26.46 29.16
C ASP RA 64 123.44 27.40 28.47
N ASP RA 65 123.98 28.40 27.79
CA ASP RA 65 123.20 29.32 26.97
C ASP RA 65 122.21 28.56 26.06
N PHE RA 66 122.71 27.56 25.35
CA PHE RA 66 121.91 26.80 24.40
C PHE RA 66 120.88 25.92 25.08
N GLU RA 67 121.28 25.12 26.07
CA GLU RA 67 120.32 24.25 26.77
C GLU RA 67 119.16 25.07 27.28
N LYS RA 68 119.46 26.12 28.02
CA LYS RA 68 118.44 27.08 28.39
C LYS RA 68 117.63 27.44 27.15
N LYS RA 69 118.24 28.18 26.23
CA LYS RA 69 117.53 28.68 25.06
C LYS RA 69 116.69 27.62 24.37
N PHE RA 70 117.20 26.39 24.31
CA PHE RA 70 116.51 25.27 23.65
C PHE RA 70 115.20 25.01 24.36
N ASN RA 71 115.30 24.61 25.61
CA ASN RA 71 114.13 24.48 26.46
C ASN RA 71 113.49 25.86 26.57
N ALA RA 72 112.21 25.90 26.90
CA ALA RA 72 111.49 27.16 27.03
C ALA RA 72 111.66 28.05 25.79
N LEU RA 73 112.00 27.44 24.68
CA LEU RA 73 111.68 28.02 23.40
C LEU RA 73 110.47 27.25 22.94
N LYS RA 74 109.36 27.95 22.78
CA LYS RA 74 108.12 27.32 22.38
C LYS RA 74 107.89 27.54 20.88
N VAL RA 75 108.07 26.44 20.14
CA VAL RA 75 107.84 26.35 18.70
C VAL RA 75 106.34 26.53 18.40
N PRO RA 76 105.99 27.42 17.45
CA PRO RA 76 104.57 27.63 17.18
C PRO RA 76 103.96 26.42 16.49
N ILE RA 77 102.76 26.05 16.92
CA ILE RA 77 101.91 25.12 16.19
C ILE RA 77 101.23 25.91 15.08
N PRO RA 78 101.29 25.37 13.85
CA PRO RA 78 100.72 25.98 12.66
C PRO RA 78 99.23 26.28 12.81
N GLU RA 79 98.79 27.51 12.48
CA GLU RA 79 97.34 27.84 12.41
C GLU RA 79 96.65 26.89 11.46
N ASP RA 80 95.51 26.33 11.88
CA ASP RA 80 94.61 25.62 10.96
C ASP RA 80 93.79 26.66 10.27
N LYS RA 81 94.37 27.29 9.25
CA LYS RA 81 93.57 28.20 8.43
C LYS RA 81 92.91 27.50 7.25
N TYR RA 82 92.80 26.17 7.33
CA TYR RA 82 92.43 25.37 6.17
C TYR RA 82 91.04 24.72 6.16
N THR RA 83 90.38 24.56 7.30
CA THR RA 83 88.98 24.09 7.29
C THR RA 83 87.87 25.07 6.72
N ALA RA 84 87.99 25.33 5.40
CA ALA RA 84 86.94 25.82 4.49
C ALA RA 84 86.17 24.60 3.96
N GLN RA 85 86.66 23.41 4.26
CA GLN RA 85 85.90 22.24 3.93
C GLN RA 85 84.62 22.24 4.73
N VAL RA 86 84.68 22.39 6.05
CA VAL RA 86 83.44 22.46 6.85
C VAL RA 86 82.41 23.21 5.98
N ASP RA 87 82.81 24.34 5.42
CA ASP RA 87 81.93 25.17 4.60
C ASP RA 87 81.52 24.46 3.31
N ALA RA 88 82.49 24.09 2.47
CA ALA RA 88 82.15 23.34 1.25
C ALA RA 88 81.26 22.15 1.58
N GLU RA 89 81.37 21.59 2.79
CA GLU RA 89 80.42 20.54 3.18
C GLU RA 89 79.01 21.08 3.34
N GLU RA 90 78.78 21.90 4.37
CA GLU RA 90 77.48 22.49 4.65
C GLU RA 90 76.76 22.93 3.36
N LYS RA 91 77.57 23.38 2.39
CA LYS RA 91 77.08 23.73 1.07
C LYS RA 91 76.50 22.55 0.36
N GLU RA 92 77.27 21.48 0.25
CA GLU RA 92 76.76 20.36 -0.49
C GLU RA 92 75.65 19.64 0.28
N ASP RA 93 75.28 20.13 1.45
CA ASP RA 93 74.11 19.58 2.13
C ASP RA 93 72.90 20.36 1.72
N VAL RA 94 73.07 21.68 1.56
CA VAL RA 94 72.02 22.47 0.93
C VAL RA 94 71.69 21.56 -0.24
N LYS RA 95 72.73 21.15 -0.96
CA LYS RA 95 72.59 20.52 -2.26
C LYS RA 95 72.14 19.11 -2.18
N SER RA 96 73.05 18.24 -1.79
CA SER RA 96 72.78 16.83 -1.83
C SER RA 96 71.68 16.62 -0.82
N CYS RA 97 72.05 16.70 0.45
CA CYS RA 97 71.13 16.42 1.53
C CYS RA 97 69.70 16.80 1.15
N ALA RA 98 69.27 17.95 1.62
CA ALA RA 98 67.88 18.32 1.58
C ALA RA 98 67.31 18.04 0.21
N GLU RA 99 67.84 18.73 -0.81
CA GLU RA 99 67.17 18.84 -2.11
C GLU RA 99 66.86 17.47 -2.68
N PHE RA 100 67.89 16.64 -2.83
CA PHE RA 100 67.70 15.29 -3.31
C PHE RA 100 66.78 14.46 -2.43
N LEU RA 101 67.09 14.45 -1.14
CA LEU RA 101 66.35 13.62 -0.22
C LEU RA 101 64.88 13.98 -0.25
N THR RA 102 64.59 15.27 -0.30
CA THR RA 102 63.20 15.73 -0.31
C THR RA 102 62.46 15.18 -1.54
N GLN RA 103 63.09 15.27 -2.70
CA GLN RA 103 62.49 14.79 -3.95
C GLN RA 103 62.39 13.26 -3.96
N SER RA 104 63.46 12.58 -3.57
CA SER RA 104 63.40 11.12 -3.43
C SER RA 104 62.25 10.61 -2.56
N LYS RA 105 62.02 11.26 -1.42
CA LYS RA 105 60.92 10.90 -0.54
C LYS RA 105 59.59 11.08 -1.27
N THR RA 106 59.48 12.18 -1.99
CA THR RA 106 58.21 12.48 -2.60
C THR RA 106 57.96 11.44 -3.69
N ARG RA 107 59.01 11.07 -4.41
CA ARG RA 107 58.86 10.04 -5.42
C ARG RA 107 58.52 8.71 -4.80
N ILE RA 108 59.14 8.38 -3.69
CA ILE RA 108 58.80 7.12 -3.04
C ILE RA 108 57.35 7.12 -2.59
N GLN RA 109 56.85 8.27 -2.13
CA GLN RA 109 55.44 8.40 -1.79
C GLN RA 109 54.55 8.04 -2.97
N GLU RA 110 54.75 8.69 -4.11
CA GLU RA 110 53.81 8.47 -5.22
C GLU RA 110 53.81 7.02 -5.67
N TYR RA 111 55.01 6.48 -5.91
CA TYR RA 111 55.20 5.05 -6.11
C TYR RA 111 54.34 4.21 -5.17
N GLU RA 112 54.45 4.51 -3.88
CA GLU RA 112 53.61 3.87 -2.86
C GLU RA 112 52.12 4.10 -3.08
N LYS RA 113 51.77 5.36 -3.36
CA LYS RA 113 50.39 5.67 -3.71
C LYS RA 113 50.01 4.87 -4.96
N GLU RA 114 50.93 4.76 -5.91
CA GLU RA 114 50.67 4.01 -7.13
C GLU RA 114 50.50 2.52 -6.88
N LEU RA 115 51.12 1.99 -5.82
CA LEU RA 115 50.93 0.59 -5.48
C LEU RA 115 49.63 0.42 -4.72
N GLU RA 116 49.22 1.50 -4.06
CA GLU RA 116 47.94 1.58 -3.36
C GLU RA 116 46.81 1.17 -4.31
N LYS RA 117 46.52 2.05 -5.26
CA LYS RA 117 45.53 1.82 -6.31
C LYS RA 117 45.56 0.36 -6.74
N MET RA 118 46.73 -0.04 -7.23
CA MET RA 118 46.91 -1.35 -7.85
C MET RA 118 46.51 -2.51 -6.95
N ARG RA 119 46.49 -2.29 -5.64
CA ARG RA 119 45.98 -3.31 -4.72
C ARG RA 119 44.46 -3.50 -4.83
N ASN RA 120 43.78 -2.56 -5.49
CA ASN RA 120 42.32 -2.56 -5.62
C ASN RA 120 41.87 -2.60 -7.08
CA LEU SA 1 169.48 -4.51 20.25
C LEU SA 1 169.38 -4.03 21.70
N ASP SA 2 170.44 -4.23 22.48
CA ASP SA 2 170.52 -3.53 23.77
C ASP SA 2 170.95 -2.08 23.56
N PRO SA 3 171.95 -1.84 22.67
CA PRO SA 3 172.33 -0.46 22.35
C PRO SA 3 171.15 0.38 21.81
N VAL SA 4 170.33 -0.27 20.98
CA VAL SA 4 169.18 0.30 20.31
C VAL SA 4 168.23 1.12 21.22
N GLN SA 5 168.21 0.77 22.51
CA GLN SA 5 167.27 1.32 23.49
C GLN SA 5 167.43 2.82 23.77
N LYS SA 6 168.67 3.27 23.83
CA LYS SA 6 168.95 4.65 24.24
C LYS SA 6 168.50 5.70 23.25
N PHE SA 8 165.00 5.84 22.27
CA PHE SA 8 163.75 6.22 22.94
C PHE SA 8 163.99 7.53 23.68
N VAL SA 9 165.10 7.57 24.42
CA VAL SA 9 165.53 8.77 25.13
C VAL SA 9 165.54 10.00 24.22
N ASP SA 10 166.24 9.87 23.09
CA ASP SA 10 166.50 10.98 22.19
C ASP SA 10 165.23 11.57 21.60
N LYS SA 11 164.26 10.70 21.34
CA LYS SA 11 162.96 11.15 20.90
C LYS SA 11 162.30 11.99 21.98
N ILE SA 12 162.25 11.47 23.23
CA ILE SA 12 161.53 12.17 24.29
C ILE SA 12 162.04 13.59 24.42
N ARG SA 13 163.35 13.73 24.48
CA ARG SA 13 163.95 15.04 24.74
C ARG SA 13 163.40 16.05 23.76
N GLU SA 14 163.32 15.64 22.51
CA GLU SA 14 162.86 16.57 21.49
C GLU SA 14 161.37 16.81 21.58
N TYR SA 15 160.61 15.78 21.98
CA TYR SA 15 159.22 15.96 22.32
C TYR SA 15 159.17 17.08 23.37
N ARG SA 16 159.99 16.92 24.41
CA ARG SA 16 160.04 17.80 25.56
C ARG SA 16 160.22 19.28 25.19
N THR SA 17 161.21 19.59 24.35
CA THR SA 17 161.49 21.01 24.03
C THR SA 17 160.31 21.67 23.29
N LYS SA 18 159.73 20.92 22.35
CA LYS SA 18 158.53 21.34 21.63
C LYS SA 18 157.41 21.65 22.61
N ARG SA 19 157.05 20.63 23.40
CA ARG SA 19 155.93 20.74 24.33
C ARG SA 19 156.14 21.88 25.33
N GLN SA 20 157.41 22.12 25.70
CA GLN SA 20 157.77 23.23 26.58
C GLN SA 20 157.63 24.60 25.90
N THR SA 21 156.96 24.67 24.76
CA THR SA 21 156.91 25.94 24.06
C THR SA 21 155.51 26.55 23.86
N SER SA 22 155.37 27.75 24.41
CA SER SA 22 154.11 28.45 24.51
C SER SA 22 154.19 29.80 23.84
N GLY SA 23 153.72 29.82 22.60
CA GLY SA 23 153.67 31.02 21.79
C GLY SA 23 153.08 30.61 20.45
N GLY SA 24 151.86 30.07 20.50
CA GLY SA 24 151.20 29.53 19.31
C GLY SA 24 151.65 28.11 19.00
N PRO SA 25 151.68 27.74 17.70
CA PRO SA 25 152.25 26.48 17.26
C PRO SA 25 153.72 26.66 16.87
N VAL SA 26 154.60 25.83 17.42
CA VAL SA 26 156.04 26.12 17.42
C VAL SA 26 156.70 26.20 16.03
N ASP SA 27 157.41 27.30 15.79
CA ASP SA 27 157.98 27.65 14.48
C ASP SA 27 156.91 27.84 13.39
N ALA SA 28 156.03 28.81 13.64
CA ALA SA 28 154.91 29.19 12.78
C ALA SA 28 155.06 28.80 11.31
N GLY SA 29 155.53 29.74 10.51
CA GLY SA 29 155.49 29.57 9.07
C GLY SA 29 154.11 29.99 8.61
N PRO SA 30 154.02 31.06 7.81
CA PRO SA 30 152.74 31.67 7.41
C PRO SA 30 151.69 30.67 6.87
N GLU SA 31 152.17 29.54 6.35
CA GLU SA 31 151.32 28.49 5.78
C GLU SA 31 150.29 27.96 6.78
N TYR SA 32 150.71 27.82 8.03
CA TYR SA 32 149.84 27.24 9.03
C TYR SA 32 148.50 27.93 8.99
N GLN SA 33 148.51 29.26 9.13
CA GLN SA 33 147.25 29.98 9.08
C GLN SA 33 146.53 29.67 7.77
N GLN SA 34 147.24 29.77 6.65
CA GLN SA 34 146.61 29.52 5.35
C GLN SA 34 145.87 28.20 5.35
N ASP SA 35 146.55 27.11 5.70
CA ASP SA 35 145.94 25.78 5.71
C ASP SA 35 144.77 25.80 6.66
N LEU SA 36 145.00 26.37 7.83
CA LEU SA 36 143.99 26.45 8.86
C LEU SA 36 142.74 27.01 8.25
N ASP SA 37 142.87 28.26 7.80
CA ASP SA 37 141.78 28.95 7.15
C ASP SA 37 141.10 28.11 6.07
N ARG SA 38 141.89 27.41 5.26
CA ARG SA 38 141.33 26.55 4.22
C ARG SA 38 140.41 25.51 4.85
N GLU SA 39 140.90 24.83 5.89
CA GLU SA 39 140.06 23.79 6.45
C GLU SA 39 138.90 24.36 7.22
N LEU SA 40 139.14 25.54 7.78
CA LEU SA 40 138.12 26.29 8.49
C LEU SA 40 137.04 26.65 7.49
N PHE SA 41 137.42 26.76 6.23
CA PHE SA 41 136.46 27.08 5.19
C PHE SA 41 135.69 25.84 4.75
N LYS SA 42 136.35 24.68 4.69
CA LYS SA 42 135.62 23.48 4.26
C LYS SA 42 134.49 23.16 5.23
N LEU SA 43 134.76 23.39 6.51
CA LEU SA 43 133.79 23.09 7.56
C LEU SA 43 132.59 24.03 7.47
N LYS SA 44 132.85 25.28 7.10
CA LYS SA 44 131.76 26.18 6.77
C LYS SA 44 130.86 25.56 5.70
N GLN SA 45 131.49 24.93 4.71
CA GLN SA 45 130.77 24.32 3.60
C GLN SA 45 129.90 23.20 4.13
N MET SA 46 130.50 22.37 4.98
CA MET SA 46 129.82 21.25 5.59
C MET SA 46 128.67 21.62 6.50
N TYR SA 47 128.88 22.61 7.35
CA TYR SA 47 128.00 22.87 8.47
C TYR SA 47 127.10 24.08 8.29
N GLY SA 48 127.40 24.93 7.31
CA GLY SA 48 126.48 26.02 6.97
C GLY SA 48 127.05 27.39 7.23
N LYS SA 49 126.43 28.41 6.63
CA LYS SA 49 126.97 29.77 6.60
C LYS SA 49 126.59 30.66 7.81
N ALA SA 50 126.16 30.06 8.91
CA ALA SA 50 125.69 30.83 10.05
C ALA SA 50 126.83 31.10 11.02
N ASP SA 51 126.57 32.00 11.96
CA ASP SA 51 127.48 32.28 13.05
C ASP SA 51 127.33 31.15 14.07
N MET SA 52 128.23 30.17 14.01
CA MET SA 52 128.20 29.03 14.93
C MET SA 52 128.43 29.43 16.40
N ASN SA 53 128.73 30.70 16.65
CA ASN SA 53 128.82 31.17 18.02
C ASN SA 53 127.46 31.51 18.61
N THR SA 54 126.44 31.51 17.75
CA THR SA 54 125.13 32.07 18.11
C THR SA 54 124.04 31.01 18.12
N PHE SA 55 123.02 31.22 18.95
CA PHE SA 55 121.83 30.38 18.93
C PHE SA 55 121.04 30.70 17.67
N PRO SA 56 120.35 29.70 17.08
CA PRO SA 56 119.73 29.97 15.80
C PRO SA 56 118.38 30.63 15.86
N ASN SA 57 118.17 31.49 14.88
CA ASN SA 57 116.89 31.99 14.42
C ASN SA 57 116.05 30.86 13.88
N PHE SA 58 114.72 31.01 13.91
CA PHE SA 58 113.82 30.13 13.18
C PHE SA 58 112.61 30.83 12.60
N THR SA 59 112.45 30.80 11.28
CA THR SA 59 111.15 31.13 10.69
C THR SA 59 110.71 29.86 10.02
N PHE SA 60 109.55 29.36 10.43
CA PHE SA 60 109.14 28.07 9.94
C PHE SA 60 108.31 28.15 8.67
N GLU SA 61 108.46 27.12 7.84
CA GLU SA 61 107.64 26.98 6.67
C GLU SA 61 106.20 26.76 7.10
N ASP SA 62 105.27 27.43 6.41
CA ASP SA 62 103.86 27.04 6.39
C ASP SA 62 103.74 25.56 5.97
N PRO SA 63 102.67 24.88 6.37
CA PRO SA 63 102.44 23.51 5.84
C PRO SA 63 102.24 23.48 4.30
N LYS SA 64 102.32 22.30 3.70
CA LYS SA 64 102.16 22.16 2.24
C LYS SA 64 101.23 20.98 1.93
N PHE SA 65 100.34 21.19 0.96
CA PHE SA 65 99.30 20.23 0.58
C PHE SA 65 99.39 19.82 -0.89
N GLU SA 66 99.28 18.52 -1.18
CA GLU SA 66 99.33 18.05 -2.56
C GLU SA 66 98.05 17.33 -2.99
N ILE TA 11 187.87 8.32 -5.83
CA ILE TA 11 187.36 8.84 -4.58
C ILE TA 11 186.24 9.85 -4.83
N TYR TA 12 185.24 9.84 -3.95
CA TYR TA 12 184.09 10.72 -4.10
C TYR TA 12 183.53 11.12 -2.74
N GLY TA 13 182.96 10.15 -2.03
CA GLY TA 13 182.40 10.42 -0.72
C GLY TA 13 181.36 9.41 -0.31
N ILE TA 14 180.25 9.37 -1.03
CA ILE TA 14 179.17 8.45 -0.73
C ILE TA 14 179.66 7.01 -0.79
N GLU TA 15 180.40 6.68 -1.84
CA GLU TA 15 180.94 5.33 -2.00
C GLU TA 15 182.06 5.09 -1.00
N GLY TA 16 182.83 6.13 -0.72
CA GLY TA 16 183.92 6.00 0.22
C GLY TA 16 183.42 5.92 1.66
N ARG TA 17 182.23 6.49 1.89
CA ARG TA 17 181.63 6.46 3.22
C ARG TA 17 181.15 5.06 3.56
N TYR TA 18 180.86 4.26 2.54
CA TYR TA 18 180.40 2.88 2.75
C TYR TA 18 181.40 2.12 3.62
N ALA TA 19 182.66 2.19 3.23
CA ALA TA 19 183.72 1.52 3.97
C ALA TA 19 183.93 2.17 5.33
N THR TA 20 183.90 3.50 5.34
CA THR TA 20 184.09 4.24 6.58
C THR TA 20 182.88 4.08 7.50
N ALA TA 21 181.73 3.74 6.93
CA ALA TA 21 180.53 3.55 7.74
C ALA TA 21 180.39 2.09 8.15
N LEU TA 22 181.33 1.26 7.72
CA LEU TA 22 181.32 -0.15 8.07
C LEU TA 22 182.55 -0.44 8.89
N TYR TA 23 183.66 0.15 8.50
CA TYR TA 23 184.89 -0.01 9.22
C TYR TA 23 184.86 0.89 10.46
N SER TA 24 183.96 1.89 10.45
CA SER TA 24 183.84 2.78 11.60
C SER TA 24 183.75 1.96 12.88
N ALA TA 25 182.93 0.90 12.82
CA ALA TA 25 182.80 0.00 13.94
C ALA TA 25 184.05 -0.84 14.06
N ALA TA 26 184.62 -1.17 12.90
CA ALA TA 26 185.84 -1.97 12.84
C ALA TA 26 186.99 -1.24 13.53
N SER TA 27 187.08 0.07 13.30
CA SER TA 27 188.12 0.89 13.91
C SER TA 27 188.09 0.76 15.43
N LYS TA 28 186.89 0.85 16.00
CA LYS TA 28 186.73 0.74 17.45
C LYS TA 28 187.39 -0.53 17.96
N GLN TA 29 187.42 -1.56 17.12
CA GLN TA 29 188.04 -2.83 17.48
C GLN TA 29 189.48 -2.87 16.99
N ASN TA 30 189.71 -2.38 15.77
CA ASN TA 30 191.03 -2.34 15.16
C ASN TA 30 191.13 -3.42 14.08
N LYS TA 31 190.00 -3.69 13.45
CA LYS TA 31 189.93 -4.70 12.40
C LYS TA 31 190.29 -4.12 11.05
N LEU TA 32 190.72 -2.85 11.03
CA LEU TA 32 191.09 -2.19 9.78
C LEU TA 32 191.93 -3.12 8.91
N GLU TA 33 192.69 -4.00 9.56
CA GLU TA 33 193.51 -4.97 8.85
C GLU TA 33 192.64 -6.07 8.25
N GLN TA 34 191.59 -6.45 8.98
CA GLN TA 34 190.68 -7.49 8.54
C GLN TA 34 189.59 -6.91 7.62
N VAL TA 35 189.50 -5.59 7.57
CA VAL TA 35 188.51 -4.93 6.73
C VAL TA 35 189.15 -4.23 5.55
N GLU TA 36 190.41 -3.86 5.70
CA GLU TA 36 191.16 -3.18 4.64
C GLU TA 36 191.83 -4.21 3.74
N LYS TA 37 192.30 -5.28 4.36
CA LYS TA 37 192.95 -6.35 3.62
C LYS TA 37 191.88 -7.16 2.90
N GLU TA 38 190.72 -7.29 3.56
CA GLU TA 38 189.62 -8.01 2.97
C GLU TA 38 189.08 -7.23 1.78
N LEU TA 39 188.79 -5.96 2.00
CA LEU TA 39 188.29 -5.08 0.94
C LEU TA 39 189.12 -5.23 -0.32
N LEU TA 40 190.41 -5.49 -0.15
CA LEU TA 40 191.30 -5.66 -1.29
C LEU TA 40 190.87 -6.86 -2.13
N ARG TA 41 190.26 -7.84 -1.47
CA ARG TA 41 189.79 -9.04 -2.15
C ARG TA 41 188.68 -8.70 -3.13
N VAL TA 42 187.71 -7.91 -2.67
CA VAL TA 42 186.60 -7.50 -3.51
C VAL TA 42 187.08 -6.88 -4.81
N GLY TA 43 188.25 -6.26 -4.77
CA GLY TA 43 188.81 -5.65 -5.96
C GLY TA 43 189.29 -6.68 -6.97
N GLN TA 44 189.98 -7.69 -6.49
CA GLN TA 44 190.49 -8.75 -7.36
C GLN TA 44 189.35 -9.60 -7.90
N ILE TA 45 188.30 -9.73 -7.10
CA ILE TA 45 187.13 -10.52 -7.49
C ILE TA 45 186.42 -9.89 -8.69
N LEU TA 46 186.47 -8.56 -8.78
CA LEU TA 46 185.84 -7.86 -9.88
C LEU TA 46 186.68 -7.96 -11.14
N LYS TA 47 187.98 -8.06 -10.98
CA LYS TA 47 188.89 -8.18 -12.11
C LYS TA 47 188.80 -9.57 -12.71
N GLU TA 48 188.30 -10.52 -11.91
CA GLU TA 48 188.15 -11.90 -12.36
C GLU TA 48 187.03 -12.03 -13.39
N PRO TA 49 187.37 -12.35 -14.65
CA PRO TA 49 186.38 -12.51 -15.71
C PRO TA 49 185.26 -13.47 -15.33
N LYS TA 50 185.64 -14.58 -14.70
CA LYS TA 50 184.67 -15.58 -14.27
C LYS TA 50 183.76 -15.03 -13.17
N MET TA 51 184.30 -14.13 -12.37
CA MET TA 51 183.55 -13.51 -11.28
C MET TA 51 182.50 -12.54 -11.82
N ALA TA 52 182.85 -11.84 -12.89
CA ALA TA 52 181.95 -10.88 -13.51
C ALA TA 52 180.64 -11.56 -13.94
N ALA TA 53 180.73 -12.85 -14.24
CA ALA TA 53 179.56 -13.61 -14.67
C ALA TA 53 178.80 -14.17 -13.46
N SER TA 54 179.24 -13.83 -12.26
CA SER TA 54 178.60 -14.32 -11.05
C SER TA 54 178.24 -13.16 -10.11
N LEU TA 55 179.11 -12.15 -10.06
CA LEU TA 55 178.87 -11.00 -9.20
C LEU TA 55 177.86 -10.05 -9.83
N LEU TA 56 177.51 -10.28 -11.10
CA LEU TA 56 176.56 -9.44 -11.80
C LEU TA 56 175.58 -10.26 -12.63
N ASN TA 57 175.36 -11.51 -12.22
CA ASN TA 57 174.44 -12.38 -12.94
C ASN TA 57 173.03 -12.27 -12.39
N PRO TA 58 172.09 -11.68 -13.16
CA PRO TA 58 170.70 -11.52 -12.74
C PRO TA 58 169.92 -12.84 -12.77
N TYR TA 59 170.63 -13.94 -13.00
CA TYR TA 59 170.01 -15.25 -13.06
C TYR TA 59 169.88 -15.87 -11.67
N VAL TA 60 170.81 -15.53 -10.79
CA VAL TA 60 170.79 -16.06 -9.43
C VAL TA 60 169.53 -15.61 -8.67
N LYS TA 61 169.60 -14.45 -8.02
CA LYS TA 61 168.46 -13.93 -7.27
C LYS TA 61 168.88 -12.72 -6.43
N ARG TA 62 168.01 -12.32 -5.51
CA ARG TA 62 168.29 -11.18 -4.65
C ARG TA 62 168.82 -11.66 -3.30
N SER TA 63 168.41 -12.85 -2.88
CA SER TA 63 168.85 -13.42 -1.61
C SER TA 63 169.55 -14.76 -1.81
N VAL TA 64 169.66 -15.20 -3.06
CA VAL TA 64 170.33 -16.45 -3.37
C VAL TA 64 171.81 -16.21 -3.57
N LYS TA 65 172.14 -15.32 -4.50
CA LYS TA 65 173.53 -14.98 -4.78
C LYS TA 65 174.25 -14.56 -3.51
N VAL TA 66 173.51 -14.03 -2.54
CA VAL TA 66 174.10 -13.59 -1.28
C VAL TA 66 174.67 -14.78 -0.50
N LYS TA 67 174.06 -15.95 -0.69
CA LYS TA 67 174.51 -17.15 -0.01
C LYS TA 67 175.83 -17.64 -0.60
N SER TA 68 175.90 -17.68 -1.93
CA SER TA 68 177.11 -18.11 -2.62
C SER TA 68 178.28 -17.21 -2.24
N LEU TA 69 177.97 -15.97 -1.87
CA LEU TA 69 179.00 -15.02 -1.48
C LEU TA 69 179.78 -15.55 -0.28
N SER TA 70 179.06 -16.09 0.70
CA SER TA 70 179.67 -16.65 1.90
C SER TA 70 180.85 -17.55 1.55
N ASP TA 71 180.74 -18.24 0.41
CA ASP TA 71 181.80 -19.13 -0.04
C ASP TA 71 183.04 -18.33 -0.40
N MET TA 72 182.84 -17.09 -0.81
CA MET TA 72 183.95 -16.20 -1.15
C MET TA 72 184.23 -15.26 0.01
N THR TA 73 183.48 -15.46 1.09
CA THR TA 73 183.63 -14.64 2.29
C THR TA 73 184.27 -15.47 3.41
N ALA TA 74 184.16 -16.80 3.30
CA ALA TA 74 184.73 -17.69 4.29
C ALA TA 74 185.94 -18.44 3.74
N LYS TA 75 186.32 -18.13 2.49
CA LYS TA 75 187.46 -18.80 1.86
C LYS TA 75 188.31 -17.82 1.06
N GLU TA 76 188.21 -16.53 1.39
CA GLU TA 76 188.98 -15.50 0.70
C GLU TA 76 189.74 -14.64 1.69
N LYS TA 77 189.04 -14.20 2.73
CA LYS TA 77 189.62 -13.35 3.76
C LYS TA 77 188.52 -12.79 4.65
N PHE TA 78 187.39 -12.47 4.02
CA PHE TA 78 186.23 -11.94 4.72
C PHE TA 78 185.82 -12.85 5.85
N SER TA 79 184.69 -12.50 6.46
CA SER TA 79 184.10 -13.26 7.56
C SER TA 79 183.74 -12.36 8.74
N PRO TA 80 184.62 -11.45 9.15
CA PRO TA 80 184.39 -10.60 10.29
C PRO TA 80 183.91 -9.19 9.95
N LEU TA 81 184.81 -8.34 9.48
CA LEU TA 81 184.42 -6.97 9.15
C LEU TA 81 184.06 -6.89 7.69
N THR TA 82 184.01 -8.05 7.06
CA THR TA 82 183.68 -8.15 5.66
C THR TA 82 182.54 -9.11 5.43
N SER TA 83 182.02 -9.71 6.52
CA SER TA 83 180.91 -10.63 6.40
C SER TA 83 179.59 -9.89 6.61
N ASN TA 84 179.59 -8.63 6.20
CA ASN TA 84 178.44 -7.76 6.30
C ASN TA 84 178.49 -6.83 5.11
N LEU TA 85 179.68 -6.29 4.88
CA LEU TA 85 179.91 -5.43 3.73
C LEU TA 85 179.79 -6.26 2.46
N ILE TA 86 179.93 -7.59 2.60
CA ILE TA 86 179.83 -8.48 1.47
C ILE TA 86 178.41 -8.49 0.93
N ASN TA 87 177.44 -8.69 1.82
CA ASN TA 87 176.04 -8.72 1.44
C ASN TA 87 175.59 -7.33 0.99
N LEU TA 88 176.12 -6.31 1.66
CA LEU TA 88 175.78 -4.93 1.35
C LEU TA 88 176.33 -4.54 -0.03
N LEU TA 89 177.51 -5.05 -0.36
CA LEU TA 89 178.14 -4.77 -1.64
C LEU TA 89 177.37 -5.44 -2.77
N ALA TA 90 176.70 -6.55 -2.45
CA ALA TA 90 175.93 -7.28 -3.44
C ALA TA 90 174.44 -7.24 -3.10
N GLU TA 91 174.02 -6.21 -2.37
CA GLU TA 91 172.62 -6.05 -1.98
C GLU TA 91 171.85 -5.30 -3.05
N ASN TA 92 172.42 -4.21 -3.53
CA ASN TA 92 171.79 -3.40 -4.56
C ASN TA 92 172.44 -3.62 -5.92
N GLY TA 93 173.72 -3.99 -5.91
CA GLY TA 93 174.43 -4.23 -7.15
C GLY TA 93 175.56 -3.23 -7.36
N ARG TA 94 176.30 -2.94 -6.29
CA ARG TA 94 177.40 -2.00 -6.37
C ARG TA 94 178.73 -2.72 -6.52
N LEU TA 95 178.69 -3.86 -7.20
CA LEU TA 95 179.90 -4.66 -7.42
C LEU TA 95 180.49 -4.38 -8.80
N THR TA 96 180.37 -3.12 -9.23
CA THR TA 96 180.90 -2.71 -10.53
C THR TA 96 181.95 -1.62 -10.33
N ASN TA 97 181.67 -0.71 -9.41
CA ASN TA 97 182.57 0.38 -9.10
C ASN TA 97 182.98 0.33 -7.64
N THR TA 98 182.95 -0.87 -7.06
CA THR TA 98 183.31 -1.06 -5.66
C THR TA 98 184.80 -0.82 -5.41
N PRO TA 99 185.68 -1.11 -6.39
CA PRO TA 99 187.12 -0.91 -6.23
C PRO TA 99 187.46 0.50 -5.75
N ALA TA 100 186.57 1.44 -6.04
CA ALA TA 100 186.76 2.82 -5.64
C ALA TA 100 186.51 3.01 -4.15
N VAL TA 101 185.63 2.17 -3.61
CA VAL TA 101 185.29 2.23 -2.19
C VAL TA 101 186.45 1.72 -1.34
N ILE TA 102 187.17 0.75 -1.85
CA ILE TA 102 188.30 0.17 -1.13
C ILE TA 102 189.44 1.19 -1.01
N SER TA 103 189.65 1.96 -2.06
CA SER TA 103 190.70 2.98 -2.07
C SER TA 103 190.50 3.98 -0.93
N ALA TA 104 189.27 4.44 -0.76
CA ALA TA 104 188.95 5.39 0.29
C ALA TA 104 189.29 4.82 1.66
N PHE TA 105 189.19 3.51 1.79
CA PHE TA 105 189.48 2.84 3.06
C PHE TA 105 190.93 3.07 3.45
N SER TA 106 191.82 3.13 2.45
CA SER TA 106 193.24 3.34 2.71
C SER TA 106 193.51 4.73 3.25
N THR TA 107 192.66 5.68 2.89
CA THR TA 107 192.81 7.05 3.36
C THR TA 107 192.03 7.26 4.64
N MET TA 108 190.95 6.51 4.79
CA MET TA 108 190.13 6.61 5.99
C MET TA 108 190.73 5.74 7.09
N MET TA 109 191.48 4.72 6.69
CA MET TA 109 192.11 3.83 7.66
C MET TA 109 193.33 4.49 8.29
N SER TA 110 193.79 5.60 7.69
CA SER TA 110 194.95 6.31 8.23
C SER TA 110 194.50 7.45 9.14
N VAL TA 111 193.25 7.87 8.99
CA VAL TA 111 192.70 8.94 9.82
C VAL TA 111 192.23 8.42 11.17
N HIS TA 112 192.12 7.09 11.28
CA HIS TA 112 191.69 6.48 12.53
C HIS TA 112 192.83 6.41 13.52
N ARG TA 113 194.06 6.37 13.02
CA ARG TA 113 195.24 6.29 13.87
C ARG TA 113 195.44 7.59 14.64
N GLY TA 114 195.12 8.71 13.99
CA GLY TA 114 195.28 10.01 14.62
C GLY TA 114 194.08 10.38 15.47
N GLU TA 115 192.92 9.84 15.12
CA GLU TA 115 191.69 10.12 15.86
C GLU TA 115 191.55 9.20 17.07
N VAL TA 116 192.55 9.22 17.94
CA VAL TA 116 192.55 8.39 19.14
C VAL TA 116 193.34 9.05 20.26
N PRO TA 117 192.83 8.97 21.52
CA PRO TA 117 193.51 9.56 22.67
C PRO TA 117 194.96 9.13 22.79
N CYS TA 118 195.85 9.90 22.17
CA CYS TA 118 197.28 9.60 22.20
C CYS TA 118 197.94 10.18 23.44
N THR TA 119 197.79 9.49 24.57
CA THR TA 119 198.36 9.95 25.83
C THR TA 119 199.58 9.11 26.20
N VAL TA 120 199.56 7.83 25.82
CA VAL TA 120 200.65 6.93 26.12
C VAL TA 120 201.83 7.16 25.17
#